data_8PHR
#
_entry.id   8PHR
#
_cell.length_a   1.00
_cell.length_b   1.00
_cell.length_c   1.00
_cell.angle_alpha   90.00
_cell.angle_beta   90.00
_cell.angle_gamma   90.00
#
_symmetry.space_group_name_H-M   'P 1'
#
loop_
_entity.id
_entity.type
_entity.pdbx_description
1 polymer 'Major capsid protein'
2 polymer 'Decorator protein P03'
3 polymer 'Decorator protein P05'
4 polymer 'Scaffold protein'
#
loop_
_entity_poly.entity_id
_entity_poly.type
_entity_poly.pdbx_seq_one_letter_code
_entity_poly.pdbx_strand_id
1 'polypeptide(L)'
;MELFDENYYAKAVANIIGEVKDPIMYKWFSPDQIEDVDLQMGYQKTVKWDAFLNANPTTIANEVNTISTIGFSSEVVRLN
YLKLQYKFRHLKQTSEKFYTSDSYIGDINNNLLPFAQAYKLASSEIIKLINHFVLTGTVSIQKDGKNQKRLLPNMYGLLN
MPEQIKEEVASGDKDKMDKIFEKIEAGLSKLELGDEFSTPMMVIVDPATSLKLVKPYAAAQGAASSCEKWEDVLIQTIKA
INNREDVYIETSNLLKHKILIYPLNSELIKFKPSKYMLPTPNEQVDKDSTDVAHSYIDFVLGGLLATRKTILQVNIKQS
;
A,B,C,J,K,L,S,T,U,b,c,d,k,m,o
2 'polypeptide(L)'
;MSDITKIKQEFDKKVAEIQALMKNPQQDSGLLSNSIDFRDQNLIFSNSGGVCTSSKDKIENYPAKGYPYKRGVKLSFGDG
TTELEVEAGGGDDLYGVCSDIDEFSGMATVIPITNNFTGYLTLKKDGQNGVNPGDKLNFNQHGELEKVTGAQKSVNAIAL
SKAHKLTEDLFIVLASVFGNRAIKG
;
D,E,N,O,V,W,f,g
3 'polypeptide(L)'
;MGDTTQLVKEYQEKRSKLEKFMKNPQHDASLLSNSNEFRDKNVEFFASGGTRTSKFDKLENHPFLGYPYKRGVKRVIQEA
QDNQSHYEPHVEAGGGEDLYGICIDIDEFSKTATIVPITNNFEGYLVAKDSTVKVKDKLIFNKDGALEKVTGAPNKATIN
ATALTDAKQISNEVYLVKVAVFGNKAMSRN
;
F,M,X,e
4 'polypeptide(L)'
;MTEKEEKEDLQAQDKEEQQIKADTKVISVQEFEEYMRFKEQANSKSKETSRDLSINERITKELAEVEERERIEKQLLLEA
ERINEIDTLAKAHLSNHFNKEVLLAKGYTLKDIMQAQRRELVRKFVPIEQIKAIAKVSDISHIDGEILEQLVSLAKVNIK
LRKNASSSSSSVDSIKGNIAIKSEERASLLDSNFVPINFTEFVQAISNTYKQRRIQFYENLKRHKRTSIA
;
G,H,I,P,Q,R,Y,Z,a,h,i,j,l,n,p
#
# COMPACT_ATOMS: atom_id res chain seq x y z
N LEU A 3 49.64 -4.66 38.75
CA LEU A 3 49.99 -5.70 37.78
C LEU A 3 48.97 -6.83 37.80
N PHE A 4 48.47 -7.16 38.99
CA PHE A 4 47.53 -8.27 39.13
C PHE A 4 46.23 -7.99 38.38
N ASP A 5 45.74 -6.76 38.46
CA ASP A 5 44.51 -6.40 37.75
C ASP A 5 44.71 -6.48 36.24
N GLU A 6 45.86 -6.01 35.74
CA GLU A 6 46.09 -6.00 34.30
C GLU A 6 46.38 -7.39 33.75
N ASN A 7 47.02 -8.26 34.53
CA ASN A 7 47.44 -9.57 34.06
C ASN A 7 46.79 -10.63 34.94
N TYR A 8 45.93 -11.45 34.33
CA TYR A 8 45.28 -12.54 35.07
C TYR A 8 46.27 -13.65 35.40
N TYR A 9 47.19 -13.94 34.48
CA TYR A 9 48.10 -15.08 34.67
C TYR A 9 48.98 -14.89 35.89
N ALA A 10 49.49 -13.67 36.11
CA ALA A 10 50.32 -13.42 37.28
C ALA A 10 49.53 -13.62 38.56
N LYS A 11 48.27 -13.17 38.58
CA LYS A 11 47.42 -13.37 39.76
C LYS A 11 47.19 -14.85 40.02
N ALA A 12 46.94 -15.63 38.96
CA ALA A 12 46.75 -17.07 39.13
C ALA A 12 48.00 -17.74 39.66
N VAL A 13 49.17 -17.34 39.15
CA VAL A 13 50.43 -17.91 39.65
C VAL A 13 50.63 -17.57 41.11
N ALA A 14 50.33 -16.32 41.49
CA ALA A 14 50.49 -15.92 42.88
C ALA A 14 49.51 -16.63 43.80
N ASN A 15 48.31 -16.94 43.31
CA ASN A 15 47.30 -17.59 44.13
C ASN A 15 47.41 -19.11 44.15
N ILE A 16 48.18 -19.71 43.23
CA ILE A 16 48.36 -21.14 43.20
C ILE A 16 49.79 -21.57 43.51
N ILE A 17 50.70 -20.62 43.74
CA ILE A 17 52.09 -20.98 44.01
C ILE A 17 52.22 -21.69 45.35
N GLY A 18 51.30 -21.43 46.29
CA GLY A 18 51.36 -22.05 47.60
C GLY A 18 50.95 -23.51 47.62
N GLU A 19 50.36 -24.01 46.54
CA GLU A 19 49.93 -25.40 46.47
C GLU A 19 51.01 -26.33 45.93
N VAL A 20 52.20 -25.81 45.65
CA VAL A 20 53.30 -26.61 45.13
C VAL A 20 54.14 -27.10 46.31
N LYS A 21 54.43 -28.39 46.32
CA LYS A 21 55.17 -29.00 47.43
C LYS A 21 56.64 -28.62 47.38
N ASP A 22 57.24 -28.54 48.56
CA ASP A 22 58.65 -28.21 48.65
C ASP A 22 59.50 -29.32 48.04
N PRO A 23 60.64 -28.99 47.42
CA PRO A 23 61.49 -30.03 46.84
C PRO A 23 62.02 -30.98 47.90
N ILE A 24 62.27 -32.22 47.49
CA ILE A 24 62.80 -33.23 48.40
C ILE A 24 64.32 -33.14 48.53
N MET A 25 64.97 -32.27 47.75
CA MET A 25 66.41 -32.09 47.88
C MET A 25 66.81 -31.52 49.23
N TYR A 26 65.88 -30.82 49.88
CA TYR A 26 66.18 -30.12 51.13
C TYR A 26 66.50 -31.08 52.27
N LYS A 27 66.02 -32.32 52.20
CA LYS A 27 66.31 -33.32 53.22
C LYS A 27 67.73 -33.86 53.12
N TRP A 28 68.42 -33.62 52.01
CA TRP A 28 69.77 -34.12 51.80
C TRP A 28 70.85 -33.15 52.25
N PHE A 29 70.48 -31.96 52.70
CA PHE A 29 71.45 -30.94 53.06
C PHE A 29 71.03 -30.26 54.36
N SER A 30 72.02 -29.84 55.15
CA SER A 30 71.77 -29.08 56.36
C SER A 30 71.35 -27.66 56.00
N PRO A 31 70.65 -26.97 56.91
CA PRO A 31 70.21 -25.60 56.59
C PRO A 31 71.36 -24.65 56.28
N ASP A 32 72.51 -24.82 56.92
CA ASP A 32 73.65 -23.93 56.69
C ASP A 32 74.43 -24.29 55.43
N GLN A 33 74.18 -25.46 54.83
CA GLN A 33 74.92 -25.87 53.64
C GLN A 33 74.41 -25.21 52.36
N ILE A 34 73.24 -24.60 52.38
CA ILE A 34 72.62 -24.03 51.18
C ILE A 34 72.69 -22.51 51.28
N GLU A 35 73.24 -21.87 50.25
CA GLU A 35 73.36 -20.42 50.21
C GLU A 35 73.06 -19.95 48.80
N ASP A 36 71.95 -19.21 48.65
CA ASP A 36 71.53 -18.77 47.32
C ASP A 36 72.44 -17.69 46.76
N VAL A 37 72.55 -17.65 45.44
CA VAL A 37 73.34 -16.66 44.73
C VAL A 37 72.48 -16.01 43.67
N ASP A 38 72.86 -14.80 43.28
CA ASP A 38 72.08 -14.00 42.33
C ASP A 38 72.78 -14.08 40.97
N LEU A 39 72.43 -15.11 40.20
CA LEU A 39 72.98 -15.30 38.85
C LEU A 39 72.17 -16.31 38.07
N GLN A 40 71.69 -15.92 36.88
CA GLN A 40 70.91 -16.84 36.06
C GLN A 40 71.83 -17.77 35.26
N MET A 41 72.67 -17.20 34.40
CA MET A 41 73.62 -17.97 33.61
C MET A 41 75.00 -17.34 33.73
N GLY A 42 76.00 -18.17 33.93
CA GLY A 42 77.36 -17.70 34.07
C GLY A 42 78.17 -18.66 34.92
N TYR A 43 79.17 -18.11 35.59
CA TYR A 43 80.06 -18.89 36.44
C TYR A 43 80.52 -18.06 37.62
N GLN A 44 80.95 -18.76 38.67
CA GLN A 44 81.52 -18.15 39.86
C GLN A 44 82.84 -18.84 40.19
N LYS A 45 83.79 -18.06 40.67
CA LYS A 45 85.16 -18.56 40.85
C LYS A 45 85.63 -18.31 42.29
N THR A 46 86.47 -19.23 42.76
CA THR A 46 87.10 -19.11 44.06
C THR A 46 88.53 -19.64 43.96
N VAL A 47 89.37 -19.23 44.92
CA VAL A 47 90.79 -19.54 44.91
C VAL A 47 91.16 -20.23 46.22
N LYS A 48 91.90 -21.33 46.11
CA LYS A 48 92.42 -22.05 47.26
C LYS A 48 93.94 -22.17 47.15
N TRP A 49 94.61 -22.16 48.30
CA TRP A 49 96.06 -22.17 48.37
C TRP A 49 96.52 -23.39 49.16
N ASP A 50 97.47 -24.14 48.60
CA ASP A 50 98.01 -25.33 49.24
C ASP A 50 99.52 -25.23 49.34
N ALA A 51 100.08 -25.95 50.32
CA ALA A 51 101.51 -26.03 50.54
C ALA A 51 101.92 -27.49 50.61
N PHE A 52 103.18 -27.75 50.25
CA PHE A 52 103.69 -29.12 50.23
C PHE A 52 105.19 -29.11 50.47
N LEU A 53 105.71 -30.27 50.87
CA LEU A 53 107.13 -30.46 51.12
C LEU A 53 107.76 -31.12 49.90
N ASN A 54 108.89 -30.59 49.45
CA ASN A 54 109.55 -31.09 48.25
C ASN A 54 110.54 -32.21 48.55
N ALA A 55 111.20 -32.18 49.69
CA ALA A 55 112.19 -33.20 50.04
C ALA A 55 112.30 -33.28 51.55
N ASN A 56 113.17 -34.17 52.02
CA ASN A 56 113.42 -34.32 53.44
C ASN A 56 114.13 -33.06 53.97
N PRO A 57 113.94 -32.74 55.25
CA PRO A 57 114.56 -31.54 55.81
C PRO A 57 116.07 -31.65 55.83
N THR A 58 116.72 -30.48 55.82
CA THR A 58 118.16 -30.38 55.72
C THR A 58 118.77 -30.24 57.10
N THR A 59 119.78 -31.05 57.39
CA THR A 59 120.45 -31.00 58.68
C THR A 59 121.40 -29.81 58.71
N ILE A 60 121.24 -28.93 59.70
CA ILE A 60 122.08 -27.74 59.83
C ILE A 60 123.32 -28.15 60.61
N ALA A 61 124.34 -28.60 59.89
CA ALA A 61 125.62 -28.99 60.48
C ALA A 61 126.74 -28.31 59.72
N ASN A 62 127.61 -27.62 60.45
CA ASN A 62 128.78 -26.92 59.88
C ASN A 62 128.24 -25.85 58.93
N GLU A 63 128.76 -25.74 57.71
CA GLU A 63 128.31 -24.74 56.75
C GLU A 63 127.59 -25.43 55.60
N VAL A 64 126.41 -24.91 55.25
CA VAL A 64 125.62 -25.46 54.14
C VAL A 64 124.87 -24.31 53.48
N ASN A 65 124.74 -24.39 52.16
CA ASN A 65 124.02 -23.40 51.38
C ASN A 65 122.78 -23.94 50.69
N THR A 66 122.76 -25.23 50.33
CA THR A 66 121.62 -25.82 49.66
C THR A 66 120.66 -26.39 50.71
N ILE A 67 119.44 -25.84 50.74
CA ILE A 67 118.44 -26.24 51.72
C ILE A 67 117.20 -26.73 50.98
N SER A 68 116.52 -27.70 51.58
CA SER A 68 115.28 -28.21 51.01
C SER A 68 114.22 -27.13 50.99
N THR A 69 113.38 -27.16 49.96
CA THR A 69 112.39 -26.12 49.72
C THR A 69 110.99 -26.62 50.04
N ILE A 70 110.12 -25.69 50.42
CA ILE A 70 108.71 -25.95 50.64
C ILE A 70 107.94 -25.24 49.53
N GLY A 71 107.17 -26.01 48.75
CA GLY A 71 106.49 -25.48 47.61
C GLY A 71 105.05 -25.10 47.90
N PHE A 72 104.49 -24.27 47.01
CA PHE A 72 103.13 -23.78 47.14
C PHE A 72 102.42 -23.92 45.81
N SER A 73 101.09 -24.01 45.87
CA SER A 73 100.28 -24.17 44.67
C SER A 73 98.95 -23.47 44.86
N SER A 74 98.37 -23.03 43.75
CA SER A 74 97.07 -22.37 43.73
C SER A 74 96.10 -23.19 42.91
N GLU A 75 94.83 -23.18 43.32
CA GLU A 75 93.78 -23.88 42.61
C GLU A 75 92.59 -22.94 42.43
N VAL A 76 92.12 -22.83 41.19
CA VAL A 76 90.97 -22.01 40.86
C VAL A 76 89.79 -22.94 40.62
N VAL A 77 88.71 -22.73 41.36
CA VAL A 77 87.53 -23.58 41.30
C VAL A 77 86.37 -22.76 40.73
N ARG A 78 85.75 -23.28 39.68
CA ARG A 78 84.68 -22.59 38.98
C ARG A 78 83.41 -23.41 39.02
N LEU A 79 82.29 -22.76 39.35
CA LEU A 79 80.97 -23.36 39.34
C LEU A 79 80.15 -22.71 38.23
N ASN A 80 79.63 -23.52 37.32
CA ASN A 80 78.85 -23.05 36.18
C ASN A 80 77.36 -23.16 36.47
N TYR A 81 76.57 -22.32 35.81
CA TYR A 81 75.13 -22.32 35.93
C TYR A 81 74.50 -22.34 34.55
N LEU A 82 73.30 -22.92 34.46
CA LEU A 82 72.59 -23.02 33.19
C LEU A 82 71.13 -22.66 33.38
N LYS A 83 70.56 -22.00 32.38
CA LYS A 83 69.16 -21.61 32.39
C LYS A 83 68.40 -22.42 31.33
N LEU A 84 67.28 -23.02 31.74
CA LEU A 84 66.48 -23.86 30.87
C LEU A 84 65.04 -23.41 30.92
N GLN A 85 64.30 -23.72 29.86
CA GLN A 85 62.92 -23.27 29.72
C GLN A 85 62.06 -24.39 29.14
N TYR A 86 60.81 -24.44 29.60
CA TYR A 86 59.81 -25.36 29.08
C TYR A 86 58.58 -24.57 28.66
N LYS A 87 57.84 -25.12 27.71
CA LYS A 87 56.62 -24.50 27.21
C LYS A 87 55.47 -25.48 27.34
N PHE A 88 54.31 -24.97 27.76
CA PHE A 88 53.12 -25.80 27.89
C PHE A 88 51.90 -25.07 27.35
N ARG A 89 51.00 -25.83 26.75
CA ARG A 89 49.75 -25.30 26.24
C ARG A 89 48.68 -25.28 27.33
N HIS A 90 47.71 -24.39 27.17
CA HIS A 90 46.63 -24.23 28.14
C HIS A 90 45.48 -23.49 27.46
N LEU A 91 44.43 -23.22 28.23
CA LEU A 91 43.24 -22.55 27.74
C LEU A 91 43.26 -21.07 28.13
N LYS A 92 42.87 -20.22 27.19
CA LYS A 92 42.76 -18.80 27.46
C LYS A 92 41.68 -18.55 28.50
N GLN A 93 41.89 -17.51 29.32
CA GLN A 93 41.00 -17.26 30.46
C GLN A 93 39.57 -17.00 30.01
N THR A 94 39.39 -16.23 28.94
CA THR A 94 38.05 -15.87 28.49
C THR A 94 37.25 -17.07 28.00
N SER A 95 37.93 -18.13 27.57
CA SER A 95 37.24 -19.29 27.00
C SER A 95 36.95 -20.38 28.02
N GLU A 96 37.28 -20.16 29.30
CA GLU A 96 37.06 -21.20 30.30
C GLU A 96 35.58 -21.45 30.57
N LYS A 97 34.74 -20.42 30.41
CA LYS A 97 33.32 -20.58 30.64
C LYS A 97 32.68 -21.51 29.61
N PHE A 98 33.28 -21.68 28.45
CA PHE A 98 32.78 -22.59 27.43
C PHE A 98 33.33 -23.99 27.58
N TYR A 99 34.14 -24.23 28.62
CA TYR A 99 34.65 -25.56 28.91
C TYR A 99 34.39 -26.01 30.34
N THR A 100 33.84 -25.15 31.20
CA THR A 100 33.44 -25.57 32.54
C THR A 100 32.39 -26.67 32.45
N SER A 101 32.53 -27.67 33.32
CA SER A 101 31.59 -28.80 33.33
C SER A 101 31.08 -29.05 34.74
N ASP A 102 30.42 -30.19 34.94
CA ASP A 102 29.83 -30.48 36.25
C ASP A 102 30.88 -30.58 37.34
N SER A 103 31.99 -31.27 37.06
CA SER A 103 33.01 -31.51 38.07
C SER A 103 34.43 -31.24 37.58
N TYR A 104 34.59 -30.71 36.37
CA TYR A 104 35.93 -30.44 35.84
C TYR A 104 35.86 -29.27 34.88
N ILE A 105 37.03 -28.66 34.65
CA ILE A 105 37.18 -27.57 33.69
C ILE A 105 38.27 -27.97 32.71
N GLY A 106 37.93 -27.97 31.43
CA GLY A 106 38.89 -28.34 30.40
C GLY A 106 38.36 -29.36 29.41
N ASP A 107 38.98 -29.41 28.23
CA ASP A 107 38.57 -30.35 27.19
C ASP A 107 39.23 -31.69 27.44
N ILE A 108 38.46 -32.67 27.90
CA ILE A 108 39.00 -34.00 28.13
C ILE A 108 39.38 -34.67 26.82
N ASN A 109 38.57 -34.48 25.77
CA ASN A 109 38.82 -35.15 24.51
C ASN A 109 40.06 -34.62 23.79
N ASN A 110 40.56 -33.45 24.18
CA ASN A 110 41.73 -32.87 23.55
C ASN A 110 42.87 -32.58 24.53
N ASN A 111 42.71 -32.97 25.79
CA ASN A 111 43.73 -32.79 26.82
C ASN A 111 44.13 -31.32 26.97
N LEU A 112 43.14 -30.51 27.33
CA LEU A 112 43.34 -29.07 27.53
C LEU A 112 42.95 -28.71 28.94
N LEU A 113 43.76 -27.88 29.58
CA LEU A 113 43.66 -27.59 31.01
C LEU A 113 43.57 -26.08 31.22
N PRO A 114 43.02 -25.65 32.36
CA PRO A 114 43.14 -24.25 32.74
C PRO A 114 44.58 -23.91 33.09
N PHE A 115 44.89 -22.61 33.00
CA PHE A 115 46.27 -22.18 33.16
C PHE A 115 46.82 -22.51 34.54
N ALA A 116 46.00 -22.34 35.58
CA ALA A 116 46.48 -22.58 36.93
C ALA A 116 46.86 -24.04 37.14
N GLN A 117 45.96 -24.97 36.77
CA GLN A 117 46.25 -26.39 36.93
C GLN A 117 47.41 -26.82 36.06
N ALA A 118 47.46 -26.34 34.82
CA ALA A 118 48.56 -26.69 33.93
C ALA A 118 49.89 -26.21 34.50
N TYR A 119 49.93 -24.99 35.03
CA TYR A 119 51.15 -24.48 35.62
C TYR A 119 51.55 -25.28 36.85
N LYS A 120 50.59 -25.66 37.68
CA LYS A 120 50.91 -26.47 38.86
C LYS A 120 51.53 -27.81 38.46
N LEU A 121 50.92 -28.49 37.50
CA LEU A 121 51.44 -29.78 37.06
C LEU A 121 52.81 -29.64 36.43
N ALA A 122 53.00 -28.63 35.57
CA ALA A 122 54.29 -28.43 34.93
C ALA A 122 55.36 -28.09 35.96
N SER A 123 55.02 -27.26 36.96
CA SER A 123 55.98 -26.93 38.01
C SER A 123 56.35 -28.17 38.82
N SER A 124 55.37 -29.03 39.12
CA SER A 124 55.67 -30.25 39.84
C SER A 124 56.63 -31.14 39.05
N GLU A 125 56.37 -31.30 37.74
CA GLU A 125 57.26 -32.11 36.91
C GLU A 125 58.66 -31.51 36.85
N ILE A 126 58.75 -30.19 36.71
CA ILE A 126 60.06 -29.54 36.63
C ILE A 126 60.81 -29.70 37.94
N ILE A 127 60.11 -29.62 39.08
CA ILE A 127 60.76 -29.81 40.37
C ILE A 127 61.24 -31.24 40.52
N LYS A 128 60.48 -32.22 40.01
CA LYS A 128 60.96 -33.59 40.00
C LYS A 128 62.24 -33.72 39.19
N LEU A 129 62.27 -33.08 38.01
CA LEU A 129 63.48 -33.12 37.19
C LEU A 129 64.66 -32.46 37.90
N ILE A 130 64.42 -31.34 38.58
CA ILE A 130 65.49 -30.64 39.28
C ILE A 130 66.01 -31.49 40.44
N ASN A 131 65.12 -32.16 41.17
CA ASN A 131 65.55 -33.06 42.24
C ASN A 131 66.41 -34.18 41.68
N HIS A 132 65.99 -34.77 40.55
CA HIS A 132 66.78 -35.82 39.92
C HIS A 132 68.16 -35.31 39.52
N PHE A 133 68.22 -34.10 38.95
CA PHE A 133 69.50 -33.51 38.58
C PHE A 133 70.39 -33.29 39.80
N VAL A 134 69.82 -32.76 40.89
CA VAL A 134 70.62 -32.50 42.08
C VAL A 134 71.17 -33.81 42.64
N LEU A 135 70.38 -34.88 42.58
CA LEU A 135 70.84 -36.14 43.17
C LEU A 135 71.87 -36.84 42.29
N THR A 136 71.61 -36.92 40.97
CA THR A 136 72.38 -37.80 40.11
C THR A 136 73.39 -37.09 39.21
N GLY A 137 73.34 -35.77 39.10
CA GLY A 137 74.25 -35.07 38.22
C GLY A 137 74.00 -35.28 36.75
N THR A 138 72.80 -35.69 36.37
CA THR A 138 72.42 -35.88 34.98
C THR A 138 71.01 -35.36 34.75
N VAL A 139 70.72 -35.01 33.50
CA VAL A 139 69.39 -34.59 33.07
C VAL A 139 68.95 -35.53 31.95
N SER A 140 67.90 -36.30 32.19
CA SER A 140 67.38 -37.20 31.17
C SER A 140 65.93 -37.53 31.51
N ILE A 141 65.16 -37.84 30.47
CA ILE A 141 63.76 -38.24 30.63
C ILE A 141 63.56 -39.74 30.44
N GLN A 142 64.53 -40.46 29.89
CA GLN A 142 64.42 -41.89 29.72
C GLN A 142 64.79 -42.60 31.02
N LYS A 143 64.07 -43.67 31.34
CA LYS A 143 64.37 -44.44 32.54
C LYS A 143 65.71 -45.15 32.42
N ASP A 144 66.13 -45.49 31.19
CA ASP A 144 67.44 -46.11 31.01
C ASP A 144 68.57 -45.14 31.33
N GLY A 145 68.36 -43.85 31.11
CA GLY A 145 69.39 -42.85 31.33
C GLY A 145 70.13 -42.40 30.09
N LYS A 146 69.71 -42.83 28.91
CA LYS A 146 70.37 -42.44 27.67
C LYS A 146 69.76 -41.14 27.15
N ASN A 147 70.28 -40.67 26.01
CA ASN A 147 69.84 -39.41 25.40
C ASN A 147 69.91 -38.26 26.40
N GLN A 148 70.99 -38.23 27.18
CA GLN A 148 71.16 -37.18 28.19
C GLN A 148 71.46 -35.84 27.52
N LYS A 149 70.94 -34.78 28.12
CA LYS A 149 71.23 -33.43 27.65
C LYS A 149 72.69 -33.09 27.91
N ARG A 150 73.40 -32.68 26.87
CA ARG A 150 74.80 -32.29 27.03
C ARG A 150 74.88 -31.03 27.89
N LEU A 151 75.62 -31.12 28.99
CA LEU A 151 75.72 -30.02 29.95
C LEU A 151 77.13 -29.44 29.95
N LEU A 152 77.24 -28.27 30.59
CA LEU A 152 78.51 -27.57 30.68
C LEU A 152 79.43 -28.25 31.70
N PRO A 153 80.75 -28.10 31.54
CA PRO A 153 81.67 -28.64 32.54
C PRO A 153 81.51 -27.93 33.87
N ASN A 154 82.12 -28.53 34.91
CA ASN A 154 82.01 -28.05 36.29
C ASN A 154 80.56 -28.02 36.77
N MET A 155 79.75 -28.95 36.25
CA MET A 155 78.35 -29.11 36.66
C MET A 155 78.18 -30.56 37.08
N TYR A 156 78.17 -30.81 38.39
CA TYR A 156 78.19 -32.16 38.93
C TYR A 156 77.09 -32.31 39.98
N GLY A 157 76.78 -33.57 40.29
CA GLY A 157 75.88 -33.91 41.37
C GLY A 157 76.57 -34.77 42.40
N LEU A 158 75.79 -35.17 43.40
CA LEU A 158 76.34 -35.97 44.49
C LEU A 158 76.83 -37.33 44.01
N LEU A 159 76.05 -37.99 43.14
CA LEU A 159 76.37 -39.35 42.73
C LEU A 159 77.45 -39.43 41.66
N ASN A 160 77.70 -38.36 40.92
CA ASN A 160 78.70 -38.37 39.86
C ASN A 160 79.88 -37.45 40.14
N MET A 161 80.04 -37.00 41.38
CA MET A 161 81.16 -36.14 41.72
C MET A 161 82.47 -36.91 41.55
N PRO A 162 83.43 -36.38 40.82
CA PRO A 162 84.70 -37.08 40.62
C PRO A 162 85.58 -37.00 41.87
N GLU A 163 86.66 -37.78 41.84
CA GLU A 163 87.66 -37.80 42.90
C GLU A 163 87.02 -38.07 44.27
N GLN A 164 86.08 -39.01 44.29
CA GLN A 164 85.43 -39.46 45.52
C GLN A 164 85.65 -40.95 45.68
N ILE A 165 85.42 -41.44 46.89
CA ILE A 165 85.63 -42.85 47.18
C ILE A 165 84.48 -43.65 46.59
N LYS A 166 84.81 -44.63 45.74
CA LYS A 166 83.83 -45.45 45.06
C LYS A 166 84.10 -46.91 45.34
N GLU A 167 83.09 -47.62 45.82
CA GLU A 167 83.20 -49.04 46.13
C GLU A 167 82.16 -49.81 45.32
N GLU A 168 82.52 -51.03 44.92
CA GLU A 168 81.65 -51.87 44.11
C GLU A 168 81.46 -53.21 44.81
N VAL A 169 80.21 -53.55 45.08
CA VAL A 169 79.85 -54.85 45.64
C VAL A 169 79.56 -55.80 44.48
N ALA A 170 80.20 -56.97 44.52
CA ALA A 170 80.15 -57.90 43.40
C ALA A 170 78.73 -58.42 43.18
N SER A 171 78.47 -58.85 41.95
CA SER A 171 77.15 -59.38 41.61
C SER A 171 76.83 -60.65 42.39
N GLY A 172 77.83 -61.51 42.57
CA GLY A 172 77.63 -62.72 43.35
C GLY A 172 77.32 -62.46 44.81
N ASP A 173 77.64 -61.27 45.31
CA ASP A 173 77.35 -60.88 46.69
C ASP A 173 76.30 -59.76 46.74
N LYS A 174 75.36 -59.77 45.80
CA LYS A 174 74.36 -58.71 45.73
C LYS A 174 73.43 -58.72 46.94
N ASP A 175 73.11 -59.92 47.46
CA ASP A 175 72.22 -60.05 48.60
C ASP A 175 72.96 -60.31 49.91
N LYS A 176 74.29 -60.33 49.89
CA LYS A 176 75.08 -60.61 51.08
C LYS A 176 75.36 -59.31 51.81
N MET A 177 74.57 -59.05 52.86
CA MET A 177 74.73 -57.83 53.64
C MET A 177 76.10 -57.76 54.31
N ASP A 178 76.69 -58.91 54.66
CA ASP A 178 78.02 -58.88 55.23
C ASP A 178 79.05 -58.34 54.24
N LYS A 179 78.97 -58.77 52.98
CA LYS A 179 79.87 -58.25 51.95
C LYS A 179 79.60 -56.77 51.68
N ILE A 180 78.31 -56.39 51.65
CA ILE A 180 77.98 -54.98 51.43
C ILE A 180 78.56 -54.12 52.55
N PHE A 181 78.42 -54.57 53.80
CA PHE A 181 78.96 -53.82 54.93
C PHE A 181 80.48 -53.81 54.93
N GLU A 182 81.12 -54.89 54.45
CA GLU A 182 82.57 -54.88 54.33
C GLU A 182 83.02 -53.81 53.33
N LYS A 183 82.33 -53.72 52.19
CA LYS A 183 82.65 -52.68 51.22
C LYS A 183 82.41 -51.29 51.80
N ILE A 184 81.31 -51.13 52.55
CA ILE A 184 81.02 -49.84 53.17
C ILE A 184 82.11 -49.47 54.17
N GLU A 185 82.58 -50.44 54.95
CA GLU A 185 83.65 -50.17 55.91
C GLU A 185 84.95 -49.80 55.21
N ALA A 186 85.26 -50.48 54.10
CA ALA A 186 86.46 -50.11 53.34
C ALA A 186 86.36 -48.68 52.82
N GLY A 187 85.19 -48.31 52.29
CA GLY A 187 85.01 -46.95 51.82
C GLY A 187 85.07 -45.93 52.94
N LEU A 188 84.51 -46.27 54.11
CA LEU A 188 84.55 -45.37 55.26
C LEU A 188 85.98 -45.17 55.74
N SER A 189 86.78 -46.23 55.75
CA SER A 189 88.19 -46.09 56.09
C SER A 189 88.93 -45.23 55.06
N LYS A 190 88.59 -45.39 53.78
CA LYS A 190 89.20 -44.56 52.75
C LYS A 190 88.72 -43.12 52.77
N LEU A 191 87.62 -42.84 53.48
CA LEU A 191 87.16 -41.46 53.62
C LEU A 191 88.21 -40.62 54.36
N GLU A 192 88.28 -39.34 53.99
CA GLU A 192 89.23 -38.40 54.57
C GLU A 192 88.46 -37.16 55.02
N LEU A 193 88.05 -37.14 56.29
CA LEU A 193 87.37 -35.98 56.85
C LEU A 193 88.34 -34.96 57.44
N GLY A 194 89.35 -35.43 58.16
CA GLY A 194 90.37 -34.53 58.67
C GLY A 194 89.83 -33.64 59.77
N ASP A 195 90.08 -32.34 59.64
CA ASP A 195 89.68 -31.38 60.67
C ASP A 195 88.16 -31.36 60.85
N GLU A 196 87.42 -31.38 59.74
CA GLU A 196 85.96 -31.34 59.79
C GLU A 196 85.42 -32.76 59.96
N PHE A 197 85.60 -33.29 61.17
CA PHE A 197 85.13 -34.63 61.51
C PHE A 197 83.96 -34.64 62.48
N SER A 198 83.89 -33.69 63.41
CA SER A 198 82.80 -33.61 64.38
C SER A 198 81.59 -32.93 63.73
N THR A 199 81.03 -33.61 62.74
CA THR A 199 79.88 -33.11 62.00
C THR A 199 78.90 -34.25 61.76
N PRO A 200 77.61 -33.94 61.65
CA PRO A 200 76.63 -34.99 61.32
C PRO A 200 76.89 -35.61 59.96
N MET A 201 76.52 -36.88 59.83
CA MET A 201 76.70 -37.61 58.59
C MET A 201 75.35 -38.01 58.01
N MET A 202 75.31 -38.19 56.70
CA MET A 202 74.08 -38.49 55.98
C MET A 202 74.32 -39.67 55.05
N VAL A 203 73.40 -40.63 55.10
CA VAL A 203 73.42 -41.81 54.24
C VAL A 203 72.09 -41.86 53.49
N ILE A 204 72.17 -42.07 52.18
CA ILE A 204 71.00 -42.21 51.32
C ILE A 204 71.07 -43.56 50.65
N VAL A 205 69.98 -44.34 50.75
CA VAL A 205 69.94 -45.70 50.27
C VAL A 205 68.67 -45.93 49.47
N ASP A 206 68.70 -46.96 48.64
CA ASP A 206 67.52 -47.41 47.92
C ASP A 206 66.62 -48.24 48.83
N PRO A 207 65.34 -48.38 48.49
CA PRO A 207 64.43 -49.16 49.35
C PRO A 207 64.89 -50.60 49.59
N ALA A 208 65.46 -51.25 48.58
CA ALA A 208 65.95 -52.61 48.78
C ALA A 208 67.09 -52.64 49.79
N THR A 209 68.00 -51.66 49.71
CA THR A 209 69.08 -51.58 50.68
C THR A 209 68.55 -51.30 52.08
N SER A 210 67.52 -50.45 52.19
CA SER A 210 66.92 -50.19 53.50
C SER A 210 66.28 -51.44 54.08
N LEU A 211 65.58 -52.22 53.25
CA LEU A 211 64.97 -53.45 53.72
C LEU A 211 66.03 -54.47 54.14
N LYS A 212 67.16 -54.51 53.42
CA LYS A 212 68.26 -55.35 53.87
C LYS A 212 68.83 -54.87 55.19
N LEU A 213 68.93 -53.54 55.36
CA LEU A 213 69.50 -52.97 56.58
C LEU A 213 68.64 -53.30 57.80
N VAL A 214 67.32 -53.19 57.67
CA VAL A 214 66.45 -53.35 58.84
C VAL A 214 66.44 -54.78 59.38
N LYS A 215 67.05 -55.73 58.69
CA LYS A 215 67.18 -57.08 59.22
C LYS A 215 68.16 -57.08 60.39
N PRO A 216 67.99 -58.00 61.33
CA PRO A 216 68.92 -58.07 62.47
C PRO A 216 70.32 -58.46 62.03
N TYR A 217 71.31 -57.97 62.78
CA TYR A 217 72.71 -58.25 62.47
C TYR A 217 73.03 -59.72 62.69
N ALA A 218 73.89 -60.27 61.84
CA ALA A 218 74.29 -61.66 61.93
C ALA A 218 75.81 -61.79 61.95
N ALA A 223 74.80 -67.22 63.56
CA ALA A 223 73.73 -67.00 64.52
C ALA A 223 73.35 -65.52 64.58
N ALA A 224 72.07 -65.24 64.39
CA ALA A 224 71.60 -63.86 64.42
C ALA A 224 71.67 -63.29 65.84
N SER A 225 71.91 -61.99 65.91
CA SER A 225 72.01 -61.29 67.18
C SER A 225 70.64 -60.77 67.62
N SER A 226 70.60 -60.20 68.82
CA SER A 226 69.38 -59.65 69.38
C SER A 226 69.59 -58.17 69.71
N CYS A 227 68.56 -57.37 69.45
CA CYS A 227 68.57 -55.93 69.71
C CYS A 227 69.68 -55.20 68.94
N GLU A 228 70.21 -55.82 67.89
CA GLU A 228 71.26 -55.21 67.07
C GLU A 228 70.96 -55.51 65.61
N LYS A 229 70.70 -54.47 64.84
CA LYS A 229 70.43 -54.58 63.42
C LYS A 229 71.63 -54.11 62.61
N TRP A 230 71.61 -54.45 61.31
CA TRP A 230 72.64 -53.96 60.41
C TRP A 230 72.64 -52.43 60.37
N GLU A 231 71.45 -51.82 60.45
CA GLU A 231 71.38 -50.37 60.50
C GLU A 231 72.07 -49.82 61.74
N ASP A 232 71.85 -50.45 62.89
CA ASP A 232 72.51 -49.99 64.11
C ASP A 232 74.01 -50.17 64.02
N VAL A 233 74.47 -51.28 63.44
CA VAL A 233 75.91 -51.50 63.28
C VAL A 233 76.51 -50.43 62.38
N LEU A 234 75.81 -50.09 61.29
CA LEU A 234 76.29 -49.04 60.40
C LEU A 234 76.33 -47.69 61.10
N ILE A 235 75.31 -47.38 61.90
CA ILE A 235 75.28 -46.12 62.63
C ILE A 235 76.45 -46.04 63.61
N GLN A 236 76.73 -47.14 64.32
CA GLN A 236 77.87 -47.16 65.24
C GLN A 236 79.18 -46.98 64.48
N THR A 237 79.32 -47.63 63.32
CA THR A 237 80.55 -47.51 62.54
C THR A 237 80.76 -46.07 62.07
N ILE A 238 79.70 -45.40 61.62
CA ILE A 238 79.82 -44.02 61.17
C ILE A 238 80.07 -43.08 62.36
N LYS A 239 79.49 -43.40 63.51
CA LYS A 239 79.75 -42.62 64.72
C LYS A 239 81.19 -42.76 65.18
N ALA A 240 81.83 -43.89 64.86
CA ALA A 240 83.24 -44.05 65.19
C ALA A 240 84.13 -43.07 64.43
N ILE A 241 83.68 -42.60 63.27
CA ILE A 241 84.50 -41.72 62.44
C ILE A 241 84.02 -40.28 62.42
N ASN A 242 82.81 -39.98 62.90
CA ASN A 242 82.34 -38.60 62.94
C ASN A 242 82.31 -38.04 64.35
N ASN A 243 83.17 -38.57 65.23
CA ASN A 243 83.24 -38.15 66.63
C ASN A 243 81.89 -38.32 67.34
N ARG A 244 81.25 -39.47 67.08
CA ARG A 244 79.98 -39.83 67.72
C ARG A 244 78.91 -38.76 67.49
N GLU A 245 78.82 -38.26 66.25
CA GLU A 245 77.81 -37.27 65.91
C GLU A 245 76.57 -37.96 65.34
N ASP A 246 75.55 -37.15 65.05
CA ASP A 246 74.30 -37.70 64.52
C ASP A 246 74.52 -38.30 63.13
N VAL A 247 73.85 -39.42 62.89
CA VAL A 247 73.89 -40.11 61.61
C VAL A 247 72.45 -40.25 61.11
N TYR A 248 72.15 -39.60 59.99
CA TYR A 248 70.81 -39.62 59.43
C TYR A 248 70.77 -40.55 58.23
N ILE A 249 69.68 -41.29 58.09
CA ILE A 249 69.50 -42.26 57.01
C ILE A 249 68.20 -41.94 56.28
N GLU A 250 68.27 -41.85 54.96
CA GLU A 250 67.13 -41.54 54.13
C GLU A 250 67.02 -42.54 52.98
N THR A 251 65.81 -42.71 52.47
CA THR A 251 65.53 -43.59 51.35
C THR A 251 65.02 -42.75 50.19
N SER A 252 65.57 -42.98 49.00
CA SER A 252 65.18 -42.25 47.80
C SER A 252 64.94 -43.24 46.67
N ASN A 253 63.80 -43.11 46.00
CA ASN A 253 63.47 -44.01 44.90
C ASN A 253 64.32 -43.71 43.66
N LEU A 254 64.91 -42.51 43.57
CA LEU A 254 65.74 -42.18 42.42
C LEU A 254 66.97 -43.08 42.34
N LEU A 255 67.61 -43.33 43.48
CA LEU A 255 68.77 -44.22 43.51
C LEU A 255 68.35 -45.66 43.27
N LYS A 256 69.28 -46.43 42.69
CA LYS A 256 69.04 -47.84 42.39
C LYS A 256 70.31 -48.62 42.68
N HIS A 257 70.28 -49.42 43.75
CA HIS A 257 71.42 -50.24 44.16
C HIS A 257 72.64 -49.37 44.47
N LYS A 258 72.39 -48.19 45.03
CA LYS A 258 73.42 -47.23 45.36
C LYS A 258 73.29 -46.79 46.81
N ILE A 259 74.43 -46.60 47.46
CA ILE A 259 74.51 -46.06 48.82
C ILE A 259 75.42 -44.85 48.79
N LEU A 260 74.95 -43.73 49.34
CA LEU A 260 75.69 -42.48 49.31
C LEU A 260 75.90 -41.99 50.73
N ILE A 261 77.16 -41.84 51.14
CA ILE A 261 77.50 -41.39 52.48
C ILE A 261 78.34 -40.11 52.37
N TYR A 262 77.94 -39.07 53.09
CA TYR A 262 78.66 -37.81 53.03
C TYR A 262 78.33 -36.98 54.28
N PRO A 263 79.24 -36.12 54.72
CA PRO A 263 78.96 -35.27 55.87
C PRO A 263 78.04 -34.11 55.52
N LEU A 264 77.48 -33.49 56.55
CA LEU A 264 76.57 -32.36 56.41
C LEU A 264 77.22 -31.06 56.88
N ASN A 265 78.51 -30.90 56.60
CA ASN A 265 79.24 -29.69 57.00
C ASN A 265 79.40 -28.78 55.79
N SER A 266 79.12 -27.49 55.98
CA SER A 266 79.21 -26.54 54.88
C SER A 266 80.65 -26.35 54.41
N GLU A 267 81.62 -26.61 55.29
CA GLU A 267 83.02 -26.43 54.91
C GLU A 267 83.46 -27.45 53.86
N LEU A 268 82.87 -28.64 53.87
CA LEU A 268 83.26 -29.69 52.94
C LEU A 268 82.37 -29.69 51.69
N ILE A 269 81.05 -29.68 51.86
CA ILE A 269 80.11 -29.68 50.75
C ILE A 269 79.16 -28.51 50.93
N LYS A 270 79.01 -27.69 49.89
CA LYS A 270 78.13 -26.54 49.93
C LYS A 270 77.33 -26.45 48.63
N PHE A 271 76.04 -26.19 48.77
CA PHE A 271 75.15 -26.00 47.63
C PHE A 271 74.84 -24.51 47.52
N LYS A 272 75.33 -23.88 46.45
CA LYS A 272 75.05 -22.48 46.18
C LYS A 272 74.19 -22.35 44.93
N PRO A 273 72.90 -22.66 45.01
CA PRO A 273 72.05 -22.55 43.83
C PRO A 273 71.67 -21.11 43.52
N SER A 274 71.27 -20.89 42.28
CA SER A 274 70.77 -19.58 41.89
C SER A 274 69.46 -19.29 42.61
N LYS A 275 69.20 -18.01 42.84
CA LYS A 275 67.94 -17.61 43.45
C LYS A 275 66.75 -17.80 42.53
N TYR A 276 66.98 -18.20 41.28
CA TYR A 276 65.93 -18.51 40.33
C TYR A 276 65.95 -19.96 39.89
N MET A 277 66.53 -20.85 40.70
CA MET A 277 66.63 -22.26 40.34
C MET A 277 65.25 -22.90 40.24
N LEU A 278 64.36 -22.60 41.18
CA LEU A 278 63.03 -23.15 41.17
C LEU A 278 62.20 -22.53 40.04
N PRO A 279 61.17 -23.22 39.58
CA PRO A 279 60.43 -22.74 38.39
C PRO A 279 59.86 -21.34 38.58
N THR A 280 59.96 -20.54 37.52
CA THR A 280 59.41 -19.18 37.51
C THR A 280 58.71 -18.97 36.17
N PRO A 281 57.47 -18.45 36.18
CA PRO A 281 56.77 -18.21 34.91
C PRO A 281 57.41 -17.06 34.14
N ASN A 282 57.35 -17.16 32.82
CA ASN A 282 57.83 -16.11 31.93
C ASN A 282 56.69 -15.15 31.58
N GLU A 283 57.06 -13.93 31.22
CA GLU A 283 56.08 -12.92 30.86
C GLU A 283 55.50 -13.11 29.47
N GLN A 284 56.18 -13.89 28.62
CA GLN A 284 55.73 -14.09 27.25
C GLN A 284 54.67 -15.17 27.20
N VAL A 285 53.45 -14.80 26.82
CA VAL A 285 52.34 -15.73 26.65
C VAL A 285 51.88 -15.65 25.20
N ASP A 286 51.93 -16.78 24.50
CA ASP A 286 51.51 -16.81 23.11
C ASP A 286 49.99 -16.80 23.02
N LYS A 287 49.45 -15.92 22.18
CA LYS A 287 48.01 -15.79 22.01
C LYS A 287 47.67 -15.81 20.52
N ASP A 288 46.51 -16.38 20.20
CA ASP A 288 46.05 -16.49 18.82
C ASP A 288 44.54 -16.27 18.81
N SER A 289 43.93 -16.44 17.65
CA SER A 289 42.48 -16.28 17.52
C SER A 289 41.71 -17.45 18.12
N THR A 290 42.38 -18.57 18.40
CA THR A 290 41.73 -19.73 18.98
C THR A 290 41.73 -19.62 20.51
N ASP A 291 41.29 -20.68 21.18
CA ASP A 291 41.21 -20.70 22.63
C ASP A 291 42.44 -21.30 23.29
N VAL A 292 43.45 -21.69 22.51
CA VAL A 292 44.64 -22.35 23.04
C VAL A 292 45.77 -21.33 23.10
N ALA A 293 46.36 -21.20 24.29
CA ALA A 293 47.51 -20.33 24.51
C ALA A 293 48.70 -21.17 24.98
N HIS A 294 49.87 -20.54 25.01
CA HIS A 294 51.10 -21.20 25.44
C HIS A 294 51.82 -20.35 26.47
N SER A 295 52.44 -21.01 27.44
CA SER A 295 53.18 -20.32 28.50
C SER A 295 54.54 -20.99 28.70
N TYR A 296 55.45 -20.26 29.32
CA TYR A 296 56.83 -20.69 29.49
C TYR A 296 57.24 -20.65 30.95
N ILE A 297 58.07 -21.60 31.35
CA ILE A 297 58.61 -21.71 32.70
C ILE A 297 60.12 -21.82 32.61
N ASP A 298 60.82 -21.05 33.45
CA ASP A 298 62.28 -21.00 33.47
C ASP A 298 62.80 -21.58 34.78
N PHE A 299 63.93 -22.29 34.71
CA PHE A 299 64.58 -22.81 35.90
C PHE A 299 66.08 -22.89 35.66
N VAL A 300 66.84 -22.78 36.76
CA VAL A 300 68.30 -22.69 36.70
C VAL A 300 68.89 -23.91 37.39
N LEU A 301 69.89 -24.50 36.75
CA LEU A 301 70.57 -25.69 37.26
C LEU A 301 72.05 -25.39 37.48
N GLY A 302 72.63 -26.09 38.46
CA GLY A 302 74.04 -26.00 38.78
C GLY A 302 74.27 -25.34 40.14
N GLY A 303 75.42 -25.63 40.72
CA GLY A 303 75.81 -24.96 41.96
C GLY A 303 76.29 -25.82 43.10
N LEU A 304 76.61 -27.09 42.85
CA LEU A 304 77.07 -27.98 43.90
C LEU A 304 78.59 -27.98 43.96
N LEU A 305 79.15 -27.75 45.15
CA LEU A 305 80.59 -27.74 45.36
C LEU A 305 80.93 -28.72 46.47
N ALA A 306 81.93 -29.57 46.23
CA ALA A 306 82.33 -30.56 47.21
C ALA A 306 83.85 -30.69 47.23
N THR A 307 84.39 -30.96 48.42
CA THR A 307 85.79 -31.29 48.54
C THR A 307 86.05 -32.71 48.06
N ARG A 308 87.27 -32.95 47.60
CA ARG A 308 87.63 -34.26 47.07
C ARG A 308 87.85 -35.26 48.20
N LYS A 309 87.56 -36.53 47.88
CA LYS A 309 87.72 -37.64 48.82
C LYS A 309 86.94 -37.41 50.12
N THR A 310 85.69 -36.95 49.97
CA THR A 310 84.81 -36.76 51.12
C THR A 310 83.44 -37.39 50.92
N ILE A 311 83.20 -38.08 49.81
CA ILE A 311 81.92 -38.73 49.53
C ILE A 311 82.18 -40.18 49.20
N LEU A 312 81.42 -41.08 49.82
CA LEU A 312 81.51 -42.51 49.55
C LEU A 312 80.28 -42.96 48.77
N GLN A 313 80.51 -43.61 47.64
CA GLN A 313 79.47 -44.11 46.77
C GLN A 313 79.68 -45.61 46.58
N VAL A 314 78.75 -46.41 47.09
CA VAL A 314 78.79 -47.86 46.99
C VAL A 314 77.75 -48.30 45.99
N ASN A 315 78.18 -49.06 44.97
CA ASN A 315 77.29 -49.56 43.93
C ASN A 315 77.25 -51.08 44.02
N ILE A 316 76.05 -51.62 44.22
CA ILE A 316 75.87 -53.07 44.31
C ILE A 316 75.54 -53.57 42.91
N LYS A 317 76.50 -54.23 42.26
CA LYS A 317 76.27 -54.74 40.92
C LYS A 317 75.21 -55.83 40.93
N GLN A 318 74.29 -55.75 39.97
CA GLN A 318 73.17 -56.68 39.87
C GLN A 318 73.34 -57.49 38.60
N SER A 319 74.06 -58.61 38.72
CA SER A 319 74.30 -59.53 37.60
C SER A 319 74.98 -58.83 36.42
N LEU B 3 51.77 7.22 29.35
CA LEU B 3 52.53 6.51 28.32
C LEU B 3 53.93 6.17 28.82
N PHE B 4 54.61 7.15 29.42
CA PHE B 4 55.95 6.92 29.93
C PHE B 4 55.96 6.00 31.15
N ASP B 5 54.83 5.85 31.82
CA ASP B 5 54.72 4.87 32.90
C ASP B 5 54.39 3.47 32.38
N GLU B 6 54.17 3.33 31.08
CA GLU B 6 53.89 2.05 30.45
C GLU B 6 54.93 1.64 29.42
N ASN B 7 55.42 2.58 28.62
CA ASN B 7 56.35 2.28 27.53
C ASN B 7 57.76 2.69 27.96
N TYR B 8 58.52 1.73 28.48
CA TYR B 8 59.89 2.00 28.86
C TYR B 8 60.73 2.37 27.65
N TYR B 9 60.46 1.77 26.50
CA TYR B 9 61.20 2.12 25.29
C TYR B 9 60.93 3.56 24.88
N ALA B 10 59.67 4.00 24.97
CA ALA B 10 59.36 5.40 24.66
C ALA B 10 60.04 6.34 25.64
N LYS B 11 60.05 5.98 26.94
CA LYS B 11 60.72 6.81 27.92
C LYS B 11 62.23 6.90 27.64
N ALA B 12 62.84 5.76 27.29
CA ALA B 12 64.27 5.75 26.99
C ALA B 12 64.58 6.57 25.75
N VAL B 13 63.73 6.50 24.72
CA VAL B 13 63.93 7.30 23.52
C VAL B 13 63.82 8.78 23.86
N ALA B 14 62.84 9.15 24.69
CA ALA B 14 62.70 10.54 25.10
C ALA B 14 63.92 11.03 25.88
N ASN B 15 64.48 10.15 26.73
CA ASN B 15 65.64 10.55 27.52
C ASN B 15 66.90 10.64 26.67
N ILE B 16 67.03 9.77 25.66
CA ILE B 16 68.26 9.67 24.89
C ILE B 16 68.23 10.51 23.62
N ILE B 17 67.10 11.12 23.28
CA ILE B 17 66.98 11.87 22.04
C ILE B 17 67.92 13.08 22.03
N GLY B 18 68.23 13.63 23.21
CA GLY B 18 69.07 14.81 23.27
C GLY B 18 70.52 14.55 22.90
N GLU B 19 70.99 13.31 23.09
CA GLU B 19 72.38 12.99 22.81
C GLU B 19 72.69 12.89 21.33
N VAL B 20 71.68 12.80 20.47
CA VAL B 20 71.89 12.71 19.03
C VAL B 20 72.30 14.08 18.51
N LYS B 21 73.33 14.09 17.66
CA LYS B 21 73.86 15.33 17.12
C LYS B 21 73.06 15.79 15.91
N ASP B 22 73.09 17.10 15.66
CA ASP B 22 72.38 17.67 14.54
C ASP B 22 73.02 17.25 13.22
N PRO B 23 72.23 17.08 12.17
CA PRO B 23 72.80 16.70 10.87
C PRO B 23 73.67 17.80 10.29
N ILE B 24 74.65 17.38 9.48
CA ILE B 24 75.55 18.34 8.83
C ILE B 24 74.95 18.96 7.60
N MET B 25 73.80 18.45 7.11
CA MET B 25 73.15 19.02 5.95
C MET B 25 72.59 20.41 6.22
N TYR B 26 72.41 20.77 7.49
CA TYR B 26 71.86 22.08 7.82
C TYR B 26 72.79 23.21 7.39
N LYS B 27 74.10 22.98 7.44
CA LYS B 27 75.06 24.00 7.04
C LYS B 27 75.00 24.31 5.54
N TRP B 28 74.46 23.39 4.74
CA TRP B 28 74.41 23.56 3.29
C TRP B 28 73.27 24.48 2.85
N PHE B 29 72.38 24.88 3.74
CA PHE B 29 71.22 25.67 3.37
C PHE B 29 71.06 26.84 4.33
N SER B 30 70.41 27.90 3.84
CA SER B 30 70.08 29.05 4.65
C SER B 30 68.85 28.75 5.50
N PRO B 31 68.67 29.48 6.61
CA PRO B 31 67.49 29.21 7.46
C PRO B 31 66.16 29.34 6.73
N ASP B 32 66.06 30.29 5.79
CA ASP B 32 64.81 30.50 5.06
C ASP B 32 64.58 29.47 3.97
N GLN B 33 65.60 28.68 3.59
CA GLN B 33 65.47 27.74 2.49
C GLN B 33 64.79 26.44 2.89
N ILE B 34 64.64 26.14 4.17
CA ILE B 34 64.10 24.87 4.64
C ILE B 34 62.73 25.12 5.26
N GLU B 35 61.74 24.35 4.81
CA GLU B 35 60.37 24.48 5.31
C GLU B 35 59.76 23.10 5.45
N ASP B 36 59.43 22.72 6.68
CA ASP B 36 58.89 21.38 6.93
C ASP B 36 57.46 21.25 6.40
N VAL B 37 57.15 20.07 5.89
CA VAL B 37 55.79 19.74 5.43
C VAL B 37 55.25 18.61 6.30
N ASP B 38 54.00 18.22 6.07
CA ASP B 38 53.29 17.27 6.94
C ASP B 38 52.76 16.11 6.12
N LEU B 39 53.57 15.06 5.99
CA LEU B 39 53.16 13.77 5.44
C LEU B 39 54.30 12.78 5.66
N GLN B 40 54.04 11.52 5.30
CA GLN B 40 55.04 10.47 5.43
C GLN B 40 55.41 9.83 4.10
N MET B 41 54.43 9.55 3.24
CA MET B 41 54.68 8.92 1.95
C MET B 41 53.63 9.38 0.96
N GLY B 42 54.07 9.68 -0.25
CA GLY B 42 53.17 10.18 -1.28
C GLY B 42 53.79 11.25 -2.15
N TYR B 43 52.98 12.19 -2.61
CA TYR B 43 53.46 13.27 -3.46
C TYR B 43 52.78 14.57 -3.07
N GLN B 44 53.50 15.67 -3.31
CA GLN B 44 52.99 17.01 -3.07
C GLN B 44 53.15 17.84 -4.33
N LYS B 45 52.30 18.86 -4.46
CA LYS B 45 52.28 19.70 -5.64
C LYS B 45 52.49 21.16 -5.24
N THR B 46 53.38 21.84 -5.97
CA THR B 46 53.66 23.25 -5.76
C THR B 46 53.33 24.02 -7.03
N VAL B 47 52.62 25.14 -6.88
CA VAL B 47 52.15 25.93 -8.00
C VAL B 47 52.80 27.31 -7.93
N LYS B 48 53.39 27.74 -9.03
CA LYS B 48 54.04 29.05 -9.13
C LYS B 48 53.35 29.86 -10.21
N TRP B 49 52.94 31.08 -9.86
CA TRP B 49 52.24 31.98 -10.77
C TRP B 49 53.17 33.11 -11.19
N ASP B 50 53.07 33.50 -12.46
CA ASP B 50 53.91 34.56 -13.02
C ASP B 50 53.11 35.37 -14.03
N ALA B 51 53.29 36.69 -13.99
CA ALA B 51 52.60 37.60 -14.88
C ALA B 51 53.50 38.04 -16.04
N PHE B 52 52.86 38.56 -17.09
CA PHE B 52 53.57 39.07 -18.25
C PHE B 52 52.73 40.14 -18.92
N LEU B 53 53.38 40.98 -19.71
CA LEU B 53 52.72 42.04 -20.46
C LEU B 53 52.48 41.57 -21.89
N ASN B 54 51.27 41.81 -22.40
CA ASN B 54 50.95 41.36 -23.75
C ASN B 54 51.23 42.42 -24.81
N ALA B 55 51.36 43.69 -24.42
CA ALA B 55 51.62 44.76 -25.36
C ALA B 55 52.15 45.97 -24.60
N ASN B 56 52.56 46.98 -25.37
CA ASN B 56 53.04 48.21 -24.78
C ASN B 56 51.89 48.94 -24.08
N PRO B 57 52.18 49.69 -23.01
CA PRO B 57 51.12 50.40 -22.30
C PRO B 57 50.51 51.50 -23.17
N THR B 58 49.30 51.90 -22.78
CA THR B 58 48.52 52.90 -23.51
C THR B 58 48.53 54.23 -22.76
N THR B 59 48.73 55.31 -23.50
CA THR B 59 48.72 56.65 -22.92
C THR B 59 47.28 57.08 -22.62
N ILE B 60 47.06 57.60 -21.43
CA ILE B 60 45.73 58.03 -20.99
C ILE B 60 45.60 59.50 -21.39
N ALA B 61 45.06 59.73 -22.59
CA ALA B 61 44.81 61.07 -23.11
C ALA B 61 43.40 61.13 -23.66
N ASN B 62 42.65 62.17 -23.27
CA ASN B 62 41.27 62.38 -23.72
C ASN B 62 40.46 61.16 -23.32
N GLU B 63 39.68 60.56 -24.23
CA GLU B 63 38.85 59.41 -23.93
C GLU B 63 39.40 58.19 -24.65
N VAL B 64 39.51 57.07 -23.93
CA VAL B 64 39.97 55.82 -24.51
C VAL B 64 39.44 54.68 -23.64
N ASN B 65 39.09 53.58 -24.29
CA ASN B 65 38.64 52.38 -23.59
C ASN B 65 39.42 51.13 -23.94
N THR B 66 40.22 51.14 -25.00
CA THR B 66 41.03 50.00 -25.40
C THR B 66 42.39 50.12 -24.70
N ILE B 67 42.66 49.19 -23.79
CA ILE B 67 43.87 49.23 -22.98
C ILE B 67 44.65 47.94 -23.18
N SER B 68 45.96 48.02 -22.98
CA SER B 68 46.82 46.84 -23.08
C SER B 68 46.53 45.88 -21.92
N THR B 69 46.96 44.63 -22.10
CA THR B 69 46.59 43.55 -21.19
C THR B 69 47.81 42.96 -20.50
N ILE B 70 47.57 42.45 -19.30
CA ILE B 70 48.57 41.73 -18.51
C ILE B 70 48.06 40.31 -18.33
N GLY B 71 48.77 39.34 -18.90
CA GLY B 71 48.41 37.95 -18.80
C GLY B 71 49.13 37.24 -17.66
N PHE B 72 48.67 36.04 -17.37
CA PHE B 72 49.17 35.25 -16.26
C PHE B 72 49.41 33.81 -16.71
N SER B 73 50.31 33.13 -16.00
CA SER B 73 50.61 31.74 -16.29
C SER B 73 51.03 31.06 -14.99
N SER B 74 50.94 29.73 -14.99
CA SER B 74 51.26 28.94 -13.80
C SER B 74 52.02 27.69 -14.20
N GLU B 75 52.88 27.23 -13.29
CA GLU B 75 53.60 25.98 -13.45
C GLU B 75 53.47 25.15 -12.19
N VAL B 76 53.35 23.83 -12.36
CA VAL B 76 53.10 22.90 -11.26
C VAL B 76 54.26 21.91 -11.20
N VAL B 77 54.80 21.70 -10.00
CA VAL B 77 55.91 20.79 -9.78
C VAL B 77 55.48 19.74 -8.76
N ARG B 78 55.75 18.48 -9.06
CA ARG B 78 55.41 17.35 -8.20
C ARG B 78 56.66 16.84 -7.49
N LEU B 79 56.57 16.66 -6.17
CA LEU B 79 57.66 16.15 -5.37
C LEU B 79 57.21 14.85 -4.71
N ASN B 80 57.99 13.79 -4.89
CA ASN B 80 57.68 12.47 -4.35
C ASN B 80 58.51 12.21 -3.10
N TYR B 81 57.88 11.61 -2.09
CA TYR B 81 58.55 11.24 -0.85
C TYR B 81 58.55 9.72 -0.71
N LEU B 82 59.42 9.22 0.17
CA LEU B 82 59.52 7.80 0.44
C LEU B 82 59.73 7.57 1.93
N LYS B 83 59.25 6.43 2.43
CA LYS B 83 59.40 6.04 3.82
C LYS B 83 60.21 4.76 3.89
N LEU B 84 61.21 4.73 4.78
CA LEU B 84 62.09 3.58 4.92
C LEU B 84 62.22 3.23 6.40
N GLN B 85 62.56 1.97 6.66
CA GLN B 85 62.63 1.45 8.02
C GLN B 85 63.86 0.59 8.20
N TYR B 86 64.35 0.56 9.43
CA TYR B 86 65.46 -0.29 9.84
C TYR B 86 65.10 -1.01 11.14
N LYS B 87 65.65 -2.21 11.30
CA LYS B 87 65.40 -3.01 12.49
C LYS B 87 66.73 -3.29 13.20
N PHE B 88 66.71 -3.20 14.54
CA PHE B 88 67.90 -3.48 15.32
C PHE B 88 67.54 -4.28 16.57
N ARG B 89 68.44 -5.17 16.96
CA ARG B 89 68.27 -6.01 18.13
C ARG B 89 68.86 -5.33 19.36
N HIS B 90 68.32 -5.68 20.53
CA HIS B 90 68.76 -5.10 21.79
C HIS B 90 68.34 -6.02 22.92
N LEU B 91 68.79 -5.67 24.13
CA LEU B 91 68.48 -6.43 25.32
C LEU B 91 67.17 -5.93 25.95
N LYS B 92 66.43 -6.87 26.53
CA LYS B 92 65.18 -6.53 27.19
C LYS B 92 65.46 -5.80 28.51
N GLN B 93 64.56 -4.88 28.86
CA GLN B 93 64.74 -4.07 30.06
C GLN B 93 64.83 -4.94 31.31
N THR B 94 63.95 -5.93 31.43
CA THR B 94 64.00 -6.81 32.60
C THR B 94 65.25 -7.68 32.62
N SER B 95 65.86 -7.92 31.45
CA SER B 95 67.07 -8.72 31.37
C SER B 95 68.34 -7.88 31.45
N GLU B 96 68.22 -6.54 31.46
CA GLU B 96 69.40 -5.70 31.56
C GLU B 96 70.16 -5.94 32.85
N LYS B 97 69.44 -6.11 33.96
CA LYS B 97 70.09 -6.27 35.26
C LYS B 97 70.98 -7.50 35.31
N PHE B 98 70.68 -8.52 34.52
CA PHE B 98 71.49 -9.73 34.47
C PHE B 98 72.68 -9.60 33.53
N TYR B 99 72.82 -8.47 32.84
CA TYR B 99 73.99 -8.19 32.02
C TYR B 99 74.73 -6.94 32.48
N THR B 100 74.23 -6.23 33.50
CA THR B 100 74.95 -5.09 34.03
C THR B 100 76.28 -5.51 34.61
N SER B 101 77.29 -4.66 34.44
CA SER B 101 78.62 -4.87 34.99
C SER B 101 79.11 -3.57 35.62
N ASP B 102 80.28 -3.65 36.26
CA ASP B 102 80.82 -2.48 36.95
C ASP B 102 81.18 -1.37 35.98
N SER B 103 81.65 -1.71 34.77
CA SER B 103 82.11 -0.72 33.81
C SER B 103 81.20 -0.56 32.60
N TYR B 104 80.27 -1.48 32.38
CA TYR B 104 79.43 -1.42 31.17
C TYR B 104 78.18 -2.26 31.40
N ILE B 105 77.24 -2.12 30.47
CA ILE B 105 76.02 -2.93 30.44
C ILE B 105 75.86 -3.50 29.04
N GLY B 106 75.74 -4.80 28.95
CA GLY B 106 75.57 -5.48 27.67
C GLY B 106 76.42 -6.74 27.60
N ASP B 107 76.10 -7.58 26.61
CA ASP B 107 76.83 -8.82 26.39
C ASP B 107 77.89 -8.57 25.32
N ILE B 108 79.16 -8.55 25.75
CA ILE B 108 80.25 -8.27 24.82
C ILE B 108 80.44 -9.45 23.86
N ASN B 109 80.33 -10.68 24.37
CA ASN B 109 80.62 -11.85 23.55
C ASN B 109 79.62 -12.02 22.41
N ASN B 110 78.38 -11.58 22.60
CA ASN B 110 77.34 -11.72 21.59
C ASN B 110 76.93 -10.39 20.96
N ASN B 111 77.58 -9.29 21.33
CA ASN B 111 77.30 -7.97 20.78
C ASN B 111 75.82 -7.59 20.96
N LEU B 112 75.42 -7.50 22.23
CA LEU B 112 74.07 -7.10 22.60
C LEU B 112 74.16 -5.86 23.48
N LEU B 113 73.33 -4.87 23.19
CA LEU B 113 73.43 -3.55 23.79
C LEU B 113 72.14 -3.19 24.50
N PRO B 114 72.18 -2.24 25.44
CA PRO B 114 70.94 -1.67 25.96
C PRO B 114 70.19 -0.91 24.88
N PHE B 115 68.87 -0.80 25.09
CA PHE B 115 68.02 -0.20 24.08
C PHE B 115 68.42 1.24 23.77
N ALA B 116 68.74 2.02 24.80
CA ALA B 116 69.09 3.42 24.59
C ALA B 116 70.35 3.55 23.74
N GLN B 117 71.40 2.81 24.08
CA GLN B 117 72.64 2.89 23.33
C GLN B 117 72.45 2.39 21.89
N ALA B 118 71.73 1.28 21.73
CA ALA B 118 71.50 0.75 20.39
C ALA B 118 70.70 1.74 19.54
N TYR B 119 69.68 2.37 20.13
CA TYR B 119 68.91 3.37 19.41
C TYR B 119 69.77 4.58 19.04
N LYS B 120 70.63 5.02 19.95
CA LYS B 120 71.48 6.17 19.66
C LYS B 120 72.42 5.87 18.50
N LEU B 121 73.07 4.71 18.53
CA LEU B 121 73.99 4.36 17.45
C LEU B 121 73.27 4.18 16.12
N ALA B 122 72.12 3.51 16.14
CA ALA B 122 71.34 3.32 14.92
C ALA B 122 70.87 4.65 14.36
N SER B 123 70.43 5.56 15.22
CA SER B 123 70.00 6.89 14.78
C SER B 123 71.16 7.65 14.17
N SER B 124 72.35 7.56 14.77
CA SER B 124 73.51 8.23 14.21
C SER B 124 73.82 7.70 12.81
N GLU B 125 73.79 6.39 12.64
CA GLU B 125 74.07 5.80 11.33
C GLU B 125 73.00 6.23 10.30
N ILE B 126 71.74 6.25 10.72
CA ILE B 126 70.66 6.63 9.80
C ILE B 126 70.79 8.10 9.43
N ILE B 127 71.20 8.95 10.37
CA ILE B 127 71.41 10.37 10.06
C ILE B 127 72.55 10.53 9.08
N LYS B 128 73.63 9.75 9.24
CA LYS B 128 74.71 9.78 8.25
C LYS B 128 74.20 9.39 6.87
N LEU B 129 73.38 8.33 6.80
CA LEU B 129 72.82 7.91 5.52
C LEU B 129 71.92 8.99 4.93
N ILE B 130 71.12 9.65 5.77
CA ILE B 130 70.23 10.71 5.29
C ILE B 130 71.04 11.88 4.74
N ASN B 131 72.12 12.26 5.44
CA ASN B 131 72.96 13.34 4.94
C ASN B 131 73.58 12.96 3.60
N HIS B 132 74.03 11.70 3.47
CA HIS B 132 74.57 11.25 2.19
C HIS B 132 73.53 11.33 1.08
N PHE B 133 72.29 10.92 1.38
CA PHE B 133 71.22 11.00 0.40
C PHE B 133 70.93 12.45 0.01
N VAL B 134 70.89 13.35 0.98
CA VAL B 134 70.63 14.76 0.67
C VAL B 134 71.73 15.32 -0.22
N LEU B 135 72.98 14.95 0.05
CA LEU B 135 74.07 15.53 -0.74
C LEU B 135 74.13 14.94 -2.15
N THR B 136 73.97 13.62 -2.28
CA THR B 136 74.31 12.95 -3.53
C THR B 136 73.12 12.51 -4.38
N GLY B 137 71.92 12.40 -3.80
CA GLY B 137 70.78 11.91 -4.55
C GLY B 137 70.74 10.41 -4.74
N THR B 138 71.60 9.66 -4.05
CA THR B 138 71.61 8.21 -4.11
C THR B 138 71.65 7.63 -2.69
N VAL B 139 71.18 6.40 -2.57
CA VAL B 139 71.22 5.66 -1.31
C VAL B 139 72.04 4.40 -1.54
N SER B 140 73.12 4.25 -0.77
CA SER B 140 74.00 3.09 -0.88
C SER B 140 74.82 2.97 0.39
N ILE B 141 75.22 1.74 0.71
CA ILE B 141 76.05 1.46 1.86
C ILE B 141 77.46 1.01 1.46
N GLN B 142 77.79 1.09 0.17
CA GLN B 142 79.10 0.68 -0.32
C GLN B 142 79.93 1.90 -0.68
N LYS B 143 81.21 1.88 -0.30
CA LYS B 143 82.10 2.97 -0.63
C LYS B 143 82.32 3.07 -2.14
N ASP B 144 82.23 1.94 -2.85
CA ASP B 144 82.32 1.97 -4.30
C ASP B 144 81.16 2.73 -4.92
N GLY B 145 80.02 2.80 -4.23
CA GLY B 145 78.85 3.48 -4.73
C GLY B 145 77.94 2.63 -5.59
N LYS B 146 78.22 1.34 -5.72
CA LYS B 146 77.38 0.44 -6.50
C LYS B 146 76.30 -0.17 -5.61
N ASN B 147 75.46 -1.00 -6.21
CA ASN B 147 74.35 -1.66 -5.51
C ASN B 147 73.46 -0.62 -4.83
N GLN B 148 73.04 0.38 -5.59
CA GLN B 148 72.21 1.45 -5.08
C GLN B 148 70.74 1.02 -5.02
N LYS B 149 70.04 1.53 -4.03
CA LYS B 149 68.61 1.26 -3.90
C LYS B 149 67.83 2.07 -4.92
N ARG B 150 67.06 1.39 -5.76
CA ARG B 150 66.26 2.09 -6.77
C ARG B 150 65.20 2.95 -6.10
N LEU B 151 65.17 4.22 -6.46
CA LEU B 151 64.30 5.21 -5.83
C LEU B 151 63.23 5.69 -6.81
N LEU B 152 62.34 6.53 -6.32
CA LEU B 152 61.22 7.04 -7.09
C LEU B 152 61.67 8.19 -8.00
N PRO B 153 60.93 8.46 -9.07
CA PRO B 153 61.19 9.67 -9.85
C PRO B 153 60.80 10.92 -9.07
N ASN B 154 61.31 12.06 -9.55
CA ASN B 154 61.16 13.35 -8.87
C ASN B 154 61.79 13.32 -7.48
N MET B 155 62.79 12.46 -7.30
CA MET B 155 63.55 12.35 -6.05
C MET B 155 65.02 12.56 -6.41
N TYR B 156 65.47 13.81 -6.35
CA TYR B 156 66.82 14.15 -6.78
C TYR B 156 67.55 14.90 -5.67
N GLY B 157 68.88 14.74 -5.66
CA GLY B 157 69.73 15.49 -4.77
C GLY B 157 70.46 16.60 -5.51
N LEU B 158 71.37 17.25 -4.77
CA LEU B 158 72.14 18.34 -5.36
C LEU B 158 73.09 17.83 -6.45
N LEU B 159 73.61 16.62 -6.30
CA LEU B 159 74.59 16.11 -7.24
C LEU B 159 73.97 15.47 -8.48
N ASN B 160 72.73 15.01 -8.40
CA ASN B 160 72.07 14.37 -9.54
C ASN B 160 70.84 15.12 -10.02
N MET B 161 70.70 16.39 -9.65
CA MET B 161 69.57 17.18 -10.12
C MET B 161 69.69 17.40 -11.62
N PRO B 162 68.65 17.10 -12.40
CA PRO B 162 68.74 17.29 -13.85
C PRO B 162 68.63 18.75 -14.24
N GLU B 163 68.90 19.02 -15.52
CA GLU B 163 68.82 20.36 -16.11
C GLU B 163 69.68 21.36 -15.33
N GLN B 164 70.89 20.94 -14.97
CA GLN B 164 71.86 21.79 -14.30
C GLN B 164 73.16 21.75 -15.08
N ILE B 165 74.02 22.75 -14.84
CA ILE B 165 75.24 22.88 -15.61
C ILE B 165 76.28 21.92 -15.06
N LYS B 166 76.84 21.09 -15.95
CA LYS B 166 77.81 20.08 -15.57
C LYS B 166 79.06 20.23 -16.42
N GLU B 167 80.21 20.34 -15.77
CA GLU B 167 81.50 20.47 -16.44
C GLU B 167 82.39 19.30 -16.04
N GLU B 168 83.28 18.91 -16.96
CA GLU B 168 84.15 17.75 -16.77
C GLU B 168 85.59 18.18 -17.03
N VAL B 169 86.43 18.09 -16.00
CA VAL B 169 87.85 18.35 -16.12
C VAL B 169 88.54 17.06 -16.52
N ALA B 170 89.36 17.11 -17.57
CA ALA B 170 89.93 15.92 -18.16
C ALA B 170 90.91 15.24 -17.19
N SER B 171 91.19 13.97 -17.47
CA SER B 171 92.07 13.19 -16.61
C SER B 171 93.50 13.72 -16.64
N GLY B 172 93.97 14.13 -17.82
CA GLY B 172 95.32 14.66 -17.92
C GLY B 172 95.51 16.00 -17.21
N ASP B 173 94.44 16.76 -17.02
CA ASP B 173 94.49 18.06 -16.36
C ASP B 173 93.88 18.00 -14.95
N LYS B 174 93.85 16.82 -14.33
CA LYS B 174 93.27 16.71 -12.99
C LYS B 174 94.07 17.50 -11.97
N ASP B 175 95.38 17.60 -12.14
CA ASP B 175 96.23 18.36 -11.24
C ASP B 175 96.44 19.80 -11.68
N LYS B 176 95.87 20.20 -12.82
CA LYS B 176 96.06 21.56 -13.34
C LYS B 176 94.95 22.46 -12.80
N MET B 177 95.28 23.21 -11.75
CA MET B 177 94.29 24.12 -11.16
C MET B 177 93.84 25.19 -12.13
N ASP B 178 94.71 25.58 -13.07
CA ASP B 178 94.31 26.56 -14.08
C ASP B 178 93.21 25.99 -14.98
N LYS B 179 93.36 24.73 -15.40
CA LYS B 179 92.30 24.09 -16.20
C LYS B 179 91.02 23.92 -15.38
N ILE B 180 91.17 23.54 -14.11
CA ILE B 180 90.00 23.40 -13.25
C ILE B 180 89.26 24.73 -13.14
N PHE B 181 90.00 25.82 -12.95
CA PHE B 181 89.37 27.13 -12.85
C PHE B 181 88.79 27.59 -14.18
N GLU B 182 89.40 27.19 -15.29
CA GLU B 182 88.80 27.49 -16.60
C GLU B 182 87.44 26.81 -16.72
N LYS B 183 87.35 25.54 -16.33
CA LYS B 183 86.06 24.85 -16.35
C LYS B 183 85.06 25.50 -15.40
N ILE B 184 85.52 25.91 -14.22
CA ILE B 184 84.64 26.58 -13.27
C ILE B 184 84.13 27.89 -13.83
N GLU B 185 84.99 28.66 -14.50
CA GLU B 185 84.57 29.91 -15.11
C GLU B 185 83.54 29.65 -16.23
N ALA B 186 83.76 28.61 -17.02
CA ALA B 186 82.79 28.28 -18.07
C ALA B 186 81.44 27.94 -17.46
N GLY B 187 81.44 27.13 -16.39
CA GLY B 187 80.18 26.82 -15.73
C GLY B 187 79.51 28.03 -15.12
N LEU B 188 80.30 28.91 -14.52
CA LEU B 188 79.76 30.13 -13.92
C LEU B 188 79.13 31.02 -14.99
N SER B 189 79.76 31.11 -16.16
CA SER B 189 79.18 31.88 -17.25
C SER B 189 77.91 31.23 -17.78
N LYS B 190 77.86 29.89 -17.79
CA LYS B 190 76.65 29.20 -18.21
C LYS B 190 75.55 29.20 -17.16
N LEU B 191 75.85 29.61 -15.93
CA LEU B 191 74.82 29.74 -14.91
C LEU B 191 73.80 30.79 -15.31
N GLU B 192 72.54 30.55 -14.95
CA GLU B 192 71.42 31.46 -15.25
C GLU B 192 70.63 31.67 -13.97
N LEU B 193 70.87 32.81 -13.30
CA LEU B 193 70.19 33.13 -12.05
C LEU B 193 69.08 34.15 -12.23
N GLY B 194 68.90 34.70 -13.43
CA GLY B 194 67.85 35.68 -13.63
C GLY B 194 68.10 36.94 -12.83
N ASP B 195 67.04 37.51 -12.29
CA ASP B 195 67.12 38.73 -11.50
C ASP B 195 67.44 38.46 -10.02
N GLU B 196 67.43 37.19 -9.60
CA GLU B 196 67.80 36.82 -8.25
C GLU B 196 69.30 36.58 -8.10
N PHE B 197 70.11 37.10 -9.01
CA PHE B 197 71.55 36.89 -8.98
C PHE B 197 72.20 37.54 -7.76
N SER B 198 71.59 38.57 -7.18
CA SER B 198 72.14 39.25 -6.02
C SER B 198 71.78 38.46 -4.76
N THR B 199 72.41 37.30 -4.62
CA THR B 199 72.18 36.40 -3.51
C THR B 199 73.50 35.75 -3.11
N PRO B 200 73.64 35.35 -1.84
CA PRO B 200 74.85 34.63 -1.42
C PRO B 200 74.97 33.29 -2.14
N MET B 201 76.22 32.86 -2.33
CA MET B 201 76.52 31.61 -3.02
C MET B 201 77.23 30.65 -2.08
N MET B 202 77.05 29.35 -2.34
CA MET B 202 77.63 28.30 -1.52
C MET B 202 78.32 27.29 -2.42
N VAL B 203 79.53 26.90 -2.02
CA VAL B 203 80.34 25.94 -2.75
C VAL B 203 80.71 24.81 -1.79
N ILE B 204 80.62 23.58 -2.28
CA ILE B 204 80.99 22.38 -1.52
C ILE B 204 82.09 21.66 -2.31
N VAL B 205 83.19 21.35 -1.62
CA VAL B 205 84.35 20.72 -2.24
C VAL B 205 84.80 19.55 -1.39
N ASP B 206 85.49 18.61 -2.05
CA ASP B 206 86.12 17.50 -1.36
C ASP B 206 87.41 17.95 -0.69
N PRO B 207 87.90 17.19 0.31
CA PRO B 207 89.14 17.61 0.98
C PRO B 207 90.34 17.74 0.06
N ALA B 208 90.46 16.87 -0.95
CA ALA B 208 91.57 17.01 -1.89
C ALA B 208 91.48 18.31 -2.67
N THR B 209 90.27 18.67 -3.12
CA THR B 209 90.09 19.95 -3.82
C THR B 209 90.37 21.11 -2.88
N SER B 210 90.00 20.99 -1.61
CA SER B 210 90.30 22.05 -0.65
C SER B 210 91.80 22.22 -0.47
N LEU B 211 92.54 21.11 -0.37
CA LEU B 211 93.99 21.20 -0.24
C LEU B 211 94.61 21.81 -1.50
N LYS B 212 94.07 21.48 -2.67
CA LYS B 212 94.54 22.12 -3.89
C LYS B 212 94.25 23.62 -3.88
N LEU B 213 93.08 24.00 -3.36
CA LEU B 213 92.70 25.41 -3.32
C LEU B 213 93.60 26.22 -2.40
N VAL B 214 93.96 25.66 -1.24
CA VAL B 214 94.73 26.42 -0.26
C VAL B 214 96.17 26.63 -0.73
N LYS B 215 96.51 26.12 -1.91
CA LYS B 215 97.80 26.43 -2.50
C LYS B 215 97.84 27.91 -2.92
N PRO B 216 99.01 28.52 -2.90
CA PRO B 216 99.12 29.91 -3.37
C PRO B 216 98.75 30.04 -4.84
N TYR B 217 98.14 31.17 -5.18
CA TYR B 217 97.70 31.39 -6.55
C TYR B 217 98.91 31.61 -7.46
N ALA B 218 98.93 30.91 -8.58
CA ALA B 218 100.04 31.01 -9.53
C ALA B 218 99.98 32.34 -10.28
N ALA B 223 105.34 30.97 -13.60
CA ALA B 223 105.70 31.81 -12.46
C ALA B 223 104.70 31.63 -11.32
N ALA B 224 105.04 32.19 -10.16
CA ALA B 224 104.19 32.12 -8.98
C ALA B 224 104.08 33.50 -8.34
N SER B 225 103.11 33.63 -7.44
CA SER B 225 102.86 34.89 -6.74
C SER B 225 102.66 34.57 -5.27
N SER B 226 102.23 35.59 -4.51
CA SER B 226 102.01 35.43 -3.07
C SER B 226 100.89 36.37 -2.65
N CYS B 227 100.52 36.26 -1.37
CA CYS B 227 99.48 37.08 -0.74
C CYS B 227 98.11 36.89 -1.38
N GLU B 228 97.93 35.79 -2.11
CA GLU B 228 96.65 35.48 -2.73
C GLU B 228 96.59 33.99 -3.03
N LYS B 229 95.43 33.39 -2.81
CA LYS B 229 95.25 31.96 -2.98
C LYS B 229 94.22 31.65 -4.05
N TRP B 230 94.23 30.40 -4.51
CA TRP B 230 93.22 29.94 -5.45
C TRP B 230 91.83 30.06 -4.86
N GLU B 231 91.70 29.88 -3.55
CA GLU B 231 90.41 30.10 -2.90
C GLU B 231 89.94 31.53 -3.07
N ASP B 232 90.85 32.50 -2.88
CA ASP B 232 90.50 33.89 -3.07
C ASP B 232 90.14 34.18 -4.52
N VAL B 233 90.87 33.57 -5.46
CA VAL B 233 90.55 33.75 -6.89
C VAL B 233 89.16 33.22 -7.19
N LEU B 234 88.82 32.05 -6.65
CA LEU B 234 87.49 31.47 -6.86
C LEU B 234 86.41 32.35 -6.24
N ILE B 235 86.67 32.89 -5.05
CA ILE B 235 85.70 33.77 -4.39
C ILE B 235 85.45 35.01 -5.24
N GLN B 236 86.53 35.61 -5.77
CA GLN B 236 86.36 36.78 -6.62
C GLN B 236 85.61 36.43 -7.91
N THR B 237 85.89 35.27 -8.48
CA THR B 237 85.20 34.87 -9.70
C THR B 237 83.70 34.69 -9.45
N ILE B 238 83.34 34.09 -8.31
CA ILE B 238 81.92 33.92 -7.98
C ILE B 238 81.28 35.26 -7.66
N LYS B 239 82.04 36.16 -7.02
CA LYS B 239 81.53 37.50 -6.75
C LYS B 239 81.30 38.27 -8.04
N ALA B 240 82.03 37.94 -9.10
CA ALA B 240 81.81 38.56 -10.39
C ALA B 240 80.43 38.23 -10.98
N ILE B 241 79.78 37.18 -10.50
CA ILE B 241 78.47 36.80 -11.01
C ILE B 241 77.36 36.99 -9.99
N ASN B 242 77.65 36.98 -8.69
CA ASN B 242 76.61 37.12 -7.69
C ASN B 242 76.38 38.58 -7.27
N ASN B 243 76.87 39.53 -8.05
CA ASN B 243 76.75 40.96 -7.75
C ASN B 243 77.41 41.30 -6.41
N ARG B 244 78.67 40.86 -6.25
CA ARG B 244 79.47 41.15 -5.07
C ARG B 244 78.78 40.72 -3.79
N GLU B 245 78.17 39.54 -3.81
CA GLU B 245 77.52 38.98 -2.63
C GLU B 245 78.44 38.00 -1.93
N ASP B 246 78.04 37.60 -0.73
CA ASP B 246 78.86 36.70 0.08
C ASP B 246 78.99 35.33 -0.59
N VAL B 247 80.17 34.74 -0.45
CA VAL B 247 80.46 33.41 -0.97
C VAL B 247 80.98 32.56 0.18
N TYR B 248 80.39 31.39 0.37
CA TYR B 248 80.79 30.48 1.43
C TYR B 248 81.33 29.19 0.82
N ILE B 249 82.35 28.63 1.47
CA ILE B 249 83.01 27.41 1.00
C ILE B 249 82.98 26.39 2.13
N GLU B 250 82.60 25.16 1.81
CA GLU B 250 82.52 24.08 2.78
C GLU B 250 83.18 22.83 2.22
N THR B 251 83.65 21.97 3.12
CA THR B 251 84.30 20.72 2.77
C THR B 251 83.44 19.55 3.24
N SER B 252 83.20 18.60 2.35
CA SER B 252 82.40 17.42 2.65
C SER B 252 83.17 16.18 2.23
N ASN B 253 83.31 15.23 3.16
CA ASN B 253 84.01 13.99 2.84
C ASN B 253 83.20 13.09 1.91
N LEU B 254 81.89 13.32 1.80
CA LEU B 254 81.06 12.50 0.93
C LEU B 254 81.41 12.72 -0.54
N LEU B 255 81.71 13.95 -0.91
CA LEU B 255 82.03 14.26 -2.30
C LEU B 255 83.41 13.70 -2.67
N LYS B 256 83.58 13.39 -3.95
CA LYS B 256 84.84 12.86 -4.47
C LYS B 256 85.14 13.56 -5.79
N HIS B 257 86.26 14.29 -5.82
CA HIS B 257 86.72 15.05 -6.99
C HIS B 257 85.56 15.77 -7.68
N LYS B 258 84.75 16.45 -6.89
CA LYS B 258 83.59 17.17 -7.40
C LYS B 258 83.42 18.47 -6.64
N ILE B 259 82.99 19.50 -7.38
CA ILE B 259 82.74 20.83 -6.85
C ILE B 259 81.28 21.17 -7.13
N LEU B 260 80.56 21.60 -6.10
CA LEU B 260 79.16 21.98 -6.20
C LEU B 260 79.03 23.46 -5.91
N ILE B 261 78.40 24.20 -6.83
CA ILE B 261 78.16 25.62 -6.65
C ILE B 261 76.67 25.89 -6.83
N TYR B 262 76.06 26.57 -5.85
CA TYR B 262 74.63 26.85 -5.93
C TYR B 262 74.31 28.05 -5.05
N PRO B 263 73.30 28.83 -5.39
CA PRO B 263 72.92 29.98 -4.56
C PRO B 263 72.16 29.55 -3.32
N LEU B 264 72.09 30.48 -2.36
CA LEU B 264 71.39 30.27 -1.09
C LEU B 264 70.08 31.05 -1.05
N ASN B 265 69.38 31.14 -2.18
CA ASN B 265 68.13 31.86 -2.28
C ASN B 265 66.96 30.88 -2.30
N SER B 266 65.96 31.13 -1.44
CA SER B 266 64.81 30.25 -1.37
C SER B 266 64.00 30.29 -2.66
N GLU B 267 64.02 31.41 -3.38
CA GLU B 267 63.27 31.52 -4.63
C GLU B 267 63.81 30.58 -5.70
N LEU B 268 65.07 30.17 -5.60
CA LEU B 268 65.70 29.29 -6.60
C LEU B 268 65.78 27.84 -6.14
N ILE B 269 66.26 27.60 -4.92
CA ILE B 269 66.39 26.26 -4.37
C ILE B 269 65.74 26.23 -3.00
N LYS B 270 64.85 25.26 -2.77
CA LYS B 270 64.15 25.14 -1.51
C LYS B 270 64.08 23.68 -1.09
N PHE B 271 64.34 23.42 0.19
CA PHE B 271 64.24 22.09 0.78
C PHE B 271 62.99 22.07 1.64
N LYS B 272 61.98 21.30 1.21
CA LYS B 272 60.73 21.13 1.93
C LYS B 272 60.61 19.67 2.32
N PRO B 273 61.29 19.23 3.36
CA PRO B 273 61.24 17.83 3.77
C PRO B 273 60.07 17.55 4.69
N SER B 274 59.74 16.27 4.80
CA SER B 274 58.71 15.83 5.71
C SER B 274 59.14 16.07 7.16
N LYS B 275 58.16 16.35 8.01
CA LYS B 275 58.42 16.53 9.43
C LYS B 275 58.82 15.25 10.13
N TYR B 276 58.81 14.11 9.43
CA TYR B 276 59.21 12.83 9.97
C TYR B 276 60.44 12.29 9.25
N MET B 277 61.21 13.18 8.62
CA MET B 277 62.39 12.75 7.87
C MET B 277 63.45 12.17 8.79
N LEU B 278 63.68 12.78 9.94
CA LEU B 278 64.69 12.30 10.86
C LEU B 278 64.20 11.03 11.55
N PRO B 279 65.14 10.22 12.07
CA PRO B 279 64.75 8.92 12.64
C PRO B 279 63.70 9.04 13.73
N THR B 280 62.73 8.13 13.68
CA THR B 280 61.64 8.10 14.65
C THR B 280 61.41 6.65 15.09
N PRO B 281 61.31 6.38 16.39
CA PRO B 281 61.07 5.00 16.82
C PRO B 281 59.67 4.52 16.47
N ASN B 282 59.54 3.21 16.27
CA ASN B 282 58.26 2.59 15.99
C ASN B 282 57.70 1.94 17.25
N GLU B 283 56.37 1.89 17.34
CA GLU B 283 55.73 1.31 18.52
C GLU B 283 55.86 -0.21 18.55
N GLN B 284 56.02 -0.84 17.39
CA GLN B 284 56.11 -2.28 17.32
C GLN B 284 57.46 -2.75 17.86
N VAL B 285 57.44 -3.57 18.91
CA VAL B 285 58.64 -4.13 19.52
C VAL B 285 58.45 -5.63 19.59
N ASP B 286 59.23 -6.38 18.82
CA ASP B 286 59.16 -7.83 18.85
C ASP B 286 59.70 -8.36 20.18
N LYS B 287 58.92 -9.23 20.82
CA LYS B 287 59.29 -9.80 22.11
C LYS B 287 59.09 -11.31 22.09
N ASP B 288 60.06 -12.02 22.65
CA ASP B 288 60.01 -13.47 22.73
C ASP B 288 60.23 -13.95 24.15
N SER B 289 60.37 -15.26 24.35
CA SER B 289 60.66 -15.80 25.66
C SER B 289 62.12 -15.60 26.08
N THR B 290 62.99 -15.21 25.15
CA THR B 290 64.39 -14.98 25.44
C THR B 290 64.60 -13.52 25.85
N ASP B 291 65.87 -13.11 25.98
CA ASP B 291 66.21 -11.76 26.40
C ASP B 291 66.44 -10.81 25.24
N VAL B 292 66.38 -11.29 24.00
CA VAL B 292 66.68 -10.46 22.84
C VAL B 292 65.36 -9.92 22.27
N ALA B 293 65.28 -8.60 22.12
CA ALA B 293 64.13 -7.94 21.52
C ALA B 293 64.58 -7.18 20.27
N HIS B 294 63.60 -6.80 19.44
CA HIS B 294 63.85 -6.10 18.19
C HIS B 294 63.02 -4.83 18.15
N SER B 295 63.63 -3.75 17.65
CA SER B 295 62.95 -2.46 17.52
C SER B 295 63.15 -1.92 16.12
N TYR B 296 62.30 -0.95 15.75
CA TYR B 296 62.27 -0.40 14.40
C TYR B 296 62.40 1.12 14.43
N ILE B 297 63.07 1.65 13.41
CA ILE B 297 63.26 3.08 13.24
C ILE B 297 62.81 3.46 11.83
N ASP B 298 62.02 4.51 11.72
CA ASP B 298 61.48 4.97 10.45
C ASP B 298 62.07 6.33 10.09
N PHE B 299 62.26 6.56 8.80
CA PHE B 299 62.73 7.85 8.31
C PHE B 299 62.20 8.11 6.90
N VAL B 300 62.02 9.39 6.58
CA VAL B 300 61.39 9.80 5.33
C VAL B 300 62.42 10.55 4.49
N LEU B 301 62.45 10.24 3.19
CA LEU B 301 63.41 10.81 2.26
C LEU B 301 62.67 11.54 1.14
N GLY B 302 63.25 12.66 0.70
CA GLY B 302 62.71 13.43 -0.40
C GLY B 302 62.34 14.85 -0.07
N GLY B 303 62.25 15.72 -1.07
CA GLY B 303 61.78 17.07 -0.85
C GLY B 303 62.69 18.20 -1.29
N LEU B 304 63.55 17.96 -2.28
CA LEU B 304 64.44 19.00 -2.80
C LEU B 304 63.87 19.57 -4.09
N LEU B 305 63.68 20.88 -4.13
CA LEU B 305 63.18 21.57 -5.31
C LEU B 305 64.19 22.61 -5.77
N ALA B 306 64.46 22.65 -7.06
CA ALA B 306 65.41 23.60 -7.62
C ALA B 306 64.89 24.14 -8.94
N THR B 307 65.37 25.32 -9.30
CA THR B 307 65.07 25.91 -10.60
C THR B 307 66.10 25.44 -11.64
N ARG B 308 65.70 25.54 -12.90
CA ARG B 308 66.52 25.02 -13.98
C ARG B 308 67.79 25.85 -14.16
N LYS B 309 68.90 25.15 -14.39
CA LYS B 309 70.19 25.77 -14.69
C LYS B 309 70.62 26.76 -13.60
N THR B 310 70.62 26.29 -12.35
CA THR B 310 71.11 27.09 -11.24
C THR B 310 72.08 26.33 -10.35
N ILE B 311 72.51 25.13 -10.74
CA ILE B 311 73.47 24.33 -9.99
C ILE B 311 74.61 23.97 -10.91
N LEU B 312 75.85 24.29 -10.50
CA LEU B 312 77.05 23.97 -11.26
C LEU B 312 77.77 22.80 -10.60
N GLN B 313 78.08 21.78 -11.40
CA GLN B 313 78.69 20.55 -10.93
C GLN B 313 79.94 20.30 -11.75
N VAL B 314 81.11 20.48 -11.13
CA VAL B 314 82.39 20.27 -11.80
C VAL B 314 82.96 18.95 -11.33
N ASN B 315 83.13 18.01 -12.25
CA ASN B 315 83.67 16.68 -11.93
C ASN B 315 85.06 16.57 -12.54
N ILE B 316 86.05 16.29 -11.70
CA ILE B 316 87.44 16.18 -12.13
C ILE B 316 87.72 14.69 -12.34
N LYS B 317 87.80 14.26 -13.59
CA LYS B 317 88.02 12.85 -13.91
C LYS B 317 89.38 12.42 -13.41
N GLN B 318 89.39 11.45 -12.49
CA GLN B 318 90.62 10.95 -11.88
C GLN B 318 91.14 9.68 -12.55
N SER B 319 90.62 9.32 -13.71
CA SER B 319 91.05 8.12 -14.41
C SER B 319 92.51 8.24 -14.87
N LEU C 3 37.62 -0.48 29.35
CA LEU C 3 37.95 -1.17 28.12
C LEU C 3 37.93 -0.22 26.92
N PHE C 4 36.96 0.70 26.93
CA PHE C 4 36.83 1.65 25.83
C PHE C 4 37.90 2.74 25.87
N ASP C 5 38.56 2.91 27.01
CA ASP C 5 39.64 3.88 27.13
C ASP C 5 41.01 3.27 26.81
N GLU C 6 41.07 1.96 26.57
CA GLU C 6 42.32 1.28 26.25
C GLU C 6 42.30 0.64 24.87
N ASN C 7 41.24 -0.09 24.54
CA ASN C 7 41.10 -0.77 23.25
C ASN C 7 40.27 0.11 22.33
N TYR C 8 40.92 0.69 21.33
CA TYR C 8 40.19 1.51 20.35
C TYR C 8 39.24 0.68 19.51
N TYR C 9 39.65 -0.55 19.16
CA TYR C 9 38.83 -1.37 18.28
C TYR C 9 37.49 -1.72 18.90
N ALA C 10 37.47 -2.00 20.21
CA ALA C 10 36.21 -2.30 20.89
C ALA C 10 35.26 -1.12 20.84
N LYS C 11 35.78 0.09 21.06
CA LYS C 11 34.94 1.28 20.98
C LYS C 11 34.42 1.50 19.56
N ALA C 12 35.25 1.25 18.56
CA ALA C 12 34.81 1.37 17.18
C ALA C 12 33.69 0.38 16.88
N VAL C 13 33.83 -0.86 17.35
CA VAL C 13 32.78 -1.86 17.15
C VAL C 13 31.49 -1.42 17.84
N ALA C 14 31.61 -0.89 19.05
CA ALA C 14 30.43 -0.42 19.77
C ALA C 14 29.75 0.72 19.03
N ASN C 15 30.52 1.62 18.43
CA ASN C 15 29.97 2.77 17.74
C ASN C 15 29.47 2.44 16.32
N ILE C 16 29.89 1.32 15.74
CA ILE C 16 29.48 0.97 14.39
C ILE C 16 28.48 -0.18 14.36
N ILE C 17 28.24 -0.87 15.49
CA ILE C 17 27.41 -2.06 15.48
C ILE C 17 25.97 -1.73 15.13
N GLY C 18 25.52 -0.51 15.43
CA GLY C 18 24.14 -0.14 15.17
C GLY C 18 23.82 0.14 13.71
N GLU C 19 24.82 0.18 12.85
CA GLU C 19 24.63 0.48 11.43
C GLU C 19 24.57 -0.78 10.58
N VAL C 20 24.53 -1.96 11.18
CA VAL C 20 24.46 -3.21 10.44
C VAL C 20 23.01 -3.64 10.32
N LYS C 21 22.59 -3.98 9.10
CA LYS C 21 21.21 -4.33 8.84
C LYS C 21 20.83 -5.63 9.55
N ASP C 22 19.58 -5.71 10.00
CA ASP C 22 19.08 -6.92 10.63
C ASP C 22 18.98 -8.05 9.61
N PRO C 23 19.20 -9.29 10.03
CA PRO C 23 19.07 -10.42 9.09
C PRO C 23 17.66 -10.53 8.55
N ILE C 24 17.55 -10.92 7.28
CA ILE C 24 16.24 -11.11 6.65
C ILE C 24 15.61 -12.42 7.02
N MET C 25 16.34 -13.32 7.68
CA MET C 25 15.79 -14.60 8.08
C MET C 25 14.72 -14.47 9.16
N TYR C 26 14.67 -13.32 9.85
CA TYR C 26 13.67 -13.13 10.90
C TYR C 26 12.26 -13.14 10.34
N LYS C 27 12.09 -12.71 9.08
CA LYS C 27 10.76 -12.71 8.46
C LYS C 27 10.22 -14.11 8.25
N TRP C 28 11.08 -15.12 8.19
CA TRP C 28 10.68 -16.49 7.93
C TRP C 28 10.22 -17.24 9.18
N PHE C 29 10.29 -16.62 10.35
CA PHE C 29 9.91 -17.27 11.59
C PHE C 29 9.08 -16.34 12.44
N SER C 30 8.24 -16.93 13.29
CA SER C 30 7.44 -16.18 14.23
C SER C 30 8.28 -15.78 15.44
N PRO C 31 7.85 -14.77 16.20
CA PRO C 31 8.63 -14.35 17.37
C PRO C 31 8.87 -15.47 18.39
N ASP C 32 7.93 -16.40 18.53
CA ASP C 32 8.07 -17.48 19.50
C ASP C 32 8.73 -18.73 18.91
N GLN C 33 9.12 -18.69 17.64
CA GLN C 33 9.76 -19.83 17.00
C GLN C 33 11.28 -19.80 17.10
N ILE C 34 11.85 -18.81 17.77
CA ILE C 34 13.29 -18.65 17.90
C ILE C 34 13.65 -18.63 19.38
N GLU C 35 14.60 -19.47 19.77
CA GLU C 35 15.02 -19.58 21.16
C GLU C 35 16.54 -19.59 21.24
N ASP C 36 17.12 -18.61 21.91
CA ASP C 36 18.57 -18.52 22.00
C ASP C 36 19.12 -19.54 23.00
N VAL C 37 20.24 -20.15 22.65
CA VAL C 37 20.92 -21.11 23.50
C VAL C 37 22.34 -20.64 23.77
N ASP C 38 22.91 -21.13 24.86
CA ASP C 38 24.25 -20.74 25.31
C ASP C 38 25.23 -21.86 24.96
N LEU C 39 25.76 -21.81 23.74
CA LEU C 39 26.73 -22.80 23.29
C LEU C 39 27.41 -22.27 22.03
N GLN C 40 28.74 -22.40 21.99
CA GLN C 40 29.49 -22.00 20.80
C GLN C 40 29.72 -23.18 19.87
N MET C 41 30.32 -24.26 20.39
CA MET C 41 30.59 -25.47 19.63
C MET C 41 30.15 -26.66 20.46
N GLY C 42 29.44 -27.59 19.85
CA GLY C 42 29.03 -28.76 20.58
C GLY C 42 27.68 -29.26 20.08
N TYR C 43 26.90 -29.83 21.00
CA TYR C 43 25.61 -30.39 20.62
C TYR C 43 24.64 -30.30 21.80
N GLN C 44 23.36 -30.36 21.47
CA GLN C 44 22.28 -30.40 22.46
C GLN C 44 21.32 -31.51 22.11
N LYS C 45 20.88 -32.26 23.11
CA LYS C 45 20.07 -33.46 22.90
C LYS C 45 18.69 -33.29 23.53
N THR C 46 17.69 -33.83 22.84
CA THR C 46 16.32 -33.87 23.33
C THR C 46 15.78 -35.29 23.18
N VAL C 47 14.86 -35.66 24.06
CA VAL C 47 14.30 -37.01 24.12
C VAL C 47 12.79 -36.94 23.95
N LYS C 48 12.26 -37.77 23.05
CA LYS C 48 10.82 -37.86 22.83
C LYS C 48 10.37 -39.29 23.01
N TRP C 49 9.18 -39.46 23.62
CA TRP C 49 8.61 -40.77 23.89
C TRP C 49 7.41 -41.00 22.98
N ASP C 50 7.22 -42.24 22.54
CA ASP C 50 6.11 -42.60 21.68
C ASP C 50 5.60 -43.99 22.04
N ALA C 51 4.34 -44.24 21.71
CA ALA C 51 3.70 -45.52 22.00
C ALA C 51 3.11 -46.10 20.72
N PHE C 52 3.02 -47.43 20.67
CA PHE C 52 2.48 -48.13 19.52
C PHE C 52 1.77 -49.39 19.97
N LEU C 53 0.82 -49.84 19.16
CA LEU C 53 0.07 -51.05 19.43
C LEU C 53 0.76 -52.24 18.80
N ASN C 54 0.89 -53.33 19.55
CA ASN C 54 1.61 -54.51 19.08
C ASN C 54 0.76 -55.46 18.26
N ALA C 55 -0.53 -55.59 18.59
CA ALA C 55 -1.39 -56.55 17.89
C ALA C 55 -2.84 -56.12 18.07
N ASN C 56 -3.75 -56.93 17.55
CA ASN C 56 -5.18 -56.64 17.65
C ASN C 56 -5.65 -56.80 19.09
N PRO C 57 -6.72 -56.09 19.46
CA PRO C 57 -7.23 -56.19 20.84
C PRO C 57 -7.71 -57.59 21.18
N THR C 58 -7.56 -57.94 22.45
CA THR C 58 -7.99 -59.24 22.96
C THR C 58 -9.38 -59.12 23.57
N THR C 59 -10.27 -60.02 23.18
CA THR C 59 -11.63 -60.02 23.70
C THR C 59 -11.66 -60.65 25.09
N ILE C 60 -12.26 -59.95 26.05
CA ILE C 60 -12.36 -60.43 27.43
C ILE C 60 -13.61 -61.28 27.52
N ALA C 61 -13.44 -62.59 27.47
CA ALA C 61 -14.55 -63.54 27.58
C ALA C 61 -14.08 -64.76 28.36
N ASN C 62 -14.83 -65.12 29.40
CA ASN C 62 -14.54 -66.28 30.25
C ASN C 62 -13.18 -66.04 30.91
N GLU C 63 -12.26 -67.00 30.88
CA GLU C 63 -10.96 -66.89 31.53
C GLU C 63 -9.87 -66.75 30.49
N VAL C 64 -9.01 -65.74 30.65
CA VAL C 64 -7.88 -65.54 29.77
C VAL C 64 -6.85 -64.69 30.50
N ASN C 65 -5.57 -65.06 30.35
CA ASN C 65 -4.48 -64.31 30.94
C ASN C 65 -3.49 -63.79 29.92
N THR C 66 -3.59 -64.19 28.65
CA THR C 66 -2.71 -63.70 27.60
C THR C 66 -3.39 -62.51 26.92
N ILE C 67 -2.84 -61.32 27.14
CA ILE C 67 -3.43 -60.09 26.63
C ILE C 67 -2.44 -59.42 25.68
N SER C 68 -2.98 -58.71 24.69
CA SER C 68 -2.14 -57.97 23.76
C SER C 68 -1.43 -56.84 24.48
N THR C 69 -0.25 -56.50 23.98
CA THR C 69 0.64 -55.55 24.64
C THR C 69 0.75 -54.25 23.86
N ILE C 70 1.21 -53.22 24.55
CA ILE C 70 1.47 -51.91 23.97
C ILE C 70 2.94 -51.59 24.17
N GLY C 71 3.64 -51.28 23.08
CA GLY C 71 5.05 -51.00 23.14
C GLY C 71 5.35 -49.51 23.21
N PHE C 72 6.53 -49.19 23.75
CA PHE C 72 6.99 -47.83 23.89
C PHE C 72 8.38 -47.70 23.28
N SER C 73 8.68 -46.51 22.75
CA SER C 73 9.95 -46.27 22.10
C SER C 73 10.41 -44.85 22.37
N SER C 74 11.71 -44.68 22.58
CA SER C 74 12.30 -43.38 22.80
C SER C 74 13.19 -43.01 21.62
N GLU C 75 13.18 -41.72 21.28
CA GLU C 75 14.03 -41.19 20.22
C GLU C 75 14.82 -40.01 20.77
N VAL C 76 16.09 -39.94 20.39
CA VAL C 76 17.00 -38.88 20.83
C VAL C 76 17.39 -38.06 19.60
N VAL C 77 17.12 -36.77 19.66
CA VAL C 77 17.44 -35.85 18.56
C VAL C 77 18.55 -34.94 19.03
N ARG C 78 19.62 -34.87 18.23
CA ARG C 78 20.81 -34.09 18.55
C ARG C 78 20.96 -32.96 17.55
N LEU C 79 21.22 -31.76 18.06
CA LEU C 79 21.46 -30.58 17.25
C LEU C 79 22.90 -30.13 17.45
N ASN C 80 23.62 -29.94 16.33
CA ASN C 80 25.03 -29.61 16.35
C ASN C 80 25.23 -28.13 16.10
N TYR C 81 26.16 -27.52 16.84
CA TYR C 81 26.51 -26.12 16.70
C TYR C 81 27.99 -26.01 16.41
N LEU C 82 28.32 -25.30 15.32
CA LEU C 82 29.68 -25.20 14.81
C LEU C 82 30.14 -23.75 14.84
N LYS C 83 31.43 -23.55 15.08
CA LYS C 83 32.03 -22.22 15.16
C LYS C 83 32.95 -21.98 13.98
N LEU C 84 32.81 -20.81 13.34
CA LEU C 84 33.56 -20.47 12.14
C LEU C 84 34.12 -19.06 12.30
N GLN C 85 35.21 -18.79 11.57
CA GLN C 85 35.94 -17.53 11.71
C GLN C 85 36.36 -17.00 10.36
N TYR C 86 36.38 -15.67 10.25
CA TYR C 86 36.94 -14.95 9.12
C TYR C 86 38.01 -13.98 9.59
N LYS C 87 38.96 -13.69 8.70
CA LYS C 87 40.01 -12.71 8.94
C LYS C 87 39.94 -11.63 7.88
N PHE C 88 40.08 -10.37 8.29
CA PHE C 88 40.07 -9.26 7.36
C PHE C 88 41.15 -8.25 7.72
N ARG C 89 41.71 -7.61 6.71
CA ARG C 89 42.79 -6.64 6.88
C ARG C 89 42.23 -5.22 6.84
N HIS C 90 42.80 -4.35 7.67
CA HIS C 90 42.39 -2.96 7.78
C HIS C 90 43.62 -2.12 8.10
N LEU C 91 43.39 -0.84 8.36
CA LEU C 91 44.46 0.11 8.65
C LEU C 91 44.56 0.32 10.16
N LYS C 92 45.79 0.51 10.64
CA LYS C 92 46.04 0.75 12.05
C LYS C 92 45.45 2.09 12.46
N GLN C 93 45.04 2.18 13.73
CA GLN C 93 44.36 3.38 14.23
C GLN C 93 45.24 4.61 14.08
N THR C 94 46.51 4.51 14.46
CA THR C 94 47.41 5.66 14.41
C THR C 94 47.77 6.08 13.00
N SER C 95 47.52 5.24 12.00
CA SER C 95 47.88 5.53 10.62
C SER C 95 46.74 6.13 9.81
N GLU C 96 45.58 6.36 10.43
CA GLU C 96 44.43 6.86 9.67
C GLU C 96 44.68 8.29 9.17
N LYS C 97 45.34 9.11 9.98
CA LYS C 97 45.54 10.51 9.61
C LYS C 97 46.37 10.65 8.33
N PHE C 98 47.23 9.68 8.05
CA PHE C 98 48.05 9.72 6.85
C PHE C 98 47.32 9.20 5.62
N TYR C 99 46.08 8.75 5.77
CA TYR C 99 45.26 8.32 4.65
C TYR C 99 43.95 9.08 4.55
N THR C 100 43.61 9.92 5.52
CA THR C 100 42.41 10.73 5.42
C THR C 100 42.48 11.65 4.21
N SER C 101 41.39 11.71 3.46
CA SER C 101 41.26 12.59 2.30
C SER C 101 40.03 13.47 2.47
N ASP C 102 39.80 14.34 1.49
CA ASP C 102 38.67 15.25 1.56
C ASP C 102 37.34 14.52 1.52
N SER C 103 37.24 13.49 0.68
CA SER C 103 35.99 12.77 0.47
C SER C 103 35.88 11.48 1.27
N TYR C 104 36.98 10.77 1.47
CA TYR C 104 36.93 9.46 2.11
C TYR C 104 38.21 9.23 2.89
N ILE C 105 38.16 8.25 3.80
CA ILE C 105 39.33 7.78 4.55
C ILE C 105 39.66 6.38 4.08
N GLY C 106 40.86 6.20 3.56
CA GLY C 106 41.31 4.92 3.07
C GLY C 106 42.21 5.08 1.87
N ASP C 107 42.56 3.94 1.28
CA ASP C 107 43.42 3.89 0.09
C ASP C 107 42.67 3.14 -1.00
N ILE C 108 42.23 3.87 -2.03
CA ILE C 108 41.50 3.25 -3.13
C ILE C 108 42.43 2.31 -3.91
N ASN C 109 43.68 2.72 -4.11
CA ASN C 109 44.60 1.94 -4.95
C ASN C 109 44.88 0.57 -4.34
N ASN C 110 45.07 0.51 -3.03
CA ASN C 110 45.39 -0.74 -2.35
C ASN C 110 44.21 -1.36 -1.62
N ASN C 111 43.03 -0.73 -1.68
CA ASN C 111 41.81 -1.26 -1.05
C ASN C 111 42.01 -1.51 0.43
N LEU C 112 42.33 -0.45 1.16
CA LEU C 112 42.47 -0.47 2.61
C LEU C 112 41.47 0.49 3.22
N LEU C 113 40.80 0.03 4.26
CA LEU C 113 39.67 0.73 4.86
C LEU C 113 39.91 0.91 6.35
N PRO C 114 39.25 1.88 6.97
CA PRO C 114 39.28 1.98 8.43
C PRO C 114 38.62 0.77 9.07
N PHE C 115 38.96 0.55 10.35
CA PHE C 115 38.49 -0.65 11.04
C PHE C 115 36.97 -0.69 11.11
N ALA C 116 36.33 0.44 11.39
CA ALA C 116 34.87 0.47 11.53
C ALA C 116 34.20 0.07 10.22
N GLN C 117 34.59 0.69 9.11
CA GLN C 117 33.96 0.37 7.82
C GLN C 117 34.26 -1.07 7.41
N ALA C 118 35.51 -1.52 7.60
CA ALA C 118 35.86 -2.89 7.24
C ALA C 118 35.04 -3.89 8.04
N TYR C 119 34.91 -3.67 9.35
CA TYR C 119 34.12 -4.57 10.19
C TYR C 119 32.66 -4.55 9.79
N LYS C 120 32.12 -3.37 9.47
CA LYS C 120 30.71 -3.28 9.08
C LYS C 120 30.46 -4.07 7.80
N LEU C 121 31.32 -3.88 6.79
CA LEU C 121 31.14 -4.62 5.53
C LEU C 121 31.31 -6.13 5.74
N ALA C 122 32.31 -6.52 6.52
CA ALA C 122 32.53 -7.94 6.78
C ALA C 122 31.35 -8.56 7.52
N SER C 123 30.81 -7.84 8.51
CA SER C 123 29.66 -8.33 9.25
C SER C 123 28.44 -8.45 8.34
N SER C 124 28.25 -7.49 7.44
CA SER C 124 27.14 -7.59 6.49
C SER C 124 27.28 -8.83 5.62
N GLU C 125 28.49 -9.09 5.12
CA GLU C 125 28.72 -10.29 4.30
C GLU C 125 28.47 -11.56 5.11
N ILE C 126 28.92 -11.58 6.36
CA ILE C 126 28.73 -12.76 7.20
C ILE C 126 27.25 -12.98 7.47
N ILE C 127 26.49 -11.91 7.69
CA ILE C 127 25.05 -12.04 7.92
C ILE C 127 24.36 -12.56 6.65
N LYS C 128 24.81 -12.11 5.48
CA LYS C 128 24.26 -12.67 4.24
C LYS C 128 24.53 -14.17 4.15
N LEU C 129 25.76 -14.58 4.49
CA LEU C 129 26.10 -16.00 4.46
C LEU C 129 25.25 -16.79 5.47
N ILE C 130 25.04 -16.22 6.66
CA ILE C 130 24.25 -16.91 7.67
C ILE C 130 22.81 -17.05 7.22
N ASN C 131 22.24 -16.02 6.60
CA ASN C 131 20.89 -16.11 6.07
C ASN C 131 20.80 -17.18 5.00
N HIS C 132 21.80 -17.24 4.11
CA HIS C 132 21.81 -18.27 3.07
C HIS C 132 21.88 -19.66 3.70
N PHE C 133 22.70 -19.83 4.74
CA PHE C 133 22.79 -21.12 5.41
C PHE C 133 21.46 -21.51 6.06
N VAL C 134 20.82 -20.56 6.75
CA VAL C 134 19.55 -20.85 7.40
C VAL C 134 18.49 -21.23 6.37
N LEU C 135 18.53 -20.60 5.20
CA LEU C 135 17.50 -20.89 4.19
C LEU C 135 17.76 -22.22 3.50
N THR C 136 18.97 -22.43 2.97
CA THR C 136 19.23 -23.55 2.07
C THR C 136 19.83 -24.78 2.74
N GLY C 137 20.48 -24.63 3.90
CA GLY C 137 21.14 -25.75 4.53
C GLY C 137 22.53 -26.06 4.03
N THR C 138 23.08 -25.23 3.15
CA THR C 138 24.43 -25.41 2.62
C THR C 138 25.25 -24.15 2.83
N VAL C 139 26.57 -24.32 2.86
CA VAL C 139 27.51 -23.22 3.00
C VAL C 139 28.43 -23.25 1.79
N SER C 140 28.34 -22.23 0.93
CA SER C 140 29.18 -22.13 -0.24
C SER C 140 29.26 -20.67 -0.67
N ILE C 141 30.29 -20.36 -1.45
CA ILE C 141 30.49 -19.02 -1.99
C ILE C 141 30.32 -18.96 -3.49
N GLN C 142 30.31 -20.09 -4.19
CA GLN C 142 30.14 -20.10 -5.63
C GLN C 142 28.66 -19.98 -5.99
N LYS C 143 28.38 -19.20 -7.05
CA LYS C 143 27.00 -19.04 -7.50
C LYS C 143 26.43 -20.36 -8.00
N ASP C 144 27.27 -21.23 -8.55
CA ASP C 144 26.81 -22.54 -8.97
C ASP C 144 26.35 -23.37 -7.77
N GLY C 145 27.07 -23.25 -6.66
CA GLY C 145 26.75 -24.01 -5.47
C GLY C 145 27.65 -25.20 -5.19
N LYS C 146 28.71 -25.38 -5.96
CA LYS C 146 29.65 -26.47 -5.74
C LYS C 146 30.72 -26.04 -4.73
N ASN C 147 31.67 -26.94 -4.48
CA ASN C 147 32.75 -26.71 -3.52
C ASN C 147 32.18 -26.33 -2.15
N GLN C 148 31.15 -27.05 -1.73
CA GLN C 148 30.48 -26.76 -0.47
C GLN C 148 31.37 -27.14 0.71
N LYS C 149 31.17 -26.45 1.83
CA LYS C 149 31.88 -26.75 3.06
C LYS C 149 31.29 -28.01 3.69
N ARG C 150 32.14 -29.00 3.94
CA ARG C 150 31.70 -30.23 4.57
C ARG C 150 31.33 -29.95 6.02
N LEU C 151 30.04 -29.92 6.31
CA LEU C 151 29.56 -29.61 7.65
C LEU C 151 29.29 -30.89 8.44
N LEU C 152 29.00 -30.71 9.72
CA LEU C 152 28.73 -31.81 10.62
C LEU C 152 27.32 -32.36 10.39
N PRO C 153 27.08 -33.62 10.74
CA PRO C 153 25.72 -34.16 10.66
C PRO C 153 24.79 -33.47 11.65
N ASN C 154 23.49 -33.67 11.43
CA ASN C 154 22.43 -33.02 12.21
C ASN C 154 22.51 -31.50 12.10
N MET C 155 22.97 -31.02 10.95
CA MET C 155 23.04 -29.58 10.65
C MET C 155 22.30 -29.38 9.32
N TYR C 156 21.04 -28.98 9.41
CA TYR C 156 20.17 -28.93 8.24
C TYR C 156 19.44 -27.60 8.18
N GLY C 157 19.01 -27.24 6.98
CA GLY C 157 18.19 -26.06 6.75
C GLY C 157 16.79 -26.45 6.30
N LEU C 158 16.00 -25.41 6.00
CA LEU C 158 14.63 -25.63 5.56
C LEU C 158 14.58 -26.38 4.23
N LEU C 159 15.46 -26.01 3.30
CA LEU C 159 15.39 -26.59 1.96
C LEU C 159 15.88 -28.04 1.93
N ASN C 160 16.96 -28.34 2.65
CA ASN C 160 17.57 -29.66 2.60
C ASN C 160 17.15 -30.56 3.77
N MET C 161 16.11 -30.19 4.50
CA MET C 161 15.69 -30.99 5.64
C MET C 161 15.16 -32.34 5.15
N PRO C 162 15.65 -33.44 5.69
CA PRO C 162 15.17 -34.76 5.25
C PRO C 162 13.85 -35.12 5.92
N GLU C 163 13.27 -36.23 5.45
CA GLU C 163 12.01 -36.76 5.98
C GLU C 163 10.89 -35.73 5.88
N GLN C 164 10.86 -34.99 4.77
CA GLN C 164 9.82 -34.01 4.50
C GLN C 164 9.23 -34.28 3.12
N ILE C 165 8.11 -33.63 2.82
CA ILE C 165 7.44 -33.82 1.55
C ILE C 165 8.22 -33.10 0.46
N LYS C 166 8.60 -33.82 -0.58
CA LYS C 166 9.39 -33.28 -1.67
C LYS C 166 8.70 -33.59 -3.00
N GLU C 167 8.51 -32.55 -3.81
CA GLU C 167 7.91 -32.68 -5.12
C GLU C 167 8.85 -32.11 -6.18
N GLU C 168 8.80 -32.70 -7.37
CA GLU C 168 9.68 -32.30 -8.47
C GLU C 168 8.83 -32.04 -9.70
N VAL C 169 8.75 -30.78 -10.10
CA VAL C 169 8.06 -30.41 -11.34
C VAL C 169 9.00 -30.69 -12.51
N ALA C 170 8.48 -31.42 -13.50
CA ALA C 170 9.30 -31.91 -14.59
C ALA C 170 9.88 -30.76 -15.41
N SER C 171 10.96 -31.07 -16.15
CA SER C 171 11.62 -30.06 -16.97
C SER C 171 10.70 -29.54 -18.07
N GLY C 172 9.95 -30.43 -18.71
CA GLY C 172 9.04 -30.01 -19.75
C GLY C 172 7.86 -29.20 -19.26
N ASP C 173 7.53 -29.29 -17.97
CA ASP C 173 6.44 -28.55 -17.39
C ASP C 173 6.90 -27.40 -16.50
N LYS C 174 8.11 -26.88 -16.74
CA LYS C 174 8.61 -25.77 -15.94
C LYS C 174 7.79 -24.52 -16.14
N ASP C 175 7.31 -24.27 -17.36
CA ASP C 175 6.49 -23.11 -17.65
C ASP C 175 5.00 -23.36 -17.44
N LYS C 176 4.60 -24.59 -17.12
CA LYS C 176 3.20 -24.94 -16.96
C LYS C 176 2.80 -24.73 -15.50
N MET C 177 2.21 -23.58 -15.21
CA MET C 177 1.76 -23.29 -13.85
C MET C 177 0.70 -24.26 -13.38
N ASP C 178 -0.10 -24.81 -14.30
CA ASP C 178 -1.09 -25.82 -13.90
C ASP C 178 -0.40 -27.07 -13.35
N LYS C 179 0.66 -27.54 -14.02
CA LYS C 179 1.41 -28.68 -13.51
C LYS C 179 2.12 -28.34 -12.21
N ILE C 180 2.70 -27.15 -12.10
CA ILE C 180 3.36 -26.75 -10.86
C ILE C 180 2.35 -26.76 -9.70
N PHE C 181 1.16 -26.20 -9.94
CA PHE C 181 0.16 -26.15 -8.88
C PHE C 181 -0.42 -27.52 -8.58
N GLU C 182 -0.45 -28.42 -9.56
CA GLU C 182 -0.83 -29.80 -9.29
C GLU C 182 0.18 -30.47 -8.36
N LYS C 183 1.48 -30.24 -8.61
CA LYS C 183 2.50 -30.77 -7.71
C LYS C 183 2.37 -30.17 -6.32
N ILE C 184 2.06 -28.87 -6.24
CA ILE C 184 1.86 -28.22 -4.94
C ILE C 184 0.66 -28.83 -4.22
N GLU C 185 -0.41 -29.12 -4.97
CA GLU C 185 -1.59 -29.77 -4.39
C GLU C 185 -1.23 -31.14 -3.83
N ALA C 186 -0.47 -31.93 -4.59
CA ALA C 186 -0.07 -33.25 -4.12
C ALA C 186 0.76 -33.15 -2.85
N GLY C 187 1.71 -32.21 -2.82
CA GLY C 187 2.53 -32.03 -1.63
C GLY C 187 1.71 -31.59 -0.43
N LEU C 188 0.77 -30.67 -0.65
CA LEU C 188 -0.08 -30.20 0.45
C LEU C 188 -0.98 -31.31 0.98
N SER C 189 -1.47 -32.17 0.08
CA SER C 189 -2.27 -33.30 0.52
C SER C 189 -1.42 -34.29 1.33
N LYS C 190 -0.18 -34.53 0.90
CA LYS C 190 0.70 -35.39 1.67
C LYS C 190 1.21 -34.74 2.95
N LEU C 191 1.05 -33.43 3.11
CA LEU C 191 1.44 -32.76 4.35
C LEU C 191 0.61 -33.30 5.51
N GLU C 192 1.27 -33.39 6.68
CA GLU C 192 0.65 -33.92 7.90
C GLU C 192 0.88 -32.93 9.03
N LEU C 193 -0.13 -32.12 9.32
CA LEU C 193 -0.04 -31.15 10.40
C LEU C 193 -0.56 -31.69 11.73
N GLY C 194 -1.40 -32.72 11.71
CA GLY C 194 -1.93 -33.27 12.94
C GLY C 194 -2.84 -32.30 13.66
N ASP C 195 -2.71 -32.25 14.98
CA ASP C 195 -3.54 -31.38 15.80
C ASP C 195 -3.07 -29.93 15.77
N GLU C 196 -1.92 -29.65 15.17
CA GLU C 196 -1.39 -28.29 15.07
C GLU C 196 -1.71 -27.65 13.72
N PHE C 197 -2.84 -28.03 13.11
CA PHE C 197 -3.19 -27.49 11.81
C PHE C 197 -3.62 -26.03 11.88
N SER C 198 -4.26 -25.62 12.98
CA SER C 198 -4.74 -24.25 13.15
C SER C 198 -3.56 -23.35 13.49
N THR C 199 -2.77 -23.03 12.48
CA THR C 199 -1.59 -22.19 12.64
C THR C 199 -1.32 -21.48 11.32
N PRO C 200 -0.72 -20.28 11.36
CA PRO C 200 -0.38 -19.60 10.12
C PRO C 200 0.66 -20.37 9.31
N MET C 201 0.60 -20.20 8.00
CA MET C 201 1.51 -20.86 7.07
C MET C 201 2.42 -19.83 6.41
N MET C 202 3.61 -20.28 6.01
CA MET C 202 4.59 -19.43 5.35
C MET C 202 5.06 -20.12 4.07
N VAL C 203 5.07 -19.36 2.98
CA VAL C 203 5.52 -19.83 1.68
C VAL C 203 6.62 -18.90 1.20
N ILE C 204 7.71 -19.49 0.69
CA ILE C 204 8.84 -18.76 0.16
C ILE C 204 9.03 -19.19 -1.29
N VAL C 205 9.07 -18.20 -2.20
CA VAL C 205 9.15 -18.45 -3.63
C VAL C 205 10.24 -17.56 -4.23
N ASP C 206 10.68 -17.95 -5.43
CA ASP C 206 11.60 -17.16 -6.22
C ASP C 206 10.85 -16.13 -7.06
N PRO C 207 11.52 -15.07 -7.51
CA PRO C 207 10.82 -14.04 -8.29
C PRO C 207 10.18 -14.56 -9.57
N ALA C 208 10.80 -15.52 -10.25
CA ALA C 208 10.16 -16.10 -11.43
C ALA C 208 8.88 -16.83 -11.05
N THR C 209 8.89 -17.55 -9.94
CA THR C 209 7.67 -18.21 -9.46
C THR C 209 6.60 -17.19 -9.13
N SER C 210 6.99 -16.07 -8.51
CA SER C 210 6.01 -15.02 -8.21
C SER C 210 5.42 -14.42 -9.48
N LEU C 211 6.27 -14.19 -10.49
CA LEU C 211 5.78 -13.68 -11.77
C LEU C 211 4.80 -14.65 -12.41
N LYS C 212 5.08 -15.95 -12.32
CA LYS C 212 4.13 -16.94 -12.83
C LYS C 212 2.85 -16.97 -12.00
N LEU C 213 2.96 -16.76 -10.68
CA LEU C 213 1.78 -16.77 -9.81
C LEU C 213 0.85 -15.62 -10.12
N VAL C 214 1.39 -14.43 -10.39
CA VAL C 214 0.53 -13.25 -10.56
C VAL C 214 -0.17 -13.29 -11.92
N LYS C 215 0.09 -14.33 -12.70
CA LYS C 215 -0.67 -14.53 -13.93
C LYS C 215 -2.11 -14.92 -13.58
N PRO C 216 -3.07 -14.61 -14.46
CA PRO C 216 -4.46 -14.95 -14.18
C PRO C 216 -4.66 -16.46 -14.13
N TYR C 217 -5.60 -16.88 -13.27
CA TYR C 217 -5.90 -18.30 -13.12
C TYR C 217 -6.52 -18.86 -14.39
N ALA C 218 -6.09 -20.05 -14.77
CA ALA C 218 -6.62 -20.71 -15.96
C ALA C 218 -7.03 -22.15 -15.65
N ALA C 223 -11.56 -19.29 -21.25
CA ALA C 223 -10.27 -19.96 -21.20
C ALA C 223 -9.57 -19.69 -19.87
N ALA C 224 -9.23 -18.43 -19.64
CA ALA C 224 -8.56 -17.99 -18.42
C ALA C 224 -9.48 -17.10 -17.60
N SER C 225 -9.66 -17.44 -16.34
CA SER C 225 -10.51 -16.65 -15.46
C SER C 225 -9.87 -15.30 -15.16
N SER C 226 -10.65 -14.24 -15.27
CA SER C 226 -10.18 -12.89 -15.01
C SER C 226 -10.53 -12.39 -13.61
N CYS C 227 -11.09 -13.25 -12.76
CA CYS C 227 -11.49 -12.85 -11.43
C CYS C 227 -10.37 -13.04 -10.41
N GLU C 228 -9.83 -14.25 -10.31
CA GLU C 228 -8.81 -14.58 -9.32
C GLU C 228 -7.54 -15.02 -10.02
N LYS C 229 -6.44 -15.00 -9.27
CA LYS C 229 -5.11 -15.32 -9.77
C LYS C 229 -4.63 -16.64 -9.18
N TRP C 230 -3.54 -17.16 -9.76
CA TRP C 230 -2.92 -18.37 -9.22
C TRP C 230 -2.50 -18.18 -7.78
N GLU C 231 -2.06 -16.97 -7.43
CA GLU C 231 -1.72 -16.69 -6.03
C GLU C 231 -2.94 -16.83 -5.14
N ASP C 232 -4.09 -16.31 -5.57
CA ASP C 232 -5.30 -16.44 -4.78
C ASP C 232 -5.74 -17.89 -4.65
N VAL C 233 -5.62 -18.67 -5.73
CA VAL C 233 -5.96 -20.09 -5.68
C VAL C 233 -5.06 -20.81 -4.68
N LEU C 234 -3.76 -20.51 -4.71
CA LEU C 234 -2.83 -21.13 -3.78
C LEU C 234 -3.15 -20.74 -2.33
N ILE C 235 -3.49 -19.47 -2.10
CA ILE C 235 -3.84 -19.03 -0.76
C ILE C 235 -5.07 -19.76 -0.25
N GLN C 236 -6.09 -19.90 -1.10
CA GLN C 236 -7.29 -20.65 -0.70
C GLN C 236 -6.96 -22.11 -0.42
N THR C 237 -6.10 -22.71 -1.24
CA THR C 237 -5.72 -24.10 -1.04
C THR C 237 -5.02 -24.30 0.30
N ILE C 238 -4.11 -23.38 0.65
CA ILE C 238 -3.40 -23.48 1.93
C ILE C 238 -4.34 -23.18 3.09
N LYS C 239 -5.31 -22.29 2.88
CA LYS C 239 -6.29 -21.99 3.92
C LYS C 239 -7.22 -23.16 4.17
N ALA C 240 -7.40 -24.03 3.16
CA ALA C 240 -8.20 -25.23 3.36
C ALA C 240 -7.56 -26.18 4.37
N ILE C 241 -6.23 -26.14 4.49
CA ILE C 241 -5.53 -27.09 5.36
C ILE C 241 -5.03 -26.45 6.66
N ASN C 242 -4.96 -25.12 6.74
CA ASN C 242 -4.51 -24.48 7.98
C ASN C 242 -5.67 -23.92 8.80
N ASN C 243 -6.89 -24.40 8.56
CA ASN C 243 -8.09 -23.93 9.26
C ASN C 243 -8.31 -22.43 9.03
N ARG C 244 -8.15 -22.01 7.77
CA ARG C 244 -8.40 -20.63 7.36
C ARG C 244 -7.59 -19.63 8.18
N GLU C 245 -6.29 -19.90 8.29
CA GLU C 245 -5.36 -19.01 8.97
C GLU C 245 -4.59 -18.18 7.94
N ASP C 246 -3.77 -17.26 8.45
CA ASP C 246 -2.98 -16.40 7.59
C ASP C 246 -1.97 -17.23 6.78
N VAL C 247 -1.81 -16.87 5.52
CA VAL C 247 -0.87 -17.54 4.62
C VAL C 247 0.08 -16.45 4.10
N TYR C 248 1.22 -16.30 4.78
CA TYR C 248 2.20 -15.30 4.37
C TYR C 248 3.03 -15.81 3.21
N ILE C 249 3.29 -14.93 2.25
CA ILE C 249 4.06 -15.25 1.04
C ILE C 249 5.24 -14.29 0.96
N GLU C 250 6.43 -14.85 0.75
CA GLU C 250 7.66 -14.07 0.67
C GLU C 250 8.46 -14.48 -0.55
N THR C 251 9.23 -13.53 -1.07
CA THR C 251 10.11 -13.77 -2.20
C THR C 251 11.56 -13.61 -1.76
N SER C 252 12.40 -14.57 -2.14
CA SER C 252 13.80 -14.58 -1.77
C SER C 252 14.66 -14.83 -3.00
N ASN C 253 15.64 -13.96 -3.21
CA ASN C 253 16.55 -14.12 -4.35
C ASN C 253 17.49 -15.32 -4.17
N LEU C 254 17.68 -15.78 -2.93
CA LEU C 254 18.56 -16.92 -2.69
C LEU C 254 18.03 -18.18 -3.36
N LEU C 255 16.72 -18.42 -3.27
CA LEU C 255 16.14 -19.58 -3.90
C LEU C 255 16.10 -19.43 -5.41
N LYS C 256 16.16 -20.57 -6.11
CA LYS C 256 16.12 -20.61 -7.57
C LYS C 256 15.20 -21.73 -7.99
N HIS C 257 14.00 -21.39 -8.45
CA HIS C 257 13.02 -22.35 -8.96
C HIS C 257 12.64 -23.37 -7.88
N LYS C 258 12.45 -22.89 -6.65
CA LYS C 258 12.07 -23.74 -5.54
C LYS C 258 11.03 -23.01 -4.69
N ILE C 259 10.08 -23.79 -4.18
CA ILE C 259 8.99 -23.30 -3.35
C ILE C 259 9.05 -24.02 -2.01
N LEU C 260 8.98 -23.25 -0.93
CA LEU C 260 9.02 -23.79 0.42
C LEU C 260 7.72 -23.45 1.13
N ILE C 261 7.07 -24.46 1.72
CA ILE C 261 5.85 -24.25 2.48
C ILE C 261 6.01 -24.91 3.84
N TYR C 262 5.73 -24.15 4.91
CA TYR C 262 5.88 -24.70 6.25
C TYR C 262 5.07 -23.87 7.23
N PRO C 263 4.59 -24.46 8.32
CA PRO C 263 3.82 -23.69 9.31
C PRO C 263 4.72 -22.87 10.22
N LEU C 264 4.16 -21.77 10.72
CA LEU C 264 4.84 -20.93 11.71
C LEU C 264 4.45 -21.31 13.14
N ASN C 265 4.63 -22.58 13.48
CA ASN C 265 4.30 -23.09 14.80
C ASN C 265 5.55 -23.62 15.47
N SER C 266 5.77 -23.19 16.72
CA SER C 266 6.96 -23.63 17.45
C SER C 266 6.91 -25.12 17.77
N GLU C 267 5.70 -25.67 17.96
CA GLU C 267 5.58 -27.08 18.32
C GLU C 267 6.10 -28.01 17.21
N LEU C 268 6.04 -27.56 15.96
CA LEU C 268 6.47 -28.37 14.84
C LEU C 268 7.89 -28.02 14.37
N ILE C 269 8.18 -26.74 14.18
CA ILE C 269 9.49 -26.28 13.74
C ILE C 269 9.97 -25.21 14.71
N LYS C 270 11.18 -25.37 15.23
CA LYS C 270 11.77 -24.40 16.15
C LYS C 270 13.24 -24.16 15.78
N PHE C 271 13.63 -22.90 15.74
CA PHE C 271 15.01 -22.51 15.49
C PHE C 271 15.63 -22.10 16.81
N LYS C 272 16.60 -22.89 17.28
CA LYS C 272 17.28 -22.63 18.53
C LYS C 272 18.73 -22.25 18.24
N PRO C 273 19.00 -21.03 17.80
CA PRO C 273 20.37 -20.65 17.45
C PRO C 273 21.19 -20.34 18.70
N SER C 274 22.50 -20.39 18.52
CA SER C 274 23.41 -19.97 19.57
C SER C 274 23.27 -18.47 19.82
N LYS C 275 23.51 -18.07 21.06
CA LYS C 275 23.49 -16.65 21.40
C LYS C 275 24.70 -15.92 20.80
N TYR C 276 25.66 -16.65 20.25
CA TYR C 276 26.82 -16.06 19.59
C TYR C 276 26.82 -16.37 18.10
N MET C 277 25.64 -16.65 17.54
CA MET C 277 25.55 -16.99 16.12
C MET C 277 25.92 -15.81 15.25
N LEU C 278 25.45 -14.61 15.60
CA LEU C 278 25.71 -13.43 14.81
C LEU C 278 27.18 -13.02 14.95
N PRO C 279 27.72 -12.27 13.98
CA PRO C 279 29.15 -11.98 13.99
C PRO C 279 29.60 -11.29 15.27
N THR C 280 30.75 -11.73 15.79
CA THR C 280 31.33 -11.16 16.99
C THR C 280 32.82 -10.93 16.77
N PRO C 281 33.34 -9.73 17.06
CA PRO C 281 34.78 -9.50 16.88
C PRO C 281 35.60 -10.26 17.90
N ASN C 282 36.82 -10.60 17.50
CA ASN C 282 37.77 -11.27 18.37
C ASN C 282 38.74 -10.27 18.98
N GLU C 283 39.40 -10.67 20.05
CA GLU C 283 40.34 -9.81 20.75
C GLU C 283 41.76 -9.89 20.17
N GLN C 284 42.01 -10.79 19.24
CA GLN C 284 43.33 -10.96 18.64
C GLN C 284 43.45 -10.06 17.42
N VAL C 285 44.35 -9.08 17.49
CA VAL C 285 44.62 -8.17 16.39
C VAL C 285 46.09 -8.32 16.01
N ASP C 286 46.35 -8.63 14.75
CA ASP C 286 47.71 -8.78 14.26
C ASP C 286 48.30 -7.40 13.97
N LYS C 287 49.37 -7.04 14.67
CA LYS C 287 50.02 -5.75 14.53
C LYS C 287 51.46 -5.94 14.11
N ASP C 288 51.89 -5.22 13.08
CA ASP C 288 53.27 -5.28 12.60
C ASP C 288 53.87 -3.88 12.56
N SER C 289 55.06 -3.75 11.99
CA SER C 289 55.71 -2.45 11.85
C SER C 289 55.11 -1.61 10.74
N THR C 290 54.26 -2.19 9.90
CA THR C 290 53.64 -1.46 8.81
C THR C 290 52.30 -0.87 9.29
N ASP C 291 51.51 -0.34 8.35
CA ASP C 291 50.24 0.29 8.67
C ASP C 291 49.06 -0.65 8.51
N VAL C 292 49.29 -1.91 8.12
CA VAL C 292 48.24 -2.88 7.87
C VAL C 292 48.11 -3.80 9.07
N ALA C 293 46.88 -3.97 9.56
CA ALA C 293 46.57 -4.87 10.66
C ALA C 293 45.50 -5.86 10.25
N HIS C 294 45.31 -6.90 11.05
CA HIS C 294 44.35 -7.94 10.77
C HIS C 294 43.43 -8.16 11.97
N SER C 295 42.17 -8.48 11.69
CA SER C 295 41.18 -8.73 12.72
C SER C 295 40.36 -9.96 12.36
N TYR C 296 39.70 -10.53 13.38
CA TYR C 296 38.98 -11.79 13.25
C TYR C 296 37.54 -11.63 13.71
N ILE C 297 36.64 -12.34 13.02
CA ILE C 297 35.22 -12.34 13.35
C ILE C 297 34.75 -13.78 13.46
N ASP C 298 34.00 -14.08 14.53
CA ASP C 298 33.50 -15.41 14.81
C ASP C 298 31.98 -15.44 14.65
N PHE C 299 31.47 -16.59 14.19
CA PHE C 299 30.03 -16.78 14.09
C PHE C 299 29.71 -18.27 14.19
N VAL C 300 28.51 -18.57 14.69
CA VAL C 300 28.11 -19.94 15.00
C VAL C 300 26.94 -20.33 14.11
N LEU C 301 26.98 -21.57 13.60
CA LEU C 301 25.96 -22.09 12.70
C LEU C 301 25.34 -23.35 13.29
N GLY C 302 24.07 -23.57 12.95
CA GLY C 302 23.34 -24.75 13.34
C GLY C 302 22.22 -24.43 14.32
N GLY C 303 21.26 -25.35 14.38
CA GLY C 303 20.21 -25.25 15.39
C GLY C 303 18.77 -25.30 14.92
N LEU C 304 18.52 -25.82 13.72
CA LEU C 304 17.15 -25.90 13.20
C LEU C 304 16.56 -27.28 13.52
N LEU C 305 15.45 -27.30 14.24
CA LEU C 305 14.76 -28.54 14.59
C LEU C 305 13.37 -28.54 13.95
N ALA C 306 13.01 -29.66 13.33
CA ALA C 306 11.72 -29.78 12.67
C ALA C 306 11.14 -31.16 12.90
N THR C 307 9.82 -31.25 12.85
CA THR C 307 9.13 -32.53 12.91
C THR C 307 9.04 -33.14 11.51
N ARG C 308 8.79 -34.45 11.48
CA ARG C 308 8.74 -35.17 10.21
C ARG C 308 7.48 -34.84 9.44
N LYS C 309 7.62 -34.75 8.12
CA LYS C 309 6.51 -34.54 7.19
C LYS C 309 5.70 -33.29 7.54
N THR C 310 6.42 -32.18 7.78
CA THR C 310 5.79 -30.91 8.04
C THR C 310 6.32 -29.79 7.14
N ILE C 311 7.15 -30.11 6.16
CA ILE C 311 7.71 -29.13 5.24
C ILE C 311 7.50 -29.63 3.81
N LEU C 312 6.96 -28.76 2.95
CA LEU C 312 6.80 -29.08 1.54
C LEU C 312 7.86 -28.32 0.73
N GLN C 313 8.60 -29.07 -0.08
CA GLN C 313 9.71 -28.53 -0.87
C GLN C 313 9.47 -28.92 -2.32
N VAL C 314 9.17 -27.93 -3.16
CA VAL C 314 8.87 -28.15 -4.57
C VAL C 314 10.03 -27.60 -5.38
N ASN C 315 10.64 -28.44 -6.21
CA ASN C 315 11.75 -28.04 -7.07
C ASN C 315 11.30 -28.14 -8.53
N ILE C 316 11.37 -27.03 -9.25
CA ILE C 316 10.97 -27.00 -10.65
C ILE C 316 12.23 -27.24 -11.49
N LYS C 317 12.39 -28.47 -11.98
CA LYS C 317 13.57 -28.81 -12.78
C LYS C 317 13.62 -27.94 -14.03
N GLN C 318 14.75 -27.27 -14.23
CA GLN C 318 14.93 -26.33 -15.34
C GLN C 318 15.81 -26.89 -16.44
N SER C 319 16.10 -28.18 -16.43
CA SER C 319 16.95 -28.79 -17.45
C SER C 319 16.30 -28.74 -18.82
N ALA D 20 40.28 -48.28 19.15
CA ALA D 20 41.27 -49.12 18.50
C ALA D 20 42.50 -48.31 18.11
N LEU D 21 42.30 -47.28 17.29
CA LEU D 21 43.38 -46.44 16.82
C LEU D 21 43.16 -44.97 17.15
N MET D 22 42.08 -44.63 17.85
CA MET D 22 41.78 -43.24 18.15
C MET D 22 42.79 -42.68 19.15
N LYS D 23 42.92 -41.35 19.15
CA LYS D 23 43.91 -40.69 20.00
C LYS D 23 43.63 -40.94 21.47
N ASN D 24 42.37 -40.77 21.89
CA ASN D 24 41.98 -41.05 23.27
C ASN D 24 41.23 -42.36 23.33
N PRO D 25 41.70 -43.31 24.14
CA PRO D 25 41.02 -44.62 24.20
C PRO D 25 39.58 -44.47 24.66
N GLN D 26 38.68 -45.22 24.01
CA GLN D 26 37.28 -45.20 24.40
C GLN D 26 37.05 -46.03 25.65
N GLN D 27 37.79 -47.12 25.81
CA GLN D 27 37.69 -47.94 27.01
C GLN D 27 38.18 -47.16 28.22
N ASP D 28 37.40 -47.21 29.29
CA ASP D 28 37.78 -46.53 30.52
C ASP D 28 38.89 -47.30 31.23
N SER D 29 39.54 -46.63 32.18
CA SER D 29 40.60 -47.23 32.97
C SER D 29 40.06 -47.62 34.33
N GLY D 30 40.36 -48.85 34.76
CA GLY D 30 39.80 -49.35 36.00
C GLY D 30 40.35 -48.68 37.23
N LEU D 31 41.59 -48.21 37.18
CA LEU D 31 42.28 -47.71 38.36
C LEU D 31 42.89 -46.33 38.09
N LEU D 32 43.07 -45.57 39.16
CA LEU D 32 43.80 -44.31 39.08
C LEU D 32 45.28 -44.57 38.81
N SER D 33 45.88 -43.69 38.03
CA SER D 33 47.30 -43.80 37.73
C SER D 33 48.14 -43.34 38.92
N ASN D 34 49.38 -43.81 38.97
CA ASN D 34 50.32 -43.43 40.01
C ASN D 34 51.21 -42.32 39.47
N SER D 35 50.97 -41.09 39.93
CA SER D 35 51.71 -39.92 39.45
C SER D 35 52.86 -39.62 40.42
N ILE D 36 53.83 -40.53 40.41
CA ILE D 36 55.04 -40.39 41.21
C ILE D 36 56.30 -40.30 40.36
N ASP D 37 56.38 -41.12 39.31
CA ASP D 37 57.52 -41.07 38.41
C ASP D 37 57.33 -39.98 37.36
N PHE D 38 58.46 -39.53 36.79
CA PHE D 38 58.45 -38.50 35.77
C PHE D 38 59.24 -38.91 34.53
N ARG D 39 59.64 -40.17 34.42
CA ARG D 39 60.45 -40.63 33.31
C ARG D 39 59.66 -41.62 32.45
N ASP D 40 59.83 -41.51 31.14
CA ASP D 40 59.17 -42.40 30.17
C ASP D 40 57.65 -42.38 30.35
N GLN D 41 57.10 -41.18 30.43
CA GLN D 41 55.66 -40.98 30.57
C GLN D 41 55.07 -40.18 29.41
N ASN D 42 55.79 -40.08 28.30
CA ASN D 42 55.34 -39.32 27.15
C ASN D 42 55.23 -40.15 25.87
N LEU D 43 55.65 -41.42 25.90
CA LEU D 43 55.59 -42.28 24.73
C LEU D 43 54.22 -42.97 24.64
N ILE D 44 53.18 -42.15 24.64
CA ILE D 44 51.82 -42.62 24.52
C ILE D 44 51.23 -42.10 23.22
N PHE D 45 50.17 -42.76 22.77
CA PHE D 45 49.52 -42.38 21.52
C PHE D 45 48.72 -41.10 21.67
N SER D 46 48.33 -40.73 22.89
CA SER D 46 47.59 -39.51 23.13
C SER D 46 48.45 -38.25 23.07
N ASN D 47 49.77 -38.39 22.95
CA ASN D 47 50.68 -37.26 22.93
C ASN D 47 50.52 -36.54 21.59
N SER D 48 49.71 -35.50 21.57
CA SER D 48 49.45 -34.74 20.36
C SER D 48 50.39 -33.56 20.25
N GLY D 49 50.69 -33.17 19.01
CA GLY D 49 51.60 -32.08 18.76
C GLY D 49 53.02 -32.53 18.49
N GLY D 50 54.00 -31.75 18.92
CA GLY D 50 55.39 -32.09 18.73
C GLY D 50 56.16 -31.95 20.03
N VAL D 51 57.30 -32.64 20.08
CA VAL D 51 58.15 -32.56 21.27
C VAL D 51 58.76 -31.17 21.39
N CYS D 52 59.12 -30.56 20.26
CA CYS D 52 59.65 -29.20 20.23
C CYS D 52 58.84 -28.40 19.22
N THR D 53 58.20 -27.33 19.69
CA THR D 53 57.31 -26.52 18.87
C THR D 53 57.66 -25.05 19.02
N SER D 54 57.68 -24.34 17.90
CA SER D 54 57.94 -22.91 17.88
C SER D 54 56.64 -22.14 17.68
N SER D 55 56.65 -20.87 18.09
CA SER D 55 55.49 -20.00 17.93
C SER D 55 55.28 -19.56 16.49
N LYS D 56 56.22 -19.81 15.60
CA LYS D 56 56.13 -19.39 14.20
C LYS D 56 55.83 -20.56 13.28
N ASP D 57 55.14 -21.58 13.77
CA ASP D 57 54.79 -22.74 12.98
C ASP D 57 53.43 -22.54 12.33
N LYS D 58 53.31 -22.96 11.07
CA LYS D 58 52.07 -22.85 10.32
C LYS D 58 51.31 -24.17 10.40
N ILE D 59 50.03 -24.08 10.78
CA ILE D 59 49.16 -25.24 10.94
C ILE D 59 47.81 -24.93 10.31
N GLU D 60 47.23 -25.92 9.64
CA GLU D 60 45.97 -25.74 8.91
C GLU D 60 45.02 -26.87 9.25
N ASN D 61 43.77 -26.53 9.59
CA ASN D 61 42.75 -27.54 9.80
C ASN D 61 42.10 -27.90 8.47
N TYR D 62 41.85 -29.20 8.28
CA TYR D 62 41.22 -29.68 7.06
C TYR D 62 40.22 -30.78 7.40
N PRO D 63 39.18 -30.94 6.58
CA PRO D 63 38.28 -32.09 6.76
C PRO D 63 39.04 -33.40 6.64
N ALA D 64 38.73 -34.33 7.53
CA ALA D 64 39.45 -35.59 7.62
C ALA D 64 38.67 -36.69 6.91
N LYS D 65 39.34 -37.41 6.03
CA LYS D 65 38.80 -38.60 5.37
C LYS D 65 39.46 -39.82 5.98
N GLY D 66 38.71 -40.55 6.80
CA GLY D 66 39.28 -41.65 7.55
C GLY D 66 39.90 -41.18 8.86
N TYR D 67 41.01 -41.80 9.25
CA TYR D 67 41.71 -41.42 10.49
C TYR D 67 43.19 -41.23 10.17
N PRO D 68 43.60 -40.02 9.78
CA PRO D 68 45.00 -39.75 9.43
C PRO D 68 45.87 -39.26 10.58
N TYR D 69 45.41 -39.36 11.82
CA TYR D 69 46.18 -38.86 12.96
C TYR D 69 47.54 -39.53 13.04
N LYS D 70 48.57 -38.71 13.29
CA LYS D 70 49.96 -39.16 13.39
C LYS D 70 50.41 -39.90 12.14
N ARG D 71 49.93 -39.44 10.98
CA ARG D 71 50.31 -40.00 9.70
C ARG D 71 50.47 -38.88 8.69
N GLY D 72 51.24 -39.16 7.63
CA GLY D 72 51.35 -38.21 6.54
C GLY D 72 50.06 -38.15 5.76
N VAL D 73 49.71 -36.95 5.30
CA VAL D 73 48.44 -36.71 4.65
C VAL D 73 48.68 -36.23 3.22
N LYS D 74 47.70 -36.52 2.36
CA LYS D 74 47.69 -36.07 0.98
C LYS D 74 46.33 -35.46 0.68
N LEU D 75 46.32 -34.52 -0.26
CA LEU D 75 45.11 -33.81 -0.63
C LEU D 75 44.27 -34.68 -1.57
N SER D 76 42.99 -34.83 -1.25
CA SER D 76 42.05 -35.60 -2.04
C SER D 76 40.90 -34.71 -2.47
N PHE D 77 40.57 -34.79 -3.77
CA PHE D 77 39.54 -33.97 -4.38
C PHE D 77 38.35 -34.86 -4.76
N GLY D 78 37.15 -34.37 -4.48
CA GLY D 78 35.94 -35.09 -4.82
C GLY D 78 35.44 -34.74 -6.20
N ASP D 79 34.14 -34.98 -6.43
CA ASP D 79 33.53 -34.63 -7.70
C ASP D 79 33.53 -33.12 -7.91
N GLY D 80 33.31 -32.36 -6.84
CA GLY D 80 33.27 -30.91 -6.93
C GLY D 80 32.18 -30.32 -6.06
N THR D 81 31.22 -31.15 -5.67
CA THR D 81 30.13 -30.68 -4.81
C THR D 81 30.66 -30.27 -3.43
N THR D 82 31.61 -31.05 -2.89
CA THR D 82 32.18 -30.78 -1.59
C THR D 82 33.64 -30.35 -1.73
N GLU D 83 34.13 -29.70 -0.68
CA GLU D 83 35.48 -29.16 -0.69
C GLU D 83 36.52 -30.28 -0.62
N LEU D 84 37.77 -29.91 -0.86
CA LEU D 84 38.88 -30.85 -0.77
C LEU D 84 39.07 -31.32 0.67
N GLU D 85 39.66 -32.50 0.83
CA GLU D 85 39.93 -33.05 2.16
C GLU D 85 41.33 -33.65 2.17
N VAL D 86 41.71 -34.22 3.31
CA VAL D 86 43.03 -34.83 3.49
C VAL D 86 42.83 -36.29 3.89
N GLU D 87 43.64 -37.16 3.30
CA GLU D 87 43.58 -38.59 3.61
C GLU D 87 44.99 -39.13 3.80
N ALA D 88 45.09 -40.19 4.60
CA ALA D 88 46.39 -40.79 4.90
C ALA D 88 47.08 -41.25 3.61
N GLY D 89 48.34 -40.90 3.47
CA GLY D 89 49.09 -41.25 2.29
C GLY D 89 50.44 -40.56 2.28
N GLY D 90 51.25 -40.93 1.30
CA GLY D 90 52.58 -40.39 1.14
C GLY D 90 53.02 -40.44 -0.30
N GLY D 91 54.32 -40.59 -0.50
CA GLY D 91 54.86 -40.64 -1.85
C GLY D 91 54.97 -39.25 -2.47
N ASP D 92 54.84 -39.20 -3.80
CA ASP D 92 54.89 -37.93 -4.51
C ASP D 92 53.67 -37.07 -4.25
N ASP D 93 52.59 -37.64 -3.70
CA ASP D 93 51.37 -36.91 -3.41
C ASP D 93 51.34 -36.35 -2.00
N LEU D 94 52.41 -36.52 -1.23
CA LEU D 94 52.43 -36.05 0.16
C LEU D 94 52.29 -34.53 0.21
N TYR D 95 51.41 -34.06 1.09
CA TYR D 95 51.15 -32.64 1.25
C TYR D 95 51.53 -32.11 2.63
N GLY D 96 51.43 -32.92 3.68
CA GLY D 96 51.78 -32.46 5.00
C GLY D 96 51.75 -33.61 5.99
N VAL D 97 51.87 -33.24 7.27
CA VAL D 97 51.89 -34.20 8.37
C VAL D 97 50.77 -33.85 9.34
N CYS D 98 49.92 -34.82 9.65
CA CYS D 98 48.82 -34.61 10.59
C CYS D 98 49.33 -34.76 12.01
N SER D 99 49.23 -33.67 12.80
CA SER D 99 49.75 -33.66 14.16
C SER D 99 48.67 -33.75 15.23
N ASP D 100 47.40 -33.50 14.88
CA ASP D 100 46.33 -33.54 15.85
C ASP D 100 45.01 -33.71 15.11
N ILE D 101 43.98 -34.11 15.84
CA ILE D 101 42.66 -34.32 15.25
C ILE D 101 41.60 -34.02 16.29
N ASP D 102 40.54 -33.36 15.85
CA ASP D 102 39.33 -33.14 16.63
C ASP D 102 38.24 -34.02 16.07
N GLU D 103 37.76 -34.97 16.88
CA GLU D 103 36.82 -35.98 16.41
C GLU D 103 35.41 -35.42 16.24
N PHE D 104 35.01 -34.48 17.09
CA PHE D 104 33.66 -33.92 16.99
C PHE D 104 33.43 -33.24 15.65
N SER D 105 34.40 -32.44 15.20
CA SER D 105 34.30 -31.78 13.91
C SER D 105 34.95 -32.58 12.79
N GLY D 106 35.61 -33.69 13.11
CA GLY D 106 36.33 -34.45 12.10
C GLY D 106 37.40 -33.62 11.40
N MET D 107 38.14 -32.83 12.15
CA MET D 107 39.09 -31.87 11.59
C MET D 107 40.50 -32.26 11.97
N ALA D 108 41.35 -32.44 10.96
CA ALA D 108 42.75 -32.81 11.16
C ALA D 108 43.62 -31.57 11.02
N THR D 109 44.49 -31.35 12.01
CA THR D 109 45.47 -30.28 11.97
C THR D 109 46.72 -30.80 11.26
N VAL D 110 47.12 -30.10 10.20
CA VAL D 110 48.21 -30.52 9.33
C VAL D 110 49.27 -29.44 9.33
N ILE D 111 50.52 -29.85 9.50
CA ILE D 111 51.68 -28.99 9.28
C ILE D 111 52.14 -29.23 7.84
N PRO D 112 52.22 -28.19 7.00
CA PRO D 112 52.62 -28.39 5.61
C PRO D 112 54.05 -28.90 5.50
N ILE D 113 54.32 -29.58 4.38
CA ILE D 113 55.66 -30.10 4.11
C ILE D 113 56.67 -28.97 4.04
N THR D 114 56.22 -27.76 3.70
CA THR D 114 57.12 -26.60 3.67
C THR D 114 57.62 -26.23 5.06
N ASN D 115 56.97 -26.70 6.11
CA ASN D 115 57.37 -26.43 7.49
C ASN D 115 57.89 -27.71 8.12
N ASN D 116 59.03 -27.61 8.81
CA ASN D 116 59.62 -28.76 9.46
C ASN D 116 58.84 -29.12 10.73
N PHE D 117 58.94 -30.38 11.13
CA PHE D 117 58.24 -30.88 12.29
C PHE D 117 59.09 -31.92 13.00
N THR D 118 59.01 -31.93 14.33
CA THR D 118 59.72 -32.90 15.16
C THR D 118 58.74 -33.49 16.16
N GLY D 119 58.48 -34.78 16.04
CA GLY D 119 57.53 -35.43 16.93
C GLY D 119 57.43 -36.90 16.61
N TYR D 120 56.53 -37.57 17.32
CA TYR D 120 56.32 -39.00 17.16
C TYR D 120 55.30 -39.25 16.04
N LEU D 121 55.67 -40.12 15.11
CA LEU D 121 54.83 -40.45 13.97
C LEU D 121 54.74 -41.96 13.81
N THR D 122 53.67 -42.41 13.18
CA THR D 122 53.44 -43.83 12.98
C THR D 122 54.50 -44.41 12.05
N LEU D 123 55.07 -45.55 12.44
CA LEU D 123 56.08 -46.24 11.67
C LEU D 123 55.54 -47.58 11.18
N LYS D 124 55.93 -47.96 9.96
CA LYS D 124 55.49 -49.23 9.40
C LYS D 124 55.99 -50.39 10.25
N LYS D 125 55.11 -51.34 10.54
CA LYS D 125 55.45 -52.49 11.34
C LYS D 125 56.37 -53.44 10.58
N VAL D 131 65.35 -50.05 12.40
CA VAL D 131 65.15 -48.61 12.61
C VAL D 131 65.98 -48.13 13.80
N ASN D 132 67.00 -47.36 13.52
CA ASN D 132 67.92 -46.83 14.51
C ASN D 132 68.09 -45.33 14.29
N PRO D 133 68.48 -44.58 15.33
CA PRO D 133 68.75 -43.14 15.15
C PRO D 133 69.75 -42.88 14.04
N GLY D 134 69.37 -42.02 13.10
CA GLY D 134 70.18 -41.73 11.93
C GLY D 134 69.67 -42.34 10.64
N ASP D 135 68.66 -43.19 10.70
CA ASP D 135 68.10 -43.80 9.51
C ASP D 135 67.23 -42.81 8.75
N LYS D 136 67.15 -43.00 7.43
CA LYS D 136 66.37 -42.15 6.55
C LYS D 136 65.00 -42.80 6.32
N LEU D 137 63.94 -42.02 6.54
CA LEU D 137 62.58 -42.52 6.49
C LEU D 137 61.76 -41.74 5.47
N ASN D 138 60.91 -42.45 4.74
CA ASN D 138 59.99 -41.87 3.77
C ASN D 138 58.59 -42.39 4.02
N PHE D 139 57.59 -41.60 3.64
CA PHE D 139 56.21 -41.98 3.83
C PHE D 139 55.75 -42.94 2.74
N ASN D 140 54.98 -43.94 3.14
CA ASN D 140 54.47 -44.95 2.21
C ASN D 140 53.06 -44.55 1.75
N GLN D 141 52.39 -45.45 1.04
CA GLN D 141 51.06 -45.16 0.52
C GLN D 141 50.02 -45.02 1.63
N HIS D 142 50.28 -45.59 2.81
CA HIS D 142 49.36 -45.51 3.94
C HIS D 142 49.72 -44.41 4.92
N GLY D 143 50.65 -43.53 4.57
CA GLY D 143 51.03 -42.46 5.47
C GLY D 143 51.90 -42.89 6.63
N GLU D 144 52.58 -44.02 6.51
CA GLU D 144 53.46 -44.54 7.56
C GLU D 144 54.91 -44.39 7.14
N LEU D 145 55.77 -44.09 8.11
CA LEU D 145 57.19 -43.95 7.83
C LEU D 145 57.82 -45.33 7.63
N GLU D 146 58.77 -45.41 6.70
CA GLU D 146 59.49 -46.65 6.45
C GLU D 146 60.90 -46.32 5.99
N LYS D 147 61.82 -47.24 6.24
CA LYS D 147 63.22 -47.02 5.88
C LYS D 147 63.38 -46.96 4.37
N VAL D 148 64.20 -46.01 3.91
CA VAL D 148 64.44 -45.83 2.49
C VAL D 148 65.32 -46.96 1.94
N SER D 154 63.83 -40.49 -2.66
CA SER D 154 63.39 -39.34 -1.88
C SER D 154 63.40 -39.66 -0.40
N VAL D 155 63.94 -38.74 0.39
CA VAL D 155 64.03 -38.88 1.84
C VAL D 155 63.23 -37.77 2.48
N ASN D 156 62.38 -38.14 3.45
CA ASN D 156 61.48 -37.18 4.09
C ASN D 156 61.80 -36.88 5.54
N ALA D 157 62.44 -37.79 6.27
CA ALA D 157 62.73 -37.55 7.68
C ALA D 157 63.94 -38.37 8.11
N ILE D 158 64.46 -38.03 9.28
CA ILE D 158 65.57 -38.76 9.88
C ILE D 158 65.11 -39.26 11.25
N ALA D 159 65.25 -40.56 11.49
CA ALA D 159 64.80 -41.14 12.75
C ALA D 159 65.69 -40.69 13.89
N LEU D 160 65.07 -40.20 14.97
CA LEU D 160 65.78 -39.74 16.14
C LEU D 160 65.79 -40.77 17.27
N SER D 161 65.12 -41.89 17.08
CA SER D 161 65.06 -42.94 18.09
C SER D 161 64.62 -44.23 17.41
N LYS D 162 64.66 -45.32 18.18
CA LYS D 162 64.22 -46.61 17.68
C LYS D 162 62.70 -46.74 17.80
N ALA D 163 62.16 -47.71 17.07
CA ALA D 163 60.71 -47.92 17.07
C ALA D 163 60.22 -48.30 18.46
N HIS D 164 59.16 -47.64 18.91
CA HIS D 164 58.52 -47.91 20.18
C HIS D 164 57.16 -48.54 19.92
N LYS D 165 56.95 -49.73 20.46
CA LYS D 165 55.73 -50.49 20.21
C LYS D 165 54.67 -50.13 21.25
N LEU D 166 53.51 -49.67 20.78
CA LEU D 166 52.37 -49.41 21.66
C LEU D 166 51.27 -50.44 21.53
N THR D 167 51.20 -51.14 20.39
CA THR D 167 50.23 -52.20 20.17
C THR D 167 50.90 -53.20 19.23
N GLU D 168 50.24 -54.35 19.03
CA GLU D 168 50.80 -55.39 18.19
C GLU D 168 51.13 -54.88 16.78
N ASP D 169 50.38 -53.88 16.31
CA ASP D 169 50.65 -53.27 15.01
C ASP D 169 51.04 -51.80 15.09
N LEU D 170 50.91 -51.16 16.24
CA LEU D 170 51.19 -49.73 16.37
C LEU D 170 52.63 -49.53 16.80
N PHE D 171 53.44 -48.92 15.93
CA PHE D 171 54.83 -48.59 16.21
C PHE D 171 55.04 -47.12 15.92
N ILE D 172 55.50 -46.38 16.93
CA ILE D 172 55.79 -44.97 16.79
C ILE D 172 57.29 -44.77 16.75
N VAL D 173 57.73 -43.59 16.32
CA VAL D 173 59.15 -43.27 16.23
C VAL D 173 59.30 -41.75 16.22
N LEU D 174 60.32 -41.26 16.91
CA LEU D 174 60.65 -39.84 16.90
C LEU D 174 61.43 -39.53 15.62
N ALA D 175 60.89 -38.63 14.81
CA ALA D 175 61.51 -38.30 13.53
C ALA D 175 61.51 -36.79 13.33
N SER D 176 62.45 -36.32 12.52
CA SER D 176 62.57 -34.90 12.17
C SER D 176 62.34 -34.76 10.68
N VAL D 177 61.24 -34.13 10.29
CA VAL D 177 60.87 -33.96 8.90
C VAL D 177 61.47 -32.65 8.38
N PHE D 178 62.14 -32.72 7.24
CA PHE D 178 62.78 -31.57 6.63
C PHE D 178 62.40 -31.43 5.16
N GLY D 179 61.14 -31.76 4.84
CA GLY D 179 60.65 -31.51 3.50
C GLY D 179 61.08 -32.56 2.49
N ASN D 180 61.25 -32.13 1.23
CA ASN D 180 61.52 -33.01 0.12
C ASN D 180 62.95 -32.80 -0.37
N ARG D 181 63.65 -33.91 -0.61
CA ARG D 181 64.99 -33.89 -1.17
C ARG D 181 65.36 -35.29 -1.63
N ALA D 182 66.00 -35.37 -2.79
CA ALA D 182 66.45 -36.66 -3.31
C ALA D 182 67.82 -37.03 -2.73
N LEU E 21 88.20 -18.25 13.32
CA LEU E 21 87.78 -19.50 13.95
C LEU E 21 86.92 -19.24 15.19
N MET E 22 86.56 -17.97 15.38
CA MET E 22 85.73 -17.57 16.51
C MET E 22 84.81 -16.44 16.08
N LYS E 23 83.67 -16.33 16.76
CA LYS E 23 82.75 -15.23 16.47
C LYS E 23 83.41 -13.88 16.76
N ASN E 24 84.11 -13.77 17.88
CA ASN E 24 84.91 -12.60 18.22
C ASN E 24 86.39 -12.99 18.24
N PRO E 25 87.27 -12.14 17.72
CA PRO E 25 88.69 -12.49 17.68
C PRO E 25 89.23 -12.78 19.07
N GLN E 26 90.04 -13.85 19.15
CA GLN E 26 90.61 -14.25 20.43
C GLN E 26 91.62 -13.21 20.92
N GLN E 27 92.51 -12.77 20.04
CA GLN E 27 93.48 -11.75 20.40
C GLN E 27 92.81 -10.39 20.53
N ASP E 28 93.24 -9.62 21.53
CA ASP E 28 92.72 -8.28 21.72
C ASP E 28 93.30 -7.35 20.65
N SER E 29 92.82 -6.11 20.64
CA SER E 29 93.25 -5.11 19.68
C SER E 29 93.98 -3.98 20.40
N GLY E 30 95.06 -3.51 19.78
CA GLY E 30 95.81 -2.40 20.33
C GLY E 30 95.32 -1.03 19.93
N LEU E 31 94.26 -0.96 19.12
CA LEU E 31 93.78 0.29 18.55
C LEU E 31 92.30 0.47 18.83
N LEU E 32 91.91 1.72 19.04
CA LEU E 32 90.49 2.06 19.07
C LEU E 32 89.93 2.05 17.65
N SER E 33 88.60 2.00 17.57
CA SER E 33 87.92 2.00 16.28
C SER E 33 87.50 3.41 15.90
N ASN E 34 87.53 3.69 14.60
CA ASN E 34 87.19 5.00 14.06
C ASN E 34 85.75 4.96 13.56
N SER E 35 84.84 5.58 14.30
CA SER E 35 83.43 5.60 13.95
C SER E 35 83.09 6.91 13.22
N ILE E 36 83.58 6.99 11.98
CA ILE E 36 83.33 8.17 11.15
C ILE E 36 82.58 7.76 9.90
N ASP E 37 83.14 6.84 9.11
CA ASP E 37 82.48 6.39 7.91
C ASP E 37 81.33 5.45 8.24
N PHE E 38 80.41 5.31 7.29
CA PHE E 38 79.25 4.44 7.44
C PHE E 38 79.12 3.42 6.33
N ARG E 39 80.07 3.34 5.41
CA ARG E 39 79.99 2.46 4.25
C ARG E 39 81.00 1.33 4.38
N ASP E 40 80.57 0.13 4.00
CA ASP E 40 81.43 -1.07 4.02
C ASP E 40 82.00 -1.31 5.42
N GLN E 41 81.17 -1.12 6.45
CA GLN E 41 81.56 -1.37 7.83
C GLN E 41 80.87 -2.61 8.40
N ASN E 42 80.36 -3.48 7.53
CA ASN E 42 79.67 -4.68 7.96
C ASN E 42 80.36 -5.97 7.53
N LEU E 43 81.44 -5.88 6.75
CA LEU E 43 82.15 -7.06 6.28
C LEU E 43 83.11 -7.59 7.33
N ILE E 44 82.54 -8.01 8.46
CA ILE E 44 83.30 -8.56 9.57
C ILE E 44 82.75 -9.94 9.90
N PHE E 45 83.62 -10.79 10.48
CA PHE E 45 83.21 -12.14 10.83
C PHE E 45 82.29 -12.15 12.04
N SER E 46 82.28 -11.10 12.85
CA SER E 46 81.41 -11.03 14.02
C SER E 46 79.96 -10.74 13.66
N ASN E 47 79.66 -10.41 12.40
CA ASN E 47 78.30 -10.11 11.98
C ASN E 47 77.49 -11.40 11.98
N SER E 48 76.64 -11.56 12.99
CA SER E 48 75.81 -12.75 13.14
C SER E 48 74.40 -12.50 12.62
N GLY E 49 73.71 -13.60 12.32
CA GLY E 49 72.37 -13.50 11.78
C GLY E 49 72.37 -13.21 10.29
N GLY E 50 71.26 -12.63 9.83
CA GLY E 50 71.11 -12.29 8.43
C GLY E 50 70.98 -10.80 8.18
N VAL E 51 71.34 -10.37 6.98
CA VAL E 51 71.21 -8.95 6.64
C VAL E 51 69.74 -8.55 6.60
N CYS E 52 68.88 -9.44 6.11
CA CYS E 52 67.43 -9.23 6.10
C CYS E 52 66.80 -10.32 6.95
N THR E 53 66.10 -9.93 8.01
CA THR E 53 65.52 -10.86 8.97
C THR E 53 64.03 -10.59 9.10
N SER E 54 63.24 -11.67 9.01
CA SER E 54 61.79 -11.59 9.17
C SER E 54 61.42 -11.98 10.60
N SER E 55 60.40 -11.31 11.15
CA SER E 55 59.96 -11.58 12.50
C SER E 55 59.22 -12.91 12.63
N LYS E 56 58.88 -13.56 11.51
CA LYS E 56 58.18 -14.84 11.52
C LYS E 56 59.10 -16.01 11.17
N ASP E 57 60.39 -15.85 11.44
CA ASP E 57 61.37 -16.89 11.14
C ASP E 57 61.44 -17.91 12.27
N LYS E 58 61.68 -19.17 11.90
CA LYS E 58 61.85 -20.24 12.87
C LYS E 58 63.32 -20.40 13.19
N ILE E 59 63.66 -20.33 14.48
CA ILE E 59 65.04 -20.38 14.96
C ILE E 59 65.14 -21.49 16.00
N GLU E 60 66.11 -22.38 15.83
CA GLU E 60 66.35 -23.47 16.76
C GLU E 60 67.74 -23.33 17.36
N ASN E 61 67.99 -24.10 18.43
CA ASN E 61 69.32 -24.17 19.03
C ASN E 61 69.69 -25.62 19.27
N TYR E 62 70.97 -25.93 19.12
CA TYR E 62 71.45 -27.29 19.25
C TYR E 62 72.82 -27.30 19.90
N PRO E 63 73.21 -28.42 20.52
CA PRO E 63 74.61 -28.60 20.90
C PRO E 63 75.49 -28.61 19.67
N ALA E 64 76.67 -27.99 19.78
CA ALA E 64 77.56 -27.79 18.65
C ALA E 64 78.79 -28.68 18.79
N LYS E 65 79.09 -29.44 17.73
CA LYS E 65 80.32 -30.20 17.63
C LYS E 65 81.27 -29.47 16.68
N GLY E 66 82.44 -29.10 17.19
CA GLY E 66 83.32 -28.25 16.41
C GLY E 66 82.87 -26.80 16.42
N TYR E 67 83.16 -26.10 15.33
CA TYR E 67 82.77 -24.70 15.17
C TYR E 67 82.03 -24.55 13.85
N PRO E 68 80.72 -24.77 13.84
CA PRO E 68 79.95 -24.70 12.59
C PRO E 68 79.47 -23.29 12.26
N TYR E 69 80.05 -22.28 12.88
CA TYR E 69 79.61 -20.91 12.70
C TYR E 69 79.66 -20.51 11.22
N LYS E 70 78.58 -19.91 10.75
CA LYS E 70 78.45 -19.44 9.36
C LYS E 70 78.71 -20.56 8.37
N ARG E 71 78.20 -21.75 8.68
CA ARG E 71 78.38 -22.92 7.83
C ARG E 71 77.12 -23.77 7.87
N GLY E 72 76.94 -24.56 6.81
CA GLY E 72 75.82 -25.48 6.76
C GLY E 72 76.03 -26.62 7.75
N VAL E 73 74.94 -27.00 8.41
CA VAL E 73 75.02 -27.95 9.52
C VAL E 73 74.24 -29.21 9.17
N LYS E 74 74.68 -30.32 9.76
CA LYS E 74 74.02 -31.61 9.63
C LYS E 74 73.93 -32.25 11.00
N LEU E 75 72.93 -33.13 11.16
CA LEU E 75 72.72 -33.79 12.44
C LEU E 75 73.76 -34.88 12.64
N SER E 76 74.35 -34.91 13.83
CA SER E 76 75.33 -35.91 14.23
C SER E 76 74.79 -36.68 15.43
N PHE E 77 74.84 -38.00 15.34
CA PHE E 77 74.31 -38.89 16.36
C PHE E 77 75.45 -39.65 17.00
N GLY E 78 75.49 -39.65 18.34
CA GLY E 78 76.54 -40.31 19.08
C GLY E 78 76.21 -41.75 19.41
N ASP E 79 76.84 -42.25 20.48
CA ASP E 79 76.57 -43.61 20.91
C ASP E 79 75.13 -43.79 21.35
N GLY E 80 74.58 -42.80 22.06
CA GLY E 80 73.21 -42.88 22.54
C GLY E 80 73.05 -42.31 23.93
N THR E 81 74.15 -42.23 24.68
CA THR E 81 74.10 -41.67 26.03
C THR E 81 73.72 -40.20 26.00
N THR E 82 74.27 -39.44 25.05
CA THR E 82 74.01 -38.01 24.92
C THR E 82 73.11 -37.75 23.72
N GLU E 83 72.52 -36.56 23.71
CA GLU E 83 71.61 -36.18 22.64
C GLU E 83 72.37 -35.88 21.35
N LEU E 84 71.62 -35.64 20.28
CA LEU E 84 72.21 -35.34 18.99
C LEU E 84 72.81 -33.94 18.98
N GLU E 85 73.74 -33.72 18.05
CA GLU E 85 74.41 -32.44 17.90
C GLU E 85 74.38 -32.02 16.43
N VAL E 86 74.99 -30.88 16.13
CA VAL E 86 75.11 -30.38 14.77
C VAL E 86 76.59 -30.22 14.43
N GLU E 87 76.96 -30.64 13.22
CA GLU E 87 78.34 -30.56 12.78
C GLU E 87 78.39 -29.98 11.37
N ALA E 88 79.51 -29.34 11.05
CA ALA E 88 79.67 -28.74 9.74
C ALA E 88 79.60 -29.80 8.65
N GLY E 89 78.68 -29.60 7.70
CA GLY E 89 78.49 -30.57 6.65
C GLY E 89 77.52 -30.07 5.62
N GLY E 90 77.31 -30.88 4.60
CA GLY E 90 76.40 -30.54 3.52
C GLY E 90 75.99 -31.76 2.73
N GLY E 91 75.83 -31.58 1.42
CA GLY E 91 75.43 -32.69 0.57
C GLY E 91 74.00 -33.11 0.84
N ASP E 92 73.79 -34.41 0.96
CA ASP E 92 72.46 -34.96 1.20
C ASP E 92 72.06 -34.91 2.67
N ASP E 93 72.97 -34.55 3.56
CA ASP E 93 72.71 -34.53 4.99
C ASP E 93 72.44 -33.12 5.52
N LEU E 94 72.36 -32.12 4.64
CA LEU E 94 72.21 -30.74 5.09
C LEU E 94 70.88 -30.54 5.81
N TYR E 95 70.96 -30.11 7.07
CA TYR E 95 69.78 -29.85 7.88
C TYR E 95 69.43 -28.38 7.96
N GLY E 96 70.42 -27.50 7.91
CA GLY E 96 70.16 -26.08 7.99
C GLY E 96 71.43 -25.27 7.88
N VAL E 97 71.35 -24.02 8.31
CA VAL E 97 72.49 -23.10 8.26
C VAL E 97 72.66 -22.47 9.64
N CYS E 98 73.87 -22.56 10.19
CA CYS E 98 74.17 -21.96 11.48
C CYS E 98 74.50 -20.49 11.29
N SER E 99 73.85 -19.64 12.09
CA SER E 99 74.04 -18.19 11.99
C SER E 99 74.65 -17.56 13.23
N ASP E 100 74.71 -18.26 14.36
CA ASP E 100 75.25 -17.69 15.58
C ASP E 100 75.69 -18.82 16.50
N ILE E 101 76.64 -18.51 17.37
CA ILE E 101 77.11 -19.45 18.39
C ILE E 101 77.27 -18.70 19.71
N ASP E 102 76.70 -19.26 20.77
CA ASP E 102 76.98 -18.83 22.13
C ASP E 102 78.10 -19.74 22.65
N GLU E 103 79.27 -19.15 22.88
CA GLU E 103 80.45 -19.94 23.21
C GLU E 103 80.40 -20.48 24.63
N PHE E 104 79.85 -19.71 25.56
CA PHE E 104 79.84 -20.13 26.96
C PHE E 104 79.05 -21.41 27.14
N SER E 105 77.87 -21.50 26.52
CA SER E 105 77.04 -22.69 26.58
C SER E 105 77.31 -23.68 25.45
N GLY E 106 78.14 -23.31 24.48
CA GLY E 106 78.38 -24.17 23.34
C GLY E 106 77.13 -24.42 22.50
N MET E 107 76.32 -23.38 22.30
CA MET E 107 75.04 -23.51 21.64
C MET E 107 75.12 -22.93 20.23
N ALA E 108 74.65 -23.70 19.24
CA ALA E 108 74.62 -23.27 17.86
C ALA E 108 73.19 -22.94 17.47
N THR E 109 72.98 -21.71 16.99
CA THR E 109 71.69 -21.29 16.45
C THR E 109 71.55 -21.75 15.02
N VAL E 110 70.42 -22.39 14.70
CA VAL E 110 70.20 -23.00 13.41
C VAL E 110 68.91 -22.45 12.81
N ILE E 111 68.98 -22.10 11.53
CA ILE E 111 67.82 -21.75 10.72
C ILE E 111 67.57 -22.93 9.77
N PRO E 112 66.42 -23.60 9.86
CA PRO E 112 66.23 -24.82 9.07
C PRO E 112 66.22 -24.54 7.57
N ILE E 113 66.55 -25.58 6.81
CA ILE E 113 66.59 -25.47 5.35
C ILE E 113 65.22 -25.16 4.77
N THR E 114 64.15 -25.44 5.52
CA THR E 114 62.79 -25.10 5.08
C THR E 114 62.47 -23.62 5.24
N ASN E 115 63.34 -22.85 5.87
CA ASN E 115 63.15 -21.42 6.07
C ASN E 115 64.14 -20.64 5.22
N ASN E 116 63.68 -19.54 4.64
CA ASN E 116 64.52 -18.72 3.79
C ASN E 116 65.59 -18.02 4.62
N PHE E 117 66.80 -17.96 4.08
CA PHE E 117 67.92 -17.31 4.74
C PHE E 117 68.69 -16.45 3.73
N THR E 118 69.11 -15.27 4.18
CA THR E 118 69.92 -14.37 3.37
C THR E 118 70.98 -13.75 4.26
N GLY E 119 72.24 -14.02 3.97
CA GLY E 119 73.30 -13.50 4.81
C GLY E 119 74.67 -13.92 4.32
N TYR E 120 75.67 -13.59 5.13
CA TYR E 120 77.06 -13.88 4.82
C TYR E 120 77.42 -15.27 5.31
N LEU E 121 77.99 -16.08 4.42
CA LEU E 121 78.37 -17.45 4.73
C LEU E 121 79.77 -17.72 4.22
N THR E 122 80.43 -18.70 4.84
CA THR E 122 81.79 -19.07 4.47
C THR E 122 81.82 -19.66 3.06
N LEU E 123 82.85 -19.30 2.30
CA LEU E 123 83.02 -19.76 0.94
C LEU E 123 84.30 -20.56 0.83
N LYS E 124 84.28 -21.57 -0.04
CA LYS E 124 85.44 -22.43 -0.24
C LYS E 124 86.61 -21.63 -0.79
N LYS E 125 87.82 -21.92 -0.29
CA LYS E 125 89.03 -21.23 -0.74
C LYS E 125 89.58 -21.91 -1.99
N ASP E 126 88.76 -21.91 -3.03
CA ASP E 126 89.15 -22.46 -4.32
C ASP E 126 88.21 -21.89 -5.37
N GLY E 127 88.76 -21.12 -6.31
CA GLY E 127 87.92 -20.46 -7.29
C GLY E 127 87.07 -19.33 -6.73
N GLN E 128 87.48 -18.75 -5.60
CA GLN E 128 86.72 -17.65 -5.02
C GLN E 128 86.67 -16.44 -5.93
N ASN E 129 87.70 -16.24 -6.75
CA ASN E 129 87.68 -15.13 -7.70
C ASN E 129 86.60 -15.31 -8.76
N GLY E 130 86.28 -16.55 -9.11
CA GLY E 130 85.23 -16.82 -10.08
C GLY E 130 83.82 -16.62 -9.56
N VAL E 131 83.66 -16.44 -8.25
CA VAL E 131 82.34 -16.24 -7.66
C VAL E 131 81.87 -14.82 -7.95
N ASN E 132 80.75 -14.69 -8.63
CA ASN E 132 80.15 -13.43 -9.00
C ASN E 132 78.68 -13.45 -8.64
N PRO E 133 78.06 -12.27 -8.47
CA PRO E 133 76.62 -12.24 -8.18
C PRO E 133 75.82 -12.95 -9.26
N GLY E 134 74.82 -13.71 -8.83
CA GLY E 134 74.01 -14.50 -9.74
C GLY E 134 74.53 -15.90 -10.02
N ASP E 135 75.50 -16.38 -9.24
CA ASP E 135 76.08 -17.70 -9.45
C ASP E 135 75.47 -18.70 -8.49
N LYS E 136 75.14 -19.88 -9.00
CA LYS E 136 74.57 -20.94 -8.17
C LYS E 136 75.62 -21.51 -7.23
N LEU E 137 75.24 -21.71 -5.98
CA LEU E 137 76.13 -22.21 -4.95
C LEU E 137 75.55 -23.45 -4.29
N ASN E 138 76.44 -24.34 -3.85
CA ASN E 138 76.05 -25.55 -3.15
C ASN E 138 77.00 -25.78 -1.98
N PHE E 139 76.49 -26.41 -0.93
CA PHE E 139 77.29 -26.71 0.24
C PHE E 139 78.12 -27.97 0.03
N ASN E 140 79.34 -27.97 0.55
CA ASN E 140 80.24 -29.11 0.43
C ASN E 140 80.23 -29.92 1.72
N GLN E 141 81.14 -30.89 1.80
CA GLN E 141 81.21 -31.76 2.98
C GLN E 141 81.59 -31.02 4.24
N HIS E 142 82.24 -29.86 4.13
CA HIS E 142 82.65 -29.08 5.28
C HIS E 142 81.72 -27.91 5.58
N GLY E 143 80.54 -27.88 4.97
CA GLY E 143 79.63 -26.77 5.19
C GLY E 143 80.04 -25.47 4.54
N GLU E 144 80.85 -25.53 3.48
CA GLU E 144 81.33 -24.35 2.78
C GLU E 144 80.63 -24.25 1.43
N LEU E 145 80.29 -23.02 1.04
CA LEU E 145 79.65 -22.78 -0.24
C LEU E 145 80.67 -22.84 -1.37
N GLU E 146 80.28 -23.47 -2.47
CA GLU E 146 81.13 -23.56 -3.66
C GLU E 146 80.27 -23.43 -4.90
N LYS E 147 80.89 -22.92 -5.97
CA LYS E 147 80.17 -22.72 -7.22
C LYS E 147 79.83 -24.06 -7.86
N VAL E 148 78.59 -24.20 -8.31
CA VAL E 148 78.14 -25.43 -8.94
C VAL E 148 78.76 -25.60 -10.31
N LYS E 153 73.11 -28.31 -6.98
CA LYS E 153 72.59 -29.55 -7.56
C LYS E 153 71.40 -30.07 -6.75
N SER E 154 71.43 -29.80 -5.44
CA SER E 154 70.34 -30.22 -4.56
C SER E 154 69.86 -29.12 -3.62
N VAL E 155 70.59 -28.02 -3.49
CA VAL E 155 70.23 -26.93 -2.60
C VAL E 155 70.25 -25.63 -3.41
N ASN E 156 69.18 -24.85 -3.29
CA ASN E 156 69.04 -23.60 -4.03
C ASN E 156 69.73 -22.49 -3.25
N ALA E 157 70.95 -22.16 -3.64
CA ALA E 157 71.70 -21.05 -3.06
C ALA E 157 72.25 -20.19 -4.19
N ILE E 158 72.03 -18.88 -4.09
CA ILE E 158 72.47 -17.93 -5.11
C ILE E 158 73.34 -16.88 -4.45
N ALA E 159 74.52 -16.66 -5.02
CA ALA E 159 75.43 -15.65 -4.49
C ALA E 159 74.94 -14.26 -4.88
N LEU E 160 74.88 -13.37 -3.90
CA LEU E 160 74.41 -12.00 -4.11
C LEU E 160 75.54 -10.98 -4.17
N SER E 161 76.79 -11.41 -4.04
CA SER E 161 77.94 -10.52 -4.07
C SER E 161 79.17 -11.32 -4.44
N LYS E 162 80.34 -10.71 -4.28
CA LYS E 162 81.61 -11.36 -4.54
C LYS E 162 82.28 -11.75 -3.24
N ALA E 163 83.31 -12.60 -3.35
CA ALA E 163 84.00 -13.10 -2.18
C ALA E 163 84.75 -11.97 -1.48
N HIS E 164 84.56 -11.86 -0.18
CA HIS E 164 85.27 -10.90 0.67
C HIS E 164 86.25 -11.68 1.55
N LYS E 165 87.53 -11.34 1.43
CA LYS E 165 88.58 -12.05 2.15
C LYS E 165 88.81 -11.38 3.49
N LEU E 166 88.52 -12.11 4.58
CA LEU E 166 88.76 -11.58 5.92
C LEU E 166 90.07 -12.07 6.51
N THR E 167 90.58 -13.20 6.05
CA THR E 167 91.85 -13.76 6.49
C THR E 167 92.44 -14.50 5.29
N GLU E 168 93.73 -14.83 5.38
CA GLU E 168 94.40 -15.50 4.27
C GLU E 168 93.68 -16.77 3.86
N ASP E 169 92.99 -17.43 4.80
CA ASP E 169 92.23 -18.63 4.50
C ASP E 169 90.73 -18.48 4.71
N LEU E 170 90.26 -17.31 5.14
CA LEU E 170 88.86 -17.09 5.45
C LEU E 170 88.23 -16.18 4.41
N PHE E 171 87.22 -16.69 3.71
CA PHE E 171 86.48 -15.94 2.70
C PHE E 171 84.99 -16.04 3.00
N ILE E 172 84.28 -14.91 2.95
CA ILE E 172 82.85 -14.89 3.14
C ILE E 172 82.19 -14.44 1.85
N VAL E 173 80.88 -14.68 1.75
CA VAL E 173 80.12 -14.27 0.58
C VAL E 173 78.66 -14.11 0.99
N LEU E 174 77.99 -13.13 0.39
CA LEU E 174 76.57 -12.90 0.64
C LEU E 174 75.76 -13.82 -0.24
N ALA E 175 74.91 -14.64 0.36
CA ALA E 175 74.14 -15.63 -0.38
C ALA E 175 72.76 -15.77 0.23
N SER E 176 71.82 -16.23 -0.60
CA SER E 176 70.45 -16.51 -0.20
C SER E 176 70.16 -17.99 -0.43
N VAL E 177 69.66 -18.65 0.61
CA VAL E 177 69.27 -20.06 0.53
C VAL E 177 67.77 -20.13 0.71
N PHE E 178 67.08 -20.69 -0.28
CA PHE E 178 65.61 -20.75 -0.28
C PHE E 178 65.12 -22.17 -0.57
N GLY E 179 65.72 -23.15 0.11
CA GLY E 179 65.22 -24.50 0.13
C GLY E 179 65.93 -25.40 -0.87
N ASN E 180 65.56 -26.68 -0.80
CA ASN E 180 66.10 -27.70 -1.69
C ASN E 180 65.45 -27.61 -3.06
N ARG E 181 66.18 -28.08 -4.07
CA ARG E 181 65.70 -28.09 -5.45
C ARG E 181 65.48 -29.52 -5.92
N ALA E 182 64.74 -29.65 -7.02
CA ALA E 182 64.45 -30.94 -7.60
C ALA E 182 65.67 -31.51 -8.32
N THR F 4 42.87 15.25 -34.35
CA THR F 4 42.17 15.60 -33.11
C THR F 4 41.31 14.43 -32.63
N THR F 5 40.24 14.13 -33.38
CA THR F 5 39.38 13.01 -33.03
C THR F 5 40.14 11.69 -33.09
N GLN F 6 40.96 11.51 -34.12
CA GLN F 6 41.77 10.29 -34.22
C GLN F 6 42.78 10.23 -33.08
N LEU F 7 43.34 11.38 -32.69
CA LEU F 7 44.26 11.42 -31.56
C LEU F 7 43.54 11.00 -30.28
N VAL F 8 42.31 11.46 -30.08
CA VAL F 8 41.54 11.07 -28.90
C VAL F 8 41.24 9.57 -28.91
N LYS F 9 40.87 9.05 -30.07
CA LYS F 9 40.62 7.61 -30.18
C LYS F 9 41.87 6.80 -29.86
N GLU F 10 43.02 7.21 -30.40
CA GLU F 10 44.28 6.52 -30.09
C GLU F 10 44.60 6.62 -28.61
N TYR F 11 44.32 7.77 -27.99
CA TYR F 11 44.52 7.91 -26.56
C TYR F 11 43.66 6.92 -25.78
N GLN F 12 42.39 6.77 -26.16
CA GLN F 12 41.52 5.81 -25.49
C GLN F 12 42.06 4.38 -25.66
N GLU F 13 42.48 4.02 -26.87
CA GLU F 13 42.98 2.68 -27.10
C GLU F 13 44.23 2.40 -26.27
N LYS F 14 45.18 3.33 -26.28
CA LYS F 14 46.42 3.14 -25.52
C LYS F 14 46.14 3.09 -24.02
N ARG F 15 45.24 3.95 -23.53
CA ARG F 15 44.92 3.92 -22.10
C ARG F 15 44.27 2.61 -21.71
N SER F 16 43.35 2.10 -22.54
CA SER F 16 42.72 0.82 -22.24
C SER F 16 43.73 -0.31 -22.25
N LYS F 17 44.63 -0.34 -23.25
CA LYS F 17 45.65 -1.38 -23.30
C LYS F 17 46.57 -1.32 -22.09
N LEU F 18 46.97 -0.11 -21.68
CA LEU F 18 47.86 0.02 -20.54
C LEU F 18 47.18 -0.36 -19.24
N GLU F 19 45.93 0.06 -19.04
CA GLU F 19 45.20 -0.24 -17.83
C GLU F 19 44.71 -1.68 -17.78
N LYS F 20 44.74 -2.41 -18.90
CA LYS F 20 44.45 -3.84 -18.86
C LYS F 20 45.46 -4.57 -17.99
N PHE F 21 46.74 -4.22 -18.09
CA PHE F 21 47.78 -4.79 -17.24
C PHE F 21 47.97 -3.94 -15.98
N MET F 22 46.92 -3.88 -15.18
CA MET F 22 46.96 -3.12 -13.93
C MET F 22 46.11 -3.84 -12.90
N LYS F 23 46.60 -3.84 -11.65
CA LYS F 23 45.89 -4.52 -10.57
C LYS F 23 44.57 -3.82 -10.26
N ASN F 24 44.61 -2.51 -10.06
CA ASN F 24 43.42 -1.72 -9.75
C ASN F 24 43.42 -0.45 -10.59
N PRO F 25 43.15 -0.57 -11.90
CA PRO F 25 43.08 0.63 -12.74
C PRO F 25 41.95 1.54 -12.31
N GLN F 26 42.18 2.85 -12.41
CA GLN F 26 41.22 3.85 -11.98
C GLN F 26 40.36 4.24 -13.18
N HIS F 27 39.17 3.65 -13.27
CA HIS F 27 38.22 3.93 -14.33
C HIS F 27 36.97 4.57 -13.72
N ASP F 28 36.80 5.86 -13.96
CA ASP F 28 35.59 6.54 -13.49
C ASP F 28 34.37 6.06 -14.30
N ALA F 29 33.28 5.82 -13.59
CA ALA F 29 32.05 5.31 -14.19
C ALA F 29 30.93 6.32 -14.01
N SER F 30 30.07 6.43 -15.02
CA SER F 30 28.96 7.37 -14.95
C SER F 30 27.86 6.90 -13.99
N LEU F 31 27.82 5.61 -13.67
CA LEU F 31 26.76 5.06 -12.83
C LEU F 31 27.33 3.92 -12.00
N LEU F 32 26.67 3.65 -10.88
CA LEU F 32 27.10 2.58 -9.98
C LEU F 32 26.73 1.22 -10.55
N SER F 33 27.41 0.19 -10.03
CA SER F 33 27.17 -1.19 -10.41
C SER F 33 26.46 -1.92 -9.27
N ASN F 34 25.69 -2.94 -9.63
CA ASN F 34 24.92 -3.72 -8.68
C ASN F 34 25.65 -5.02 -8.38
N SER F 35 26.06 -5.20 -7.12
CA SER F 35 26.74 -6.41 -6.67
C SER F 35 26.20 -6.83 -5.31
N ASN F 36 24.87 -6.73 -5.14
CA ASN F 36 24.27 -7.06 -3.85
C ASN F 36 24.40 -8.54 -3.52
N GLU F 37 24.33 -9.41 -4.53
CA GLU F 37 24.54 -10.84 -4.30
C GLU F 37 25.94 -11.08 -3.75
N PHE F 38 26.03 -11.88 -2.69
CA PHE F 38 27.27 -12.08 -1.96
C PHE F 38 28.10 -13.24 -2.50
N ARG F 39 27.74 -13.77 -3.67
CA ARG F 39 28.43 -14.93 -4.23
C ARG F 39 29.17 -14.54 -5.51
N ASP F 40 30.32 -15.18 -5.73
CA ASP F 40 31.14 -14.96 -6.92
C ASP F 40 31.59 -13.51 -7.06
N LYS F 41 31.95 -12.90 -5.93
CA LYS F 41 32.54 -11.57 -5.93
C LYS F 41 34.04 -11.58 -5.72
N ASN F 42 34.64 -12.76 -5.57
CA ASN F 42 36.06 -12.86 -5.24
C ASN F 42 36.97 -13.05 -6.45
N VAL F 43 36.41 -13.47 -7.59
CA VAL F 43 37.22 -13.72 -8.78
C VAL F 43 37.36 -12.41 -9.55
N GLU F 44 38.35 -11.62 -9.12
CA GLU F 44 38.65 -10.34 -9.76
C GLU F 44 40.16 -10.15 -9.78
N PHE F 45 40.63 -9.33 -10.73
CA PHE F 45 42.05 -9.08 -10.85
C PHE F 45 42.61 -8.25 -9.70
N PHE F 46 41.76 -7.47 -9.02
CA PHE F 46 42.19 -6.64 -7.92
C PHE F 46 42.17 -7.35 -6.57
N ALA F 47 41.76 -8.63 -6.55
CA ALA F 47 41.72 -9.40 -5.31
C ALA F 47 43.15 -9.79 -4.95
N SER F 48 43.81 -8.93 -4.18
CA SER F 48 45.18 -9.16 -3.78
C SER F 48 45.25 -10.14 -2.61
N GLY F 49 46.45 -10.59 -2.31
CA GLY F 49 46.64 -11.55 -1.23
C GLY F 49 46.27 -12.96 -1.64
N GLY F 50 45.93 -13.76 -0.64
CA GLY F 50 45.53 -15.13 -0.87
C GLY F 50 44.18 -15.42 -0.25
N THR F 51 43.56 -16.52 -0.71
CA THR F 51 42.26 -16.92 -0.17
C THR F 51 42.38 -17.26 1.31
N ARG F 52 43.41 -18.01 1.69
CA ARG F 52 43.67 -18.34 3.09
C ARG F 52 45.10 -17.94 3.42
N THR F 53 45.26 -17.15 4.48
CA THR F 53 46.56 -16.60 4.86
C THR F 53 46.81 -16.86 6.34
N SER F 54 48.04 -17.24 6.67
CA SER F 54 48.45 -17.47 8.04
C SER F 54 49.15 -16.23 8.59
N LYS F 55 49.08 -16.07 9.92
CA LYS F 55 49.71 -14.92 10.56
C LYS F 55 51.22 -14.96 10.42
N PHE F 56 51.81 -16.15 10.34
CA PHE F 56 53.26 -16.31 10.33
C PHE F 56 53.80 -16.56 8.93
N ASP F 57 53.21 -15.93 7.92
CA ASP F 57 53.68 -16.04 6.54
C ASP F 57 54.78 -15.02 6.28
N LYS F 58 55.78 -15.43 5.50
CA LYS F 58 56.92 -14.58 5.20
C LYS F 58 56.67 -13.82 3.89
N LEU F 59 56.76 -12.50 3.96
CA LEU F 59 56.56 -11.63 2.80
C LEU F 59 57.79 -10.75 2.63
N GLU F 60 58.31 -10.67 1.39
CA GLU F 60 59.48 -9.86 1.11
C GLU F 60 59.15 -8.87 0.00
N ASN F 61 59.52 -7.60 0.20
CA ASN F 61 59.28 -6.56 -0.79
C ASN F 61 60.55 -6.31 -1.59
N HIS F 62 60.40 -6.26 -2.92
CA HIS F 62 61.52 -6.06 -3.81
C HIS F 62 61.12 -5.13 -4.95
N PRO F 63 62.06 -4.36 -5.48
CA PRO F 63 61.81 -3.66 -6.74
C PRO F 63 61.55 -4.66 -7.87
N PHE F 64 60.65 -4.30 -8.76
CA PHE F 64 60.26 -5.19 -9.86
C PHE F 64 60.43 -4.48 -11.20
N LEU F 65 60.68 -5.28 -12.23
CA LEU F 65 60.75 -4.81 -13.61
C LEU F 65 59.67 -5.52 -14.42
N GLY F 66 58.85 -4.75 -15.12
CA GLY F 66 57.72 -5.31 -15.83
C GLY F 66 56.47 -5.33 -14.98
N TYR F 67 55.60 -6.32 -15.20
CA TYR F 67 54.36 -6.47 -14.43
C TYR F 67 54.26 -7.91 -13.96
N PRO F 68 54.84 -8.24 -12.80
CA PRO F 68 54.82 -9.62 -12.30
C PRO F 68 53.64 -9.95 -11.38
N TYR F 69 52.60 -9.13 -11.35
CA TYR F 69 51.48 -9.35 -10.44
C TYR F 69 50.85 -10.72 -10.66
N LYS F 70 50.59 -11.42 -9.55
CA LYS F 70 49.95 -12.74 -9.58
C LYS F 70 50.70 -13.71 -10.49
N ARG F 71 52.03 -13.66 -10.43
CA ARG F 71 52.88 -14.49 -11.28
C ARG F 71 54.10 -14.95 -10.50
N GLY F 72 54.69 -16.04 -10.97
CA GLY F 72 55.96 -16.48 -10.40
C GLY F 72 57.08 -15.53 -10.77
N VAL F 73 57.92 -15.23 -9.78
CA VAL F 73 58.97 -14.24 -9.93
C VAL F 73 60.32 -14.88 -9.64
N LYS F 74 61.34 -14.36 -10.32
CA LYS F 74 62.72 -14.80 -10.21
C LYS F 74 63.60 -13.59 -9.93
N ARG F 75 64.78 -13.86 -9.39
CA ARG F 75 65.73 -12.81 -9.01
C ARG F 75 66.71 -12.57 -10.15
N VAL F 76 66.86 -11.31 -10.55
CA VAL F 76 67.80 -10.91 -11.59
C VAL F 76 68.73 -9.87 -11.00
N ILE F 77 70.03 -10.12 -11.11
CA ILE F 77 71.07 -9.25 -10.55
C ILE F 77 71.73 -8.50 -11.70
N GLN F 78 71.81 -7.18 -11.59
CA GLN F 78 72.43 -6.36 -12.63
C GLN F 78 73.93 -6.63 -12.71
N HIS F 86 74.97 0.96 -11.13
CA HIS F 86 74.54 -0.37 -10.70
C HIS F 86 73.47 -0.27 -9.63
N TYR F 87 72.44 -1.10 -9.72
CA TYR F 87 71.32 -1.09 -8.78
C TYR F 87 71.18 -2.46 -8.12
N GLU F 88 70.29 -2.51 -7.14
CA GLU F 88 70.04 -3.74 -6.41
C GLU F 88 69.32 -4.76 -7.29
N PRO F 89 69.46 -6.05 -6.99
CA PRO F 89 68.74 -7.06 -7.77
C PRO F 89 67.24 -6.90 -7.64
N HIS F 90 66.53 -7.30 -8.70
CA HIS F 90 65.09 -7.07 -8.81
C HIS F 90 64.38 -8.35 -9.20
N VAL F 91 63.09 -8.40 -8.87
CA VAL F 91 62.25 -9.55 -9.21
C VAL F 91 61.63 -9.32 -10.57
N GLU F 92 61.56 -10.38 -11.37
CA GLU F 92 61.03 -10.31 -12.72
C GLU F 92 60.16 -11.54 -12.97
N ALA F 93 59.08 -11.36 -13.72
CA ALA F 93 58.17 -12.45 -14.03
C ALA F 93 58.90 -13.57 -14.77
N GLY F 94 59.02 -14.73 -14.12
CA GLY F 94 59.69 -15.86 -14.72
C GLY F 94 59.51 -17.09 -13.87
N GLY F 95 59.74 -18.25 -14.50
CA GLY F 95 59.59 -19.51 -13.82
C GLY F 95 60.70 -20.50 -14.12
N GLY F 96 60.33 -21.75 -14.40
CA GLY F 96 61.32 -22.76 -14.67
C GLY F 96 62.14 -23.10 -13.43
N GLU F 97 63.43 -23.33 -13.64
CA GLU F 97 64.35 -23.65 -12.55
C GLU F 97 64.88 -22.42 -11.85
N ASP F 98 64.52 -21.22 -12.30
CA ASP F 98 64.95 -19.97 -11.70
C ASP F 98 63.91 -19.38 -10.77
N LEU F 99 62.83 -20.11 -10.48
CA LEU F 99 61.73 -19.56 -9.70
C LEU F 99 62.19 -19.28 -8.27
N TYR F 100 62.10 -18.01 -7.86
CA TYR F 100 62.42 -17.61 -6.50
C TYR F 100 61.21 -17.47 -5.62
N GLY F 101 60.06 -17.09 -6.17
CA GLY F 101 58.87 -16.96 -5.36
C GLY F 101 57.67 -16.64 -6.21
N ILE F 102 56.63 -16.10 -5.58
CA ILE F 102 55.43 -15.70 -6.29
C ILE F 102 54.99 -14.32 -5.79
N CYS F 103 54.63 -13.44 -6.72
CA CYS F 103 54.18 -12.09 -6.37
C CYS F 103 52.70 -12.11 -6.04
N ILE F 104 52.35 -11.52 -4.89
CA ILE F 104 50.96 -11.50 -4.43
C ILE F 104 50.41 -10.09 -4.32
N ASP F 105 51.23 -9.06 -4.43
CA ASP F 105 50.76 -7.68 -4.32
C ASP F 105 51.79 -6.76 -4.95
N ILE F 106 51.32 -5.60 -5.40
CA ILE F 106 52.19 -4.59 -6.00
C ILE F 106 51.72 -3.22 -5.57
N ASP F 107 52.64 -2.41 -5.04
CA ASP F 107 52.43 -0.98 -4.82
C ASP F 107 53.03 -0.25 -6.02
N GLU F 108 52.15 0.31 -6.86
CA GLU F 108 52.59 0.93 -8.10
C GLU F 108 53.27 2.27 -7.87
N PHE F 109 52.89 3.01 -6.84
CA PHE F 109 53.52 4.29 -6.55
C PHE F 109 55.01 4.10 -6.27
N SER F 110 55.34 3.18 -5.36
CA SER F 110 56.73 2.86 -5.06
C SER F 110 57.32 1.83 -6.02
N LYS F 111 56.51 1.26 -6.90
CA LYS F 111 56.95 0.17 -7.80
C LYS F 111 57.62 -0.94 -7.01
N THR F 112 56.93 -1.41 -5.98
CA THR F 112 57.45 -2.45 -5.09
C THR F 112 56.51 -3.65 -5.09
N ALA F 113 57.07 -4.84 -5.34
CA ALA F 113 56.28 -6.06 -5.36
C ALA F 113 56.51 -6.85 -4.08
N THR F 114 55.43 -7.44 -3.57
CA THR F 114 55.48 -8.32 -2.41
C THR F 114 55.48 -9.76 -2.89
N ILE F 115 56.45 -10.54 -2.39
CA ILE F 115 56.70 -11.88 -2.86
C ILE F 115 56.64 -12.83 -1.67
N VAL F 116 55.95 -13.96 -1.87
CA VAL F 116 56.03 -15.11 -0.96
C VAL F 116 57.10 -16.04 -1.50
N PRO F 117 58.15 -16.34 -0.72
CA PRO F 117 59.18 -17.25 -1.22
C PRO F 117 58.66 -18.66 -1.38
N ILE F 118 59.34 -19.41 -2.25
CA ILE F 118 58.94 -20.79 -2.52
C ILE F 118 59.06 -21.67 -1.28
N THR F 119 59.84 -21.22 -0.28
CA THR F 119 59.94 -21.97 0.97
C THR F 119 58.61 -22.01 1.73
N ASN F 120 57.72 -21.06 1.48
CA ASN F 120 56.43 -21.00 2.14
C ASN F 120 55.34 -21.54 1.20
N ASN F 121 54.22 -21.93 1.79
CA ASN F 121 53.09 -22.47 1.04
C ASN F 121 52.04 -21.39 0.87
N PHE F 122 51.40 -21.39 -0.31
CA PHE F 122 50.43 -20.37 -0.67
C PHE F 122 49.20 -21.02 -1.27
N GLU F 123 48.06 -20.38 -1.07
CA GLU F 123 46.78 -20.84 -1.64
C GLU F 123 46.05 -19.61 -2.17
N GLY F 124 45.90 -19.52 -3.48
CA GLY F 124 45.24 -18.35 -4.04
C GLY F 124 45.16 -18.41 -5.54
N TYR F 125 44.67 -17.31 -6.12
CA TYR F 125 44.45 -17.23 -7.56
C TYR F 125 45.70 -16.69 -8.24
N LEU F 126 46.11 -17.34 -9.32
CA LEU F 126 47.30 -16.97 -10.07
C LEU F 126 46.97 -16.96 -11.56
N VAL F 127 47.77 -16.22 -12.32
CA VAL F 127 47.56 -16.11 -13.76
C VAL F 127 47.86 -17.44 -14.43
N ALA F 128 46.93 -17.90 -15.27
CA ALA F 128 47.08 -19.15 -16.00
C ALA F 128 47.42 -18.86 -17.45
N LYS F 129 48.09 -19.82 -18.09
CA LYS F 129 48.49 -19.64 -19.49
C LYS F 129 47.28 -19.55 -20.41
N ASP F 130 46.28 -20.41 -20.21
CA ASP F 130 45.10 -20.42 -21.05
C ASP F 130 43.97 -21.11 -20.28
N SER F 131 42.82 -21.22 -20.93
CA SER F 131 41.64 -21.84 -20.33
C SER F 131 41.59 -23.33 -20.63
N THR F 132 42.68 -24.04 -20.33
CA THR F 132 42.76 -25.49 -20.51
C THR F 132 43.16 -26.18 -19.21
N VAL F 133 42.83 -25.56 -18.07
CA VAL F 133 43.20 -26.07 -16.76
C VAL F 133 41.95 -26.53 -16.04
N LYS F 134 41.98 -27.76 -15.52
CA LYS F 134 40.88 -28.36 -14.80
C LYS F 134 41.31 -28.66 -13.36
N VAL F 135 40.33 -29.00 -12.53
CA VAL F 135 40.61 -29.34 -11.13
C VAL F 135 41.47 -30.61 -11.08
N LYS F 136 42.30 -30.70 -10.04
CA LYS F 136 43.16 -31.86 -9.81
C LYS F 136 44.14 -32.05 -10.98
N ASP F 137 44.86 -30.98 -11.30
CA ASP F 137 45.84 -30.99 -12.37
C ASP F 137 47.17 -30.45 -11.86
N LYS F 138 48.26 -31.03 -12.36
CA LYS F 138 49.60 -30.57 -12.01
C LYS F 138 49.99 -29.42 -12.91
N LEU F 139 50.49 -28.34 -12.32
CA LEU F 139 50.80 -27.11 -13.04
C LEU F 139 52.27 -26.75 -12.90
N ILE F 140 52.80 -26.08 -13.93
CA ILE F 140 54.18 -25.64 -13.97
C ILE F 140 54.21 -24.16 -14.33
N PHE F 141 55.20 -23.45 -13.77
CA PHE F 141 55.39 -22.05 -14.07
C PHE F 141 56.26 -21.91 -15.32
N ASN F 142 55.74 -21.22 -16.33
CA ASN F 142 56.44 -21.08 -17.60
C ASN F 142 57.45 -19.94 -17.53
N LYS F 143 58.01 -19.57 -18.68
CA LYS F 143 59.01 -18.51 -18.71
C LYS F 143 58.41 -17.15 -18.35
N ASP F 144 57.12 -16.97 -18.57
CA ASP F 144 56.45 -15.71 -18.27
C ASP F 144 55.83 -15.69 -16.89
N GLY F 145 56.06 -16.72 -16.07
CA GLY F 145 55.47 -16.77 -14.75
C GLY F 145 54.01 -17.15 -14.74
N ALA F 146 53.51 -17.77 -15.81
CA ALA F 146 52.12 -18.20 -15.89
C ALA F 146 52.04 -19.70 -15.64
N LEU F 147 50.90 -20.13 -15.09
CA LEU F 147 50.68 -21.52 -14.75
C LEU F 147 50.11 -22.26 -15.95
N GLU F 148 50.77 -23.36 -16.34
CA GLU F 148 50.38 -24.15 -17.48
C GLU F 148 50.26 -25.61 -17.08
N LYS F 149 49.40 -26.34 -17.78
CA LYS F 149 49.20 -27.75 -17.49
C LYS F 149 50.44 -28.56 -17.82
N VAL F 150 50.74 -29.55 -16.98
CA VAL F 150 51.90 -30.41 -17.19
C VAL F 150 51.70 -31.28 -18.42
N LYS F 156 58.72 -32.43 -15.84
CA LYS F 156 59.70 -31.42 -15.46
C LYS F 156 59.11 -30.45 -14.42
N ALA F 157 58.28 -30.98 -13.53
CA ALA F 157 57.65 -30.17 -12.49
C ALA F 157 58.58 -30.11 -11.30
N THR F 158 59.44 -29.09 -11.28
CA THR F 158 60.35 -28.91 -10.15
C THR F 158 59.60 -28.55 -8.88
N ILE F 159 58.44 -27.91 -9.01
CA ILE F 159 57.60 -27.55 -7.87
C ILE F 159 56.31 -28.34 -7.96
N ASN F 160 55.62 -28.45 -6.83
CA ASN F 160 54.38 -29.20 -6.73
C ASN F 160 53.22 -28.22 -6.51
N ALA F 161 52.42 -28.03 -7.57
CA ALA F 161 51.26 -27.16 -7.52
C ALA F 161 50.07 -27.88 -8.15
N THR F 162 48.92 -27.77 -7.49
CA THR F 162 47.70 -28.42 -7.94
C THR F 162 46.59 -27.39 -8.08
N ALA F 163 45.86 -27.45 -9.18
CA ALA F 163 44.76 -26.53 -9.41
C ALA F 163 43.54 -26.96 -8.60
N LEU F 164 42.97 -26.02 -7.86
CA LEU F 164 41.80 -26.31 -7.02
C LEU F 164 40.49 -26.02 -7.73
N THR F 165 40.48 -25.16 -8.74
CA THR F 165 39.28 -24.83 -9.50
C THR F 165 39.63 -24.85 -10.98
N ASP F 166 38.68 -24.44 -11.81
CA ASP F 166 38.90 -24.30 -13.24
C ASP F 166 39.35 -22.88 -13.57
N ALA F 167 39.95 -22.73 -14.75
CA ALA F 167 40.38 -21.42 -15.20
C ALA F 167 39.17 -20.53 -15.47
N LYS F 168 39.17 -19.34 -14.89
CA LYS F 168 38.09 -18.38 -15.04
C LYS F 168 38.59 -17.18 -15.80
N GLN F 169 37.81 -16.74 -16.79
CA GLN F 169 38.23 -15.71 -17.72
C GLN F 169 37.66 -14.36 -17.30
N ILE F 170 38.53 -13.36 -17.19
CA ILE F 170 38.10 -12.00 -16.91
C ILE F 170 38.37 -11.06 -18.08
N SER F 171 39.40 -11.34 -18.88
CA SER F 171 39.67 -10.58 -20.10
C SER F 171 40.12 -11.56 -21.18
N ASN F 172 40.48 -11.02 -22.35
CA ASN F 172 40.92 -11.88 -23.45
C ASN F 172 42.12 -12.72 -23.06
N GLU F 173 42.99 -12.20 -22.20
CA GLU F 173 44.15 -12.95 -21.72
C GLU F 173 44.18 -13.15 -20.21
N VAL F 174 43.26 -12.55 -19.46
CA VAL F 174 43.28 -12.65 -18.01
C VAL F 174 42.56 -13.94 -17.60
N TYR F 175 43.34 -14.92 -17.14
CA TYR F 175 42.83 -16.21 -16.70
C TYR F 175 43.29 -16.44 -15.27
N LEU F 176 42.34 -16.59 -14.35
CA LEU F 176 42.64 -16.82 -12.94
C LEU F 176 42.27 -18.25 -12.56
N VAL F 177 43.16 -18.91 -11.81
CA VAL F 177 42.92 -20.27 -11.35
C VAL F 177 43.36 -20.37 -9.88
N LYS F 178 42.55 -21.01 -9.06
CA LYS F 178 42.88 -21.19 -7.65
C LYS F 178 43.83 -22.37 -7.51
N VAL F 179 45.04 -22.09 -7.03
CA VAL F 179 46.11 -23.08 -6.95
C VAL F 179 46.73 -23.02 -5.56
N ALA F 180 47.09 -24.18 -5.03
CA ALA F 180 47.84 -24.30 -3.79
C ALA F 180 49.25 -24.80 -4.12
N VAL F 181 50.25 -23.98 -3.82
CA VAL F 181 51.65 -24.32 -4.02
C VAL F 181 52.28 -24.60 -2.66
N PHE F 182 52.90 -25.78 -2.53
CA PHE F 182 53.41 -26.25 -1.25
C PHE F 182 54.83 -26.79 -1.39
N GLY F 183 55.69 -26.03 -2.08
CA GLY F 183 57.10 -26.35 -2.10
C GLY F 183 57.64 -26.84 -3.43
N ASN F 184 58.67 -27.68 -3.38
CA ASN F 184 59.30 -28.24 -4.57
C ASN F 184 59.26 -29.76 -4.50
N LYS F 185 59.36 -30.38 -5.69
CA LYS F 185 59.40 -31.83 -5.79
C LYS F 185 60.86 -32.30 -5.68
N ALA F 186 61.10 -33.57 -5.94
CA ALA F 186 62.44 -34.13 -5.88
C ALA F 186 62.77 -34.92 -7.14
N ALA G 187 58.48 -8.15 50.66
CA ALA G 187 58.37 -8.36 49.23
C ALA G 187 58.29 -9.85 48.91
N SER G 188 57.25 -10.50 49.42
CA SER G 188 57.03 -11.92 49.19
C SER G 188 55.57 -12.18 48.90
N LEU G 189 55.30 -13.25 48.15
CA LEU G 189 53.92 -13.62 47.85
C LEU G 189 53.15 -14.05 49.09
N LEU G 190 53.84 -14.50 50.14
CA LEU G 190 53.17 -14.84 51.38
C LEU G 190 52.57 -13.62 52.06
N ASP G 191 53.04 -12.43 51.73
CA ASP G 191 52.51 -11.20 52.32
C ASP G 191 51.24 -10.80 51.56
N SER G 192 50.11 -10.76 52.27
CA SER G 192 48.85 -10.37 51.65
C SER G 192 48.88 -8.91 51.19
N ASN G 193 49.53 -8.04 51.97
CA ASN G 193 49.61 -6.62 51.63
C ASN G 193 50.49 -6.36 50.41
N PHE G 194 51.28 -7.33 49.96
CA PHE G 194 52.16 -7.12 48.82
C PHE G 194 51.37 -6.87 47.54
N VAL G 195 51.76 -5.83 46.81
CA VAL G 195 51.14 -5.51 45.52
C VAL G 195 52.26 -5.32 44.50
N PRO G 196 52.47 -6.27 43.58
CA PRO G 196 53.56 -6.13 42.61
C PRO G 196 53.28 -5.03 41.61
N ILE G 197 54.22 -4.10 41.49
CA ILE G 197 54.09 -3.05 40.49
C ILE G 197 54.39 -3.59 39.09
N ASN G 198 55.32 -4.53 38.97
CA ASN G 198 55.72 -5.03 37.67
C ASN G 198 56.16 -6.50 37.79
N PHE G 199 56.39 -7.10 36.63
CA PHE G 199 56.72 -8.53 36.58
C PHE G 199 58.07 -8.82 37.23
N THR G 200 59.01 -7.87 37.14
CA THR G 200 60.29 -8.06 37.82
C THR G 200 60.11 -8.15 39.33
N GLU G 201 59.29 -7.24 39.89
CA GLU G 201 58.98 -7.31 41.31
C GLU G 201 58.24 -8.59 41.65
N PHE G 202 57.35 -9.03 40.75
CA PHE G 202 56.64 -10.29 40.99
C PHE G 202 57.59 -11.47 41.06
N VAL G 203 58.58 -11.51 40.16
CA VAL G 203 59.55 -12.60 40.15
C VAL G 203 60.43 -12.53 41.40
N GLN G 204 60.84 -11.33 41.81
CA GLN G 204 61.60 -11.19 43.05
C GLN G 204 60.79 -11.67 44.24
N ALA G 205 59.49 -11.37 44.26
CA ALA G 205 58.62 -11.86 45.33
C ALA G 205 58.53 -13.37 45.30
N ILE G 206 58.48 -13.97 44.11
CA ILE G 206 58.47 -15.43 44.01
C ILE G 206 59.74 -16.02 44.62
N SER G 207 60.89 -15.43 44.28
CA SER G 207 62.15 -15.92 44.83
C SER G 207 62.20 -15.78 46.35
N ASN G 208 61.75 -14.63 46.86
CA ASN G 208 61.72 -14.44 48.30
C ASN G 208 60.78 -15.42 48.97
N THR G 209 59.64 -15.70 48.34
CA THR G 209 58.70 -16.67 48.89
C THR G 209 59.32 -18.06 48.94
N TYR G 210 60.05 -18.45 47.89
CA TYR G 210 60.72 -19.74 47.91
C TYR G 210 61.76 -19.80 49.03
N LYS G 211 62.52 -18.72 49.22
CA LYS G 211 63.51 -18.70 50.29
C LYS G 211 62.86 -18.82 51.66
N GLN G 212 61.77 -18.07 51.88
CA GLN G 212 61.06 -18.16 53.15
C GLN G 212 60.46 -19.55 53.36
N ARG G 213 59.98 -20.17 52.28
CA ARG G 213 59.42 -21.52 52.39
C ARG G 213 60.50 -22.52 52.80
N ARG G 214 61.69 -22.42 52.20
CA ARG G 214 62.74 -23.37 52.59
C ARG G 214 63.24 -23.09 54.01
N ILE G 215 63.28 -21.82 54.42
CA ILE G 215 63.65 -21.51 55.80
C ILE G 215 62.63 -22.09 56.76
N GLN G 216 61.34 -21.95 56.45
CA GLN G 216 60.30 -22.50 57.32
C GLN G 216 60.36 -24.03 57.35
N PHE G 217 60.65 -24.66 56.20
CA PHE G 217 60.78 -26.11 56.17
C PHE G 217 61.94 -26.56 57.06
N TYR G 218 63.08 -25.87 57.00
CA TYR G 218 64.20 -26.25 57.86
C TYR G 218 63.88 -25.99 59.33
N GLU G 219 63.12 -24.93 59.63
CA GLU G 219 62.72 -24.69 61.01
C GLU G 219 61.82 -25.80 61.53
N ASN G 220 60.86 -26.24 60.72
CA ASN G 220 59.91 -27.27 61.14
C ASN G 220 60.47 -28.68 61.09
N LEU G 221 61.54 -28.90 60.33
CA LEU G 221 62.08 -30.24 60.16
C LEU G 221 62.66 -30.78 61.46
N LYS G 222 62.35 -32.06 61.74
CA LYS G 222 62.90 -32.76 62.90
C LYS G 222 63.27 -34.16 62.44
N ARG G 223 64.56 -34.38 62.19
CA ARG G 223 65.03 -35.66 61.70
C ARG G 223 64.96 -36.73 62.79
N HIS G 224 64.62 -37.95 62.39
CA HIS G 224 64.47 -39.06 63.31
C HIS G 224 65.84 -39.67 63.59
N LYS G 225 66.32 -39.50 64.82
CA LYS G 225 67.58 -40.10 65.22
C LYS G 225 67.42 -41.61 65.45
N ARG G 226 68.52 -42.33 65.28
CA ARG G 226 68.53 -43.79 65.40
C ARG G 226 67.51 -44.44 64.47
N ALA H 187 54.68 21.44 23.11
CA ALA H 187 54.63 20.02 22.79
C ALA H 187 55.97 19.53 22.25
N SER H 188 57.00 19.58 23.10
CA SER H 188 58.33 19.13 22.73
C SER H 188 58.94 18.35 23.88
N LEU H 189 59.85 17.45 23.54
CA LEU H 189 60.53 16.64 24.55
C LEU H 189 61.44 17.48 25.44
N LEU H 190 61.85 18.66 24.98
CA LEU H 190 62.70 19.52 25.80
C LEU H 190 61.97 19.99 27.05
N ASP H 191 60.65 20.17 26.98
CA ASP H 191 59.87 20.58 28.13
C ASP H 191 59.69 19.41 29.08
N SER H 192 60.19 19.55 30.31
CA SER H 192 60.05 18.48 31.30
C SER H 192 58.61 18.34 31.77
N ASN H 193 57.86 19.44 31.79
CA ASN H 193 56.47 19.38 32.23
C ASN H 193 55.60 18.59 31.26
N PHE H 194 55.99 18.55 29.99
CA PHE H 194 55.20 17.83 28.99
C PHE H 194 55.20 16.33 29.28
N VAL H 195 54.02 15.74 29.28
CA VAL H 195 53.85 14.31 29.50
C VAL H 195 52.96 13.75 28.40
N PRO H 196 53.51 13.05 27.41
CA PRO H 196 52.67 12.51 26.33
C PRO H 196 51.73 11.42 26.83
N ILE H 197 50.58 11.34 26.19
CA ILE H 197 49.58 10.33 26.53
C ILE H 197 49.62 9.11 25.61
N ASN H 198 50.08 9.27 24.38
CA ASN H 198 50.10 8.17 23.43
C ASN H 198 51.27 8.35 22.47
N PHE H 199 51.52 7.29 21.69
CA PHE H 199 52.66 7.29 20.78
C PHE H 199 52.54 8.36 19.70
N THR H 200 51.30 8.71 19.32
CA THR H 200 51.12 9.78 18.35
C THR H 200 51.62 11.11 18.91
N GLU H 201 51.24 11.42 20.15
CA GLU H 201 51.74 12.63 20.79
C GLU H 201 53.25 12.57 20.97
N PHE H 202 53.77 11.39 21.30
CA PHE H 202 55.22 11.23 21.44
C PHE H 202 55.95 11.54 20.13
N VAL H 203 55.43 11.02 19.02
CA VAL H 203 56.05 11.27 17.71
C VAL H 203 55.94 12.74 17.33
N GLN H 204 54.79 13.36 17.59
CA GLN H 204 54.65 14.79 17.31
C GLN H 204 55.64 15.60 18.14
N ALA H 205 55.82 15.24 19.40
CA ALA H 205 56.79 15.93 20.25
C ALA H 205 58.21 15.74 19.73
N ILE H 206 58.52 14.54 19.23
CA ILE H 206 59.85 14.28 18.66
C ILE H 206 60.08 15.19 17.46
N SER H 207 59.08 15.29 16.57
CA SER H 207 59.21 16.15 15.40
C SER H 207 59.37 17.62 15.80
N ASN H 208 58.59 18.06 16.79
CA ASN H 208 58.71 19.43 17.25
C ASN H 208 60.08 19.70 17.86
N THR H 209 60.62 18.72 18.60
CA THR H 209 61.95 18.87 19.18
C THR H 209 63.01 18.98 18.09
N TYR H 210 62.89 18.16 17.03
CA TYR H 210 63.81 18.27 15.91
C TYR H 210 63.73 19.65 15.27
N LYS H 211 62.52 20.16 15.06
CA LYS H 211 62.35 21.47 14.46
C LYS H 211 62.97 22.56 15.33
N GLN H 212 62.75 22.48 16.65
CA GLN H 212 63.32 23.47 17.56
C GLN H 212 64.84 23.40 17.58
N ARG H 213 65.41 22.20 17.52
CA ARG H 213 66.86 22.07 17.47
C ARG H 213 67.43 22.66 16.19
N ARG H 214 66.74 22.44 15.06
CA ARG H 214 67.16 23.07 13.80
C ARG H 214 67.13 24.59 13.90
N ILE H 215 66.04 25.13 14.48
CA ILE H 215 65.93 26.58 14.65
C ILE H 215 67.05 27.10 15.54
N GLN H 216 67.33 26.39 16.64
CA GLN H 216 68.40 26.82 17.53
C GLN H 216 69.76 26.78 16.85
N PHE H 217 70.01 25.75 16.04
CA PHE H 217 71.27 25.67 15.31
C PHE H 217 71.42 26.84 14.36
N TYR H 218 70.34 27.17 13.62
CA TYR H 218 70.41 28.32 12.73
C TYR H 218 70.54 29.63 13.48
N GLU H 219 70.01 29.71 14.70
CA GLU H 219 70.18 30.90 15.52
C GLU H 219 71.62 31.04 15.98
N ASN H 220 72.27 29.93 16.31
CA ASN H 220 73.63 29.94 16.85
C ASN H 220 74.69 29.64 15.79
N LEU H 221 74.33 29.67 14.52
CA LEU H 221 75.26 29.37 13.44
C LEU H 221 75.85 30.67 12.89
N LYS H 222 77.17 30.70 12.79
CA LYS H 222 77.89 31.83 12.20
C LYS H 222 78.91 31.29 11.20
N ARG H 223 78.90 31.85 9.99
CA ARG H 223 79.82 31.41 8.95
C ARG H 223 81.09 32.25 8.95
N ALA I 187 22.74 -4.20 30.38
CA ALA I 187 23.91 -4.89 29.86
C ALA I 187 23.86 -4.97 28.34
N SER I 188 23.58 -3.85 27.70
CA SER I 188 23.47 -3.76 26.26
C SER I 188 24.23 -2.54 25.76
N LEU I 189 24.69 -2.62 24.51
CA LEU I 189 25.39 -1.48 23.90
C LEU I 189 24.49 -0.28 23.69
N LEU I 190 23.17 -0.49 23.63
CA LEU I 190 22.25 0.64 23.48
C LEU I 190 22.30 1.55 24.70
N ASP I 191 22.42 0.97 25.89
CA ASP I 191 22.49 1.77 27.11
C ASP I 191 23.78 2.56 27.15
N SER I 192 23.66 3.90 27.19
CA SER I 192 24.84 4.75 27.20
C SER I 192 25.58 4.65 28.54
N ASN I 193 24.83 4.49 29.64
CA ASN I 193 25.45 4.41 30.95
C ASN I 193 26.30 3.14 31.12
N PHE I 194 26.05 2.12 30.31
CA PHE I 194 26.80 0.87 30.42
C PHE I 194 28.26 1.09 30.00
N VAL I 195 29.18 0.64 30.84
CA VAL I 195 30.62 0.72 30.55
C VAL I 195 31.21 -0.69 30.64
N PRO I 196 31.60 -1.31 29.53
CA PRO I 196 32.15 -2.67 29.60
C PRO I 196 33.52 -2.67 30.28
N ILE I 197 33.63 -3.46 31.35
CA ILE I 197 34.90 -3.57 32.06
C ILE I 197 35.91 -4.35 31.22
N ASN I 198 35.48 -5.43 30.58
CA ASN I 198 36.38 -6.31 29.86
C ASN I 198 35.72 -6.79 28.57
N PHE I 199 36.52 -7.50 27.77
CA PHE I 199 36.03 -7.99 26.48
C PHE I 199 34.91 -9.02 26.64
N THR I 200 34.93 -9.78 27.73
CA THR I 200 33.83 -10.71 27.99
C THR I 200 32.52 -9.96 28.19
N GLU I 201 32.55 -8.89 28.99
CA GLU I 201 31.37 -8.05 29.15
C GLU I 201 30.97 -7.40 27.83
N PHE I 202 31.95 -7.01 27.02
CA PHE I 202 31.64 -6.44 25.72
C PHE I 202 30.91 -7.44 24.83
N VAL I 203 31.35 -8.70 24.82
CA VAL I 203 30.72 -9.72 24.01
C VAL I 203 29.31 -10.01 24.52
N GLN I 204 29.14 -10.11 25.84
CA GLN I 204 27.81 -10.32 26.39
C GLN I 204 26.87 -9.16 26.04
N ALA I 205 27.39 -7.93 26.09
CA ALA I 205 26.58 -6.77 25.71
C ALA I 205 26.22 -6.82 24.23
N ILE I 206 27.14 -7.27 23.38
CA ILE I 206 26.83 -7.41 21.96
C ILE I 206 25.70 -8.40 21.76
N SER I 207 25.76 -9.55 22.45
CA SER I 207 24.72 -10.55 22.32
C SER I 207 23.37 -10.02 22.82
N ASN I 208 23.38 -9.31 23.96
CA ASN I 208 22.14 -8.74 24.49
C ASN I 208 21.58 -7.69 23.54
N THR I 209 22.44 -6.88 22.94
CA THR I 209 21.99 -5.88 21.98
C THR I 209 21.37 -6.53 20.76
N TYR I 210 21.97 -7.61 20.26
CA TYR I 210 21.39 -8.33 19.13
C TYR I 210 20.02 -8.90 19.49
N LYS I 211 19.89 -9.48 20.68
CA LYS I 211 18.60 -10.02 21.11
C LYS I 211 17.56 -8.91 21.22
N GLN I 212 17.94 -7.76 21.78
CA GLN I 212 17.01 -6.64 21.89
C GLN I 212 16.61 -6.10 20.52
N ARG I 213 17.55 -6.06 19.58
CA ARG I 213 17.22 -5.62 18.22
C ARG I 213 16.23 -6.57 17.57
N ARG I 214 16.43 -7.89 17.75
CA ARG I 214 15.47 -8.85 17.21
C ARG I 214 14.09 -8.66 17.85
N ILE I 215 14.05 -8.47 19.17
CA ILE I 215 12.78 -8.27 19.86
C ILE I 215 12.08 -7.01 19.34
N GLN I 216 12.85 -5.93 19.17
CA GLN I 216 12.26 -4.69 18.67
C GLN I 216 11.76 -4.84 17.24
N PHE I 217 12.49 -5.59 16.40
CA PHE I 217 12.04 -5.83 15.04
C PHE I 217 10.73 -6.60 15.04
N TYR I 218 10.62 -7.61 15.89
CA TYR I 218 9.35 -8.35 15.98
C TYR I 218 8.23 -7.49 16.54
N GLU I 219 8.54 -6.58 17.46
CA GLU I 219 7.52 -5.67 17.98
C GLU I 219 7.02 -4.71 16.90
N ASN I 220 7.92 -4.20 16.07
CA ASN I 220 7.57 -3.22 15.05
C ASN I 220 7.21 -3.85 13.72
N LEU I 221 7.20 -5.18 13.61
CA LEU I 221 6.88 -5.85 12.37
C LEU I 221 5.37 -5.98 12.23
N LYS I 222 4.86 -5.62 11.04
CA LYS I 222 3.44 -5.74 10.72
C LYS I 222 3.31 -6.39 9.36
N ARG I 223 2.89 -7.66 9.33
CA ARG I 223 2.76 -8.40 8.08
C ARG I 223 1.51 -7.97 7.32
N LEU J 3 22.30 60.77 0.75
CA LEU J 3 22.40 60.73 -0.70
C LEU J 3 23.55 61.61 -1.19
N PHE J 4 23.67 62.80 -0.57
CA PHE J 4 24.75 63.71 -0.95
C PHE J 4 26.11 63.13 -0.61
N ASP J 5 26.21 62.40 0.51
CA ASP J 5 27.47 61.79 0.88
C ASP J 5 27.90 60.72 -0.13
N GLU J 6 26.94 59.97 -0.67
CA GLU J 6 27.26 58.92 -1.63
C GLU J 6 27.53 59.48 -3.01
N ASN J 7 26.70 60.43 -3.46
CA ASN J 7 26.81 61.01 -4.80
C ASN J 7 27.22 62.47 -4.67
N TYR J 8 28.41 62.80 -5.18
CA TYR J 8 28.86 64.18 -5.18
C TYR J 8 28.15 65.01 -6.24
N TYR J 9 27.79 64.38 -7.36
CA TYR J 9 27.14 65.11 -8.45
C TYR J 9 25.81 65.70 -8.01
N ALA J 10 25.05 64.97 -7.19
CA ALA J 10 23.80 65.50 -6.67
C ALA J 10 24.04 66.73 -5.80
N LYS J 11 25.07 66.68 -4.95
CA LYS J 11 25.41 67.84 -4.13
C LYS J 11 25.83 69.03 -4.98
N ALA J 12 26.63 68.78 -6.02
CA ALA J 12 27.04 69.86 -6.91
C ALA J 12 25.84 70.48 -7.62
N VAL J 13 24.90 69.64 -8.06
CA VAL J 13 23.69 70.15 -8.71
C VAL J 13 22.87 70.98 -7.74
N ALA J 14 22.73 70.50 -6.49
CA ALA J 14 21.98 71.25 -5.49
C ALA J 14 22.63 72.59 -5.19
N ASN J 15 23.97 72.64 -5.21
CA ASN J 15 24.67 73.88 -4.92
C ASN J 15 24.69 74.84 -6.11
N ILE J 16 24.60 74.33 -7.34
CA ILE J 16 24.70 75.18 -8.52
C ILE J 16 23.34 75.54 -9.11
N ILE J 17 22.26 74.85 -8.71
CA ILE J 17 20.96 75.09 -9.32
C ILE J 17 20.44 76.48 -9.02
N GLY J 18 20.83 77.06 -7.88
CA GLY J 18 20.36 78.39 -7.52
C GLY J 18 20.90 79.50 -8.41
N GLU J 19 21.98 79.23 -9.16
CA GLU J 19 22.59 80.22 -10.02
C GLU J 19 22.04 80.19 -11.44
N VAL J 20 21.06 79.34 -11.73
CA VAL J 20 20.44 79.27 -13.05
C VAL J 20 19.33 80.30 -13.11
N LYS J 21 19.34 81.13 -14.14
CA LYS J 21 18.35 82.19 -14.28
C LYS J 21 16.99 81.63 -14.66
N ASP J 22 15.94 82.31 -14.22
CA ASP J 22 14.59 81.90 -14.55
C ASP J 22 14.31 82.08 -16.04
N PRO J 23 13.48 81.22 -16.62
CA PRO J 23 13.16 81.36 -18.05
C PRO J 23 12.41 82.66 -18.33
N ILE J 24 12.63 83.19 -19.53
CA ILE J 24 11.97 84.43 -19.94
C ILE J 24 10.55 84.23 -20.41
N MET J 25 10.12 82.98 -20.58
CA MET J 25 8.75 82.71 -21.00
C MET J 25 7.73 83.07 -19.92
N TYR J 26 8.17 83.22 -18.67
CA TYR J 26 7.25 83.56 -17.59
C TYR J 26 6.64 84.93 -17.79
N LYS J 27 7.38 85.87 -18.39
CA LYS J 27 6.85 87.20 -18.66
C LYS J 27 5.69 87.17 -19.66
N TRP J 28 5.55 86.08 -20.41
CA TRP J 28 4.54 85.97 -21.45
C TRP J 28 3.23 85.39 -20.95
N PHE J 29 3.12 85.09 -19.66
CA PHE J 29 1.92 84.50 -19.11
C PHE J 29 1.65 85.09 -17.73
N SER J 30 0.40 84.99 -17.30
CA SER J 30 -0.02 85.41 -15.98
C SER J 30 0.16 84.27 -14.99
N PRO J 31 0.25 84.57 -13.68
CA PRO J 31 0.43 83.48 -12.70
C PRO J 31 -0.69 82.44 -12.74
N ASP J 32 -1.93 82.87 -12.98
CA ASP J 32 -3.04 81.94 -13.03
C ASP J 32 -3.08 81.13 -14.32
N GLN J 33 -2.43 81.60 -15.39
CA GLN J 33 -2.48 80.90 -16.67
C GLN J 33 -1.64 79.63 -16.68
N ILE J 34 -0.71 79.48 -15.73
CA ILE J 34 0.22 78.35 -15.71
C ILE J 34 -0.17 77.42 -14.58
N GLU J 35 -0.32 76.14 -14.92
CA GLU J 35 -0.64 75.09 -13.94
C GLU J 35 0.23 73.87 -14.24
N ASP J 36 0.85 73.31 -13.20
CA ASP J 36 1.75 72.19 -13.36
C ASP J 36 0.98 70.87 -13.35
N VAL J 37 1.34 69.98 -14.27
CA VAL J 37 0.76 68.64 -14.35
C VAL J 37 1.82 67.62 -13.99
N ASP J 38 1.36 66.48 -13.45
CA ASP J 38 2.26 65.41 -13.00
C ASP J 38 2.30 64.33 -14.07
N LEU J 39 3.09 64.58 -15.12
CA LEU J 39 3.26 63.62 -16.19
C LEU J 39 4.58 63.90 -16.89
N GLN J 40 5.28 62.84 -17.28
CA GLN J 40 6.53 62.96 -18.01
C GLN J 40 6.34 62.82 -19.52
N MET J 41 5.72 61.73 -19.97
CA MET J 41 5.45 61.51 -21.38
C MET J 41 4.07 60.88 -21.53
N GLY J 42 3.30 61.38 -22.47
CA GLY J 42 1.97 60.84 -22.68
C GLY J 42 1.02 61.92 -23.17
N TYR J 43 -0.23 61.82 -22.71
CA TYR J 43 -1.27 62.73 -23.19
C TYR J 43 -2.26 63.00 -22.07
N GLN J 44 -2.98 64.11 -22.23
CA GLN J 44 -4.07 64.48 -21.32
C GLN J 44 -5.22 65.02 -22.15
N LYS J 45 -6.44 64.58 -21.83
CA LYS J 45 -7.61 64.88 -22.65
C LYS J 45 -8.69 65.57 -21.83
N THR J 46 -9.45 66.41 -22.52
CA THR J 46 -10.58 67.12 -21.93
C THR J 46 -11.74 67.11 -22.91
N VAL J 47 -12.94 67.34 -22.41
CA VAL J 47 -14.17 67.27 -23.19
C VAL J 47 -14.91 68.60 -23.09
N LYS J 48 -15.38 69.09 -24.23
CA LYS J 48 -16.17 70.31 -24.30
C LYS J 48 -17.46 70.05 -25.05
N TRP J 49 -18.55 70.67 -24.60
CA TRP J 49 -19.88 70.46 -25.16
C TRP J 49 -20.37 71.76 -25.76
N ASP J 50 -20.88 71.70 -27.00
CA ASP J 50 -21.38 72.87 -27.70
C ASP J 50 -22.77 72.59 -28.26
N ALA J 51 -23.53 73.66 -28.50
CA ALA J 51 -24.86 73.58 -29.07
C ALA J 51 -24.98 74.53 -30.24
N PHE J 52 -25.91 74.23 -31.15
CA PHE J 52 -26.09 75.02 -32.35
C PHE J 52 -27.54 74.92 -32.81
N LEU J 53 -27.96 75.90 -33.61
CA LEU J 53 -29.29 75.93 -34.19
C LEU J 53 -29.25 75.37 -35.60
N ASN J 54 -30.21 74.50 -35.91
CA ASN J 54 -30.23 73.83 -37.20
C ASN J 54 -31.05 74.58 -38.25
N ALA J 55 -32.10 75.27 -37.85
CA ALA J 55 -32.97 75.95 -38.80
C ALA J 55 -33.69 77.09 -38.09
N ASN J 56 -34.44 77.86 -38.87
CA ASN J 56 -35.22 78.96 -38.33
C ASN J 56 -36.31 78.43 -37.40
N PRO J 57 -36.72 79.21 -36.40
CA PRO J 57 -37.75 78.73 -35.47
C PRO J 57 -39.07 78.48 -36.17
N THR J 58 -39.84 77.55 -35.61
CA THR J 58 -41.11 77.14 -36.17
C THR J 58 -42.25 77.90 -35.49
N THR J 59 -43.13 78.49 -36.30
CA THR J 59 -44.26 79.25 -35.77
C THR J 59 -45.33 78.28 -35.28
N ILE J 60 -45.76 78.45 -34.04
CA ILE J 60 -46.78 77.58 -33.44
C ILE J 60 -48.13 78.20 -33.78
N ALA J 61 -48.67 77.79 -34.92
CA ALA J 61 -49.99 78.24 -35.37
C ALA J 61 -50.82 77.02 -35.75
N ASN J 62 -52.00 76.91 -35.16
CA ASN J 62 -52.96 75.81 -35.43
C ASN J 62 -52.26 74.51 -35.03
N GLU J 63 -52.32 73.46 -35.84
CA GLU J 63 -51.72 72.17 -35.52
C GLU J 63 -50.47 71.97 -36.36
N VAL J 64 -49.39 71.55 -35.71
CA VAL J 64 -48.13 71.28 -36.40
C VAL J 64 -47.39 70.19 -35.64
N ASN J 65 -46.74 69.29 -36.39
CA ASN J 65 -45.95 68.22 -35.80
C ASN J 65 -44.47 68.32 -36.08
N THR J 66 -44.08 68.97 -37.18
CA THR J 66 -42.68 69.10 -37.54
C THR J 66 -42.13 70.40 -36.97
N ILE J 67 -41.14 70.30 -36.09
CA ILE J 67 -40.55 71.46 -35.43
C ILE J 67 -39.06 71.47 -35.72
N SER J 68 -38.48 72.67 -35.73
CA SER J 68 -37.05 72.83 -35.94
C SER J 68 -36.29 72.26 -34.74
N THR J 69 -35.07 71.79 -35.00
CA THR J 69 -34.27 71.10 -34.02
C THR J 69 -33.05 71.92 -33.62
N ILE J 70 -32.59 71.69 -32.39
CA ILE J 70 -31.36 72.29 -31.88
C ILE J 70 -30.35 71.15 -31.68
N GLY J 71 -29.22 71.23 -32.38
CA GLY J 71 -28.24 70.17 -32.32
C GLY J 71 -27.16 70.42 -31.30
N PHE J 72 -26.46 69.34 -30.93
CA PHE J 72 -25.38 69.40 -29.97
C PHE J 72 -24.19 68.63 -30.51
N SER J 73 -23.00 68.98 -30.02
CA SER J 73 -21.76 68.36 -30.46
C SER J 73 -20.77 68.31 -29.32
N SER J 74 -19.91 67.31 -29.35
CA SER J 74 -18.84 67.14 -28.38
C SER J 74 -17.48 67.25 -29.06
N GLU J 75 -16.52 67.79 -28.33
CA GLU J 75 -15.15 67.93 -28.84
C GLU J 75 -14.18 67.44 -27.78
N VAL J 76 -13.25 66.59 -28.19
CA VAL J 76 -12.23 66.05 -27.31
C VAL J 76 -10.91 66.71 -27.67
N VAL J 77 -10.27 67.32 -26.67
CA VAL J 77 -9.03 68.06 -26.87
C VAL J 77 -7.90 67.31 -26.18
N ARG J 78 -6.82 67.07 -26.91
CA ARG J 78 -5.70 66.27 -26.45
C ARG J 78 -4.44 67.12 -26.41
N LEU J 79 -3.69 67.01 -25.32
CA LEU J 79 -2.40 67.68 -25.16
C LEU J 79 -1.33 66.62 -24.96
N ASN J 80 -0.27 66.69 -25.76
CA ASN J 80 0.80 65.70 -25.74
C ASN J 80 2.01 66.23 -24.99
N TYR J 81 2.72 65.33 -24.32
CA TYR J 81 3.91 65.65 -23.55
C TYR J 81 5.02 64.69 -23.93
N LEU J 82 6.18 65.24 -24.29
CA LEU J 82 7.31 64.47 -24.78
C LEU J 82 8.51 64.65 -23.86
N LYS J 83 9.30 63.58 -23.72
CA LYS J 83 10.48 63.56 -22.86
C LYS J 83 11.74 63.49 -23.73
N LEU J 84 12.66 64.43 -23.52
CA LEU J 84 13.88 64.55 -24.31
C LEU J 84 15.07 64.61 -23.36
N GLN J 85 16.25 64.30 -23.90
CA GLN J 85 17.45 64.16 -23.10
C GLN J 85 18.69 64.60 -23.90
N TYR J 86 19.67 65.09 -23.15
CA TYR J 86 20.99 65.43 -23.67
C TYR J 86 22.07 64.78 -22.81
N LYS J 87 23.21 64.50 -23.45
CA LYS J 87 24.39 63.99 -22.77
C LYS J 87 25.53 65.01 -22.90
N PHE J 88 26.26 65.23 -21.81
CA PHE J 88 27.37 66.17 -21.84
C PHE J 88 28.57 65.59 -21.09
N ARG J 89 29.76 65.87 -21.61
CA ARG J 89 31.01 65.39 -21.01
C ARG J 89 31.55 66.38 -20.00
N HIS J 90 32.29 65.86 -19.02
CA HIS J 90 32.88 66.67 -17.97
C HIS J 90 34.04 65.89 -17.37
N LEU J 91 34.65 66.48 -16.34
CA LEU J 91 35.80 65.87 -15.66
C LEU J 91 35.34 65.11 -14.43
N LYS J 92 36.01 63.99 -14.17
CA LYS J 92 35.71 63.20 -12.98
C LYS J 92 36.00 64.00 -11.71
N GLN J 93 35.21 63.75 -10.68
CA GLN J 93 35.34 64.52 -9.43
C GLN J 93 36.72 64.35 -8.82
N THR J 94 37.23 63.12 -8.76
CA THR J 94 38.57 62.89 -8.22
C THR J 94 39.63 63.00 -9.30
N SER J 95 39.55 64.07 -10.08
CA SER J 95 40.59 64.41 -11.04
C SER J 95 40.80 65.91 -11.16
N GLU J 96 40.12 66.73 -10.36
CA GLU J 96 40.19 68.17 -10.54
C GLU J 96 41.51 68.75 -10.06
N LYS J 97 42.13 68.14 -9.04
CA LYS J 97 43.38 68.67 -8.50
C LYS J 97 44.50 68.66 -9.52
N PHE J 98 44.46 67.72 -10.47
CA PHE J 98 45.45 67.65 -11.53
C PHE J 98 45.14 68.58 -12.70
N TYR J 99 44.08 69.39 -12.59
CA TYR J 99 43.73 70.35 -13.61
C TYR J 99 43.52 71.77 -13.09
N THR J 100 43.47 71.96 -11.77
CA THR J 100 43.31 73.30 -11.21
C THR J 100 44.50 74.18 -11.55
N SER J 101 44.25 75.23 -12.32
CA SER J 101 45.29 76.18 -12.70
C SER J 101 45.33 77.31 -11.67
N ASP J 102 46.05 78.38 -12.00
CA ASP J 102 46.18 79.50 -11.07
C ASP J 102 44.83 80.15 -10.79
N SER J 103 44.01 80.35 -11.83
CA SER J 103 42.75 81.05 -11.65
C SER J 103 41.58 80.37 -12.36
N TYR J 104 41.74 79.10 -12.77
CA TYR J 104 40.66 78.39 -13.43
C TYR J 104 40.88 76.89 -13.27
N ILE J 105 39.80 76.14 -13.48
CA ILE J 105 39.83 74.68 -13.42
C ILE J 105 39.30 74.14 -14.73
N GLY J 106 40.08 73.26 -15.36
CA GLY J 106 39.68 72.67 -16.62
C GLY J 106 40.77 72.66 -17.68
N ASP J 107 40.67 71.76 -18.65
CA ASP J 107 41.64 71.64 -19.72
C ASP J 107 41.20 72.56 -20.86
N ILE J 108 41.91 73.69 -21.02
CA ILE J 108 41.58 74.62 -22.09
C ILE J 108 41.88 74.00 -23.45
N ASN J 109 42.99 73.27 -23.56
CA ASN J 109 43.40 72.72 -24.85
C ASN J 109 42.42 71.67 -25.36
N ASN J 110 41.79 70.92 -24.45
CA ASN J 110 40.86 69.86 -24.84
C ASN J 110 39.41 70.19 -24.53
N ASN J 111 39.13 71.39 -24.03
CA ASN J 111 37.77 71.85 -23.75
C ASN J 111 37.05 70.91 -22.79
N LEU J 112 37.60 70.80 -21.58
CA LEU J 112 37.02 70.01 -20.50
C LEU J 112 36.73 70.90 -19.31
N LEU J 113 35.59 70.70 -18.69
CA LEU J 113 35.07 71.58 -17.66
C LEU J 113 34.72 70.79 -16.42
N PRO J 114 34.67 71.44 -15.26
CA PRO J 114 34.13 70.78 -14.06
C PRO J 114 32.64 70.51 -14.22
N PHE J 115 32.15 69.58 -13.40
CA PHE J 115 30.76 69.13 -13.52
C PHE J 115 29.78 70.28 -13.28
N ALA J 116 30.05 71.11 -12.27
CA ALA J 116 29.13 72.19 -11.95
C ALA J 116 29.00 73.19 -13.10
N GLN J 117 30.14 73.64 -13.64
CA GLN J 117 30.11 74.60 -14.73
C GLN J 117 29.49 73.99 -15.98
N ALA J 118 29.84 72.74 -16.29
CA ALA J 118 29.26 72.08 -17.45
C ALA J 118 27.75 71.95 -17.32
N TYR J 119 27.28 71.56 -16.14
CA TYR J 119 25.84 71.43 -15.91
C TYR J 119 25.15 72.78 -16.02
N LYS J 120 25.76 73.84 -15.48
CA LYS J 120 25.15 75.16 -15.55
C LYS J 120 25.02 75.63 -16.99
N LEU J 121 26.08 75.49 -17.77
CA LEU J 121 26.03 75.91 -19.17
C LEU J 121 25.02 75.07 -19.96
N ALA J 122 25.00 73.76 -19.72
CA ALA J 122 24.04 72.90 -20.41
C ALA J 122 22.60 73.27 -20.05
N SER J 123 22.35 73.54 -18.77
CA SER J 123 20.99 73.92 -18.35
C SER J 123 20.58 75.25 -18.96
N SER J 124 21.52 76.21 -19.04
CA SER J 124 21.20 77.48 -19.67
C SER J 124 20.84 77.30 -21.14
N GLU J 125 21.62 76.48 -21.86
CA GLU J 125 21.29 76.24 -23.27
C GLU J 125 19.94 75.53 -23.42
N ILE J 126 19.65 74.57 -22.53
CA ILE J 126 18.39 73.85 -22.62
C ILE J 126 17.22 74.77 -22.31
N ILE J 127 17.38 75.68 -21.36
CA ILE J 127 16.31 76.64 -21.08
C ILE J 127 16.10 77.57 -22.26
N LYS J 128 17.19 77.97 -22.94
CA LYS J 128 17.03 78.77 -24.14
C LYS J 128 16.22 78.02 -25.20
N LEU J 129 16.53 76.74 -25.42
CA LEU J 129 15.79 75.95 -26.39
C LEU J 129 14.33 75.79 -25.97
N ILE J 130 14.08 75.60 -24.67
CA ILE J 130 12.71 75.45 -24.19
C ILE J 130 11.91 76.72 -24.42
N ASN J 131 12.51 77.89 -24.14
CA ASN J 131 11.84 79.15 -24.42
C ASN J 131 11.55 79.32 -25.90
N HIS J 132 12.52 78.95 -26.75
CA HIS J 132 12.32 79.03 -28.19
C HIS J 132 11.16 78.14 -28.63
N PHE J 133 11.07 76.94 -28.06
CA PHE J 133 9.97 76.04 -28.39
C PHE J 133 8.64 76.61 -27.91
N VAL J 134 8.59 77.15 -26.70
CA VAL J 134 7.35 77.71 -26.17
C VAL J 134 6.87 78.85 -27.06
N LEU J 135 7.79 79.64 -27.60
CA LEU J 135 7.37 80.73 -28.49
C LEU J 135 6.97 80.22 -29.87
N THR J 136 7.92 79.61 -30.59
CA THR J 136 7.73 79.35 -32.01
C THR J 136 6.97 78.05 -32.32
N GLY J 137 6.86 77.14 -31.36
CA GLY J 137 6.22 75.86 -31.62
C GLY J 137 7.06 74.87 -32.38
N THR J 138 8.34 75.14 -32.61
CA THR J 138 9.24 74.24 -33.30
C THR J 138 10.51 74.06 -32.48
N VAL J 139 11.23 72.97 -32.79
CA VAL J 139 12.51 72.67 -32.15
C VAL J 139 13.54 72.52 -33.27
N SER J 140 14.52 73.42 -33.28
CA SER J 140 15.58 73.37 -34.28
C SER J 140 16.79 74.10 -33.74
N ILE J 141 17.97 73.67 -34.20
CA ILE J 141 19.23 74.32 -33.81
C ILE J 141 19.77 75.24 -34.88
N GLN J 142 19.25 75.19 -36.10
CA GLN J 142 19.69 76.08 -37.15
C GLN J 142 18.97 77.42 -37.06
N LYS J 143 19.66 78.48 -37.51
CA LYS J 143 19.05 79.80 -37.52
C LYS J 143 18.02 79.98 -38.63
N ASP J 144 18.06 79.11 -39.64
CA ASP J 144 17.09 79.15 -40.72
C ASP J 144 15.80 78.41 -40.40
N GLY J 145 15.71 77.78 -39.24
CA GLY J 145 14.54 77.00 -38.90
C GLY J 145 14.33 75.77 -39.76
N LYS J 146 15.41 75.13 -40.19
CA LYS J 146 15.35 73.93 -41.01
C LYS J 146 15.86 72.74 -40.22
N ASN J 147 15.66 71.55 -40.79
CA ASN J 147 16.02 70.28 -40.15
C ASN J 147 15.42 70.18 -38.76
N GLN J 148 14.15 70.55 -38.67
CA GLN J 148 13.45 70.56 -37.39
C GLN J 148 13.19 69.13 -36.91
N LYS J 149 13.15 68.97 -35.59
CA LYS J 149 12.85 67.68 -34.98
C LYS J 149 11.37 67.38 -35.15
N ARG J 150 11.06 66.23 -35.74
CA ARG J 150 9.68 65.83 -35.94
C ARG J 150 9.02 65.54 -34.60
N LEU J 151 8.01 66.34 -34.25
CA LEU J 151 7.32 66.20 -32.98
C LEU J 151 5.94 65.58 -33.18
N LEU J 152 5.30 65.23 -32.07
CA LEU J 152 3.98 64.62 -32.09
C LEU J 152 2.92 65.69 -32.35
N PRO J 153 1.76 65.28 -32.89
CA PRO J 153 0.65 66.23 -33.06
C PRO J 153 0.15 66.72 -31.72
N ASN J 154 -0.71 67.75 -31.79
CA ASN J 154 -1.26 68.40 -30.60
C ASN J 154 -0.16 69.02 -29.73
N MET J 155 0.94 69.42 -30.36
CA MET J 155 2.06 70.09 -29.69
C MET J 155 2.31 71.38 -30.44
N TYR J 156 1.84 72.49 -29.88
CA TYR J 156 1.87 73.78 -30.57
C TYR J 156 2.41 74.85 -29.65
N GLY J 157 2.92 75.92 -30.26
CA GLY J 157 3.37 77.10 -29.56
C GLY J 157 2.45 78.29 -29.83
N LEU J 158 2.86 79.44 -29.29
CA LEU J 158 2.06 80.64 -29.42
C LEU J 158 2.09 81.22 -30.83
N LEU J 159 3.02 80.79 -31.68
CA LEU J 159 3.16 81.35 -33.02
C LEU J 159 2.65 80.44 -34.13
N ASN J 160 2.70 79.11 -33.94
CA ASN J 160 2.25 78.17 -34.95
C ASN J 160 0.87 77.61 -34.63
N MET J 161 0.16 78.20 -33.68
CA MET J 161 -1.15 77.71 -33.30
C MET J 161 -2.11 77.87 -34.48
N PRO J 162 -2.82 76.81 -34.87
CA PRO J 162 -3.73 76.91 -36.01
C PRO J 162 -5.04 77.60 -35.62
N GLU J 163 -5.86 77.88 -36.64
CA GLU J 163 -7.19 78.45 -36.45
C GLU J 163 -7.14 79.76 -35.65
N GLN J 164 -6.17 80.60 -35.97
CA GLN J 164 -6.04 81.92 -35.36
C GLN J 164 -6.06 82.98 -36.44
N ILE J 165 -6.11 84.24 -36.03
CA ILE J 165 -6.17 85.35 -36.98
C ILE J 165 -4.75 85.65 -37.44
N LYS J 166 -4.56 85.69 -38.76
CA LYS J 166 -3.26 85.92 -39.37
C LYS J 166 -3.36 87.06 -40.37
N GLU J 167 -2.45 88.02 -40.26
CA GLU J 167 -2.37 89.14 -41.17
C GLU J 167 -0.96 89.24 -41.75
N GLU J 168 -0.87 89.76 -42.97
CA GLU J 168 0.40 89.83 -43.69
C GLU J 168 0.57 91.23 -44.27
N VAL J 169 1.54 91.98 -43.75
CA VAL J 169 1.90 93.27 -44.32
C VAL J 169 2.80 93.01 -45.53
N ALA J 170 2.46 93.64 -46.66
CA ALA J 170 3.12 93.35 -47.92
C ALA J 170 4.56 93.89 -47.92
N SER J 171 5.31 93.50 -48.97
CA SER J 171 6.70 93.90 -49.06
C SER J 171 6.84 95.40 -49.24
N GLY J 172 6.00 96.01 -50.08
CA GLY J 172 6.07 97.44 -50.30
C GLY J 172 5.75 98.27 -49.08
N ASP J 173 5.04 97.70 -48.11
CA ASP J 173 4.67 98.38 -46.87
C ASP J 173 5.48 97.88 -45.68
N LYS J 174 6.70 97.41 -45.93
CA LYS J 174 7.52 96.87 -44.85
C LYS J 174 7.86 97.95 -43.82
N ASP J 175 8.16 99.15 -44.28
CA ASP J 175 8.51 100.26 -43.39
C ASP J 175 7.36 101.23 -43.17
N LYS J 176 6.16 100.93 -43.68
CA LYS J 176 5.01 101.82 -43.54
C LYS J 176 4.24 101.43 -42.28
N MET J 177 4.51 102.16 -41.20
CA MET J 177 3.84 101.89 -39.93
C MET J 177 2.33 102.09 -40.04
N ASP J 178 1.88 103.00 -40.91
CA ASP J 178 0.44 103.18 -41.09
C ASP J 178 -0.19 101.92 -41.66
N LYS J 179 0.45 101.30 -42.65
CA LYS J 179 -0.08 100.05 -43.22
C LYS J 179 0.00 98.92 -42.21
N ILE J 180 1.10 98.85 -41.45
CA ILE J 180 1.20 97.81 -40.43
C ILE J 180 0.09 97.96 -39.41
N PHE J 181 -0.18 99.19 -38.97
CA PHE J 181 -1.26 99.44 -38.01
C PHE J 181 -2.61 99.13 -38.61
N GLU J 182 -2.79 99.39 -39.92
CA GLU J 182 -4.04 99.01 -40.57
C GLU J 182 -4.25 97.50 -40.52
N LYS J 183 -3.20 96.73 -40.80
CA LYS J 183 -3.31 95.27 -40.70
C LYS J 183 -3.60 94.83 -39.28
N ILE J 184 -2.95 95.47 -38.30
CA ILE J 184 -3.18 95.13 -36.90
C ILE J 184 -4.62 95.44 -36.51
N GLU J 185 -5.16 96.55 -36.99
CA GLU J 185 -6.56 96.89 -36.71
C GLU J 185 -7.51 95.88 -37.35
N ALA J 186 -7.21 95.45 -38.57
CA ALA J 186 -8.03 94.42 -39.21
C ALA J 186 -8.03 93.14 -38.38
N GLY J 187 -6.85 92.72 -37.92
CA GLY J 187 -6.79 91.53 -37.08
C GLY J 187 -7.52 91.70 -35.76
N LEU J 188 -7.40 92.89 -35.16
CA LEU J 188 -8.08 93.17 -33.90
C LEU J 188 -9.59 93.10 -34.08
N SER J 189 -10.09 93.63 -35.18
CA SER J 189 -11.52 93.52 -35.47
C SER J 189 -11.93 92.07 -35.71
N LYS J 190 -11.07 91.30 -36.36
CA LYS J 190 -11.37 89.88 -36.57
C LYS J 190 -11.23 89.04 -35.31
N LEU J 191 -10.65 89.60 -34.25
CA LEU J 191 -10.59 88.87 -32.98
C LEU J 191 -11.98 88.59 -32.44
N GLU J 192 -12.10 87.51 -31.67
CA GLU J 192 -13.38 87.01 -31.16
C GLU J 192 -13.29 86.71 -29.67
N LEU J 193 -12.82 87.69 -28.90
CA LEU J 193 -12.67 87.49 -27.45
C LEU J 193 -14.00 87.17 -26.79
N GLY J 194 -15.07 87.85 -27.19
CA GLY J 194 -16.38 87.54 -26.65
C GLY J 194 -16.56 88.03 -25.23
N ASP J 195 -17.21 87.20 -24.40
CA ASP J 195 -17.50 87.57 -23.02
C ASP J 195 -16.24 87.65 -22.16
N GLU J 196 -15.13 87.04 -22.59
CA GLU J 196 -13.87 87.14 -21.89
C GLU J 196 -13.06 88.37 -22.30
N PHE J 197 -13.74 89.40 -22.81
CA PHE J 197 -13.04 90.60 -23.28
C PHE J 197 -12.37 91.35 -22.13
N SER J 198 -13.00 91.39 -20.95
CA SER J 198 -12.46 92.11 -19.81
C SER J 198 -11.29 91.33 -19.22
N THR J 199 -10.12 91.49 -19.82
CA THR J 199 -8.91 90.83 -19.37
C THR J 199 -7.71 91.59 -19.90
N PRO J 200 -6.57 91.53 -19.21
CA PRO J 200 -5.36 92.15 -19.75
C PRO J 200 -4.92 91.51 -21.06
N MET J 201 -4.27 92.30 -21.90
CA MET J 201 -3.78 91.84 -23.19
C MET J 201 -2.26 91.93 -23.23
N MET J 202 -1.66 91.06 -24.04
CA MET J 202 -0.21 90.97 -24.16
C MET J 202 0.18 91.02 -25.63
N VAL J 203 1.16 91.86 -25.95
CA VAL J 203 1.71 91.98 -27.29
C VAL J 203 3.19 91.67 -27.21
N ILE J 204 3.68 90.84 -28.12
CA ILE J 204 5.09 90.52 -28.26
C ILE J 204 5.53 90.97 -29.63
N VAL J 205 6.60 91.77 -29.67
CA VAL J 205 7.02 92.43 -30.90
C VAL J 205 8.53 92.29 -31.06
N ASP J 206 8.99 92.32 -32.31
CA ASP J 206 10.41 92.29 -32.62
C ASP J 206 11.03 93.66 -32.39
N PRO J 207 12.35 93.70 -32.14
CA PRO J 207 12.98 95.01 -31.84
C PRO J 207 12.84 96.05 -32.93
N ALA J 208 12.92 95.65 -34.21
CA ALA J 208 12.79 96.62 -35.30
C ALA J 208 11.40 97.25 -35.30
N THR J 209 10.35 96.43 -35.17
CA THR J 209 9.01 96.97 -35.13
C THR J 209 8.76 97.78 -33.86
N SER J 210 9.41 97.42 -32.76
CA SER J 210 9.31 98.23 -31.55
C SER J 210 9.92 99.60 -31.75
N LEU J 211 11.08 99.66 -32.41
CA LEU J 211 11.69 100.95 -32.74
C LEU J 211 10.83 101.75 -33.71
N LYS J 212 10.12 101.05 -34.60
CA LYS J 212 9.14 101.75 -35.44
C LYS J 212 7.99 102.29 -34.61
N LEU J 213 7.55 101.53 -33.59
CA LEU J 213 6.44 101.95 -32.74
C LEU J 213 6.79 103.19 -31.93
N VAL J 214 8.01 103.25 -31.39
CA VAL J 214 8.36 104.34 -30.48
C VAL J 214 8.42 105.69 -31.17
N LYS J 215 8.32 105.74 -32.50
CA LYS J 215 8.24 107.01 -33.20
C LYS J 215 6.90 107.67 -32.89
N PRO J 216 6.85 109.01 -32.93
CA PRO J 216 5.58 109.71 -32.68
C PRO J 216 4.54 109.38 -33.75
N TYR J 217 3.28 109.38 -33.33
CA TYR J 217 2.19 109.06 -34.25
C TYR J 217 2.04 110.14 -35.30
N ALA J 218 1.79 109.71 -36.54
CA ALA J 218 1.64 110.63 -37.66
C ALA J 218 0.24 110.51 -38.28
N ALA J 223 1.78 115.89 -40.91
CA ALA J 223 2.28 116.36 -39.63
C ALA J 223 2.38 115.21 -38.63
N ALA J 224 2.96 115.49 -37.47
CA ALA J 224 3.12 114.51 -36.40
C ALA J 224 2.45 115.02 -35.13
N SER J 225 1.73 114.14 -34.46
CA SER J 225 1.01 114.51 -33.24
C SER J 225 1.96 114.51 -32.06
N SER J 226 2.11 115.65 -31.41
CA SER J 226 2.95 115.75 -30.22
C SER J 226 2.29 115.04 -29.05
N CYS J 227 3.13 114.48 -28.17
CA CYS J 227 2.68 113.76 -26.98
C CYS J 227 1.78 112.57 -27.33
N GLU J 228 1.98 112.00 -28.51
CA GLU J 228 1.20 110.84 -28.93
C GLU J 228 2.07 109.99 -29.86
N LYS J 229 2.24 108.72 -29.51
CA LYS J 229 3.07 107.81 -30.25
C LYS J 229 2.24 106.68 -30.86
N TRP J 230 2.84 106.00 -31.83
CA TRP J 230 2.19 104.83 -32.43
C TRP J 230 1.91 103.77 -31.37
N GLU J 231 2.83 103.62 -30.40
CA GLU J 231 2.58 102.70 -29.29
C GLU J 231 1.37 103.12 -28.48
N ASP J 232 1.22 104.42 -28.22
CA ASP J 232 0.06 104.90 -27.48
C ASP J 232 -1.22 104.65 -28.27
N VAL J 233 -1.20 104.87 -29.58
CA VAL J 233 -2.38 104.62 -30.40
C VAL J 233 -2.75 103.15 -30.37
N LEU J 234 -1.75 102.27 -30.47
CA LEU J 234 -2.01 100.83 -30.40
C LEU J 234 -2.58 100.43 -29.04
N ILE J 235 -2.04 101.00 -27.97
CA ILE J 235 -2.55 100.70 -26.63
C ILE J 235 -3.99 101.13 -26.49
N GLN J 236 -4.33 102.32 -26.99
CA GLN J 236 -5.72 102.78 -26.95
C GLN J 236 -6.62 101.87 -27.78
N THR J 237 -6.15 101.45 -28.95
CA THR J 237 -6.95 100.58 -29.81
C THR J 237 -7.23 99.25 -29.13
N ILE J 238 -6.24 98.67 -28.46
CA ILE J 238 -6.44 97.40 -27.76
C ILE J 238 -7.30 97.61 -26.52
N LYS J 239 -7.17 98.75 -25.84
CA LYS J 239 -8.02 99.06 -24.69
C LYS J 239 -9.47 99.23 -25.11
N ALA J 240 -9.70 99.62 -26.37
CA ALA J 240 -11.06 99.72 -26.88
C ALA J 240 -11.76 98.36 -26.87
N ILE J 241 -11.00 97.28 -27.08
CA ILE J 241 -11.60 95.95 -27.18
C ILE J 241 -11.46 95.13 -25.89
N ASN J 242 -10.52 95.45 -25.02
CA ASN J 242 -10.33 94.66 -23.81
C ASN J 242 -10.98 95.30 -22.58
N ASN J 243 -11.96 96.19 -22.79
CA ASN J 243 -12.67 96.87 -21.71
C ASN J 243 -11.73 97.70 -20.85
N ARG J 244 -10.86 98.46 -21.51
CA ARG J 244 -9.94 99.39 -20.84
C ARG J 244 -9.09 98.70 -19.79
N GLU J 245 -8.52 97.56 -20.16
CA GLU J 245 -7.64 96.78 -19.30
C GLU J 245 -6.19 97.01 -19.70
N ASP J 246 -5.29 96.53 -18.84
CA ASP J 246 -3.86 96.74 -19.07
C ASP J 246 -3.41 96.01 -20.33
N VAL J 247 -2.60 96.69 -21.12
CA VAL J 247 -2.05 96.15 -22.37
C VAL J 247 -0.54 96.18 -22.24
N TYR J 248 0.05 95.03 -21.95
CA TYR J 248 1.49 94.92 -21.80
C TYR J 248 2.16 94.66 -23.15
N ILE J 249 3.34 95.24 -23.33
CA ILE J 249 4.11 95.10 -24.56
C ILE J 249 5.51 94.62 -24.20
N GLU J 250 5.96 93.56 -24.86
CA GLU J 250 7.27 92.97 -24.63
C GLU J 250 8.00 92.80 -25.95
N THR J 251 9.33 92.76 -25.86
CA THR J 251 10.19 92.58 -27.01
C THR J 251 10.97 91.28 -26.86
N SER J 252 11.15 90.56 -27.97
CA SER J 252 11.86 89.29 -27.96
C SER J 252 12.66 89.16 -29.25
N ASN J 253 13.95 88.86 -29.11
CA ASN J 253 14.80 88.68 -30.27
C ASN J 253 14.48 87.40 -31.04
N LEU J 254 13.79 86.45 -30.42
CA LEU J 254 13.42 85.22 -31.11
C LEU J 254 12.48 85.50 -32.27
N LEU J 255 11.52 86.40 -32.07
CA LEU J 255 10.63 86.79 -33.16
C LEU J 255 11.36 87.61 -34.20
N LYS J 256 10.90 87.51 -35.44
CA LYS J 256 11.52 88.22 -36.57
C LYS J 256 10.42 88.67 -37.50
N HIS J 257 10.15 89.98 -37.52
CA HIS J 257 9.10 90.58 -38.35
C HIS J 257 7.73 89.99 -38.02
N LYS J 258 7.52 89.67 -36.75
CA LYS J 258 6.29 89.06 -36.26
C LYS J 258 5.75 89.87 -35.08
N ILE J 259 4.43 90.04 -35.07
CA ILE J 259 3.72 90.67 -33.95
C ILE J 259 2.69 89.69 -33.44
N LEU J 260 2.67 89.44 -32.14
CA LEU J 260 1.79 88.45 -31.54
C LEU J 260 0.94 89.11 -30.46
N ILE J 261 -0.38 89.09 -30.63
CA ILE J 261 -1.29 89.70 -29.67
C ILE J 261 -2.24 88.62 -29.15
N TYR J 262 -2.36 88.54 -27.83
CA TYR J 262 -3.22 87.53 -27.22
C TYR J 262 -3.58 87.97 -25.81
N PRO J 263 -4.74 87.56 -25.30
CA PRO J 263 -5.14 87.93 -23.94
C PRO J 263 -4.40 87.08 -22.90
N LEU J 264 -4.50 87.53 -21.64
CA LEU J 264 -3.88 86.85 -20.51
C LEU J 264 -4.93 86.20 -19.61
N ASN J 265 -5.97 85.63 -20.21
CA ASN J 265 -7.05 84.99 -19.47
C ASN J 265 -6.86 83.48 -19.52
N SER J 266 -6.87 82.85 -18.34
CA SER J 266 -6.69 81.40 -18.27
C SER J 266 -7.82 80.65 -18.94
N GLU J 267 -9.00 81.24 -19.02
CA GLU J 267 -10.13 80.59 -19.68
C GLU J 267 -9.87 80.39 -21.16
N LEU J 268 -9.28 81.39 -21.81
CA LEU J 268 -9.03 81.34 -23.25
C LEU J 268 -7.72 80.61 -23.57
N ILE J 269 -6.62 80.99 -22.93
CA ILE J 269 -5.31 80.40 -23.17
C ILE J 269 -4.78 79.87 -21.84
N LYS J 270 -4.36 78.62 -21.83
CA LYS J 270 -3.85 77.95 -20.64
C LYS J 270 -2.53 77.27 -20.98
N PHE J 271 -1.60 77.28 -20.02
CA PHE J 271 -0.34 76.56 -20.13
C PHE J 271 -0.30 75.56 -18.99
N LYS J 272 -0.33 74.27 -19.33
CA LYS J 272 -0.29 73.18 -18.36
C LYS J 272 0.97 72.35 -18.60
N PRO J 273 2.14 72.90 -18.29
CA PRO J 273 3.38 72.15 -18.53
C PRO J 273 3.59 71.08 -17.48
N SER J 274 4.48 70.14 -17.81
CA SER J 274 4.86 69.11 -16.86
C SER J 274 5.65 69.71 -15.71
N LYS J 275 5.57 69.05 -14.55
CA LYS J 275 6.37 69.46 -13.41
C LYS J 275 7.85 69.14 -13.58
N TYR J 276 8.22 68.42 -14.63
CA TYR J 276 9.61 68.09 -14.93
C TYR J 276 10.04 68.69 -16.27
N MET J 277 9.38 69.79 -16.68
CA MET J 277 9.70 70.41 -17.96
C MET J 277 11.11 71.01 -17.96
N LEU J 278 11.48 71.67 -16.87
CA LEU J 278 12.78 72.30 -16.77
C LEU J 278 13.87 71.25 -16.59
N PRO J 279 15.13 71.60 -16.88
CA PRO J 279 16.19 70.58 -16.86
C PRO J 279 16.30 69.87 -15.51
N THR J 280 16.50 68.56 -15.58
CA THR J 280 16.68 67.73 -14.39
C THR J 280 17.82 66.76 -14.64
N PRO J 281 18.78 66.65 -13.74
CA PRO J 281 19.88 65.71 -13.93
C PRO J 281 19.40 64.26 -13.82
N ASN J 282 20.14 63.37 -14.49
CA ASN J 282 19.86 61.95 -14.45
C ASN J 282 20.85 61.25 -13.53
N GLU J 283 20.41 60.16 -12.92
CA GLU J 283 21.26 59.43 -12.00
C GLU J 283 22.40 58.71 -12.72
N GLN J 284 22.20 58.36 -13.99
CA GLN J 284 23.21 57.65 -14.75
C GLN J 284 24.39 58.57 -15.07
N VAL J 285 25.59 58.15 -14.67
CA VAL J 285 26.82 58.89 -14.93
C VAL J 285 27.83 57.90 -15.49
N ASP J 286 28.16 58.04 -16.77
CA ASP J 286 29.13 57.15 -17.40
C ASP J 286 30.52 57.38 -16.82
N LYS J 287 31.18 56.30 -16.44
CA LYS J 287 32.52 56.36 -15.85
C LYS J 287 33.44 55.36 -16.53
N ASP J 288 34.73 55.67 -16.53
CA ASP J 288 35.73 54.81 -17.14
C ASP J 288 37.04 55.00 -16.36
N SER J 289 38.13 54.44 -16.90
CA SER J 289 39.44 54.58 -16.28
C SER J 289 40.09 55.93 -16.56
N THR J 290 39.57 56.70 -17.52
CA THR J 290 40.11 58.01 -17.84
C THR J 290 39.50 59.05 -16.91
N ASP J 291 39.78 60.33 -17.17
CA ASP J 291 39.29 61.43 -16.37
C ASP J 291 38.03 62.07 -16.94
N VAL J 292 37.49 61.55 -18.02
CA VAL J 292 36.33 62.13 -18.69
C VAL J 292 35.11 61.28 -18.39
N ALA J 293 34.09 61.90 -17.80
CA ALA J 293 32.82 61.26 -17.51
C ALA J 293 31.71 61.93 -18.31
N HIS J 294 30.55 61.28 -18.34
CA HIS J 294 29.40 61.78 -19.08
C HIS J 294 28.18 61.80 -18.16
N SER J 295 27.37 62.86 -18.29
CA SER J 295 26.15 63.01 -17.52
C SER J 295 24.99 63.30 -18.46
N TYR J 296 23.77 63.14 -17.95
CA TYR J 296 22.56 63.28 -18.75
C TYR J 296 21.59 64.26 -18.09
N ILE J 297 20.88 65.02 -18.93
CA ILE J 297 19.88 65.97 -18.49
C ILE J 297 18.58 65.70 -19.25
N ASP J 298 17.46 65.66 -18.52
CA ASP J 298 16.15 65.39 -19.07
C ASP J 298 15.27 66.63 -18.99
N PHE J 299 14.39 66.79 -19.98
CA PHE J 299 13.43 67.88 -19.99
C PHE J 299 12.20 67.46 -20.80
N VAL J 300 11.05 68.00 -20.42
CA VAL J 300 9.76 67.62 -20.99
C VAL J 300 9.16 68.82 -21.71
N LEU J 301 8.66 68.60 -22.92
CA LEU J 301 8.03 69.65 -23.72
C LEU J 301 6.58 69.32 -24.00
N GLY J 302 5.77 70.37 -24.20
CA GLY J 302 4.37 70.23 -24.51
C GLY J 302 3.47 70.85 -23.46
N GLY J 303 2.21 71.13 -23.83
CA GLY J 303 1.25 71.58 -22.84
C GLY J 303 0.67 72.98 -23.02
N LEU J 304 0.50 73.44 -24.25
CA LEU J 304 -0.11 74.74 -24.50
C LEU J 304 -1.50 74.53 -25.12
N LEU J 305 -2.53 75.01 -24.44
CA LEU J 305 -3.90 74.91 -24.91
C LEU J 305 -4.47 76.30 -25.13
N ALA J 306 -5.21 76.48 -26.23
CA ALA J 306 -5.79 77.78 -26.53
C ALA J 306 -7.11 77.59 -27.26
N THR J 307 -8.01 78.56 -27.06
CA THR J 307 -9.24 78.61 -27.83
C THR J 307 -8.96 79.18 -29.22
N ARG J 308 -9.76 78.76 -30.20
CA ARG J 308 -9.54 79.19 -31.56
C ARG J 308 -10.00 80.64 -31.75
N LYS J 309 -9.37 81.30 -32.73
CA LYS J 309 -9.68 82.69 -33.10
C LYS J 309 -9.55 83.62 -31.90
N THR J 310 -8.43 83.51 -31.18
CA THR J 310 -8.13 84.39 -30.07
C THR J 310 -6.70 84.93 -30.09
N ILE J 311 -5.91 84.58 -31.10
CA ILE J 311 -4.53 85.03 -31.21
C ILE J 311 -4.35 85.72 -32.56
N LEU J 312 -3.76 86.91 -32.55
CA LEU J 312 -3.47 87.64 -33.77
C LEU J 312 -1.98 87.56 -34.06
N GLN J 313 -1.63 87.13 -35.27
CA GLN J 313 -0.25 86.97 -35.71
C GLN J 313 -0.08 87.80 -36.97
N VAL J 314 0.75 88.85 -36.89
CA VAL J 314 1.02 89.75 -38.00
C VAL J 314 2.44 89.48 -38.49
N ASN J 315 2.58 89.16 -39.77
CA ASN J 315 3.87 88.93 -40.39
C ASN J 315 4.14 90.05 -41.38
N ILE J 316 5.27 90.74 -41.20
CA ILE J 316 5.68 91.82 -42.09
C ILE J 316 6.63 91.20 -43.13
N LYS J 317 6.10 90.89 -44.31
CA LYS J 317 6.91 90.26 -45.34
C LYS J 317 8.02 91.19 -45.79
N GLN J 318 9.26 90.79 -45.54
CA GLN J 318 10.43 91.60 -45.88
C GLN J 318 10.93 91.19 -47.27
N SER J 319 10.87 92.12 -48.21
CA SER J 319 11.31 91.88 -49.59
C SER J 319 10.64 90.66 -50.21
N LEU K 3 35.89 53.72 3.77
CA LEU K 3 36.05 53.32 2.38
C LEU K 3 36.37 51.83 2.27
N PHE K 4 37.16 51.33 3.22
CA PHE K 4 37.53 49.92 3.19
C PHE K 4 36.34 49.00 3.45
N ASP K 5 35.39 49.44 4.29
CA ASP K 5 34.22 48.63 4.56
C ASP K 5 33.34 48.48 3.32
N GLU K 6 33.32 49.49 2.45
CA GLU K 6 32.49 49.45 1.25
C GLU K 6 33.21 48.82 0.07
N ASN K 7 34.49 49.13 -0.14
CA ASN K 7 35.25 48.65 -1.27
C ASN K 7 36.21 47.56 -0.80
N TYR K 8 36.05 46.35 -1.35
CA TYR K 8 36.93 45.25 -0.98
C TYR K 8 38.30 45.38 -1.65
N TYR K 9 38.32 45.87 -2.90
CA TYR K 9 39.57 45.90 -3.66
C TYR K 9 40.60 46.82 -3.01
N ALA K 10 40.15 47.98 -2.50
CA ALA K 10 41.07 48.90 -1.85
C ALA K 10 41.70 48.27 -0.60
N LYS K 11 40.89 47.54 0.18
CA LYS K 11 41.43 46.86 1.36
C LYS K 11 42.47 45.82 0.98
N ALA K 12 42.21 45.05 -0.08
CA ALA K 12 43.17 44.05 -0.54
C ALA K 12 44.47 44.71 -1.01
N VAL K 13 44.34 45.82 -1.74
CA VAL K 13 45.53 46.54 -2.20
C VAL K 13 46.34 47.04 -1.01
N ALA K 14 45.66 47.59 -0.01
CA ALA K 14 46.36 48.09 1.17
C ALA K 14 47.01 46.97 1.96
N ASN K 15 46.39 45.80 2.02
CA ASN K 15 46.93 44.68 2.78
C ASN K 15 48.01 43.90 2.03
N ILE K 16 48.12 44.06 0.71
CA ILE K 16 49.12 43.35 -0.06
C ILE K 16 50.17 44.28 -0.67
N ILE K 17 50.07 45.59 -0.45
CA ILE K 17 51.04 46.51 -1.03
C ILE K 17 52.43 46.29 -0.43
N GLY K 18 52.51 45.82 0.81
CA GLY K 18 53.80 45.61 1.44
C GLY K 18 54.63 44.52 0.78
N GLU K 19 53.99 43.47 0.27
CA GLU K 19 54.70 42.35 -0.32
C GLU K 19 55.41 42.71 -1.62
N VAL K 20 55.11 43.86 -2.21
CA VAL K 20 55.77 44.28 -3.44
C VAL K 20 57.15 44.81 -3.10
N LYS K 21 58.17 44.30 -3.78
CA LYS K 21 59.54 44.66 -3.49
C LYS K 21 59.86 46.07 -4.00
N ASP K 22 60.88 46.69 -3.39
CA ASP K 22 61.31 48.00 -3.81
C ASP K 22 62.02 47.92 -5.17
N PRO K 23 61.93 48.97 -5.98
CA PRO K 23 62.61 48.96 -7.28
C PRO K 23 64.13 48.89 -7.12
N ILE K 24 64.78 48.22 -8.07
CA ILE K 24 66.23 48.11 -8.06
C ILE K 24 66.92 49.36 -8.56
N MET K 25 66.18 50.27 -9.20
CA MET K 25 66.77 51.52 -9.69
C MET K 25 67.21 52.44 -8.55
N TYR K 26 66.73 52.19 -7.33
CA TYR K 26 67.09 53.05 -6.20
C TYR K 26 68.58 52.97 -5.90
N LYS K 27 69.20 51.82 -6.14
CA LYS K 27 70.64 51.67 -5.89
C LYS K 27 71.46 52.55 -6.83
N TRP K 28 70.93 52.84 -8.02
CA TRP K 28 71.67 53.59 -9.03
C TRP K 28 71.80 55.07 -8.69
N PHE K 29 71.11 55.56 -7.66
CA PHE K 29 71.11 56.97 -7.32
C PHE K 29 71.33 57.14 -5.82
N SER K 30 71.94 58.26 -5.45
CA SER K 30 72.12 58.62 -4.06
C SER K 30 70.80 59.12 -3.47
N PRO K 31 70.66 59.08 -2.14
CA PRO K 31 69.40 59.55 -1.53
C PRO K 31 69.05 60.98 -1.87
N ASP K 32 70.06 61.86 -1.98
CA ASP K 32 69.80 63.27 -2.27
C ASP K 32 69.59 63.54 -3.76
N GLN K 33 69.84 62.55 -4.62
CA GLN K 33 69.72 62.74 -6.07
C GLN K 33 68.30 62.57 -6.60
N ILE K 34 67.35 62.22 -5.74
CA ILE K 34 65.97 61.95 -6.15
C ILE K 34 65.04 62.85 -5.36
N GLU K 35 64.15 63.54 -6.07
CA GLU K 35 63.16 64.42 -5.44
C GLU K 35 61.83 64.27 -6.17
N ASP K 36 60.77 64.01 -5.42
CA ASP K 36 59.47 63.77 -6.03
C ASP K 36 58.79 65.08 -6.41
N VAL K 37 58.02 65.03 -7.50
CA VAL K 37 57.23 66.16 -7.96
C VAL K 37 55.78 65.73 -8.06
N ASP K 38 54.87 66.71 -7.95
CA ASP K 38 53.44 66.46 -7.96
C ASP K 38 52.92 66.71 -9.38
N LEU K 39 52.83 65.64 -10.15
CA LEU K 39 52.32 65.72 -11.53
C LEU K 39 51.91 64.34 -11.98
N GLN K 40 51.06 64.31 -13.01
CA GLN K 40 50.67 63.07 -13.68
C GLN K 40 50.92 63.10 -15.17
N MET K 41 50.67 64.22 -15.83
CA MET K 41 50.97 64.38 -17.24
C MET K 41 51.18 65.87 -17.51
N GLY K 42 52.36 66.22 -18.01
CA GLY K 42 52.68 67.61 -18.25
C GLY K 42 54.18 67.80 -18.36
N TYR K 43 54.63 69.00 -17.99
CA TYR K 43 56.05 69.32 -18.10
C TYR K 43 56.46 70.25 -16.97
N GLN K 44 57.73 70.19 -16.61
CA GLN K 44 58.34 71.09 -15.64
C GLN K 44 59.55 71.74 -16.28
N LYS K 45 59.60 73.06 -16.27
CA LYS K 45 60.65 73.81 -16.96
C LYS K 45 61.46 74.63 -15.97
N THR K 46 62.75 74.78 -16.29
CA THR K 46 63.66 75.58 -15.50
C THR K 46 64.54 76.41 -16.43
N VAL K 47 65.14 77.46 -15.89
CA VAL K 47 65.95 78.40 -16.67
C VAL K 47 67.34 78.47 -16.07
N LYS K 48 68.36 78.44 -16.93
CA LYS K 48 69.74 78.59 -16.53
C LYS K 48 70.37 79.75 -17.30
N TRP K 49 71.17 80.55 -16.59
CA TRP K 49 71.79 81.75 -17.15
C TRP K 49 73.29 81.52 -17.30
N ASP K 50 73.82 81.81 -18.49
CA ASP K 50 75.23 81.64 -18.78
C ASP K 50 75.80 82.94 -19.34
N ALA K 51 77.11 83.08 -19.21
CA ALA K 51 77.82 84.25 -19.69
C ALA K 51 78.96 83.82 -20.61
N PHE K 52 79.37 84.73 -21.49
CA PHE K 52 80.46 84.45 -22.41
C PHE K 52 81.17 85.75 -22.77
N LEU K 53 82.44 85.61 -23.15
CA LEU K 53 83.25 86.74 -23.58
C LEU K 53 83.11 86.93 -25.09
N ASN K 54 82.88 88.16 -25.52
CA ASN K 54 82.68 88.42 -26.94
C ASN K 54 83.98 88.63 -27.71
N ALA K 55 85.03 89.14 -27.08
CA ALA K 55 86.23 89.51 -27.84
C ALA K 55 87.41 89.61 -26.88
N ASN K 56 88.57 89.92 -27.45
CA ASN K 56 89.77 90.13 -26.66
C ASN K 56 89.64 91.43 -25.84
N PRO K 57 90.26 91.49 -24.67
CA PRO K 57 90.11 92.65 -23.80
C PRO K 57 90.65 93.93 -24.43
N THR K 58 90.14 95.05 -23.93
CA THR K 58 90.52 96.37 -24.42
C THR K 58 91.49 97.01 -23.44
N THR K 59 92.61 97.49 -23.96
CA THR K 59 93.65 98.11 -23.14
C THR K 59 93.25 99.56 -22.85
N ILE K 60 93.20 99.89 -21.56
CA ILE K 60 92.80 101.22 -21.11
C ILE K 60 94.04 102.12 -21.15
N ALA K 61 94.23 102.82 -22.27
CA ALA K 61 95.34 103.73 -22.45
C ALA K 61 94.83 104.99 -23.12
N ASN K 62 95.17 106.14 -22.56
CA ASN K 62 94.77 107.46 -23.06
C ASN K 62 93.24 107.53 -23.03
N GLU K 63 92.57 107.85 -24.13
CA GLU K 63 91.12 107.97 -24.18
C GLU K 63 90.56 106.92 -25.12
N VAL K 64 89.52 106.23 -24.68
CA VAL K 64 88.85 105.23 -25.52
C VAL K 64 87.39 105.16 -25.10
N ASN K 65 86.50 105.00 -26.09
CA ASN K 65 85.07 104.87 -25.85
C ASN K 65 84.51 103.49 -26.17
N THR K 66 85.13 102.77 -27.11
CA THR K 66 84.64 101.46 -27.52
C THR K 66 85.33 100.39 -26.67
N ILE K 67 84.53 99.66 -25.90
CA ILE K 67 85.04 98.64 -24.99
C ILE K 67 84.43 97.29 -25.37
N SER K 68 85.21 96.23 -25.17
CA SER K 68 84.73 94.89 -25.44
C SER K 68 83.60 94.53 -24.49
N THR K 69 82.69 93.68 -24.97
CA THR K 69 81.45 93.38 -24.28
C THR K 69 81.44 91.94 -23.77
N ILE K 70 80.57 91.70 -22.79
CA ILE K 70 80.28 90.38 -22.27
C ILE K 70 78.85 90.04 -22.61
N GLY K 71 78.63 88.91 -23.28
CA GLY K 71 77.30 88.49 -23.63
C GLY K 71 76.71 87.55 -22.60
N PHE K 72 75.39 87.52 -22.54
CA PHE K 72 74.66 86.65 -21.65
C PHE K 72 73.61 85.89 -22.44
N SER K 73 73.32 84.66 -22.00
CA SER K 73 72.36 83.81 -22.68
C SER K 73 71.55 83.03 -21.66
N SER K 74 70.34 82.65 -22.05
CA SER K 74 69.47 81.85 -21.21
C SER K 74 69.11 80.56 -21.92
N GLU K 75 68.99 79.49 -21.15
CA GLU K 75 68.57 78.19 -21.67
C GLU K 75 67.44 77.66 -20.82
N VAL K 76 66.35 77.28 -21.47
CA VAL K 76 65.17 76.72 -20.80
C VAL K 76 65.16 75.22 -21.02
N VAL K 77 65.16 74.46 -19.93
CA VAL K 77 65.19 73.01 -19.97
C VAL K 77 63.86 72.49 -19.45
N ARG K 78 63.23 71.60 -20.24
CA ARG K 78 61.91 71.09 -19.94
C ARG K 78 61.97 69.58 -19.76
N LEU K 79 61.28 69.08 -18.73
CA LEU K 79 61.15 67.66 -18.46
C LEU K 79 59.68 67.27 -18.64
N ASN K 80 59.43 66.31 -19.51
CA ASN K 80 58.07 65.86 -19.81
C ASN K 80 57.74 64.60 -19.03
N TYR K 81 56.46 64.43 -18.72
CA TYR K 81 55.98 63.25 -18.01
C TYR K 81 54.85 62.61 -18.80
N LEU K 82 54.72 61.29 -18.66
CA LEU K 82 53.69 60.56 -19.39
C LEU K 82 52.98 59.59 -18.45
N LYS K 83 51.65 59.55 -18.54
CA LYS K 83 50.83 58.65 -17.74
C LYS K 83 50.37 57.47 -18.59
N LEU K 84 50.63 56.25 -18.12
CA LEU K 84 50.31 55.03 -18.86
C LEU K 84 49.50 54.10 -17.97
N GLN K 85 48.76 53.20 -18.61
CA GLN K 85 47.83 52.33 -17.91
C GLN K 85 47.93 50.92 -18.45
N TYR K 86 47.64 49.95 -17.57
CA TYR K 86 47.55 48.54 -17.91
C TYR K 86 46.27 47.98 -17.33
N LYS K 87 45.75 46.94 -17.98
CA LYS K 87 44.51 46.28 -17.56
C LYS K 87 44.76 44.80 -17.36
N PHE K 88 44.21 44.23 -16.28
CA PHE K 88 44.35 42.82 -16.01
C PHE K 88 43.05 42.23 -15.50
N ARG K 89 42.85 40.95 -15.80
CA ARG K 89 41.63 40.23 -15.42
C ARG K 89 41.87 39.41 -14.16
N HIS K 90 40.82 39.27 -13.35
CA HIS K 90 40.92 38.56 -12.09
C HIS K 90 39.56 37.95 -11.75
N LEU K 91 39.53 37.17 -10.68
CA LEU K 91 38.30 36.56 -10.20
C LEU K 91 37.55 37.51 -9.29
N LYS K 92 36.23 37.36 -9.26
CA LYS K 92 35.38 38.18 -8.42
C LYS K 92 35.46 37.73 -6.96
N GLN K 93 35.32 38.70 -6.05
CA GLN K 93 35.41 38.39 -4.63
C GLN K 93 34.34 37.39 -4.19
N THR K 94 33.11 37.59 -4.68
CA THR K 94 32.04 36.65 -4.35
C THR K 94 32.29 35.29 -4.98
N SER K 95 32.92 35.25 -6.16
CA SER K 95 33.19 34.01 -6.85
C SER K 95 34.45 33.30 -6.38
N GLU K 96 35.22 33.92 -5.47
CA GLU K 96 36.44 33.29 -4.98
C GLU K 96 36.15 31.97 -4.27
N LYS K 97 35.07 31.92 -3.47
CA LYS K 97 34.80 30.74 -2.67
C LYS K 97 34.56 29.50 -3.53
N PHE K 98 34.10 29.69 -4.77
CA PHE K 98 33.90 28.57 -5.68
C PHE K 98 35.16 28.17 -6.41
N TYR K 99 36.28 28.85 -6.17
CA TYR K 99 37.57 28.47 -6.72
C TYR K 99 38.63 28.24 -5.67
N THR K 100 38.31 28.45 -4.39
CA THR K 100 39.27 28.25 -3.30
C THR K 100 39.48 26.76 -3.08
N SER K 101 40.46 26.19 -3.78
CA SER K 101 40.85 24.81 -3.56
C SER K 101 41.66 24.71 -2.26
N ASP K 102 42.10 23.49 -1.95
CA ASP K 102 42.84 23.25 -0.72
C ASP K 102 44.14 24.04 -0.67
N SER K 103 44.97 23.91 -1.70
CA SER K 103 46.27 24.57 -1.75
C SER K 103 46.22 25.87 -2.54
N TYR K 104 45.81 25.82 -3.79
CA TYR K 104 45.80 26.98 -4.68
C TYR K 104 44.41 27.58 -4.75
N ILE K 105 44.36 28.90 -4.96
CA ILE K 105 43.12 29.63 -5.17
C ILE K 105 43.15 30.21 -6.57
N GLY K 106 42.22 29.78 -7.42
CA GLY K 106 42.18 30.23 -8.79
C GLY K 106 42.16 29.07 -9.76
N ASP K 107 41.58 29.29 -10.93
CA ASP K 107 41.47 28.25 -11.95
C ASP K 107 42.81 28.11 -12.67
N ILE K 108 43.42 26.93 -12.57
CA ILE K 108 44.68 26.69 -13.27
C ILE K 108 44.46 26.62 -14.78
N ASN K 109 43.36 25.98 -15.20
CA ASN K 109 43.12 25.80 -16.63
C ASN K 109 42.88 27.13 -17.33
N ASN K 110 42.15 28.04 -16.68
CA ASN K 110 41.80 29.32 -17.28
C ASN K 110 42.74 30.45 -16.88
N ASN K 111 43.77 30.16 -16.08
CA ASN K 111 44.76 31.15 -15.67
C ASN K 111 44.10 32.35 -15.00
N LEU K 112 43.19 32.07 -14.08
CA LEU K 112 42.47 33.10 -13.33
C LEU K 112 42.98 33.12 -11.89
N LEU K 113 43.16 34.31 -11.36
CA LEU K 113 43.80 34.51 -10.06
C LEU K 113 42.95 35.44 -9.21
N PRO K 114 43.12 35.39 -7.90
CA PRO K 114 42.49 36.39 -7.04
C PRO K 114 43.03 37.79 -7.31
N PHE K 115 42.25 38.79 -6.92
CA PHE K 115 42.60 40.17 -7.22
C PHE K 115 43.92 40.56 -6.56
N ALA K 116 44.14 40.13 -5.32
CA ALA K 116 45.35 40.52 -4.60
C ALA K 116 46.60 39.98 -5.29
N GLN K 117 46.62 38.68 -5.58
CA GLN K 117 47.78 38.08 -6.24
C GLN K 117 47.99 38.65 -7.64
N ALA K 118 46.89 38.84 -8.39
CA ALA K 118 47.00 39.41 -9.73
C ALA K 118 47.58 40.81 -9.66
N TYR K 119 47.13 41.62 -8.71
CA TYR K 119 47.66 42.97 -8.55
C TYR K 119 49.13 42.94 -8.17
N LYS K 120 49.53 42.03 -7.28
CA LYS K 120 50.94 41.93 -6.90
C LYS K 120 51.81 41.60 -8.11
N LEU K 121 51.42 40.59 -8.88
CA LEU K 121 52.21 40.20 -10.04
C LEU K 121 52.25 41.30 -11.09
N ALA K 122 51.11 41.95 -11.35
CA ALA K 122 51.07 43.03 -12.33
C ALA K 122 51.94 44.20 -11.88
N SER K 123 51.88 44.55 -10.60
CA SER K 123 52.72 45.63 -10.08
C SER K 123 54.19 45.28 -10.20
N SER K 124 54.56 44.03 -9.92
CA SER K 124 55.95 43.62 -10.08
C SER K 124 56.41 43.76 -11.52
N GLU K 125 55.58 43.32 -12.47
CA GLU K 125 55.94 43.46 -13.88
C GLU K 125 56.06 44.93 -14.29
N ILE K 126 55.14 45.77 -13.81
CA ILE K 126 55.19 47.19 -14.17
C ILE K 126 56.43 47.85 -13.56
N ILE K 127 56.82 47.46 -12.35
CA ILE K 127 58.03 48.01 -11.75
C ILE K 127 59.26 47.56 -12.52
N LYS K 128 59.27 46.32 -12.99
CA LYS K 128 60.36 45.87 -13.86
C LYS K 128 60.44 46.73 -15.12
N LEU K 129 59.29 47.02 -15.73
CA LEU K 129 59.26 47.86 -16.92
C LEU K 129 59.76 49.27 -16.62
N ILE K 130 59.35 49.82 -15.47
CA ILE K 130 59.77 51.16 -15.09
C ILE K 130 61.28 51.22 -14.87
N ASN K 131 61.84 50.19 -14.22
CA ASN K 131 63.28 50.14 -14.02
C ASN K 131 64.00 50.05 -15.35
N HIS K 132 63.49 49.23 -16.27
CA HIS K 132 64.10 49.14 -17.59
C HIS K 132 64.06 50.48 -18.32
N PHE K 133 62.94 51.19 -18.21
CA PHE K 133 62.84 52.51 -18.82
C PHE K 133 63.84 53.49 -18.21
N VAL K 134 63.95 53.50 -16.88
CA VAL K 134 64.87 54.42 -16.21
C VAL K 134 66.30 54.13 -16.62
N LEU K 135 66.64 52.85 -16.81
CA LEU K 135 68.01 52.52 -17.19
C LEU K 135 68.28 52.85 -18.66
N THR K 136 67.51 52.27 -19.58
CA THR K 136 67.85 52.30 -20.99
C THR K 136 67.29 53.52 -21.73
N GLY K 137 66.24 54.15 -21.24
CA GLY K 137 65.63 55.26 -21.94
C GLY K 137 64.61 54.87 -22.99
N THR K 138 64.32 53.58 -23.14
CA THR K 138 63.33 53.09 -24.09
C THR K 138 62.31 52.21 -23.38
N VAL K 139 61.14 52.08 -24.01
CA VAL K 139 60.05 51.25 -23.50
C VAL K 139 59.75 50.21 -24.57
N SER K 140 59.97 48.94 -24.24
CA SER K 140 59.70 47.84 -25.17
C SER K 140 59.50 46.56 -24.38
N ILE K 141 58.86 45.59 -25.03
CA ILE K 141 58.62 44.28 -24.44
C ILE K 141 59.23 43.15 -25.28
N GLN K 142 60.11 43.48 -26.20
CA GLN K 142 60.76 42.49 -27.06
C GLN K 142 62.25 42.44 -26.76
N LYS K 143 62.80 41.23 -26.79
CA LYS K 143 64.23 41.06 -26.52
C LYS K 143 65.07 41.74 -27.60
N ASP K 144 64.63 41.67 -28.85
CA ASP K 144 65.37 42.33 -29.94
C ASP K 144 65.40 43.84 -29.76
N GLY K 145 64.42 44.40 -29.06
CA GLY K 145 64.34 45.83 -28.87
C GLY K 145 63.51 46.57 -29.89
N LYS K 146 62.71 45.86 -30.69
CA LYS K 146 61.89 46.48 -31.71
C LYS K 146 60.50 46.80 -31.16
N ASN K 147 59.70 47.48 -32.00
CA ASN K 147 58.34 47.87 -31.65
C ASN K 147 58.30 48.67 -30.35
N GLN K 148 59.23 49.61 -30.23
CA GLN K 148 59.28 50.47 -29.05
C GLN K 148 58.12 51.45 -29.04
N LYS K 149 57.70 51.83 -27.84
CA LYS K 149 56.65 52.82 -27.70
C LYS K 149 57.18 54.21 -28.04
N ARG K 150 56.46 54.92 -28.91
CA ARG K 150 56.83 56.28 -29.23
C ARG K 150 56.56 57.19 -28.03
N LEU K 151 57.62 57.79 -27.50
CA LEU K 151 57.54 58.61 -26.31
C LEU K 151 57.72 60.08 -26.64
N LEU K 152 57.28 60.93 -25.72
CA LEU K 152 57.40 62.36 -25.91
C LEU K 152 58.86 62.79 -25.83
N PRO K 153 59.21 63.91 -26.48
CA PRO K 153 60.58 64.43 -26.36
C PRO K 153 60.86 64.89 -24.94
N ASN K 154 62.16 65.12 -24.68
CA ASN K 154 62.66 65.48 -23.35
C ASN K 154 62.37 64.39 -22.33
N MET K 155 62.28 63.14 -22.79
CA MET K 155 62.12 61.97 -21.94
C MET K 155 63.30 61.05 -22.24
N TYR K 156 64.29 61.04 -21.36
CA TYR K 156 65.54 60.34 -21.62
C TYR K 156 65.93 59.50 -20.40
N GLY K 157 66.73 58.48 -20.67
CA GLY K 157 67.31 57.65 -19.64
C GLY K 157 68.81 57.85 -19.53
N LEU K 158 69.41 57.08 -18.62
CA LEU K 158 70.86 57.18 -18.41
C LEU K 158 71.65 56.70 -19.61
N LEU K 159 71.12 55.74 -20.36
CA LEU K 159 71.87 55.14 -21.46
C LEU K 159 71.69 55.88 -22.78
N ASN K 160 70.51 56.44 -23.05
CA ASN K 160 70.24 57.14 -24.30
C ASN K 160 70.34 58.65 -24.17
N MET K 161 70.91 59.14 -23.07
CA MET K 161 70.99 60.58 -22.86
C MET K 161 71.89 61.20 -23.92
N PRO K 162 71.42 62.24 -24.62
CA PRO K 162 72.24 62.84 -25.69
C PRO K 162 73.29 63.80 -25.12
N GLU K 163 74.20 64.20 -26.01
CA GLU K 163 75.27 65.15 -25.68
C GLU K 163 76.11 64.67 -24.50
N GLN K 164 76.36 63.37 -24.45
CA GLN K 164 77.24 62.77 -23.45
C GLN K 164 78.40 62.07 -24.16
N ILE K 165 79.39 61.67 -23.38
CA ILE K 165 80.58 61.04 -23.97
C ILE K 165 80.22 59.60 -24.31
N LYS K 166 80.42 59.23 -25.58
CA LYS K 166 80.05 57.92 -26.10
C LYS K 166 81.28 57.29 -26.74
N GLU K 167 81.65 56.10 -26.26
CA GLU K 167 82.76 55.34 -26.81
C GLU K 167 82.24 54.02 -27.35
N GLU K 168 82.88 53.53 -28.40
CA GLU K 168 82.47 52.30 -29.08
C GLU K 168 83.67 51.39 -29.26
N VAL K 169 83.60 50.19 -28.70
CA VAL K 169 84.62 49.18 -28.87
C VAL K 169 84.27 48.33 -30.09
N ALA K 170 85.23 48.19 -31.00
CA ALA K 170 84.98 47.56 -32.28
C ALA K 170 84.67 46.07 -32.11
N SER K 171 84.12 45.47 -33.17
CA SER K 171 83.76 44.05 -33.14
C SER K 171 85.00 43.18 -33.00
N GLY K 172 86.09 43.54 -33.68
CA GLY K 172 87.30 42.75 -33.57
C GLY K 172 87.88 42.74 -32.16
N ASP K 173 87.73 43.84 -31.44
CA ASP K 173 88.23 43.98 -30.07
C ASP K 173 87.15 43.69 -29.04
N LYS K 174 86.19 42.83 -29.37
CA LYS K 174 85.09 42.55 -28.45
C LYS K 174 85.58 41.85 -27.19
N ASP K 175 86.58 40.97 -27.30
CA ASP K 175 87.11 40.24 -26.16
C ASP K 175 88.36 40.86 -25.58
N LYS K 176 88.90 41.90 -26.19
CA LYS K 176 90.15 42.51 -25.73
C LYS K 176 89.83 43.51 -24.63
N MET K 177 90.01 43.07 -23.38
CA MET K 177 89.79 43.95 -22.24
C MET K 177 90.75 45.13 -22.26
N ASP K 178 91.93 44.97 -22.84
CA ASP K 178 92.86 46.09 -22.97
C ASP K 178 92.27 47.17 -23.87
N LYS K 179 91.68 46.79 -25.01
CA LYS K 179 91.04 47.76 -25.88
C LYS K 179 89.82 48.39 -25.21
N ILE K 180 89.04 47.58 -24.49
CA ILE K 180 87.88 48.11 -23.78
C ILE K 180 88.32 49.15 -22.77
N PHE K 181 89.38 48.85 -22.01
CA PHE K 181 89.89 49.81 -21.04
C PHE K 181 90.49 51.04 -21.70
N GLU K 182 91.08 50.89 -22.88
CA GLU K 182 91.56 52.06 -23.62
C GLU K 182 90.40 52.99 -23.96
N LYS K 183 89.29 52.41 -24.45
CA LYS K 183 88.11 53.22 -24.74
C LYS K 183 87.56 53.87 -23.49
N ILE K 184 87.51 53.13 -22.37
CA ILE K 184 87.02 53.69 -21.12
C ILE K 184 87.92 54.83 -20.65
N GLU K 185 89.23 54.67 -20.80
CA GLU K 185 90.17 55.73 -20.42
C GLU K 185 89.98 56.96 -21.28
N ALA K 186 89.79 56.79 -22.59
CA ALA K 186 89.53 57.93 -23.45
C ALA K 186 88.25 58.65 -23.04
N GLY K 187 87.19 57.90 -22.76
CA GLY K 187 85.95 58.53 -22.31
C GLY K 187 86.10 59.24 -20.98
N LEU K 188 86.84 58.65 -20.05
CA LEU K 188 87.07 59.27 -18.76
C LEU K 188 87.86 60.56 -18.90
N SER K 189 88.85 60.58 -19.79
CA SER K 189 89.58 61.80 -20.07
C SER K 189 88.67 62.86 -20.68
N LYS K 190 87.78 62.44 -21.59
CA LYS K 190 86.84 63.39 -22.17
C LYS K 190 85.74 63.83 -21.21
N LEU K 191 85.58 63.15 -20.07
CA LEU K 191 84.61 63.58 -19.08
C LEU K 191 84.95 64.98 -18.57
N GLU K 192 83.91 65.76 -18.29
CA GLU K 192 84.05 67.13 -17.79
C GLU K 192 83.16 67.28 -16.55
N LEU K 193 83.77 67.20 -15.37
CA LEU K 193 83.04 67.33 -14.11
C LEU K 193 83.07 68.73 -13.53
N GLY K 194 84.05 69.56 -13.92
CA GLY K 194 84.12 70.91 -13.40
C GLY K 194 84.49 70.94 -11.93
N ASP K 195 83.84 71.83 -11.18
CA ASP K 195 84.10 71.98 -9.76
C ASP K 195 83.41 70.92 -8.91
N GLU K 196 82.56 70.08 -9.52
CA GLU K 196 81.86 69.01 -8.81
C GLU K 196 82.58 67.68 -8.94
N PHE K 197 83.90 67.69 -9.13
CA PHE K 197 84.65 66.46 -9.31
C PHE K 197 84.68 65.63 -8.04
N SER K 198 84.76 66.28 -6.88
CA SER K 198 84.86 65.58 -5.59
C SER K 198 83.49 65.00 -5.23
N THR K 199 83.16 63.89 -5.87
CA THR K 199 81.88 63.21 -5.65
C THR K 199 82.06 61.73 -5.92
N PRO K 200 81.28 60.87 -5.27
CA PRO K 200 81.33 59.43 -5.57
C PRO K 200 80.90 59.15 -7.00
N MET K 201 81.43 58.06 -7.55
CA MET K 201 81.15 57.66 -8.92
C MET K 201 80.46 56.31 -8.94
N MET K 202 79.64 56.09 -9.96
CA MET K 202 78.87 54.86 -10.12
C MET K 202 79.07 54.31 -11.52
N VAL K 203 79.37 53.02 -11.60
CA VAL K 203 79.56 52.31 -12.86
C VAL K 203 78.59 51.13 -12.89
N ILE K 204 77.93 50.94 -14.03
CA ILE K 204 77.01 49.84 -14.25
C ILE K 204 77.52 49.05 -15.45
N VAL K 205 77.66 47.73 -15.27
CA VAL K 205 78.24 46.86 -16.28
C VAL K 205 77.36 45.63 -16.46
N ASP K 206 77.47 45.01 -17.63
CA ASP K 206 76.79 43.77 -17.92
C ASP K 206 77.52 42.60 -17.25
N PRO K 207 76.85 41.45 -17.09
CA PRO K 207 77.53 40.29 -16.49
C PRO K 207 78.76 39.84 -17.24
N ALA K 208 78.76 39.92 -18.58
CA ALA K 208 79.95 39.57 -19.34
C ALA K 208 81.12 40.50 -19.01
N THR K 209 80.84 41.80 -18.92
CA THR K 209 81.88 42.76 -18.55
C THR K 209 82.38 42.50 -17.14
N SER K 210 81.47 42.16 -16.22
CA SER K 210 81.87 41.85 -14.86
C SER K 210 82.78 40.62 -14.82
N LEU K 211 82.46 39.61 -15.62
CA LEU K 211 83.32 38.43 -15.72
C LEU K 211 84.69 38.80 -16.30
N LYS K 212 84.71 39.66 -17.31
CA LYS K 212 85.99 40.04 -17.91
C LYS K 212 86.82 40.89 -16.96
N LEU K 213 86.18 41.62 -16.04
CA LEU K 213 86.91 42.52 -15.15
C LEU K 213 87.84 41.77 -14.21
N VAL K 214 87.41 40.61 -13.69
CA VAL K 214 88.18 39.92 -12.66
C VAL K 214 89.42 39.22 -13.20
N LYS K 215 89.59 39.17 -14.52
CA LYS K 215 90.81 38.61 -15.07
C LYS K 215 92.01 39.47 -14.68
N PRO K 216 93.18 38.85 -14.49
CA PRO K 216 94.36 39.62 -14.05
C PRO K 216 94.74 40.68 -15.08
N TYR K 217 95.22 41.82 -14.57
CA TYR K 217 95.62 42.92 -15.43
C TYR K 217 96.85 42.53 -16.25
N ALA K 218 96.84 42.86 -17.53
CA ALA K 218 97.95 42.55 -18.42
C ALA K 218 98.59 43.81 -18.96
N ALA K 223 102.29 40.18 -19.78
CA ALA K 223 102.29 39.17 -18.73
C ALA K 223 101.25 39.49 -17.67
N ALA K 224 100.64 38.45 -17.10
CA ALA K 224 99.65 38.65 -16.05
C ALA K 224 100.28 39.24 -14.81
N SER K 225 99.59 40.20 -14.20
CA SER K 225 100.09 40.86 -13.01
C SER K 225 99.77 40.02 -11.77
N SER K 226 100.28 40.46 -10.62
CA SER K 226 100.05 39.80 -9.35
C SER K 226 99.27 40.75 -8.44
N CYS K 227 98.14 40.27 -7.93
CA CYS K 227 97.25 41.05 -7.04
C CYS K 227 96.74 42.32 -7.71
N GLU K 228 96.82 42.40 -9.03
CA GLU K 228 96.34 43.56 -9.79
C GLU K 228 95.42 43.08 -10.89
N LYS K 229 94.16 43.50 -10.83
CA LYS K 229 93.15 43.08 -11.79
C LYS K 229 92.57 44.30 -12.51
N TRP K 230 91.87 44.02 -13.61
CA TRP K 230 91.27 45.08 -14.41
C TRP K 230 90.28 45.90 -13.60
N GLU K 231 89.54 45.24 -12.70
CA GLU K 231 88.59 45.97 -11.85
C GLU K 231 89.32 46.95 -10.95
N ASP K 232 90.42 46.52 -10.33
CA ASP K 232 91.19 47.41 -9.47
C ASP K 232 91.80 48.56 -10.27
N VAL K 233 92.29 48.27 -11.47
CA VAL K 233 92.86 49.33 -12.32
C VAL K 233 91.78 50.35 -12.67
N LEU K 234 90.57 49.88 -13.01
CA LEU K 234 89.48 50.79 -13.32
C LEU K 234 89.09 51.64 -12.12
N ILE K 235 89.05 51.02 -10.93
CA ILE K 235 88.72 51.77 -9.72
C ILE K 235 89.76 52.85 -9.47
N GLN K 236 91.04 52.52 -9.64
CA GLN K 236 92.10 53.52 -9.46
C GLN K 236 91.98 54.63 -10.49
N THR K 237 91.67 54.28 -11.75
CA THR K 237 91.53 55.29 -12.79
C THR K 237 90.38 56.25 -12.48
N ILE K 238 89.25 55.73 -12.01
CA ILE K 238 88.12 56.59 -11.67
C ILE K 238 88.44 57.43 -10.43
N LYS K 239 89.16 56.84 -9.47
CA LYS K 239 89.58 57.59 -8.28
C LYS K 239 90.54 58.72 -8.64
N ALA K 240 91.29 58.55 -9.73
CA ALA K 240 92.18 59.63 -10.18
C ALA K 240 91.39 60.87 -10.56
N ILE K 241 90.21 60.70 -11.16
CA ILE K 241 89.44 61.84 -11.64
C ILE K 241 88.37 62.31 -10.67
N ASN K 242 87.97 61.49 -9.70
CA ASN K 242 86.94 61.91 -8.76
C ASN K 242 87.51 62.35 -7.42
N ASN K 243 88.77 62.77 -7.38
CA ASN K 243 89.44 63.17 -6.14
C ASN K 243 89.45 62.04 -5.12
N ARG K 244 89.69 60.82 -5.61
CA ARG K 244 89.80 59.63 -4.76
C ARG K 244 88.56 59.43 -3.88
N GLU K 245 87.39 59.65 -4.46
CA GLU K 245 86.15 59.39 -3.77
C GLU K 245 85.71 57.94 -4.01
N ASP K 246 84.63 57.55 -3.33
CA ASP K 246 84.13 56.18 -3.44
C ASP K 246 83.65 55.89 -4.86
N VAL K 247 83.95 54.67 -5.31
CA VAL K 247 83.54 54.20 -6.64
C VAL K 247 82.74 52.92 -6.43
N TYR K 248 81.48 52.94 -6.84
CA TYR K 248 80.59 51.80 -6.73
C TYR K 248 80.40 51.15 -8.09
N ILE K 249 80.44 49.83 -8.13
CA ILE K 249 80.28 49.06 -9.36
C ILE K 249 79.10 48.11 -9.18
N GLU K 250 78.18 48.13 -10.15
CA GLU K 250 76.98 47.32 -10.12
C GLU K 250 76.85 46.53 -11.42
N THR K 251 76.22 45.37 -11.31
CA THR K 251 75.92 44.52 -12.44
C THR K 251 74.42 44.49 -12.67
N SER K 252 74.00 44.71 -13.91
CA SER K 252 72.59 44.76 -14.27
C SER K 252 72.34 43.83 -15.45
N ASN K 253 71.35 42.94 -15.30
CA ASN K 253 70.98 42.05 -16.39
C ASN K 253 70.28 42.78 -17.53
N LEU K 254 69.70 43.95 -17.26
CA LEU K 254 69.06 44.72 -18.32
C LEU K 254 70.08 45.18 -19.35
N LEU K 255 71.25 45.63 -18.90
CA LEU K 255 72.30 46.05 -19.82
C LEU K 255 72.90 44.85 -20.55
N LYS K 256 73.42 45.11 -21.73
CA LYS K 256 74.04 44.07 -22.55
C LYS K 256 75.15 44.71 -23.36
N HIS K 257 76.39 44.38 -23.02
CA HIS K 257 77.57 44.91 -23.71
C HIS K 257 77.65 46.43 -23.63
N LYS K 258 77.17 46.98 -22.51
CA LYS K 258 77.16 48.41 -22.27
C LYS K 258 77.76 48.69 -20.90
N ILE K 259 78.58 49.74 -20.83
CA ILE K 259 79.18 50.22 -19.59
C ILE K 259 78.76 51.67 -19.40
N LEU K 260 78.24 51.98 -18.22
CA LEU K 260 77.70 53.30 -17.93
C LEU K 260 78.39 53.87 -16.70
N ILE K 261 79.06 55.01 -16.87
CA ILE K 261 79.79 55.65 -15.77
C ILE K 261 79.25 57.06 -15.58
N TYR K 262 78.90 57.38 -14.33
CA TYR K 262 78.35 58.70 -14.05
C TYR K 262 78.55 59.04 -12.57
N PRO K 263 78.65 60.31 -12.21
CA PRO K 263 78.80 60.68 -10.80
C PRO K 263 77.47 60.57 -10.06
N LEU K 264 77.58 60.65 -8.73
CA LEU K 264 76.42 60.57 -7.84
C LEU K 264 76.18 61.89 -7.12
N ASN K 265 76.36 63.01 -7.84
CA ASN K 265 76.15 64.33 -7.29
C ASN K 265 74.84 64.90 -7.82
N SER K 266 74.02 65.42 -6.91
CA SER K 266 72.73 65.98 -7.29
C SER K 266 72.86 67.23 -8.15
N GLU K 267 74.00 67.92 -8.09
CA GLU K 267 74.18 69.13 -8.88
C GLU K 267 74.38 68.85 -10.36
N LEU K 268 74.71 67.61 -10.72
CA LEU K 268 74.93 67.22 -12.10
C LEU K 268 73.80 66.39 -12.69
N ILE K 269 73.39 65.33 -12.01
CA ILE K 269 72.31 64.47 -12.46
C ILE K 269 71.28 64.38 -11.35
N LYS K 270 70.01 64.63 -11.69
CA LYS K 270 68.93 64.62 -10.72
C LYS K 270 67.72 63.91 -11.31
N PHE K 271 67.07 63.10 -10.49
CA PHE K 271 65.85 62.38 -10.86
C PHE K 271 64.69 63.05 -10.12
N LYS K 272 63.80 63.69 -10.88
CA LYS K 272 62.62 64.33 -10.32
C LYS K 272 61.38 63.63 -10.83
N PRO K 273 61.11 62.40 -10.38
CA PRO K 273 59.96 61.67 -10.90
C PRO K 273 58.66 62.14 -10.26
N SER K 274 57.56 61.82 -10.93
CA SER K 274 56.25 62.10 -10.38
C SER K 274 56.02 61.29 -9.12
N LYS K 275 55.29 61.88 -8.17
CA LYS K 275 54.95 61.16 -6.95
C LYS K 275 54.02 60.00 -7.20
N TYR K 276 53.43 59.90 -8.39
CA TYR K 276 52.58 58.78 -8.78
C TYR K 276 53.24 57.88 -9.82
N MET K 277 54.58 57.92 -9.90
CA MET K 277 55.29 57.12 -10.90
C MET K 277 55.09 55.63 -10.68
N LEU K 278 55.16 55.19 -9.43
CA LEU K 278 55.01 53.78 -9.12
C LEU K 278 53.55 53.34 -9.33
N PRO K 279 53.32 52.05 -9.55
CA PRO K 279 51.97 51.60 -9.90
C PRO K 279 50.93 51.97 -8.85
N THR K 280 49.76 52.39 -9.33
CA THR K 280 48.65 52.77 -8.46
C THR K 280 47.36 52.18 -9.04
N PRO K 281 46.55 51.51 -8.23
CA PRO K 281 45.29 50.96 -8.75
C PRO K 281 44.29 52.06 -9.10
N ASN K 282 43.43 51.74 -10.06
CA ASN K 282 42.37 52.64 -10.49
C ASN K 282 41.05 52.26 -9.82
N GLU K 283 40.19 53.26 -9.63
CA GLU K 283 38.91 53.02 -8.98
C GLU K 283 37.95 52.24 -9.87
N GLN K 284 38.07 52.39 -11.18
CA GLN K 284 37.16 51.73 -12.10
C GLN K 284 37.40 50.22 -12.12
N VAL K 285 36.33 49.46 -11.92
CA VAL K 285 36.38 48.00 -11.98
C VAL K 285 35.29 47.54 -12.96
N ASP K 286 35.69 46.79 -13.98
CA ASP K 286 34.76 46.29 -14.98
C ASP K 286 34.11 45.02 -14.47
N LYS K 287 32.81 45.09 -14.18
CA LYS K 287 32.05 43.96 -13.67
C LYS K 287 31.04 43.49 -14.72
N ASP K 288 30.64 42.24 -14.61
CA ASP K 288 29.68 41.64 -15.53
C ASP K 288 28.87 40.60 -14.76
N SER K 289 28.08 39.81 -15.48
CA SER K 289 27.29 38.75 -14.87
C SER K 289 28.11 37.49 -14.63
N THR K 290 29.32 37.40 -15.16
CA THR K 290 30.17 36.24 -14.97
C THR K 290 31.09 36.45 -13.76
N ASP K 291 32.06 35.57 -13.59
CA ASP K 291 32.97 35.63 -12.45
C ASP K 291 34.24 36.42 -12.72
N VAL K 292 34.44 36.90 -13.95
CA VAL K 292 35.66 37.58 -14.35
C VAL K 292 35.46 39.09 -14.23
N ALA K 293 36.41 39.77 -13.59
CA ALA K 293 36.41 41.21 -13.47
C ALA K 293 37.73 41.76 -14.02
N HIS K 294 37.74 43.06 -14.32
CA HIS K 294 38.90 43.73 -14.89
C HIS K 294 39.29 44.91 -14.02
N SER K 295 40.60 45.09 -13.84
CA SER K 295 41.14 46.19 -13.04
C SER K 295 42.26 46.87 -13.81
N TYR K 296 42.54 48.12 -13.41
CA TYR K 296 43.48 48.98 -14.12
C TYR K 296 44.55 49.49 -13.16
N ILE K 297 45.77 49.63 -13.68
CA ILE K 297 46.91 50.15 -12.94
C ILE K 297 47.52 51.30 -13.72
N ASP K 298 47.83 52.39 -13.04
CA ASP K 298 48.39 53.58 -13.64
C ASP K 298 49.82 53.80 -13.16
N PHE K 299 50.68 54.30 -14.04
CA PHE K 299 52.05 54.63 -13.67
C PHE K 299 52.56 55.76 -14.54
N VAL K 300 53.46 56.57 -13.98
CA VAL K 300 53.98 57.77 -14.63
C VAL K 300 55.45 57.59 -14.92
N LEU K 301 55.88 58.03 -16.10
CA LEU K 301 57.25 57.88 -16.57
C LEU K 301 57.83 59.23 -16.96
N GLY K 302 59.13 59.39 -16.72
CA GLY K 302 59.85 60.60 -17.10
C GLY K 302 60.40 61.39 -15.93
N GLY K 303 61.42 62.21 -16.18
CA GLY K 303 61.93 63.10 -15.15
C GLY K 303 63.40 63.04 -14.82
N LEU K 304 64.23 62.55 -15.74
CA LEU K 304 65.67 62.47 -15.50
C LEU K 304 66.36 63.66 -16.17
N LEU K 305 67.10 64.44 -15.38
CA LEU K 305 67.78 65.64 -15.87
C LEU K 305 69.28 65.50 -15.61
N ALA K 306 70.07 65.66 -16.66
CA ALA K 306 71.52 65.52 -16.54
C ALA K 306 72.22 66.69 -17.21
N THR K 307 73.35 67.10 -16.64
CA THR K 307 74.18 68.11 -17.27
C THR K 307 74.94 67.51 -18.45
N ARG K 308 75.35 68.38 -19.37
CA ARG K 308 76.01 67.93 -20.58
C ARG K 308 77.42 67.46 -20.30
N LYS K 309 77.83 66.42 -21.03
CA LYS K 309 79.19 65.87 -20.98
C LYS K 309 79.57 65.46 -19.55
N THR K 310 78.69 64.68 -18.92
CA THR K 310 78.94 64.15 -17.59
C THR K 310 78.66 62.66 -17.48
N ILE K 311 78.34 62.00 -18.59
CA ILE K 311 78.02 60.57 -18.60
C ILE K 311 78.88 59.89 -19.66
N LEU K 312 79.53 58.79 -19.28
CA LEU K 312 80.29 57.97 -20.21
C LEU K 312 79.52 56.70 -20.54
N GLN K 313 79.32 56.46 -21.83
CA GLN K 313 78.56 55.32 -22.32
C GLN K 313 79.44 54.54 -23.30
N VAL K 314 79.89 53.36 -22.89
CA VAL K 314 80.75 52.53 -23.71
C VAL K 314 79.92 51.37 -24.25
N ASN K 315 79.87 51.23 -25.57
CA ASN K 315 79.13 50.16 -26.22
C ASN K 315 80.12 49.23 -26.92
N ILE K 316 80.06 47.95 -26.60
CA ILE K 316 80.95 46.95 -27.18
C ILE K 316 80.20 46.29 -28.33
N LYS K 317 80.55 46.67 -29.57
CA LYS K 317 79.91 46.08 -30.73
C LYS K 317 80.23 44.60 -30.82
N GLN K 318 79.19 43.77 -30.74
CA GLN K 318 79.34 42.32 -30.78
C GLN K 318 79.08 41.73 -32.16
N SER K 319 78.82 42.57 -33.16
CA SER K 319 78.54 42.10 -34.51
C SER K 319 79.83 41.87 -35.29
N LEU L 3 21.73 45.54 3.35
CA LEU L 3 21.63 45.33 1.91
C LEU L 3 20.24 45.72 1.40
N PHE L 4 19.21 45.43 2.21
CA PHE L 4 17.85 45.76 1.82
C PHE L 4 17.66 47.27 1.70
N ASP L 5 18.28 48.04 2.60
CA ASP L 5 18.22 49.49 2.51
C ASP L 5 18.94 50.02 1.28
N GLU L 6 19.81 49.21 0.68
CA GLU L 6 20.56 49.59 -0.52
C GLU L 6 20.05 48.91 -1.78
N ASN L 7 19.79 47.61 -1.73
CA ASN L 7 19.40 46.83 -2.91
C ASN L 7 17.89 46.62 -2.89
N TYR L 8 17.17 47.51 -3.57
CA TYR L 8 15.72 47.35 -3.69
C TYR L 8 15.37 46.09 -4.45
N TYR L 9 16.19 45.72 -5.44
CA TYR L 9 15.96 44.49 -6.18
C TYR L 9 16.07 43.28 -5.27
N ALA L 10 17.08 43.25 -4.39
CA ALA L 10 17.20 42.16 -3.43
C ALA L 10 16.03 42.14 -2.47
N LYS L 11 15.60 43.32 -2.01
CA LYS L 11 14.43 43.38 -1.12
C LYS L 11 13.19 42.83 -1.80
N ALA L 12 12.97 43.19 -3.06
CA ALA L 12 11.81 42.69 -3.79
C ALA L 12 11.90 41.19 -4.01
N VAL L 13 13.09 40.68 -4.32
CA VAL L 13 13.25 39.25 -4.50
C VAL L 13 12.94 38.51 -3.19
N ALA L 14 13.43 39.04 -2.07
CA ALA L 14 13.13 38.43 -0.78
C ALA L 14 11.63 38.46 -0.48
N ASN L 15 10.98 39.56 -0.80
CA ASN L 15 9.55 39.69 -0.50
C ASN L 15 8.66 38.88 -1.43
N ILE L 16 9.13 38.53 -2.63
CA ILE L 16 8.32 37.81 -3.60
C ILE L 16 8.80 36.37 -3.78
N ILE L 17 9.82 35.95 -3.02
CA ILE L 17 10.34 34.59 -3.17
C ILE L 17 9.29 33.54 -2.82
N GLY L 18 8.30 33.89 -2.01
CA GLY L 18 7.28 32.93 -1.61
C GLY L 18 6.22 32.67 -2.65
N GLU L 19 6.07 33.54 -3.65
CA GLU L 19 4.99 33.38 -4.61
C GLU L 19 5.26 32.24 -5.58
N VAL L 20 6.52 31.88 -5.80
CA VAL L 20 6.83 30.77 -6.70
C VAL L 20 6.41 29.46 -6.04
N LYS L 21 6.09 28.47 -6.87
CA LYS L 21 5.61 27.18 -6.39
C LYS L 21 6.73 26.16 -6.42
N ASP L 22 6.60 25.15 -5.57
CA ASP L 22 7.59 24.09 -5.50
C ASP L 22 7.59 23.28 -6.81
N PRO L 23 8.75 22.80 -7.23
CA PRO L 23 8.80 22.02 -8.48
C PRO L 23 8.05 20.70 -8.35
N ILE L 24 7.49 20.25 -9.48
CA ILE L 24 6.77 18.99 -9.51
C ILE L 24 7.68 17.79 -9.41
N MET L 25 9.00 17.98 -9.60
CA MET L 25 9.94 16.89 -9.47
C MET L 25 10.05 16.38 -8.04
N TYR L 26 9.63 17.19 -7.06
CA TYR L 26 9.69 16.76 -5.67
C TYR L 26 8.76 15.57 -5.40
N LYS L 27 7.71 15.42 -6.22
CA LYS L 27 6.76 14.34 -6.07
C LYS L 27 7.26 13.02 -6.67
N TRP L 28 8.44 13.02 -7.28
CA TRP L 28 8.97 11.85 -7.96
C TRP L 28 10.05 11.13 -7.16
N PHE L 29 10.40 11.63 -5.97
CA PHE L 29 11.50 11.08 -5.20
C PHE L 29 11.11 10.92 -3.74
N SER L 30 11.75 9.98 -3.07
CA SER L 30 11.56 9.80 -1.63
C SER L 30 12.21 10.96 -0.88
N PRO L 31 11.72 11.26 0.33
CA PRO L 31 12.36 12.34 1.11
C PRO L 31 13.85 12.11 1.37
N ASP L 32 14.25 10.85 1.56
CA ASP L 32 15.65 10.52 1.81
C ASP L 32 16.46 10.32 0.52
N GLN L 33 15.83 10.45 -0.64
CA GLN L 33 16.51 10.22 -1.91
C GLN L 33 17.11 11.48 -2.50
N ILE L 34 17.04 12.62 -1.81
CA ILE L 34 17.55 13.89 -2.28
C ILE L 34 18.47 14.47 -1.23
N GLU L 35 19.67 14.87 -1.64
CA GLU L 35 20.65 15.46 -0.72
C GLU L 35 21.41 16.57 -1.44
N ASP L 36 21.34 17.77 -0.89
CA ASP L 36 21.98 18.92 -1.53
C ASP L 36 23.50 18.87 -1.40
N VAL L 37 24.18 19.42 -2.39
CA VAL L 37 25.64 19.53 -2.38
C VAL L 37 26.01 21.00 -2.53
N ASP L 38 27.31 21.29 -2.50
CA ASP L 38 27.82 22.66 -2.56
C ASP L 38 28.77 22.79 -3.74
N LEU L 39 28.22 23.16 -4.89
CA LEU L 39 29.00 23.36 -6.11
C LEU L 39 28.14 24.07 -7.14
N GLN L 40 28.78 24.95 -7.92
CA GLN L 40 28.10 25.65 -9.00
C GLN L 40 28.42 25.09 -10.37
N MET L 41 29.68 24.75 -10.64
CA MET L 41 30.08 24.13 -11.88
C MET L 41 31.30 23.26 -11.63
N GLY L 42 31.37 22.14 -12.33
CA GLY L 42 32.50 21.25 -12.18
C GLY L 42 32.09 19.80 -12.04
N TYR L 43 32.83 19.04 -11.24
CA TYR L 43 32.53 17.63 -11.04
C TYR L 43 32.75 17.26 -9.58
N GLN L 44 32.07 16.20 -9.16
CA GLN L 44 32.21 15.67 -7.82
C GLN L 44 32.21 14.15 -7.88
N LYS L 45 33.11 13.53 -7.12
CA LYS L 45 33.29 12.08 -7.15
C LYS L 45 32.76 11.45 -5.88
N THR L 46 32.11 10.30 -6.04
CA THR L 46 31.58 9.52 -4.93
C THR L 46 32.17 8.12 -4.99
N VAL L 47 32.52 7.59 -3.83
CA VAL L 47 33.17 6.29 -3.71
C VAL L 47 32.23 5.32 -2.99
N LYS L 48 32.13 4.11 -3.53
CA LYS L 48 31.34 3.04 -2.95
C LYS L 48 32.25 1.88 -2.61
N TRP L 49 32.18 1.41 -1.37
CA TRP L 49 33.04 0.36 -0.86
C TRP L 49 32.23 -0.93 -0.68
N ASP L 50 32.76 -2.04 -1.21
CA ASP L 50 32.11 -3.34 -1.12
C ASP L 50 33.09 -4.36 -0.57
N ALA L 51 32.54 -5.43 0.00
CA ALA L 51 33.33 -6.51 0.59
C ALA L 51 32.91 -7.84 0.01
N PHE L 52 33.83 -8.81 0.06
CA PHE L 52 33.58 -10.14 -0.46
C PHE L 52 34.40 -11.15 0.32
N LEU L 53 33.97 -12.41 0.25
CA LEU L 53 34.64 -13.53 0.90
C LEU L 53 35.53 -14.24 -0.11
N ASN L 54 36.72 -14.66 0.33
CA ASN L 54 37.64 -15.32 -0.60
C ASN L 54 37.50 -16.83 -0.63
N ALA L 55 37.00 -17.45 0.44
CA ALA L 55 36.90 -18.90 0.50
C ALA L 55 35.88 -19.28 1.56
N ASN L 56 35.67 -20.59 1.71
CA ASN L 56 34.76 -21.11 2.72
C ASN L 56 35.30 -20.84 4.12
N PRO L 57 34.43 -20.78 5.12
CA PRO L 57 34.89 -20.49 6.49
C PRO L 57 35.81 -21.56 7.03
N THR L 58 36.53 -21.20 8.09
CA THR L 58 37.47 -22.07 8.76
C THR L 58 36.94 -22.44 10.13
N THR L 59 36.87 -23.74 10.42
CA THR L 59 36.39 -24.20 11.72
C THR L 59 37.46 -23.99 12.77
N ILE L 60 37.07 -23.42 13.91
CA ILE L 60 37.99 -23.16 15.01
C ILE L 60 37.98 -24.41 15.89
N ALA L 61 38.86 -25.35 15.56
CA ALA L 61 39.00 -26.58 16.33
C ALA L 61 40.48 -26.80 16.61
N ASN L 62 40.80 -27.05 17.89
CA ASN L 62 42.18 -27.28 18.35
C ASN L 62 43.00 -26.03 18.02
N GLU L 63 44.13 -26.16 17.35
CA GLU L 63 44.99 -25.02 17.01
C GLU L 63 45.05 -24.84 15.51
N VAL L 64 44.93 -23.60 15.05
CA VAL L 64 44.98 -23.29 13.63
C VAL L 64 45.56 -21.89 13.46
N ASN L 65 46.32 -21.70 12.39
CA ASN L 65 46.93 -20.42 12.06
C ASN L 65 46.42 -19.81 10.77
N THR L 66 45.98 -20.62 9.80
CA THR L 66 45.53 -20.14 8.51
C THR L 66 44.01 -19.99 8.52
N ILE L 67 43.52 -18.78 8.26
CA ILE L 67 42.10 -18.48 8.28
C ILE L 67 41.69 -17.94 6.92
N SER L 68 40.40 -18.06 6.62
CA SER L 68 39.84 -17.50 5.39
C SER L 68 39.86 -15.97 5.44
N THR L 69 39.87 -15.36 4.26
CA THR L 69 40.09 -13.93 4.14
C THR L 69 38.88 -13.23 3.53
N ILE L 70 38.76 -11.94 3.83
CA ILE L 70 37.70 -11.08 3.32
C ILE L 70 38.37 -9.92 2.59
N GLY L 71 38.06 -9.77 1.31
CA GLY L 71 38.61 -8.71 0.49
C GLY L 71 37.64 -7.55 0.33
N PHE L 72 38.19 -6.43 -0.14
CA PHE L 72 37.43 -5.20 -0.32
C PHE L 72 37.69 -4.63 -1.70
N SER L 73 36.73 -3.84 -2.18
CA SER L 73 36.81 -3.22 -3.50
C SER L 73 36.11 -1.87 -3.47
N SER L 74 36.48 -1.02 -4.43
CA SER L 74 35.96 0.34 -4.50
C SER L 74 35.48 0.64 -5.90
N GLU L 75 34.49 1.54 -5.98
CA GLU L 75 34.00 2.05 -7.25
C GLU L 75 33.84 3.56 -7.14
N VAL L 76 34.24 4.28 -8.20
CA VAL L 76 34.25 5.73 -8.21
C VAL L 76 33.31 6.22 -9.31
N VAL L 77 32.43 7.16 -8.97
CA VAL L 77 31.45 7.70 -9.91
C VAL L 77 31.56 9.21 -9.90
N ARG L 78 31.66 9.81 -11.10
CA ARG L 78 31.76 11.25 -11.25
C ARG L 78 30.42 11.83 -11.69
N LEU L 79 30.01 12.92 -11.05
CA LEU L 79 28.80 13.65 -11.41
C LEU L 79 29.17 15.08 -11.78
N ASN L 80 28.71 15.52 -12.94
CA ASN L 80 29.02 16.85 -13.45
C ASN L 80 27.89 17.82 -13.15
N TYR L 81 28.25 19.06 -12.85
CA TYR L 81 27.30 20.12 -12.56
C TYR L 81 27.61 21.31 -13.46
N LEU L 82 26.56 21.90 -14.04
CA LEU L 82 26.70 22.99 -15.00
C LEU L 82 25.85 24.18 -14.57
N LYS L 83 26.33 25.38 -14.84
CA LYS L 83 25.63 26.61 -14.49
C LYS L 83 25.14 27.32 -15.75
N LEU L 84 23.91 27.81 -15.71
CA LEU L 84 23.28 28.48 -16.83
C LEU L 84 22.62 29.76 -16.35
N GLN L 85 22.46 30.70 -17.27
CA GLN L 85 21.95 32.03 -16.93
C GLN L 85 20.95 32.48 -17.98
N TYR L 86 19.97 33.26 -17.52
CA TYR L 86 18.99 33.91 -18.38
C TYR L 86 18.94 35.39 -18.04
N LYS L 87 18.61 36.21 -19.04
CA LYS L 87 18.50 37.65 -18.88
C LYS L 87 17.10 38.11 -19.21
N PHE L 88 16.55 39.01 -18.39
CA PHE L 88 15.22 39.55 -18.65
C PHE L 88 15.21 41.04 -18.40
N ARG L 89 14.44 41.75 -19.22
CA ARG L 89 14.28 43.20 -19.10
C ARG L 89 13.08 43.52 -18.20
N HIS L 90 13.13 44.70 -17.60
CA HIS L 90 12.09 45.15 -16.68
C HIS L 90 12.17 46.67 -16.55
N LEU L 91 11.31 47.22 -15.70
CA LEU L 91 11.22 48.65 -15.48
C LEU L 91 12.05 49.08 -14.28
N LYS L 92 12.61 50.28 -14.36
CA LYS L 92 13.39 50.83 -13.27
C LYS L 92 12.47 51.22 -12.11
N GLN L 93 12.99 51.09 -10.89
CA GLN L 93 12.21 51.39 -9.69
C GLN L 93 11.76 52.85 -9.68
N THR L 94 12.66 53.76 -10.02
CA THR L 94 12.29 55.17 -10.06
C THR L 94 11.29 55.47 -11.16
N SER L 95 11.29 54.67 -12.23
CA SER L 95 10.39 54.88 -13.35
C SER L 95 9.05 54.16 -13.19
N GLU L 96 8.90 53.29 -12.19
CA GLU L 96 7.63 52.59 -11.99
C GLU L 96 6.50 53.57 -11.71
N LYS L 97 6.78 54.63 -10.94
CA LYS L 97 5.73 55.58 -10.56
C LYS L 97 5.10 56.25 -11.78
N PHE L 98 5.82 56.34 -12.89
CA PHE L 98 5.29 56.91 -14.12
C PHE L 98 4.52 55.91 -14.96
N TYR L 99 4.45 54.65 -14.53
CA TYR L 99 3.63 53.64 -15.19
C TYR L 99 2.62 53.00 -14.25
N THR L 100 2.56 53.44 -12.99
CA THR L 100 1.59 52.89 -12.04
C THR L 100 0.18 53.36 -12.37
N SER L 101 -0.50 52.66 -13.28
CA SER L 101 -1.89 52.97 -13.58
C SER L 101 -2.80 52.40 -12.50
N ASP L 102 -4.04 52.87 -12.50
CA ASP L 102 -5.00 52.42 -11.48
C ASP L 102 -5.29 50.93 -11.61
N SER L 103 -5.51 50.46 -12.83
CA SER L 103 -5.86 49.05 -13.03
C SER L 103 -4.65 48.14 -12.85
N TYR L 104 -3.49 48.56 -13.36
CA TYR L 104 -2.31 47.71 -13.35
C TYR L 104 -1.06 48.57 -13.31
N ILE L 105 0.07 47.93 -13.03
CA ILE L 105 1.38 48.57 -13.04
C ILE L 105 2.21 47.92 -14.13
N GLY L 106 2.69 48.72 -15.08
CA GLY L 106 3.49 48.24 -16.19
C GLY L 106 3.17 49.02 -17.45
N ASP L 107 3.70 48.52 -18.56
CA ASP L 107 3.48 49.14 -19.87
C ASP L 107 2.97 48.06 -20.81
N ILE L 108 1.67 48.16 -21.17
CA ILE L 108 1.06 47.16 -22.03
C ILE L 108 1.61 47.26 -23.45
N ASN L 109 1.74 48.47 -23.97
CA ASN L 109 2.10 48.66 -25.38
C ASN L 109 3.51 48.15 -25.68
N ASN L 110 4.45 48.33 -24.75
CA ASN L 110 5.82 47.92 -24.97
C ASN L 110 6.19 46.65 -24.22
N ASN L 111 5.24 46.01 -23.54
CA ASN L 111 5.46 44.76 -22.82
C ASN L 111 6.58 44.91 -21.80
N LEU L 112 6.36 45.81 -20.84
CA LEU L 112 7.32 46.08 -19.77
C LEU L 112 6.62 45.86 -18.43
N LEU L 113 7.33 45.22 -17.50
CA LEU L 113 6.75 44.75 -16.26
C LEU L 113 7.56 45.27 -15.08
N PRO L 114 6.96 45.32 -13.89
CA PRO L 114 7.76 45.57 -12.68
C PRO L 114 8.74 44.44 -12.45
N PHE L 115 9.83 44.76 -11.75
CA PHE L 115 10.90 43.79 -11.53
C PHE L 115 10.40 42.56 -10.80
N ALA L 116 9.55 42.76 -9.78
CA ALA L 116 9.06 41.62 -8.99
C ALA L 116 8.25 40.66 -9.84
N GLN L 117 7.30 41.18 -10.61
CA GLN L 117 6.47 40.31 -11.46
C GLN L 117 7.30 39.64 -12.55
N ALA L 118 8.22 40.39 -13.17
CA ALA L 118 9.07 39.80 -14.20
C ALA L 118 9.93 38.68 -13.62
N TYR L 119 10.50 38.90 -12.42
CA TYR L 119 11.28 37.86 -11.77
C TYR L 119 10.44 36.64 -11.44
N LYS L 120 9.21 36.85 -10.97
CA LYS L 120 8.34 35.73 -10.65
C LYS L 120 8.04 34.89 -11.88
N LEU L 121 7.68 35.55 -12.99
CA LEU L 121 7.36 34.80 -14.21
C LEU L 121 8.60 34.10 -14.76
N ALA L 122 9.75 34.78 -14.77
CA ALA L 122 10.97 34.14 -15.26
C ALA L 122 11.36 32.96 -14.40
N SER L 123 11.23 33.09 -13.08
CA SER L 123 11.54 31.97 -12.18
C SER L 123 10.61 30.80 -12.42
N SER L 124 9.32 31.08 -12.64
CA SER L 124 8.37 29.99 -12.93
C SER L 124 8.75 29.25 -14.20
N GLU L 125 9.08 30.00 -15.26
CA GLU L 125 9.49 29.37 -16.51
C GLU L 125 10.77 28.56 -16.35
N ILE L 126 11.73 29.10 -15.59
CA ILE L 126 12.98 28.38 -15.39
C ILE L 126 12.75 27.11 -14.57
N ILE L 127 11.84 27.16 -13.59
CA ILE L 127 11.52 25.97 -12.81
C ILE L 127 10.87 24.91 -13.70
N LYS L 128 9.99 25.34 -14.62
CA LYS L 128 9.43 24.39 -15.57
C LYS L 128 10.53 23.75 -16.42
N LEU L 129 11.48 24.55 -16.89
CA LEU L 129 12.58 24.01 -17.68
C LEU L 129 13.43 23.04 -16.87
N ILE L 130 13.68 23.36 -15.60
CA ILE L 130 14.47 22.48 -14.74
C ILE L 130 13.74 21.17 -14.52
N ASN L 131 12.42 21.21 -14.29
CA ASN L 131 11.67 19.98 -14.14
C ASN L 131 11.73 19.13 -15.42
N HIS L 132 11.62 19.79 -16.58
CA HIS L 132 11.74 19.06 -17.84
C HIS L 132 13.11 18.41 -17.96
N PHE L 133 14.17 19.12 -17.57
CA PHE L 133 15.51 18.55 -17.61
C PHE L 133 15.64 17.35 -16.67
N VAL L 134 15.12 17.48 -15.45
CA VAL L 134 15.23 16.38 -14.49
C VAL L 134 14.49 15.15 -14.99
N LEU L 135 13.36 15.36 -15.69
CA LEU L 135 12.61 14.20 -16.18
C LEU L 135 13.28 13.58 -17.41
N THR L 136 13.53 14.37 -18.45
CA THR L 136 13.89 13.83 -19.76
C THR L 136 15.39 13.76 -20.01
N GLY L 137 16.21 14.43 -19.24
CA GLY L 137 17.65 14.44 -19.50
C GLY L 137 18.07 15.28 -20.69
N THR L 138 17.18 16.15 -21.19
CA THR L 138 17.49 17.04 -22.29
C THR L 138 16.98 18.44 -21.95
N VAL L 139 17.58 19.43 -22.61
CA VAL L 139 17.18 20.83 -22.49
C VAL L 139 16.82 21.34 -23.87
N SER L 140 15.56 21.72 -24.05
CA SER L 140 15.08 22.25 -25.33
C SER L 140 13.85 23.09 -25.08
N ILE L 141 13.57 23.99 -26.04
CA ILE L 141 12.40 24.86 -25.97
C ILE L 141 11.38 24.56 -27.06
N GLN L 142 11.75 23.80 -28.09
CA GLN L 142 10.81 23.44 -29.14
C GLN L 142 9.89 22.32 -28.68
N LYS L 143 8.64 22.39 -29.12
CA LYS L 143 7.67 21.34 -28.79
C LYS L 143 8.02 20.01 -29.42
N ASP L 144 8.79 20.02 -30.51
CA ASP L 144 9.26 18.80 -31.14
C ASP L 144 10.44 18.18 -30.41
N GLY L 145 10.97 18.85 -29.40
CA GLY L 145 12.15 18.37 -28.71
C GLY L 145 13.40 18.36 -29.55
N LYS L 146 13.55 19.34 -30.45
CA LYS L 146 14.72 19.49 -31.30
C LYS L 146 15.47 20.75 -30.91
N ASN L 147 16.57 21.00 -31.63
CA ASN L 147 17.48 22.11 -31.33
C ASN L 147 17.91 22.07 -29.87
N GLN L 148 18.19 20.86 -29.38
CA GLN L 148 18.55 20.69 -27.98
C GLN L 148 19.92 21.28 -27.69
N LYS L 149 20.07 21.83 -26.48
CA LYS L 149 21.35 22.34 -26.04
C LYS L 149 22.26 21.16 -25.67
N ARG L 150 23.41 21.08 -26.32
CA ARG L 150 24.34 19.98 -26.06
C ARG L 150 24.91 20.11 -24.66
N LEU L 151 24.76 19.06 -23.86
CA LEU L 151 25.16 19.07 -22.47
C LEU L 151 26.44 18.24 -22.27
N LEU L 152 26.93 18.25 -21.03
CA LEU L 152 28.17 17.58 -20.70
C LEU L 152 27.93 16.09 -20.45
N PRO L 153 28.96 15.26 -20.60
CA PRO L 153 28.84 13.84 -20.22
C PRO L 153 28.65 13.69 -18.72
N ASN L 154 28.19 12.50 -18.34
CA ASN L 154 27.85 12.19 -16.95
C ASN L 154 26.75 13.10 -16.41
N MET L 155 25.92 13.60 -17.32
CA MET L 155 24.77 14.45 -16.99
C MET L 155 23.56 13.81 -17.65
N TYR L 156 22.86 12.95 -16.90
CA TYR L 156 21.77 12.17 -17.45
C TYR L 156 20.51 12.36 -16.62
N GLY L 157 19.38 12.12 -17.26
CA GLY L 157 18.10 12.08 -16.59
C GLY L 157 17.55 10.67 -16.48
N LEU L 158 16.29 10.60 -16.04
CA LEU L 158 15.66 9.29 -15.86
C LEU L 158 15.45 8.58 -17.20
N LEU L 159 15.05 9.32 -18.24
CA LEU L 159 14.75 8.70 -19.52
C LEU L 159 15.99 8.39 -20.35
N ASN L 160 17.13 9.03 -20.08
CA ASN L 160 18.33 8.81 -20.87
C ASN L 160 19.48 8.25 -20.05
N MET L 161 19.21 7.73 -18.85
CA MET L 161 20.26 7.11 -18.06
C MET L 161 20.78 5.87 -18.79
N PRO L 162 22.09 5.76 -19.00
CA PRO L 162 22.61 4.61 -19.76
C PRO L 162 22.53 3.32 -18.95
N GLU L 163 22.50 2.21 -19.68
CA GLU L 163 22.48 0.87 -19.10
C GLU L 163 21.27 0.66 -18.18
N GLN L 164 20.09 0.92 -18.74
CA GLN L 164 18.82 0.62 -18.11
C GLN L 164 18.04 -0.33 -19.03
N ILE L 165 16.84 -0.72 -18.61
CA ILE L 165 16.00 -1.62 -19.39
C ILE L 165 15.07 -0.77 -20.25
N LYS L 166 15.07 -1.01 -21.55
CA LYS L 166 14.26 -0.26 -22.50
C LYS L 166 13.45 -1.23 -23.34
N GLU L 167 12.14 -1.03 -23.38
CA GLU L 167 11.23 -1.84 -24.19
C GLU L 167 10.48 -0.92 -25.15
N GLU L 168 10.16 -1.47 -26.33
CA GLU L 168 9.47 -0.73 -27.38
C GLU L 168 8.22 -1.48 -27.79
N VAL L 169 7.07 -0.82 -27.67
CA VAL L 169 5.81 -1.38 -28.13
C VAL L 169 5.60 -0.92 -29.57
N ALA L 170 5.39 -1.88 -30.47
CA ALA L 170 5.35 -1.59 -31.90
C ALA L 170 4.16 -0.69 -32.24
N SER L 171 4.27 -0.02 -33.39
CA SER L 171 3.21 0.87 -33.84
C SER L 171 1.93 0.12 -34.15
N GLY L 172 2.04 -1.11 -34.63
CA GLY L 172 0.85 -1.91 -34.86
C GLY L 172 0.07 -2.21 -33.59
N ASP L 173 0.78 -2.33 -32.47
CA ASP L 173 0.16 -2.60 -31.17
C ASP L 173 0.14 -1.36 -30.29
N LYS L 174 0.06 -0.17 -30.90
CA LYS L 174 0.10 1.07 -30.15
C LYS L 174 -1.13 1.24 -29.25
N ASP L 175 -2.23 0.57 -29.56
CA ASP L 175 -3.45 0.67 -28.78
C ASP L 175 -3.80 -0.62 -28.05
N LYS L 176 -2.96 -1.65 -28.15
CA LYS L 176 -3.25 -2.95 -27.54
C LYS L 176 -2.63 -3.00 -26.15
N MET L 177 -3.49 -2.86 -25.13
CA MET L 177 -3.02 -2.87 -23.75
C MET L 177 -2.40 -4.20 -23.38
N ASP L 178 -2.87 -5.30 -23.96
CA ASP L 178 -2.26 -6.60 -23.69
C ASP L 178 -0.82 -6.65 -24.17
N LYS L 179 -0.55 -6.12 -25.37
CA LYS L 179 0.83 -6.06 -25.85
C LYS L 179 1.67 -5.11 -25.03
N ILE L 180 1.10 -3.96 -24.63
CA ILE L 180 1.84 -3.02 -23.78
C ILE L 180 2.24 -3.69 -22.48
N PHE L 181 1.31 -4.41 -21.85
CA PHE L 181 1.62 -5.09 -20.60
C PHE L 181 2.56 -6.27 -20.80
N GLU L 182 2.53 -6.92 -21.97
CA GLU L 182 3.52 -7.94 -22.27
C GLU L 182 4.92 -7.34 -22.27
N LYS L 183 5.09 -6.20 -22.94
CA LYS L 183 6.38 -5.52 -22.93
C LYS L 183 6.78 -5.08 -21.52
N ILE L 184 5.81 -4.58 -20.75
CA ILE L 184 6.09 -4.15 -19.39
C ILE L 184 6.53 -5.34 -18.52
N GLU L 185 5.87 -6.47 -18.67
CA GLU L 185 6.26 -7.67 -17.92
C GLU L 185 7.66 -8.13 -18.31
N ALA L 186 7.98 -8.09 -19.61
CA ALA L 186 9.33 -8.45 -20.03
C ALA L 186 10.37 -7.53 -19.39
N GLY L 187 10.11 -6.22 -19.41
CA GLY L 187 11.03 -5.28 -18.77
C GLY L 187 11.15 -5.50 -17.28
N LEU L 188 10.02 -5.78 -16.61
CA LEU L 188 10.04 -6.01 -15.17
C LEU L 188 10.84 -7.25 -14.83
N SER L 189 10.72 -8.30 -15.65
CA SER L 189 11.53 -9.49 -15.45
C SER L 189 13.00 -9.19 -15.67
N LYS L 190 13.33 -8.38 -16.67
CA LYS L 190 14.71 -8.00 -16.90
C LYS L 190 15.26 -7.04 -15.85
N LEU L 191 14.40 -6.42 -15.03
CA LEU L 191 14.88 -5.57 -13.95
C LEU L 191 15.71 -6.37 -12.95
N GLU L 192 16.75 -5.73 -12.42
CA GLU L 192 17.65 -6.35 -11.45
C GLU L 192 17.81 -5.41 -10.27
N LEU L 193 17.28 -5.81 -9.11
CA LEU L 193 17.40 -5.03 -7.89
C LEU L 193 18.31 -5.66 -6.85
N GLY L 194 18.75 -6.89 -7.04
CA GLY L 194 19.62 -7.53 -6.07
C GLY L 194 18.93 -7.72 -4.74
N ASP L 195 19.62 -7.34 -3.67
CA ASP L 195 19.11 -7.48 -2.30
C ASP L 195 18.22 -6.32 -1.89
N GLU L 196 18.04 -5.32 -2.74
CA GLU L 196 17.19 -4.17 -2.46
C GLU L 196 15.84 -4.27 -3.16
N PHE L 197 15.39 -5.49 -3.47
CA PHE L 197 14.12 -5.65 -4.16
C PHE L 197 12.94 -5.24 -3.29
N SER L 198 13.05 -5.42 -1.98
CA SER L 198 11.98 -5.03 -1.05
C SER L 198 12.00 -3.52 -0.90
N THR L 199 11.44 -2.83 -1.91
CA THR L 199 11.46 -1.39 -1.97
C THR L 199 10.22 -0.90 -2.70
N PRO L 200 9.58 0.16 -2.21
CA PRO L 200 8.46 0.75 -2.96
C PRO L 200 8.90 1.23 -4.34
N MET L 201 7.98 1.14 -5.29
CA MET L 201 8.27 1.47 -6.67
C MET L 201 7.40 2.64 -7.12
N MET L 202 7.87 3.36 -8.14
CA MET L 202 7.20 4.55 -8.66
C MET L 202 7.14 4.44 -10.17
N VAL L 203 5.96 4.73 -10.73
CA VAL L 203 5.71 4.72 -12.15
C VAL L 203 5.20 6.08 -12.57
N ILE L 204 5.72 6.59 -13.67
CA ILE L 204 5.31 7.86 -14.26
C ILE L 204 4.83 7.59 -15.67
N VAL L 205 3.62 8.06 -15.99
CA VAL L 205 2.99 7.78 -17.28
C VAL L 205 2.46 9.08 -17.88
N ASP L 206 2.31 9.08 -19.19
CA ASP L 206 1.70 10.18 -19.91
C ASP L 206 0.17 10.09 -19.82
N PRO L 207 -0.52 11.22 -20.03
CA PRO L 207 -1.99 11.20 -19.88
C PRO L 207 -2.70 10.20 -20.77
N ALA L 208 -2.23 9.98 -22.00
CA ALA L 208 -2.85 8.99 -22.86
C ALA L 208 -2.72 7.59 -22.26
N THR L 209 -1.53 7.27 -21.76
CA THR L 209 -1.33 5.98 -21.11
C THR L 209 -2.21 5.85 -19.87
N SER L 210 -2.36 6.94 -19.10
CA SER L 210 -3.23 6.90 -17.93
C SER L 210 -4.69 6.64 -18.32
N LEU L 211 -5.15 7.29 -19.39
CA LEU L 211 -6.52 7.07 -19.86
C LEU L 211 -6.71 5.64 -20.34
N LYS L 212 -5.69 5.07 -20.99
CA LYS L 212 -5.76 3.66 -21.37
C LYS L 212 -5.75 2.74 -20.14
N LEU L 213 -5.03 3.13 -19.08
CA LEU L 213 -4.96 2.31 -17.88
C LEU L 213 -6.29 2.29 -17.13
N VAL L 214 -6.99 3.43 -17.09
CA VAL L 214 -8.23 3.50 -16.31
C VAL L 214 -9.35 2.72 -16.99
N LYS L 215 -9.07 2.14 -18.15
CA LYS L 215 -10.03 1.22 -18.76
C LYS L 215 -10.15 -0.04 -17.92
N PRO L 216 -11.31 -0.69 -17.93
CA PRO L 216 -11.44 -1.98 -17.24
C PRO L 216 -10.58 -3.05 -17.88
N TYR L 217 -10.09 -3.95 -17.04
CA TYR L 217 -9.19 -5.00 -17.53
C TYR L 217 -9.94 -5.97 -18.43
N ALA L 218 -9.32 -6.34 -19.54
CA ALA L 218 -9.91 -7.26 -20.49
C ALA L 218 -9.06 -8.51 -20.66
N ALA L 223 -13.26 -10.83 -24.68
CA ALA L 223 -14.15 -10.96 -23.54
C ALA L 223 -13.79 -9.97 -22.45
N ALA L 224 -14.54 -8.88 -22.37
CA ALA L 224 -14.29 -7.87 -21.36
C ALA L 224 -14.68 -8.38 -19.98
N SER L 225 -14.07 -7.77 -18.96
CA SER L 225 -14.32 -8.18 -17.58
C SER L 225 -14.78 -6.99 -16.73
N SER L 226 -14.89 -7.19 -15.42
CA SER L 226 -15.35 -6.15 -14.52
C SER L 226 -14.62 -6.25 -13.19
N CYS L 227 -14.74 -5.19 -12.39
CA CYS L 227 -14.17 -5.14 -11.04
C CYS L 227 -12.65 -5.27 -11.06
N GLU L 228 -12.03 -4.89 -12.17
CA GLU L 228 -10.57 -4.93 -12.29
C GLU L 228 -10.15 -3.98 -13.40
N LYS L 229 -9.06 -3.27 -13.17
CA LYS L 229 -8.53 -2.31 -14.14
C LYS L 229 -7.12 -2.73 -14.55
N TRP L 230 -6.72 -2.25 -15.74
CA TRP L 230 -5.35 -2.44 -16.17
C TRP L 230 -4.36 -1.80 -15.20
N GLU L 231 -4.77 -0.72 -14.53
CA GLU L 231 -3.93 -0.13 -13.48
C GLU L 231 -3.71 -1.12 -12.35
N ASP L 232 -4.77 -1.81 -11.92
CA ASP L 232 -4.62 -2.82 -10.88
C ASP L 232 -3.75 -3.98 -11.35
N VAL L 233 -3.91 -4.39 -12.61
CA VAL L 233 -3.08 -5.45 -13.15
C VAL L 233 -1.60 -5.05 -13.12
N LEU L 234 -1.31 -3.81 -13.52
CA LEU L 234 0.06 -3.31 -13.49
C LEU L 234 0.60 -3.26 -12.06
N ILE L 235 -0.24 -2.82 -11.11
CA ILE L 235 0.19 -2.76 -9.72
C ILE L 235 0.53 -4.15 -9.21
N GLN L 236 -0.31 -5.14 -9.52
CA GLN L 236 -0.03 -6.52 -9.10
C GLN L 236 1.26 -7.04 -9.74
N THR L 237 1.47 -6.73 -11.03
CA THR L 237 2.66 -7.20 -11.72
C THR L 237 3.92 -6.61 -11.09
N ILE L 238 3.89 -5.32 -10.73
CA ILE L 238 5.03 -4.69 -10.09
C ILE L 238 5.22 -5.22 -8.67
N LYS L 239 4.11 -5.48 -7.97
CA LYS L 239 4.18 -6.07 -6.64
C LYS L 239 4.76 -7.46 -6.67
N ALA L 240 4.66 -8.15 -7.80
CA ALA L 240 5.31 -9.45 -7.94
C ALA L 240 6.81 -9.34 -7.76
N ILE L 241 7.42 -8.29 -8.31
CA ILE L 241 8.87 -8.17 -8.26
C ILE L 241 9.38 -7.34 -7.08
N ASN L 242 8.57 -6.44 -6.53
CA ASN L 242 9.04 -5.60 -5.43
C ASN L 242 8.73 -6.19 -4.06
N ASN L 243 8.49 -7.50 -3.97
CA ASN L 243 8.15 -8.19 -2.73
C ASN L 243 6.89 -7.59 -2.10
N ARG L 244 5.87 -7.39 -2.93
CA ARG L 244 4.56 -6.90 -2.50
C ARG L 244 4.68 -5.58 -1.73
N GLU L 245 5.44 -4.64 -2.30
CA GLU L 245 5.62 -3.32 -1.73
C GLU L 245 4.69 -2.33 -2.42
N ASP L 246 4.68 -1.11 -1.88
CA ASP L 246 3.83 -0.06 -2.43
C ASP L 246 4.27 0.29 -3.85
N VAL L 247 3.28 0.63 -4.69
CA VAL L 247 3.52 1.00 -6.08
C VAL L 247 2.75 2.30 -6.33
N TYR L 248 3.46 3.42 -6.36
CA TYR L 248 2.85 4.71 -6.60
C TYR L 248 2.84 5.02 -8.10
N ILE L 249 1.80 5.72 -8.54
CA ILE L 249 1.60 6.06 -9.94
C ILE L 249 1.38 7.56 -10.06
N GLU L 250 2.05 8.18 -11.03
CA GLU L 250 1.95 9.61 -11.27
C GLU L 250 1.81 9.86 -12.77
N THR L 251 1.19 10.98 -13.12
CA THR L 251 1.00 11.40 -14.50
C THR L 251 1.75 12.70 -14.73
N SER L 252 2.51 12.75 -15.82
CA SER L 252 3.29 13.93 -16.18
C SER L 252 3.05 14.28 -17.64
N ASN L 253 2.72 15.55 -17.90
CA ASN L 253 2.49 15.99 -19.26
C ASN L 253 3.78 16.08 -20.08
N LEU L 254 4.93 16.12 -19.41
CA LEU L 254 6.21 16.19 -20.12
C LEU L 254 6.45 14.92 -20.92
N LEU L 255 6.06 13.76 -20.40
CA LEU L 255 6.23 12.51 -21.11
C LEU L 255 5.29 12.44 -22.31
N LYS L 256 5.68 11.64 -23.29
CA LYS L 256 4.89 11.44 -24.51
C LYS L 256 5.06 9.98 -24.94
N HIS L 257 4.02 9.17 -24.69
CA HIS L 257 4.01 7.75 -25.04
C HIS L 257 5.16 7.00 -24.35
N LYS L 258 5.44 7.40 -23.11
CA LYS L 258 6.51 6.83 -22.31
C LYS L 258 5.95 6.36 -20.98
N ILE L 259 6.49 5.23 -20.50
CA ILE L 259 6.19 4.70 -19.17
C ILE L 259 7.51 4.51 -18.46
N LEU L 260 7.63 5.07 -17.25
CA LEU L 260 8.87 5.03 -16.48
C LEU L 260 8.62 4.31 -15.18
N ILE L 261 9.42 3.29 -14.88
CA ILE L 261 9.31 2.53 -13.64
C ILE L 261 10.67 2.51 -12.95
N TYR L 262 10.69 2.88 -11.68
CA TYR L 262 11.95 2.92 -10.93
C TYR L 262 11.66 2.83 -9.44
N PRO L 263 12.55 2.24 -8.65
CA PRO L 263 12.32 2.15 -7.22
C PRO L 263 12.66 3.44 -6.49
N LEU L 264 11.99 3.64 -5.35
CA LEU L 264 12.23 4.80 -4.49
C LEU L 264 13.24 4.46 -3.39
N ASN L 265 14.42 3.99 -3.82
CA ASN L 265 15.48 3.59 -2.91
C ASN L 265 16.66 4.54 -3.06
N SER L 266 17.11 5.08 -1.93
CA SER L 266 18.30 5.93 -1.94
C SER L 266 19.55 5.13 -2.30
N GLU L 267 19.62 3.87 -1.88
CA GLU L 267 20.77 3.04 -2.19
C GLU L 267 20.89 2.73 -3.67
N LEU L 268 19.80 2.84 -4.43
CA LEU L 268 19.81 2.55 -5.86
C LEU L 268 19.83 3.81 -6.72
N ILE L 269 18.96 4.79 -6.42
CA ILE L 269 18.88 6.03 -7.16
C ILE L 269 18.91 7.18 -6.17
N LYS L 270 19.82 8.13 -6.39
CA LYS L 270 19.95 9.28 -5.50
C LYS L 270 20.14 10.55 -6.31
N PHE L 271 19.48 11.62 -5.86
CA PHE L 271 19.56 12.93 -6.49
C PHE L 271 20.36 13.83 -5.56
N LYS L 272 21.58 14.16 -5.97
CA LYS L 272 22.43 15.08 -5.23
C LYS L 272 22.57 16.38 -6.02
N PRO L 273 21.58 17.27 -5.98
CA PRO L 273 21.65 18.50 -6.75
C PRO L 273 22.40 19.60 -6.02
N SER L 274 22.85 20.58 -6.80
CA SER L 274 23.49 21.74 -6.23
C SER L 274 22.51 22.53 -5.37
N LYS L 275 23.04 23.13 -4.30
CA LYS L 275 22.21 24.00 -3.47
C LYS L 275 21.80 25.28 -4.18
N TYR L 276 22.38 25.56 -5.36
CA TYR L 276 22.00 26.71 -6.17
C TYR L 276 21.29 26.28 -7.45
N MET L 277 20.73 25.07 -7.47
CA MET L 277 20.07 24.58 -8.68
C MET L 277 18.84 25.42 -9.02
N LEU L 278 18.05 25.78 -8.00
CA LEU L 278 16.87 26.58 -8.22
C LEU L 278 17.26 28.01 -8.61
N PRO L 279 16.36 28.74 -9.28
CA PRO L 279 16.73 30.08 -9.78
C PRO L 279 17.21 31.00 -8.67
N THR L 280 18.26 31.77 -8.97
CA THR L 280 18.84 32.72 -8.03
C THR L 280 19.14 34.01 -8.77
N PRO L 281 18.73 35.17 -8.24
CA PRO L 281 19.04 36.43 -8.90
C PRO L 281 20.52 36.75 -8.86
N ASN L 282 20.99 37.45 -9.90
CA ASN L 282 22.37 37.87 -9.99
C ASN L 282 22.50 39.33 -9.55
N GLU L 283 23.67 39.67 -9.02
CA GLU L 283 23.91 41.04 -8.55
C GLU L 283 24.08 42.02 -9.69
N GLN L 284 24.49 41.57 -10.87
CA GLN L 284 24.70 42.46 -12.00
C GLN L 284 23.36 42.91 -12.55
N VAL L 285 23.06 44.21 -12.42
CA VAL L 285 21.83 44.80 -12.94
C VAL L 285 22.23 45.89 -13.92
N ASP L 286 21.99 45.65 -15.21
CA ASP L 286 22.31 46.63 -16.23
C ASP L 286 21.43 47.88 -16.06
N LYS L 287 22.05 49.05 -16.17
CA LYS L 287 21.34 50.31 -16.03
C LYS L 287 21.75 51.25 -17.15
N ASP L 288 20.89 52.24 -17.41
CA ASP L 288 21.10 53.20 -18.48
C ASP L 288 20.34 54.46 -18.13
N SER L 289 20.42 55.46 -19.02
CA SER L 289 19.68 56.69 -18.86
C SER L 289 18.20 56.55 -19.17
N THR L 290 17.80 55.43 -19.77
CA THR L 290 16.39 55.17 -20.06
C THR L 290 15.72 54.53 -18.86
N ASP L 291 14.48 54.08 -19.03
CA ASP L 291 13.70 53.49 -17.95
C ASP L 291 13.71 51.96 -17.97
N VAL L 292 14.45 51.35 -18.88
CA VAL L 292 14.46 49.89 -19.03
C VAL L 292 15.76 49.35 -18.46
N ALA L 293 15.66 48.44 -17.50
CA ALA L 293 16.80 47.79 -16.90
C ALA L 293 16.80 46.30 -17.25
N HIS L 294 17.91 45.64 -16.97
CA HIS L 294 18.07 44.22 -17.24
C HIS L 294 18.58 43.51 -16.00
N SER L 295 18.14 42.27 -15.81
CA SER L 295 18.56 41.45 -14.68
C SER L 295 18.83 40.04 -15.16
N TYR L 296 19.54 39.28 -14.32
CA TYR L 296 20.00 37.94 -14.66
C TYR L 296 19.59 36.94 -13.59
N ILE L 297 19.31 35.72 -14.03
CA ILE L 297 18.94 34.61 -13.15
C ILE L 297 19.84 33.42 -13.45
N ASP L 298 20.37 32.80 -12.40
CA ASP L 298 21.28 31.67 -12.52
C ASP L 298 20.61 30.41 -12.01
N PHE L 299 20.92 29.28 -12.65
CA PHE L 299 20.44 27.99 -12.17
C PHE L 299 21.44 26.90 -12.55
N VAL L 300 21.50 25.86 -11.72
CA VAL L 300 22.50 24.81 -11.86
C VAL L 300 21.80 23.50 -12.18
N LEU L 301 22.35 22.75 -13.13
CA LEU L 301 21.79 21.50 -13.60
C LEU L 301 22.79 20.37 -13.39
N GLY L 302 22.28 19.16 -13.21
CA GLY L 302 23.06 17.96 -13.02
C GLY L 302 22.91 17.41 -11.60
N GLY L 303 23.33 16.16 -11.44
CA GLY L 303 23.34 15.55 -10.13
C GLY L 303 22.46 14.34 -9.91
N LEU L 304 22.28 13.50 -10.92
CA LEU L 304 21.48 12.28 -10.79
C LEU L 304 22.39 11.05 -10.85
N LEU L 305 22.24 10.16 -9.87
CA LEU L 305 23.01 8.92 -9.82
C LEU L 305 22.05 7.74 -9.74
N ALA L 306 22.29 6.72 -10.55
CA ALA L 306 21.43 5.55 -10.57
C ALA L 306 22.28 4.29 -10.77
N THR L 307 21.81 3.19 -10.20
CA THR L 307 22.45 1.90 -10.39
C THR L 307 22.01 1.31 -11.73
N ARG L 308 22.91 0.55 -12.35
CA ARG L 308 22.64 -0.01 -13.67
C ARG L 308 21.49 -1.00 -13.63
N LYS L 309 20.69 -1.00 -14.70
CA LYS L 309 19.56 -1.90 -14.87
C LYS L 309 18.59 -1.81 -13.69
N THR L 310 18.25 -0.58 -13.31
CA THR L 310 17.29 -0.34 -12.26
C THR L 310 16.13 0.54 -12.71
N ILE L 311 16.13 1.00 -13.96
CA ILE L 311 15.08 1.86 -14.50
C ILE L 311 14.52 1.22 -15.76
N LEU L 312 13.20 1.05 -15.81
CA LEU L 312 12.51 0.49 -16.96
C LEU L 312 11.81 1.60 -17.73
N GLN L 313 12.03 1.66 -19.04
CA GLN L 313 11.49 2.69 -19.91
C GLN L 313 10.75 1.99 -21.05
N VAL L 314 9.43 2.16 -21.11
CA VAL L 314 8.62 1.57 -22.16
C VAL L 314 8.17 2.68 -23.10
N ASN L 315 8.57 2.59 -24.36
CA ASN L 315 8.21 3.58 -25.39
C ASN L 315 7.19 2.96 -26.32
N ILE L 316 6.01 3.57 -26.40
CA ILE L 316 4.95 3.09 -27.28
C ILE L 316 5.08 3.84 -28.60
N LYS L 317 5.69 3.18 -29.60
CA LYS L 317 5.89 3.82 -30.90
C LYS L 317 4.54 4.10 -31.56
N GLN L 318 4.40 5.33 -32.05
CA GLN L 318 3.14 5.77 -32.65
C GLN L 318 3.18 5.90 -34.16
N SER L 319 4.38 5.97 -34.75
CA SER L 319 4.49 6.11 -36.21
C SER L 319 4.24 4.78 -36.91
N THR M 4 54.47 -3.77 -21.33
CA THR M 4 54.08 -2.83 -20.29
C THR M 4 54.80 -1.49 -20.45
N THR M 5 56.15 -1.54 -20.41
CA THR M 5 56.93 -0.32 -20.60
C THR M 5 56.73 0.26 -21.99
N GLN M 6 56.64 -0.60 -23.01
CA GLN M 6 56.34 -0.13 -24.36
C GLN M 6 54.97 0.54 -24.41
N LEU M 7 53.99 -0.03 -23.73
CA LEU M 7 52.66 0.59 -23.67
C LEU M 7 52.73 1.95 -22.96
N VAL M 8 53.55 2.06 -21.92
CA VAL M 8 53.73 3.35 -21.24
C VAL M 8 54.33 4.37 -22.20
N LYS M 9 55.34 3.96 -22.98
CA LYS M 9 55.94 4.87 -23.94
C LYS M 9 54.93 5.33 -24.99
N GLU M 10 54.12 4.40 -25.50
CA GLU M 10 53.10 4.76 -26.48
C GLU M 10 52.08 5.72 -25.86
N TYR M 11 51.70 5.47 -24.60
CA TYR M 11 50.78 6.37 -23.92
C TYR M 11 51.38 7.77 -23.80
N GLN M 12 52.66 7.87 -23.48
CA GLN M 12 53.31 9.17 -23.41
C GLN M 12 53.31 9.85 -24.77
N GLU M 13 53.59 9.10 -25.84
CA GLU M 13 53.59 9.69 -27.18
C GLU M 13 52.23 10.25 -27.55
N LYS M 14 51.17 9.44 -27.36
CA LYS M 14 49.83 9.92 -27.69
C LYS M 14 49.40 11.07 -26.79
N ARG M 15 49.81 11.04 -25.51
CA ARG M 15 49.49 12.14 -24.61
C ARG M 15 50.16 13.42 -25.05
N SER M 16 51.42 13.34 -25.49
CA SER M 16 52.11 14.53 -26.00
C SER M 16 51.43 15.05 -27.27
N LYS M 17 51.05 14.14 -28.17
CA LYS M 17 50.37 14.57 -29.39
C LYS M 17 49.05 15.28 -29.06
N LEU M 18 48.27 14.73 -28.13
CA LEU M 18 47.02 15.36 -27.75
C LEU M 18 47.25 16.69 -27.05
N GLU M 19 48.23 16.75 -26.15
CA GLU M 19 48.52 17.96 -25.40
C GLU M 19 49.07 19.07 -26.28
N LYS M 20 49.66 18.72 -27.44
CA LYS M 20 50.10 19.75 -28.37
C LYS M 20 48.92 20.61 -28.83
N PHE M 21 47.77 19.99 -29.08
CA PHE M 21 46.57 20.70 -29.48
C PHE M 21 45.70 20.98 -28.25
N MET M 22 46.23 21.85 -27.38
CA MET M 22 45.53 22.22 -26.16
C MET M 22 45.94 23.63 -25.76
N LYS M 23 44.98 24.38 -25.21
CA LYS M 23 45.25 25.74 -24.76
C LYS M 23 46.28 25.75 -23.64
N ASN M 24 45.94 25.14 -22.51
CA ASN M 24 46.83 25.06 -21.34
C ASN M 24 46.88 23.61 -20.87
N PRO M 25 47.63 22.75 -21.57
CA PRO M 25 47.76 21.37 -21.13
C PRO M 25 48.40 21.28 -19.75
N GLN M 26 47.88 20.36 -18.94
CA GLN M 26 48.35 20.18 -17.57
C GLN M 26 49.51 19.20 -17.54
N HIS M 27 50.69 19.67 -17.15
CA HIS M 27 51.89 18.85 -17.06
C HIS M 27 52.48 18.97 -15.66
N ASP M 28 53.12 17.88 -15.22
CA ASP M 28 53.84 17.84 -13.96
C ASP M 28 55.33 17.81 -14.26
N ALA M 29 56.07 18.79 -13.75
CA ALA M 29 57.49 18.92 -14.00
C ALA M 29 58.28 18.75 -12.71
N SER M 30 59.52 18.28 -12.84
CA SER M 30 60.38 18.08 -11.69
C SER M 30 61.09 19.34 -11.25
N LEU M 31 61.09 20.39 -12.09
CA LEU M 31 61.81 21.62 -11.81
C LEU M 31 60.94 22.82 -12.16
N LEU M 32 61.23 23.94 -11.51
CA LEU M 32 60.60 25.22 -11.83
C LEU M 32 61.38 25.92 -12.93
N SER M 33 60.73 26.15 -14.06
CA SER M 33 61.36 26.91 -15.12
C SER M 33 61.45 28.39 -14.75
N ASN M 34 62.55 29.01 -15.15
CA ASN M 34 62.91 30.36 -14.72
C ASN M 34 62.83 31.31 -15.91
N SER M 35 62.02 32.37 -15.77
CA SER M 35 61.84 33.35 -16.84
C SER M 35 61.78 34.77 -16.24
N ASN M 36 62.81 35.15 -15.51
CA ASN M 36 62.81 36.47 -14.86
C ASN M 36 62.80 37.60 -15.88
N GLU M 37 63.35 37.38 -17.07
CA GLU M 37 63.35 38.43 -18.10
C GLU M 37 61.93 38.70 -18.56
N PHE M 38 61.48 39.95 -18.39
CA PHE M 38 60.10 40.32 -18.70
C PHE M 38 59.85 40.52 -20.18
N ARG M 39 60.88 40.47 -21.02
CA ARG M 39 60.72 40.64 -22.45
C ARG M 39 60.45 39.28 -23.10
N ASP M 40 59.58 39.29 -24.12
CA ASP M 40 59.21 38.08 -24.87
C ASP M 40 58.63 37.00 -23.97
N LYS M 41 57.90 37.41 -22.93
CA LYS M 41 57.25 36.48 -22.01
C LYS M 41 55.78 36.24 -22.35
N ASN M 42 55.28 36.83 -23.44
CA ASN M 42 53.87 36.71 -23.79
C ASN M 42 53.61 35.84 -25.01
N VAL M 43 54.65 35.39 -25.71
CA VAL M 43 54.49 34.59 -26.92
C VAL M 43 54.39 33.12 -26.49
N GLU M 44 53.18 32.72 -26.11
CA GLU M 44 52.89 31.34 -25.74
C GLU M 44 51.49 30.98 -26.22
N PHE M 45 51.23 29.67 -26.29
CA PHE M 45 49.94 29.19 -26.76
C PHE M 45 48.82 29.31 -25.72
N PHE M 46 49.16 29.54 -24.46
CA PHE M 46 48.16 29.70 -23.41
C PHE M 46 47.75 31.15 -23.18
N ALA M 47 48.34 32.09 -23.92
CA ALA M 47 47.99 33.50 -23.79
C ALA M 47 46.67 33.74 -24.51
N SER M 48 45.58 33.67 -23.76
CA SER M 48 44.25 33.87 -24.29
C SER M 48 43.92 35.35 -24.41
N GLY M 49 42.89 35.65 -25.17
CA GLY M 49 42.48 37.03 -25.37
C GLY M 49 43.33 37.72 -26.42
N GLY M 50 43.39 39.07 -26.32
CA GLY M 50 44.14 39.87 -27.25
C GLY M 50 45.09 40.79 -26.52
N THR M 51 46.01 41.38 -27.29
CA THR M 51 46.97 42.31 -26.71
C THR M 51 46.27 43.54 -26.14
N ARG M 52 45.31 44.10 -26.87
CA ARG M 52 44.53 45.24 -26.43
C ARG M 52 43.06 44.87 -26.42
N THR M 53 42.40 45.08 -25.28
CA THR M 53 41.01 44.69 -25.08
C THR M 53 40.20 45.88 -24.62
N SER M 54 39.04 46.09 -25.23
CA SER M 54 38.13 47.17 -24.84
C SER M 54 37.00 46.62 -23.98
N LYS M 55 36.49 47.48 -23.09
CA LYS M 55 35.40 47.07 -22.21
C LYS M 55 34.13 46.76 -22.99
N PHE M 56 33.94 47.40 -24.14
CA PHE M 56 32.72 47.27 -24.93
C PHE M 56 32.85 46.24 -26.05
N ASP M 57 33.71 45.24 -25.87
CA ASP M 57 33.85 44.18 -26.85
C ASP M 57 32.76 43.14 -26.67
N LYS M 58 32.26 42.61 -27.78
CA LYS M 58 31.19 41.62 -27.76
C LYS M 58 31.78 40.22 -27.84
N LEU M 59 31.40 39.38 -26.88
CA LEU M 59 31.88 38.00 -26.80
C LEU M 59 30.69 37.05 -26.80
N GLU M 60 30.76 36.01 -27.63
CA GLU M 60 29.71 35.02 -27.72
C GLU M 60 30.29 33.63 -27.46
N ASN M 61 29.63 32.85 -26.62
CA ASN M 61 30.04 31.49 -26.35
C ASN M 61 29.20 30.50 -27.15
N HIS M 62 29.87 29.59 -27.85
CA HIS M 62 29.18 28.61 -28.69
C HIS M 62 29.81 27.24 -28.51
N PRO M 63 29.02 26.17 -28.65
CA PRO M 63 29.60 24.83 -28.75
C PRO M 63 30.46 24.71 -30.00
N PHE M 64 31.54 23.95 -29.90
CA PHE M 64 32.49 23.83 -30.98
C PHE M 64 32.78 22.37 -31.31
N LEU M 65 33.23 22.15 -32.53
CA LEU M 65 33.65 20.84 -33.01
C LEU M 65 35.11 20.92 -33.42
N GLY M 66 35.91 19.95 -32.96
CA GLY M 66 37.34 20.02 -33.19
C GLY M 66 38.01 20.92 -32.17
N TYR M 67 39.11 21.55 -32.59
CA TYR M 67 39.83 22.51 -31.76
C TYR M 67 39.96 23.83 -32.52
N PRO M 68 39.04 24.76 -32.31
CA PRO M 68 39.08 26.05 -33.03
C PRO M 68 39.84 27.16 -32.30
N TYR M 69 40.60 26.83 -31.26
CA TYR M 69 41.28 27.85 -30.46
C TYR M 69 42.21 28.69 -31.32
N LYS M 70 42.12 30.01 -31.16
CA LYS M 70 42.96 30.98 -31.89
C LYS M 70 42.84 30.78 -33.40
N ARG M 71 41.62 30.56 -33.87
CA ARG M 71 41.38 30.33 -35.28
C ARG M 71 40.06 30.98 -35.68
N GLY M 72 39.90 31.19 -36.99
CA GLY M 72 38.65 31.71 -37.52
C GLY M 72 37.60 30.62 -37.52
N VAL M 73 36.39 30.98 -37.09
CA VAL M 73 35.32 30.02 -36.90
C VAL M 73 34.12 30.42 -37.75
N LYS M 74 33.38 29.40 -38.21
CA LYS M 74 32.19 29.56 -39.01
C LYS M 74 31.06 28.73 -38.41
N ARG M 75 29.84 29.24 -38.52
CA ARG M 75 28.68 28.56 -37.97
C ARG M 75 28.30 27.37 -38.84
N VAL M 76 28.09 26.22 -38.22
CA VAL M 76 27.70 24.99 -38.89
C VAL M 76 26.42 24.48 -38.25
N ILE M 77 25.40 24.24 -39.07
CA ILE M 77 24.09 23.79 -38.61
C ILE M 77 23.92 22.34 -39.04
N GLN M 78 23.54 21.49 -38.08
CA GLN M 78 23.32 20.07 -38.35
C GLN M 78 22.13 19.87 -39.28
N HIS M 86 18.47 16.02 -32.99
CA HIS M 86 18.98 17.28 -33.50
C HIS M 86 19.45 18.18 -32.35
N TYR M 87 20.57 18.86 -32.56
CA TYR M 87 21.16 19.74 -31.56
C TYR M 87 21.33 21.14 -32.13
N GLU M 88 21.72 22.07 -31.26
CA GLU M 88 21.93 23.45 -31.67
C GLU M 88 23.15 23.54 -32.59
N PRO M 89 23.17 24.54 -33.48
CA PRO M 89 24.33 24.71 -34.37
C PRO M 89 25.59 25.05 -33.59
N HIS M 90 26.73 24.65 -34.15
CA HIS M 90 28.02 24.82 -33.50
C HIS M 90 28.92 25.72 -34.36
N VAL M 91 30.18 25.84 -33.95
CA VAL M 91 31.18 26.60 -34.68
C VAL M 91 32.34 25.69 -35.01
N GLU M 92 32.79 25.74 -36.27
CA GLU M 92 33.87 24.89 -36.75
C GLU M 92 34.96 25.77 -37.35
N ALA M 93 36.22 25.37 -37.15
CA ALA M 93 37.34 26.13 -37.67
C ALA M 93 37.31 26.15 -39.19
N GLY M 94 37.20 27.35 -39.75
CA GLY M 94 37.17 27.51 -41.19
C GLY M 94 37.20 28.98 -41.56
N GLY M 95 37.53 29.24 -42.81
CA GLY M 95 37.61 30.60 -43.30
C GLY M 95 36.83 30.83 -44.59
N GLY M 96 37.50 31.35 -45.60
CA GLY M 96 36.84 31.63 -46.86
C GLY M 96 35.76 32.70 -46.71
N GLU M 97 34.67 32.53 -47.45
CA GLU M 97 33.55 33.45 -47.40
C GLU M 97 32.53 33.10 -46.32
N ASP M 98 32.72 31.98 -45.63
CA ASP M 98 31.82 31.55 -44.57
C ASP M 98 32.26 32.02 -43.19
N LEU M 99 33.32 32.81 -43.10
CA LEU M 99 33.85 33.22 -41.81
C LEU M 99 32.81 34.00 -41.02
N TYR M 100 32.50 33.53 -39.81
CA TYR M 100 31.57 34.18 -38.91
C TYR M 100 32.26 34.96 -37.80
N GLY M 101 33.36 34.44 -37.28
CA GLY M 101 34.07 35.15 -36.24
C GLY M 101 35.44 34.56 -36.01
N ILE M 102 36.04 34.90 -34.87
CA ILE M 102 37.33 34.35 -34.48
C ILE M 102 37.25 33.90 -33.03
N CYS M 103 37.70 32.68 -32.76
CA CYS M 103 37.67 32.13 -31.41
C CYS M 103 38.85 32.66 -30.62
N ILE M 104 38.58 33.40 -29.56
CA ILE M 104 39.63 33.98 -28.74
C ILE M 104 39.81 33.26 -27.41
N ASP M 105 38.87 32.41 -27.02
CA ASP M 105 39.04 31.66 -25.78
C ASP M 105 38.32 30.32 -25.90
N ILE M 106 38.72 29.38 -25.07
CA ILE M 106 38.15 28.04 -25.09
C ILE M 106 38.05 27.51 -23.67
N ASP M 107 37.03 26.69 -23.43
CA ASP M 107 36.87 25.96 -22.18
C ASP M 107 36.55 24.52 -22.55
N GLU M 108 37.52 23.63 -22.32
CA GLU M 108 37.37 22.24 -22.72
C GLU M 108 36.44 21.45 -21.82
N PHE M 109 36.33 21.82 -20.54
CA PHE M 109 35.44 21.10 -19.63
C PHE M 109 34.00 21.22 -20.08
N SER M 110 33.57 22.42 -20.46
CA SER M 110 32.22 22.65 -20.96
C SER M 110 32.16 22.58 -22.48
N LYS M 111 33.30 22.43 -23.15
CA LYS M 111 33.39 22.43 -24.61
C LYS M 111 32.68 23.66 -25.19
N THR M 112 33.11 24.83 -24.70
CA THR M 112 32.52 26.11 -25.08
C THR M 112 33.61 27.05 -25.56
N ALA M 113 33.43 27.63 -26.74
CA ALA M 113 34.39 28.56 -27.31
C ALA M 113 33.84 29.98 -27.19
N THR M 114 34.64 30.87 -26.61
CA THR M 114 34.35 32.30 -26.58
C THR M 114 34.95 32.95 -27.81
N ILE M 115 34.14 33.72 -28.52
CA ILE M 115 34.40 34.14 -29.88
C ILE M 115 34.06 35.61 -30.04
N VAL M 116 34.91 36.33 -30.75
CA VAL M 116 34.65 37.71 -31.16
C VAL M 116 34.04 37.67 -32.56
N PRO M 117 32.86 38.25 -32.77
CA PRO M 117 32.29 38.28 -34.13
C PRO M 117 33.13 39.13 -35.07
N ILE M 118 32.96 38.86 -36.37
CA ILE M 118 33.72 39.56 -37.40
C ILE M 118 33.38 41.04 -37.41
N THR M 119 32.22 41.43 -36.89
CA THR M 119 31.82 42.84 -36.87
C THR M 119 32.60 43.65 -35.84
N ASN M 120 33.39 43.01 -34.99
CA ASN M 120 34.18 43.69 -33.97
C ASN M 120 35.66 43.50 -34.28
N ASN M 121 36.41 44.60 -34.21
CA ASN M 121 37.83 44.55 -34.52
C ASN M 121 38.61 43.91 -33.38
N PHE M 122 39.69 43.22 -33.74
CA PHE M 122 40.50 42.46 -32.79
C PHE M 122 41.97 42.68 -33.10
N GLU M 123 42.79 42.61 -32.06
CA GLU M 123 44.25 42.72 -32.20
C GLU M 123 44.86 41.66 -31.29
N GLY M 124 45.50 40.66 -31.87
CA GLY M 124 46.06 39.60 -31.04
C GLY M 124 46.78 38.56 -31.86
N TYR M 125 47.23 37.52 -31.16
CA TYR M 125 48.01 36.46 -31.78
C TYR M 125 47.09 35.33 -32.25
N LEU M 126 47.26 34.93 -33.51
CA LEU M 126 46.45 33.88 -34.11
C LEU M 126 47.36 32.88 -34.80
N VAL M 127 46.82 31.68 -35.03
CA VAL M 127 47.59 30.62 -35.67
C VAL M 127 47.80 30.93 -37.14
N ALA M 128 49.02 30.74 -37.62
CA ALA M 128 49.38 30.98 -39.01
C ALA M 128 49.68 29.66 -39.71
N LYS M 129 49.42 29.63 -41.01
CA LYS M 129 49.62 28.40 -41.78
C LYS M 129 51.09 27.99 -41.80
N ASP M 130 52.00 28.94 -42.01
CA ASP M 130 53.42 28.65 -42.07
C ASP M 130 54.18 29.89 -41.59
N SER M 131 55.49 29.91 -41.83
CA SER M 131 56.36 31.00 -41.41
C SER M 131 56.75 31.91 -42.56
N THR M 132 55.88 32.04 -43.57
CA THR M 132 56.12 32.91 -44.71
C THR M 132 55.33 34.21 -44.64
N VAL M 133 55.09 34.71 -43.42
CA VAL M 133 54.32 35.93 -43.20
C VAL M 133 55.23 36.97 -42.57
N LYS M 134 55.27 38.16 -43.17
CA LYS M 134 56.06 39.27 -42.68
C LYS M 134 55.14 40.40 -42.23
N VAL M 135 55.75 41.47 -41.73
CA VAL M 135 54.99 42.65 -41.34
C VAL M 135 54.44 43.35 -42.58
N LYS M 136 53.31 44.02 -42.42
CA LYS M 136 52.64 44.74 -43.52
C LYS M 136 52.27 43.80 -44.65
N ASP M 137 51.68 42.65 -44.30
CA ASP M 137 51.26 41.66 -45.26
C ASP M 137 49.77 41.38 -45.11
N LYS M 138 49.08 41.28 -46.24
CA LYS M 138 47.66 40.96 -46.23
C LYS M 138 47.47 39.46 -45.99
N LEU M 139 46.64 39.13 -45.01
CA LEU M 139 46.43 37.75 -44.60
C LEU M 139 44.98 37.34 -44.78
N ILE M 140 44.78 36.07 -45.14
CA ILE M 140 43.46 35.51 -45.39
C ILE M 140 43.32 34.23 -44.57
N PHE M 141 42.13 34.03 -44.01
CA PHE M 141 41.84 32.78 -43.32
C PHE M 141 41.61 31.67 -44.33
N ASN M 142 42.30 30.55 -44.15
CA ASN M 142 42.19 29.43 -45.06
C ASN M 142 41.04 28.52 -44.64
N LYS M 143 40.92 27.36 -45.30
CA LYS M 143 39.85 26.41 -44.97
C LYS M 143 40.01 25.83 -43.57
N ASP M 144 41.22 25.82 -43.02
CA ASP M 144 41.47 25.30 -41.69
C ASP M 144 41.41 26.37 -40.60
N GLY M 145 41.09 27.61 -40.95
CA GLY M 145 41.05 28.68 -39.99
C GLY M 145 42.37 29.31 -39.64
N ALA M 146 43.42 29.04 -40.41
CA ALA M 146 44.73 29.61 -40.17
C ALA M 146 44.98 30.78 -41.12
N LEU M 147 45.79 31.73 -40.66
CA LEU M 147 46.09 32.94 -41.42
C LEU M 147 47.25 32.66 -42.38
N GLU M 148 47.01 32.82 -43.67
CA GLU M 148 48.02 32.62 -44.70
C GLU M 148 48.19 33.89 -45.52
N LYS M 149 49.41 34.10 -46.00
CA LYS M 149 49.70 35.28 -46.81
C LYS M 149 48.91 35.21 -48.11
N VAL M 150 48.47 36.38 -48.57
CA VAL M 150 47.68 36.48 -49.80
C VAL M 150 48.46 35.95 -51.00
N LYS M 156 42.08 38.40 -53.42
CA LYS M 156 40.72 37.93 -53.13
C LYS M 156 40.53 37.73 -51.63
N ALA M 157 40.72 38.80 -50.86
CA ALA M 157 40.58 38.77 -49.41
C ALA M 157 39.26 39.43 -49.04
N THR M 158 38.31 38.63 -48.56
CA THR M 158 37.02 39.19 -48.14
C THR M 158 37.17 40.06 -46.89
N ILE M 159 38.15 39.75 -46.05
CA ILE M 159 38.39 40.51 -44.83
C ILE M 159 39.73 41.22 -44.95
N ASN M 160 39.93 42.22 -44.10
CA ASN M 160 41.14 43.03 -44.10
C ASN M 160 41.94 42.73 -42.83
N ALA M 161 42.93 41.85 -42.95
CA ALA M 161 43.80 41.47 -41.85
C ALA M 161 45.24 41.74 -42.23
N THR M 162 45.98 42.42 -41.36
CA THR M 162 47.37 42.76 -41.60
C THR M 162 48.20 42.30 -40.42
N ALA M 163 49.30 41.60 -40.72
CA ALA M 163 50.18 41.11 -39.68
C ALA M 163 51.00 42.25 -39.09
N LEU M 164 51.07 42.32 -37.77
CA LEU M 164 51.85 43.35 -37.09
C LEU M 164 53.28 42.89 -36.80
N THR M 165 53.49 41.59 -36.63
CA THR M 165 54.83 41.04 -36.39
C THR M 165 55.08 39.88 -37.35
N ASP M 166 56.20 39.19 -37.16
CA ASP M 166 56.51 38.01 -37.96
C ASP M 166 56.05 36.75 -37.23
N ALA M 167 55.90 35.68 -38.00
CA ALA M 167 55.48 34.40 -37.43
C ALA M 167 56.53 33.89 -36.45
N LYS M 168 56.07 33.45 -35.28
CA LYS M 168 56.93 32.94 -34.22
C LYS M 168 56.56 31.50 -33.96
N GLN M 169 57.56 30.62 -33.97
CA GLN M 169 57.35 29.18 -33.85
C GLN M 169 57.53 28.75 -32.39
N ILE M 170 56.57 27.97 -31.90
CA ILE M 170 56.64 27.42 -30.55
C ILE M 170 56.74 25.89 -30.56
N SER M 171 55.89 25.23 -31.34
CA SER M 171 55.93 23.78 -31.50
C SER M 171 56.30 23.46 -32.94
N ASN M 172 56.26 22.17 -33.29
CA ASN M 172 56.59 21.75 -34.64
C ASN M 172 55.70 22.42 -35.68
N GLU M 173 54.45 22.70 -35.31
CA GLU M 173 53.51 23.34 -36.22
C GLU M 173 52.86 24.61 -35.64
N VAL M 174 53.19 24.98 -34.40
CA VAL M 174 52.55 26.12 -33.76
C VAL M 174 53.27 27.39 -34.23
N TYR M 175 52.55 28.21 -34.99
CA TYR M 175 53.07 29.45 -35.57
C TYR M 175 52.11 30.58 -35.19
N LEU M 176 52.49 31.40 -34.21
CA LEU M 176 51.66 32.52 -33.80
C LEU M 176 52.17 33.82 -34.41
N VAL M 177 51.23 34.66 -34.86
CA VAL M 177 51.55 35.95 -35.45
C VAL M 177 50.57 36.98 -34.93
N LYS M 178 51.08 38.17 -34.61
CA LYS M 178 50.23 39.26 -34.13
C LYS M 178 49.54 39.91 -35.32
N VAL M 179 48.22 39.92 -35.29
CA VAL M 179 47.40 40.37 -36.42
C VAL M 179 46.28 41.24 -35.89
N ALA M 180 45.97 42.30 -36.63
CA ALA M 180 44.82 43.17 -36.37
C ALA M 180 43.80 42.96 -37.48
N VAL M 181 42.61 42.52 -37.11
CA VAL M 181 41.50 42.31 -38.04
C VAL M 181 40.43 43.35 -37.73
N PHE M 182 40.07 44.14 -38.73
CA PHE M 182 39.17 45.29 -38.53
C PHE M 182 38.06 45.30 -39.58
N GLY M 183 37.45 44.14 -39.80
CA GLY M 183 36.24 44.09 -40.62
C GLY M 183 36.39 43.31 -41.91
N ASN M 184 35.61 43.67 -42.92
CA ASN M 184 35.62 43.02 -44.22
C ASN M 184 35.92 44.05 -45.30
N LYS M 185 36.55 43.59 -46.38
CA LYS M 185 36.84 44.45 -47.52
C LYS M 185 35.59 44.57 -48.40
N ALA M 186 35.75 45.14 -49.59
CA ALA M 186 34.64 45.30 -50.52
C ALA M 186 35.08 44.99 -51.95
N MET N 22 45.26 72.84 -36.42
CA MET N 22 45.09 72.95 -34.98
C MET N 22 43.60 73.03 -34.62
N LYS N 23 43.15 72.14 -33.74
CA LYS N 23 41.74 72.12 -33.38
C LYS N 23 41.34 73.37 -32.61
N ASN N 24 42.15 73.77 -31.63
CA ASN N 24 41.89 74.99 -30.88
C ASN N 24 42.67 76.14 -31.49
N PRO N 25 42.01 77.23 -31.91
CA PRO N 25 42.76 78.38 -32.47
C PRO N 25 43.81 78.91 -31.51
N GLN N 26 45.08 78.78 -31.90
CA GLN N 26 46.17 79.21 -31.03
C GLN N 26 46.19 80.72 -30.87
N GLN N 27 45.91 81.46 -31.94
CA GLN N 27 45.88 82.91 -31.86
C GLN N 27 44.75 83.37 -30.95
N ASP N 28 45.08 84.17 -29.95
CA ASP N 28 44.09 84.62 -28.98
C ASP N 28 43.10 85.58 -29.62
N SER N 29 41.85 85.49 -29.19
CA SER N 29 40.82 86.38 -29.69
C SER N 29 40.95 87.76 -29.05
N GLY N 30 40.46 88.77 -29.75
CA GLY N 30 40.57 90.13 -29.28
C GLY N 30 39.41 90.56 -28.39
N LEU N 31 38.27 89.87 -28.48
CA LEU N 31 37.06 90.28 -27.82
C LEU N 31 36.39 89.10 -27.12
N LEU N 32 35.62 89.41 -26.08
CA LEU N 32 34.76 88.43 -25.44
C LEU N 32 33.60 88.08 -26.36
N SER N 33 33.22 86.81 -26.37
CA SER N 33 32.10 86.37 -27.17
C SER N 33 30.77 86.75 -26.51
N ASN N 34 29.72 86.81 -27.32
CA ASN N 34 28.38 87.13 -26.85
C ASN N 34 27.60 85.83 -26.69
N SER N 35 27.38 85.42 -25.45
CA SER N 35 26.67 84.17 -25.16
C SER N 35 25.19 84.45 -24.93
N ILE N 36 24.52 84.86 -26.01
CA ILE N 36 23.10 85.15 -26.01
C ILE N 36 22.33 84.21 -26.94
N ASP N 37 22.87 83.98 -28.13
CA ASP N 37 22.24 83.08 -29.08
C ASP N 37 22.58 81.62 -28.76
N PHE N 38 21.77 80.72 -29.32
CA PHE N 38 21.96 79.28 -29.13
C PHE N 38 21.90 78.52 -30.44
N ARG N 39 21.85 79.21 -31.57
CA ARG N 39 21.70 78.58 -32.88
C ARG N 39 22.96 78.77 -33.71
N ASP N 40 23.32 77.75 -34.48
CA ASP N 40 24.48 77.77 -35.36
C ASP N 40 25.76 78.08 -34.59
N GLN N 41 25.88 77.50 -33.39
CA GLN N 41 27.05 77.69 -32.53
C GLN N 41 27.89 76.42 -32.43
N ASN N 42 27.69 75.46 -33.32
CA ASN N 42 28.43 74.21 -33.30
C ASN N 42 29.24 73.95 -34.56
N LEU N 43 29.03 74.74 -35.62
CA LEU N 43 29.77 74.59 -36.88
C LEU N 43 31.16 75.22 -36.73
N ILE N 44 31.97 74.59 -35.88
CA ILE N 44 33.32 75.06 -35.60
C ILE N 44 34.29 73.90 -35.74
N PHE N 45 35.55 74.23 -36.02
CA PHE N 45 36.58 73.21 -36.15
C PHE N 45 37.00 72.64 -34.79
N SER N 46 36.79 73.40 -33.71
CA SER N 46 37.15 72.92 -32.38
C SER N 46 36.22 71.82 -31.87
N ASN N 47 35.03 71.69 -32.47
CA ASN N 47 34.08 70.65 -32.07
C ASN N 47 34.69 69.27 -32.23
N SER N 48 34.89 68.57 -31.12
CA SER N 48 35.53 67.26 -31.12
C SER N 48 34.51 66.19 -30.77
N GLY N 49 34.63 65.04 -31.41
CA GLY N 49 33.71 63.93 -31.17
C GLY N 49 32.60 63.85 -32.20
N GLY N 50 31.45 63.35 -31.79
CA GLY N 50 30.31 63.24 -32.67
C GLY N 50 29.07 63.92 -32.13
N VAL N 51 28.14 64.28 -33.01
CA VAL N 51 26.90 64.91 -32.56
C VAL N 51 26.08 63.93 -31.72
N CYS N 52 26.04 62.66 -32.13
CA CYS N 52 25.35 61.61 -31.38
C CYS N 52 26.39 60.57 -30.98
N THR N 53 26.54 60.35 -29.67
CA THR N 53 27.55 59.45 -29.13
C THR N 53 26.90 58.44 -28.21
N SER N 54 27.23 57.17 -28.39
CA SER N 54 26.75 56.09 -27.55
C SER N 54 27.81 55.71 -26.52
N SER N 55 27.35 55.21 -25.37
CA SER N 55 28.26 54.81 -24.30
C SER N 55 28.98 53.51 -24.59
N LYS N 56 28.59 52.78 -25.64
CA LYS N 56 29.23 51.52 -26.00
C LYS N 56 30.09 51.64 -27.25
N ASP N 57 30.64 52.83 -27.49
CA ASP N 57 31.52 53.06 -28.64
C ASP N 57 32.95 52.71 -28.27
N LYS N 58 33.63 52.01 -29.18
CA LYS N 58 35.01 51.61 -28.96
C LYS N 58 35.94 52.70 -29.46
N ILE N 59 36.85 53.14 -28.58
CA ILE N 59 37.75 54.26 -28.85
C ILE N 59 39.18 53.79 -28.61
N GLU N 60 40.08 54.12 -29.52
CA GLU N 60 41.49 53.75 -29.40
C GLU N 60 42.35 55.00 -29.53
N ASN N 61 43.55 54.94 -28.95
CA ASN N 61 44.52 56.03 -29.02
C ASN N 61 45.76 55.55 -29.75
N TYR N 62 46.21 56.32 -30.73
CA TYR N 62 47.38 55.92 -31.51
C TYR N 62 48.35 57.08 -31.65
N PRO N 63 49.64 56.78 -31.88
CA PRO N 63 50.59 57.85 -32.21
C PRO N 63 50.17 58.54 -33.51
N ALA N 64 50.32 59.85 -33.53
CA ALA N 64 49.84 60.68 -34.63
C ALA N 64 50.99 61.07 -35.54
N LYS N 65 50.85 60.76 -36.84
CA LYS N 65 51.79 61.17 -37.87
C LYS N 65 51.18 62.34 -38.64
N GLY N 66 51.67 63.54 -38.39
CA GLY N 66 51.10 64.73 -38.98
C GLY N 66 49.89 65.22 -38.22
N TYR N 67 48.88 65.73 -38.93
CA TYR N 67 47.64 66.19 -38.32
C TYR N 67 46.47 65.48 -38.99
N PRO N 68 46.03 64.35 -38.44
CA PRO N 68 44.88 63.62 -39.00
C PRO N 68 43.53 63.99 -38.41
N TYR N 69 43.45 65.09 -37.64
CA TYR N 69 42.22 65.46 -36.97
C TYR N 69 41.09 65.66 -37.97
N LYS N 70 39.91 65.13 -37.63
CA LYS N 70 38.71 65.22 -38.47
C LYS N 70 38.96 64.64 -39.86
N ARG N 71 39.77 63.60 -39.93
CA ARG N 71 40.09 62.94 -41.20
C ARG N 71 40.17 61.44 -40.98
N GLY N 72 39.95 60.69 -42.05
CA GLY N 72 40.14 59.25 -41.98
C GLY N 72 41.60 58.89 -41.86
N VAL N 73 41.87 57.85 -41.07
CA VAL N 73 43.24 57.46 -40.75
C VAL N 73 43.51 56.06 -41.28
N LYS N 74 44.78 55.80 -41.54
CA LYS N 74 45.25 54.49 -41.98
C LYS N 74 46.46 54.10 -41.15
N LEU N 75 46.61 52.80 -40.92
CA LEU N 75 47.72 52.28 -40.14
C LEU N 75 48.99 52.27 -40.99
N SER N 76 50.05 52.87 -40.47
CA SER N 76 51.36 52.88 -41.12
C SER N 76 52.39 52.27 -40.18
N PHE N 77 53.13 51.30 -40.70
CA PHE N 77 54.19 50.61 -39.97
C PHE N 77 55.54 51.15 -40.41
N GLY N 78 56.40 51.43 -39.43
CA GLY N 78 57.74 51.92 -39.70
C GLY N 78 58.67 50.81 -40.15
N ASP N 79 59.94 50.95 -39.79
CA ASP N 79 60.94 49.93 -40.10
C ASP N 79 60.98 48.81 -39.07
N GLY N 80 60.11 48.85 -38.07
CA GLY N 80 60.09 47.88 -37.00
C GLY N 80 60.68 48.37 -35.70
N THR N 81 61.56 49.37 -35.75
CA THR N 81 62.12 49.93 -34.52
C THR N 81 61.04 50.58 -33.67
N THR N 82 60.11 51.29 -34.29
CA THR N 82 59.04 51.98 -33.60
C THR N 82 57.71 51.33 -33.92
N GLU N 83 56.74 51.53 -33.03
CA GLU N 83 55.42 50.94 -33.17
C GLU N 83 54.66 51.61 -34.33
N LEU N 84 53.52 51.01 -34.66
CA LEU N 84 52.67 51.52 -35.73
C LEU N 84 52.05 52.86 -35.34
N GLU N 85 51.67 53.64 -36.35
CA GLU N 85 51.02 54.93 -36.13
C GLU N 85 49.87 55.06 -37.11
N VAL N 86 49.13 56.17 -36.99
CA VAL N 86 48.00 56.47 -37.86
C VAL N 86 48.33 57.72 -38.66
N GLU N 87 48.07 57.68 -39.97
CA GLU N 87 48.31 58.82 -40.83
C GLU N 87 47.07 59.10 -41.67
N ALA N 88 46.87 60.38 -42.01
CA ALA N 88 45.71 60.78 -42.78
C ALA N 88 45.69 60.09 -44.13
N GLY N 89 44.65 59.30 -44.38
CA GLY N 89 44.54 58.57 -45.62
C GLY N 89 43.18 57.93 -45.76
N GLY N 90 43.06 57.11 -46.81
CA GLY N 90 41.81 56.43 -47.09
C GLY N 90 41.93 55.34 -48.13
N GLY N 91 40.94 55.22 -49.00
CA GLY N 91 40.97 54.17 -50.01
C GLY N 91 40.77 52.81 -49.38
N ASP N 92 41.50 51.82 -49.89
CA ASP N 92 41.44 50.46 -49.36
C ASP N 92 42.26 50.29 -48.10
N ASP N 93 43.05 51.29 -47.72
CA ASP N 93 43.87 51.24 -46.51
C ASP N 93 43.17 51.86 -45.31
N LEU N 94 41.92 52.30 -45.45
CA LEU N 94 41.22 52.97 -44.36
C LEU N 94 41.09 52.05 -43.15
N TYR N 95 41.42 52.59 -41.98
CA TYR N 95 41.32 51.86 -40.73
C TYR N 95 40.32 52.46 -39.75
N GLY N 96 40.16 53.78 -39.75
CA GLY N 96 39.23 54.41 -38.84
C GLY N 96 39.07 55.87 -39.15
N VAL N 97 38.45 56.58 -38.21
CA VAL N 97 38.18 58.01 -38.33
C VAL N 97 38.69 58.70 -37.08
N CYS N 98 39.51 59.73 -37.27
CA CYS N 98 40.06 60.49 -36.14
C CYS N 98 39.06 61.57 -35.73
N SER N 99 38.62 61.51 -34.47
CA SER N 99 37.65 62.47 -33.96
C SER N 99 38.22 63.43 -32.93
N ASP N 100 39.42 63.18 -32.41
CA ASP N 100 40.02 64.05 -31.41
C ASP N 100 41.52 63.85 -31.43
N ILE N 101 42.24 64.82 -30.87
CA ILE N 101 43.69 64.75 -30.81
C ILE N 101 44.18 65.51 -29.58
N ASP N 102 45.14 64.92 -28.88
CA ASP N 102 45.87 65.57 -27.81
C ASP N 102 47.23 65.98 -28.35
N GLU N 103 47.48 67.30 -28.36
CA GLU N 103 48.69 67.83 -28.99
C GLU N 103 49.91 67.62 -28.11
N PHE N 104 49.77 67.73 -26.79
CA PHE N 104 50.91 67.57 -25.89
C PHE N 104 51.50 66.17 -26.01
N SER N 105 50.65 65.15 -26.00
CA SER N 105 51.11 63.77 -26.13
C SER N 105 51.18 63.30 -27.57
N GLY N 106 50.71 64.11 -28.52
CA GLY N 106 50.71 63.70 -29.91
C GLY N 106 49.88 62.46 -30.17
N MET N 107 48.71 62.38 -29.55
CA MET N 107 47.88 61.17 -29.60
C MET N 107 46.60 61.44 -30.36
N ALA N 108 46.26 60.55 -31.30
CA ALA N 108 45.05 60.66 -32.10
C ALA N 108 44.02 59.65 -31.61
N THR N 109 42.81 60.14 -31.34
CA THR N 109 41.68 59.29 -30.99
C THR N 109 41.04 58.75 -32.27
N VAL N 110 40.89 57.43 -32.33
CA VAL N 110 40.40 56.75 -33.53
C VAL N 110 39.21 55.89 -33.15
N ILE N 111 38.14 56.00 -33.93
CA ILE N 111 37.01 55.09 -33.88
C ILE N 111 37.17 54.08 -35.02
N PRO N 112 37.27 52.79 -34.73
CA PRO N 112 37.53 51.82 -35.80
C PRO N 112 36.40 51.79 -36.82
N ILE N 113 36.76 51.43 -38.06
CA ILE N 113 35.78 51.37 -39.13
C ILE N 113 34.68 50.35 -38.85
N THR N 114 34.97 49.37 -37.99
CA THR N 114 33.93 48.43 -37.56
C THR N 114 32.84 49.16 -36.79
N ASN N 115 33.20 50.15 -35.98
CA ASN N 115 32.23 50.96 -35.27
C ASN N 115 31.74 52.10 -36.16
N ASN N 116 30.44 52.37 -36.10
CA ASN N 116 29.84 53.41 -36.92
C ASN N 116 29.94 54.76 -36.22
N PHE N 117 30.14 55.80 -37.02
CA PHE N 117 30.35 57.15 -36.51
C PHE N 117 29.45 58.14 -37.26
N THR N 118 28.93 59.12 -36.53
CA THR N 118 28.12 60.19 -37.09
C THR N 118 28.63 61.51 -36.54
N GLY N 119 29.12 62.38 -37.41
CA GLY N 119 29.66 63.64 -36.95
C GLY N 119 30.17 64.47 -38.10
N TYR N 120 30.83 65.58 -37.75
CA TYR N 120 31.37 66.51 -38.72
C TYR N 120 32.78 66.09 -39.11
N LEU N 121 33.01 65.94 -40.42
CA LEU N 121 34.29 65.50 -40.94
C LEU N 121 34.72 66.41 -42.09
N THR N 122 36.02 66.42 -42.34
CA THR N 122 36.59 67.25 -43.40
C THR N 122 36.12 66.74 -44.76
N LEU N 123 35.74 67.68 -45.63
CA LEU N 123 35.25 67.39 -46.97
C LEU N 123 36.17 68.03 -48.00
N LYS N 124 36.40 67.32 -49.10
CA LYS N 124 37.25 67.85 -50.16
C LYS N 124 36.59 69.05 -50.82
N LYS N 125 37.36 70.12 -50.98
CA LYS N 125 36.84 71.35 -51.59
C LYS N 125 37.04 71.34 -53.10
N VAL N 131 28.05 68.95 -53.20
CA VAL N 131 27.74 68.06 -52.09
C VAL N 131 26.41 68.45 -51.45
N ASN N 132 25.47 67.53 -51.47
CA ASN N 132 24.13 67.71 -50.96
C ASN N 132 23.75 66.54 -50.06
N PRO N 133 22.78 66.72 -49.16
CA PRO N 133 22.35 65.60 -48.32
C PRO N 133 21.86 64.43 -49.16
N GLY N 134 22.22 63.22 -48.74
CA GLY N 134 21.91 62.01 -49.46
C GLY N 134 23.02 61.50 -50.35
N ASP N 135 24.04 62.31 -50.60
CA ASP N 135 25.14 61.88 -51.46
C ASP N 135 26.01 60.86 -50.73
N LYS N 136 26.52 59.88 -51.49
CA LYS N 136 27.41 58.87 -50.96
C LYS N 136 28.84 59.34 -51.07
N LEU N 137 29.56 59.31 -49.95
CA LEU N 137 30.90 59.85 -49.86
C LEU N 137 31.90 58.76 -49.47
N ASN N 138 33.10 58.85 -50.02
CA ASN N 138 34.18 57.93 -49.74
C ASN N 138 35.45 58.72 -49.43
N PHE N 139 36.33 58.13 -48.63
CA PHE N 139 37.56 58.78 -48.24
C PHE N 139 38.60 58.67 -49.34
N ASN N 140 39.33 59.78 -49.57
CA ASN N 140 40.36 59.83 -50.59
C ASN N 140 41.73 59.52 -49.97
N GLN N 141 42.79 59.72 -50.75
CA GLN N 141 44.14 59.44 -50.29
C GLN N 141 44.57 60.34 -49.13
N HIS N 142 43.94 61.51 -48.98
CA HIS N 142 44.30 62.45 -47.93
C HIS N 142 43.33 62.41 -46.75
N GLY N 143 42.47 61.41 -46.68
CA GLY N 143 41.51 61.32 -45.59
C GLY N 143 40.36 62.29 -45.68
N GLU N 144 40.07 62.81 -46.86
CA GLU N 144 38.98 63.75 -47.08
C GLU N 144 37.83 63.05 -47.78
N LEU N 145 36.61 63.38 -47.38
CA LEU N 145 35.44 62.80 -48.02
C LEU N 145 35.22 63.42 -49.39
N GLU N 146 34.81 62.59 -50.35
CA GLU N 146 34.52 63.05 -51.69
C GLU N 146 33.37 62.23 -52.27
N LYS N 147 32.63 62.85 -53.19
CA LYS N 147 31.49 62.18 -53.81
C LYS N 147 31.96 61.04 -54.71
N VAL N 148 31.22 59.93 -54.67
CA VAL N 148 31.54 58.77 -55.48
C VAL N 148 31.18 59.03 -56.93
N SER N 154 33.34 51.52 -53.79
CA SER N 154 32.88 51.32 -52.42
C SER N 154 32.57 52.65 -51.74
N VAL N 155 31.44 52.70 -51.04
CA VAL N 155 31.01 53.90 -50.33
C VAL N 155 31.31 53.72 -48.85
N ASN N 156 31.49 54.84 -48.15
CA ASN N 156 31.83 54.82 -46.74
C ASN N 156 30.86 55.58 -45.86
N ALA N 157 30.27 56.68 -46.34
CA ALA N 157 29.35 57.46 -45.52
C ALA N 157 28.30 58.09 -46.42
N ILE N 158 27.30 58.71 -45.78
CA ILE N 158 26.24 59.43 -46.47
C ILE N 158 26.18 60.83 -45.89
N ALA N 159 26.19 61.84 -46.76
CA ALA N 159 26.17 63.22 -46.31
C ALA N 159 24.83 63.57 -45.70
N LEU N 160 24.84 64.07 -44.48
CA LEU N 160 23.63 64.49 -43.78
C LEU N 160 23.36 65.98 -43.89
N SER N 161 24.22 66.73 -44.59
CA SER N 161 24.06 68.16 -44.75
C SER N 161 24.91 68.61 -45.94
N LYS N 162 25.04 69.91 -46.12
CA LYS N 162 25.84 70.48 -47.18
C LYS N 162 27.19 70.94 -46.64
N ALA N 163 28.10 71.27 -47.56
CA ALA N 163 29.44 71.70 -47.18
C ALA N 163 29.38 73.04 -46.46
N HIS N 164 30.09 73.13 -45.34
CA HIS N 164 30.19 74.36 -44.55
C HIS N 164 31.63 74.84 -44.60
N LYS N 165 31.82 76.08 -45.03
CA LYS N 165 33.15 76.64 -45.23
C LYS N 165 33.62 77.31 -43.96
N LEU N 166 34.76 76.85 -43.40
CA LEU N 166 35.35 77.45 -42.22
C LEU N 166 36.54 78.33 -42.54
N THR N 167 37.42 77.89 -43.43
CA THR N 167 38.54 78.66 -43.91
C THR N 167 38.50 78.64 -45.45
N GLU N 168 39.50 79.23 -46.09
CA GLU N 168 39.50 79.29 -47.55
C GLU N 168 39.48 77.89 -48.17
N ASP N 169 40.25 76.96 -47.62
CA ASP N 169 40.30 75.59 -48.10
C ASP N 169 39.69 74.59 -47.13
N LEU N 170 39.21 75.04 -45.97
CA LEU N 170 38.66 74.14 -44.96
C LEU N 170 37.15 74.05 -45.12
N PHE N 171 36.67 72.86 -45.46
CA PHE N 171 35.23 72.58 -45.57
C PHE N 171 34.89 71.38 -44.69
N ILE N 172 33.76 71.47 -44.01
CA ILE N 172 33.29 70.38 -43.16
C ILE N 172 31.91 69.93 -43.65
N VAL N 173 31.54 68.72 -43.25
CA VAL N 173 30.25 68.16 -43.64
C VAL N 173 29.82 67.16 -42.56
N LEU N 174 28.53 67.16 -42.26
CA LEU N 174 27.98 66.18 -41.32
C LEU N 174 27.71 64.88 -42.06
N ALA N 175 28.40 63.82 -41.67
CA ALA N 175 28.30 62.53 -42.32
C ALA N 175 28.17 61.42 -41.27
N SER N 176 27.44 60.38 -41.64
CA SER N 176 27.27 59.18 -40.82
C SER N 176 27.98 58.03 -41.50
N VAL N 177 29.02 57.51 -40.87
CA VAL N 177 29.82 56.42 -41.41
C VAL N 177 29.27 55.10 -40.88
N PHE N 178 29.05 54.14 -41.78
CA PHE N 178 28.50 52.84 -41.41
C PHE N 178 29.37 51.70 -41.94
N GLY N 179 30.67 51.94 -42.08
CA GLY N 179 31.59 50.91 -42.52
C GLY N 179 31.91 50.95 -44.00
N ASN N 180 32.17 49.79 -44.58
CA ASN N 180 32.51 49.67 -45.99
C ASN N 180 31.50 48.76 -46.68
N ARG N 181 31.02 49.20 -47.85
CA ARG N 181 30.06 48.42 -48.61
C ARG N 181 30.12 48.88 -50.07
N ALA N 182 30.16 47.91 -50.98
CA ALA N 182 30.20 48.21 -52.40
C ALA N 182 28.81 48.52 -52.95
N LEU O 21 0.98 44.85 -39.14
CA LEU O 21 0.79 46.29 -39.29
C LEU O 21 1.01 47.01 -37.97
N MET O 22 0.74 46.32 -36.87
CA MET O 22 0.91 46.84 -35.52
C MET O 22 1.65 45.82 -34.68
N LYS O 23 2.62 46.29 -33.89
CA LYS O 23 3.37 45.40 -33.02
C LYS O 23 2.44 44.69 -32.04
N ASN O 24 1.58 45.45 -31.36
CA ASN O 24 0.54 44.87 -30.52
C ASN O 24 -0.76 44.84 -31.31
N PRO O 25 -1.39 43.67 -31.49
CA PRO O 25 -2.63 43.62 -32.27
C PRO O 25 -3.68 44.57 -31.71
N GLN O 26 -4.33 45.31 -32.61
CA GLN O 26 -5.30 46.32 -32.21
C GLN O 26 -6.55 45.68 -31.61
N GLN O 27 -7.05 44.61 -32.25
CA GLN O 27 -8.25 43.95 -31.76
C GLN O 27 -7.97 43.24 -30.45
N ASP O 28 -8.80 43.50 -29.45
CA ASP O 28 -8.65 42.83 -28.17
C ASP O 28 -8.97 41.35 -28.28
N SER O 29 -8.18 40.52 -27.61
CA SER O 29 -8.40 39.09 -27.65
C SER O 29 -9.69 38.73 -26.94
N GLY O 30 -10.39 37.71 -27.46
CA GLY O 30 -11.63 37.29 -26.85
C GLY O 30 -11.50 36.36 -25.67
N LEU O 31 -10.34 35.72 -25.52
CA LEU O 31 -10.16 34.67 -24.52
C LEU O 31 -8.87 34.90 -23.74
N LEU O 32 -8.83 34.31 -22.55
CA LEU O 32 -7.62 34.31 -21.74
C LEU O 32 -6.60 33.35 -22.33
N SER O 33 -5.33 33.59 -22.02
CA SER O 33 -4.24 32.76 -22.51
C SER O 33 -3.95 31.63 -21.53
N ASN O 34 -3.54 30.48 -22.08
CA ASN O 34 -3.13 29.33 -21.29
C ASN O 34 -1.61 29.35 -21.16
N SER O 35 -1.12 29.38 -19.93
CA SER O 35 0.31 29.54 -19.65
C SER O 35 0.80 28.43 -18.72
N ILE O 36 0.42 27.20 -19.04
CA ILE O 36 0.87 26.04 -18.26
C ILE O 36 2.06 25.40 -18.99
N ASP O 37 2.13 25.61 -20.30
CA ASP O 37 3.23 25.08 -21.10
C ASP O 37 4.36 26.11 -21.17
N PHE O 38 5.52 25.65 -21.65
CA PHE O 38 6.68 26.52 -21.79
C PHE O 38 7.42 26.34 -23.10
N ARG O 39 6.88 25.56 -24.03
CA ARG O 39 7.55 25.26 -25.29
C ARG O 39 6.85 25.94 -26.45
N ASP O 40 7.64 26.48 -27.38
CA ASP O 40 7.13 27.11 -28.59
C ASP O 40 6.14 28.24 -28.28
N GLN O 41 6.47 29.06 -27.28
CA GLN O 41 5.65 30.18 -26.87
C GLN O 41 6.27 31.53 -27.21
N ASN O 42 7.22 31.56 -28.15
CA ASN O 42 7.92 32.78 -28.52
C ASN O 42 7.72 33.16 -29.98
N LEU O 43 6.97 32.39 -30.75
CA LEU O 43 6.74 32.69 -32.17
C LEU O 43 5.56 33.65 -32.30
N ILE O 44 5.78 34.88 -31.83
CA ILE O 44 4.77 35.93 -31.87
C ILE O 44 5.40 37.19 -32.46
N PHE O 45 4.55 38.05 -33.03
CA PHE O 45 5.03 39.28 -33.63
C PHE O 45 5.43 40.32 -32.60
N SER O 46 4.92 40.23 -31.37
CA SER O 46 5.24 41.17 -30.32
C SER O 46 6.54 40.84 -29.59
N ASN O 47 7.30 39.88 -30.09
CA ASN O 47 8.58 39.50 -29.47
C ASN O 47 9.64 40.48 -29.96
N SER O 48 9.67 41.65 -29.33
CA SER O 48 10.61 42.69 -29.69
C SER O 48 12.00 42.38 -29.14
N GLY O 49 13.01 43.00 -29.76
CA GLY O 49 14.38 42.79 -29.36
C GLY O 49 15.02 41.60 -30.04
N GLY O 50 15.94 40.92 -29.35
CA GLY O 50 16.61 39.78 -29.91
C GLY O 50 16.60 38.61 -28.94
N VAL O 51 16.75 37.41 -29.50
CA VAL O 51 16.79 36.21 -28.67
C VAL O 51 18.06 36.19 -27.82
N CYS O 52 19.18 36.61 -28.39
CA CYS O 52 20.45 36.72 -27.67
C CYS O 52 20.92 38.16 -27.76
N THR O 53 20.89 38.87 -26.63
CA THR O 53 21.23 40.28 -26.56
C THR O 53 22.40 40.48 -25.62
N SER O 54 23.38 41.27 -26.06
CA SER O 54 24.56 41.58 -25.27
C SER O 54 24.40 42.96 -24.62
N SER O 55 25.03 43.10 -23.45
CA SER O 55 24.98 44.37 -22.72
C SER O 55 25.83 45.45 -23.37
N LYS O 56 26.66 45.12 -24.35
CA LYS O 56 27.52 46.07 -25.04
C LYS O 56 27.04 46.34 -26.46
N ASP O 57 25.72 46.36 -26.64
CA ASP O 57 25.13 46.60 -27.95
C ASP O 57 24.82 48.09 -28.14
N LYS O 58 25.05 48.59 -29.35
CA LYS O 58 24.78 49.98 -29.67
C LYS O 58 23.38 50.09 -30.27
N ILE O 59 22.53 50.89 -29.63
CA ILE O 59 21.12 51.01 -29.99
C ILE O 59 20.82 52.48 -30.25
N GLU O 60 20.17 52.75 -31.38
CA GLU O 60 19.76 54.11 -31.73
C GLU O 60 18.25 54.17 -31.85
N ASN O 61 17.72 55.40 -31.89
CA ASN O 61 16.30 55.62 -32.13
C ASN O 61 16.13 56.68 -33.21
N TYR O 62 15.22 56.42 -34.15
CA TYR O 62 15.00 57.29 -35.28
C TYR O 62 13.51 57.54 -35.47
N PRO O 63 13.14 58.65 -36.11
CA PRO O 63 11.75 58.82 -36.54
C PRO O 63 11.39 57.80 -37.60
N ALA O 64 10.20 57.23 -37.47
CA ALA O 64 9.74 56.16 -38.35
C ALA O 64 8.91 56.72 -39.50
N LYS O 65 9.17 56.19 -40.71
CA LYS O 65 8.42 56.55 -41.91
C LYS O 65 7.70 55.30 -42.38
N GLY O 66 6.51 55.06 -41.84
CA GLY O 66 5.75 53.86 -42.15
C GLY O 66 5.75 52.86 -41.02
N TYR O 67 5.87 51.58 -41.34
CA TYR O 67 5.92 50.50 -40.35
C TYR O 67 7.14 49.64 -40.64
N PRO O 68 8.32 50.07 -40.20
CA PRO O 68 9.54 49.30 -40.48
C PRO O 68 9.85 48.24 -39.43
N TYR O 69 8.85 47.89 -38.62
CA TYR O 69 9.06 46.95 -37.52
C TYR O 69 9.55 45.61 -38.04
N LYS O 70 10.60 45.08 -37.39
CA LYS O 70 11.20 43.80 -37.76
C LYS O 70 11.55 43.74 -39.23
N ARG O 71 12.09 44.85 -39.75
CA ARG O 71 12.45 44.96 -41.15
C ARG O 71 13.75 45.75 -41.27
N GLY O 72 14.45 45.53 -42.38
CA GLY O 72 15.63 46.33 -42.67
C GLY O 72 15.24 47.76 -42.99
N VAL O 73 15.98 48.70 -42.42
CA VAL O 73 15.66 50.12 -42.55
C VAL O 73 16.74 50.81 -43.36
N LYS O 74 16.34 51.92 -43.99
CA LYS O 74 17.25 52.76 -44.76
C LYS O 74 16.97 54.22 -44.43
N LEU O 75 17.99 55.05 -44.56
CA LEU O 75 17.84 56.47 -44.28
C LEU O 75 17.02 57.13 -45.37
N SER O 76 16.01 57.89 -44.96
CA SER O 76 15.14 58.63 -45.88
C SER O 76 15.28 60.12 -45.60
N PHE O 77 15.47 60.90 -46.65
CA PHE O 77 15.69 62.33 -46.56
C PHE O 77 14.52 63.08 -47.19
N GLY O 78 14.01 64.09 -46.49
CA GLY O 78 12.92 64.88 -47.00
C GLY O 78 13.37 66.10 -47.78
N ASP O 79 12.69 67.23 -47.59
CA ASP O 79 13.04 68.47 -48.26
C ASP O 79 13.97 69.34 -47.43
N GLY O 80 14.41 68.88 -46.26
CA GLY O 80 15.27 69.65 -45.40
C GLY O 80 14.55 70.43 -44.31
N THR O 81 13.23 70.56 -44.40
CA THR O 81 12.48 71.26 -43.36
C THR O 81 12.52 70.48 -42.05
N THR O 82 12.42 69.16 -42.11
CA THR O 82 12.42 68.30 -40.93
C THR O 82 13.62 67.35 -40.98
N GLU O 83 13.86 66.69 -39.86
CA GLU O 83 14.98 65.78 -39.74
C GLU O 83 14.74 64.53 -40.59
N LEU O 84 15.81 63.76 -40.79
CA LEU O 84 15.73 62.54 -41.58
C LEU O 84 14.98 61.46 -40.80
N GLU O 85 14.45 60.49 -41.56
CA GLU O 85 13.69 59.38 -41.01
C GLU O 85 14.21 58.08 -41.59
N VAL O 86 13.72 56.97 -41.04
CA VAL O 86 14.09 55.63 -41.50
C VAL O 86 12.85 54.94 -42.07
N GLU O 87 13.04 54.25 -43.19
CA GLU O 87 11.96 53.54 -43.85
C GLU O 87 12.46 52.16 -44.28
N ALA O 88 11.52 51.24 -44.46
CA ALA O 88 11.86 49.88 -44.86
C ALA O 88 12.58 49.88 -46.20
N GLY O 89 13.71 49.17 -46.26
CA GLY O 89 14.49 49.10 -47.49
C GLY O 89 15.68 48.19 -47.30
N GLY O 90 16.40 48.01 -48.40
CA GLY O 90 17.58 47.17 -48.40
C GLY O 90 18.48 47.41 -49.59
N GLY O 91 19.10 46.33 -50.10
CA GLY O 91 19.99 46.48 -51.25
C GLY O 91 21.23 47.25 -50.87
N ASP O 92 21.56 48.27 -51.65
CA ASP O 92 22.74 49.09 -51.43
C ASP O 92 22.46 50.29 -50.53
N ASP O 93 21.25 50.39 -49.98
CA ASP O 93 20.88 51.50 -49.11
C ASP O 93 20.62 51.08 -47.67
N LEU O 94 20.89 49.82 -47.33
CA LEU O 94 20.60 49.33 -45.99
C LEU O 94 21.45 50.05 -44.95
N TYR O 95 20.81 50.50 -43.88
CA TYR O 95 21.49 51.16 -42.77
C TYR O 95 21.45 50.36 -41.47
N GLY O 96 20.45 49.51 -41.29
CA GLY O 96 20.36 48.73 -40.07
C GLY O 96 19.09 47.91 -40.06
N VAL O 97 18.79 47.34 -38.89
CA VAL O 97 17.63 46.48 -38.70
C VAL O 97 16.82 47.00 -37.53
N CYS O 98 15.53 47.26 -37.77
CA CYS O 98 14.63 47.71 -36.72
C CYS O 98 14.16 46.53 -35.87
N SER O 99 14.16 46.71 -34.56
CA SER O 99 13.79 45.66 -33.62
C SER O 99 12.63 46.03 -32.70
N ASP O 100 12.24 47.30 -32.65
CA ASP O 100 11.15 47.72 -31.76
C ASP O 100 10.61 49.04 -32.26
N ILE O 101 9.36 49.32 -31.92
CA ILE O 101 8.72 50.59 -32.23
C ILE O 101 7.92 51.05 -31.02
N ASP O 102 8.15 52.29 -30.60
CA ASP O 102 7.28 52.97 -29.64
C ASP O 102 6.22 53.70 -30.44
N GLU O 103 4.96 53.25 -30.31
CA GLU O 103 3.89 53.72 -31.18
C GLU O 103 3.50 55.16 -30.86
N PHE O 104 3.48 55.53 -29.57
CA PHE O 104 3.01 56.86 -29.20
C PHE O 104 3.89 57.95 -29.80
N SER O 105 5.21 57.77 -29.76
CA SER O 105 6.13 58.75 -30.32
C SER O 105 6.52 58.45 -31.75
N GLY O 106 6.09 57.30 -32.30
CA GLY O 106 6.51 56.93 -33.63
C GLY O 106 7.98 56.63 -33.76
N MET O 107 8.62 56.14 -32.69
CA MET O 107 10.06 55.96 -32.67
C MET O 107 10.44 54.54 -33.05
N ALA O 108 11.40 54.40 -33.96
CA ALA O 108 11.91 53.09 -34.37
C ALA O 108 13.28 52.87 -33.75
N THR O 109 13.41 51.79 -32.98
CA THR O 109 14.68 51.35 -32.45
C THR O 109 15.49 50.67 -33.56
N VAL O 110 16.75 51.07 -33.71
CA VAL O 110 17.60 50.61 -34.80
C VAL O 110 18.91 50.07 -34.23
N ILE O 111 19.31 48.91 -34.70
CA ILE O 111 20.63 48.33 -34.46
C ILE O 111 21.43 48.47 -35.76
N PRO O 112 22.52 49.23 -35.76
CA PRO O 112 23.23 49.49 -37.03
C PRO O 112 23.80 48.22 -37.63
N ILE O 113 23.94 48.23 -38.95
CA ILE O 113 24.48 47.08 -39.67
C ILE O 113 25.91 46.77 -39.23
N THR O 114 26.61 47.76 -38.66
CA THR O 114 27.95 47.53 -38.13
C THR O 114 27.94 46.65 -36.89
N ASN O 115 26.78 46.47 -36.24
CA ASN O 115 26.65 45.64 -35.07
C ASN O 115 25.81 44.42 -35.42
N ASN O 116 26.31 43.23 -35.10
CA ASN O 116 25.61 42.00 -35.45
C ASN O 116 24.34 41.85 -34.60
N PHE O 117 23.33 41.22 -35.21
CA PHE O 117 22.04 41.03 -34.56
C PHE O 117 21.52 39.63 -34.83
N THR O 118 20.87 39.04 -33.83
CA THR O 118 20.23 37.74 -33.95
C THR O 118 18.82 37.84 -33.41
N GLY O 119 17.85 37.53 -34.25
CA GLY O 119 16.46 37.62 -33.83
C GLY O 119 15.53 37.23 -34.96
N TYR O 120 14.23 37.37 -34.70
CA TYR O 120 13.20 37.05 -35.66
C TYR O 120 12.91 38.26 -36.54
N LEU O 121 12.97 38.06 -37.85
CA LEU O 121 12.75 39.12 -38.82
C LEU O 121 11.72 38.66 -39.85
N THR O 122 11.07 39.65 -40.47
CA THR O 122 10.06 39.37 -41.49
C THR O 122 10.71 38.73 -42.71
N LEU O 123 10.07 37.68 -43.23
CA LEU O 123 10.57 36.94 -44.38
C LEU O 123 9.62 37.13 -45.56
N LYS O 124 10.19 37.23 -46.76
CA LYS O 124 9.39 37.40 -47.96
C LYS O 124 8.59 36.13 -48.23
N LYS O 125 7.32 36.31 -48.62
CA LYS O 125 6.45 35.19 -48.92
C LYS O 125 6.36 34.95 -50.42
N VAL O 131 12.60 27.69 -47.37
CA VAL O 131 13.74 28.20 -46.63
C VAL O 131 14.12 27.22 -45.52
N ASN O 132 15.36 26.74 -45.57
CA ASN O 132 15.89 25.80 -44.61
C ASN O 132 16.99 26.44 -43.77
N PRO O 133 17.24 25.93 -42.56
CA PRO O 133 18.33 26.48 -41.74
C PRO O 133 19.67 26.37 -42.45
N GLY O 134 20.51 27.38 -42.25
CA GLY O 134 21.81 27.44 -42.90
C GLY O 134 21.82 28.08 -44.26
N ASP O 135 20.68 28.62 -44.72
CA ASP O 135 20.61 29.27 -46.02
C ASP O 135 21.01 30.73 -45.90
N LYS O 136 21.52 31.28 -47.00
CA LYS O 136 21.93 32.67 -47.05
C LYS O 136 20.75 33.57 -47.38
N LEU O 137 20.63 34.68 -46.66
CA LEU O 137 19.51 35.59 -46.79
C LEU O 137 20.01 37.00 -47.08
N ASN O 138 19.20 37.75 -47.81
CA ASN O 138 19.51 39.15 -48.11
C ASN O 138 18.23 39.97 -48.03
N PHE O 139 18.38 41.24 -47.68
CA PHE O 139 17.24 42.14 -47.57
C PHE O 139 16.85 42.67 -48.95
N ASN O 140 15.55 42.71 -49.21
CA ASN O 140 15.02 43.18 -50.48
C ASN O 140 14.68 44.66 -50.40
N GLN O 141 14.00 45.17 -51.43
CA GLN O 141 13.64 46.59 -51.46
C GLN O 141 12.62 46.94 -50.38
N HIS O 142 11.83 45.96 -49.93
CA HIS O 142 10.82 46.19 -48.91
C HIS O 142 11.32 45.91 -47.50
N GLY O 143 12.61 45.70 -47.32
CA GLY O 143 13.14 45.40 -46.01
C GLY O 143 12.81 44.02 -45.50
N GLU O 144 12.55 43.07 -46.40
CA GLU O 144 12.21 41.71 -46.04
C GLU O 144 13.33 40.77 -46.45
N LEU O 145 13.57 39.75 -45.63
CA LEU O 145 14.59 38.76 -45.95
C LEU O 145 14.14 37.86 -47.10
N GLU O 146 15.08 37.45 -47.93
CA GLU O 146 14.78 36.57 -49.04
C GLU O 146 16.02 35.73 -49.34
N LYS O 147 15.78 34.57 -49.97
CA LYS O 147 16.87 33.66 -50.28
C LYS O 147 17.76 34.25 -51.37
N VAL O 148 19.06 34.01 -51.24
CA VAL O 148 20.04 34.52 -52.20
C VAL O 148 20.09 33.61 -53.43
N LYS O 153 24.70 38.24 -51.24
CA LYS O 153 25.17 39.14 -52.28
C LYS O 153 26.03 40.27 -51.69
N SER O 154 25.46 41.03 -50.75
CA SER O 154 26.19 42.10 -50.09
C SER O 154 25.91 42.20 -48.61
N VAL O 155 25.10 41.31 -48.04
CA VAL O 155 24.77 41.33 -46.62
C VAL O 155 24.95 39.93 -46.06
N ASN O 156 25.61 39.84 -44.91
CA ASN O 156 25.86 38.56 -44.25
C ASN O 156 24.68 38.25 -43.34
N ALA O 157 23.72 37.48 -43.87
CA ALA O 157 22.58 37.02 -43.09
C ALA O 157 22.37 35.54 -43.36
N ILE O 158 22.22 34.77 -42.28
CA ILE O 158 22.03 33.33 -42.38
C ILE O 158 20.82 32.95 -41.54
N ALA O 159 19.90 32.20 -42.13
CA ALA O 159 18.70 31.76 -41.43
C ALA O 159 19.04 30.62 -40.48
N LEU O 160 18.57 30.72 -39.23
CA LEU O 160 18.83 29.71 -38.22
C LEU O 160 17.67 28.75 -38.02
N SER O 161 16.58 28.93 -38.75
CA SER O 161 15.41 28.07 -38.60
C SER O 161 14.59 28.15 -39.89
N LYS O 162 13.38 27.62 -39.85
CA LYS O 162 12.46 27.64 -40.98
C LYS O 162 11.41 28.74 -40.80
N ALA O 163 10.68 29.00 -41.88
CA ALA O 163 9.69 30.08 -41.85
C ALA O 163 8.53 29.72 -40.93
N HIS O 164 8.18 30.63 -40.04
CA HIS O 164 7.02 30.51 -39.17
C HIS O 164 5.93 31.44 -39.70
N LYS O 165 4.76 30.88 -40.00
CA LYS O 165 3.67 31.63 -40.60
C LYS O 165 2.76 32.17 -39.50
N LEU O 166 2.80 33.48 -39.28
CA LEU O 166 1.91 34.10 -38.30
C LEU O 166 0.57 34.50 -38.91
N THR O 167 0.56 34.86 -40.18
CA THR O 167 -0.65 35.23 -40.89
C THR O 167 -0.50 34.73 -42.32
N GLU O 168 -1.60 34.79 -43.09
CA GLU O 168 -1.56 34.31 -44.48
C GLU O 168 -0.48 35.02 -45.29
N ASP O 169 -0.15 36.26 -44.93
CA ASP O 169 0.90 37.00 -45.60
C ASP O 169 2.10 37.32 -44.72
N LEU O 170 2.03 37.04 -43.42
CA LEU O 170 3.10 37.38 -42.48
C LEU O 170 3.92 36.13 -42.15
N PHE O 171 5.20 36.17 -42.49
CA PHE O 171 6.13 35.09 -42.19
C PHE O 171 7.35 35.66 -41.48
N ILE O 172 7.83 34.94 -40.47
CA ILE O 172 9.02 35.33 -39.72
C ILE O 172 10.04 34.21 -39.81
N VAL O 173 11.28 34.54 -39.46
CA VAL O 173 12.37 33.57 -39.50
C VAL O 173 13.47 34.06 -38.57
N LEU O 174 14.04 33.13 -37.81
CA LEU O 174 15.19 33.42 -36.96
C LEU O 174 16.45 33.45 -37.82
N ALA O 175 17.15 34.58 -37.80
CA ALA O 175 18.34 34.74 -38.62
C ALA O 175 19.36 35.60 -37.88
N SER O 176 20.61 35.44 -38.27
CA SER O 176 21.72 36.21 -37.71
C SER O 176 22.33 37.07 -38.81
N VAL O 177 22.38 38.38 -38.58
CA VAL O 177 22.97 39.33 -39.52
C VAL O 177 24.23 39.88 -38.88
N PHE O 178 25.37 39.67 -39.53
CA PHE O 178 26.68 40.08 -39.02
C PHE O 178 27.41 40.86 -40.10
N GLY O 179 27.19 42.17 -40.13
CA GLY O 179 27.89 43.03 -41.07
C GLY O 179 27.44 42.80 -42.50
N ASN O 180 28.28 43.29 -43.42
CA ASN O 180 28.03 43.18 -44.85
C ASN O 180 29.15 42.40 -45.51
N ARG O 181 28.83 41.79 -46.64
CA ARG O 181 29.79 40.97 -47.39
C ARG O 181 30.56 41.86 -48.36
N ALA O 182 31.37 41.23 -49.21
CA ALA O 182 32.17 41.93 -50.21
C ALA O 182 31.75 41.47 -51.60
N ILE O 183 31.57 42.42 -52.51
CA ILE O 183 31.16 42.12 -53.87
C ILE O 183 32.40 41.93 -54.75
N ALA P 187 10.43 70.29 1.51
CA ALA P 187 10.65 69.41 0.37
C ALA P 187 11.19 70.18 -0.83
N SER P 188 12.04 71.17 -0.55
CA SER P 188 12.64 71.99 -1.58
C SER P 188 14.14 72.15 -1.32
N LEU P 189 14.90 72.38 -2.38
CA LEU P 189 16.33 72.57 -2.26
C LEU P 189 16.69 73.85 -1.52
N LEU P 190 15.76 74.80 -1.42
CA LEU P 190 16.04 76.05 -0.71
C LEU P 190 16.28 75.79 0.77
N ASP P 191 15.52 74.87 1.37
CA ASP P 191 15.66 74.57 2.79
C ASP P 191 16.98 73.87 3.04
N SER P 192 17.83 74.49 3.87
CA SER P 192 19.11 73.86 4.22
C SER P 192 18.92 72.61 5.06
N ASN P 193 17.90 72.58 5.92
CA ASN P 193 17.64 71.42 6.76
C ASN P 193 17.21 70.21 5.94
N PHE P 194 16.74 70.41 4.72
CA PHE P 194 16.30 69.30 3.87
C PHE P 194 17.49 68.42 3.50
N VAL P 195 17.43 67.16 3.88
CA VAL P 195 18.45 66.18 3.56
C VAL P 195 17.80 65.08 2.72
N PRO P 196 17.99 65.09 1.40
CA PRO P 196 17.38 64.07 0.55
C PRO P 196 17.91 62.68 0.87
N ILE P 197 17.03 61.69 0.75
CA ILE P 197 17.41 60.31 1.02
C ILE P 197 17.77 59.56 -0.26
N ASN P 198 17.13 59.91 -1.39
CA ASN P 198 17.39 59.22 -2.64
C ASN P 198 17.19 60.17 -3.81
N PHE P 199 17.54 59.69 -4.99
CA PHE P 199 17.49 60.53 -6.18
C PHE P 199 16.06 60.92 -6.54
N THR P 200 15.07 60.07 -6.22
CA THR P 200 13.68 60.43 -6.46
C THR P 200 13.28 61.64 -5.62
N GLU P 201 13.63 61.61 -4.32
CA GLU P 201 13.36 62.76 -3.47
C GLU P 201 14.13 63.98 -3.94
N PHE P 202 15.35 63.79 -4.42
CA PHE P 202 16.14 64.91 -4.95
C PHE P 202 15.45 65.55 -6.15
N VAL P 203 14.93 64.74 -7.06
CA VAL P 203 14.23 65.26 -8.24
C VAL P 203 12.95 65.97 -7.84
N GLN P 204 12.20 65.39 -6.89
CA GLN P 204 11.00 66.08 -6.42
C GLN P 204 11.34 67.41 -5.78
N ALA P 205 12.44 67.47 -5.02
CA ALA P 205 12.88 68.72 -4.44
C ALA P 205 13.26 69.74 -5.51
N ILE P 206 13.90 69.28 -6.58
CA ILE P 206 14.23 70.17 -7.69
C ILE P 206 12.97 70.76 -8.31
N SER P 207 11.96 69.90 -8.52
CA SER P 207 10.70 70.37 -9.10
C SER P 207 10.02 71.38 -8.18
N ASN P 208 9.98 71.09 -6.88
CA ASN P 208 9.37 72.01 -5.93
C ASN P 208 10.13 73.34 -5.89
N THR P 209 11.47 73.28 -5.96
CA THR P 209 12.27 74.50 -5.98
C THR P 209 11.98 75.32 -7.22
N TYR P 210 11.84 74.67 -8.38
CA TYR P 210 11.49 75.38 -9.60
C TYR P 210 10.13 76.05 -9.47
N LYS P 211 9.15 75.34 -8.91
CA LYS P 211 7.83 75.93 -8.72
C LYS P 211 7.89 77.13 -7.78
N GLN P 212 8.65 77.01 -6.69
CA GLN P 212 8.80 78.13 -5.76
C GLN P 212 9.48 79.32 -6.41
N ARG P 213 10.48 79.06 -7.26
CA ARG P 213 11.14 80.16 -7.98
C ARG P 213 10.17 80.87 -8.92
N ARG P 214 9.32 80.09 -9.61
CA ARG P 214 8.31 80.71 -10.47
C ARG P 214 7.33 81.55 -9.65
N ILE P 215 6.91 81.02 -8.50
CA ILE P 215 5.97 81.77 -7.65
C ILE P 215 6.62 83.06 -7.16
N GLN P 216 7.89 82.99 -6.75
CA GLN P 216 8.59 84.18 -6.28
C GLN P 216 8.77 85.20 -7.41
N PHE P 217 9.06 84.73 -8.61
CA PHE P 217 9.20 85.64 -9.75
C PHE P 217 7.88 86.35 -10.04
N TYR P 218 6.77 85.62 -10.01
CA TYR P 218 5.47 86.26 -10.23
C TYR P 218 5.10 87.19 -9.09
N GLU P 219 5.53 86.88 -7.85
CA GLU P 219 5.28 87.77 -6.73
C GLU P 219 6.05 89.07 -6.88
N ASN P 220 7.30 88.99 -7.32
CA ASN P 220 8.17 90.17 -7.43
C ASN P 220 8.06 90.86 -8.78
N LEU P 221 7.28 90.34 -9.71
CA LEU P 221 7.15 90.94 -11.03
C LEU P 221 6.43 92.29 -10.94
N LYS P 222 6.96 93.28 -11.66
CA LYS P 222 6.35 94.60 -11.74
C LYS P 222 6.38 95.03 -13.21
N ARG P 223 5.26 94.83 -13.90
CA ARG P 223 5.17 95.14 -15.32
C ARG P 223 5.08 96.64 -15.54
N HIS P 224 5.47 97.07 -16.74
CA HIS P 224 5.36 98.47 -17.15
C HIS P 224 3.99 98.70 -17.76
N LYS P 225 3.21 99.59 -17.14
CA LYS P 225 1.83 99.84 -17.55
C LYS P 225 1.72 100.95 -18.60
N ARG P 226 2.84 101.51 -19.05
CA ARG P 226 2.80 102.55 -20.07
C ARG P 226 3.67 102.18 -21.26
N ALA Q 187 49.54 59.77 7.26
CA ALA Q 187 48.79 59.40 6.06
C ALA Q 187 49.56 58.39 5.23
N SER Q 188 49.85 57.23 5.84
CA SER Q 188 50.58 56.16 5.18
C SER Q 188 49.91 54.83 5.47
N LEU Q 189 50.04 53.90 4.53
CA LEU Q 189 49.46 52.58 4.70
C LEU Q 189 50.14 51.78 5.80
N LEU Q 190 51.40 52.11 6.14
CA LEU Q 190 52.06 51.47 7.26
C LEU Q 190 51.35 51.77 8.57
N ASP Q 191 50.87 53.00 8.73
CA ASP Q 191 50.15 53.40 9.93
C ASP Q 191 48.80 52.68 9.97
N SER Q 192 48.62 51.81 10.97
CA SER Q 192 47.36 51.09 11.11
C SER Q 192 46.20 52.02 11.50
N ASN Q 193 46.49 53.16 12.11
CA ASN Q 193 45.45 54.10 12.49
C ASN Q 193 44.83 54.80 11.29
N PHE Q 194 45.46 54.72 10.12
CA PHE Q 194 44.95 55.40 8.94
C PHE Q 194 43.64 54.76 8.49
N VAL Q 195 42.59 55.56 8.42
CA VAL Q 195 41.29 55.13 7.92
C VAL Q 195 40.95 55.97 6.69
N PRO Q 196 41.16 55.44 5.49
CA PRO Q 196 40.92 56.23 4.27
C PRO Q 196 39.45 56.59 4.12
N ILE Q 197 39.17 57.90 4.06
CA ILE Q 197 37.81 58.34 3.83
C ILE Q 197 37.40 58.10 2.38
N ASN Q 198 38.32 58.32 1.44
CA ASN Q 198 37.99 58.20 0.03
C ASN Q 198 39.20 57.67 -0.75
N PHE Q 199 38.96 57.36 -2.02
CA PHE Q 199 40.00 56.78 -2.87
C PHE Q 199 41.14 57.77 -3.10
N THR Q 200 40.85 59.07 -3.11
CA THR Q 200 41.92 60.06 -3.24
C THR Q 200 42.87 59.99 -2.04
N GLU Q 201 42.31 59.92 -0.83
CA GLU Q 201 43.14 59.76 0.36
C GLU Q 201 43.89 58.44 0.32
N PHE Q 202 43.25 57.38 -0.19
CA PHE Q 202 43.94 56.10 -0.31
C PHE Q 202 45.14 56.19 -1.23
N VAL Q 203 44.98 56.88 -2.37
CA VAL Q 203 46.09 57.02 -3.32
C VAL Q 203 47.20 57.88 -2.71
N GLN Q 204 46.84 58.95 -2.00
CA GLN Q 204 47.85 59.75 -1.34
C GLN Q 204 48.61 58.94 -0.30
N ALA Q 205 47.89 58.09 0.45
CA ALA Q 205 48.56 57.21 1.41
C ALA Q 205 49.49 56.23 0.72
N ILE Q 206 49.08 55.72 -0.45
CA ILE Q 206 49.94 54.82 -1.21
C ILE Q 206 51.24 55.53 -1.60
N SER Q 207 51.11 56.77 -2.09
CA SER Q 207 52.29 57.54 -2.48
C SER Q 207 53.20 57.81 -1.29
N ASN Q 208 52.61 58.19 -0.15
CA ASN Q 208 53.40 58.43 1.06
C ASN Q 208 54.10 57.16 1.52
N THR Q 209 53.40 56.03 1.44
CA THR Q 209 54.01 54.75 1.82
C THR Q 209 55.18 54.41 0.91
N TYR Q 210 55.04 54.66 -0.39
CA TYR Q 210 56.15 54.43 -1.31
C TYR Q 210 57.35 55.31 -0.97
N LYS Q 211 57.09 56.59 -0.66
CA LYS Q 211 58.17 57.49 -0.29
C LYS Q 211 58.86 57.03 0.99
N GLN Q 212 58.08 56.61 1.99
CA GLN Q 212 58.66 56.13 3.24
C GLN Q 212 59.45 54.85 3.03
N ARG Q 213 58.99 53.97 2.14
CA ARG Q 213 59.75 52.77 1.81
C ARG Q 213 61.07 53.11 1.14
N ARG Q 214 61.06 54.11 0.24
CA ARG Q 214 62.30 54.57 -0.36
C ARG Q 214 63.26 55.11 0.70
N ILE Q 215 62.76 55.91 1.63
CA ILE Q 215 63.59 56.45 2.70
C ILE Q 215 64.17 55.34 3.55
N GLN Q 216 63.34 54.35 3.89
CA GLN Q 216 63.79 53.21 4.69
C GLN Q 216 64.87 52.42 3.97
N PHE Q 217 64.69 52.20 2.67
CA PHE Q 217 65.69 51.47 1.90
C PHE Q 217 67.02 52.22 1.88
N TYR Q 218 66.96 53.54 1.68
CA TYR Q 218 68.20 54.32 1.66
C TYR Q 218 68.86 54.35 3.04
N GLU Q 219 68.06 54.36 4.12
CA GLU Q 219 68.65 54.30 5.45
C GLU Q 219 69.30 52.94 5.71
N ASN Q 220 68.66 51.86 5.25
CA ASN Q 220 69.21 50.53 5.49
C ASN Q 220 70.41 50.22 4.61
N LEU Q 221 70.51 50.87 3.46
CA LEU Q 221 71.62 50.62 2.55
C LEU Q 221 72.95 51.02 3.19
N LYS Q 222 73.94 50.15 3.03
CA LYS Q 222 75.28 50.39 3.59
C LYS Q 222 76.33 50.67 2.53
N ARG Q 223 76.12 50.22 1.29
CA ARG Q 223 77.06 50.45 0.19
C ARG Q 223 78.47 49.97 0.53
N ALA R 187 20.13 30.67 8.57
CA ALA R 187 19.64 31.90 7.97
C ALA R 187 18.77 31.62 6.75
N SER R 188 17.48 31.94 6.85
CA SER R 188 16.53 31.72 5.77
C SER R 188 15.67 32.96 5.60
N LEU R 189 15.15 33.14 4.38
CA LEU R 189 14.27 34.27 4.11
C LEU R 189 12.96 34.18 4.87
N LEU R 190 12.56 32.99 5.31
CA LEU R 190 11.33 32.84 6.09
C LEU R 190 11.45 33.55 7.44
N ASP R 191 12.66 33.60 8.00
CA ASP R 191 12.85 34.27 9.28
C ASP R 191 12.57 35.76 9.15
N SER R 192 11.77 36.29 10.08
CA SER R 192 11.42 37.71 10.06
C SER R 192 12.53 38.60 10.60
N ASN R 193 13.44 38.05 11.40
CA ASN R 193 14.52 38.84 11.99
C ASN R 193 15.81 38.79 11.16
N PHE R 194 15.81 38.09 10.03
CA PHE R 194 17.00 37.95 9.21
C PHE R 194 17.21 39.21 8.36
N VAL R 195 18.32 39.89 8.57
CA VAL R 195 18.71 41.04 7.78
C VAL R 195 20.02 40.72 7.07
N PRO R 196 19.96 40.42 5.76
CA PRO R 196 21.19 40.04 5.04
C PRO R 196 22.17 41.21 4.96
N ILE R 197 23.40 40.96 5.40
CA ILE R 197 24.44 41.98 5.31
C ILE R 197 24.86 42.20 3.86
N ASN R 198 24.99 41.12 3.09
CA ASN R 198 25.51 41.21 1.74
C ASN R 198 24.80 40.21 0.84
N PHE R 199 25.13 40.30 -0.46
CA PHE R 199 24.50 39.44 -1.46
C PHE R 199 24.84 37.97 -1.25
N THR R 200 26.03 37.68 -0.72
CA THR R 200 26.37 36.30 -0.41
C THR R 200 25.44 35.73 0.64
N GLU R 201 25.19 36.48 1.72
CA GLU R 201 24.22 36.06 2.72
C GLU R 201 22.83 35.94 2.14
N PHE R 202 22.47 36.86 1.22
CA PHE R 202 21.17 36.78 0.58
C PHE R 202 21.01 35.48 -0.22
N VAL R 203 22.05 35.11 -0.97
CA VAL R 203 22.00 33.89 -1.77
C VAL R 203 21.93 32.66 -0.88
N GLN R 204 22.73 32.65 0.20
CA GLN R 204 22.68 31.53 1.14
C GLN R 204 21.31 31.40 1.77
N ALA R 205 20.68 32.54 2.11
CA ALA R 205 19.34 32.50 2.67
C ALA R 205 18.33 31.99 1.65
N ILE R 206 18.50 32.35 0.38
CA ILE R 206 17.60 31.83 -0.66
C ILE R 206 17.72 30.31 -0.75
N SER R 207 18.96 29.81 -0.74
CA SER R 207 19.16 28.37 -0.81
C SER R 207 18.57 27.66 0.41
N ASN R 208 18.78 28.23 1.60
CA ASN R 208 18.22 27.64 2.81
C ASN R 208 16.69 27.66 2.78
N THR R 209 16.10 28.73 2.25
CA THR R 209 14.65 28.80 2.14
C THR R 209 14.12 27.74 1.18
N TYR R 210 14.81 27.54 0.06
CA TYR R 210 14.40 26.47 -0.86
C TYR R 210 14.48 25.10 -0.18
N LYS R 211 15.57 24.86 0.55
CA LYS R 211 15.69 23.58 1.25
C LYS R 211 14.59 23.39 2.29
N GLN R 212 14.27 24.44 3.04
CA GLN R 212 13.21 24.35 4.04
C GLN R 212 11.86 24.11 3.39
N ARG R 213 11.60 24.76 2.25
CA ARG R 213 10.35 24.52 1.53
C ARG R 213 10.26 23.07 1.05
N ARG R 214 11.38 22.52 0.56
CA ARG R 214 11.38 21.11 0.16
C ARG R 214 11.10 20.20 1.34
N ILE R 215 11.72 20.48 2.49
CA ILE R 215 11.50 19.67 3.69
C ILE R 215 10.04 19.76 4.13
N GLN R 216 9.46 20.97 4.09
CA GLN R 216 8.07 21.12 4.48
C GLN R 216 7.13 20.39 3.52
N PHE R 217 7.43 20.44 2.23
CA PHE R 217 6.61 19.72 1.25
C PHE R 217 6.67 18.22 1.51
N TYR R 218 7.86 17.69 1.78
CA TYR R 218 7.98 16.27 2.05
C TYR R 218 7.30 15.88 3.37
N GLU R 219 7.29 16.80 4.35
CA GLU R 219 6.56 16.55 5.58
C GLU R 219 5.05 16.51 5.33
N ASN R 220 4.55 17.38 4.46
CA ASN R 220 3.12 17.47 4.19
C ASN R 220 2.66 16.54 3.07
N LEU R 221 3.58 15.78 2.47
CA LEU R 221 3.23 14.91 1.35
C LEU R 221 2.53 13.65 1.86
N LYS R 222 1.45 13.28 1.19
CA LYS R 222 0.71 12.05 1.51
C LYS R 222 0.28 11.42 0.18
N ARG R 223 1.07 10.44 -0.29
CA ARG R 223 0.77 9.78 -1.56
C ARG R 223 -0.48 8.91 -1.45
N LEU S 3 -45.91 53.88 -6.32
CA LEU S 3 -45.84 53.54 -7.74
C LEU S 3 -46.87 52.49 -8.12
N PHE S 4 -47.08 51.52 -7.22
CA PHE S 4 -48.02 50.44 -7.50
C PHE S 4 -49.45 50.96 -7.62
N ASP S 5 -49.83 51.91 -6.78
CA ASP S 5 -51.18 52.48 -6.86
C ASP S 5 -51.37 53.24 -8.17
N GLU S 6 -50.36 54.00 -8.59
CA GLU S 6 -50.49 54.82 -9.79
C GLU S 6 -50.43 53.99 -11.07
N ASN S 7 -49.61 52.95 -11.09
CA ASN S 7 -49.40 52.14 -12.28
C ASN S 7 -49.87 50.72 -12.00
N TYR S 8 -50.84 50.26 -12.79
CA TYR S 8 -51.34 48.89 -12.64
C TYR S 8 -50.33 47.88 -13.16
N TYR S 9 -49.67 48.19 -14.28
CA TYR S 9 -48.80 47.23 -14.93
C TYR S 9 -47.63 46.82 -14.04
N ALA S 10 -47.05 47.78 -13.31
CA ALA S 10 -45.95 47.45 -12.40
C ALA S 10 -46.42 46.52 -11.30
N LYS S 11 -47.62 46.75 -10.77
CA LYS S 11 -48.16 45.88 -9.72
C LYS S 11 -48.38 44.46 -10.26
N ALA S 12 -48.93 44.35 -11.47
CA ALA S 12 -49.14 43.03 -12.06
C ALA S 12 -47.82 42.31 -12.29
N VAL S 13 -46.81 43.04 -12.78
CA VAL S 13 -45.50 42.44 -12.99
C VAL S 13 -44.91 41.95 -11.68
N ALA S 14 -45.04 42.76 -10.62
CA ALA S 14 -44.51 42.36 -9.32
C ALA S 14 -45.24 41.13 -8.79
N ASN S 15 -46.56 41.07 -8.99
CA ASN S 15 -47.34 39.96 -8.46
C ASN S 15 -47.24 38.69 -9.30
N ILE S 16 -46.78 38.78 -10.54
CA ILE S 16 -46.67 37.62 -11.41
C ILE S 16 -45.23 37.22 -11.70
N ILE S 17 -44.25 38.00 -11.21
CA ILE S 17 -42.86 37.68 -11.50
C ILE S 17 -42.44 36.37 -10.84
N GLY S 18 -43.09 35.99 -9.74
CA GLY S 18 -42.74 34.76 -9.05
C GLY S 18 -43.15 33.50 -9.79
N GLU S 19 -44.06 33.61 -10.76
CA GLU S 19 -44.53 32.46 -11.51
C GLU S 19 -43.63 32.09 -12.68
N VAL S 20 -42.57 32.86 -12.93
CA VAL S 20 -41.64 32.57 -14.01
C VAL S 20 -40.58 31.61 -13.49
N LYS S 21 -40.34 30.54 -14.23
CA LYS S 21 -39.38 29.53 -13.83
C LYS S 21 -37.96 30.03 -14.00
N ASP S 22 -37.06 29.48 -13.18
CA ASP S 22 -35.65 29.85 -13.27
C ASP S 22 -35.04 29.33 -14.57
N PRO S 23 -34.06 30.03 -15.13
CA PRO S 23 -33.42 29.57 -16.36
C PRO S 23 -32.66 28.26 -16.13
N ILE S 24 -32.58 27.46 -17.18
CA ILE S 24 -31.87 26.18 -17.10
C ILE S 24 -30.37 26.33 -17.27
N MET S 25 -29.89 27.53 -17.61
CA MET S 25 -28.46 27.76 -17.74
C MET S 25 -27.73 27.62 -16.42
N TYR S 26 -28.42 27.77 -15.30
CA TYR S 26 -27.78 27.75 -13.98
C TYR S 26 -27.21 26.37 -13.66
N LYS S 27 -27.80 25.30 -14.21
CA LYS S 27 -27.29 23.97 -13.96
C LYS S 27 -25.94 23.74 -14.61
N TRP S 28 -25.60 24.51 -15.64
CA TRP S 28 -24.36 24.33 -16.37
C TRP S 28 -23.16 24.99 -15.70
N PHE S 29 -23.38 25.76 -14.63
CA PHE S 29 -22.30 26.49 -13.98
C PHE S 29 -22.39 26.33 -12.47
N SER S 30 -21.24 26.42 -11.82
CA SER S 30 -21.17 26.38 -10.37
C SER S 30 -21.59 27.73 -9.78
N PRO S 31 -22.00 27.75 -8.50
CA PRO S 31 -22.41 29.03 -7.90
C PRO S 31 -21.34 30.09 -7.94
N ASP S 32 -20.07 29.72 -7.77
CA ASP S 32 -18.99 30.69 -7.76
C ASP S 32 -18.60 31.16 -9.17
N GLN S 33 -18.98 30.41 -10.20
CA GLN S 33 -18.57 30.77 -11.56
C GLN S 33 -19.34 31.97 -12.11
N ILE S 34 -20.46 32.35 -11.49
CA ILE S 34 -21.32 33.42 -11.99
C ILE S 34 -21.16 34.64 -11.09
N GLU S 35 -20.87 35.78 -11.70
CA GLU S 35 -20.71 37.03 -10.97
C GLU S 35 -21.33 38.16 -11.78
N ASP S 36 -22.40 38.75 -11.25
CA ASP S 36 -23.14 39.77 -11.98
C ASP S 36 -22.35 41.08 -12.04
N VAL S 37 -22.57 41.82 -13.12
CA VAL S 37 -21.94 43.12 -13.34
C VAL S 37 -23.02 44.16 -13.62
N ASP S 38 -22.69 45.42 -13.34
CA ASP S 38 -23.63 46.53 -13.50
C ASP S 38 -23.29 47.27 -14.80
N LEU S 39 -23.86 46.80 -15.91
CA LEU S 39 -23.65 47.43 -17.20
C LEU S 39 -24.71 46.93 -18.16
N GLN S 40 -25.44 47.86 -18.79
CA GLN S 40 -26.45 47.47 -19.78
C GLN S 40 -25.80 47.20 -21.14
N MET S 41 -25.19 48.22 -21.73
CA MET S 41 -24.49 48.08 -23.01
C MET S 41 -23.10 48.65 -22.89
N GLY S 42 -22.14 48.00 -23.55
CA GLY S 42 -20.76 48.43 -23.48
C GLY S 42 -19.78 47.28 -23.45
N TYR S 43 -18.65 47.49 -22.79
CA TYR S 43 -17.61 46.46 -22.75
C TYR S 43 -16.85 46.56 -21.43
N GLN S 44 -16.19 45.46 -21.09
CA GLN S 44 -15.31 45.39 -19.93
C GLN S 44 -13.99 44.77 -20.37
N LYS S 45 -12.91 45.21 -19.72
CA LYS S 45 -11.56 44.82 -20.14
C LYS S 45 -10.77 44.27 -18.97
N THR S 46 -9.87 43.35 -19.29
CA THR S 46 -8.95 42.79 -18.31
C THR S 46 -7.59 42.56 -18.98
N VAL S 47 -6.55 42.51 -18.17
CA VAL S 47 -5.17 42.45 -18.66
C VAL S 47 -4.48 41.24 -18.04
N LYS S 48 -3.82 40.45 -18.88
CA LYS S 48 -3.04 39.30 -18.45
C LYS S 48 -1.61 39.43 -18.95
N TRP S 49 -0.67 38.88 -18.19
CA TRP S 49 0.75 38.96 -18.49
C TRP S 49 1.31 37.55 -18.64
N ASP S 50 2.09 37.32 -19.70
CA ASP S 50 2.68 36.03 -19.97
C ASP S 50 4.18 36.18 -20.19
N ALA S 51 4.92 35.11 -19.90
CA ALA S 51 6.36 35.08 -20.09
C ALA S 51 6.73 33.86 -20.93
N PHE S 52 7.84 33.99 -21.67
CA PHE S 52 8.28 32.91 -22.54
C PHE S 52 9.80 32.94 -22.66
N LEU S 53 10.36 31.80 -23.06
CA LEU S 53 11.79 31.66 -23.26
C LEU S 53 12.11 31.81 -24.74
N ASN S 54 13.09 32.66 -25.05
CA ASN S 54 13.45 32.94 -26.44
C ASN S 54 14.41 31.93 -27.03
N ALA S 55 15.31 31.38 -26.23
CA ALA S 55 16.32 30.46 -26.74
C ALA S 55 16.82 29.61 -25.58
N ASN S 56 17.73 28.68 -25.91
CA ASN S 56 18.31 27.82 -24.89
C ASN S 56 19.18 28.64 -23.93
N PRO S 57 19.34 28.18 -22.69
CA PRO S 57 20.14 28.93 -21.73
C PRO S 57 21.60 29.04 -22.16
N THR S 58 22.27 30.07 -21.63
CA THR S 58 23.65 30.37 -21.98
C THR S 58 24.59 29.80 -20.92
N THR S 59 25.61 29.08 -21.37
CA THR S 59 26.60 28.52 -20.46
C THR S 59 27.55 29.62 -20.00
N ILE S 60 27.64 29.79 -18.68
CA ILE S 60 28.49 30.84 -18.09
C ILE S 60 29.88 30.22 -17.92
N ALA S 61 30.68 30.27 -18.97
CA ALA S 61 32.05 29.78 -18.95
C ALA S 61 32.98 30.87 -19.45
N ASN S 62 34.01 31.16 -18.67
CA ASN S 62 35.03 32.17 -19.02
C ASN S 62 34.32 33.52 -19.11
N GLU S 63 34.56 34.31 -20.15
CA GLU S 63 33.93 35.62 -20.32
C GLU S 63 32.89 35.52 -21.43
N VAL S 64 31.72 36.11 -21.19
CA VAL S 64 30.65 36.14 -22.20
C VAL S 64 29.81 37.38 -21.94
N ASN S 65 29.35 38.01 -23.03
CA ASN S 65 28.49 39.17 -22.96
C ASN S 65 27.10 38.96 -23.54
N THR S 66 26.97 38.08 -24.54
CA THR S 66 25.68 37.81 -25.16
C THR S 66 24.99 36.68 -24.41
N ILE S 67 23.83 36.99 -23.82
CA ILE S 67 23.07 36.02 -23.02
C ILE S 67 21.68 35.88 -23.62
N SER S 68 21.13 34.68 -23.50
CA SER S 68 19.77 34.43 -23.96
C SER S 68 18.77 35.23 -23.13
N THR S 69 17.68 35.63 -23.76
CA THR S 69 16.71 36.52 -23.15
C THR S 69 15.39 35.80 -22.87
N ILE S 70 14.66 36.32 -21.89
CA ILE S 70 13.32 35.85 -21.56
C ILE S 70 12.35 36.97 -21.91
N GLY S 71 11.39 36.68 -22.78
CA GLY S 71 10.47 37.68 -23.26
C GLY S 71 9.15 37.69 -22.50
N PHE S 72 8.45 38.81 -22.61
CA PHE S 72 7.18 39.01 -21.94
C PHE S 72 6.16 39.52 -22.94
N SER S 73 4.88 39.31 -22.63
CA SER S 73 3.80 39.71 -23.52
C SER S 73 2.57 40.07 -22.69
N SER S 74 1.82 41.06 -23.18
CA SER S 74 0.58 41.49 -22.56
C SER S 74 -0.60 41.08 -23.43
N GLU S 75 -1.71 40.77 -22.79
CA GLU S 75 -2.93 40.40 -23.52
C GLU S 75 -4.10 41.13 -22.89
N VAL S 76 -4.89 41.82 -23.73
CA VAL S 76 -6.07 42.55 -23.29
C VAL S 76 -7.29 41.77 -23.77
N VAL S 77 -8.15 41.38 -22.83
CA VAL S 77 -9.35 40.61 -23.11
C VAL S 77 -10.57 41.48 -22.85
N ARG S 78 -11.45 41.58 -23.84
CA ARG S 78 -12.63 42.42 -23.78
C ARG S 78 -13.89 41.58 -23.90
N LEU S 79 -14.86 41.88 -23.04
CA LEU S 79 -16.18 41.24 -23.08
C LEU S 79 -17.20 42.30 -23.43
N ASN S 80 -17.97 42.06 -24.49
CA ASN S 80 -18.99 42.98 -24.98
C ASN S 80 -20.37 42.57 -24.49
N TYR S 81 -21.23 43.56 -24.30
CA TYR S 81 -22.61 43.33 -23.88
C TYR S 81 -23.55 44.02 -24.85
N LEU S 82 -24.74 43.43 -25.03
CA LEU S 82 -25.74 43.97 -25.94
C LEU S 82 -27.09 44.02 -25.26
N LYS S 83 -27.87 45.05 -25.57
CA LYS S 83 -29.21 45.21 -25.04
C LYS S 83 -30.23 45.03 -26.16
N LEU S 84 -31.22 44.18 -25.92
CA LEU S 84 -32.25 43.86 -26.91
C LEU S 84 -33.62 44.04 -26.30
N GLN S 85 -34.60 44.28 -27.16
CA GLN S 85 -35.95 44.59 -26.73
C GLN S 85 -36.97 43.85 -27.58
N TYR S 86 -38.11 43.52 -26.97
CA TYR S 86 -39.24 42.91 -27.63
C TYR S 86 -40.51 43.68 -27.27
N LYS S 87 -41.46 43.70 -28.19
CA LYS S 87 -42.74 44.35 -27.98
C LYS S 87 -43.87 43.33 -28.13
N PHE S 88 -44.84 43.40 -27.23
CA PHE S 88 -45.99 42.49 -27.30
C PHE S 88 -47.27 43.25 -27.03
N ARG S 89 -48.33 42.85 -27.73
CA ARG S 89 -49.65 43.44 -27.59
C ARG S 89 -50.43 42.76 -26.49
N HIS S 90 -51.39 43.49 -25.93
CA HIS S 90 -52.22 42.98 -24.85
C HIS S 90 -53.47 43.86 -24.74
N LEU S 91 -54.31 43.55 -23.76
CA LEU S 91 -55.55 44.26 -23.53
C LEU S 91 -55.37 45.30 -22.43
N LYS S 92 -56.00 46.46 -22.61
CA LYS S 92 -55.99 47.49 -21.58
C LYS S 92 -56.71 46.99 -20.34
N GLN S 93 -56.25 47.45 -19.17
CA GLN S 93 -56.80 46.97 -17.90
C GLN S 93 -58.28 47.30 -17.77
N THR S 94 -58.69 48.49 -18.19
CA THR S 94 -60.08 48.90 -18.06
C THR S 94 -61.01 48.11 -18.96
N SER S 95 -60.49 47.46 -20.01
CA SER S 95 -61.30 46.75 -20.97
C SER S 95 -61.43 45.26 -20.67
N GLU S 96 -60.80 44.78 -19.59
CA GLU S 96 -60.83 43.35 -19.29
C GLU S 96 -62.21 42.87 -18.88
N LYS S 97 -63.01 43.74 -18.26
CA LYS S 97 -64.35 43.34 -17.82
C LYS S 97 -65.25 42.99 -19.00
N PHE S 98 -64.99 43.60 -20.17
CA PHE S 98 -65.76 43.31 -21.37
C PHE S 98 -65.26 42.08 -22.11
N TYR S 99 -64.19 41.44 -21.63
CA TYR S 99 -63.67 40.23 -22.23
C TYR S 99 -63.59 39.04 -21.27
N THR S 100 -63.88 39.24 -19.98
CA THR S 100 -63.95 38.11 -19.07
C THR S 100 -65.03 37.13 -19.51
N SER S 101 -64.73 35.83 -19.40
CA SER S 101 -65.65 34.79 -19.80
C SER S 101 -65.85 33.78 -18.68
N ASP S 102 -66.48 32.65 -18.98
CA ASP S 102 -66.77 31.65 -17.95
C ASP S 102 -65.49 31.09 -17.33
N SER S 103 -64.52 30.76 -18.17
CA SER S 103 -63.29 30.12 -17.69
C SER S 103 -62.02 30.77 -18.27
N TYR S 104 -62.14 31.88 -18.97
CA TYR S 104 -60.97 32.52 -19.57
C TYR S 104 -61.22 34.01 -19.71
N ILE S 105 -60.13 34.76 -19.85
CA ILE S 105 -60.17 36.20 -20.10
C ILE S 105 -59.34 36.47 -21.35
N GLY S 106 -59.95 37.13 -22.34
CA GLY S 106 -59.26 37.46 -23.57
C GLY S 106 -60.06 37.07 -24.80
N ASP S 107 -59.81 37.79 -25.90
CA ASP S 107 -60.49 37.54 -27.17
C ASP S 107 -59.81 36.36 -27.85
N ILE S 108 -60.47 35.20 -27.82
CA ILE S 108 -59.93 34.01 -28.47
C ILE S 108 -59.89 34.19 -29.98
N ASN S 109 -60.93 34.80 -30.55
CA ASN S 109 -61.02 34.92 -32.00
C ASN S 109 -59.93 35.86 -32.55
N ASN S 110 -59.43 36.78 -31.74
CA ASN S 110 -58.42 37.72 -32.19
C ASN S 110 -57.08 37.55 -31.49
N ASN S 111 -56.93 36.52 -30.64
CA ASN S 111 -55.67 36.22 -29.96
C ASN S 111 -55.18 37.41 -29.13
N LEU S 112 -56.00 37.78 -28.15
CA LEU S 112 -55.69 38.88 -27.24
C LEU S 112 -55.74 38.35 -25.81
N LEU S 113 -54.80 38.80 -24.99
CA LEU S 113 -54.59 38.27 -23.66
C LEU S 113 -54.50 39.39 -22.65
N PRO S 114 -54.75 39.09 -21.37
CA PRO S 114 -54.46 40.07 -20.32
C PRO S 114 -52.96 40.32 -20.23
N PHE S 115 -52.63 41.50 -19.69
CA PHE S 115 -51.23 41.93 -19.63
C PHE S 115 -50.38 40.97 -18.83
N ALA S 116 -50.91 40.48 -17.70
CA ALA S 116 -50.13 39.60 -16.84
C ALA S 116 -49.75 38.31 -17.55
N GLN S 117 -50.75 37.64 -18.16
CA GLN S 117 -50.47 36.39 -18.86
C GLN S 117 -49.58 36.62 -20.08
N ALA S 118 -49.82 37.70 -20.82
CA ALA S 118 -48.97 38.00 -21.97
C ALA S 118 -47.53 38.23 -21.55
N TYR S 119 -47.32 38.97 -20.45
CA TYR S 119 -45.97 39.20 -19.95
C TYR S 119 -45.31 37.90 -19.50
N LYS S 120 -46.08 37.03 -18.82
CA LYS S 120 -45.50 35.76 -18.39
C LYS S 120 -45.05 34.93 -19.58
N LEU S 121 -45.90 34.81 -20.60
CA LEU S 121 -45.55 34.02 -21.77
C LEU S 121 -44.36 34.62 -22.52
N ALA S 122 -44.35 35.95 -22.70
CA ALA S 122 -43.25 36.59 -23.39
C ALA S 122 -41.95 36.43 -22.62
N SER S 123 -42.00 36.55 -21.28
CA SER S 123 -40.81 36.36 -20.47
C SER S 123 -40.30 34.93 -20.57
N SER S 124 -41.21 33.95 -20.58
CA SER S 124 -40.78 32.56 -20.74
C SER S 124 -40.09 32.35 -22.08
N GLU S 125 -40.65 32.89 -23.16
CA GLU S 125 -40.03 32.75 -24.47
C GLU S 125 -38.66 33.43 -24.51
N ILE S 126 -38.56 34.62 -23.91
CA ILE S 126 -37.28 35.33 -23.91
C ILE S 126 -36.25 34.58 -23.09
N ILE S 127 -36.66 33.97 -21.97
CA ILE S 127 -35.74 33.17 -21.17
C ILE S 127 -35.26 31.95 -21.96
N LYS S 128 -36.16 31.32 -22.73
CA LYS S 128 -35.74 30.23 -23.60
C LYS S 128 -34.71 30.70 -24.61
N LEU S 129 -34.94 31.87 -25.21
CA LEU S 129 -33.99 32.41 -26.17
C LEU S 129 -32.64 32.69 -25.52
N ILE S 130 -32.65 33.24 -24.30
CA ILE S 130 -31.39 33.54 -23.61
C ILE S 130 -30.65 32.26 -23.27
N ASN S 131 -31.38 31.21 -22.85
CA ASN S 131 -30.74 29.93 -22.58
C ASN S 131 -30.09 29.38 -23.84
N HIS S 132 -30.78 29.46 -24.97
CA HIS S 132 -30.22 29.00 -26.23
C HIS S 132 -28.96 29.79 -26.59
N PHE S 133 -29.00 31.11 -26.40
CA PHE S 133 -27.83 31.92 -26.69
C PHE S 133 -26.66 31.57 -25.79
N VAL S 134 -26.91 31.37 -24.50
CA VAL S 134 -25.84 31.04 -23.58
C VAL S 134 -25.22 29.69 -23.96
N LEU S 135 -26.05 28.74 -24.38
CA LEU S 135 -25.50 27.42 -24.69
C LEU S 135 -24.75 27.41 -26.02
N THR S 136 -25.31 28.02 -27.06
CA THR S 136 -24.82 27.82 -28.42
C THR S 136 -24.00 28.98 -28.98
N GLY S 137 -24.04 30.16 -28.36
CA GLY S 137 -23.32 31.29 -28.90
C GLY S 137 -23.95 31.93 -30.12
N THR S 138 -25.20 31.61 -30.43
CA THR S 138 -25.91 32.20 -31.56
C THR S 138 -27.31 32.62 -31.13
N VAL S 139 -27.88 33.57 -31.86
CA VAL S 139 -29.25 34.02 -31.67
C VAL S 139 -29.98 33.82 -32.99
N SER S 140 -30.99 32.94 -32.98
CA SER S 140 -31.79 32.71 -34.17
C SER S 140 -33.14 32.13 -33.76
N ILE S 141 -34.13 32.32 -34.61
CA ILE S 141 -35.47 31.76 -34.39
C ILE S 141 -35.77 30.59 -35.31
N GLN S 142 -34.99 30.38 -36.36
CA GLN S 142 -35.18 29.25 -37.25
C GLN S 142 -34.54 28.00 -36.67
N LYS S 143 -35.22 26.86 -36.83
CA LYS S 143 -34.68 25.60 -36.34
C LYS S 143 -33.45 25.18 -37.13
N ASP S 144 -33.35 25.61 -38.40
CA ASP S 144 -32.16 25.30 -39.18
C ASP S 144 -30.94 26.06 -38.67
N GLY S 145 -31.14 27.23 -38.09
CA GLY S 145 -30.06 28.05 -37.59
C GLY S 145 -29.61 29.16 -38.53
N LYS S 146 -30.36 29.43 -39.59
CA LYS S 146 -30.01 30.48 -40.53
C LYS S 146 -30.67 31.79 -40.12
N ASN S 147 -30.39 32.85 -40.89
CA ASN S 147 -30.91 34.19 -40.61
C ASN S 147 -30.59 34.63 -39.18
N GLN S 148 -29.37 34.35 -38.75
CA GLN S 148 -28.95 34.71 -37.40
C GLN S 148 -28.77 36.21 -37.27
N LYS S 149 -29.06 36.72 -36.08
CA LYS S 149 -28.83 38.14 -35.79
C LYS S 149 -27.34 38.41 -35.70
N ARG S 150 -26.88 39.41 -36.45
CA ARG S 150 -25.47 39.80 -36.41
C ARG S 150 -25.14 40.37 -35.05
N LEU S 151 -24.15 39.78 -34.39
CA LEU S 151 -23.78 40.17 -33.03
C LEU S 151 -22.39 40.81 -33.03
N LEU S 152 -22.08 41.48 -31.92
CA LEU S 152 -20.80 42.14 -31.78
C LEU S 152 -19.70 41.11 -31.53
N PRO S 153 -18.46 41.44 -31.86
CA PRO S 153 -17.34 40.53 -31.56
C PRO S 153 -17.15 40.38 -30.06
N ASN S 154 -16.34 39.39 -29.70
CA ASN S 154 -16.10 39.03 -28.29
C ASN S 154 -17.38 38.63 -27.57
N MET S 155 -18.32 38.06 -28.33
CA MET S 155 -19.59 37.55 -27.79
C MET S 155 -19.68 36.09 -28.20
N TYR S 156 -19.38 35.18 -27.27
CA TYR S 156 -19.29 33.77 -27.58
C TYR S 156 -20.06 32.95 -26.55
N GLY S 157 -20.41 31.73 -26.95
CA GLY S 157 -21.00 30.75 -26.06
C GLY S 157 -20.09 29.57 -25.82
N LEU S 158 -20.63 28.58 -25.10
CA LEU S 158 -19.85 27.41 -24.76
C LEU S 158 -19.57 26.53 -25.98
N LEU S 159 -20.50 26.48 -26.94
CA LEU S 159 -20.37 25.58 -28.08
C LEU S 159 -19.59 26.19 -29.24
N ASN S 160 -19.48 27.51 -29.32
CA ASN S 160 -18.77 28.17 -30.41
C ASN S 160 -17.51 28.87 -29.94
N MET S 161 -17.02 28.55 -28.74
CA MET S 161 -15.83 29.21 -28.22
C MET S 161 -14.63 28.85 -29.08
N PRO S 162 -13.85 29.83 -29.53
CA PRO S 162 -12.68 29.52 -30.37
C PRO S 162 -11.52 29.01 -29.53
N GLU S 163 -10.51 28.49 -30.22
CA GLU S 163 -9.28 27.99 -29.60
C GLU S 163 -9.57 26.95 -28.51
N GLN S 164 -10.51 26.07 -28.81
CA GLN S 164 -10.86 24.96 -27.92
C GLN S 164 -10.62 23.64 -28.65
N ILE S 165 -10.62 22.55 -27.89
CA ILE S 165 -10.39 21.23 -28.47
C ILE S 165 -11.68 20.77 -29.14
N LYS S 166 -11.58 20.41 -30.42
CA LYS S 166 -12.73 20.00 -31.22
C LYS S 166 -12.45 18.65 -31.84
N GLU S 167 -13.38 17.71 -31.65
CA GLU S 167 -13.28 16.37 -32.21
C GLU S 167 -14.51 16.08 -33.04
N GLU S 168 -14.32 15.28 -34.09
CA GLU S 168 -15.39 14.93 -35.01
C GLU S 168 -15.47 13.43 -35.16
N VAL S 169 -16.61 12.85 -34.81
CA VAL S 169 -16.87 11.44 -34.99
C VAL S 169 -17.46 11.24 -36.38
N ALA S 170 -16.88 10.31 -37.14
CA ALA S 170 -17.24 10.13 -38.54
C ALA S 170 -18.68 9.66 -38.69
N SER S 171 -19.25 9.93 -39.86
CA SER S 171 -20.63 9.54 -40.13
C SER S 171 -20.79 8.03 -40.12
N GLY S 172 -19.83 7.31 -40.68
CA GLY S 172 -19.88 5.85 -40.68
C GLY S 172 -19.81 5.25 -39.30
N ASP S 173 -19.31 5.99 -38.31
CA ASP S 173 -19.24 5.54 -36.92
C ASP S 173 -20.18 6.33 -36.02
N LYS S 174 -21.33 6.75 -36.57
CA LYS S 174 -22.26 7.56 -35.80
C LYS S 174 -22.88 6.79 -34.65
N ASP S 175 -23.13 5.49 -34.82
CA ASP S 175 -23.71 4.66 -33.78
C ASP S 175 -22.68 3.82 -33.05
N LYS S 176 -21.40 3.96 -33.37
CA LYS S 176 -20.34 3.18 -32.75
C LYS S 176 -19.84 3.90 -31.50
N MET S 177 -20.35 3.47 -30.34
CA MET S 177 -19.96 4.10 -29.08
C MET S 177 -18.48 3.93 -28.80
N ASP S 178 -17.86 2.85 -29.29
CA ASP S 178 -16.42 2.69 -29.11
C ASP S 178 -15.66 3.78 -29.84
N LYS S 179 -16.05 4.08 -31.08
CA LYS S 179 -15.40 5.17 -31.82
C LYS S 179 -15.69 6.52 -31.16
N ILE S 180 -16.91 6.73 -30.70
CA ILE S 180 -17.24 7.99 -30.01
C ILE S 180 -16.37 8.15 -28.77
N PHE S 181 -16.22 7.09 -27.99
CA PHE S 181 -15.39 7.14 -26.79
C PHE S 181 -13.92 7.33 -27.13
N GLU S 182 -13.46 6.76 -28.24
CA GLU S 182 -12.09 6.99 -28.67
C GLU S 182 -11.86 8.47 -28.98
N LYS S 183 -12.81 9.09 -29.68
CA LYS S 183 -12.70 10.53 -29.95
C LYS S 183 -12.75 11.34 -28.66
N ILE S 184 -13.62 10.94 -27.72
CA ILE S 184 -13.70 11.65 -26.45
C ILE S 184 -12.39 11.53 -25.68
N GLU S 185 -11.78 10.34 -25.69
CA GLU S 185 -10.50 10.15 -25.02
C GLU S 185 -9.40 10.98 -25.66
N ALA S 186 -9.39 11.06 -27.00
CA ALA S 186 -8.41 11.90 -27.67
C ALA S 186 -8.58 13.36 -27.28
N GLY S 187 -9.82 13.85 -27.24
CA GLY S 187 -10.07 15.22 -26.80
C GLY S 187 -9.68 15.45 -25.36
N LEU S 188 -9.94 14.46 -24.49
CA LEU S 188 -9.58 14.58 -23.09
C LEU S 188 -8.07 14.65 -22.92
N SER S 189 -7.33 13.85 -23.69
CA SER S 189 -5.87 13.93 -23.65
C SER S 189 -5.38 15.27 -24.16
N LYS S 190 -6.02 15.81 -25.22
CA LYS S 190 -5.63 17.12 -25.71
C LYS S 190 -6.07 18.26 -24.79
N LEU S 191 -6.95 18.00 -23.83
CA LEU S 191 -7.31 19.02 -22.85
C LEU S 191 -6.10 19.43 -22.03
N GLU S 192 -6.08 20.71 -21.66
CA GLU S 192 -4.97 21.29 -20.89
C GLU S 192 -5.56 22.03 -19.68
N LEU S 193 -5.64 21.33 -18.54
CA LEU S 193 -6.13 21.94 -17.31
C LEU S 193 -5.01 22.60 -16.51
N GLY S 194 -3.85 21.95 -16.42
CA GLY S 194 -2.72 22.56 -15.72
C GLY S 194 -2.94 22.61 -14.23
N ASP S 195 -2.69 23.79 -13.65
CA ASP S 195 -2.80 23.95 -12.20
C ASP S 195 -4.22 23.72 -11.72
N GLU S 196 -5.21 24.21 -12.47
CA GLU S 196 -6.62 24.07 -12.09
C GLU S 196 -7.15 22.73 -12.60
N PHE S 197 -6.70 21.65 -11.96
CA PHE S 197 -7.13 20.31 -12.30
C PHE S 197 -8.02 19.67 -11.26
N SER S 198 -7.83 19.97 -9.97
CA SER S 198 -8.63 19.40 -8.90
C SER S 198 -9.93 20.18 -8.77
N THR S 199 -10.74 20.10 -9.82
CA THR S 199 -12.02 20.79 -9.90
C THR S 199 -13.07 19.86 -10.49
N PRO S 200 -14.34 20.04 -10.13
CA PRO S 200 -15.39 19.22 -10.75
C PRO S 200 -15.49 19.47 -12.24
N MET S 201 -15.93 18.44 -12.96
CA MET S 201 -16.08 18.51 -14.41
C MET S 201 -17.56 18.34 -14.78
N MET S 202 -17.92 18.89 -15.93
CA MET S 202 -19.30 18.90 -16.40
C MET S 202 -19.34 18.46 -17.85
N VAL S 203 -20.25 17.53 -18.15
CA VAL S 203 -20.49 17.02 -19.49
C VAL S 203 -21.96 17.25 -19.83
N ILE S 204 -22.21 17.80 -21.00
CA ILE S 204 -23.56 18.03 -21.50
C ILE S 204 -23.69 17.26 -22.81
N VAL S 205 -24.74 16.44 -22.90
CA VAL S 205 -24.94 15.55 -24.04
C VAL S 205 -26.37 15.66 -24.53
N ASP S 206 -26.58 15.25 -25.79
CA ASP S 206 -27.90 15.15 -26.35
C ASP S 206 -28.59 13.87 -25.88
N PRO S 207 -29.93 13.81 -25.97
CA PRO S 207 -30.63 12.60 -25.49
C PRO S 207 -30.19 11.33 -26.19
N ALA S 208 -29.90 11.38 -27.50
CA ALA S 208 -29.43 10.19 -28.19
C ALA S 208 -28.08 9.73 -27.63
N THR S 209 -27.17 10.68 -27.37
CA THR S 209 -25.88 10.33 -26.78
C THR S 209 -26.06 9.75 -25.38
N SER S 210 -26.99 10.29 -24.60
CA SER S 210 -27.24 9.75 -23.27
C SER S 210 -27.79 8.33 -23.34
N LEU S 211 -28.70 8.06 -24.30
CA LEU S 211 -29.24 6.72 -24.45
C LEU S 211 -28.16 5.74 -24.91
N LYS S 212 -27.23 6.21 -25.75
CA LYS S 212 -26.09 5.36 -26.10
C LYS S 212 -25.20 5.11 -24.89
N LEU S 213 -24.99 6.13 -24.06
CA LEU S 213 -24.13 6.00 -22.89
C LEU S 213 -24.69 4.99 -21.89
N VAL S 214 -26.00 5.02 -21.64
CA VAL S 214 -26.56 4.18 -20.60
C VAL S 214 -26.52 2.69 -20.94
N LYS S 215 -26.12 2.33 -22.15
CA LYS S 215 -25.93 0.93 -22.48
C LYS S 215 -24.69 0.38 -21.75
N PRO S 216 -24.67 -0.92 -21.47
CA PRO S 216 -23.50 -1.51 -20.82
C PRO S 216 -22.26 -1.43 -21.70
N TYR S 217 -21.10 -1.31 -21.06
CA TYR S 217 -19.84 -1.22 -21.78
C TYR S 217 -19.50 -2.54 -22.44
N ALA S 218 -18.93 -2.45 -23.64
CA ALA S 218 -18.56 -3.64 -24.40
C ALA S 218 -17.06 -3.65 -24.68
N ALA S 223 -17.87 -9.16 -26.19
CA ALA S 223 -18.63 -9.57 -25.02
C ALA S 223 -18.90 -8.37 -24.10
N ALA S 224 -20.18 -8.14 -23.79
CA ALA S 224 -20.56 -7.03 -22.94
C ALA S 224 -20.12 -7.29 -21.50
N SER S 225 -19.90 -6.20 -20.76
CA SER S 225 -19.46 -6.28 -19.38
C SER S 225 -20.67 -6.26 -18.43
N SER S 226 -20.40 -6.52 -17.16
CA SER S 226 -21.41 -6.52 -16.12
C SER S 226 -21.07 -5.46 -15.09
N CYS S 227 -22.09 -4.74 -14.63
CA CYS S 227 -21.97 -3.67 -13.64
C CYS S 227 -21.04 -2.54 -14.12
N GLU S 228 -20.81 -2.45 -15.42
CA GLU S 228 -19.96 -1.41 -15.98
C GLU S 228 -20.62 -0.89 -17.25
N LYS S 229 -20.99 0.38 -17.25
CA LYS S 229 -21.62 1.03 -18.40
C LYS S 229 -20.65 2.00 -19.06
N TRP S 230 -21.00 2.41 -20.27
CA TRP S 230 -20.21 3.42 -20.98
C TRP S 230 -20.17 4.71 -20.18
N GLU S 231 -21.27 5.06 -19.51
CA GLU S 231 -21.27 6.24 -18.65
C GLU S 231 -20.28 6.10 -17.51
N ASP S 232 -20.22 4.92 -16.88
CA ASP S 232 -19.27 4.71 -15.80
C ASP S 232 -17.83 4.77 -16.31
N VAL S 233 -17.58 4.21 -17.49
CA VAL S 233 -16.23 4.27 -18.06
C VAL S 233 -15.84 5.71 -18.34
N LEU S 234 -16.76 6.51 -18.89
CA LEU S 234 -16.49 7.92 -19.14
C LEU S 234 -16.23 8.68 -17.84
N ILE S 235 -17.01 8.39 -16.80
CA ILE S 235 -16.81 9.05 -15.52
C ILE S 235 -15.44 8.72 -14.95
N GLN S 236 -15.03 7.45 -15.04
CA GLN S 236 -13.70 7.07 -14.57
C GLN S 236 -12.60 7.77 -15.39
N THR S 237 -12.79 7.86 -16.69
CA THR S 237 -11.80 8.53 -17.55
C THR S 237 -11.64 9.99 -17.17
N ILE S 238 -12.76 10.70 -16.94
CA ILE S 238 -12.68 12.11 -16.56
C ILE S 238 -12.12 12.26 -15.14
N LYS S 239 -12.43 11.31 -14.25
CA LYS S 239 -11.87 11.33 -12.91
C LYS S 239 -10.37 11.11 -12.93
N ALA S 240 -9.85 10.43 -13.96
CA ALA S 240 -8.41 10.27 -14.10
C ALA S 240 -7.72 11.61 -14.31
N ILE S 241 -8.37 12.55 -14.99
CA ILE S 241 -7.73 13.82 -15.34
C ILE S 241 -8.16 14.98 -14.45
N ASN S 242 -9.20 14.81 -13.62
CA ASN S 242 -9.60 15.89 -12.72
C ASN S 242 -9.27 15.59 -11.26
N ASN S 243 -8.29 14.71 -11.02
CA ASN S 243 -7.87 14.32 -9.67
C ASN S 243 -9.04 13.72 -8.88
N ARG S 244 -9.79 12.83 -9.53
CA ARG S 244 -10.89 12.10 -8.91
C ARG S 244 -11.92 13.04 -8.28
N GLU S 245 -12.31 14.05 -9.06
CA GLU S 245 -13.33 15.01 -8.62
C GLU S 245 -14.68 14.62 -9.22
N ASP S 246 -15.73 15.28 -8.72
CA ASP S 246 -17.09 14.97 -9.17
C ASP S 246 -17.25 15.28 -10.65
N VAL S 247 -17.86 14.35 -11.38
CA VAL S 247 -18.16 14.50 -12.80
C VAL S 247 -19.67 14.49 -12.94
N TYR S 248 -20.23 15.62 -13.36
CA TYR S 248 -21.68 15.76 -13.53
C TYR S 248 -22.03 15.61 -15.00
N ILE S 249 -23.14 14.93 -15.27
CA ILE S 249 -23.62 14.69 -16.62
C ILE S 249 -25.04 15.21 -16.75
N GLU S 250 -25.28 16.04 -17.76
CA GLU S 250 -26.59 16.62 -18.01
C GLU S 250 -26.99 16.39 -19.47
N THR S 251 -28.30 16.40 -19.70
CA THR S 251 -28.86 16.26 -21.04
C THR S 251 -29.64 17.52 -21.39
N SER S 252 -29.40 18.03 -22.60
CA SER S 252 -30.05 19.24 -23.08
C SER S 252 -30.59 18.99 -24.48
N ASN S 253 -31.86 19.31 -24.69
CA ASN S 253 -32.47 19.13 -26.01
C ASN S 253 -31.96 20.15 -27.02
N LEU S 254 -31.38 21.26 -26.55
CA LEU S 254 -30.86 22.27 -27.47
C LEU S 254 -29.72 21.72 -28.30
N LEU S 255 -28.83 20.94 -27.68
CA LEU S 255 -27.73 20.33 -28.41
C LEU S 255 -28.25 19.22 -29.33
N LYS S 256 -27.48 18.95 -30.38
CA LYS S 256 -27.85 17.94 -31.36
C LYS S 256 -26.57 17.24 -31.82
N HIS S 257 -26.38 16.00 -31.38
CA HIS S 257 -25.20 15.20 -31.73
C HIS S 257 -23.91 15.89 -31.31
N LYS S 258 -23.96 16.56 -30.15
CA LYS S 258 -22.85 17.31 -29.61
C LYS S 258 -22.60 16.89 -28.17
N ILE S 259 -21.33 16.81 -27.80
CA ILE S 259 -20.90 16.53 -26.43
C ILE S 259 -19.99 17.68 -26.00
N LEU S 260 -20.29 18.26 -24.83
CA LEU S 260 -19.56 19.42 -24.33
C LEU S 260 -18.97 19.06 -22.97
N ILE S 261 -17.64 19.07 -22.86
CA ILE S 261 -16.95 18.75 -21.63
C ILE S 261 -16.11 19.95 -21.20
N TYR S 262 -16.29 20.38 -19.95
CA TYR S 262 -15.55 21.54 -19.45
C TYR S 262 -15.54 21.51 -17.94
N PRO S 263 -14.53 22.10 -17.30
CA PRO S 263 -14.49 22.15 -15.83
C PRO S 263 -15.44 23.21 -15.28
N LEU S 264 -15.66 23.14 -13.98
CA LEU S 264 -16.54 24.07 -13.26
C LEU S 264 -15.74 24.94 -12.30
N ASN S 265 -14.57 25.40 -12.72
CA ASN S 265 -13.71 26.26 -11.92
C ASN S 265 -13.81 27.69 -12.43
N SER S 266 -14.01 28.63 -11.51
CA SER S 266 -14.16 30.03 -11.89
C SER S 266 -12.88 30.60 -12.48
N GLU S 267 -11.73 30.02 -12.13
CA GLU S 267 -10.46 30.52 -12.66
C GLU S 267 -10.34 30.30 -14.16
N LEU S 268 -10.87 29.19 -14.67
CA LEU S 268 -10.78 28.87 -16.08
C LEU S 268 -11.93 29.46 -16.89
N ILE S 269 -13.16 29.23 -16.45
CA ILE S 269 -14.34 29.73 -17.15
C ILE S 269 -15.19 30.51 -16.14
N LYS S 270 -15.58 31.73 -16.51
CA LYS S 270 -16.39 32.57 -15.65
C LYS S 270 -17.48 33.26 -16.46
N PHE S 271 -18.69 33.28 -15.91
CA PHE S 271 -19.83 33.96 -16.51
C PHE S 271 -20.08 35.22 -15.71
N LYS S 272 -19.88 36.37 -16.34
CA LYS S 272 -20.13 37.67 -15.72
C LYS S 272 -21.27 38.37 -16.44
N PRO S 273 -22.51 37.92 -16.27
CA PRO S 273 -23.63 38.54 -16.98
C PRO S 273 -24.02 39.86 -16.34
N SER S 274 -24.71 40.68 -17.13
CA SER S 274 -25.24 41.93 -16.63
C SER S 274 -26.32 41.66 -15.58
N LYS S 275 -26.46 42.60 -14.64
CA LYS S 275 -27.51 42.48 -13.64
C LYS S 275 -28.89 42.70 -14.22
N TYR S 276 -28.99 43.02 -15.51
CA TYR S 276 -30.27 43.17 -16.20
C TYR S 276 -30.42 42.18 -17.35
N MET S 277 -29.67 41.07 -17.31
CA MET S 277 -29.73 40.10 -18.40
C MET S 277 -31.12 39.48 -18.53
N LEU S 278 -31.74 39.13 -17.41
CA LEU S 278 -33.06 38.53 -17.44
C LEU S 278 -34.10 39.58 -17.82
N PRO S 279 -35.26 39.14 -18.34
CA PRO S 279 -36.24 40.09 -18.86
C PRO S 279 -36.69 41.11 -17.81
N THR S 280 -36.82 42.36 -18.26
CA THR S 280 -37.28 43.45 -17.39
C THR S 280 -38.28 44.28 -18.17
N PRO S 281 -39.44 44.59 -17.59
CA PRO S 281 -40.42 45.42 -18.30
C PRO S 281 -39.95 46.86 -18.45
N ASN S 282 -40.39 47.49 -19.54
CA ASN S 282 -40.10 48.89 -19.79
C ASN S 282 -41.25 49.77 -19.30
N GLU S 283 -40.93 51.02 -19.00
CA GLU S 283 -41.94 51.97 -18.52
C GLU S 283 -42.85 52.47 -19.63
N GLN S 284 -42.43 52.36 -20.89
CA GLN S 284 -43.22 52.85 -22.00
C GLN S 284 -44.31 51.85 -22.37
N VAL S 285 -45.57 52.28 -22.28
CA VAL S 285 -46.72 51.47 -22.67
C VAL S 285 -47.52 52.25 -23.68
N ASP S 286 -47.66 51.71 -24.89
CA ASP S 286 -48.42 52.38 -25.94
C ASP S 286 -49.92 52.27 -25.64
N LYS S 287 -50.61 53.40 -25.72
CA LYS S 287 -52.04 53.46 -25.47
C LYS S 287 -52.73 54.20 -26.59
N ASP S 288 -53.95 53.77 -26.90
CA ASP S 288 -54.74 54.36 -27.98
C ASP S 288 -56.20 54.37 -27.52
N SER S 289 -57.09 54.85 -28.40
CA SER S 289 -58.51 54.89 -28.10
C SER S 289 -59.15 53.51 -28.09
N THR S 290 -58.48 52.50 -28.66
CA THR S 290 -59.02 51.15 -28.70
C THR S 290 -58.67 50.43 -27.39
N ASP S 291 -58.93 49.12 -27.36
CA ASP S 291 -58.66 48.31 -26.18
C ASP S 291 -57.31 47.58 -26.25
N VAL S 292 -56.54 47.81 -27.31
CA VAL S 292 -55.27 47.11 -27.52
C VAL S 292 -54.13 48.04 -27.14
N ALA S 293 -53.26 47.57 -26.25
CA ALA S 293 -52.08 48.29 -25.82
C ALA S 293 -50.84 47.47 -26.14
N HIS S 294 -49.67 48.10 -26.03
CA HIS S 294 -48.40 47.44 -26.31
C HIS S 294 -47.43 47.69 -25.17
N SER S 295 -46.61 46.68 -24.88
CA SER S 295 -45.61 46.76 -23.83
C SER S 295 -44.27 46.24 -24.34
N TYR S 296 -43.20 46.59 -23.63
CA TYR S 296 -41.84 46.29 -24.04
C TYR S 296 -41.08 45.57 -22.94
N ILE S 297 -40.21 44.65 -23.35
CA ILE S 297 -39.36 43.88 -22.44
C ILE S 297 -37.92 44.00 -22.93
N ASP S 298 -37.00 44.24 -22.00
CA ASP S 298 -35.59 44.40 -22.29
C ASP S 298 -34.78 43.26 -21.67
N PHE S 299 -33.72 42.86 -22.37
CA PHE S 299 -32.81 41.85 -21.84
C PHE S 299 -31.41 42.07 -22.41
N VAL S 300 -30.41 41.67 -21.64
CA VAL S 300 -29.00 41.92 -21.97
C VAL S 300 -28.31 40.59 -22.20
N LEU S 301 -27.52 40.52 -23.28
CA LEU S 301 -26.80 39.33 -23.66
C LEU S 301 -25.29 39.60 -23.67
N GLY S 302 -24.53 38.55 -23.36
CA GLY S 302 -23.08 38.59 -23.39
C GLY S 302 -22.49 38.47 -21.99
N GLY S 303 -21.23 38.02 -21.94
CA GLY S 303 -20.50 37.97 -20.68
C GLY S 303 -19.82 36.67 -20.34
N LEU S 304 -19.63 35.77 -21.31
CA LEU S 304 -18.96 34.51 -21.05
C LEU S 304 -17.47 34.62 -21.36
N LEU S 305 -16.63 34.26 -20.39
CA LEU S 305 -15.18 34.30 -20.55
C LEU S 305 -14.61 32.91 -20.26
N ALA S 306 -13.73 32.44 -21.13
CA ALA S 306 -13.12 31.13 -20.95
C ALA S 306 -11.65 31.17 -21.35
N THR S 307 -10.85 30.37 -20.67
CA THR S 307 -9.46 30.18 -21.07
C THR S 307 -9.40 29.27 -22.29
N ARG S 308 -8.33 29.45 -23.08
CA ARG S 308 -8.19 28.67 -24.31
C ARG S 308 -7.75 27.25 -24.01
N LYS S 309 -8.14 26.33 -24.89
CA LYS S 309 -7.79 24.91 -24.79
C LYS S 309 -8.22 24.32 -23.45
N THR S 310 -9.45 24.64 -23.04
CA THR S 310 -10.03 24.08 -21.82
C THR S 310 -11.43 23.53 -22.02
N ILE S 311 -11.95 23.52 -23.25
CA ILE S 311 -13.28 23.00 -23.54
C ILE S 311 -13.17 21.98 -24.66
N LEU S 312 -13.77 20.81 -24.45
CA LEU S 312 -13.81 19.76 -25.47
C LEU S 312 -15.20 19.71 -26.09
N GLN S 313 -15.26 19.80 -27.42
CA GLN S 313 -16.50 19.80 -28.18
C GLN S 313 -16.44 18.66 -29.18
N VAL S 314 -17.24 17.62 -28.96
CA VAL S 314 -17.29 16.46 -29.84
C VAL S 314 -18.56 16.53 -30.67
N ASN S 315 -18.41 16.49 -31.99
CA ASN S 315 -19.54 16.54 -32.91
C ASN S 315 -19.62 15.21 -33.66
N ILE S 316 -20.75 14.52 -33.53
CA ILE S 316 -20.95 13.24 -34.19
C ILE S 316 -21.65 13.51 -35.52
N LYS S 317 -20.90 13.45 -36.62
CA LYS S 317 -21.47 13.74 -37.93
C LYS S 317 -22.53 12.71 -38.28
N GLN S 318 -23.66 13.20 -38.78
CA GLN S 318 -24.81 12.37 -39.12
C GLN S 318 -24.97 12.39 -40.65
N SER S 319 -24.29 11.45 -41.30
CA SER S 319 -24.36 11.30 -42.76
C SER S 319 -23.96 12.58 -43.49
N LEU T 3 -45.73 69.26 -7.85
CA LEU T 3 -45.30 69.27 -9.25
C LEU T 3 -43.83 68.84 -9.37
N PHE T 4 -42.98 69.40 -8.50
CA PHE T 4 -41.56 69.06 -8.53
C PHE T 4 -41.30 67.63 -8.07
N ASP T 5 -42.22 67.03 -7.31
CA ASP T 5 -42.11 65.63 -6.96
C ASP T 5 -42.58 64.71 -8.07
N GLU T 6 -43.14 65.26 -9.15
CA GLU T 6 -43.60 64.48 -10.30
C GLU T 6 -42.85 64.82 -11.57
N ASN T 7 -42.55 66.10 -11.82
CA ASN T 7 -41.91 66.53 -13.06
C ASN T 7 -40.43 66.80 -12.78
N TYR T 8 -39.60 65.78 -13.01
CA TYR T 8 -38.16 65.94 -12.86
C TYR T 8 -37.61 66.98 -13.82
N TYR T 9 -38.17 67.05 -15.03
CA TYR T 9 -37.73 68.06 -15.99
C TYR T 9 -38.04 69.47 -15.49
N ALA T 10 -39.22 69.67 -14.91
CA ALA T 10 -39.54 70.97 -14.33
C ALA T 10 -38.62 71.30 -13.17
N LYS T 11 -38.32 70.32 -12.32
CA LYS T 11 -37.39 70.56 -11.21
C LYS T 11 -36.00 70.93 -11.73
N ALA T 12 -35.52 70.23 -12.76
CA ALA T 12 -34.21 70.53 -13.32
C ALA T 12 -34.18 71.91 -13.95
N VAL T 13 -35.26 72.29 -14.65
CA VAL T 13 -35.34 73.63 -15.22
C VAL T 13 -35.30 74.69 -14.13
N ALA T 14 -36.04 74.47 -13.04
CA ALA T 14 -36.04 75.42 -11.93
C ALA T 14 -34.66 75.52 -11.29
N ASN T 15 -33.94 74.40 -11.20
CA ASN T 15 -32.61 74.43 -10.61
C ASN T 15 -31.58 75.08 -11.52
N ILE T 16 -31.72 74.90 -12.85
CA ILE T 16 -30.72 75.36 -13.79
C ILE T 16 -31.03 76.75 -14.37
N ILE T 17 -32.19 77.32 -14.05
CA ILE T 17 -32.55 78.61 -14.62
C ILE T 17 -31.61 79.71 -14.14
N GLY T 18 -30.99 79.53 -12.97
CA GLY T 18 -30.10 80.54 -12.44
C GLY T 18 -28.84 80.72 -13.28
N GLU T 19 -28.32 79.63 -13.84
CA GLU T 19 -27.07 79.69 -14.59
C GLU T 19 -27.20 80.43 -15.91
N VAL T 20 -28.43 80.68 -16.39
CA VAL T 20 -28.60 81.38 -17.65
C VAL T 20 -28.27 82.86 -17.45
N LYS T 21 -27.45 83.40 -18.35
CA LYS T 21 -27.00 84.77 -18.23
C LYS T 21 -28.06 85.73 -18.77
N ASP T 22 -28.03 86.96 -18.27
CA ASP T 22 -28.97 87.98 -18.70
C ASP T 22 -28.69 88.40 -20.14
N PRO T 23 -29.73 88.74 -20.91
CA PRO T 23 -29.50 89.19 -22.29
C PRO T 23 -28.76 90.51 -22.34
N ILE T 24 -28.02 90.70 -23.44
CA ILE T 24 -27.26 91.93 -23.64
C ILE T 24 -28.11 93.07 -24.15
N MET T 25 -29.35 92.79 -24.58
CA MET T 25 -30.24 93.85 -25.07
C MET T 25 -30.66 94.80 -23.96
N TYR T 26 -30.52 94.40 -22.69
CA TYR T 26 -30.93 95.24 -21.58
C TYR T 26 -30.11 96.52 -21.52
N LYS T 27 -28.83 96.45 -21.89
CA LYS T 27 -27.97 97.63 -21.86
C LYS T 27 -28.39 98.68 -22.88
N TRP T 28 -29.14 98.29 -23.92
CA TRP T 28 -29.53 99.22 -24.97
C TRP T 28 -30.72 100.10 -24.59
N PHE T 29 -31.35 99.85 -23.45
CA PHE T 29 -32.55 100.57 -23.06
C PHE T 29 -32.44 101.02 -21.60
N SER T 30 -33.15 102.10 -21.29
CA SER T 30 -33.23 102.61 -19.93
C SER T 30 -34.21 101.76 -19.12
N PRO T 31 -34.11 101.80 -17.78
CA PRO T 31 -35.05 101.00 -16.97
C PRO T 31 -36.51 101.35 -17.21
N ASP T 32 -36.82 102.61 -17.48
CA ASP T 32 -38.19 103.03 -17.69
C ASP T 32 -38.71 102.73 -19.09
N GLN T 33 -37.84 102.41 -20.04
CA GLN T 33 -38.26 102.20 -21.42
C GLN T 33 -38.89 100.83 -21.66
N ILE T 34 -38.70 99.87 -20.75
CA ILE T 34 -39.16 98.50 -20.94
C ILE T 34 -40.34 98.24 -20.01
N GLU T 35 -41.43 97.74 -20.58
CA GLU T 35 -42.64 97.44 -19.82
C GLU T 35 -43.20 96.11 -20.29
N ASP T 36 -43.31 95.15 -19.38
CA ASP T 36 -43.79 93.82 -19.74
C ASP T 36 -45.32 93.81 -19.92
N VAL T 37 -45.78 93.08 -20.93
CA VAL T 37 -47.20 92.89 -21.18
C VAL T 37 -47.54 91.41 -20.99
N ASP T 38 -48.82 91.07 -21.11
CA ASP T 38 -49.31 89.73 -20.78
C ASP T 38 -50.09 89.15 -21.95
N LEU T 39 -49.39 88.42 -22.81
CA LEU T 39 -49.97 87.62 -23.89
C LEU T 39 -48.85 86.79 -24.51
N GLN T 40 -49.24 85.91 -25.42
CA GLN T 40 -48.27 85.07 -26.13
C GLN T 40 -48.28 85.29 -27.64
N MET T 41 -49.45 85.40 -28.25
CA MET T 41 -49.54 85.59 -29.69
C MET T 41 -50.78 86.43 -29.99
N GLY T 42 -50.64 87.38 -30.90
CA GLY T 42 -51.74 88.26 -31.24
C GLY T 42 -51.30 89.69 -31.49
N TYR T 43 -52.17 90.65 -31.16
CA TYR T 43 -51.87 92.05 -31.37
C TYR T 43 -52.39 92.87 -30.20
N GLN T 44 -51.69 93.96 -29.92
CA GLN T 44 -52.09 94.91 -28.88
C GLN T 44 -52.22 96.29 -29.51
N LYS T 45 -53.01 97.15 -28.86
CA LYS T 45 -53.26 98.48 -29.36
C LYS T 45 -52.92 99.51 -28.29
N THR T 46 -52.25 100.58 -28.72
CA THR T 46 -51.89 101.69 -27.84
C THR T 46 -52.49 102.97 -28.39
N VAL T 47 -53.09 103.77 -27.50
CA VAL T 47 -53.78 104.99 -27.88
C VAL T 47 -53.08 106.16 -27.20
N LYS T 48 -52.75 107.19 -27.99
CA LYS T 48 -52.10 108.39 -27.50
C LYS T 48 -53.00 109.59 -27.79
N TRP T 49 -53.27 110.39 -26.77
CA TRP T 49 -54.15 111.55 -26.86
C TRP T 49 -53.32 112.82 -26.80
N ASP T 50 -53.69 113.81 -27.62
CA ASP T 50 -52.99 115.08 -27.68
C ASP T 50 -53.99 116.22 -27.86
N ALA T 51 -53.78 117.32 -27.14
CA ALA T 51 -54.63 118.49 -27.21
C ALA T 51 -54.02 119.56 -28.10
N PHE T 52 -54.86 120.51 -28.50
CA PHE T 52 -54.44 121.63 -29.34
C PHE T 52 -55.37 122.81 -29.12
N LEU T 53 -54.88 124.00 -29.42
CA LEU T 53 -55.66 125.22 -29.32
C LEU T 53 -56.28 125.55 -30.67
N ASN T 54 -57.56 125.93 -30.68
CA ASN T 54 -58.22 126.25 -31.93
C ASN T 54 -58.18 127.73 -32.28
N ALA T 55 -57.93 128.60 -31.31
CA ALA T 55 -57.86 130.03 -31.55
C ALA T 55 -57.11 130.70 -30.41
N ASN T 56 -56.84 131.99 -30.57
CA ASN T 56 -56.18 132.75 -29.53
C ASN T 56 -57.10 132.88 -28.31
N PRO T 57 -56.52 132.95 -27.11
CA PRO T 57 -57.35 133.05 -25.90
C PRO T 57 -58.11 134.37 -25.86
N THR T 58 -59.20 134.37 -25.09
CA THR T 58 -60.08 135.51 -24.98
C THR T 58 -59.83 136.25 -23.67
N THR T 59 -59.79 137.58 -23.74
CA THR T 59 -59.61 138.40 -22.56
C THR T 59 -60.92 138.51 -21.79
N ILE T 60 -60.87 138.23 -20.49
CA ILE T 60 -62.06 138.25 -19.64
C ILE T 60 -62.20 139.69 -19.14
N ALA T 61 -62.99 140.49 -19.86
CA ALA T 61 -63.30 141.85 -19.48
C ALA T 61 -64.81 142.06 -19.55
N ASN T 62 -65.37 142.59 -18.47
CA ASN T 62 -66.82 142.86 -18.35
C ASN T 62 -67.55 141.52 -18.52
N GLU T 63 -68.53 141.43 -19.41
CA GLU T 63 -69.29 140.21 -19.62
C GLU T 63 -68.98 139.63 -20.99
N VAL T 64 -68.80 138.31 -21.04
CA VAL T 64 -68.53 137.61 -22.29
C VAL T 64 -68.86 136.14 -22.08
N ASN T 65 -69.43 135.53 -23.13
CA ASN T 65 -69.74 134.11 -23.11
C ASN T 65 -69.10 133.33 -24.25
N THR T 66 -68.56 134.02 -25.26
CA THR T 66 -67.88 133.36 -26.37
C THR T 66 -66.40 133.21 -26.02
N ILE T 67 -65.94 131.97 -25.88
CA ILE T 67 -64.58 131.67 -25.44
C ILE T 67 -63.92 130.80 -26.50
N SER T 68 -62.59 130.89 -26.57
CA SER T 68 -61.83 130.04 -27.47
C SER T 68 -61.85 128.59 -27.00
N THR T 69 -61.55 127.68 -27.92
CA THR T 69 -61.73 126.26 -27.69
C THR T 69 -60.40 125.50 -27.74
N ILE T 70 -60.37 124.40 -27.00
CA ILE T 70 -59.23 123.49 -26.99
C ILE T 70 -59.74 122.15 -27.48
N GLY T 71 -59.24 121.71 -28.63
CA GLY T 71 -59.62 120.44 -29.21
C GLY T 71 -58.67 119.32 -28.84
N PHE T 72 -59.10 118.10 -29.17
CA PHE T 72 -58.37 116.89 -28.81
C PHE T 72 -58.30 115.96 -30.01
N SER T 73 -57.29 115.10 -30.01
CA SER T 73 -57.11 114.11 -31.07
C SER T 73 -56.41 112.89 -30.50
N SER T 74 -56.55 111.77 -31.19
CA SER T 74 -55.97 110.51 -30.74
C SER T 74 -55.35 109.77 -31.91
N GLU T 75 -54.33 108.98 -31.60
CA GLU T 75 -53.71 108.08 -32.57
C GLU T 75 -53.55 106.70 -31.96
N VAL T 76 -53.74 105.68 -32.80
CA VAL T 76 -53.75 104.28 -32.38
C VAL T 76 -52.65 103.54 -33.12
N VAL T 77 -51.86 102.77 -32.39
CA VAL T 77 -50.75 102.00 -32.94
C VAL T 77 -50.96 100.53 -32.57
N ARG T 78 -50.82 99.66 -33.57
CA ARG T 78 -50.98 98.22 -33.39
C ARG T 78 -49.63 97.54 -33.39
N LEU T 79 -49.40 96.68 -32.40
CA LEU T 79 -48.16 95.93 -32.27
C LEU T 79 -48.48 94.44 -32.34
N ASN T 80 -47.83 93.74 -33.27
CA ASN T 80 -48.04 92.31 -33.48
C ASN T 80 -46.95 91.51 -32.80
N TYR T 81 -47.33 90.40 -32.18
CA TYR T 81 -46.38 89.48 -31.53
C TYR T 81 -46.39 88.15 -32.26
N LEU T 82 -45.37 87.34 -31.98
CA LEU T 82 -45.25 86.01 -32.57
C LEU T 82 -44.70 85.04 -31.53
N LYS T 83 -45.12 83.78 -31.64
CA LYS T 83 -44.64 82.72 -30.77
C LYS T 83 -43.89 81.68 -31.60
N LEU T 84 -42.71 81.28 -31.12
CA LEU T 84 -41.85 80.35 -31.83
C LEU T 84 -41.37 79.27 -30.87
N GLN T 85 -41.02 78.12 -31.43
CA GLN T 85 -40.64 76.95 -30.64
C GLN T 85 -39.43 76.27 -31.25
N TYR T 86 -38.65 75.61 -30.38
CA TYR T 86 -37.52 74.80 -30.78
C TYR T 86 -37.58 73.46 -30.05
N LYS T 87 -37.05 72.43 -30.68
CA LYS T 87 -37.02 71.08 -30.13
C LYS T 87 -35.58 70.62 -29.99
N PHE T 88 -35.27 69.98 -28.86
CA PHE T 88 -33.94 69.45 -28.63
C PHE T 88 -34.02 68.08 -27.98
N ARG T 89 -33.12 67.20 -28.39
CA ARG T 89 -33.02 65.85 -27.84
C ARG T 89 -32.11 65.82 -26.63
N HIS T 90 -32.35 64.86 -25.74
CA HIS T 90 -31.60 64.73 -24.50
C HIS T 90 -31.75 63.30 -23.98
N LEU T 91 -31.01 62.99 -22.93
CA LEU T 91 -31.06 61.69 -22.30
C LEU T 91 -32.16 61.61 -21.24
N LYS T 92 -32.73 60.43 -21.10
CA LYS T 92 -33.77 60.19 -20.10
C LYS T 92 -33.15 60.12 -18.70
N GLN T 93 -33.91 60.61 -17.71
CA GLN T 93 -33.40 60.65 -16.35
C GLN T 93 -33.05 59.27 -15.83
N THR T 94 -33.92 58.28 -16.07
CA THR T 94 -33.64 56.93 -15.63
C THR T 94 -32.46 56.30 -16.37
N SER T 95 -32.15 56.79 -17.57
CA SER T 95 -31.02 56.29 -18.33
C SER T 95 -29.74 57.07 -18.11
N GLU T 96 -29.80 58.16 -17.34
CA GLU T 96 -28.59 58.95 -17.09
C GLU T 96 -27.54 58.13 -16.33
N LYS T 97 -27.98 57.31 -15.37
CA LYS T 97 -27.05 56.56 -14.55
C LYS T 97 -26.21 55.60 -15.38
N PHE T 98 -26.72 55.15 -16.51
CA PHE T 98 -25.99 54.24 -17.39
C PHE T 98 -25.05 54.98 -18.34
N TYR T 99 -25.05 56.32 -18.31
CA TYR T 99 -24.10 57.11 -19.07
C TYR T 99 -23.22 57.98 -18.19
N THR T 100 -23.45 57.99 -16.88
CA THR T 100 -22.59 58.74 -15.98
C THR T 100 -21.17 58.20 -16.00
N SER T 101 -20.20 59.11 -15.94
CA SER T 101 -18.79 58.77 -15.89
C SER T 101 -18.14 59.55 -14.76
N ASP T 102 -16.86 59.25 -14.51
CA ASP T 102 -16.14 59.91 -13.43
C ASP T 102 -15.94 61.40 -13.69
N SER T 103 -15.81 61.79 -14.96
CA SER T 103 -15.54 63.18 -15.32
C SER T 103 -16.71 63.89 -15.99
N TYR T 104 -17.71 63.16 -16.48
CA TYR T 104 -18.80 63.78 -17.22
C TYR T 104 -20.00 62.84 -17.23
N ILE T 105 -21.13 63.36 -17.71
CA ILE T 105 -22.34 62.60 -17.91
C ILE T 105 -22.83 62.85 -19.33
N GLY T 106 -23.06 61.78 -20.07
CA GLY T 106 -23.55 61.87 -21.45
C GLY T 106 -22.78 60.96 -22.37
N ASP T 107 -23.34 60.74 -23.55
CA ASP T 107 -22.73 59.89 -24.58
C ASP T 107 -21.97 60.80 -25.54
N ILE T 108 -20.64 60.76 -25.46
CA ILE T 108 -19.81 61.61 -26.31
C ILE T 108 -19.91 61.17 -27.77
N ASN T 109 -19.94 59.86 -28.02
CA ASN T 109 -19.93 59.34 -29.38
C ASN T 109 -21.18 59.74 -30.15
N ASN T 110 -22.34 59.72 -29.50
CA ASN T 110 -23.60 60.03 -30.14
C ASN T 110 -24.10 61.44 -29.85
N ASN T 111 -23.33 62.23 -29.11
CA ASN T 111 -23.66 63.63 -28.80
C ASN T 111 -25.03 63.72 -28.10
N LEU T 112 -25.11 63.09 -26.92
CA LEU T 112 -26.30 63.10 -26.09
C LEU T 112 -25.94 63.68 -24.73
N LEU T 113 -26.79 64.56 -24.22
CA LEU T 113 -26.50 65.36 -23.04
C LEU T 113 -27.57 65.17 -21.98
N PRO T 114 -27.25 65.46 -20.72
CA PRO T 114 -28.30 65.53 -19.70
C PRO T 114 -29.27 66.67 -20.00
N PHE T 115 -30.48 66.53 -19.47
CA PHE T 115 -31.54 67.48 -19.78
C PHE T 115 -31.19 68.89 -19.32
N ALA T 116 -30.59 69.02 -18.13
CA ALA T 116 -30.26 70.34 -17.61
C ALA T 116 -29.24 71.05 -18.50
N GLN T 117 -28.16 70.36 -18.86
CA GLN T 117 -27.14 70.97 -19.71
C GLN T 117 -27.70 71.29 -21.09
N ALA T 118 -28.47 70.38 -21.67
CA ALA T 118 -29.05 70.63 -22.98
C ALA T 118 -29.98 71.83 -22.95
N TYR T 119 -30.82 71.94 -21.91
CA TYR T 119 -31.69 73.09 -21.78
C TYR T 119 -30.90 74.37 -21.61
N LYS T 120 -29.83 74.35 -20.81
CA LYS T 120 -29.03 75.54 -20.62
C LYS T 120 -28.41 76.02 -21.92
N LEU T 121 -27.80 75.10 -22.68
CA LEU T 121 -27.20 75.50 -23.95
C LEU T 121 -28.23 75.98 -24.95
N ALA T 122 -29.37 75.28 -25.05
CA ALA T 122 -30.42 75.70 -25.97
C ALA T 122 -30.97 77.07 -25.60
N SER T 123 -31.16 77.32 -24.30
CA SER T 123 -31.63 78.62 -23.85
C SER T 123 -30.62 79.72 -24.16
N SER T 124 -29.34 79.44 -23.99
CA SER T 124 -28.32 80.42 -24.34
C SER T 124 -28.38 80.77 -25.83
N GLU T 125 -28.48 79.74 -26.68
CA GLU T 125 -28.56 79.99 -28.11
C GLU T 125 -29.82 80.78 -28.47
N ILE T 126 -30.95 80.44 -27.85
CA ILE T 126 -32.20 81.15 -28.15
C ILE T 126 -32.11 82.60 -27.68
N ILE T 127 -31.45 82.85 -26.54
CA ILE T 127 -31.28 84.22 -26.08
C ILE T 127 -30.39 85.01 -27.04
N LYS T 128 -29.34 84.37 -27.57
CA LYS T 128 -28.53 85.03 -28.59
C LYS T 128 -29.37 85.40 -29.80
N LEU T 129 -30.22 84.46 -30.25
CA LEU T 129 -31.08 84.73 -31.40
C LEU T 129 -32.06 85.87 -31.10
N ILE T 130 -32.62 85.89 -29.89
CA ILE T 130 -33.56 86.94 -29.50
C ILE T 130 -32.88 88.29 -29.48
N ASN T 131 -31.65 88.35 -28.95
CA ASN T 131 -30.91 89.61 -28.95
C ASN T 131 -30.64 90.08 -30.37
N HIS T 132 -30.29 89.14 -31.26
CA HIS T 132 -30.08 89.50 -32.66
C HIS T 132 -31.36 90.05 -33.28
N PHE T 133 -32.50 89.42 -32.99
CA PHE T 133 -33.77 89.92 -33.51
C PHE T 133 -34.09 91.30 -32.98
N VAL T 134 -33.86 91.54 -31.69
CA VAL T 134 -34.15 92.85 -31.10
C VAL T 134 -33.28 93.91 -31.76
N LEU T 135 -32.01 93.59 -32.03
CA LEU T 135 -31.12 94.59 -32.61
C LEU T 135 -31.42 94.86 -34.08
N THR T 136 -31.67 93.81 -34.87
CA THR T 136 -31.67 93.95 -36.33
C THR T 136 -33.06 93.95 -36.97
N GLY T 137 -34.07 93.42 -36.30
CA GLY T 137 -35.38 93.31 -36.92
C GLY T 137 -35.55 92.15 -37.87
N THR T 138 -34.59 91.23 -37.92
CA THR T 138 -34.67 90.04 -38.75
C THR T 138 -34.30 88.81 -37.94
N VAL T 139 -34.76 87.65 -38.40
CA VAL T 139 -34.42 86.36 -37.80
C VAL T 139 -33.71 85.52 -38.84
N SER T 140 -32.48 85.11 -38.54
CA SER T 140 -31.72 84.28 -39.46
C SER T 140 -30.63 83.55 -38.67
N ILE T 141 -30.16 82.44 -39.23
CA ILE T 141 -29.08 81.65 -38.64
C ILE T 141 -27.84 81.63 -39.53
N GLN T 142 -27.82 82.43 -40.60
CA GLN T 142 -26.69 82.49 -41.50
C GLN T 142 -25.93 83.79 -41.31
N LYS T 143 -24.60 83.70 -41.27
CA LYS T 143 -23.78 84.90 -41.15
C LYS T 143 -23.95 85.81 -42.38
N ASP T 144 -24.24 85.23 -43.54
CA ASP T 144 -24.50 86.03 -44.72
C ASP T 144 -25.75 86.88 -44.56
N GLY T 145 -26.68 86.47 -43.70
CA GLY T 145 -27.91 87.19 -43.47
C GLY T 145 -29.04 86.84 -44.41
N LYS T 146 -28.86 85.85 -45.28
CA LYS T 146 -29.91 85.45 -46.21
C LYS T 146 -30.76 84.34 -45.58
N ASN T 147 -31.76 83.89 -46.34
CA ASN T 147 -32.70 82.84 -45.89
C ASN T 147 -33.35 83.25 -44.57
N GLN T 148 -33.86 84.47 -44.54
CA GLN T 148 -34.50 84.99 -43.33
C GLN T 148 -35.92 84.46 -43.20
N LYS T 149 -36.37 84.31 -41.96
CA LYS T 149 -37.72 83.88 -41.68
C LYS T 149 -38.69 85.03 -41.90
N ARG T 150 -39.67 84.83 -42.78
CA ARG T 150 -40.66 85.85 -43.06
C ARG T 150 -41.50 86.11 -41.81
N LEU T 151 -41.52 87.36 -41.36
CA LEU T 151 -42.19 87.74 -40.12
C LEU T 151 -43.45 88.55 -40.44
N LEU T 152 -44.18 88.88 -39.38
CA LEU T 152 -45.44 89.61 -39.50
C LEU T 152 -45.20 91.10 -39.67
N PRO T 153 -46.17 91.82 -40.24
CA PRO T 153 -46.09 93.28 -40.26
C PRO T 153 -46.22 93.85 -38.86
N ASN T 154 -45.81 95.11 -38.73
CA ASN T 154 -45.74 95.80 -37.44
C ASN T 154 -44.81 95.08 -36.46
N MET T 155 -43.81 94.40 -37.00
CA MET T 155 -42.78 93.71 -36.22
C MET T 155 -41.43 94.22 -36.72
N TYR T 156 -40.94 95.29 -36.10
CA TYR T 156 -39.73 95.96 -36.55
C TYR T 156 -38.72 96.06 -35.42
N GLY T 157 -37.44 96.06 -35.80
CA GLY T 157 -36.36 96.29 -34.87
C GLY T 157 -35.78 97.70 -35.02
N LEU T 158 -34.72 97.94 -34.26
CA LEU T 158 -34.06 99.24 -34.31
C LEU T 158 -33.41 99.51 -35.65
N LEU T 159 -32.91 98.47 -36.32
CA LEU T 159 -32.20 98.65 -37.58
C LEU T 159 -33.11 98.71 -38.79
N ASN T 160 -34.33 98.16 -38.71
CA ASN T 160 -35.25 98.16 -39.84
C ASN T 160 -36.52 98.94 -39.55
N MET T 161 -36.55 99.77 -38.51
CA MET T 161 -37.73 100.56 -38.22
C MET T 161 -37.97 101.57 -39.33
N PRO T 162 -39.18 101.63 -39.89
CA PRO T 162 -39.45 102.57 -40.99
C PRO T 162 -39.60 103.99 -40.49
N GLU T 163 -39.63 104.92 -41.44
CA GLU T 163 -39.80 106.35 -41.17
C GLU T 163 -38.75 106.88 -40.20
N GLN T 164 -37.50 106.48 -40.44
CA GLN T 164 -36.37 106.95 -39.65
C GLN T 164 -35.31 107.49 -40.60
N ILE T 165 -34.33 108.22 -40.05
CA ILE T 165 -33.32 108.88 -40.86
C ILE T 165 -32.21 107.89 -41.17
N LYS T 166 -31.90 107.72 -42.44
CA LYS T 166 -30.88 106.78 -42.90
C LYS T 166 -29.89 107.51 -43.79
N GLU T 167 -28.61 107.40 -43.46
CA GLU T 167 -27.54 107.99 -44.23
C GLU T 167 -26.61 106.90 -44.75
N GLU T 168 -26.01 107.14 -45.91
CA GLU T 168 -25.16 106.17 -46.58
C GLU T 168 -23.80 106.80 -46.87
N VAL T 169 -22.76 106.26 -46.27
CA VAL T 169 -21.39 106.69 -46.54
C VAL T 169 -20.86 105.89 -47.72
N ALA T 170 -20.32 106.58 -48.72
CA ALA T 170 -19.94 105.96 -49.97
C ALA T 170 -18.79 104.97 -49.78
N SER T 171 -18.65 104.06 -50.75
CA SER T 171 -17.60 103.05 -50.67
C SER T 171 -16.22 103.66 -50.72
N GLY T 172 -16.02 104.68 -51.57
CA GLY T 172 -14.73 105.33 -51.65
C GLY T 172 -14.34 106.08 -50.40
N ASP T 173 -15.31 106.50 -49.59
CA ASP T 173 -15.05 107.22 -48.36
C ASP T 173 -15.30 106.36 -47.12
N LYS T 174 -15.18 105.03 -47.26
CA LYS T 174 -15.41 104.15 -46.12
C LYS T 174 -14.38 104.35 -45.02
N ASP T 175 -13.13 104.66 -45.40
CA ASP T 175 -12.07 104.90 -44.43
C ASP T 175 -11.92 106.37 -44.07
N LYS T 176 -12.74 107.25 -44.63
CA LYS T 176 -12.65 108.69 -44.36
C LYS T 176 -13.56 109.03 -43.20
N MET T 177 -12.96 109.14 -42.00
CA MET T 177 -13.73 109.46 -40.81
C MET T 177 -14.37 110.84 -40.90
N ASP T 178 -13.74 111.77 -41.63
CA ASP T 178 -14.35 113.07 -41.83
C ASP T 178 -15.64 112.98 -42.62
N LYS T 179 -15.66 112.17 -43.68
CA LYS T 179 -16.89 111.95 -44.43
C LYS T 179 -17.93 111.23 -43.59
N ILE T 180 -17.50 110.24 -42.80
CA ILE T 180 -18.43 109.54 -41.92
C ILE T 180 -19.08 110.53 -40.94
N PHE T 181 -18.27 111.41 -40.36
CA PHE T 181 -18.81 112.39 -39.42
C PHE T 181 -19.68 113.43 -40.11
N GLU T 182 -19.38 113.77 -41.37
CA GLU T 182 -20.27 114.64 -42.13
C GLU T 182 -21.64 114.01 -42.29
N LYS T 183 -21.67 112.73 -42.65
CA LYS T 183 -22.96 112.03 -42.76
C LYS T 183 -23.68 111.96 -41.43
N ILE T 184 -22.93 111.72 -40.34
CA ILE T 184 -23.53 111.67 -39.01
C ILE T 184 -24.12 113.02 -38.64
N GLU T 185 -23.41 114.11 -38.96
CA GLU T 185 -23.92 115.45 -38.67
C GLU T 185 -25.18 115.74 -39.47
N ALA T 186 -25.20 115.31 -40.75
CA ALA T 186 -26.41 115.50 -41.55
C ALA T 186 -27.59 114.76 -40.94
N GLY T 187 -27.37 113.51 -40.53
CA GLY T 187 -28.44 112.76 -39.88
C GLY T 187 -28.89 113.39 -38.57
N LEU T 188 -27.94 113.88 -37.78
CA LEU T 188 -28.28 114.51 -36.52
C LEU T 188 -29.10 115.77 -36.73
N SER T 189 -28.77 116.54 -37.77
CA SER T 189 -29.57 117.71 -38.11
C SER T 189 -30.97 117.30 -38.58
N LYS T 190 -31.07 116.20 -39.33
CA LYS T 190 -32.37 115.72 -39.78
C LYS T 190 -33.18 115.06 -38.67
N LEU T 191 -32.58 114.77 -37.52
CA LEU T 191 -33.34 114.23 -36.40
C LEU T 191 -34.38 115.24 -35.92
N GLU T 192 -35.52 114.70 -35.47
CA GLU T 192 -36.64 115.52 -34.98
C GLU T 192 -37.10 114.92 -33.65
N LEU T 193 -36.74 115.56 -32.54
CA LEU T 193 -37.06 115.07 -31.21
C LEU T 193 -38.15 115.86 -30.51
N GLY T 194 -38.69 116.91 -31.14
CA GLY T 194 -39.69 117.73 -30.47
C GLY T 194 -39.11 118.44 -29.27
N ASP T 195 -39.91 118.58 -28.22
CA ASP T 195 -39.44 119.18 -26.98
C ASP T 195 -38.82 118.15 -26.03
N GLU T 196 -38.87 116.87 -26.38
CA GLU T 196 -38.22 115.82 -25.62
C GLU T 196 -36.74 115.66 -25.96
N PHE T 197 -36.16 116.66 -26.62
CA PHE T 197 -34.75 116.58 -27.02
C PHE T 197 -33.82 116.55 -25.83
N SER T 198 -34.24 117.09 -24.68
CA SER T 198 -33.41 117.10 -23.48
C SER T 198 -33.48 115.73 -22.80
N THR T 199 -32.86 114.75 -23.46
CA THR T 199 -32.84 113.38 -22.99
C THR T 199 -31.49 112.76 -23.33
N PRO T 200 -31.06 111.76 -22.55
CA PRO T 200 -29.82 111.06 -22.88
C PRO T 200 -29.93 110.34 -24.22
N MET T 201 -28.79 110.20 -24.89
CA MET T 201 -28.72 109.56 -26.20
C MET T 201 -27.83 108.32 -26.12
N MET T 202 -28.12 107.36 -27.00
CA MET T 202 -27.41 106.09 -27.04
C MET T 202 -26.99 105.80 -28.47
N VAL T 203 -25.73 105.37 -28.64
CA VAL T 203 -25.16 105.04 -29.93
C VAL T 203 -24.61 103.63 -29.85
N ILE T 204 -24.86 102.85 -30.90
CA ILE T 204 -24.37 101.48 -31.04
C ILE T 204 -23.53 101.41 -32.30
N VAL T 205 -22.31 100.89 -32.17
CA VAL T 205 -21.36 100.82 -33.27
C VAL T 205 -20.75 99.43 -33.33
N ASP T 206 -20.29 99.06 -34.53
CA ASP T 206 -19.55 97.83 -34.72
C ASP T 206 -18.12 97.99 -34.22
N PRO T 207 -17.43 96.86 -33.95
CA PRO T 207 -16.05 96.97 -33.44
C PRO T 207 -15.10 97.72 -34.37
N ALA T 208 -15.26 97.56 -35.69
CA ALA T 208 -14.41 98.31 -36.62
C ALA T 208 -14.65 99.80 -36.49
N THR T 209 -15.91 100.22 -36.40
CA THR T 209 -16.22 101.64 -36.21
C THR T 209 -15.68 102.13 -34.87
N SER T 210 -15.73 101.30 -33.84
CA SER T 210 -15.17 101.68 -32.55
C SER T 210 -13.66 101.89 -32.63
N LEU T 211 -12.97 100.99 -33.33
CA LEU T 211 -11.52 101.15 -33.51
C LEU T 211 -11.20 102.41 -34.31
N LYS T 212 -12.03 102.71 -35.32
CA LYS T 212 -11.84 103.96 -36.05
C LYS T 212 -12.08 105.18 -35.15
N LEU T 213 -13.07 105.08 -34.26
CA LEU T 213 -13.38 106.20 -33.37
C LEU T 213 -12.26 106.47 -32.38
N VAL T 214 -11.65 105.41 -31.84
CA VAL T 214 -10.63 105.58 -30.80
C VAL T 214 -9.34 106.17 -31.38
N LYS T 215 -9.31 106.40 -32.70
CA LYS T 215 -8.18 107.10 -33.29
C LYS T 215 -8.18 108.56 -32.84
N PRO T 216 -7.01 109.17 -32.75
CA PRO T 216 -6.95 110.60 -32.40
C PRO T 216 -7.65 111.45 -33.45
N TYR T 217 -8.29 112.52 -32.98
CA TYR T 217 -9.05 113.39 -33.88
C TYR T 217 -8.09 114.21 -34.75
N ALA T 218 -8.34 114.22 -36.04
CA ALA T 218 -7.51 114.96 -36.98
C ALA T 218 -7.73 116.46 -36.85
N ALA T 223 -3.43 117.70 -41.46
CA ALA T 223 -2.73 117.77 -40.18
C ALA T 223 -3.42 116.90 -39.13
N ALA T 224 -2.79 116.76 -37.97
CA ALA T 224 -3.32 115.98 -36.87
C ALA T 224 -3.15 116.75 -35.57
N SER T 225 -3.89 116.33 -34.55
CA SER T 225 -3.86 116.96 -33.24
C SER T 225 -3.74 115.88 -32.19
N SER T 226 -3.89 116.26 -30.92
CA SER T 226 -3.80 115.33 -29.81
C SER T 226 -4.75 115.77 -28.71
N CYS T 227 -4.84 114.95 -27.66
CA CYS T 227 -5.68 115.20 -26.49
C CYS T 227 -7.16 115.27 -26.84
N GLU T 228 -7.55 114.72 -28.00
CA GLU T 228 -8.95 114.69 -28.39
C GLU T 228 -9.15 113.57 -29.40
N LYS T 229 -10.25 112.85 -29.28
CA LYS T 229 -10.54 111.70 -30.12
C LYS T 229 -11.81 111.93 -30.93
N TRP T 230 -11.95 111.14 -31.99
CA TRP T 230 -13.18 111.16 -32.77
C TRP T 230 -14.39 110.79 -31.92
N GLU T 231 -14.20 109.93 -30.93
CA GLU T 231 -15.27 109.62 -29.99
C GLU T 231 -15.71 110.87 -29.23
N ASP T 232 -14.76 111.67 -28.76
CA ASP T 232 -15.09 112.91 -28.07
C ASP T 232 -15.78 113.89 -29.02
N VAL T 233 -15.32 113.96 -30.26
CA VAL T 233 -15.96 114.84 -31.24
C VAL T 233 -17.41 114.42 -31.46
N LEU T 234 -17.66 113.12 -31.60
CA LEU T 234 -19.01 112.62 -31.78
C LEU T 234 -19.87 112.91 -30.56
N ILE T 235 -19.31 112.74 -29.36
CA ILE T 235 -20.06 113.02 -28.14
C ILE T 235 -20.46 114.49 -28.08
N GLN T 236 -19.53 115.39 -28.43
CA GLN T 236 -19.86 116.81 -28.44
C GLN T 236 -20.91 117.13 -29.51
N THR T 237 -20.82 116.49 -30.67
CA THR T 237 -21.80 116.74 -31.72
C THR T 237 -23.20 116.30 -31.29
N ILE T 238 -23.30 115.16 -30.61
CA ILE T 238 -24.60 114.70 -30.13
C ILE T 238 -25.08 115.57 -28.97
N LYS T 239 -24.17 116.06 -28.13
CA LYS T 239 -24.55 116.99 -27.08
C LYS T 239 -25.06 118.30 -27.64
N ALA T 240 -24.62 118.65 -28.85
CA ALA T 240 -25.14 119.85 -29.51
C ALA T 240 -26.61 119.73 -29.85
N ILE T 241 -27.17 118.52 -29.91
CA ILE T 241 -28.58 118.34 -30.23
C ILE T 241 -29.40 117.87 -29.03
N ASN T 242 -28.80 117.19 -28.06
CA ASN T 242 -29.56 116.66 -26.93
C ASN T 242 -29.60 117.63 -25.75
N ASN T 243 -29.27 118.90 -25.97
CA ASN T 243 -29.25 119.92 -24.92
C ASN T 243 -28.26 119.55 -23.81
N ARG T 244 -27.04 119.20 -24.23
CA ARG T 244 -25.95 118.89 -23.30
C ARG T 244 -26.33 117.77 -22.33
N GLU T 245 -26.99 116.74 -22.84
CA GLU T 245 -27.35 115.59 -22.04
C GLU T 245 -26.32 114.48 -22.23
N ASP T 246 -26.44 113.45 -21.39
CA ASP T 246 -25.49 112.34 -21.41
C ASP T 246 -25.58 111.59 -22.73
N VAL T 247 -24.42 111.14 -23.22
CA VAL T 247 -24.33 110.34 -24.43
C VAL T 247 -23.58 109.07 -24.10
N TYR T 248 -24.16 107.92 -24.41
CA TYR T 248 -23.54 106.62 -24.16
C TYR T 248 -23.21 105.93 -25.47
N ILE T 249 -22.09 105.23 -25.50
CA ILE T 249 -21.61 104.54 -26.69
C ILE T 249 -21.39 103.07 -26.34
N GLU T 250 -21.90 102.18 -27.18
CA GLU T 250 -21.78 100.75 -26.96
C GLU T 250 -21.33 100.07 -28.26
N THR T 251 -20.68 98.92 -28.09
CA THR T 251 -20.17 98.14 -29.21
C THR T 251 -20.91 96.81 -29.27
N SER T 252 -21.41 96.45 -30.45
CA SER T 252 -22.14 95.22 -30.66
C SER T 252 -21.56 94.49 -31.86
N ASN T 253 -21.22 93.22 -31.68
CA ASN T 253 -20.67 92.42 -32.77
C ASN T 253 -21.72 92.07 -33.83
N LEU T 254 -23.01 92.19 -33.47
CA LEU T 254 -24.06 91.88 -34.44
C LEU T 254 -24.11 92.89 -35.58
N LEU T 255 -23.82 94.15 -35.29
CA LEU T 255 -23.84 95.18 -36.32
C LEU T 255 -22.62 95.06 -37.22
N LYS T 256 -22.77 95.54 -38.46
CA LYS T 256 -21.71 95.51 -39.44
C LYS T 256 -21.71 96.83 -40.21
N HIS T 257 -20.63 97.58 -40.09
CA HIS T 257 -20.45 98.89 -40.73
C HIS T 257 -21.71 99.75 -40.64
N LYS T 258 -22.30 99.76 -39.45
CA LYS T 258 -23.52 100.52 -39.21
C LYS T 258 -23.44 101.19 -37.84
N ILE T 259 -23.99 102.40 -37.78
CA ILE T 259 -24.05 103.20 -36.56
C ILE T 259 -25.51 103.51 -36.27
N LEU T 260 -25.93 103.23 -35.04
CA LEU T 260 -27.30 103.46 -34.60
C LEU T 260 -27.30 104.55 -33.54
N ILE T 261 -28.11 105.58 -33.73
CA ILE T 261 -28.25 106.66 -32.76
C ILE T 261 -29.72 106.83 -32.44
N TYR T 262 -30.05 106.82 -31.14
CA TYR T 262 -31.44 106.95 -30.72
C TYR T 262 -31.48 107.45 -29.28
N PRO T 263 -32.53 108.19 -28.91
CA PRO T 263 -32.64 108.66 -27.52
C PRO T 263 -33.09 107.56 -26.58
N LEU T 264 -32.87 107.80 -25.28
CA LEU T 264 -33.24 106.87 -24.22
C LEU T 264 -34.48 107.37 -23.46
N ASN T 265 -35.42 107.96 -24.17
CA ASN T 265 -36.64 108.49 -23.58
C ASN T 265 -37.80 107.56 -23.88
N SER T 266 -38.54 107.20 -22.82
CA SER T 266 -39.68 106.29 -22.99
C SER T 266 -40.78 106.94 -23.82
N GLU T 267 -40.91 108.26 -23.78
CA GLU T 267 -41.94 108.94 -24.55
C GLU T 267 -41.71 108.82 -26.05
N LEU T 268 -40.48 108.55 -26.49
CA LEU T 268 -40.16 108.43 -27.91
C LEU T 268 -40.04 106.98 -28.36
N ILE T 269 -39.29 106.16 -27.61
CA ILE T 269 -39.09 104.76 -27.94
C ILE T 269 -39.39 103.93 -26.70
N LYS T 270 -40.23 102.91 -26.86
CA LYS T 270 -40.61 102.04 -25.76
C LYS T 270 -40.63 100.59 -26.22
N PHE T 271 -40.08 99.71 -25.38
CA PHE T 271 -40.07 98.28 -25.62
C PHE T 271 -41.08 97.65 -24.67
N LYS T 272 -42.20 97.17 -25.22
CA LYS T 272 -43.23 96.49 -24.45
C LYS T 272 -43.31 95.03 -24.87
N PRO T 273 -42.38 94.19 -24.41
CA PRO T 273 -42.39 92.79 -24.81
C PRO T 273 -43.32 91.94 -23.94
N SER T 274 -43.66 90.78 -24.47
CA SER T 274 -44.45 89.82 -23.72
C SER T 274 -43.66 89.30 -22.51
N LYS T 275 -44.40 88.94 -21.47
CA LYS T 275 -43.78 88.37 -20.28
C LYS T 275 -43.26 86.96 -20.52
N TYR T 276 -43.51 86.38 -21.69
CA TYR T 276 -43.01 85.06 -22.05
C TYR T 276 -42.00 85.13 -23.20
N MET T 277 -41.38 86.29 -23.41
CA MET T 277 -40.46 86.46 -24.53
C MET T 277 -39.22 85.59 -24.36
N LEU T 278 -38.70 85.51 -23.13
CA LEU T 278 -37.52 84.72 -22.87
C LEU T 278 -37.86 83.23 -22.91
N PRO T 279 -36.86 82.37 -23.14
CA PRO T 279 -37.14 80.93 -23.30
C PRO T 279 -37.89 80.34 -22.12
N THR T 280 -38.88 79.49 -22.44
CA THR T 280 -39.69 78.82 -21.43
C THR T 280 -39.86 77.37 -21.83
N PRO T 281 -39.66 76.41 -20.91
CA PRO T 281 -39.84 75.00 -21.27
C PRO T 281 -41.31 74.68 -21.51
N ASN T 282 -41.54 73.68 -22.35
CA ASN T 282 -42.88 73.18 -22.63
C ASN T 282 -43.14 71.89 -21.86
N GLU T 283 -44.41 71.66 -21.53
CA GLU T 283 -44.78 70.48 -20.77
C GLU T 283 -44.68 69.21 -21.61
N GLN T 284 -44.85 69.33 -22.92
CA GLN T 284 -44.82 68.16 -23.80
C GLN T 284 -43.40 67.61 -23.89
N VAL T 285 -43.22 66.37 -23.48
CA VAL T 285 -41.92 65.68 -23.54
C VAL T 285 -42.15 64.37 -24.27
N ASP T 286 -41.51 64.22 -25.43
CA ASP T 286 -41.62 62.98 -26.19
C ASP T 286 -40.83 61.88 -25.50
N LYS T 287 -41.46 60.73 -25.29
CA LYS T 287 -40.83 59.59 -24.63
C LYS T 287 -41.08 58.33 -25.43
N ASP T 288 -40.02 57.53 -25.60
CA ASP T 288 -40.09 56.28 -26.33
C ASP T 288 -39.56 55.14 -25.48
N SER T 289 -39.43 53.95 -26.07
CA SER T 289 -38.84 52.81 -25.38
C SER T 289 -37.33 52.92 -25.25
N THR T 290 -36.69 53.80 -26.01
CA THR T 290 -35.25 53.99 -25.96
C THR T 290 -34.89 54.99 -24.86
N ASP T 291 -33.63 55.40 -24.82
CA ASP T 291 -33.14 56.32 -23.80
C ASP T 291 -33.13 57.77 -24.25
N VAL T 292 -33.57 58.06 -25.49
CA VAL T 292 -33.54 59.40 -26.04
C VAL T 292 -34.92 60.02 -25.94
N ALA T 293 -34.99 61.20 -25.32
CA ALA T 293 -36.23 61.97 -25.20
C ALA T 293 -36.07 63.31 -25.90
N HIS T 294 -37.20 63.98 -26.12
CA HIS T 294 -37.23 65.27 -26.80
C HIS T 294 -37.99 66.27 -25.95
N SER T 295 -37.51 67.51 -25.92
CA SER T 295 -38.15 68.59 -25.19
C SER T 295 -38.28 69.82 -26.07
N TYR T 296 -39.15 70.74 -25.65
CA TYR T 296 -39.50 71.91 -26.44
C TYR T 296 -39.31 73.18 -25.62
N ILE T 297 -38.87 74.24 -26.29
CA ILE T 297 -38.68 75.55 -25.69
C ILE T 297 -39.43 76.59 -26.52
N ASP T 298 -40.20 77.45 -25.85
CA ASP T 298 -41.00 78.46 -26.50
C ASP T 298 -40.47 79.86 -26.17
N PHE T 299 -40.62 80.78 -27.13
CA PHE T 299 -40.23 82.16 -26.91
C PHE T 299 -41.08 83.07 -27.79
N VAL T 300 -41.28 84.30 -27.31
CA VAL T 300 -42.16 85.27 -27.95
C VAL T 300 -41.34 86.43 -28.46
N LEU T 301 -41.65 86.87 -29.68
CA LEU T 301 -40.94 87.95 -30.35
C LEU T 301 -41.89 89.08 -30.70
N GLY T 302 -41.37 90.32 -30.62
CA GLY T 302 -42.12 91.50 -30.99
C GLY T 302 -42.35 92.47 -29.85
N GLY T 303 -42.67 93.72 -30.17
CA GLY T 303 -43.03 94.68 -29.15
C GLY T 303 -42.22 95.96 -29.09
N LEU T 304 -41.63 96.40 -30.20
CA LEU T 304 -40.86 97.63 -30.23
C LEU T 304 -41.70 98.74 -30.84
N LEU T 305 -41.85 99.85 -30.11
CA LEU T 305 -42.61 101.01 -30.56
C LEU T 305 -41.70 102.23 -30.57
N ALA T 306 -41.76 103.00 -31.65
CA ALA T 306 -40.92 104.18 -31.79
C ALA T 306 -41.73 105.30 -32.44
N THR T 307 -41.28 106.53 -32.19
CA THR T 307 -41.85 107.70 -32.86
C THR T 307 -41.14 107.96 -34.18
N ARG T 308 -41.82 108.68 -35.06
CA ARG T 308 -41.32 108.90 -36.41
C ARG T 308 -40.10 109.83 -36.40
N LYS T 309 -39.11 109.47 -37.21
CA LYS T 309 -37.91 110.28 -37.41
C LYS T 309 -37.19 110.57 -36.09
N THR T 310 -36.91 109.51 -35.34
CA THR T 310 -36.15 109.63 -34.10
C THR T 310 -35.00 108.62 -34.01
N ILE T 311 -34.74 107.88 -35.08
CA ILE T 311 -33.65 106.91 -35.12
C ILE T 311 -32.78 107.20 -36.32
N LEU T 312 -31.48 107.36 -36.08
CA LEU T 312 -30.51 107.63 -37.13
C LEU T 312 -29.69 106.38 -37.40
N GLN T 313 -29.59 106.00 -38.67
CA GLN T 313 -28.91 104.78 -39.10
C GLN T 313 -27.90 105.15 -40.17
N VAL T 314 -26.63 105.08 -39.83
CA VAL T 314 -25.55 105.40 -40.78
C VAL T 314 -24.93 104.10 -41.26
N ASN T 315 -25.03 103.84 -42.56
CA ASN T 315 -24.50 102.62 -43.16
C ASN T 315 -23.29 102.98 -44.02
N ILE T 316 -22.13 102.41 -43.70
CA ILE T 316 -20.90 102.68 -44.42
C ILE T 316 -20.74 101.56 -45.46
N LYS T 317 -20.96 101.90 -46.73
CA LYS T 317 -20.86 100.91 -47.79
C LYS T 317 -19.44 100.39 -47.91
N GLN T 318 -19.26 99.09 -47.69
CA GLN T 318 -17.95 98.46 -47.72
C GLN T 318 -17.62 97.86 -49.08
N SER T 319 -18.45 98.08 -50.08
CA SER T 319 -18.21 97.54 -51.42
C SER T 319 -16.94 98.09 -52.04
N LEU U 3 -59.82 61.10 -8.92
CA LEU U 3 -59.76 61.22 -10.37
C LEU U 3 -60.02 62.67 -10.80
N PHE U 4 -60.93 63.35 -10.09
CA PHE U 4 -61.24 64.73 -10.43
C PHE U 4 -60.13 65.70 -10.04
N ASP U 5 -59.25 65.32 -9.12
CA ASP U 5 -58.13 66.16 -8.73
C ASP U 5 -56.91 65.97 -9.63
N GLU U 6 -56.96 65.02 -10.56
CA GLU U 6 -55.85 64.76 -11.48
C GLU U 6 -56.25 64.99 -12.93
N ASN U 7 -57.38 64.45 -13.35
CA ASN U 7 -57.86 64.58 -14.73
C ASN U 7 -58.87 65.72 -14.77
N TYR U 8 -58.49 66.83 -15.41
CA TYR U 8 -59.40 67.96 -15.56
C TYR U 8 -60.56 67.61 -16.48
N TYR U 9 -60.30 66.83 -17.53
CA TYR U 9 -61.32 66.56 -18.53
C TYR U 9 -62.49 65.77 -17.94
N ALA U 10 -62.21 64.83 -17.05
CA ALA U 10 -63.27 64.07 -16.40
C ALA U 10 -64.17 64.98 -15.57
N LYS U 11 -63.56 65.91 -14.82
CA LYS U 11 -64.36 66.84 -14.03
C LYS U 11 -65.21 67.74 -14.91
N ALA U 12 -64.64 68.21 -16.03
CA ALA U 12 -65.42 69.04 -16.94
C ALA U 12 -66.58 68.27 -17.55
N VAL U 13 -66.35 67.01 -17.91
CA VAL U 13 -67.43 66.18 -18.45
C VAL U 13 -68.53 65.99 -17.40
N ALA U 14 -68.13 65.75 -16.15
CA ALA U 14 -69.12 65.59 -15.08
C ALA U 14 -69.91 66.87 -14.87
N ASN U 15 -69.25 68.03 -14.98
CA ASN U 15 -69.93 69.29 -14.72
C ASN U 15 -70.76 69.76 -15.91
N ILE U 16 -70.53 69.23 -17.10
CA ILE U 16 -71.27 69.65 -18.30
C ILE U 16 -72.28 68.60 -18.74
N ILE U 17 -72.25 67.40 -18.17
CA ILE U 17 -73.10 66.32 -18.66
C ILE U 17 -74.57 66.62 -18.40
N GLY U 18 -74.88 67.43 -17.39
CA GLY U 18 -76.26 67.74 -17.07
C GLY U 18 -76.94 68.72 -18.02
N GLU U 19 -76.18 69.34 -18.92
CA GLU U 19 -76.72 70.32 -19.85
C GLU U 19 -77.06 69.73 -21.21
N VAL U 20 -76.96 68.41 -21.36
CA VAL U 20 -77.26 67.75 -22.62
C VAL U 20 -78.72 67.29 -22.61
N LYS U 21 -79.44 67.62 -23.67
CA LYS U 21 -80.86 67.30 -23.75
C LYS U 21 -81.07 65.79 -23.81
N ASP U 22 -82.19 65.35 -23.23
CA ASP U 22 -82.54 63.93 -23.28
C ASP U 22 -82.94 63.54 -24.70
N PRO U 23 -82.68 62.30 -25.10
CA PRO U 23 -83.06 61.85 -26.44
C PRO U 23 -84.57 61.90 -26.63
N ILE U 24 -84.98 62.26 -27.86
CA ILE U 24 -86.41 62.30 -28.18
C ILE U 24 -86.99 60.94 -28.49
N MET U 25 -86.15 59.91 -28.62
CA MET U 25 -86.64 58.56 -28.87
C MET U 25 -87.39 57.99 -27.67
N TYR U 26 -87.23 58.57 -26.49
CA TYR U 26 -87.93 58.08 -25.31
C TYR U 26 -89.44 58.22 -25.46
N LYS U 27 -89.90 59.24 -26.19
CA LYS U 27 -91.34 59.45 -26.38
C LYS U 27 -91.96 58.36 -27.24
N TRP U 28 -91.16 57.62 -28.00
CA TRP U 28 -91.66 56.58 -28.89
C TRP U 28 -91.85 55.23 -28.21
N PHE U 29 -91.48 55.11 -26.94
CA PHE U 29 -91.57 53.83 -26.23
C PHE U 29 -92.12 54.05 -24.84
N SER U 30 -92.75 53.01 -24.31
CA SER U 30 -93.27 53.02 -22.95
C SER U 30 -92.13 52.78 -21.96
N PRO U 31 -92.32 53.16 -20.69
CA PRO U 31 -91.25 52.95 -19.70
C PRO U 31 -90.82 51.50 -19.56
N ASP U 32 -91.74 50.55 -19.72
CA ASP U 32 -91.42 49.14 -19.56
C ASP U 32 -90.94 48.48 -20.85
N GLN U 33 -90.89 49.23 -21.96
CA GLN U 33 -90.45 48.69 -23.23
C GLN U 33 -88.95 48.83 -23.47
N ILE U 34 -88.20 49.37 -22.51
CA ILE U 34 -86.78 49.59 -22.65
C ILE U 34 -86.07 48.84 -21.54
N GLU U 35 -85.07 48.03 -21.92
CA GLU U 35 -84.32 47.22 -20.96
C GLU U 35 -82.83 47.34 -21.26
N ASP U 36 -82.07 47.87 -20.30
CA ASP U 36 -80.64 48.06 -20.50
C ASP U 36 -79.91 46.72 -20.39
N VAL U 37 -78.93 46.53 -21.27
CA VAL U 37 -78.11 45.32 -21.29
C VAL U 37 -76.65 45.72 -21.10
N ASP U 38 -75.86 44.76 -20.63
CA ASP U 38 -74.44 44.99 -20.34
C ASP U 38 -73.60 44.35 -21.44
N LEU U 39 -73.42 45.11 -22.53
CA LEU U 39 -72.61 44.65 -23.66
C LEU U 39 -72.26 45.86 -24.52
N GLN U 40 -71.00 45.93 -24.94
CA GLN U 40 -70.55 46.97 -25.85
C GLN U 40 -70.58 46.51 -27.31
N MET U 41 -69.90 45.40 -27.61
CA MET U 41 -69.86 44.82 -28.94
C MET U 41 -70.15 43.34 -28.83
N GLY U 42 -71.03 42.84 -29.69
CA GLY U 42 -71.30 41.41 -29.65
C GLY U 42 -72.75 41.13 -30.02
N TYR U 43 -73.29 40.06 -29.45
CA TYR U 43 -74.65 39.65 -29.78
C TYR U 43 -75.28 38.94 -28.59
N GLN U 44 -76.62 38.93 -28.59
CA GLN U 44 -77.40 38.22 -27.58
C GLN U 44 -78.48 37.41 -28.29
N LYS U 45 -78.69 36.18 -27.82
CA LYS U 45 -79.59 35.24 -28.48
C LYS U 45 -80.76 34.88 -27.56
N THR U 46 -81.93 34.70 -28.18
CA THR U 46 -83.13 34.25 -27.50
C THR U 46 -83.74 33.09 -28.27
N VAL U 47 -84.42 32.20 -27.55
CA VAL U 47 -84.99 30.98 -28.11
C VAL U 47 -86.49 31.01 -27.91
N LYS U 48 -87.24 30.75 -28.99
CA LYS U 48 -88.69 30.70 -28.94
C LYS U 48 -89.18 29.36 -29.47
N TRP U 49 -90.11 28.74 -28.74
CA TRP U 49 -90.67 27.44 -29.09
C TRP U 49 -92.08 27.61 -29.65
N ASP U 50 -92.42 26.80 -30.65
CA ASP U 50 -93.74 26.85 -31.26
C ASP U 50 -94.17 25.44 -31.61
N ALA U 51 -95.49 25.26 -31.73
CA ALA U 51 -96.08 23.98 -32.06
C ALA U 51 -97.01 24.13 -33.27
N PHE U 52 -97.09 23.08 -34.07
CA PHE U 52 -97.92 23.09 -35.27
C PHE U 52 -98.55 21.72 -35.47
N LEU U 53 -99.68 21.72 -36.20
CA LEU U 53 -100.38 20.48 -36.52
C LEU U 53 -99.87 19.93 -37.85
N ASN U 54 -99.61 18.62 -37.88
CA ASN U 54 -99.10 17.98 -39.08
C ASN U 54 -100.20 17.58 -40.05
N ALA U 55 -101.36 17.16 -39.56
CA ALA U 55 -102.46 16.72 -40.40
C ALA U 55 -103.76 16.79 -39.61
N ASN U 56 -104.83 16.31 -40.23
CA ASN U 56 -106.13 16.30 -39.58
C ASN U 56 -106.14 15.32 -38.41
N PRO U 57 -106.95 15.58 -37.38
CA PRO U 57 -107.01 14.66 -36.24
C PRO U 57 -107.56 13.30 -36.66
N THR U 58 -107.14 12.27 -35.92
CA THR U 58 -107.53 10.90 -36.23
C THR U 58 -108.75 10.52 -35.40
N THR U 59 -109.74 9.93 -36.07
CA THR U 59 -110.96 9.49 -35.39
C THR U 59 -110.69 8.17 -34.66
N ILE U 60 -110.97 8.16 -33.35
CA ILE U 60 -110.71 6.98 -32.53
C ILE U 60 -111.93 6.06 -32.65
N ALA U 61 -111.83 5.05 -33.51
CA ALA U 61 -112.91 4.09 -33.71
C ALA U 61 -112.32 2.69 -33.82
N ASN U 62 -112.84 1.77 -33.02
CA ASN U 62 -112.43 0.36 -33.01
C ASN U 62 -110.95 0.30 -32.65
N GLU U 63 -110.11 -0.41 -33.40
CA GLU U 63 -108.69 -0.54 -33.09
C GLU U 63 -107.87 0.24 -34.11
N VAL U 64 -106.99 1.11 -33.62
CA VAL U 64 -106.11 1.88 -34.48
C VAL U 64 -104.88 2.28 -33.68
N ASN U 65 -103.72 2.24 -34.33
CA ASN U 65 -102.46 2.64 -33.70
C ASN U 65 -101.74 3.75 -34.45
N THR U 66 -102.11 4.04 -35.68
CA THR U 66 -101.49 5.12 -36.45
C THR U 66 -102.28 6.40 -36.19
N ILE U 67 -101.69 7.31 -35.42
CA ILE U 67 -102.35 8.55 -35.02
C ILE U 67 -101.57 9.73 -35.58
N SER U 68 -102.29 10.81 -35.87
CA SER U 68 -101.65 12.03 -36.33
C SER U 68 -100.77 12.62 -35.24
N THR U 69 -99.73 13.34 -35.66
CA THR U 69 -98.73 13.87 -34.75
C THR U 69 -98.76 15.40 -34.77
N ILE U 70 -98.23 15.98 -33.69
CA ILE U 70 -98.10 17.42 -33.54
C ILE U 70 -96.62 17.75 -33.46
N GLY U 71 -96.15 18.62 -34.36
CA GLY U 71 -94.74 18.93 -34.41
C GLY U 71 -94.36 20.16 -33.62
N PHE U 72 -93.07 20.24 -33.29
CA PHE U 72 -92.52 21.36 -32.54
C PHE U 72 -91.34 21.94 -33.30
N SER U 73 -91.15 23.25 -33.14
CA SER U 73 -90.06 23.94 -33.83
C SER U 73 -89.50 25.04 -32.94
N SER U 74 -88.19 25.17 -32.92
CA SER U 74 -87.50 26.18 -32.14
C SER U 74 -86.82 27.17 -33.08
N GLU U 75 -86.87 28.45 -32.72
CA GLU U 75 -86.22 29.51 -33.48
C GLU U 75 -85.31 30.30 -32.57
N VAL U 76 -84.20 30.76 -33.13
CA VAL U 76 -83.20 31.54 -32.41
C VAL U 76 -83.14 32.92 -33.04
N VAL U 77 -83.34 33.95 -32.21
CA VAL U 77 -83.30 35.34 -32.66
C VAL U 77 -82.08 36.00 -32.02
N ARG U 78 -81.25 36.61 -32.85
CA ARG U 78 -79.99 37.21 -32.42
C ARG U 78 -80.05 38.72 -32.61
N LEU U 79 -79.63 39.45 -31.59
CA LEU U 79 -79.54 40.90 -31.62
C LEU U 79 -78.08 41.32 -31.54
N ASN U 80 -77.64 42.16 -32.47
CA ASN U 80 -76.26 42.58 -32.58
C ASN U 80 -76.07 43.98 -31.99
N TYR U 81 -74.95 44.18 -31.32
CA TYR U 81 -74.58 45.47 -30.72
C TYR U 81 -73.22 45.88 -31.24
N LEU U 82 -73.15 47.10 -31.78
CA LEU U 82 -71.95 47.61 -32.44
C LEU U 82 -71.43 48.84 -31.72
N LYS U 83 -70.11 49.00 -31.71
CA LYS U 83 -69.45 50.12 -31.04
C LYS U 83 -68.85 51.06 -32.07
N LEU U 84 -69.07 52.36 -31.87
CA LEU U 84 -68.62 53.38 -32.81
C LEU U 84 -68.00 54.53 -32.04
N GLN U 85 -67.11 55.27 -32.72
CA GLN U 85 -66.33 56.31 -32.08
C GLN U 85 -66.23 57.54 -32.98
N TYR U 86 -66.16 58.71 -32.33
CA TYR U 86 -65.87 59.98 -32.98
C TYR U 86 -64.68 60.65 -32.29
N LYS U 87 -63.98 61.46 -33.07
CA LYS U 87 -62.86 62.26 -32.58
C LYS U 87 -63.14 63.73 -32.84
N PHE U 88 -62.84 64.58 -31.86
CA PHE U 88 -63.04 66.02 -32.01
C PHE U 88 -61.89 66.78 -31.38
N ARG U 89 -61.56 67.92 -31.97
CA ARG U 89 -60.44 68.75 -31.52
C ARG U 89 -60.95 69.90 -30.66
N HIS U 90 -60.18 70.21 -29.63
CA HIS U 90 -60.52 71.28 -28.68
C HIS U 90 -59.22 71.93 -28.22
N LEU U 91 -59.35 72.86 -27.27
CA LEU U 91 -58.21 73.60 -26.73
C LEU U 91 -57.72 72.96 -25.44
N LYS U 92 -56.40 72.99 -25.24
CA LYS U 92 -55.81 72.44 -24.03
C LYS U 92 -56.22 73.27 -22.82
N GLN U 93 -56.30 72.62 -21.66
CA GLN U 93 -56.78 73.27 -20.45
C GLN U 93 -55.91 74.47 -20.08
N THR U 94 -54.59 74.29 -20.12
CA THR U 94 -53.68 75.35 -19.73
C THR U 94 -53.64 76.51 -20.72
N SER U 95 -54.19 76.35 -21.92
CA SER U 95 -54.16 77.37 -22.95
C SER U 95 -55.44 78.19 -23.02
N GLU U 96 -56.41 77.93 -22.14
CA GLU U 96 -57.69 78.64 -22.22
C GLU U 96 -57.51 80.12 -21.88
N LYS U 97 -56.63 80.44 -20.92
CA LYS U 97 -56.47 81.82 -20.49
C LYS U 97 -55.97 82.71 -21.62
N PHE U 98 -55.23 82.15 -22.57
CA PHE U 98 -54.72 82.92 -23.70
C PHE U 98 -55.74 83.07 -24.81
N TYR U 99 -56.93 82.48 -24.65
CA TYR U 99 -58.02 82.65 -25.61
C TYR U 99 -59.30 83.19 -25.00
N THR U 100 -59.36 83.37 -23.68
CA THR U 100 -60.53 83.97 -23.06
C THR U 100 -60.73 85.40 -23.55
N SER U 101 -61.97 85.73 -23.87
CA SER U 101 -62.35 87.07 -24.28
C SER U 101 -63.45 87.59 -23.36
N ASP U 102 -63.88 88.84 -23.61
CA ASP U 102 -64.92 89.44 -22.79
C ASP U 102 -66.24 88.70 -22.93
N SER U 103 -66.59 88.31 -24.15
CA SER U 103 -67.89 87.70 -24.44
C SER U 103 -67.85 86.18 -24.45
N TYR U 104 -66.77 85.57 -24.94
CA TYR U 104 -66.71 84.14 -25.11
C TYR U 104 -65.29 83.65 -24.89
N ILE U 105 -65.14 82.34 -24.74
CA ILE U 105 -63.85 81.68 -24.64
C ILE U 105 -63.68 80.78 -25.86
N GLY U 106 -62.65 81.03 -26.64
CA GLY U 106 -62.39 80.27 -27.84
C GLY U 106 -61.80 81.15 -28.92
N ASP U 107 -61.64 80.56 -30.11
CA ASP U 107 -61.10 81.25 -31.28
C ASP U 107 -62.13 81.14 -32.40
N ILE U 108 -62.77 82.26 -32.72
CA ILE U 108 -63.76 82.26 -33.80
C ILE U 108 -63.10 82.02 -35.14
N ASN U 109 -61.91 82.60 -35.35
CA ASN U 109 -61.25 82.51 -36.64
C ASN U 109 -60.89 81.06 -36.99
N ASN U 110 -60.41 80.30 -36.01
CA ASN U 110 -59.99 78.93 -36.25
C ASN U 110 -60.99 77.89 -35.74
N ASN U 111 -62.12 78.33 -35.18
CA ASN U 111 -63.17 77.44 -34.70
C ASN U 111 -62.62 76.43 -33.69
N LEU U 112 -62.09 76.95 -32.59
CA LEU U 112 -61.59 76.15 -31.48
C LEU U 112 -62.38 76.51 -30.24
N LEU U 113 -62.80 75.49 -29.50
CA LEU U 113 -63.70 75.63 -28.37
C LEU U 113 -63.10 75.00 -27.14
N PRO U 114 -63.54 75.41 -25.95
CA PRO U 114 -63.13 74.69 -24.74
C PRO U 114 -63.66 73.27 -24.74
N PHE U 115 -63.04 72.43 -23.92
CA PHE U 115 -63.36 71.01 -23.91
C PHE U 115 -64.82 70.77 -23.53
N ALA U 116 -65.32 71.50 -22.54
CA ALA U 116 -66.70 71.30 -22.08
C ALA U 116 -67.69 71.59 -23.19
N GLN U 117 -67.57 72.77 -23.83
CA GLN U 117 -68.49 73.13 -24.90
C GLN U 117 -68.38 72.19 -26.09
N ALA U 118 -67.15 71.83 -26.46
CA ALA U 118 -66.95 70.94 -27.59
C ALA U 118 -67.57 69.58 -27.31
N TYR U 119 -67.37 69.04 -26.10
CA TYR U 119 -67.97 67.76 -25.75
C TYR U 119 -69.49 67.84 -25.72
N LYS U 120 -70.04 68.94 -25.21
CA LYS U 120 -71.49 69.09 -25.17
C LYS U 120 -72.08 69.09 -26.58
N LEU U 121 -71.48 69.87 -27.48
CA LEU U 121 -71.99 69.93 -28.85
C LEU U 121 -71.83 68.57 -29.55
N ALA U 122 -70.68 67.92 -29.37
CA ALA U 122 -70.47 66.62 -29.99
C ALA U 122 -71.46 65.59 -29.47
N SER U 123 -71.71 65.59 -28.16
CA SER U 123 -72.67 64.66 -27.58
C SER U 123 -74.08 64.93 -28.10
N SER U 124 -74.44 66.20 -28.27
CA SER U 124 -75.74 66.52 -28.84
C SER U 124 -75.87 65.96 -30.25
N GLU U 125 -74.82 66.14 -31.07
CA GLU U 125 -74.85 65.62 -32.43
C GLU U 125 -74.94 64.09 -32.44
N ILE U 126 -74.19 63.43 -31.54
CA ILE U 126 -74.23 61.98 -31.49
C ILE U 126 -75.61 61.50 -31.04
N ILE U 127 -76.24 62.21 -30.11
CA ILE U 127 -77.59 61.83 -29.68
C ILE U 127 -78.58 61.99 -30.83
N LYS U 128 -78.43 63.05 -31.62
CA LYS U 128 -79.28 63.18 -32.81
C LYS U 128 -79.08 62.01 -33.76
N LEU U 129 -77.82 61.62 -33.99
CA LEU U 129 -77.54 60.48 -34.86
C LEU U 129 -78.15 59.19 -34.30
N ILE U 130 -78.05 58.99 -32.98
CA ILE U 130 -78.61 57.79 -32.37
C ILE U 130 -80.13 57.76 -32.50
N ASN U 131 -80.78 58.91 -32.30
CA ASN U 131 -82.22 58.98 -32.48
C ASN U 131 -82.61 58.66 -33.91
N HIS U 132 -81.86 59.19 -34.87
CA HIS U 132 -82.13 58.89 -36.28
C HIS U 132 -81.97 57.41 -36.57
N PHE U 133 -80.92 56.79 -36.00
CA PHE U 133 -80.72 55.36 -36.19
C PHE U 133 -81.87 54.54 -35.59
N VAL U 134 -82.28 54.88 -34.36
CA VAL U 134 -83.36 54.14 -33.72
C VAL U 134 -84.65 54.28 -34.52
N LEU U 135 -84.88 55.45 -35.12
CA LEU U 135 -86.12 55.64 -35.87
C LEU U 135 -86.08 54.92 -37.22
N THR U 136 -85.06 55.19 -38.03
CA THR U 136 -85.07 54.77 -39.43
C THR U 136 -84.38 53.44 -39.69
N GLY U 137 -83.47 53.01 -38.82
CA GLY U 137 -82.73 51.79 -39.08
C GLY U 137 -81.51 51.95 -39.97
N THR U 138 -81.16 53.19 -40.34
CA THR U 138 -79.99 53.46 -41.16
C THR U 138 -79.11 54.50 -40.48
N VAL U 139 -77.82 54.47 -40.83
CA VAL U 139 -76.84 55.43 -40.32
C VAL U 139 -76.23 56.14 -41.52
N SER U 140 -76.50 57.44 -41.64
CA SER U 140 -75.96 58.24 -42.73
C SER U 140 -75.95 59.69 -42.31
N ILE U 141 -75.11 60.49 -42.98
CA ILE U 141 -75.01 61.91 -42.72
C ILE U 141 -75.55 62.76 -43.86
N GLN U 142 -75.74 62.19 -45.05
CA GLN U 142 -76.27 62.94 -46.18
C GLN U 142 -77.79 63.08 -46.06
N LYS U 143 -78.30 64.26 -46.44
CA LYS U 143 -79.73 64.48 -46.41
C LYS U 143 -80.45 63.58 -47.41
N ASP U 144 -79.81 63.27 -48.54
CA ASP U 144 -80.40 62.35 -49.51
C ASP U 144 -80.56 60.96 -48.93
N GLY U 145 -79.63 60.54 -48.07
CA GLY U 145 -79.67 59.22 -47.47
C GLY U 145 -78.77 58.19 -48.10
N LYS U 146 -77.93 58.58 -49.07
CA LYS U 146 -77.00 57.67 -49.70
C LYS U 146 -75.71 57.58 -48.88
N ASN U 147 -74.76 56.78 -49.36
CA ASN U 147 -73.49 56.57 -48.69
C ASN U 147 -73.68 56.10 -47.26
N GLN U 148 -74.61 55.17 -47.08
CA GLN U 148 -74.92 54.66 -45.75
C GLN U 148 -73.79 53.79 -45.22
N LYS U 149 -73.67 53.75 -43.90
CA LYS U 149 -72.68 52.90 -43.24
C LYS U 149 -73.15 51.44 -43.31
N ARG U 150 -72.27 50.57 -43.78
CA ARG U 150 -72.58 49.15 -43.89
C ARG U 150 -72.61 48.55 -42.48
N LEU U 151 -73.81 48.32 -41.96
CA LEU U 151 -73.98 47.81 -40.61
C LEU U 151 -74.08 46.29 -40.61
N LEU U 152 -74.03 45.71 -39.42
CA LEU U 152 -74.11 44.27 -39.26
C LEU U 152 -75.55 43.79 -39.43
N PRO U 153 -75.74 42.52 -39.79
CA PRO U 153 -77.09 41.98 -39.86
C PRO U 153 -77.73 41.92 -38.47
N ASN U 154 -79.05 41.73 -38.48
CA ASN U 154 -79.87 41.73 -37.26
C ASN U 154 -79.79 43.07 -36.53
N MET U 155 -79.59 44.15 -37.27
CA MET U 155 -79.57 45.50 -36.74
C MET U 155 -80.60 46.31 -37.51
N TYR U 156 -81.79 46.45 -36.94
CA TYR U 156 -82.92 47.03 -37.65
C TYR U 156 -83.58 48.10 -36.79
N GLY U 157 -84.30 49.00 -37.46
CA GLY U 157 -85.09 50.02 -36.82
C GLY U 157 -86.57 49.82 -37.07
N LEU U 158 -87.36 50.77 -36.56
CA LEU U 158 -88.81 50.69 -36.72
C LEU U 158 -89.23 50.77 -38.18
N LEU U 159 -88.58 51.64 -38.96
CA LEU U 159 -88.98 51.84 -40.34
C LEU U 159 -88.59 50.68 -41.23
N ASN U 160 -87.40 50.12 -41.02
CA ASN U 160 -86.86 49.09 -41.90
C ASN U 160 -86.95 47.69 -41.30
N MET U 161 -87.75 47.50 -40.26
CA MET U 161 -87.91 46.17 -39.68
C MET U 161 -88.59 45.24 -40.68
N PRO U 162 -88.00 44.08 -40.97
CA PRO U 162 -88.60 43.16 -41.95
C PRO U 162 -89.76 42.38 -41.33
N GLU U 163 -90.49 41.69 -42.22
CA GLU U 163 -91.63 40.87 -41.84
C GLU U 163 -92.69 41.68 -41.09
N GLN U 164 -92.96 42.89 -41.61
CA GLN U 164 -93.98 43.77 -41.07
C GLN U 164 -94.88 44.24 -42.19
N ILE U 165 -96.02 44.82 -41.82
CA ILE U 165 -97.00 45.26 -42.80
C ILE U 165 -96.49 46.55 -43.45
N LYS U 166 -96.42 46.54 -44.79
CA LYS U 166 -95.92 47.68 -45.55
C LYS U 166 -96.95 48.07 -46.60
N GLU U 167 -97.26 49.37 -46.66
CA GLU U 167 -98.18 49.91 -47.64
C GLU U 167 -97.52 51.06 -48.38
N GLU U 168 -97.89 51.23 -49.65
CA GLU U 168 -97.31 52.25 -50.52
C GLU U 168 -98.43 53.04 -51.18
N VAL U 169 -98.55 54.32 -50.81
CA VAL U 169 -99.50 55.21 -51.45
C VAL U 169 -98.89 55.70 -52.75
N ALA U 170 -99.65 55.59 -53.85
CA ALA U 170 -99.13 55.86 -55.17
C ALA U 170 -98.75 57.33 -55.33
N SER U 171 -97.89 57.60 -56.32
CA SER U 171 -97.42 58.96 -56.56
C SER U 171 -98.56 59.88 -56.96
N GLY U 172 -99.47 59.40 -57.82
CA GLY U 172 -100.60 60.22 -58.24
C GLY U 172 -101.59 60.51 -57.13
N ASP U 173 -101.61 59.69 -56.09
CA ASP U 173 -102.51 59.87 -54.95
C ASP U 173 -101.79 60.38 -53.71
N LYS U 174 -100.66 61.07 -53.88
CA LYS U 174 -99.92 61.58 -52.73
C LYS U 174 -100.71 62.65 -51.99
N ASP U 175 -101.47 63.47 -52.71
CA ASP U 175 -102.29 64.51 -52.11
C ASP U 175 -103.69 64.03 -51.74
N LYS U 176 -104.04 62.79 -52.06
CA LYS U 176 -105.38 62.27 -51.81
C LYS U 176 -105.41 61.61 -50.43
N MET U 177 -105.91 62.36 -49.43
CA MET U 177 -106.00 61.83 -48.09
C MET U 177 -106.94 60.63 -48.02
N ASP U 178 -107.96 60.59 -48.88
CA ASP U 178 -108.83 59.42 -48.89
C ASP U 178 -108.07 58.16 -49.30
N LYS U 179 -107.21 58.25 -50.32
CA LYS U 179 -106.39 57.11 -50.71
C LYS U 179 -105.38 56.75 -49.63
N ILE U 180 -104.77 57.76 -49.00
CA ILE U 180 -103.83 57.49 -47.92
C ILE U 180 -104.52 56.75 -46.78
N PHE U 181 -105.72 57.19 -46.41
CA PHE U 181 -106.45 56.53 -45.33
C PHE U 181 -106.95 55.16 -45.74
N GLU U 182 -107.24 54.95 -47.02
CA GLU U 182 -107.56 53.60 -47.50
C GLU U 182 -106.38 52.67 -47.32
N LYS U 183 -105.18 53.14 -47.66
CA LYS U 183 -103.97 52.33 -47.45
C LYS U 183 -103.75 52.06 -45.96
N ILE U 184 -104.00 53.06 -45.12
CA ILE U 184 -103.87 52.87 -43.68
C ILE U 184 -104.89 51.83 -43.18
N GLU U 185 -106.12 51.88 -43.71
CA GLU U 185 -107.12 50.88 -43.35
C GLU U 185 -106.68 49.48 -43.75
N ALA U 186 -106.13 49.34 -44.96
CA ALA U 186 -105.65 48.03 -45.40
C ALA U 186 -104.54 47.53 -44.50
N GLY U 187 -103.59 48.40 -44.15
CA GLY U 187 -102.51 47.99 -43.27
C GLY U 187 -103.00 47.60 -41.89
N LEU U 188 -103.94 48.36 -41.34
CA LEU U 188 -104.49 48.05 -40.03
C LEU U 188 -105.26 46.75 -40.04
N SER U 189 -105.98 46.46 -41.13
CA SER U 189 -106.67 45.19 -41.27
C SER U 189 -105.67 44.03 -41.33
N LYS U 190 -104.58 44.21 -42.08
CA LYS U 190 -103.56 43.17 -42.14
C LYS U 190 -102.74 43.07 -40.86
N LEU U 191 -102.82 44.05 -39.97
CA LEU U 191 -102.12 43.98 -38.70
C LEU U 191 -102.64 42.80 -37.88
N GLU U 192 -101.72 42.15 -37.15
CA GLU U 192 -102.03 40.98 -36.34
C GLU U 192 -101.49 41.20 -34.94
N LEU U 193 -102.37 41.62 -34.02
CA LEU U 193 -101.98 41.84 -32.63
C LEU U 193 -102.18 40.61 -31.75
N GLY U 194 -103.02 39.67 -32.16
CA GLY U 194 -103.25 38.48 -31.35
C GLY U 194 -103.93 38.80 -30.05
N ASP U 195 -103.48 38.15 -28.97
CA ASP U 195 -104.05 38.37 -27.65
C ASP U 195 -103.54 39.63 -26.97
N GLU U 196 -102.56 40.31 -27.56
CA GLU U 196 -102.02 41.55 -27.02
C GLU U 196 -102.64 42.78 -27.68
N PHE U 197 -103.90 42.68 -28.10
CA PHE U 197 -104.55 43.79 -28.79
C PHE U 197 -104.89 44.93 -27.83
N SER U 198 -105.25 44.60 -26.59
CA SER U 198 -105.64 45.60 -25.60
C SER U 198 -104.39 46.29 -25.08
N THR U 199 -103.84 47.18 -25.89
CA THR U 199 -102.64 47.92 -25.54
C THR U 199 -102.68 49.27 -26.24
N PRO U 200 -102.06 50.30 -25.67
CA PRO U 200 -102.01 51.61 -26.35
C PRO U 200 -101.23 51.51 -27.66
N MET U 201 -101.60 52.37 -28.60
CA MET U 201 -100.97 52.42 -29.91
C MET U 201 -100.22 53.74 -30.07
N MET U 202 -99.17 53.71 -30.90
CA MET U 202 -98.36 54.89 -31.17
C MET U 202 -98.23 55.05 -32.68
N VAL U 203 -98.48 56.28 -33.16
CA VAL U 203 -98.37 56.63 -34.56
C VAL U 203 -97.39 57.80 -34.67
N ILE U 204 -96.47 57.70 -35.64
CA ILE U 204 -95.49 58.74 -35.91
C ILE U 204 -95.67 59.18 -37.36
N VAL U 205 -95.82 60.49 -37.56
CA VAL U 205 -96.11 61.05 -38.87
C VAL U 205 -95.18 62.23 -39.12
N ASP U 206 -95.06 62.60 -40.39
CA ASP U 206 -94.33 63.79 -40.80
C ASP U 206 -95.22 65.02 -40.72
N PRO U 207 -94.63 66.22 -40.65
CA PRO U 207 -95.47 67.43 -40.55
C PRO U 207 -96.43 67.62 -41.70
N ALA U 208 -96.04 67.25 -42.93
CA ALA U 208 -96.97 67.33 -44.05
C ALA U 208 -98.15 66.39 -43.86
N THR U 209 -97.87 65.18 -43.37
CA THR U 209 -98.95 64.24 -43.07
C THR U 209 -99.88 64.78 -41.99
N SER U 210 -99.31 65.42 -40.97
CA SER U 210 -100.14 66.01 -39.92
C SER U 210 -101.01 67.14 -40.47
N LEU U 211 -100.44 67.97 -41.35
CA LEU U 211 -101.22 69.03 -41.98
C LEU U 211 -102.36 68.47 -42.80
N LYS U 212 -102.11 67.37 -43.53
CA LYS U 212 -103.19 66.72 -44.26
C LYS U 212 -104.22 66.10 -43.32
N LEU U 213 -103.76 65.57 -42.18
CA LEU U 213 -104.66 64.95 -41.22
C LEU U 213 -105.62 65.97 -40.61
N VAL U 214 -105.12 67.17 -40.30
CA VAL U 214 -105.97 68.16 -39.63
C VAL U 214 -106.97 68.81 -40.58
N LYS U 215 -107.00 68.40 -41.85
CA LYS U 215 -108.06 68.85 -42.74
C LYS U 215 -109.38 68.18 -42.35
N PRO U 216 -110.51 68.81 -42.65
CA PRO U 216 -111.80 68.22 -42.30
C PRO U 216 -112.05 66.92 -43.06
N TYR U 217 -112.75 66.00 -42.41
CA TYR U 217 -113.05 64.72 -43.01
C TYR U 217 -114.03 64.90 -44.17
N ALA U 218 -113.79 64.16 -45.25
CA ALA U 218 -114.65 64.23 -46.43
C ALA U 218 -115.05 62.83 -46.89
N ALA U 223 -120.46 67.64 -48.98
CA ALA U 223 -119.19 67.22 -49.55
C ALA U 223 -118.22 66.79 -48.45
N ALA U 224 -117.77 67.75 -47.65
CA ALA U 224 -116.83 67.51 -46.56
C ALA U 224 -117.55 67.72 -45.24
N SER U 225 -117.50 66.72 -44.36
CA SER U 225 -118.15 66.81 -43.07
C SER U 225 -117.36 67.74 -42.15
N SER U 226 -118.05 68.66 -41.50
CA SER U 226 -117.44 69.59 -40.57
C SER U 226 -117.50 69.11 -39.12
N CYS U 227 -118.03 67.92 -38.87
CA CYS U 227 -118.17 67.43 -37.50
C CYS U 227 -116.84 66.88 -36.97
N GLU U 228 -116.15 66.08 -37.77
CA GLU U 228 -114.93 65.42 -37.35
C GLU U 228 -113.85 65.60 -38.42
N LYS U 229 -112.61 65.33 -38.02
CA LYS U 229 -111.45 65.49 -38.88
C LYS U 229 -110.86 64.12 -39.22
N TRP U 230 -109.96 64.13 -40.22
CA TRP U 230 -109.28 62.91 -40.61
C TRP U 230 -108.49 62.33 -39.44
N GLU U 231 -107.93 63.19 -38.60
CA GLU U 231 -107.23 62.70 -37.41
C GLU U 231 -108.18 61.96 -36.48
N ASP U 232 -109.38 62.51 -36.27
CA ASP U 232 -110.37 61.84 -35.42
C ASP U 232 -110.79 60.50 -36.03
N VAL U 233 -110.98 60.46 -37.35
CA VAL U 233 -111.36 59.21 -38.00
C VAL U 233 -110.25 58.18 -37.84
N LEU U 234 -108.99 58.59 -37.99
CA LEU U 234 -107.88 57.68 -37.79
C LEU U 234 -107.82 57.16 -36.36
N ILE U 235 -108.04 58.04 -35.38
CA ILE U 235 -108.03 57.64 -33.98
C ILE U 235 -109.13 56.61 -33.72
N GLN U 236 -110.32 56.85 -34.25
CA GLN U 236 -111.42 55.90 -34.08
C GLN U 236 -111.11 54.57 -34.75
N THR U 237 -110.49 54.60 -35.94
CA THR U 237 -110.14 53.37 -36.62
C THR U 237 -109.14 52.55 -35.82
N ILE U 238 -108.13 53.21 -35.25
CA ILE U 238 -107.13 52.50 -34.45
C ILE U 238 -107.76 52.01 -33.14
N LYS U 239 -108.68 52.79 -32.57
CA LYS U 239 -109.36 52.36 -31.36
C LYS U 239 -110.26 51.15 -31.60
N ALA U 240 -110.77 51.02 -32.83
CA ALA U 240 -111.57 49.84 -33.17
C ALA U 240 -110.76 48.55 -33.06
N ILE U 241 -109.45 48.63 -33.31
CA ILE U 241 -108.62 47.43 -33.28
C ILE U 241 -107.81 47.28 -32.00
N ASN U 242 -107.60 48.35 -31.24
CA ASN U 242 -106.81 48.26 -30.02
C ASN U 242 -107.67 48.14 -28.76
N ASN U 243 -108.92 47.73 -28.92
CA ASN U 243 -109.87 47.59 -27.81
C ASN U 243 -110.07 48.92 -27.09
N ARG U 244 -110.23 49.99 -27.88
CA ARG U 244 -110.52 51.33 -27.36
C ARG U 244 -109.49 51.77 -26.32
N GLU U 245 -108.22 51.66 -26.70
CA GLU U 245 -107.12 52.12 -25.86
C GLU U 245 -106.58 53.46 -26.38
N ASP U 246 -105.65 54.02 -25.62
CA ASP U 246 -105.06 55.30 -25.99
C ASP U 246 -104.30 55.18 -27.31
N VAL U 247 -104.40 56.21 -28.14
CA VAL U 247 -103.74 56.28 -29.44
C VAL U 247 -102.93 57.56 -29.45
N TYR U 248 -101.62 57.45 -29.18
CA TYR U 248 -100.74 58.60 -29.15
C TYR U 248 -100.23 58.91 -30.55
N ILE U 249 -100.18 60.20 -30.88
CA ILE U 249 -99.75 60.67 -32.19
C ILE U 249 -98.58 61.62 -31.99
N GLU U 250 -97.50 61.40 -32.74
CA GLU U 250 -96.30 62.21 -32.66
C GLU U 250 -95.85 62.63 -34.05
N THR U 251 -95.23 63.80 -34.12
CA THR U 251 -94.68 64.33 -35.36
C THR U 251 -93.17 64.36 -35.25
N SER U 252 -92.48 63.82 -36.27
CA SER U 252 -91.03 63.75 -36.29
C SER U 252 -90.51 64.32 -37.60
N ASN U 253 -89.59 65.27 -37.52
CA ASN U 253 -88.99 65.85 -38.71
C ASN U 253 -88.08 64.86 -39.44
N LEU U 254 -87.59 63.83 -38.74
CA LEU U 254 -86.74 62.84 -39.39
C LEU U 254 -87.48 62.09 -40.49
N LEU U 255 -88.73 61.70 -40.23
CA LEU U 255 -89.53 61.01 -41.22
C LEU U 255 -89.94 61.95 -42.35
N LYS U 256 -90.04 61.40 -43.55
CA LYS U 256 -90.43 62.16 -44.73
C LYS U 256 -91.46 61.35 -45.51
N HIS U 257 -92.72 61.78 -45.45
CA HIS U 257 -93.81 61.13 -46.18
C HIS U 257 -93.94 59.66 -45.81
N LYS U 258 -93.82 59.38 -44.51
CA LYS U 258 -93.95 58.02 -43.99
C LYS U 258 -94.70 58.05 -42.67
N ILE U 259 -95.53 57.04 -42.46
CA ILE U 259 -96.35 56.89 -41.28
C ILE U 259 -95.99 55.56 -40.62
N LEU U 260 -95.74 55.59 -39.32
CA LEU U 260 -95.38 54.40 -38.55
C LEU U 260 -96.42 54.16 -37.48
N ILE U 261 -96.98 52.96 -37.43
CA ILE U 261 -97.97 52.59 -36.42
C ILE U 261 -97.51 51.31 -35.74
N TYR U 262 -97.48 51.32 -34.40
CA TYR U 262 -97.03 50.16 -33.66
C TYR U 262 -97.57 50.23 -32.23
N PRO U 263 -97.81 49.09 -31.58
CA PRO U 263 -98.28 49.10 -30.20
C PRO U 263 -97.16 49.39 -29.22
N LEU U 264 -97.54 49.95 -28.08
CA LEU U 264 -96.61 50.19 -26.97
C LEU U 264 -96.63 49.06 -25.95
N ASN U 265 -96.42 47.84 -26.42
CA ASN U 265 -96.44 46.65 -25.57
C ASN U 265 -95.07 46.00 -25.61
N SER U 266 -94.53 45.68 -24.43
CA SER U 266 -93.21 45.05 -24.35
C SER U 266 -93.23 43.62 -24.89
N GLU U 267 -94.38 42.95 -24.83
CA GLU U 267 -94.46 41.56 -25.29
C GLU U 267 -94.24 41.45 -26.78
N LEU U 268 -94.58 42.49 -27.55
CA LEU U 268 -94.45 42.47 -29.01
C LEU U 268 -93.20 43.17 -29.49
N ILE U 269 -92.93 44.38 -29.01
CA ILE U 269 -91.77 45.17 -29.39
C ILE U 269 -91.03 45.58 -28.13
N LYS U 270 -89.73 45.26 -28.07
CA LYS U 270 -88.90 45.62 -26.93
C LYS U 270 -87.57 46.17 -27.42
N PHE U 271 -87.14 47.28 -26.83
CA PHE U 271 -85.85 47.88 -27.13
C PHE U 271 -84.90 47.56 -25.98
N LYS U 272 -83.87 46.78 -26.27
CA LYS U 272 -82.88 46.39 -25.27
C LYS U 272 -81.55 47.03 -25.60
N PRO U 273 -81.37 48.33 -25.34
CA PRO U 273 -80.12 48.99 -25.71
C PRO U 273 -79.01 48.67 -24.72
N SER U 274 -77.79 48.88 -25.19
CA SER U 274 -76.62 48.76 -24.31
C SER U 274 -76.64 49.88 -23.28
N LYS U 275 -76.12 49.56 -22.08
CA LYS U 275 -75.99 50.57 -21.05
C LYS U 275 -74.95 51.63 -21.40
N TYR U 276 -74.14 51.39 -22.44
CA TYR U 276 -73.16 52.35 -22.92
C TYR U 276 -73.54 52.90 -24.29
N MET U 277 -74.84 52.82 -24.64
CA MET U 277 -75.29 53.30 -25.94
C MET U 277 -75.10 54.80 -26.08
N LEU U 278 -75.43 55.55 -25.03
CA LEU U 278 -75.31 57.00 -25.08
C LEU U 278 -73.85 57.41 -25.06
N PRO U 279 -73.53 58.61 -25.56
CA PRO U 279 -72.12 59.01 -25.71
C PRO U 279 -71.36 58.95 -24.39
N THR U 280 -70.14 58.44 -24.46
CA THR U 280 -69.27 58.31 -23.30
C THR U 280 -67.87 58.78 -23.69
N PRO U 281 -67.26 59.67 -22.90
CA PRO U 281 -65.90 60.12 -23.23
C PRO U 281 -64.89 59.01 -23.03
N ASN U 282 -63.79 59.11 -23.78
CA ASN U 282 -62.70 58.16 -23.67
C ASN U 282 -61.55 58.77 -22.87
N GLU U 283 -60.69 57.89 -22.36
CA GLU U 283 -59.56 58.32 -21.55
C GLU U 283 -58.34 58.73 -22.37
N GLN U 284 -58.36 58.50 -23.68
CA GLN U 284 -57.23 58.82 -24.54
C GLN U 284 -57.38 60.24 -25.06
N VAL U 285 -56.45 61.11 -24.67
CA VAL U 285 -56.42 62.50 -25.10
C VAL U 285 -55.09 62.74 -25.82
N ASP U 286 -55.17 63.17 -27.08
CA ASP U 286 -53.97 63.46 -27.85
C ASP U 286 -53.43 64.83 -27.46
N LYS U 287 -52.19 64.86 -26.98
CA LYS U 287 -51.56 66.09 -26.54
C LYS U 287 -50.26 66.31 -27.30
N ASP U 288 -50.08 67.53 -27.83
CA ASP U 288 -48.87 67.88 -28.55
C ASP U 288 -48.23 69.13 -27.94
N SER U 289 -47.22 69.67 -28.59
CA SER U 289 -46.58 70.89 -28.12
C SER U 289 -47.42 72.13 -28.39
N THR U 290 -48.45 72.03 -29.23
CA THR U 290 -49.32 73.16 -29.54
C THR U 290 -50.46 73.24 -28.53
N ASP U 291 -51.43 74.10 -28.79
CA ASP U 291 -52.56 74.32 -27.90
C ASP U 291 -53.77 73.48 -28.26
N VAL U 292 -53.69 72.67 -29.31
CA VAL U 292 -54.83 71.89 -29.81
C VAL U 292 -54.69 70.46 -29.31
N ALA U 293 -55.77 69.92 -28.75
CA ALA U 293 -55.83 68.55 -28.28
C ALA U 293 -57.00 67.84 -28.94
N HIS U 294 -57.00 66.50 -28.87
CA HIS U 294 -58.04 65.68 -29.47
C HIS U 294 -58.65 64.76 -28.43
N SER U 295 -59.96 64.56 -28.52
CA SER U 295 -60.68 63.70 -27.60
C SER U 295 -61.61 62.78 -28.38
N TYR U 296 -61.99 61.68 -27.73
CA TYR U 296 -62.75 60.61 -28.35
C TYR U 296 -64.05 60.35 -27.58
N ILE U 297 -65.11 60.03 -28.32
CA ILE U 297 -66.41 59.71 -27.74
C ILE U 297 -66.88 58.39 -28.34
N ASP U 298 -67.38 57.50 -27.48
CA ASP U 298 -67.85 56.18 -27.88
C ASP U 298 -69.36 56.07 -27.69
N PHE U 299 -70.01 55.30 -28.56
CA PHE U 299 -71.43 55.04 -28.45
C PHE U 299 -71.77 53.71 -29.10
N VAL U 300 -72.83 53.07 -28.61
CA VAL U 300 -73.20 51.72 -29.01
C VAL U 300 -74.56 51.76 -29.68
N LEU U 301 -74.69 51.03 -30.79
CA LEU U 301 -75.92 50.97 -31.57
C LEU U 301 -76.43 49.54 -31.66
N GLY U 302 -77.74 49.42 -31.80
CA GLY U 302 -78.42 48.14 -31.99
C GLY U 302 -79.22 47.73 -30.77
N GLY U 303 -80.18 46.83 -31.00
CA GLY U 303 -80.93 46.24 -29.91
C GLY U 303 -82.45 46.30 -29.99
N LEU U 304 -83.01 46.49 -31.18
CA LEU U 304 -84.46 46.55 -31.33
C LEU U 304 -84.98 45.16 -31.69
N LEU U 305 -85.95 44.66 -30.91
CA LEU U 305 -86.57 43.37 -31.14
C LEU U 305 -88.06 43.57 -31.36
N ALA U 306 -88.60 42.98 -32.43
CA ALA U 306 -90.01 43.10 -32.74
C ALA U 306 -90.53 41.77 -33.25
N THR U 307 -91.77 41.46 -32.90
CA THR U 307 -92.43 40.27 -33.41
C THR U 307 -92.94 40.52 -34.83
N ARG U 308 -93.26 39.44 -35.53
CA ARG U 308 -93.64 39.52 -36.93
C ARG U 308 -95.04 40.10 -37.08
N LYS U 309 -95.21 40.93 -38.11
CA LYS U 309 -96.51 41.50 -38.49
C LYS U 309 -97.16 42.26 -37.33
N THR U 310 -96.38 43.15 -36.72
CA THR U 310 -96.90 44.00 -35.66
C THR U 310 -96.56 45.48 -35.88
N ILE U 311 -96.01 45.84 -37.04
CA ILE U 311 -95.67 47.22 -37.35
C ILE U 311 -96.24 47.55 -38.72
N LEU U 312 -96.94 48.68 -38.80
CA LEU U 312 -97.47 49.18 -40.07
C LEU U 312 -96.62 50.35 -40.55
N GLN U 313 -96.11 50.24 -41.77
CA GLN U 313 -95.22 51.24 -42.36
C GLN U 313 -95.84 51.69 -43.68
N VAL U 314 -96.31 52.93 -43.72
CA VAL U 314 -96.96 53.48 -44.91
C VAL U 314 -96.02 54.51 -45.53
N ASN U 315 -95.68 54.34 -46.80
CA ASN U 315 -94.81 55.25 -47.52
C ASN U 315 -95.59 55.91 -48.64
N ILE U 316 -95.66 57.23 -48.64
CA ILE U 316 -96.38 57.98 -49.66
C ILE U 316 -95.37 58.36 -50.75
N LYS U 317 -95.39 57.64 -51.87
CA LYS U 317 -94.47 57.92 -52.96
C LYS U 317 -94.69 59.34 -53.49
N GLN U 318 -93.61 60.13 -53.51
CA GLN U 318 -93.67 61.52 -53.94
C GLN U 318 -93.08 61.74 -55.32
N SER U 319 -92.89 60.69 -56.10
CA SER U 319 -92.32 60.82 -57.44
C SER U 319 -93.25 61.59 -58.37
N ALA V 20 -61.66 27.20 -43.95
CA ALA V 20 -60.79 26.81 -45.05
C ALA V 20 -59.66 27.82 -45.22
N LEU V 21 -60.00 29.10 -45.19
CA LEU V 21 -59.03 30.16 -45.36
C LEU V 21 -59.08 31.19 -44.23
N MET V 22 -59.95 31.02 -43.25
CA MET V 22 -60.09 31.99 -42.17
C MET V 22 -58.83 32.04 -41.31
N LYS V 23 -58.65 33.17 -40.61
CA LYS V 23 -57.45 33.36 -39.80
C LYS V 23 -57.36 32.30 -38.70
N ASN V 24 -58.47 32.02 -38.03
CA ASN V 24 -58.52 31.00 -37.00
C ASN V 24 -59.29 29.79 -37.51
N PRO V 25 -58.68 28.61 -37.51
CA PRO V 25 -59.37 27.42 -38.03
C PRO V 25 -60.63 27.11 -37.22
N GLN V 26 -61.70 26.75 -37.94
CA GLN V 26 -62.94 26.39 -37.28
C GLN V 26 -62.85 25.01 -36.65
N GLN V 27 -62.14 24.09 -37.29
CA GLN V 27 -61.96 22.75 -36.74
C GLN V 27 -61.14 22.81 -35.45
N ASP V 28 -61.66 22.19 -34.40
CA ASP V 28 -60.94 22.16 -33.14
C ASP V 28 -59.75 21.23 -33.22
N SER V 29 -58.79 21.44 -32.30
CA SER V 29 -57.60 20.61 -32.24
C SER V 29 -57.85 19.42 -31.33
N GLY V 30 -57.39 18.25 -31.78
CA GLY V 30 -57.61 17.04 -30.99
C GLY V 30 -56.80 16.99 -29.72
N LEU V 31 -55.60 17.56 -29.73
CA LEU V 31 -54.65 17.41 -28.63
C LEU V 31 -54.10 18.76 -28.21
N LEU V 32 -53.62 18.81 -26.96
CA LEU V 32 -52.90 19.97 -26.47
C LEU V 32 -51.55 20.09 -27.20
N SER V 33 -51.14 21.31 -27.48
CA SER V 33 -49.85 21.54 -28.10
C SER V 33 -48.73 21.36 -27.08
N ASN V 34 -47.54 21.06 -27.58
CA ASN V 34 -46.35 20.89 -26.75
C ASN V 34 -45.57 22.21 -26.75
N SER V 35 -45.65 22.93 -25.64
CA SER V 35 -45.00 24.23 -25.52
C SER V 35 -43.64 24.08 -24.85
N ILE V 36 -42.72 23.47 -25.59
CA ILE V 36 -41.34 23.28 -25.15
C ILE V 36 -40.35 23.97 -26.09
N ASP V 37 -40.55 23.82 -27.39
CA ASP V 37 -39.68 24.46 -28.37
C ASP V 37 -40.07 25.93 -28.55
N PHE V 38 -39.12 26.72 -29.05
CA PHE V 38 -39.34 28.14 -29.31
C PHE V 38 -38.92 28.55 -30.71
N ARG V 39 -38.59 27.60 -31.58
CA ARG V 39 -38.10 27.87 -32.92
C ARG V 39 -39.13 27.43 -33.95
N ASP V 40 -39.28 28.22 -35.01
CA ASP V 40 -40.20 27.94 -36.10
C ASP V 40 -41.63 27.71 -35.60
N GLN V 41 -42.07 28.61 -34.71
CA GLN V 41 -43.41 28.55 -34.15
C GLN V 41 -44.23 29.79 -34.49
N ASN V 42 -43.82 30.54 -35.52
CA ASN V 42 -44.52 31.75 -35.92
C ASN V 42 -44.98 31.74 -37.37
N LEU V 43 -44.63 30.72 -38.15
CA LEU V 43 -45.04 30.63 -39.55
C LEU V 43 -46.41 29.95 -39.66
N ILE V 44 -47.39 30.55 -38.99
CA ILE V 44 -48.77 30.08 -39.03
C ILE V 44 -49.63 31.16 -39.65
N PHE V 45 -50.80 30.72 -40.13
CA PHE V 45 -51.72 31.66 -40.78
C PHE V 45 -52.41 32.58 -39.78
N SER V 46 -52.44 32.19 -38.50
CA SER V 46 -53.06 33.01 -37.46
C SER V 46 -52.17 34.17 -37.02
N ASN V 47 -50.94 34.25 -37.51
CA ASN V 47 -50.04 35.33 -37.13
C ASN V 47 -50.46 36.64 -37.78
N SER V 48 -51.22 37.45 -37.06
CA SER V 48 -51.73 38.71 -37.59
C SER V 48 -50.76 39.84 -37.28
N GLY V 49 -50.77 40.85 -38.16
CA GLY V 49 -49.89 42.00 -37.98
C GLY V 49 -48.60 41.88 -38.76
N GLY V 50 -47.52 42.44 -38.21
CA GLY V 50 -46.22 42.38 -38.84
C GLY V 50 -45.17 41.88 -37.86
N VAL V 51 -44.07 41.40 -38.43
CA VAL V 51 -42.97 40.92 -37.60
C VAL V 51 -42.31 42.09 -36.86
N CYS V 52 -42.20 43.24 -37.52
CA CYS V 52 -41.67 44.45 -36.91
C CYS V 52 -42.70 45.56 -37.11
N THR V 53 -43.15 46.15 -36.01
CA THR V 53 -44.18 47.19 -36.04
C THR V 53 -43.77 48.36 -35.18
N SER V 54 -43.97 49.57 -35.70
CA SER V 54 -43.70 50.80 -34.98
C SER V 54 -44.98 51.41 -34.45
N SER V 55 -44.82 52.23 -33.40
CA SER V 55 -45.97 52.88 -32.79
C SER V 55 -46.54 54.02 -33.64
N LYS V 56 -45.84 54.41 -34.71
CA LYS V 56 -46.28 55.50 -35.57
C LYS V 56 -46.85 55.00 -36.90
N ASP V 57 -47.40 53.79 -36.90
CA ASP V 57 -47.99 53.21 -38.10
C ASP V 57 -49.46 53.59 -38.22
N LYS V 58 -49.87 53.89 -39.44
CA LYS V 58 -51.25 54.26 -39.73
C LYS V 58 -52.03 53.05 -40.20
N ILE V 59 -53.16 52.77 -39.54
CA ILE V 59 -54.00 51.63 -39.86
C ILE V 59 -55.45 52.10 -39.90
N GLU V 60 -56.22 51.58 -40.86
CA GLU V 60 -57.60 51.99 -41.05
C GLU V 60 -58.49 50.76 -41.18
N ASN V 61 -59.61 50.75 -40.46
CA ASN V 61 -60.58 49.67 -40.60
C ASN V 61 -61.56 50.02 -41.71
N TYR V 62 -61.87 49.02 -42.54
CA TYR V 62 -62.79 49.20 -43.66
C TYR V 62 -63.73 48.01 -43.75
N PRO V 63 -64.94 48.21 -44.27
CA PRO V 63 -65.82 47.07 -44.54
C PRO V 63 -65.16 46.10 -45.51
N ALA V 64 -65.30 44.81 -45.24
CA ALA V 64 -64.62 43.77 -45.99
C ALA V 64 -65.58 43.14 -47.00
N LYS V 65 -65.16 43.11 -48.26
CA LYS V 65 -65.88 42.43 -49.33
C LYS V 65 -65.12 41.15 -49.67
N GLY V 66 -65.67 40.01 -49.26
CA GLY V 66 -64.97 38.75 -49.39
C GLY V 66 -64.02 38.51 -48.24
N TYR V 67 -62.86 37.92 -48.51
CA TYR V 67 -61.86 37.64 -47.49
C TYR V 67 -60.50 38.13 -47.97
N PRO V 68 -60.16 39.39 -47.70
CA PRO V 68 -58.88 39.94 -48.14
C PRO V 68 -57.74 39.83 -47.14
N TYR V 69 -57.90 39.03 -46.09
CA TYR V 69 -56.86 38.89 -45.08
C TYR V 69 -55.53 38.45 -45.68
N LYS V 70 -54.46 39.11 -45.26
CA LYS V 70 -53.10 38.82 -45.74
C LYS V 70 -53.00 38.93 -47.26
N ARG V 71 -53.74 39.88 -47.83
CA ARG V 71 -53.71 40.14 -49.25
C ARG V 71 -53.77 41.64 -49.49
N GLY V 72 -53.28 42.06 -50.65
CA GLY V 72 -53.41 43.45 -51.05
C GLY V 72 -54.86 43.79 -51.35
N VAL V 73 -55.26 44.99 -50.94
CA VAL V 73 -56.65 45.41 -51.06
C VAL V 73 -56.76 46.59 -52.00
N LYS V 74 -57.93 46.72 -52.61
CA LYS V 74 -58.26 47.84 -53.48
C LYS V 74 -59.64 48.38 -53.09
N LEU V 75 -59.82 49.67 -53.33
CA LEU V 75 -61.07 50.33 -52.98
C LEU V 75 -62.14 50.00 -54.01
N SER V 76 -63.31 49.55 -53.54
CA SER V 76 -64.43 49.22 -54.38
C SER V 76 -65.62 50.10 -54.00
N PHE V 77 -66.24 50.71 -55.01
CA PHE V 77 -67.35 51.62 -54.84
C PHE V 77 -68.63 50.96 -55.35
N GLY V 78 -69.69 51.05 -54.57
CA GLY V 78 -70.98 50.49 -54.94
C GLY V 78 -71.80 51.45 -55.77
N ASP V 79 -73.10 51.21 -55.79
CA ASP V 79 -74.01 52.11 -56.52
C ASP V 79 -74.02 53.50 -55.88
N GLY V 80 -73.96 53.55 -54.55
CA GLY V 80 -73.97 54.82 -53.85
C GLY V 80 -74.79 54.78 -52.59
N THR V 81 -75.65 53.75 -52.48
CA THR V 81 -76.46 53.59 -51.28
C THR V 81 -75.60 53.29 -50.06
N THR V 82 -74.58 52.45 -50.22
CA THR V 82 -73.69 52.06 -49.15
C THR V 82 -72.31 52.67 -49.35
N GLU V 83 -71.52 52.68 -48.28
CA GLU V 83 -70.19 53.27 -48.32
C GLU V 83 -69.23 52.40 -49.11
N LEU V 84 -68.06 52.97 -49.40
CA LEU V 84 -67.01 52.23 -50.09
C LEU V 84 -66.48 51.10 -49.22
N GLU V 85 -65.93 50.06 -49.85
CA GLU V 85 -65.36 48.94 -49.13
C GLU V 85 -64.02 48.57 -49.77
N VAL V 86 -63.41 47.51 -49.26
CA VAL V 86 -62.11 47.04 -49.75
C VAL V 86 -62.26 45.58 -50.18
N GLU V 87 -61.66 45.25 -51.32
CA GLU V 87 -61.70 43.89 -51.84
C GLU V 87 -60.31 43.48 -52.30
N ALA V 88 -60.05 42.18 -52.28
CA ALA V 88 -58.73 41.68 -52.66
C ALA V 88 -58.41 42.04 -54.09
N GLY V 89 -57.23 42.60 -54.31
CA GLY V 89 -56.80 43.01 -55.63
C GLY V 89 -55.47 43.71 -55.56
N GLY V 90 -54.92 43.99 -56.73
CA GLY V 90 -53.64 44.66 -56.85
C GLY V 90 -53.55 45.45 -58.13
N GLY V 91 -52.34 45.52 -58.69
CA GLY V 91 -52.14 46.28 -59.91
C GLY V 91 -52.16 47.77 -59.66
N ASP V 92 -52.62 48.52 -60.67
CA ASP V 92 -52.72 49.96 -60.56
C ASP V 92 -53.82 50.42 -59.61
N ASP V 93 -54.73 49.52 -59.23
CA ASP V 93 -55.82 49.86 -58.32
C ASP V 93 -55.49 49.56 -56.87
N LEU V 94 -54.27 49.11 -56.57
CA LEU V 94 -53.90 48.76 -55.21
C LEU V 94 -53.97 49.98 -54.30
N TYR V 95 -54.58 49.83 -53.13
CA TYR V 95 -54.73 50.91 -52.16
C TYR V 95 -53.99 50.65 -50.86
N GLY V 96 -53.89 49.40 -50.43
CA GLY V 96 -53.20 49.10 -49.19
C GLY V 96 -53.02 47.61 -49.02
N VAL V 97 -52.58 47.24 -47.82
CA VAL V 97 -52.33 45.84 -47.48
C VAL V 97 -53.14 45.50 -46.23
N CYS V 98 -53.94 44.44 -46.32
CA CYS V 98 -54.76 44.00 -45.20
C CYS V 98 -53.90 43.17 -44.25
N SER V 99 -53.79 43.62 -43.00
CA SER V 99 -52.96 42.95 -42.01
C SER V 99 -53.74 42.19 -40.94
N ASP V 100 -55.04 42.46 -40.81
CA ASP V 100 -55.85 41.78 -39.80
C ASP V 100 -57.31 41.88 -40.22
N ILE V 101 -58.14 41.02 -39.63
CA ILE V 101 -59.56 41.01 -39.94
C ILE V 101 -60.33 40.60 -38.69
N ASP V 102 -61.47 41.26 -38.46
CA ASP V 102 -62.43 40.90 -37.44
C ASP V 102 -63.66 40.36 -38.15
N GLU V 103 -63.97 39.09 -37.91
CA GLU V 103 -65.04 38.41 -38.64
C GLU V 103 -66.43 38.82 -38.16
N PHE V 104 -66.58 39.09 -36.86
CA PHE V 104 -67.90 39.45 -36.34
C PHE V 104 -68.42 40.73 -36.99
N SER V 105 -67.56 41.75 -37.08
CA SER V 105 -67.93 43.01 -37.72
C SER V 105 -67.59 43.03 -39.21
N GLY V 106 -66.92 42.01 -39.72
CA GLY V 106 -66.50 42.03 -41.11
C GLY V 106 -65.61 43.20 -41.45
N MET V 107 -64.65 43.50 -40.57
CA MET V 107 -63.84 44.70 -40.69
C MET V 107 -62.38 44.31 -40.94
N ALA V 108 -61.81 44.84 -42.02
CA ALA V 108 -60.42 44.57 -42.38
C ALA V 108 -59.56 45.76 -42.02
N THR V 109 -58.47 45.50 -41.29
CA THR V 109 -57.48 46.51 -40.98
C THR V 109 -56.48 46.61 -42.12
N VAL V 110 -56.32 47.81 -42.67
CA VAL V 110 -55.51 48.04 -43.85
C VAL V 110 -54.42 49.05 -43.49
N ILE V 111 -53.19 48.72 -43.86
CA ILE V 111 -52.09 49.69 -43.84
C ILE V 111 -51.99 50.31 -45.23
N PRO V 112 -52.08 51.63 -45.36
CA PRO V 112 -52.06 52.25 -46.69
C PRO V 112 -50.73 52.02 -47.40
N ILE V 113 -50.77 52.08 -48.73
CA ILE V 113 -49.56 51.91 -49.54
C ILE V 113 -48.54 52.99 -49.20
N THR V 114 -49.00 54.15 -48.72
CA THR V 114 -48.10 55.22 -48.30
C THR V 114 -47.26 54.84 -47.08
N ASN V 115 -47.65 53.81 -46.34
CA ASN V 115 -46.92 53.34 -45.18
C ASN V 115 -46.26 52.01 -45.49
N ASN V 116 -44.98 51.89 -45.15
CA ASN V 116 -44.23 50.68 -45.41
C ASN V 116 -44.58 49.61 -44.37
N PHE V 117 -44.62 48.36 -44.81
CA PHE V 117 -45.02 47.25 -43.96
C PHE V 117 -44.08 46.08 -44.17
N THR V 118 -43.84 45.32 -43.09
CA THR V 118 -43.01 44.13 -43.12
C THR V 118 -43.75 43.01 -42.41
N GLY V 119 -44.05 41.95 -43.14
CA GLY V 119 -44.77 40.83 -42.57
C GLY V 119 -45.01 39.76 -43.59
N TYR V 120 -45.74 38.72 -43.17
CA TYR V 120 -46.05 37.58 -44.03
C TYR V 120 -47.30 37.88 -44.83
N LEU V 121 -47.22 37.67 -46.15
CA LEU V 121 -48.33 37.93 -47.06
C LEU V 121 -48.51 36.74 -47.99
N THR V 122 -49.71 36.61 -48.52
CA THR V 122 -50.03 35.51 -49.42
C THR V 122 -49.25 35.63 -50.72
N LEU V 123 -48.68 34.52 -51.18
CA LEU V 123 -47.89 34.47 -52.40
C LEU V 123 -48.59 33.56 -53.40
N LYS V 124 -48.52 33.93 -54.68
CA LYS V 124 -49.13 33.12 -55.72
C LYS V 124 -48.46 31.75 -55.80
N LYS V 125 -49.27 30.71 -55.91
CA LYS V 125 -48.76 29.35 -55.99
C LYS V 125 -48.09 29.09 -57.34
N VAL V 131 -38.86 31.78 -55.94
CA VAL V 131 -38.95 32.85 -54.96
C VAL V 131 -37.85 32.70 -53.93
N ASN V 132 -36.89 33.62 -53.95
CA ASN V 132 -35.74 33.63 -53.06
C ASN V 132 -35.59 35.02 -52.48
N PRO V 133 -34.93 35.14 -51.31
CA PRO V 133 -34.67 36.47 -50.73
C PRO V 133 -33.96 37.39 -51.71
N GLY V 134 -34.52 38.58 -51.91
CA GLY V 134 -34.01 39.53 -52.89
C GLY V 134 -34.84 39.66 -54.13
N ASP V 135 -35.83 38.80 -54.33
CA ASP V 135 -36.69 38.89 -55.50
C ASP V 135 -37.67 40.04 -55.37
N LYS V 136 -38.10 40.56 -56.52
CA LYS V 136 -39.05 41.67 -56.57
C LYS V 136 -40.44 41.13 -56.79
N LEU V 137 -41.39 41.57 -55.96
CA LEU V 137 -42.74 41.04 -55.96
C LEU V 137 -43.76 42.15 -56.17
N ASN V 138 -44.78 41.85 -56.97
CA ASN V 138 -45.89 42.76 -57.22
C ASN V 138 -47.20 42.03 -57.00
N PHE V 139 -48.22 42.79 -56.62
CA PHE V 139 -49.54 42.21 -56.35
C PHE V 139 -50.29 41.97 -57.65
N ASN V 140 -50.98 40.84 -57.71
CA ASN V 140 -51.76 40.46 -58.88
C ASN V 140 -53.22 40.88 -58.70
N GLN V 141 -54.07 40.44 -59.62
CA GLN V 141 -55.49 40.80 -59.57
C GLN V 141 -56.20 40.20 -58.36
N HIS V 142 -55.66 39.14 -57.78
CA HIS V 142 -56.27 38.47 -56.63
C HIS V 142 -55.63 38.88 -55.31
N GLY V 143 -54.78 39.91 -55.30
CA GLY V 143 -54.14 40.34 -54.09
C GLY V 143 -53.01 39.46 -53.61
N GLU V 144 -52.45 38.63 -54.48
CA GLU V 144 -51.35 37.74 -54.15
C GLU V 144 -50.06 38.26 -54.76
N LEU V 145 -48.97 38.12 -54.02
CA LEU V 145 -47.66 38.53 -54.52
C LEU V 145 -47.15 37.55 -55.57
N GLU V 146 -46.47 38.09 -56.57
CA GLU V 146 -45.87 37.27 -57.61
C GLU V 146 -44.61 37.95 -58.12
N LYS V 147 -43.67 37.14 -58.61
CA LYS V 147 -42.41 37.65 -59.09
C LYS V 147 -42.61 38.52 -60.34
N VAL V 148 -41.89 39.63 -60.39
CA VAL V 148 -41.98 40.56 -61.51
C VAL V 148 -41.31 39.99 -62.75
N SER V 154 -43.66 47.75 -62.51
CA SER V 154 -43.88 48.26 -61.16
C SER V 154 -43.54 47.20 -60.12
N VAL V 155 -42.76 47.62 -59.12
CA VAL V 155 -42.34 46.74 -58.03
C VAL V 155 -42.90 47.29 -56.72
N ASN V 156 -43.53 46.43 -55.93
CA ASN V 156 -44.17 46.83 -54.69
C ASN V 156 -43.52 46.25 -53.43
N ALA V 157 -42.81 45.13 -53.53
CA ALA V 157 -42.19 44.55 -52.35
C ALA V 157 -40.94 43.79 -52.74
N ILE V 158 -40.12 43.48 -51.74
CA ILE V 158 -38.92 42.68 -51.89
C ILE V 158 -39.03 41.49 -50.95
N ALA V 159 -38.90 40.29 -51.50
CA ALA V 159 -39.03 39.07 -50.69
C ALA V 159 -37.85 38.94 -49.74
N LEU V 160 -38.16 38.69 -48.46
CA LEU V 160 -37.15 38.50 -47.43
C LEU V 160 -36.92 37.03 -47.10
N SER V 161 -37.67 36.12 -47.71
CA SER V 161 -37.53 34.70 -47.44
C SER V 161 -38.17 33.93 -48.59
N LYS V 162 -37.97 32.61 -48.57
CA LYS V 162 -38.55 31.76 -49.58
C LYS V 162 -40.00 31.42 -49.21
N ALA V 163 -40.74 30.95 -50.22
CA ALA V 163 -42.14 30.61 -50.02
C ALA V 163 -42.29 29.48 -48.99
N HIS V 164 -43.20 29.67 -48.05
CA HIS V 164 -43.51 28.67 -47.03
C HIS V 164 -44.92 28.16 -47.28
N LYS V 165 -45.05 26.84 -47.44
CA LYS V 165 -46.32 26.22 -47.78
C LYS V 165 -47.07 25.84 -46.50
N LEU V 166 -48.29 26.37 -46.34
CA LEU V 166 -49.15 25.97 -45.24
C LEU V 166 -50.29 25.07 -45.67
N THR V 167 -50.65 25.08 -46.95
CA THR V 167 -51.70 24.23 -47.50
C THR V 167 -51.32 23.99 -48.96
N GLU V 168 -52.03 23.05 -49.60
CA GLU V 168 -51.72 22.71 -50.99
C GLU V 168 -51.76 23.93 -51.89
N ASP V 169 -52.58 24.93 -51.56
CA ASP V 169 -52.66 26.17 -52.33
C ASP V 169 -52.22 27.40 -51.54
N LEU V 170 -52.01 27.28 -50.23
CA LEU V 170 -51.66 28.43 -49.39
C LEU V 170 -50.14 28.53 -49.27
N PHE V 171 -49.57 29.58 -49.82
CA PHE V 171 -48.13 29.86 -49.73
C PHE V 171 -47.95 31.27 -49.19
N ILE V 172 -47.19 31.40 -48.11
CA ILE V 172 -46.89 32.70 -47.53
C ILE V 172 -45.43 33.04 -47.78
N VAL V 173 -45.08 34.31 -47.57
CA VAL V 173 -43.71 34.78 -47.77
C VAL V 173 -43.53 36.06 -46.97
N LEU V 174 -42.36 36.21 -46.36
CA LEU V 174 -41.99 37.45 -45.70
C LEU V 174 -41.57 38.47 -46.74
N ALA V 175 -42.22 39.63 -46.73
CA ALA V 175 -41.96 40.66 -47.73
C ALA V 175 -41.91 42.02 -47.05
N SER V 176 -41.21 42.95 -47.69
CA SER V 176 -41.08 44.33 -47.23
C SER V 176 -41.68 45.24 -48.29
N VAL V 177 -42.80 45.86 -47.98
CA VAL V 177 -43.49 46.76 -48.91
C VAL V 177 -42.94 48.16 -48.72
N PHE V 178 -42.56 48.80 -49.82
CA PHE V 178 -41.99 50.14 -49.80
C PHE V 178 -42.69 51.04 -50.80
N GLY V 179 -44.00 50.86 -50.96
CA GLY V 179 -44.76 51.69 -51.87
C GLY V 179 -44.67 51.21 -53.31
N ASN V 180 -44.81 52.16 -54.24
CA ASN V 180 -44.80 51.87 -55.66
C ASN V 180 -43.64 52.60 -56.33
N ARG V 181 -42.96 51.90 -57.24
CA ARG V 181 -41.85 52.47 -57.98
C ARG V 181 -41.60 51.63 -59.22
N ALA V 182 -41.33 52.30 -60.34
CA ALA V 182 -41.08 51.61 -61.60
C ALA V 182 -39.61 51.21 -61.72
N LEU W 21 -15.33 60.24 -42.95
CA LEU W 21 -15.60 58.82 -43.03
C LEU W 21 -16.13 58.29 -41.69
N MET W 22 -16.37 59.20 -40.76
CA MET W 22 -16.87 58.85 -39.44
C MET W 22 -17.82 59.94 -38.96
N LYS W 23 -18.76 59.54 -38.09
CA LYS W 23 -19.69 60.52 -37.51
C LYS W 23 -18.94 61.58 -36.71
N ASN W 24 -17.98 61.14 -35.90
CA ASN W 24 -17.09 62.03 -35.17
C ASN W 24 -15.66 61.87 -35.68
N PRO W 25 -14.90 62.96 -35.77
CA PRO W 25 -13.54 62.86 -36.30
C PRO W 25 -12.69 61.89 -35.48
N GLN W 26 -11.95 61.04 -36.19
CA GLN W 26 -11.10 60.07 -35.52
C GLN W 26 -9.95 60.76 -34.79
N GLN W 27 -9.28 61.70 -35.47
CA GLN W 27 -8.21 62.45 -34.84
C GLN W 27 -8.77 63.44 -33.83
N ASP W 28 -8.09 63.54 -32.69
CA ASP W 28 -8.49 64.51 -31.68
C ASP W 28 -8.11 65.92 -32.13
N SER W 29 -8.59 66.91 -31.37
CA SER W 29 -8.36 68.31 -31.67
C SER W 29 -7.41 68.93 -30.65
N GLY W 30 -6.60 69.87 -31.12
CA GLY W 30 -5.69 70.57 -30.24
C GLY W 30 -6.20 71.88 -29.68
N LEU W 31 -7.40 72.30 -30.09
CA LEU W 31 -7.94 73.59 -29.73
C LEU W 31 -9.33 73.45 -29.11
N LEU W 32 -9.64 74.36 -28.20
CA LEU W 32 -11.02 74.51 -27.73
C LEU W 32 -11.84 75.28 -28.76
N SER W 33 -13.12 74.98 -28.81
CA SER W 33 -14.03 75.68 -29.72
C SER W 33 -14.50 76.99 -29.09
N ASN W 34 -14.81 77.95 -29.96
CA ASN W 34 -15.25 79.27 -29.53
C ASN W 34 -16.77 79.33 -29.60
N SER W 35 -17.42 79.32 -28.44
CA SER W 35 -18.87 79.38 -28.36
C SER W 35 -19.33 80.83 -28.14
N ILE W 36 -19.15 81.63 -29.19
CA ILE W 36 -19.52 83.04 -29.15
C ILE W 36 -20.61 83.30 -30.18
N ASP W 37 -20.31 83.02 -31.44
CA ASP W 37 -21.28 83.23 -32.51
C ASP W 37 -22.34 82.14 -32.48
N PHE W 38 -23.47 82.43 -33.13
CA PHE W 38 -24.58 81.49 -33.23
C PHE W 38 -25.00 81.21 -34.67
N ARG W 39 -24.30 81.77 -35.65
CA ARG W 39 -24.67 81.64 -37.05
C ARG W 39 -23.69 80.73 -37.79
N ASP W 40 -24.24 79.89 -38.66
CA ASP W 40 -23.45 78.96 -39.47
C ASP W 40 -22.58 78.05 -38.61
N GLN W 41 -23.14 77.58 -37.50
CA GLN W 41 -22.47 76.65 -36.61
C GLN W 41 -23.05 75.25 -36.67
N ASN W 42 -23.78 74.94 -37.75
CA ASN W 42 -24.41 73.63 -37.91
C ASN W 42 -23.91 72.87 -39.12
N LEU W 43 -23.02 73.46 -39.93
CA LEU W 43 -22.49 72.82 -41.13
C LEU W 43 -21.30 71.91 -40.77
N ILE W 44 -21.60 70.88 -39.99
CA ILE W 44 -20.61 69.90 -39.56
C ILE W 44 -21.11 68.51 -39.94
N PHE W 45 -20.17 67.57 -40.09
CA PHE W 45 -20.53 66.21 -40.45
C PHE W 45 -21.13 65.45 -39.29
N SER W 46 -20.94 65.92 -38.06
CA SER W 46 -21.50 65.26 -36.89
C SER W 46 -22.99 65.57 -36.67
N ASN W 47 -23.55 66.48 -37.45
CA ASN W 47 -24.96 66.83 -37.32
C ASN W 47 -25.80 65.68 -37.86
N SER W 48 -26.35 64.87 -36.96
CA SER W 48 -27.15 63.72 -37.31
C SER W 48 -28.63 64.05 -37.28
N GLY W 49 -29.41 63.23 -37.97
CA GLY W 49 -30.84 63.46 -38.04
C GLY W 49 -31.20 64.51 -39.08
N GLY W 50 -32.35 65.15 -38.87
CA GLY W 50 -32.82 66.18 -39.78
C GLY W 50 -32.97 67.54 -39.13
N VAL W 51 -32.90 68.60 -39.94
CA VAL W 51 -33.07 69.94 -39.41
C VAL W 51 -34.50 70.13 -38.90
N CYS W 52 -35.47 69.55 -39.59
CA CYS W 52 -36.87 69.57 -39.17
C CYS W 52 -37.31 68.14 -38.94
N THR W 53 -37.71 67.82 -37.71
CA THR W 53 -38.07 66.46 -37.32
C THR W 53 -39.48 66.46 -36.74
N SER W 54 -40.30 65.52 -37.20
CA SER W 54 -41.66 65.35 -36.70
C SER W 54 -41.69 64.24 -35.66
N SER W 55 -42.53 64.43 -34.64
CA SER W 55 -42.64 63.44 -33.56
C SER W 55 -43.36 62.17 -33.99
N LYS W 56 -43.97 62.15 -35.18
CA LYS W 56 -44.69 60.99 -35.68
C LYS W 56 -43.93 60.31 -36.83
N ASP W 57 -42.60 60.37 -36.81
CA ASP W 57 -41.79 59.78 -37.85
C ASP W 57 -41.44 58.34 -37.52
N LYS W 58 -41.44 57.49 -38.54
CA LYS W 58 -41.09 56.08 -38.38
C LYS W 58 -39.57 55.93 -38.55
N ILE W 59 -38.93 55.33 -37.55
CA ILE W 59 -37.49 55.17 -37.51
C ILE W 59 -37.17 53.70 -37.30
N GLU W 60 -36.29 53.16 -38.14
CA GLU W 60 -35.86 51.77 -38.03
C GLU W 60 -34.36 51.71 -37.78
N ASN W 61 -33.87 50.54 -37.40
CA ASN W 61 -32.45 50.29 -37.26
C ASN W 61 -32.08 48.99 -37.95
N TYR W 62 -30.90 48.96 -38.54
CA TYR W 62 -30.45 47.80 -39.31
C TYR W 62 -28.96 47.59 -39.10
N PRO W 63 -28.47 46.36 -39.31
CA PRO W 63 -27.03 46.15 -39.42
C PRO W 63 -26.48 46.90 -40.63
N ALA W 64 -25.29 47.46 -40.46
CA ALA W 64 -24.68 48.32 -41.46
C ALA W 64 -23.50 47.62 -42.11
N LYS W 65 -23.49 47.59 -43.44
CA LYS W 65 -22.35 47.10 -44.22
C LYS W 65 -21.63 48.31 -44.80
N GLY W 66 -20.40 48.54 -44.36
CA GLY W 66 -19.69 49.74 -44.75
C GLY W 66 -20.07 50.91 -43.86
N TYR W 67 -20.03 52.12 -44.44
CA TYR W 67 -20.41 53.34 -43.73
C TYR W 67 -21.45 54.08 -44.56
N PRO W 68 -22.73 53.77 -44.37
CA PRO W 68 -23.78 54.43 -45.16
C PRO W 68 -24.27 55.73 -44.54
N TYR W 69 -23.50 56.30 -43.62
CA TYR W 69 -23.91 57.52 -42.93
C TYR W 69 -24.19 58.64 -43.93
N LYS W 70 -25.34 59.30 -43.73
CA LYS W 70 -25.77 60.42 -44.57
C LYS W 70 -25.81 60.04 -46.05
N ARG W 71 -26.29 58.82 -46.32
CA ARG W 71 -26.36 58.31 -47.68
C ARG W 71 -27.61 57.45 -47.84
N GLY W 72 -28.09 57.36 -49.07
CA GLY W 72 -29.22 56.48 -49.35
C GLY W 72 -28.81 55.02 -49.21
N VAL W 73 -29.72 54.24 -48.65
CA VAL W 73 -29.41 52.86 -48.28
C VAL W 73 -30.29 51.91 -49.06
N LYS W 74 -29.77 50.70 -49.28
CA LYS W 74 -30.49 49.63 -49.95
C LYS W 74 -30.26 48.34 -49.19
N LEU W 75 -31.21 47.41 -49.32
CA LEU W 75 -31.11 46.14 -48.62
C LEU W 75 -30.08 45.24 -49.27
N SER W 76 -29.21 44.66 -48.45
CA SER W 76 -28.19 43.71 -48.90
C SER W 76 -28.45 42.37 -48.25
N PHE W 77 -28.49 41.32 -49.07
CA PHE W 77 -28.78 39.97 -48.62
C PHE W 77 -27.52 39.12 -48.77
N GLY W 78 -27.19 38.39 -47.72
CA GLY W 78 -26.01 37.54 -47.70
C GLY W 78 -26.31 36.13 -48.15
N ASP W 79 -25.47 35.19 -47.71
CA ASP W 79 -25.67 33.79 -48.06
C ASP W 79 -26.97 33.26 -47.47
N GLY W 80 -27.28 33.64 -46.23
CA GLY W 80 -28.49 33.19 -45.58
C GLY W 80 -28.28 32.90 -44.11
N THR W 81 -27.02 32.67 -43.72
CA THR W 81 -26.72 32.40 -42.32
C THR W 81 -27.04 33.61 -41.44
N THR W 82 -26.71 34.81 -41.91
CA THR W 82 -26.93 36.04 -41.18
C THR W 82 -28.08 36.83 -41.78
N GLU W 83 -28.62 37.75 -40.99
CA GLU W 83 -29.75 38.55 -41.41
C GLU W 83 -29.31 39.59 -42.46
N LEU W 84 -30.31 40.25 -43.06
CA LEU W 84 -30.04 41.26 -44.07
C LEU W 84 -29.42 42.50 -43.45
N GLU W 85 -28.75 43.29 -44.28
CA GLU W 85 -28.10 44.52 -43.84
C GLU W 85 -28.49 45.65 -44.78
N VAL W 86 -27.92 46.84 -44.55
CA VAL W 86 -28.13 48.00 -45.40
C VAL W 86 -26.78 48.48 -45.91
N GLU W 87 -26.71 48.83 -47.19
CA GLU W 87 -25.48 49.30 -47.80
C GLU W 87 -25.76 50.54 -48.63
N ALA W 88 -24.73 51.36 -48.79
CA ALA W 88 -24.86 52.59 -49.57
C ALA W 88 -25.25 52.27 -51.01
N GLY W 89 -26.37 52.82 -51.45
CA GLY W 89 -26.85 52.54 -52.80
C GLY W 89 -28.03 53.42 -53.13
N GLY W 90 -28.50 53.28 -54.35
CA GLY W 90 -29.63 54.05 -54.84
C GLY W 90 -30.26 53.42 -56.06
N GLY W 91 -30.72 54.26 -56.97
CA GLY W 91 -31.35 53.77 -58.18
C GLY W 91 -32.69 53.12 -57.88
N ASP W 92 -32.91 51.94 -58.46
CA ASP W 92 -34.16 51.21 -58.27
C ASP W 92 -34.18 50.42 -56.98
N ASP W 93 -33.06 50.31 -56.27
CA ASP W 93 -32.97 49.55 -55.04
C ASP W 93 -33.05 50.41 -53.79
N LEU W 94 -33.29 51.71 -53.94
CA LEU W 94 -33.28 52.62 -52.79
C LEU W 94 -34.40 52.25 -51.82
N TYR W 95 -34.00 51.94 -50.58
CA TYR W 95 -34.95 51.59 -49.52
C TYR W 95 -35.20 52.73 -48.55
N GLY W 96 -34.22 53.59 -48.33
CA GLY W 96 -34.40 54.69 -47.40
C GLY W 96 -33.15 55.55 -47.34
N VAL W 97 -33.08 56.36 -46.29
CA VAL W 97 -31.97 57.29 -46.08
C VAL W 97 -31.45 57.09 -44.66
N CYS W 98 -30.14 56.87 -44.54
CA CYS W 98 -29.51 56.71 -43.23
C CYS W 98 -29.17 58.08 -42.65
N SER W 99 -29.57 58.31 -41.41
CA SER W 99 -29.35 59.58 -40.74
C SER W 99 -28.43 59.51 -39.54
N ASP W 100 -28.14 58.32 -39.02
CA ASP W 100 -27.30 58.18 -37.84
C ASP W 100 -26.70 56.79 -37.81
N ILE W 101 -25.55 56.68 -37.15
CA ILE W 101 -24.88 55.39 -36.95
C ILE W 101 -24.37 55.32 -35.52
N ASP W 102 -24.67 54.21 -34.85
CA ASP W 102 -24.02 53.87 -33.59
C ASP W 102 -22.87 52.94 -33.92
N GLU W 103 -21.65 53.41 -33.68
CA GLU W 103 -20.46 52.70 -34.14
C GLU W 103 -20.18 51.47 -33.27
N PHE W 104 -20.46 51.57 -31.96
CA PHE W 104 -20.15 50.46 -31.06
C PHE W 104 -20.92 49.20 -31.45
N SER W 105 -22.22 49.35 -31.74
CA SER W 105 -23.05 48.24 -32.15
C SER W 105 -23.12 48.05 -33.66
N GLY W 106 -22.53 48.96 -34.43
CA GLY W 106 -22.63 48.88 -35.88
C GLY W 106 -24.04 49.01 -36.39
N MET W 107 -24.83 49.91 -35.80
CA MET W 107 -26.24 50.03 -36.11
C MET W 107 -26.50 51.28 -36.95
N ALA W 108 -27.23 51.13 -38.04
CA ALA W 108 -27.58 52.25 -38.91
C ALA W 108 -29.05 52.58 -38.73
N THR W 109 -29.33 53.84 -38.38
CA THR W 109 -30.69 54.35 -38.30
C THR W 109 -31.20 54.70 -39.69
N VAL W 110 -32.39 54.22 -40.03
CA VAL W 110 -32.94 54.36 -41.36
C VAL W 110 -34.33 54.99 -41.27
N ILE W 111 -34.59 55.95 -42.14
CA ILE W 111 -35.90 56.54 -42.36
C ILE W 111 -36.42 56.03 -43.69
N PRO W 112 -37.53 55.30 -43.73
CA PRO W 112 -38.00 54.71 -44.99
C PRO W 112 -38.33 55.77 -46.03
N ILE W 113 -38.21 55.38 -47.30
CA ILE W 113 -38.48 56.28 -48.41
C ILE W 113 -39.93 56.73 -48.42
N THR W 114 -40.82 55.99 -47.75
CA THR W 114 -42.22 56.38 -47.63
C THR W 114 -42.43 57.49 -46.63
N ASN W 115 -41.40 57.87 -45.87
CA ASN W 115 -41.50 58.93 -44.87
C ASN W 115 -40.72 60.15 -45.34
N ASN W 116 -41.29 61.33 -45.09
CA ASN W 116 -40.64 62.57 -45.51
C ASN W 116 -39.37 62.82 -44.69
N PHE W 117 -38.33 63.28 -45.37
CA PHE W 117 -37.07 63.59 -44.72
C PHE W 117 -36.53 64.92 -45.24
N THR W 118 -35.97 65.71 -44.34
CA THR W 118 -35.36 67.00 -44.68
C THR W 118 -34.08 67.14 -43.86
N GLY W 119 -32.94 67.15 -44.54
CA GLY W 119 -31.69 67.22 -43.81
C GLY W 119 -30.50 67.31 -44.74
N TYR W 120 -29.32 67.24 -44.12
CA TYR W 120 -28.06 67.32 -44.84
C TYR W 120 -27.63 65.94 -45.29
N LEU W 121 -27.33 65.81 -46.58
CA LEU W 121 -26.94 64.53 -47.18
C LEU W 121 -25.71 64.74 -48.05
N THR W 122 -24.95 63.66 -48.24
CA THR W 122 -23.75 63.70 -49.04
C THR W 122 -24.08 63.96 -50.49
N LEU W 123 -23.28 64.80 -51.15
CA LEU W 123 -23.47 65.17 -52.54
C LEU W 123 -22.28 64.68 -53.36
N LYS W 124 -22.56 64.30 -54.61
CA LYS W 124 -21.51 63.81 -55.49
C LYS W 124 -20.49 64.91 -55.76
N LYS W 125 -19.21 64.52 -55.78
CA LYS W 125 -18.12 65.48 -56.04
C LYS W 125 -17.91 65.63 -57.54
N ASP W 126 -18.96 66.11 -58.21
CA ASP W 126 -18.91 66.37 -59.64
C ASP W 126 -20.05 67.32 -59.97
N GLY W 127 -19.72 68.53 -60.41
CA GLY W 127 -20.75 69.52 -60.65
C GLY W 127 -21.40 70.08 -59.40
N GLN W 128 -20.70 69.99 -58.25
CA GLN W 128 -21.27 70.51 -57.01
C GLN W 128 -21.49 72.02 -57.06
N ASN W 129 -20.67 72.74 -57.82
CA ASN W 129 -20.86 74.17 -57.98
C ASN W 129 -22.18 74.48 -58.68
N GLY W 130 -22.61 73.61 -59.60
CA GLY W 130 -23.87 73.79 -60.29
C GLY W 130 -25.09 73.51 -59.45
N VAL W 131 -24.93 72.92 -58.27
CA VAL W 131 -26.06 72.62 -57.40
C VAL W 131 -26.53 73.92 -56.74
N ASN W 132 -27.77 74.29 -57.02
CA ASN W 132 -28.39 75.50 -56.50
C ASN W 132 -29.73 75.15 -55.89
N PRO W 133 -30.23 75.98 -54.97
CA PRO W 133 -31.55 75.72 -54.38
C PRO W 133 -32.63 75.63 -55.45
N GLY W 134 -33.54 74.68 -55.29
CA GLY W 134 -34.58 74.43 -56.26
C GLY W 134 -34.22 73.45 -57.36
N ASP W 135 -33.10 72.75 -57.23
CA ASP W 135 -32.65 71.79 -58.24
C ASP W 135 -33.08 70.38 -57.85
N LYS W 136 -33.47 69.59 -58.86
CA LYS W 136 -33.88 68.22 -58.63
C LYS W 136 -32.65 67.33 -58.42
N LEU W 137 -32.74 66.43 -57.45
CA LEU W 137 -31.64 65.56 -57.08
C LEU W 137 -32.09 64.11 -57.11
N ASN W 138 -31.15 63.21 -57.42
CA ASN W 138 -31.40 61.79 -57.43
C ASN W 138 -30.21 61.06 -56.84
N PHE W 139 -30.46 59.91 -56.22
CA PHE W 139 -29.41 59.11 -55.61
C PHE W 139 -28.71 58.26 -56.66
N ASN W 140 -27.39 58.13 -56.52
CA ASN W 140 -26.59 57.35 -57.44
C ASN W 140 -26.31 55.95 -56.86
N GLN W 141 -25.44 55.19 -57.53
CA GLN W 141 -25.14 53.84 -57.08
C GLN W 141 -24.45 53.81 -55.73
N HIS W 142 -23.78 54.91 -55.35
CA HIS W 142 -23.07 54.98 -54.08
C HIS W 142 -23.87 55.68 -53.00
N GLY W 143 -25.15 55.93 -53.23
CA GLY W 143 -25.96 56.63 -52.24
C GLY W 143 -25.68 58.11 -52.14
N GLU W 144 -25.10 58.71 -53.17
CA GLU W 144 -24.79 60.13 -53.18
C GLU W 144 -25.79 60.87 -54.04
N LEU W 145 -26.16 62.07 -53.61
CA LEU W 145 -27.09 62.90 -54.36
C LEU W 145 -26.38 63.56 -55.54
N GLU W 146 -27.06 63.61 -56.68
CA GLU W 146 -26.53 64.24 -57.87
C GLU W 146 -27.65 64.94 -58.61
N LYS W 147 -27.29 65.99 -59.35
CA LYS W 147 -28.28 66.76 -60.10
C LYS W 147 -28.82 65.93 -61.26
N VAL W 148 -30.13 65.98 -61.45
CA VAL W 148 -30.78 65.22 -62.51
C VAL W 148 -30.49 65.86 -63.87
N LYS W 153 -35.34 61.23 -61.38
CA LYS W 153 -36.01 60.40 -62.39
C LYS W 153 -36.99 59.44 -61.73
N SER W 154 -36.62 58.91 -60.56
CA SER W 154 -37.46 58.00 -59.82
C SER W 154 -37.63 58.37 -58.35
N VAL W 155 -36.86 59.32 -57.84
CA VAL W 155 -36.95 59.73 -56.44
C VAL W 155 -37.11 61.24 -56.41
N ASN W 156 -38.06 61.73 -55.61
CA ASN W 156 -38.34 63.15 -55.49
C ASN W 156 -37.44 63.73 -54.41
N ALA W 157 -36.35 64.37 -54.84
CA ALA W 157 -35.43 65.06 -53.93
C ALA W 157 -35.11 66.42 -54.52
N ILE W 158 -35.26 67.46 -53.70
CA ILE W 158 -35.04 68.84 -54.12
C ILE W 158 -34.01 69.46 -53.18
N ALA W 159 -32.97 70.05 -53.76
CA ALA W 159 -31.95 70.72 -52.95
C ALA W 159 -32.47 72.04 -52.42
N LEU W 160 -32.28 72.27 -51.11
CA LEU W 160 -32.74 73.48 -50.46
C LEU W 160 -31.61 74.47 -50.20
N SER W 161 -30.38 74.16 -50.61
CA SER W 161 -29.25 75.04 -50.39
C SER W 161 -28.17 74.70 -51.41
N LYS W 162 -26.97 75.23 -51.21
CA LYS W 162 -25.82 74.96 -52.06
C LYS W 162 -24.86 74.01 -51.37
N ALA W 163 -23.93 73.47 -52.15
CA ALA W 163 -22.99 72.49 -51.63
C ALA W 163 -22.06 73.13 -50.61
N HIS W 164 -21.94 72.50 -49.44
CA HIS W 164 -21.01 72.92 -48.40
C HIS W 164 -19.86 71.92 -48.34
N LYS W 165 -18.64 72.41 -48.54
CA LYS W 165 -17.47 71.54 -48.59
C LYS W 165 -16.89 71.39 -47.19
N LEU W 166 -16.91 70.16 -46.67
CA LEU W 166 -16.34 69.89 -45.35
C LEU W 166 -14.93 69.30 -45.44
N THR W 167 -14.60 68.69 -46.56
CA THR W 167 -13.28 68.12 -46.80
C THR W 167 -13.03 68.21 -48.31
N GLU W 168 -11.78 68.01 -48.72
CA GLU W 168 -11.43 68.10 -50.13
C GLU W 168 -12.28 67.18 -50.99
N ASP W 169 -12.75 66.06 -50.42
CA ASP W 169 -13.61 65.13 -51.14
C ASP W 169 -15.00 65.00 -50.54
N LEU W 170 -15.30 65.70 -49.46
CA LEU W 170 -16.58 65.57 -48.76
C LEU W 170 -17.41 66.83 -48.96
N PHE W 171 -18.59 66.68 -49.57
CA PHE W 171 -19.52 67.77 -49.79
C PHE W 171 -20.89 67.36 -49.28
N ILE W 172 -21.54 68.24 -48.53
CA ILE W 172 -22.89 68.01 -48.04
C ILE W 172 -23.83 69.02 -48.70
N VAL W 173 -25.13 68.73 -48.62
CA VAL W 173 -26.14 69.62 -49.16
C VAL W 173 -27.44 69.38 -48.42
N LEU W 174 -28.20 70.45 -48.20
CA LEU W 174 -29.50 70.37 -47.56
C LEU W 174 -30.54 69.99 -48.60
N ALA W 175 -31.25 68.89 -48.39
CA ALA W 175 -32.23 68.41 -49.35
C ALA W 175 -33.42 67.81 -48.61
N SER W 176 -34.56 67.79 -49.32
CA SER W 176 -35.80 67.22 -48.84
C SER W 176 -36.20 66.08 -49.76
N VAL W 177 -36.44 64.90 -49.18
CA VAL W 177 -36.90 63.73 -49.92
C VAL W 177 -38.33 63.45 -49.49
N PHE W 178 -39.25 63.43 -50.45
CA PHE W 178 -40.67 63.24 -50.18
C PHE W 178 -41.25 62.14 -51.06
N GLY W 179 -40.54 61.02 -51.15
CA GLY W 179 -41.07 59.82 -51.78
C GLY W 179 -40.63 59.67 -53.22
N ASN W 180 -41.08 58.57 -53.81
CA ASN W 180 -40.78 58.27 -55.21
C ASN W 180 -41.73 59.01 -56.14
N ARG W 181 -41.31 59.15 -57.39
CA ARG W 181 -42.09 59.82 -58.41
C ARG W 181 -42.46 58.85 -59.52
N ALA W 182 -43.46 59.23 -60.29
CA ALA W 182 -43.92 58.41 -61.42
C ALA W 182 -42.97 58.52 -62.60
N THR X 4 -69.71 109.24 -52.87
CA THR X 4 -70.00 108.77 -51.51
C THR X 4 -70.75 107.44 -51.56
N THR X 5 -71.98 107.47 -52.07
CA THR X 5 -72.77 106.24 -52.18
C THR X 5 -72.11 105.26 -53.13
N GLN X 6 -71.59 105.74 -54.27
CA GLN X 6 -70.87 104.87 -55.19
C GLN X 6 -69.62 104.31 -54.53
N LEU X 7 -68.93 105.11 -53.73
CA LEU X 7 -67.76 104.62 -53.01
C LEU X 7 -68.14 103.50 -52.04
N VAL X 8 -69.27 103.66 -51.34
CA VAL X 8 -69.72 102.63 -50.41
C VAL X 8 -70.08 101.35 -51.17
N LYS X 9 -70.77 101.49 -52.31
CA LYS X 9 -71.10 100.32 -53.11
C LYS X 9 -69.85 99.60 -53.59
N GLU X 10 -68.85 100.36 -54.06
CA GLU X 10 -67.59 99.74 -54.49
C GLU X 10 -66.90 99.05 -53.33
N TYR X 11 -66.98 99.65 -52.14
CA TYR X 11 -66.42 99.01 -50.95
C TYR X 11 -67.10 97.67 -50.68
N GLN X 12 -68.43 97.64 -50.77
CA GLN X 12 -69.15 96.38 -50.56
C GLN X 12 -68.73 95.33 -51.58
N GLU X 13 -68.64 95.73 -52.85
CA GLU X 13 -68.27 94.77 -53.90
C GLU X 13 -66.86 94.22 -53.66
N LYS X 14 -65.91 95.10 -53.37
CA LYS X 14 -64.54 94.66 -53.15
C LYS X 14 -64.43 93.78 -51.91
N ARG X 15 -65.14 94.13 -50.84
CA ARG X 15 -65.11 93.32 -49.63
C ARG X 15 -65.69 91.94 -49.88
N SER X 16 -66.80 91.87 -50.62
CA SER X 16 -67.40 90.57 -50.93
C SER X 16 -66.46 89.74 -51.79
N LYS X 17 -65.84 90.34 -52.81
CA LYS X 17 -64.92 89.59 -53.65
C LYS X 17 -63.72 89.09 -52.85
N LEU X 18 -63.18 89.92 -51.96
CA LEU X 18 -62.04 89.52 -51.17
C LEU X 18 -62.40 88.41 -50.18
N GLU X 19 -63.52 88.55 -49.49
CA GLU X 19 -63.94 87.55 -48.51
C GLU X 19 -64.46 86.28 -49.15
N LYS X 20 -64.73 86.29 -50.46
CA LYS X 20 -65.04 85.04 -51.14
C LYS X 20 -63.86 84.08 -51.09
N PHE X 21 -62.64 84.61 -51.28
CA PHE X 21 -61.43 83.81 -51.15
C PHE X 21 -60.89 83.87 -49.72
N MET X 22 -61.69 83.33 -48.79
CA MET X 22 -61.31 83.30 -47.39
C MET X 22 -61.90 82.07 -46.74
N LYS X 23 -61.14 81.48 -45.81
CA LYS X 23 -61.59 80.26 -45.15
C LYS X 23 -62.78 80.53 -44.23
N ASN X 24 -62.65 81.50 -43.33
CA ASN X 24 -63.71 81.86 -42.39
C ASN X 24 -63.88 83.37 -42.37
N PRO X 25 -64.45 83.95 -43.43
CA PRO X 25 -64.66 85.40 -43.44
C PRO X 25 -65.61 85.83 -42.33
N GLN X 26 -65.33 86.99 -41.75
CA GLN X 26 -66.12 87.50 -40.63
C GLN X 26 -67.23 88.39 -41.19
N HIS X 27 -68.44 87.83 -41.26
CA HIS X 27 -69.63 88.54 -41.73
C HIS X 27 -70.64 88.60 -40.58
N ASP X 28 -70.89 89.81 -40.08
CA ASP X 28 -71.93 90.00 -39.08
C ASP X 28 -73.29 89.89 -39.74
N ALA X 29 -74.19 89.13 -39.13
CA ALA X 29 -75.51 88.88 -39.68
C ALA X 29 -76.58 89.46 -38.76
N SER X 30 -77.66 89.94 -39.36
CA SER X 30 -78.74 90.53 -38.57
C SER X 30 -79.52 89.47 -37.81
N LEU X 31 -79.58 88.24 -38.32
CA LEU X 31 -80.37 87.19 -37.73
C LEU X 31 -79.57 85.90 -37.65
N LEU X 32 -79.92 85.06 -36.67
CA LEU X 32 -79.32 83.74 -36.57
C LEU X 32 -79.88 82.81 -37.64
N SER X 33 -79.06 81.84 -38.03
CA SER X 33 -79.45 80.85 -39.02
C SER X 33 -79.94 79.58 -38.32
N ASN X 34 -80.81 78.85 -39.01
CA ASN X 34 -81.39 77.62 -38.48
C ASN X 34 -80.67 76.43 -39.09
N SER X 35 -79.97 75.66 -38.24
CA SER X 35 -79.27 74.46 -38.67
C SER X 35 -79.51 73.33 -37.66
N ASN X 36 -80.75 73.19 -37.21
CA ASN X 36 -81.06 72.17 -36.22
C ASN X 36 -80.90 70.77 -36.79
N GLU X 37 -81.24 70.58 -38.06
CA GLU X 37 -81.04 69.30 -38.72
C GLU X 37 -79.54 68.97 -38.74
N PHE X 38 -79.21 67.73 -38.36
CA PHE X 38 -77.82 67.32 -38.18
C PHE X 38 -77.21 66.73 -39.44
N ARG X 39 -77.86 66.88 -40.60
CA ARG X 39 -77.39 66.29 -41.84
C ARG X 39 -76.99 67.38 -42.82
N ASP X 40 -75.96 67.09 -43.61
CA ASP X 40 -75.45 67.99 -44.65
C ASP X 40 -74.99 69.32 -44.06
N LYS X 41 -74.35 69.26 -42.89
CA LYS X 41 -73.72 70.44 -42.30
C LYS X 41 -72.20 70.46 -42.47
N ASN X 42 -71.63 69.46 -43.14
CA ASN X 42 -70.18 69.35 -43.25
C ASN X 42 -69.62 69.94 -44.54
N VAL X 43 -70.45 70.17 -45.55
CA VAL X 43 -69.98 70.69 -46.83
C VAL X 43 -69.96 72.22 -46.75
N GLU X 44 -68.87 72.74 -46.19
CA GLU X 44 -68.66 74.18 -46.07
C GLU X 44 -67.19 74.49 -46.34
N PHE X 45 -66.94 75.74 -46.75
CA PHE X 45 -65.56 76.15 -47.03
C PHE X 45 -64.73 76.28 -45.78
N PHE X 46 -65.35 76.46 -44.61
CA PHE X 46 -64.63 76.60 -43.36
C PHE X 46 -64.37 75.28 -42.67
N ALA X 47 -64.78 74.16 -43.27
CA ALA X 47 -64.55 72.83 -42.70
C ALA X 47 -63.09 72.46 -42.93
N SER X 48 -62.23 72.85 -41.98
CA SER X 48 -60.81 72.58 -42.09
C SER X 48 -60.51 71.13 -41.73
N GLY X 49 -59.25 70.74 -41.95
CA GLY X 49 -58.86 69.38 -41.65
C GLY X 49 -59.39 68.40 -42.68
N GLY X 50 -59.51 67.15 -42.24
CA GLY X 50 -60.01 66.09 -43.09
C GLY X 50 -61.17 65.36 -42.44
N THR X 51 -61.91 64.64 -43.28
CA THR X 51 -63.05 63.88 -42.78
C THR X 51 -62.60 62.80 -41.80
N ARG X 52 -61.53 62.09 -42.13
CA ARG X 52 -60.95 61.08 -41.25
C ARG X 52 -59.47 61.39 -41.08
N THR X 53 -59.02 61.52 -39.83
CA THR X 53 -57.66 61.91 -39.52
C THR X 53 -57.07 60.93 -38.51
N SER X 54 -55.81 60.56 -38.72
CA SER X 54 -55.09 59.68 -37.82
C SER X 54 -54.23 60.50 -36.86
N LYS X 55 -53.97 59.92 -35.68
CA LYS X 55 -53.16 60.61 -34.68
C LYS X 55 -51.73 60.80 -35.16
N PHE X 56 -51.23 59.90 -36.00
CA PHE X 56 -49.83 59.89 -36.43
C PHE X 56 -49.66 60.49 -37.83
N ASP X 57 -50.43 61.54 -38.14
CA ASP X 57 -50.31 62.22 -39.42
C ASP X 57 -49.28 63.34 -39.34
N LYS X 58 -48.52 63.50 -40.42
CA LYS X 58 -47.45 64.50 -40.47
C LYS X 58 -48.00 65.81 -41.03
N LEU X 59 -47.82 66.90 -40.28
CA LEU X 59 -48.26 68.23 -40.67
C LEU X 59 -47.08 69.17 -40.61
N GLU X 60 -46.88 69.95 -41.68
CA GLU X 60 -45.78 70.91 -41.74
C GLU X 60 -46.33 72.30 -42.01
N ASN X 61 -45.91 73.29 -41.23
CA ASN X 61 -46.36 74.65 -41.41
C ASN X 61 -45.32 75.45 -42.19
N HIS X 62 -45.77 76.15 -43.22
CA HIS X 62 -44.89 76.93 -44.08
C HIS X 62 -45.53 78.27 -44.40
N PRO X 63 -44.72 79.31 -44.61
CA PRO X 63 -45.26 80.55 -45.17
C PRO X 63 -45.80 80.30 -46.57
N PHE X 64 -46.90 80.98 -46.91
CA PHE X 64 -47.56 80.77 -48.18
C PHE X 64 -47.71 82.10 -48.93
N LEU X 65 -47.75 82.00 -50.25
CA LEU X 65 -48.01 83.13 -51.13
C LEU X 65 -49.26 82.85 -51.95
N GLY X 66 -50.19 83.78 -51.94
CA GLY X 66 -51.49 83.57 -52.57
C GLY X 66 -52.49 82.98 -51.60
N TYR X 67 -53.43 82.17 -52.10
CA TYR X 67 -54.43 81.52 -51.28
C TYR X 67 -54.47 80.04 -51.63
N PRO X 68 -53.62 79.22 -51.01
CA PRO X 68 -53.58 77.78 -51.32
C PRO X 68 -54.51 76.90 -50.49
N TYR X 69 -55.49 77.48 -49.81
CA TYR X 69 -56.35 76.69 -48.93
C TYR X 69 -57.09 75.61 -49.71
N LYS X 70 -57.09 74.40 -49.15
CA LYS X 70 -57.77 73.24 -49.74
C LYS X 70 -57.30 73.00 -51.18
N ARG X 71 -56.00 73.14 -51.40
CA ARG X 71 -55.42 73.01 -52.73
C ARG X 71 -54.06 72.34 -52.64
N GLY X 72 -53.63 71.77 -53.75
CA GLY X 72 -52.29 71.21 -53.82
C GLY X 72 -51.24 72.32 -53.83
N VAL X 73 -50.17 72.11 -53.08
CA VAL X 73 -49.15 73.12 -52.89
C VAL X 73 -47.80 72.58 -53.32
N LYS X 74 -46.96 73.49 -53.81
CA LYS X 74 -45.62 73.21 -54.27
C LYS X 74 -44.65 74.15 -53.59
N ARG X 75 -43.37 73.76 -53.56
CA ARG X 75 -42.34 74.52 -52.89
C ARG X 75 -41.65 75.44 -53.89
N VAL X 76 -41.55 76.72 -53.56
CA VAL X 76 -40.91 77.72 -54.40
C VAL X 76 -39.81 78.37 -53.57
N ILE X 77 -38.59 78.34 -54.10
CA ILE X 77 -37.41 78.89 -53.42
C ILE X 77 -37.02 80.19 -54.12
N GLN X 78 -36.88 81.26 -53.33
CA GLN X 78 -36.50 82.56 -53.88
C GLN X 78 -35.08 82.53 -54.43
N HIS X 86 -33.37 88.11 -49.26
CA HIS X 86 -33.76 86.73 -49.52
C HIS X 86 -34.53 86.17 -48.33
N TYR X 87 -35.55 85.36 -48.62
CA TYR X 87 -36.39 84.77 -47.60
C TYR X 87 -36.45 83.26 -47.76
N GLU X 88 -37.06 82.60 -46.78
CA GLU X 88 -37.20 81.15 -46.80
C GLU X 88 -38.15 80.71 -47.90
N PRO X 89 -38.00 79.47 -48.39
CA PRO X 89 -38.91 78.97 -49.41
C PRO X 89 -40.34 78.89 -48.90
N HIS X 90 -41.29 79.06 -49.82
CA HIS X 90 -42.70 79.17 -49.47
C HIS X 90 -43.53 78.23 -50.32
N VAL X 91 -44.70 77.87 -49.79
CA VAL X 91 -45.65 77.01 -50.49
C VAL X 91 -46.58 77.87 -51.33
N GLU X 92 -46.85 77.41 -52.56
CA GLU X 92 -47.70 78.13 -53.49
C GLU X 92 -48.65 77.14 -54.16
N ALA X 93 -49.87 77.59 -54.42
CA ALA X 93 -50.87 76.74 -55.05
C ALA X 93 -50.39 76.29 -56.43
N GLY X 94 -50.20 74.99 -56.58
CA GLY X 94 -49.74 74.42 -57.84
C GLY X 94 -49.79 72.92 -57.81
N GLY X 95 -49.67 72.33 -58.98
CA GLY X 95 -49.72 70.88 -59.10
C GLY X 95 -48.75 70.32 -60.12
N GLY X 96 -49.23 69.40 -60.95
CA GLY X 96 -48.37 68.80 -61.96
C GLY X 96 -47.29 67.93 -61.32
N GLU X 97 -46.10 67.98 -61.91
CA GLU X 97 -44.97 67.21 -61.40
C GLU X 97 -44.24 67.91 -60.27
N ASP X 98 -44.63 69.13 -59.91
CA ASP X 98 -44.00 69.89 -58.84
C ASP X 98 -44.77 69.80 -57.54
N LEU X 99 -45.77 68.93 -57.46
CA LEU X 99 -46.61 68.84 -56.27
C LEU X 99 -45.81 68.36 -55.07
N TYR X 100 -45.77 69.19 -54.03
CA TYR X 100 -45.09 68.83 -52.79
C TYR X 100 -46.04 68.34 -51.71
N GLY X 101 -47.27 68.83 -51.69
CA GLY X 101 -48.22 68.38 -50.69
C GLY X 101 -49.57 68.99 -50.93
N ILE X 102 -50.42 68.97 -49.90
CA ILE X 102 -51.74 69.58 -49.98
C ILE X 102 -52.00 70.39 -48.71
N CYS X 103 -52.55 71.58 -48.89
CA CYS X 103 -52.83 72.47 -47.76
C CYS X 103 -54.19 72.12 -47.17
N ILE X 104 -54.23 71.97 -45.84
CA ILE X 104 -55.46 71.61 -45.14
C ILE X 104 -55.93 72.68 -44.18
N ASP X 105 -55.12 73.67 -43.86
CA ASP X 105 -55.52 74.73 -42.94
C ASP X 105 -54.63 75.94 -43.17
N ILE X 106 -55.14 77.10 -42.80
CA ILE X 106 -54.40 78.36 -42.94
C ILE X 106 -54.70 79.24 -41.73
N ASP X 107 -53.65 79.72 -41.07
CA ASP X 107 -53.76 80.78 -40.07
C ASP X 107 -53.44 82.09 -40.77
N GLU X 108 -54.46 82.93 -40.93
CA GLU X 108 -54.33 84.17 -41.70
C GLU X 108 -53.56 85.24 -40.94
N PHE X 109 -53.66 85.26 -39.61
CA PHE X 109 -52.93 86.25 -38.82
C PHE X 109 -51.43 86.10 -39.02
N SER X 110 -50.92 84.87 -38.91
CA SER X 110 -49.51 84.59 -39.15
C SER X 110 -49.20 84.30 -40.61
N LYS X 111 -50.22 84.20 -41.46
CA LYS X 111 -50.06 83.82 -42.86
C LYS X 111 -49.25 82.53 -42.98
N THR X 112 -49.67 81.51 -42.25
CA THR X 112 -49.00 80.23 -42.22
C THR X 112 -49.95 79.13 -42.65
N ALA X 113 -49.55 78.33 -43.63
CA ALA X 113 -50.35 77.23 -44.13
C ALA X 113 -49.85 75.91 -43.60
N THR X 114 -50.78 75.00 -43.27
CA THR X 114 -50.46 73.66 -42.82
C THR X 114 -50.62 72.70 -43.99
N ILE X 115 -49.59 71.89 -44.24
CA ILE X 115 -49.51 71.03 -45.40
C ILE X 115 -49.33 69.59 -44.95
N VAL X 116 -50.09 68.69 -45.56
CA VAL X 116 -49.85 67.26 -45.47
C VAL X 116 -48.98 66.88 -46.66
N PRO X 117 -47.80 66.30 -46.44
CA PRO X 117 -46.94 65.89 -47.56
C PRO X 117 -47.56 64.77 -48.36
N ILE X 118 -47.13 64.67 -49.63
CA ILE X 118 -47.64 63.64 -50.51
C ILE X 118 -47.27 62.24 -50.01
N THR X 119 -46.26 62.14 -49.14
CA THR X 119 -45.91 60.85 -48.56
C THR X 119 -47.01 60.29 -47.67
N ASN X 120 -47.89 61.14 -47.16
CA ASN X 120 -48.99 60.72 -46.30
C ASN X 120 -50.30 60.71 -47.08
N ASN X 121 -51.22 59.86 -46.63
CA ASN X 121 -52.51 59.71 -47.27
C ASN X 121 -53.53 60.61 -46.58
N PHE X 122 -54.42 61.20 -47.39
CA PHE X 122 -55.41 62.15 -46.90
C PHE X 122 -56.78 61.80 -47.47
N GLU X 123 -57.82 62.07 -46.69
CA GLU X 123 -59.21 61.88 -47.11
C GLU X 123 -59.99 63.11 -46.68
N GLY X 124 -60.44 63.90 -47.65
CA GLY X 124 -61.15 65.12 -47.29
C GLY X 124 -61.62 65.87 -48.52
N TYR X 125 -62.18 67.04 -48.27
CA TYR X 125 -62.74 67.88 -49.33
C TYR X 125 -61.68 68.81 -49.87
N LEU X 126 -61.59 68.88 -51.20
CA LEU X 126 -60.62 69.72 -51.89
C LEU X 126 -61.31 70.50 -53.00
N VAL X 127 -60.66 71.60 -53.40
CA VAL X 127 -61.22 72.45 -54.44
C VAL X 127 -61.13 71.73 -55.78
N ALA X 128 -62.25 71.70 -56.51
CA ALA X 128 -62.32 71.07 -57.82
C ALA X 128 -62.35 72.13 -58.91
N LYS X 129 -61.86 71.75 -60.10
CA LYS X 129 -61.82 72.68 -61.22
C LYS X 129 -63.22 73.13 -61.64
N ASP X 130 -64.16 72.18 -61.72
CA ASP X 130 -65.52 72.48 -62.13
C ASP X 130 -66.43 71.37 -61.64
N SER X 131 -67.72 71.50 -61.95
CA SER X 131 -68.72 70.52 -61.53
C SER X 131 -68.91 69.43 -62.59
N THR X 132 -67.79 68.81 -62.99
CA THR X 132 -67.81 67.71 -63.96
C THR X 132 -67.13 66.47 -63.40
N VAL X 133 -67.13 66.33 -62.08
CA VAL X 133 -66.47 65.22 -61.40
C VAL X 133 -67.53 64.33 -60.77
N LYS X 134 -67.43 63.03 -61.04
CA LYS X 134 -68.34 62.04 -60.51
C LYS X 134 -67.59 61.06 -59.62
N VAL X 135 -68.36 60.24 -58.89
CA VAL X 135 -67.76 59.24 -58.02
C VAL X 135 -66.98 58.22 -58.87
N LYS X 136 -65.92 57.68 -58.29
CA LYS X 136 -65.07 56.67 -58.93
C LYS X 136 -64.41 57.22 -60.19
N ASP X 137 -63.76 58.38 -60.03
CA ASP X 137 -63.07 59.04 -61.12
C ASP X 137 -61.64 59.35 -60.71
N LYS X 138 -60.73 59.28 -61.68
CA LYS X 138 -59.33 59.61 -61.46
C LYS X 138 -59.12 61.11 -61.63
N LEU X 139 -58.45 61.73 -60.68
CA LEU X 139 -58.30 63.18 -60.66
C LEU X 139 -56.83 63.56 -60.69
N ILE X 140 -56.56 64.74 -61.25
CA ILE X 140 -55.22 65.29 -61.40
C ILE X 140 -55.21 66.71 -60.86
N PHE X 141 -54.12 67.09 -60.22
CA PHE X 141 -53.95 68.46 -59.72
C PHE X 141 -53.39 69.33 -60.84
N ASN X 142 -54.12 70.40 -61.18
CA ASN X 142 -53.73 71.26 -62.29
C ASN X 142 -52.69 72.29 -61.81
N LYS X 143 -52.40 73.27 -62.67
CA LYS X 143 -51.42 74.30 -62.33
C LYS X 143 -51.88 75.19 -61.18
N ASP X 144 -53.19 75.31 -60.98
CA ASP X 144 -53.73 76.14 -59.91
C ASP X 144 -53.99 75.37 -58.63
N GLY X 145 -53.60 74.10 -58.57
CA GLY X 145 -53.86 73.29 -57.40
C GLY X 145 -55.27 72.79 -57.27
N ALA X 146 -56.03 72.79 -58.36
CA ALA X 146 -57.41 72.32 -58.36
C ALA X 146 -57.49 70.92 -58.97
N LEU X 147 -58.46 70.14 -58.51
CA LEU X 147 -58.64 68.77 -58.96
C LEU X 147 -59.51 68.75 -60.21
N GLU X 148 -59.01 68.10 -61.26
CA GLU X 148 -59.72 67.99 -62.52
C GLU X 148 -59.79 66.54 -62.95
N LYS X 149 -60.82 66.21 -63.73
CA LYS X 149 -60.99 64.85 -64.21
C LYS X 149 -59.88 64.49 -65.20
N VAL X 150 -59.41 63.25 -65.12
CA VAL X 150 -58.36 62.77 -66.00
C VAL X 150 -58.86 62.72 -67.45
N LYS X 156 -51.64 61.10 -67.63
CA LYS X 156 -50.54 61.82 -66.99
C LYS X 156 -50.83 62.02 -65.50
N ALA X 157 -51.35 60.99 -64.86
CA ALA X 157 -51.68 61.04 -63.43
C ALA X 157 -50.47 60.56 -62.64
N THR X 158 -49.61 61.51 -62.25
CA THR X 158 -48.45 61.17 -61.45
C THR X 158 -48.85 60.69 -60.05
N ILE X 159 -49.95 61.21 -59.52
CA ILE X 159 -50.47 60.79 -58.23
C ILE X 159 -51.79 60.06 -58.44
N ASN X 160 -52.16 59.24 -57.45
CA ASN X 160 -53.38 58.44 -57.51
C ASN X 160 -54.41 59.04 -56.56
N ALA X 161 -55.43 59.69 -57.13
CA ALA X 161 -56.51 60.29 -56.37
C ALA X 161 -57.83 59.87 -56.98
N THR X 162 -58.78 59.49 -56.12
CA THR X 162 -60.09 59.03 -56.54
C THR X 162 -61.16 59.87 -55.86
N ALA X 163 -62.16 60.29 -56.64
CA ALA X 163 -63.25 61.09 -56.10
C ALA X 163 -64.26 60.20 -55.40
N LEU X 164 -64.50 60.47 -54.11
CA LEU X 164 -65.44 59.68 -53.33
C LEU X 164 -66.88 60.16 -53.46
N THR X 165 -67.09 61.43 -53.78
CA THR X 165 -68.43 61.99 -53.95
C THR X 165 -68.44 62.85 -55.20
N ASP X 166 -69.59 63.46 -55.47
CA ASP X 166 -69.74 64.38 -56.59
C ASP X 166 -69.36 65.79 -56.16
N ALA X 167 -69.04 66.62 -57.15
CA ALA X 167 -68.69 68.01 -56.87
C ALA X 167 -69.91 68.76 -56.35
N LYS X 168 -69.73 69.45 -55.22
CA LYS X 168 -70.79 70.21 -54.58
C LYS X 168 -70.45 71.69 -54.65
N GLN X 169 -71.42 72.50 -55.06
CA GLN X 169 -71.21 73.90 -55.34
C GLN X 169 -71.61 74.75 -54.13
N ILE X 170 -70.70 75.61 -53.68
CA ILE X 170 -71.01 76.55 -52.62
C ILE X 170 -70.98 78.00 -53.11
N SER X 171 -70.22 78.31 -54.14
CA SER X 171 -70.21 79.63 -54.76
C SER X 171 -70.10 79.46 -56.26
N ASN X 172 -70.00 80.58 -56.98
CA ASN X 172 -69.88 80.51 -58.43
C ASN X 172 -68.66 79.72 -58.87
N GLU X 173 -67.57 79.78 -58.09
CA GLU X 173 -66.37 79.01 -58.39
C GLU X 173 -65.97 78.03 -57.29
N VAL X 174 -66.67 78.01 -56.16
CA VAL X 174 -66.29 77.14 -55.05
C VAL X 174 -66.94 75.77 -55.27
N TYR X 175 -66.11 74.78 -55.64
CA TYR X 175 -66.54 73.41 -55.84
C TYR X 175 -65.74 72.50 -54.92
N LEU X 176 -66.44 71.81 -54.02
CA LEU X 176 -65.80 70.90 -53.08
C LEU X 176 -66.13 69.45 -53.44
N VAL X 177 -65.11 68.60 -53.42
CA VAL X 177 -65.27 67.18 -53.71
C VAL X 177 -64.49 66.37 -52.69
N LYS X 178 -65.12 65.31 -52.17
CA LYS X 178 -64.47 64.44 -51.21
C LYS X 178 -63.54 63.47 -51.96
N VAL X 179 -62.24 63.58 -51.71
CA VAL X 179 -61.23 62.83 -52.43
C VAL X 179 -60.28 62.21 -51.41
N ALA X 180 -59.82 61.00 -51.72
CA ALA X 180 -58.77 60.32 -50.96
C ALA X 180 -57.54 60.21 -51.84
N VAL X 181 -56.44 60.81 -51.38
CA VAL X 181 -55.16 60.76 -52.06
C VAL X 181 -54.24 59.87 -51.25
N PHE X 182 -53.64 58.87 -51.91
CA PHE X 182 -52.86 57.83 -51.25
C PHE X 182 -51.55 57.59 -51.98
N GLY X 183 -50.84 58.66 -52.32
CA GLY X 183 -49.49 58.54 -52.83
C GLY X 183 -49.32 58.90 -54.28
N ASN X 184 -48.34 58.29 -54.94
CA ASN X 184 -48.03 58.53 -56.34
C ASN X 184 -48.10 57.23 -57.12
N LYS X 185 -48.34 57.35 -58.42
CA LYS X 185 -48.36 56.20 -59.32
C LYS X 185 -46.94 55.93 -59.82
N ALA X 186 -46.82 55.04 -60.80
CA ALA X 186 -45.51 54.71 -61.36
C ALA X 186 -45.59 54.64 -62.88
N ALA Y 187 -34.63 45.53 -0.56
CA ALA Y 187 -34.99 46.13 -1.83
C ALA Y 187 -35.22 45.04 -2.89
N SER Y 188 -36.15 44.14 -2.60
CA SER Y 188 -36.48 43.05 -3.51
C SER Y 188 -37.99 42.87 -3.57
N LEU Y 189 -38.47 42.33 -4.68
CA LEU Y 189 -39.89 42.05 -4.82
C LEU Y 189 -40.37 40.94 -3.87
N LEU Y 190 -39.46 40.06 -3.44
CA LEU Y 190 -39.83 39.04 -2.47
C LEU Y 190 -40.23 39.64 -1.13
N ASP Y 191 -39.75 40.84 -0.82
CA ASP Y 191 -40.10 41.50 0.43
C ASP Y 191 -41.49 42.12 0.30
N SER Y 192 -42.43 41.67 1.15
CA SER Y 192 -43.78 42.22 1.11
C SER Y 192 -43.79 43.68 1.55
N ASN Y 193 -42.95 44.03 2.53
CA ASN Y 193 -42.90 45.40 3.03
C ASN Y 193 -42.31 46.39 2.02
N PHE Y 194 -41.69 45.90 0.95
CA PHE Y 194 -41.09 46.78 -0.04
C PHE Y 194 -42.15 47.59 -0.77
N VAL Y 195 -41.92 48.89 -0.87
CA VAL Y 195 -42.82 49.80 -1.59
C VAL Y 195 -41.99 50.61 -2.58
N PRO Y 196 -42.07 50.32 -3.88
CA PRO Y 196 -41.26 51.06 -4.85
C PRO Y 196 -41.73 52.49 -5.00
N ILE Y 197 -40.82 53.43 -4.77
CA ILE Y 197 -41.14 54.85 -4.98
C ILE Y 197 -41.23 55.16 -6.46
N ASN Y 198 -40.39 54.54 -7.28
CA ASN Y 198 -40.34 54.86 -8.70
C ASN Y 198 -39.93 53.63 -9.50
N PHE Y 199 -40.01 53.77 -10.82
CA PHE Y 199 -39.75 52.65 -11.72
C PHE Y 199 -38.30 52.19 -11.65
N THR Y 200 -37.36 53.12 -11.42
CA THR Y 200 -35.97 52.73 -11.25
C THR Y 200 -35.79 51.82 -10.04
N GLU Y 201 -36.40 52.19 -8.91
CA GLU Y 201 -36.36 51.33 -7.73
C GLU Y 201 -37.05 50.00 -8.00
N PHE Y 202 -38.15 50.02 -8.77
CA PHE Y 202 -38.83 48.78 -9.12
C PHE Y 202 -37.92 47.86 -9.92
N VAL Y 203 -37.18 48.41 -10.89
CA VAL Y 203 -36.28 47.61 -11.70
C VAL Y 203 -35.12 47.08 -10.85
N GLN Y 204 -34.59 47.90 -9.95
CA GLN Y 204 -33.55 47.42 -9.05
C GLN Y 204 -34.06 46.29 -8.17
N ALA Y 205 -35.31 46.40 -7.70
CA ALA Y 205 -35.92 45.33 -6.92
C ALA Y 205 -36.07 44.06 -7.74
N ILE Y 206 -36.42 44.20 -9.03
CA ILE Y 206 -36.50 43.04 -9.90
C ILE Y 206 -35.14 42.35 -10.02
N SER Y 207 -34.08 43.14 -10.21
CA SER Y 207 -32.74 42.57 -10.33
C SER Y 207 -32.33 41.88 -9.03
N ASN Y 208 -32.59 42.51 -7.89
CA ASN Y 208 -32.26 41.89 -6.61
C ASN Y 208 -33.06 40.61 -6.40
N THR Y 209 -34.33 40.60 -6.80
CA THR Y 209 -35.14 39.40 -6.69
C THR Y 209 -34.58 38.26 -7.55
N TYR Y 210 -34.15 38.59 -8.77
CA TYR Y 210 -33.53 37.57 -9.62
C TYR Y 210 -32.27 37.02 -8.98
N LYS Y 211 -31.44 37.89 -8.41
CA LYS Y 211 -30.21 37.43 -7.77
C LYS Y 211 -30.53 36.53 -6.56
N GLN Y 212 -31.51 36.92 -5.75
CA GLN Y 212 -31.89 36.09 -4.61
C GLN Y 212 -32.47 34.76 -5.07
N ARG Y 213 -33.23 34.76 -6.16
CA ARG Y 213 -33.79 33.53 -6.68
C ARG Y 213 -32.69 32.58 -7.15
N ARG Y 214 -31.67 33.10 -7.85
CA ARG Y 214 -30.59 32.22 -8.28
C ARG Y 214 -29.77 31.73 -7.09
N ILE Y 215 -29.57 32.57 -6.08
CA ILE Y 215 -28.86 32.12 -4.87
C ILE Y 215 -29.65 31.00 -4.19
N GLN Y 216 -30.96 31.16 -4.08
CA GLN Y 216 -31.79 30.13 -3.45
C GLN Y 216 -31.77 28.85 -4.28
N PHE Y 217 -31.80 28.97 -5.60
CA PHE Y 217 -31.73 27.79 -6.45
C PHE Y 217 -30.42 27.03 -6.25
N TYR Y 218 -29.31 27.76 -6.18
CA TYR Y 218 -28.03 27.10 -5.93
C TYR Y 218 -27.97 26.50 -4.52
N GLU Y 219 -28.60 27.15 -3.54
CA GLU Y 219 -28.65 26.57 -2.20
C GLU Y 219 -29.44 25.27 -2.18
N ASN Y 220 -30.58 25.23 -2.88
CA ASN Y 220 -31.44 24.06 -2.86
C ASN Y 220 -31.00 22.97 -3.84
N LEU Y 221 -30.10 23.29 -4.77
CA LEU Y 221 -29.69 22.33 -5.78
C LEU Y 221 -28.87 21.20 -5.16
N LYS Y 222 -29.15 19.97 -5.60
CA LYS Y 222 -28.39 18.79 -5.17
C LYS Y 222 -28.18 17.92 -6.41
N ARG Y 223 -26.98 17.98 -6.97
CA ARG Y 223 -26.68 17.22 -8.18
C ARG Y 223 -26.55 15.72 -7.86
N HIS Y 224 -26.98 14.90 -8.80
CA HIS Y 224 -26.97 13.45 -8.65
C HIS Y 224 -25.60 12.92 -9.05
N LYS Y 225 -24.84 12.46 -8.07
CA LYS Y 225 -23.54 11.87 -8.35
C LYS Y 225 -23.69 10.47 -8.95
N ARG Y 226 -22.70 10.07 -9.73
CA ARG Y 226 -22.71 8.78 -10.44
C ARG Y 226 -23.95 8.64 -11.32
N ALA Z 187 -43.80 84.65 -5.67
CA ALA Z 187 -44.01 83.65 -6.71
C ALA Z 187 -42.86 83.67 -7.71
N SER Z 188 -41.66 83.36 -7.24
CA SER Z 188 -40.47 83.36 -8.09
C SER Z 188 -39.63 82.13 -7.77
N LEU Z 189 -38.88 81.67 -8.76
CA LEU Z 189 -38.00 80.51 -8.57
C LEU Z 189 -36.86 80.79 -7.61
N LEU Z 190 -36.52 82.07 -7.39
CA LEU Z 190 -35.45 82.39 -6.46
C LEU Z 190 -35.81 82.01 -5.04
N ASP Z 191 -37.09 82.03 -4.69
CA ASP Z 191 -37.55 81.66 -3.35
C ASP Z 191 -37.55 80.14 -3.23
N SER Z 192 -36.74 79.61 -2.31
CA SER Z 192 -36.70 78.17 -2.10
C SER Z 192 -37.97 77.67 -1.43
N ASN Z 193 -38.63 78.53 -0.64
CA ASN Z 193 -39.87 78.12 0.01
C ASN Z 193 -41.00 77.91 -0.99
N PHE Z 194 -40.94 78.58 -2.13
CA PHE Z 194 -41.99 78.45 -3.13
C PHE Z 194 -42.01 77.03 -3.70
N VAL Z 195 -43.20 76.44 -3.72
CA VAL Z 195 -43.40 75.10 -4.29
C VAL Z 195 -44.56 75.15 -5.27
N PRO Z 196 -44.29 75.16 -6.57
CA PRO Z 196 -45.38 75.23 -7.55
C PRO Z 196 -46.24 73.97 -7.50
N ILE Z 197 -47.53 74.16 -7.82
CA ILE Z 197 -48.47 73.05 -7.85
C ILE Z 197 -48.74 72.57 -9.27
N ASN Z 198 -48.55 73.42 -10.28
CA ASN Z 198 -48.84 73.04 -11.65
C ASN Z 198 -47.93 73.82 -12.60
N PHE Z 199 -47.96 73.39 -13.87
CA PHE Z 199 -47.08 73.96 -14.88
C PHE Z 199 -47.40 75.44 -15.12
N THR Z 200 -48.66 75.84 -14.96
CA THR Z 200 -49.02 77.24 -15.10
C THR Z 200 -48.33 78.09 -14.03
N GLU Z 201 -48.39 77.64 -12.78
CA GLU Z 201 -47.68 78.34 -11.71
C GLU Z 201 -46.18 78.34 -11.94
N PHE Z 202 -45.65 77.22 -12.47
CA PHE Z 202 -44.22 77.16 -12.78
C PHE Z 202 -43.83 78.20 -13.81
N VAL Z 203 -44.63 78.34 -14.87
CA VAL Z 203 -44.34 79.32 -15.92
C VAL Z 203 -44.45 80.74 -15.37
N GLN Z 204 -45.47 80.99 -14.55
CA GLN Z 204 -45.60 82.32 -13.93
C GLN Z 204 -44.40 82.63 -13.05
N ALA Z 205 -43.92 81.64 -12.29
CA ALA Z 205 -42.74 81.85 -11.46
C ALA Z 205 -41.51 82.12 -12.32
N ILE Z 206 -41.39 81.44 -13.46
CA ILE Z 206 -40.27 81.68 -14.37
C ILE Z 206 -40.30 83.12 -14.88
N SER Z 207 -41.49 83.59 -15.29
CA SER Z 207 -41.62 84.95 -15.78
C SER Z 207 -41.30 85.97 -14.68
N ASN Z 208 -41.78 85.72 -13.46
CA ASN Z 208 -41.47 86.61 -12.35
C ASN Z 208 -39.99 86.64 -12.05
N THR Z 209 -39.33 85.48 -12.12
CA THR Z 209 -37.89 85.42 -11.90
C THR Z 209 -37.14 86.21 -12.97
N TYR Z 210 -37.56 86.10 -14.22
CA TYR Z 210 -36.94 86.89 -15.28
C TYR Z 210 -37.10 88.38 -15.03
N LYS Z 211 -38.31 88.79 -14.62
CA LYS Z 211 -38.55 90.20 -14.33
C LYS Z 211 -37.68 90.69 -13.17
N GLN Z 212 -37.57 89.88 -12.11
CA GLN Z 212 -36.74 90.26 -10.97
C GLN Z 212 -35.27 90.34 -11.36
N ARG Z 213 -34.80 89.43 -12.21
CA ARG Z 213 -33.42 89.50 -12.66
C ARG Z 213 -33.17 90.76 -13.49
N ARG Z 214 -34.13 91.13 -14.35
CA ARG Z 214 -34.00 92.38 -15.09
C ARG Z 214 -33.94 93.58 -14.15
N ILE Z 215 -34.81 93.60 -13.14
CA ILE Z 215 -34.81 94.70 -12.17
C ILE Z 215 -33.48 94.76 -11.43
N GLN Z 216 -32.95 93.60 -11.03
CA GLN Z 216 -31.67 93.57 -10.33
C GLN Z 216 -30.53 94.05 -11.22
N PHE Z 217 -30.56 93.67 -12.50
CA PHE Z 217 -29.52 94.13 -13.42
C PHE Z 217 -29.57 95.64 -13.56
N TYR Z 218 -30.77 96.21 -13.69
CA TYR Z 218 -30.88 97.66 -13.78
C TYR Z 218 -30.49 98.35 -12.47
N GLU Z 219 -30.71 97.68 -11.33
CA GLU Z 219 -30.26 98.23 -10.06
C GLU Z 219 -28.74 98.26 -9.98
N ASN Z 220 -28.08 97.21 -10.48
CA ASN Z 220 -26.63 97.08 -10.38
C ASN Z 220 -25.92 97.48 -11.66
N LEU Z 221 -26.58 98.21 -12.56
CA LEU Z 221 -25.98 98.66 -13.81
C LEU Z 221 -25.46 100.08 -13.65
N LYS Z 222 -24.20 100.29 -14.05
CA LYS Z 222 -23.58 101.61 -14.02
C LYS Z 222 -22.88 101.83 -15.36
N ARG Z 223 -23.21 102.95 -16.01
CA ARG Z 223 -22.61 103.26 -17.31
C ARG Z 223 -21.34 104.09 -17.14
N ALA AA 187 -73.82 55.97 -6.81
CA ALA AA 187 -72.94 55.71 -7.93
C ALA AA 187 -73.40 56.45 -9.17
N SER AA 188 -73.79 57.71 -9.00
CA SER AA 188 -74.27 58.54 -10.09
C SER AA 188 -73.63 59.92 -10.00
N LEU AA 189 -73.51 60.59 -11.15
CA LEU AA 189 -72.96 61.94 -11.17
C LEU AA 189 -73.86 62.94 -10.48
N LEU AA 190 -75.16 62.65 -10.36
CA LEU AA 190 -76.07 63.57 -9.67
C LEU AA 190 -75.70 63.70 -8.20
N ASP AA 191 -75.28 62.60 -7.57
CA ASP AA 191 -74.90 62.63 -6.16
C ASP AA 191 -73.63 63.46 -5.98
N SER AA 192 -73.69 64.45 -5.10
CA SER AA 192 -72.52 65.30 -4.86
C SER AA 192 -71.47 64.58 -4.03
N ASN AA 193 -71.91 63.77 -3.06
CA ASN AA 193 -70.97 63.05 -2.21
C ASN AA 193 -70.16 62.00 -2.97
N PHE AA 194 -70.63 61.58 -4.14
CA PHE AA 194 -69.93 60.56 -4.91
C PHE AA 194 -68.62 61.13 -5.46
N VAL AA 195 -67.53 60.40 -5.25
CA VAL AA 195 -66.22 60.80 -5.77
C VAL AA 195 -65.65 59.64 -6.59
N PRO AA 196 -65.59 59.76 -7.92
CA PRO AA 196 -65.09 58.66 -8.75
C PRO AA 196 -63.60 58.45 -8.51
N ILE AA 197 -63.23 57.23 -8.11
CA ILE AA 197 -61.83 56.90 -7.90
C ILE AA 197 -61.08 56.81 -9.23
N ASN AA 198 -61.69 56.19 -10.23
CA ASN AA 198 -61.01 55.95 -11.51
C ASN AA 198 -61.99 56.17 -12.65
N PHE AA 199 -61.44 56.10 -13.87
CA PHE AA 199 -62.25 56.34 -15.07
C PHE AA 199 -63.32 55.28 -15.26
N THR AA 200 -63.07 54.05 -14.83
CA THR AA 200 -64.09 53.01 -14.91
C THR AA 200 -65.29 53.37 -14.04
N GLU AA 201 -65.03 53.79 -12.81
CA GLU AA 201 -66.11 54.25 -11.94
C GLU AA 201 -66.81 55.47 -12.52
N PHE AA 202 -66.04 56.36 -13.16
CA PHE AA 202 -66.64 57.53 -13.80
C PHE AA 202 -67.60 57.12 -14.90
N VAL AA 203 -67.22 56.15 -15.73
CA VAL AA 203 -68.07 55.69 -16.82
C VAL AA 203 -69.32 55.00 -16.26
N GLN AA 204 -69.15 54.17 -15.22
CA GLN AA 204 -70.30 53.55 -14.60
C GLN AA 204 -71.26 54.59 -14.03
N ALA AA 205 -70.71 55.64 -13.41
CA ALA AA 205 -71.55 56.71 -12.90
C ALA AA 205 -72.27 57.44 -14.02
N ILE AA 206 -71.61 57.64 -15.17
CA ILE AA 206 -72.26 58.26 -16.31
C ILE AA 206 -73.44 57.43 -16.77
N SER AA 207 -73.24 56.11 -16.87
CA SER AA 207 -74.33 55.22 -17.29
C SER AA 207 -75.49 55.25 -16.29
N ASN AA 208 -75.17 55.21 -15.00
CA ASN AA 208 -76.21 55.26 -13.97
C ASN AA 208 -76.96 56.58 -14.02
N THR AA 209 -76.24 57.68 -14.24
CA THR AA 209 -76.89 59.00 -14.34
C THR AA 209 -77.82 59.05 -15.55
N TYR AA 210 -77.39 58.48 -16.68
CA TYR AA 210 -78.26 58.45 -17.85
C TYR AA 210 -79.52 57.63 -17.58
N LYS AA 211 -79.37 56.48 -16.91
CA LYS AA 211 -80.52 55.66 -16.57
C LYS AA 211 -81.47 56.41 -15.63
N GLN AA 212 -80.92 57.10 -14.64
CA GLN AA 212 -81.75 57.87 -13.72
C GLN AA 212 -82.47 59.02 -14.43
N ARG AA 213 -81.79 59.66 -15.38
CA ARG AA 213 -82.44 60.72 -16.15
C ARG AA 213 -83.59 60.16 -16.98
N ARG AA 214 -83.40 59.00 -17.59
CA ARG AA 214 -84.50 58.37 -18.34
C ARG AA 214 -85.67 58.04 -17.41
N ILE AA 215 -85.36 57.49 -16.23
CA ILE AA 215 -86.42 57.15 -15.27
C ILE AA 215 -87.18 58.40 -14.84
N GLN AA 216 -86.44 59.48 -14.56
CA GLN AA 216 -87.09 60.73 -14.15
C GLN AA 216 -87.94 61.31 -15.27
N PHE AA 217 -87.47 61.22 -16.51
CA PHE AA 217 -88.26 61.70 -17.64
C PHE AA 217 -89.56 60.92 -17.77
N TYR AA 218 -89.49 59.60 -17.61
CA TYR AA 218 -90.71 58.80 -17.68
C TYR AA 218 -91.63 59.08 -16.50
N GLU AA 219 -91.07 59.39 -15.32
CA GLU AA 219 -91.91 59.75 -14.19
C GLU AA 219 -92.61 61.08 -14.40
N ASN AA 220 -91.92 62.04 -15.01
CA ASN AA 220 -92.46 63.38 -15.20
C ASN AA 220 -93.16 63.56 -16.55
N LEU AA 221 -93.27 62.49 -17.34
CA LEU AA 221 -93.92 62.57 -18.64
C LEU AA 221 -95.42 62.35 -18.48
N LYS AA 222 -96.20 63.25 -19.07
CA LYS AA 222 -97.67 63.15 -19.06
C LYS AA 222 -98.16 63.34 -20.49
N ARG AA 223 -98.58 62.25 -21.12
CA ARG AA 223 -99.06 62.29 -22.50
C ARG AA 223 -100.46 62.90 -22.57
N LEU BA 3 -9.32 -44.50 49.03
CA LEU BA 3 -8.91 -45.34 47.90
C LEU BA 3 -7.59 -44.84 47.31
N PHE BA 4 -7.47 -43.51 47.18
CA PHE BA 4 -6.24 -42.92 46.64
C PHE BA 4 -5.05 -43.17 47.55
N ASP BA 5 -5.27 -43.18 48.88
CA ASP BA 5 -4.18 -43.46 49.80
C ASP BA 5 -3.66 -44.89 49.63
N GLU BA 6 -4.57 -45.85 49.45
CA GLU BA 6 -4.16 -47.23 49.30
C GLU BA 6 -3.53 -47.49 47.94
N ASN BA 7 -4.13 -46.96 46.88
CA ASN BA 7 -3.70 -47.19 45.51
C ASN BA 7 -3.18 -45.88 44.91
N TYR BA 8 -1.88 -45.83 44.62
CA TYR BA 8 -1.31 -44.65 43.97
C TYR BA 8 -1.69 -44.58 42.50
N TYR BA 9 -1.84 -45.74 41.84
CA TYR BA 9 -2.14 -45.75 40.42
C TYR BA 9 -3.47 -45.08 40.12
N ALA BA 10 -4.48 -45.29 40.98
CA ALA BA 10 -5.76 -44.61 40.81
C ALA BA 10 -5.59 -43.11 40.92
N LYS BA 11 -4.79 -42.65 41.88
CA LYS BA 11 -4.54 -41.22 42.03
C LYS BA 11 -3.82 -40.66 40.80
N ALA BA 12 -2.84 -41.39 40.29
CA ALA BA 12 -2.13 -40.94 39.08
C ALA BA 12 -3.08 -40.86 37.89
N VAL BA 13 -3.97 -41.85 37.75
CA VAL BA 13 -4.93 -41.83 36.66
C VAL BA 13 -5.87 -40.64 36.80
N ALA BA 14 -6.33 -40.36 38.03
CA ALA BA 14 -7.20 -39.21 38.24
C ALA BA 14 -6.48 -37.91 37.93
N ASN BA 15 -5.20 -37.80 38.27
CA ASN BA 15 -4.47 -36.57 38.02
C ASN BA 15 -4.11 -36.39 36.55
N ILE BA 16 -3.96 -37.49 35.81
CA ILE BA 16 -3.51 -37.42 34.42
C ILE BA 16 -4.64 -37.53 33.41
N ILE BA 17 -5.86 -37.88 33.85
CA ILE BA 17 -6.95 -38.09 32.90
C ILE BA 17 -7.37 -36.77 32.25
N GLY BA 18 -7.15 -35.64 32.93
CA GLY BA 18 -7.56 -34.36 32.38
C GLY BA 18 -6.71 -33.90 31.21
N GLU BA 19 -5.53 -34.49 31.02
CA GLU BA 19 -4.63 -34.11 29.95
C GLU BA 19 -4.84 -34.92 28.67
N VAL BA 20 -5.83 -35.81 28.64
CA VAL BA 20 -6.11 -36.62 27.46
C VAL BA 20 -7.11 -35.86 26.59
N LYS BA 21 -6.77 -35.72 25.30
CA LYS BA 21 -7.60 -34.95 24.39
C LYS BA 21 -8.89 -35.69 24.07
N ASP BA 22 -9.94 -34.92 23.79
CA ASP BA 22 -11.22 -35.49 23.42
C ASP BA 22 -11.14 -36.14 22.04
N PRO BA 23 -11.89 -37.21 21.80
CA PRO BA 23 -11.89 -37.84 20.48
C PRO BA 23 -12.44 -36.91 19.41
N ILE BA 24 -11.93 -37.08 18.19
CA ILE BA 24 -12.38 -36.26 17.07
C ILE BA 24 -13.68 -36.75 16.46
N MET BA 25 -14.16 -37.93 16.88
CA MET BA 25 -15.42 -38.45 16.36
C MET BA 25 -16.61 -37.61 16.80
N TYR BA 26 -16.45 -36.79 17.84
CA TYR BA 26 -17.55 -35.96 18.31
C TYR BA 26 -17.98 -34.93 17.27
N LYS BA 27 -17.03 -34.46 16.45
CA LYS BA 27 -17.36 -33.52 15.39
C LYS BA 27 -18.25 -34.11 14.32
N TRP BA 28 -18.36 -35.44 14.26
CA TRP BA 28 -19.12 -36.13 13.24
C TRP BA 28 -20.57 -36.38 13.63
N PHE BA 29 -20.98 -35.96 14.83
CA PHE BA 29 -22.33 -36.19 15.30
C PHE BA 29 -22.83 -34.96 16.04
N SER BA 30 -24.15 -34.84 16.13
CA SER BA 30 -24.80 -33.79 16.90
C SER BA 30 -24.94 -34.20 18.34
N PRO BA 31 -25.10 -33.24 19.26
CA PRO BA 31 -25.25 -33.61 20.68
C PRO BA 31 -26.42 -34.54 20.95
N ASP BA 32 -27.53 -34.36 20.23
CA ASP BA 32 -28.71 -35.22 20.42
C ASP BA 32 -28.53 -36.60 19.81
N GLN BA 33 -27.63 -36.76 18.83
CA GLN BA 33 -27.47 -38.04 18.17
C GLN BA 33 -26.78 -39.07 19.03
N ILE BA 34 -26.10 -38.65 20.09
CA ILE BA 34 -25.29 -39.54 20.93
C ILE BA 34 -26.03 -39.76 22.26
N GLU BA 35 -26.22 -41.03 22.61
CA GLU BA 35 -26.85 -41.41 23.87
C GLU BA 35 -26.07 -42.54 24.50
N ASP BA 36 -25.80 -42.44 25.80
CA ASP BA 36 -24.99 -43.44 26.49
C ASP BA 36 -25.87 -44.56 27.04
N VAL BA 37 -25.39 -45.80 26.89
CA VAL BA 37 -26.07 -46.97 27.40
C VAL BA 37 -25.20 -47.64 28.46
N ASP BA 38 -25.85 -48.33 29.39
CA ASP BA 38 -25.16 -48.97 30.51
C ASP BA 38 -25.03 -50.46 30.22
N LEU BA 39 -23.99 -50.79 29.45
CA LEU BA 39 -23.70 -52.18 29.12
C LEU BA 39 -22.24 -52.29 28.71
N GLN BA 40 -21.60 -53.40 29.09
CA GLN BA 40 -20.21 -53.65 28.74
C GLN BA 40 -20.10 -54.57 27.53
N MET BA 41 -20.69 -55.76 27.61
CA MET BA 41 -20.72 -56.70 26.50
C MET BA 41 -22.10 -57.31 26.42
N GLY BA 42 -22.64 -57.41 25.22
CA GLY BA 42 -23.96 -57.98 25.07
C GLY BA 42 -24.66 -57.39 23.85
N TYR BA 43 -25.99 -57.30 23.95
CA TYR BA 43 -26.79 -56.84 22.83
C TYR BA 43 -27.97 -56.03 23.34
N GLN BA 44 -28.50 -55.18 22.47
CA GLN BA 44 -29.69 -54.41 22.74
C GLN BA 44 -30.58 -54.43 21.50
N LYS BA 45 -31.86 -54.69 21.68
CA LYS BA 45 -32.77 -54.92 20.56
C LYS BA 45 -33.94 -53.95 20.60
N THR BA 46 -34.43 -53.61 19.40
CA THR BA 46 -35.58 -52.75 19.24
C THR BA 46 -36.48 -53.30 18.14
N VAL BA 47 -37.73 -52.86 18.14
CA VAL BA 47 -38.76 -53.39 17.25
C VAL BA 47 -39.30 -52.26 16.38
N LYS BA 48 -39.45 -52.53 15.08
CA LYS BA 48 -39.99 -51.57 14.13
C LYS BA 48 -41.15 -52.24 13.37
N TRP BA 49 -42.24 -51.49 13.19
CA TRP BA 49 -43.45 -52.00 12.58
C TRP BA 49 -43.70 -51.27 11.27
N ASP BA 50 -43.89 -52.02 10.19
CA ASP BA 50 -44.11 -51.45 8.86
C ASP BA 50 -45.35 -52.06 8.24
N ALA BA 51 -45.91 -51.33 7.28
CA ALA BA 51 -47.09 -51.79 6.54
C ALA BA 51 -46.85 -51.63 5.04
N PHE BA 52 -47.56 -52.43 4.26
CA PHE BA 52 -47.40 -52.41 2.80
C PHE BA 52 -48.71 -52.80 2.14
N LEU BA 53 -48.83 -52.41 0.86
CA LEU BA 53 -50.00 -52.75 0.06
C LEU BA 53 -49.70 -53.99 -0.77
N ASN BA 54 -50.64 -54.94 -0.77
CA ASN BA 54 -50.44 -56.21 -1.46
C ASN BA 54 -50.88 -56.18 -2.91
N ALA BA 55 -51.91 -55.41 -3.24
CA ALA BA 55 -52.44 -55.37 -4.60
C ALA BA 55 -53.20 -54.08 -4.80
N ASN BA 56 -53.69 -53.88 -6.02
CA ASN BA 56 -54.46 -52.69 -6.35
C ASN BA 56 -55.80 -52.71 -5.59
N PRO BA 57 -56.36 -51.54 -5.30
CA PRO BA 57 -57.62 -51.49 -4.55
C PRO BA 57 -58.76 -52.13 -5.34
N THR BA 58 -59.74 -52.63 -4.60
CA THR BA 58 -60.89 -53.30 -5.17
C THR BA 58 -62.06 -52.32 -5.29
N THR BA 59 -62.66 -52.27 -6.47
CA THR BA 59 -63.79 -51.38 -6.71
C THR BA 59 -65.04 -51.97 -6.06
N ILE BA 60 -65.73 -51.16 -5.25
CA ILE BA 60 -66.93 -51.60 -4.55
C ILE BA 60 -68.11 -51.29 -5.47
N ALA BA 61 -68.42 -52.25 -6.35
CA ALA BA 61 -69.56 -52.15 -7.26
C ALA BA 61 -70.41 -53.40 -7.10
N ASN BA 62 -71.71 -53.19 -6.86
CA ASN BA 62 -72.68 -54.29 -6.69
C ASN BA 62 -72.25 -55.10 -5.47
N GLU BA 63 -72.21 -56.43 -5.56
CA GLU BA 63 -71.83 -57.28 -4.45
C GLU BA 63 -70.48 -57.93 -4.75
N VAL BA 64 -69.58 -57.90 -3.77
CA VAL BA 64 -68.25 -58.50 -3.91
C VAL BA 64 -67.78 -58.96 -2.54
N ASN BA 65 -67.07 -60.09 -2.52
CA ASN BA 65 -66.54 -60.65 -1.28
C ASN BA 65 -65.02 -60.69 -1.23
N THR BA 66 -64.34 -60.73 -2.38
CA THR BA 66 -62.89 -60.76 -2.42
C THR BA 66 -62.35 -59.33 -2.46
N ILE BA 67 -61.62 -58.94 -1.43
CA ILE BA 67 -61.08 -57.59 -1.30
C ILE BA 67 -59.57 -57.68 -1.16
N SER BA 68 -58.88 -56.69 -1.73
CA SER BA 68 -57.43 -56.64 -1.62
C SER BA 68 -57.02 -56.39 -0.17
N THR BA 69 -55.85 -56.90 0.20
CA THR BA 69 -55.38 -56.90 1.57
C THR BA 69 -54.21 -55.95 1.74
N ILE BA 70 -54.04 -55.46 2.97
CA ILE BA 70 -52.90 -54.64 3.37
C ILE BA 70 -52.11 -55.43 4.39
N GLY BA 71 -50.83 -55.69 4.08
CA GLY BA 71 -50.00 -56.52 4.92
C GLY BA 71 -49.15 -55.70 5.89
N PHE BA 72 -48.67 -56.37 6.92
CA PHE BA 72 -47.83 -55.76 7.94
C PHE BA 72 -46.62 -56.65 8.19
N SER BA 73 -45.55 -56.04 8.67
CA SER BA 73 -44.30 -56.75 8.92
C SER BA 73 -43.58 -56.12 10.11
N SER BA 74 -42.80 -56.94 10.80
CA SER BA 74 -42.02 -56.52 11.95
C SER BA 74 -40.53 -56.75 11.69
N GLU BA 75 -39.70 -55.85 12.22
CA GLU BA 75 -38.26 -55.95 12.09
C GLU BA 75 -37.64 -55.80 13.47
N VAL BA 76 -36.71 -56.69 13.80
CA VAL BA 76 -35.99 -56.65 15.06
C VAL BA 76 -34.56 -56.20 14.76
N VAL BA 77 -34.16 -55.08 15.34
CA VAL BA 77 -32.83 -54.50 15.11
C VAL BA 77 -31.99 -54.75 16.35
N ARG BA 78 -30.81 -55.34 16.16
CA ARG BA 78 -29.92 -55.75 17.23
C ARG BA 78 -28.62 -54.96 17.13
N LEU BA 79 -28.16 -54.44 18.26
CA LEU BA 79 -26.88 -53.74 18.35
C LEU BA 79 -26.00 -54.49 19.34
N ASN BA 80 -24.80 -54.87 18.90
CA ASN BA 80 -23.87 -55.64 19.71
C ASN BA 80 -22.80 -54.74 20.32
N TYR BA 81 -22.37 -55.09 21.53
CA TYR BA 81 -21.35 -54.35 22.26
C TYR BA 81 -20.29 -55.33 22.73
N LEU BA 82 -19.02 -55.01 22.45
CA LEU BA 82 -17.91 -55.89 22.76
C LEU BA 82 -16.92 -55.18 23.68
N LYS BA 83 -16.25 -55.96 24.53
CA LYS BA 83 -15.29 -55.45 25.49
C LYS BA 83 -13.89 -55.95 25.14
N LEU BA 84 -12.93 -55.03 25.10
CA LEU BA 84 -11.57 -55.33 24.69
C LEU BA 84 -10.60 -54.72 25.68
N GLN BA 85 -9.38 -55.29 25.72
CA GLN BA 85 -8.41 -54.89 26.74
C GLN BA 85 -7.00 -54.91 26.16
N TYR BA 86 -6.19 -53.96 26.63
CA TYR BA 86 -4.75 -53.90 26.38
C TYR BA 86 -3.98 -53.97 27.68
N LYS BA 87 -2.75 -54.48 27.58
CA LYS BA 87 -1.82 -54.51 28.70
C LYS BA 87 -0.56 -53.72 28.32
N PHE BA 88 -0.05 -52.94 29.26
CA PHE BA 88 1.15 -52.15 29.02
C PHE BA 88 2.07 -52.21 30.23
N ARG BA 89 3.36 -52.28 29.96
CA ARG BA 89 4.38 -52.33 31.00
C ARG BA 89 4.79 -50.91 31.42
N HIS BA 90 5.23 -50.79 32.66
CA HIS BA 90 5.66 -49.51 33.21
C HIS BA 90 6.57 -49.78 34.41
N LEU BA 91 6.98 -48.70 35.06
CA LEU BA 91 7.88 -48.76 36.20
C LEU BA 91 7.07 -48.77 37.49
N LYS BA 92 7.54 -49.55 38.47
CA LYS BA 92 6.90 -49.57 39.79
C LYS BA 92 7.01 -48.20 40.45
N GLN BA 93 5.99 -47.87 41.24
CA GLN BA 93 5.95 -46.55 41.86
C GLN BA 93 7.14 -46.31 42.77
N THR BA 94 7.48 -47.28 43.61
CA THR BA 94 8.64 -47.14 44.50
C THR BA 94 9.93 -47.59 43.82
N SER BA 95 10.12 -47.11 42.59
CA SER BA 95 11.38 -47.31 41.88
C SER BA 95 11.77 -46.10 41.04
N GLU BA 96 11.01 -45.00 41.10
CA GLU BA 96 11.26 -43.87 40.22
C GLU BA 96 12.49 -43.07 40.63
N LYS BA 97 12.80 -43.05 41.94
CA LYS BA 97 13.95 -42.28 42.41
C LYS BA 97 15.26 -42.82 41.84
N PHE BA 98 15.31 -44.11 41.52
CA PHE BA 98 16.51 -44.71 40.94
C PHE BA 98 16.57 -44.56 39.43
N TYR BA 99 15.58 -43.91 38.82
CA TYR BA 99 15.57 -43.66 37.39
C TYR BA 99 15.40 -42.20 37.00
N THR BA 100 15.10 -41.32 37.96
CA THR BA 100 14.97 -39.90 37.66
C THR BA 100 16.30 -39.33 37.20
N SER BA 101 16.33 -38.85 35.96
CA SER BA 101 17.52 -38.22 35.40
C SER BA 101 17.47 -36.72 35.66
N ASP BA 102 18.34 -35.97 34.97
CA ASP BA 102 18.39 -34.53 35.16
C ASP BA 102 17.10 -33.86 34.72
N SER BA 103 16.55 -34.28 33.58
CA SER BA 103 15.37 -33.62 33.01
C SER BA 103 14.34 -34.62 32.51
N TYR BA 104 14.44 -35.89 32.90
CA TYR BA 104 13.46 -36.88 32.48
C TYR BA 104 13.47 -38.05 33.46
N ILE BA 105 12.38 -38.81 33.44
CA ILE BA 105 12.22 -40.00 34.28
C ILE BA 105 11.95 -41.19 33.36
N GLY BA 106 12.73 -42.25 33.51
CA GLY BA 106 12.55 -43.43 32.70
C GLY BA 106 13.84 -43.98 32.13
N ASP BA 107 13.85 -45.28 31.82
CA ASP BA 107 15.02 -45.95 31.26
C ASP BA 107 14.94 -45.83 29.75
N ILE BA 108 15.77 -44.94 29.18
CA ILE BA 108 15.78 -44.76 27.73
C ILE BA 108 16.29 -46.01 27.03
N ASN BA 109 17.32 -46.66 27.59
CA ASN BA 109 17.93 -47.80 26.93
C ASN BA 109 16.95 -48.97 26.83
N ASN BA 110 16.15 -49.20 27.88
CA ASN BA 110 15.25 -50.34 27.94
C ASN BA 110 13.80 -49.96 27.67
N ASN BA 111 13.53 -48.70 27.33
CA ASN BA 111 12.19 -48.23 26.96
C ASN BA 111 11.18 -48.50 28.07
N LEU BA 112 11.43 -47.86 29.22
CA LEU BA 112 10.56 -47.94 30.37
C LEU BA 112 10.13 -46.54 30.77
N LEU BA 113 8.85 -46.41 31.12
CA LEU BA 113 8.22 -45.11 31.36
C LEU BA 113 7.52 -45.12 32.71
N PRO BA 114 7.29 -43.93 33.27
CA PRO BA 114 6.43 -43.85 34.46
C PRO BA 114 4.99 -44.21 34.12
N PHE BA 115 4.25 -44.58 35.16
CA PHE BA 115 2.88 -45.07 34.96
C PHE BA 115 2.00 -44.00 34.32
N ALA BA 116 2.11 -42.76 34.76
CA ALA BA 116 1.25 -41.70 34.23
C ALA BA 116 1.48 -41.48 32.74
N GLN BA 117 2.74 -41.36 32.32
CA GLN BA 117 3.04 -41.14 30.92
C GLN BA 117 2.65 -42.35 30.08
N ALA BA 118 2.94 -43.56 30.58
CA ALA BA 118 2.58 -44.76 29.83
C ALA BA 118 1.07 -44.86 29.66
N TYR BA 119 0.31 -44.57 30.72
CA TYR BA 119 -1.14 -44.62 30.63
C TYR BA 119 -1.67 -43.57 29.67
N LYS BA 120 -1.10 -42.36 29.70
CA LYS BA 120 -1.55 -41.31 28.80
C LYS BA 120 -1.32 -41.69 27.34
N LEU BA 121 -0.12 -42.20 27.03
CA LEU BA 121 0.17 -42.60 25.65
C LEU BA 121 -0.72 -43.76 25.21
N ALA BA 122 -0.91 -44.76 26.09
CA ALA BA 122 -1.78 -45.88 25.76
C ALA BA 122 -3.21 -45.43 25.52
N SER BA 123 -3.71 -44.52 26.36
CA SER BA 123 -5.06 -44.00 26.18
C SER BA 123 -5.19 -43.25 24.87
N SER BA 124 -4.17 -42.45 24.51
CA SER BA 124 -4.21 -41.74 23.24
C SER BA 124 -4.27 -42.71 22.07
N GLU BA 125 -3.44 -43.75 22.10
CA GLU BA 125 -3.47 -44.73 21.02
C GLU BA 125 -4.80 -45.46 20.95
N ILE BA 126 -5.36 -45.81 22.11
CA ILE BA 126 -6.64 -46.51 22.13
C ILE BA 126 -7.75 -45.62 21.59
N ILE BA 127 -7.73 -44.32 21.92
CA ILE BA 127 -8.73 -43.39 21.39
C ILE BA 127 -8.58 -43.25 19.88
N LYS BA 128 -7.35 -43.23 19.39
CA LYS BA 128 -7.14 -43.23 17.94
C LYS BA 128 -7.77 -44.45 17.29
N LEU BA 129 -7.53 -45.63 17.89
CA LEU BA 129 -8.13 -46.86 17.36
C LEU BA 129 -9.65 -46.80 17.41
N ILE BA 130 -10.22 -46.26 18.49
CA ILE BA 130 -11.67 -46.17 18.62
C ILE BA 130 -12.25 -45.26 17.56
N ASN BA 131 -11.60 -44.12 17.30
CA ASN BA 131 -12.07 -43.22 16.25
C ASN BA 131 -11.99 -43.90 14.89
N HIS BA 132 -10.91 -44.63 14.63
CA HIS BA 132 -10.80 -45.37 13.38
C HIS BA 132 -11.91 -46.39 13.23
N PHE BA 133 -12.25 -47.08 14.32
CA PHE BA 133 -13.35 -48.04 14.27
C PHE BA 133 -14.68 -47.35 14.02
N VAL BA 134 -14.93 -46.22 14.69
CA VAL BA 134 -16.18 -45.50 14.51
C VAL BA 134 -16.34 -45.05 13.07
N LEU BA 135 -15.23 -44.65 12.42
CA LEU BA 135 -15.33 -44.25 11.02
C LEU BA 135 -15.48 -45.45 10.09
N THR BA 136 -14.49 -46.34 10.07
CA THR BA 136 -14.39 -47.34 9.01
C THR BA 136 -15.17 -48.62 9.30
N GLY BA 137 -15.59 -48.87 10.53
CA GLY BA 137 -16.27 -50.10 10.86
C GLY BA 137 -15.39 -51.32 10.97
N THR BA 138 -14.07 -51.15 10.92
CA THR BA 138 -13.13 -52.26 11.05
C THR BA 138 -12.08 -51.91 12.10
N VAL BA 139 -11.44 -52.94 12.64
CA VAL BA 139 -10.35 -52.80 13.59
C VAL BA 139 -9.13 -53.52 13.02
N SER BA 140 -8.05 -52.76 12.81
CA SER BA 140 -6.82 -53.34 12.28
C SER BA 140 -5.67 -52.40 12.61
N ILE BA 141 -4.48 -52.99 12.77
CA ILE BA 141 -3.27 -52.21 13.04
C ILE BA 141 -2.43 -52.01 11.79
N GLN BA 142 -2.73 -52.71 10.69
CA GLN BA 142 -1.99 -52.52 9.46
C GLN BA 142 -2.57 -51.37 8.65
N LYS BA 143 -1.71 -50.69 7.91
CA LYS BA 143 -2.15 -49.60 7.04
C LYS BA 143 -2.88 -50.11 5.80
N ASP BA 144 -2.68 -51.38 5.43
CA ASP BA 144 -3.37 -51.97 4.30
C ASP BA 144 -4.77 -52.47 4.65
N GLY BA 145 -5.16 -52.38 5.91
CA GLY BA 145 -6.47 -52.88 6.32
C GLY BA 145 -6.62 -54.38 6.23
N LYS BA 146 -5.55 -55.12 6.50
CA LYS BA 146 -5.57 -56.58 6.49
C LYS BA 146 -5.34 -57.12 7.90
N ASN BA 147 -5.51 -58.44 8.03
CA ASN BA 147 -5.43 -59.14 9.32
C ASN BA 147 -6.34 -58.47 10.34
N GLN BA 148 -7.55 -58.14 9.91
CA GLN BA 148 -8.51 -57.47 10.77
C GLN BA 148 -9.02 -58.41 11.85
N LYS BA 149 -9.38 -57.84 12.99
CA LYS BA 149 -9.97 -58.61 14.08
C LYS BA 149 -11.39 -59.01 13.71
N ARG BA 150 -11.69 -60.30 13.83
CA ARG BA 150 -13.04 -60.78 13.56
C ARG BA 150 -13.99 -60.28 14.63
N LEU BA 151 -14.97 -59.47 14.24
CA LEU BA 151 -15.94 -58.91 15.17
C LEU BA 151 -17.29 -59.59 15.01
N LEU BA 152 -18.17 -59.31 15.96
CA LEU BA 152 -19.51 -59.88 15.95
C LEU BA 152 -20.39 -59.18 14.92
N PRO BA 153 -21.42 -59.85 14.42
CA PRO BA 153 -22.35 -59.20 13.49
C PRO BA 153 -23.09 -58.06 14.16
N ASN BA 154 -23.80 -57.28 13.34
CA ASN BA 154 -24.53 -56.10 13.79
C ASN BA 154 -23.61 -55.06 14.43
N MET BA 155 -22.36 -55.02 13.97
CA MET BA 155 -21.38 -54.04 14.44
C MET BA 155 -20.84 -53.33 13.19
N TYR BA 156 -21.33 -52.12 12.94
CA TYR BA 156 -21.04 -51.42 11.70
C TYR BA 156 -20.58 -50.00 12.00
N GLY BA 157 -19.84 -49.44 11.05
CA GLY BA 157 -19.42 -48.05 11.09
C GLY BA 157 -20.11 -47.23 10.01
N LEU BA 158 -19.73 -45.95 9.96
CA LEU BA 158 -20.33 -45.03 9.01
C LEU BA 158 -19.95 -45.33 7.57
N LEU BA 159 -18.90 -46.12 7.33
CA LEU BA 159 -18.43 -46.40 5.98
C LEU BA 159 -18.81 -47.77 5.47
N ASN BA 160 -19.02 -48.75 6.35
CA ASN BA 160 -19.36 -50.11 5.95
C ASN BA 160 -20.81 -50.47 6.26
N MET BA 161 -21.64 -49.48 6.57
CA MET BA 161 -23.04 -49.75 6.87
C MET BA 161 -23.73 -50.31 5.63
N PRO BA 162 -24.42 -51.44 5.74
CA PRO BA 162 -25.08 -52.03 4.57
C PRO BA 162 -26.35 -51.29 4.19
N GLU BA 163 -26.82 -51.58 2.98
CA GLU BA 163 -28.06 -51.01 2.43
C GLU BA 163 -28.01 -49.48 2.42
N GLN BA 164 -26.93 -48.95 1.86
CA GLN BA 164 -26.76 -47.51 1.69
C GLN BA 164 -26.43 -47.24 0.23
N ILE BA 165 -26.42 -45.96 -0.13
CA ILE BA 165 -26.16 -45.55 -1.51
C ILE BA 165 -24.65 -45.46 -1.72
N LYS BA 166 -24.17 -46.13 -2.77
CA LYS BA 166 -22.74 -46.20 -3.07
C LYS BA 166 -22.51 -45.79 -4.51
N GLU BA 167 -21.54 -44.90 -4.73
CA GLU BA 167 -21.16 -44.46 -6.05
C GLU BA 167 -19.65 -44.64 -6.23
N GLU BA 168 -19.23 -44.86 -7.48
CA GLU BA 168 -17.83 -45.14 -7.79
C GLU BA 168 -17.41 -44.29 -8.98
N VAL BA 169 -16.48 -43.38 -8.74
CA VAL BA 169 -15.87 -42.61 -9.83
C VAL BA 169 -14.74 -43.43 -10.43
N ALA BA 170 -14.74 -43.53 -11.76
CA ALA BA 170 -13.83 -44.44 -12.44
C ALA BA 170 -12.39 -43.92 -12.39
N SER BA 171 -11.47 -44.78 -12.83
CA SER BA 171 -10.04 -44.44 -12.80
C SER BA 171 -9.73 -43.27 -13.72
N GLY BA 172 -10.32 -43.26 -14.93
CA GLY BA 172 -10.07 -42.18 -15.85
C GLY BA 172 -10.56 -40.83 -15.38
N ASP BA 173 -11.52 -40.80 -14.45
CA ASP BA 173 -12.07 -39.58 -13.89
C ASP BA 173 -11.58 -39.33 -12.48
N LYS BA 174 -10.38 -39.81 -12.14
CA LYS BA 174 -9.86 -39.67 -10.79
C LYS BA 174 -9.64 -38.20 -10.43
N ASP BA 175 -9.16 -37.39 -11.39
CA ASP BA 175 -8.91 -35.98 -11.17
C ASP BA 175 -9.99 -35.10 -11.78
N LYS BA 176 -11.07 -35.68 -12.31
CA LYS BA 176 -12.12 -34.91 -12.96
C LYS BA 176 -13.19 -34.58 -11.91
N MET BA 177 -13.09 -33.36 -11.35
CA MET BA 177 -14.04 -32.93 -10.34
C MET BA 177 -15.46 -32.86 -10.90
N ASP BA 178 -15.61 -32.58 -12.20
CA ASP BA 178 -16.95 -32.58 -12.79
C ASP BA 178 -17.57 -33.97 -12.73
N LYS BA 179 -16.79 -35.00 -13.06
CA LYS BA 179 -17.32 -36.36 -12.98
C LYS BA 179 -17.58 -36.77 -11.53
N ILE BA 180 -16.70 -36.37 -10.61
CA ILE BA 180 -16.93 -36.68 -9.19
C ILE BA 180 -18.22 -36.03 -8.72
N PHE BA 181 -18.45 -34.77 -9.10
CA PHE BA 181 -19.69 -34.09 -8.75
C PHE BA 181 -20.90 -34.71 -9.40
N GLU BA 182 -20.75 -35.23 -10.62
CA GLU BA 182 -21.86 -35.93 -11.26
C GLU BA 182 -22.24 -37.17 -10.46
N LYS BA 183 -21.24 -37.93 -10.01
CA LYS BA 183 -21.52 -39.10 -9.18
C LYS BA 183 -22.16 -38.70 -7.85
N ILE BA 184 -21.68 -37.61 -7.26
CA ILE BA 184 -22.26 -37.13 -6.00
C ILE BA 184 -23.71 -36.72 -6.20
N GLU BA 185 -24.01 -36.06 -7.33
CA GLU BA 185 -25.39 -35.68 -7.61
C GLU BA 185 -26.27 -36.91 -7.81
N ALA BA 186 -25.75 -37.93 -8.50
CA ALA BA 186 -26.51 -39.16 -8.65
C ALA BA 186 -26.84 -39.80 -7.30
N GLY BA 187 -25.85 -39.85 -6.42
CA GLY BA 187 -26.09 -40.38 -5.09
C GLY BA 187 -27.06 -39.54 -4.28
N LEU BA 188 -26.97 -38.21 -4.42
CA LEU BA 188 -27.87 -37.32 -3.71
C LEU BA 188 -29.31 -37.52 -4.18
N SER BA 189 -29.50 -37.70 -5.49
CA SER BA 189 -30.83 -38.01 -6.01
C SER BA 189 -31.31 -39.36 -5.51
N LYS BA 190 -30.41 -40.34 -5.42
CA LYS BA 190 -30.80 -41.65 -4.90
C LYS BA 190 -31.02 -41.66 -3.39
N LEU BA 191 -30.66 -40.59 -2.69
CA LEU BA 191 -30.95 -40.51 -1.26
C LEU BA 191 -32.46 -40.53 -1.02
N GLU BA 192 -32.84 -41.00 0.16
CA GLU BA 192 -34.24 -41.20 0.55
C GLU BA 192 -34.49 -40.63 1.94
N LEU BA 193 -34.10 -39.36 2.15
CA LEU BA 193 -34.27 -38.73 3.46
C LEU BA 193 -35.73 -38.71 3.89
N GLY BA 194 -36.65 -38.44 2.96
CA GLY BA 194 -38.06 -38.49 3.29
C GLY BA 194 -38.49 -37.28 4.12
N ASP BA 195 -39.41 -37.54 5.06
CA ASP BA 195 -39.97 -36.48 5.88
C ASP BA 195 -38.94 -35.87 6.84
N GLU BA 196 -37.82 -36.54 7.07
CA GLU BA 196 -36.74 -36.01 7.89
C GLU BA 196 -35.74 -35.18 7.08
N PHE BA 197 -36.17 -34.62 5.95
CA PHE BA 197 -35.28 -33.87 5.08
C PHE BA 197 -34.79 -32.59 5.76
N SER BA 198 -35.65 -31.93 6.52
CA SER BA 198 -35.28 -30.66 7.17
C SER BA 198 -34.37 -30.95 8.35
N THR BA 199 -33.09 -31.17 8.05
CA THR BA 199 -32.08 -31.44 9.06
C THR BA 199 -30.72 -31.03 8.52
N PRO BA 200 -29.78 -30.67 9.39
CA PRO BA 200 -28.41 -30.39 8.92
C PRO BA 200 -27.77 -31.62 8.31
N MET BA 201 -26.87 -31.37 7.35
CA MET BA 201 -26.15 -32.43 6.66
C MET BA 201 -24.66 -32.34 6.98
N MET BA 202 -23.99 -33.48 6.92
CA MET BA 202 -22.57 -33.58 7.22
C MET BA 202 -21.87 -34.35 6.11
N VAL BA 203 -20.75 -33.79 5.65
CA VAL BA 203 -19.91 -34.40 4.62
C VAL BA 203 -18.51 -34.57 5.21
N ILE BA 204 -17.94 -35.75 5.03
CA ILE BA 204 -16.57 -36.05 5.44
C ILE BA 204 -15.78 -36.39 4.18
N VAL BA 205 -14.66 -35.71 3.99
CA VAL BA 205 -13.90 -35.79 2.74
C VAL BA 205 -12.43 -35.96 3.05
N ASP BA 206 -11.71 -36.60 2.13
CA ASP BA 206 -10.27 -36.74 2.23
C ASP BA 206 -9.57 -35.44 1.83
N PRO BA 207 -8.34 -35.22 2.32
CA PRO BA 207 -7.66 -33.95 2.02
C PRO BA 207 -7.45 -33.67 0.54
N ALA BA 208 -7.14 -34.70 -0.26
CA ALA BA 208 -6.94 -34.47 -1.69
C ALA BA 208 -8.22 -34.01 -2.37
N THR BA 209 -9.35 -34.66 -2.05
CA THR BA 209 -10.62 -34.23 -2.63
C THR BA 209 -11.04 -32.87 -2.08
N SER BA 210 -10.68 -32.54 -0.84
CA SER BA 210 -10.95 -31.21 -0.33
C SER BA 210 -10.17 -30.15 -1.09
N LEU BA 211 -8.90 -30.42 -1.40
CA LEU BA 211 -8.12 -29.50 -2.22
C LEU BA 211 -8.70 -29.40 -3.63
N LYS BA 212 -9.26 -30.49 -4.15
CA LYS BA 212 -9.98 -30.41 -5.42
C LYS BA 212 -11.23 -29.54 -5.30
N LEU BA 213 -11.94 -29.65 -4.18
CA LEU BA 213 -13.15 -28.86 -3.97
C LEU BA 213 -12.87 -27.37 -3.91
N VAL BA 214 -11.79 -26.98 -3.21
CA VAL BA 214 -11.53 -25.56 -2.99
C VAL BA 214 -11.16 -24.81 -4.26
N LYS BA 215 -11.01 -25.51 -5.38
CA LYS BA 215 -10.81 -24.82 -6.66
C LYS BA 215 -12.09 -24.08 -7.04
N PRO BA 216 -11.97 -22.98 -7.81
CA PRO BA 216 -13.16 -22.30 -8.30
C PRO BA 216 -13.97 -23.20 -9.23
N TYR BA 217 -15.28 -23.02 -9.20
CA TYR BA 217 -16.16 -23.86 -10.03
C TYR BA 217 -15.96 -23.53 -11.50
N ALA BA 218 -15.96 -24.58 -12.32
CA ALA BA 218 -15.78 -24.43 -13.77
C ALA BA 218 -17.02 -24.89 -14.52
N ALA BA 223 -14.30 -21.85 -19.04
CA ALA BA 223 -14.10 -20.71 -18.14
C ALA BA 223 -14.38 -21.11 -16.70
N ALA BA 224 -14.03 -20.22 -15.76
CA ALA BA 224 -14.24 -20.44 -14.35
C ALA BA 224 -15.22 -19.40 -13.80
N SER BA 225 -16.19 -19.85 -13.03
CA SER BA 225 -17.19 -18.95 -12.49
C SER BA 225 -16.58 -18.08 -11.39
N SER BA 226 -16.82 -16.78 -11.47
CA SER BA 226 -16.26 -15.85 -10.48
C SER BA 226 -17.00 -15.98 -9.15
N CYS BA 227 -16.22 -15.96 -8.06
CA CYS BA 227 -16.76 -16.00 -6.70
C CYS BA 227 -17.64 -17.23 -6.46
N GLU BA 228 -17.35 -18.32 -7.16
CA GLU BA 228 -18.10 -19.57 -7.01
C GLU BA 228 -17.12 -20.73 -7.04
N LYS BA 229 -17.16 -21.57 -6.02
CA LYS BA 229 -16.27 -22.72 -5.91
C LYS BA 229 -17.07 -24.01 -6.00
N TRP BA 230 -16.35 -25.11 -6.27
CA TRP BA 230 -16.98 -26.43 -6.28
C TRP BA 230 -17.59 -26.73 -4.92
N GLU BA 231 -16.93 -26.31 -3.84
CA GLU BA 231 -17.51 -26.48 -2.51
C GLU BA 231 -18.83 -25.73 -2.38
N ASP BA 232 -18.88 -24.50 -2.89
CA ASP BA 232 -20.13 -23.73 -2.83
C ASP BA 232 -21.23 -24.40 -3.64
N VAL BA 233 -20.88 -24.92 -4.82
CA VAL BA 233 -21.87 -25.62 -5.64
C VAL BA 233 -22.40 -26.85 -4.91
N LEU BA 234 -21.50 -27.61 -4.28
CA LEU BA 234 -21.93 -28.79 -3.53
C LEU BA 234 -22.82 -28.40 -2.36
N ILE BA 235 -22.47 -27.32 -1.65
CA ILE BA 235 -23.28 -26.87 -0.53
C ILE BA 235 -24.68 -26.47 -1.01
N GLN BA 236 -24.76 -25.75 -2.14
CA GLN BA 236 -26.07 -25.39 -2.68
C GLN BA 236 -26.87 -26.63 -3.08
N THR BA 237 -26.20 -27.61 -3.69
CA THR BA 237 -26.89 -28.83 -4.11
C THR BA 237 -27.45 -29.58 -2.90
N ILE BA 238 -26.67 -29.67 -1.83
CA ILE BA 238 -27.16 -30.36 -0.63
C ILE BA 238 -28.25 -29.55 0.06
N LYS BA 239 -28.14 -28.22 0.02
CA LYS BA 239 -29.18 -27.37 0.59
C LYS BA 239 -30.48 -27.50 -0.18
N ALA BA 240 -30.40 -27.83 -1.48
CA ALA BA 240 -31.61 -28.06 -2.25
C ALA BA 240 -32.43 -29.21 -1.68
N ILE BA 241 -31.76 -30.23 -1.13
CA ILE BA 241 -32.46 -31.41 -0.63
C ILE BA 241 -32.69 -31.39 0.88
N ASN BA 242 -31.93 -30.60 1.64
CA ASN BA 242 -32.09 -30.59 3.09
C ASN BA 242 -32.96 -29.44 3.58
N ASN BA 243 -33.76 -28.83 2.69
CA ASN BA 243 -34.62 -27.70 3.03
C ASN BA 243 -33.81 -26.51 3.52
N ARG BA 244 -32.73 -26.20 2.79
CA ARG BA 244 -31.88 -25.04 3.05
C ARG BA 244 -31.36 -25.04 4.49
N GLU BA 245 -30.86 -26.18 4.93
CA GLU BA 245 -30.28 -26.33 6.26
C GLU BA 245 -28.77 -26.30 6.18
N ASP BA 246 -28.14 -26.20 7.36
CA ASP BA 246 -26.69 -26.10 7.43
C ASP BA 246 -26.04 -27.37 6.89
N VAL BA 247 -24.99 -27.19 6.09
CA VAL BA 247 -24.23 -28.29 5.50
C VAL BA 247 -22.79 -28.13 5.96
N TYR BA 248 -22.36 -28.99 6.89
CA TYR BA 248 -21.01 -28.93 7.40
C TYR BA 248 -20.10 -29.88 6.63
N ILE BA 249 -18.86 -29.45 6.43
CA ILE BA 249 -17.86 -30.22 5.71
C ILE BA 249 -16.63 -30.37 6.59
N GLU BA 250 -16.15 -31.61 6.74
CA GLU BA 250 -15.00 -31.92 7.57
C GLU BA 250 -14.01 -32.76 6.77
N THR BA 251 -12.76 -32.70 7.18
CA THR BA 251 -11.67 -33.44 6.56
C THR BA 251 -11.06 -34.39 7.57
N SER BA 252 -10.78 -35.62 7.13
CA SER BA 252 -10.20 -36.64 7.99
C SER BA 252 -9.15 -37.40 7.21
N ASN BA 253 -7.97 -37.58 7.81
CA ASN BA 253 -6.89 -38.33 7.16
C ASN BA 253 -7.17 -39.82 7.14
N LEU BA 254 -8.09 -40.31 7.97
CA LEU BA 254 -8.41 -41.73 7.98
C LEU BA 254 -9.03 -42.16 6.67
N LEU BA 255 -9.92 -41.34 6.11
CA LEU BA 255 -10.52 -41.64 4.82
C LEU BA 255 -9.49 -41.50 3.70
N LYS BA 256 -9.69 -42.27 2.64
CA LYS BA 256 -8.78 -42.26 1.50
C LYS BA 256 -9.61 -42.42 0.23
N HIS BA 257 -9.70 -41.34 -0.55
CA HIS BA 257 -10.46 -41.32 -1.80
C HIS BA 257 -11.93 -41.67 -1.57
N LYS BA 258 -12.45 -41.25 -0.41
CA LYS BA 258 -13.81 -41.54 0.02
C LYS BA 258 -14.50 -40.24 0.40
N ILE BA 259 -15.78 -40.13 0.02
CA ILE BA 259 -16.64 -39.03 0.42
C ILE BA 259 -17.87 -39.61 1.10
N LEU BA 260 -18.20 -39.09 2.28
CA LEU BA 260 -19.29 -39.62 3.09
C LEU BA 260 -20.28 -38.51 3.36
N ILE BA 261 -21.53 -38.69 2.94
CA ILE BA 261 -22.57 -37.70 3.15
C ILE BA 261 -23.71 -38.34 3.94
N TYR BA 262 -24.13 -37.70 5.03
CA TYR BA 262 -25.19 -38.24 5.87
C TYR BA 262 -25.81 -37.11 6.68
N PRO BA 263 -27.09 -37.23 7.04
CA PRO BA 263 -27.73 -36.20 7.86
C PRO BA 263 -27.31 -36.30 9.32
N LEU BA 264 -27.63 -35.25 10.08
CA LEU BA 264 -27.34 -35.17 11.50
C LEU BA 264 -28.61 -35.26 12.34
N ASN BA 265 -29.55 -36.10 11.90
CA ASN BA 265 -30.82 -36.28 12.60
C ASN BA 265 -30.78 -37.55 13.42
N SER BA 266 -31.15 -37.45 14.70
CA SER BA 266 -31.13 -38.63 15.57
C SER BA 266 -32.14 -39.68 15.14
N GLU BA 267 -33.22 -39.27 14.46
CA GLU BA 267 -34.22 -40.22 14.02
C GLU BA 267 -33.69 -41.17 12.96
N LEU BA 268 -32.81 -40.69 12.09
CA LEU BA 268 -32.26 -41.52 11.02
C LEU BA 268 -31.01 -42.27 11.46
N ILE BA 269 -30.06 -41.57 12.06
CA ILE BA 269 -28.80 -42.16 12.53
C ILE BA 269 -28.65 -41.84 14.01
N LYS BA 270 -28.39 -42.87 14.82
CA LYS BA 270 -28.26 -42.72 16.26
C LYS BA 270 -27.03 -43.48 16.72
N PHE BA 271 -26.18 -42.82 17.51
CA PHE BA 271 -25.01 -43.44 18.11
C PHE BA 271 -25.32 -43.66 19.59
N LYS BA 272 -25.47 -44.93 19.97
CA LYS BA 272 -25.73 -45.31 21.35
C LYS BA 272 -24.54 -46.10 21.90
N PRO BA 273 -23.42 -45.45 22.19
CA PRO BA 273 -22.26 -46.17 22.72
C PRO BA 273 -22.43 -46.48 24.20
N SER BA 274 -21.59 -47.42 24.66
CA SER BA 274 -21.56 -47.76 26.07
C SER BA 274 -20.98 -46.60 26.88
N LYS BA 275 -21.35 -46.55 28.16
CA LYS BA 275 -20.79 -45.55 29.06
C LYS BA 275 -19.37 -45.88 29.49
N TYR BA 276 -18.82 -47.01 29.03
CA TYR BA 276 -17.45 -47.41 29.31
C TYR BA 276 -16.67 -47.61 28.01
N MET BA 277 -17.13 -46.99 26.92
CA MET BA 277 -16.48 -47.15 25.63
C MET BA 277 -15.07 -46.58 25.65
N LEU BA 278 -14.89 -45.41 26.25
CA LEU BA 278 -13.59 -44.78 26.32
C LEU BA 278 -12.68 -45.53 27.29
N PRO BA 279 -11.36 -45.39 27.15
CA PRO BA 279 -10.45 -46.21 27.97
C PRO BA 279 -10.68 -46.03 29.46
N THR BA 280 -10.60 -47.15 30.19
CA THR BA 280 -10.76 -47.17 31.64
C THR BA 280 -9.70 -48.09 32.22
N PRO BA 281 -8.95 -47.64 33.23
CA PRO BA 281 -7.94 -48.51 33.83
C PRO BA 281 -8.58 -49.66 34.60
N ASN BA 282 -7.83 -50.75 34.70
CA ASN BA 282 -8.25 -51.93 35.45
C ASN BA 282 -7.55 -51.97 36.80
N GLU BA 283 -8.24 -52.54 37.78
CA GLU BA 283 -7.68 -52.63 39.14
C GLU BA 283 -6.50 -53.60 39.20
N GLN BA 284 -6.48 -54.60 38.32
CA GLN BA 284 -5.41 -55.58 38.34
C GLN BA 284 -4.10 -54.97 37.86
N VAL BA 285 -3.06 -55.05 38.69
CA VAL BA 285 -1.73 -54.58 38.35
C VAL BA 285 -0.75 -55.70 38.66
N ASP BA 286 -0.07 -56.20 37.63
CA ASP BA 286 0.90 -57.26 37.83
C ASP BA 286 2.15 -56.71 38.50
N LYS BA 287 2.59 -57.39 39.56
CA LYS BA 287 3.76 -56.97 40.32
C LYS BA 287 4.70 -58.16 40.52
N ASP BA 288 5.99 -57.86 40.65
CA ASP BA 288 7.00 -58.87 40.86
C ASP BA 288 8.11 -58.27 41.71
N SER BA 289 9.21 -59.01 41.87
CA SER BA 289 10.35 -58.52 42.64
C SER BA 289 11.17 -57.49 41.88
N THR BA 290 10.99 -57.41 40.56
CA THR BA 290 11.72 -56.45 39.74
C THR BA 290 11.03 -55.09 39.81
N ASP BA 291 11.51 -54.14 38.99
CA ASP BA 291 10.95 -52.80 38.95
C ASP BA 291 9.93 -52.61 37.84
N VAL BA 292 9.62 -53.66 37.08
CA VAL BA 292 8.70 -53.58 35.95
C VAL BA 292 7.36 -54.15 36.37
N ALA BA 293 6.30 -53.35 36.22
CA ALA BA 293 4.93 -53.76 36.51
C ALA BA 293 4.12 -53.68 35.22
N HIS BA 294 2.91 -54.24 35.27
CA HIS BA 294 2.00 -54.26 34.13
C HIS BA 294 0.63 -53.75 34.55
N SER BA 295 -0.02 -53.01 33.65
CA SER BA 295 -1.36 -52.49 33.89
C SER BA 295 -2.25 -52.79 32.69
N TYR BA 296 -3.56 -52.68 32.90
CA TYR BA 296 -4.55 -53.05 31.90
C TYR BA 296 -5.53 -51.91 31.66
N ILE BA 297 -5.96 -51.76 30.41
CA ILE BA 297 -6.92 -50.74 30.01
C ILE BA 297 -8.04 -51.42 29.23
N ASP BA 298 -9.28 -51.10 29.59
CA ASP BA 298 -10.46 -51.70 28.96
C ASP BA 298 -11.22 -50.64 28.16
N PHE BA 299 -11.84 -51.08 27.07
CA PHE BA 299 -12.66 -50.21 26.24
C PHE BA 299 -13.72 -51.04 25.53
N VAL BA 300 -14.86 -50.40 25.26
CA VAL BA 300 -16.03 -51.07 24.69
C VAL BA 300 -16.32 -50.49 23.31
N LEU BA 301 -16.55 -51.37 22.34
CA LEU BA 301 -16.85 -50.99 20.97
C LEU BA 301 -18.24 -51.45 20.57
N GLY BA 302 -18.84 -50.72 19.63
CA GLY BA 302 -20.16 -51.04 19.12
C GLY BA 302 -21.19 -49.97 19.44
N GLY BA 303 -22.32 -49.97 18.73
CA GLY BA 303 -23.39 -49.05 19.07
C GLY BA 303 -23.77 -48.01 18.04
N LEU BA 304 -23.70 -48.35 16.75
CA LEU BA 304 -24.12 -47.43 15.69
C LEU BA 304 -25.37 -47.99 15.01
N LEU BA 305 -26.42 -47.18 14.92
CA LEU BA 305 -27.66 -47.56 14.26
C LEU BA 305 -27.99 -46.53 13.18
N ALA BA 306 -28.35 -47.01 12.00
CA ALA BA 306 -28.70 -46.11 10.91
C ALA BA 306 -29.81 -46.73 10.07
N THR BA 307 -30.74 -45.89 9.61
CA THR BA 307 -31.77 -46.35 8.70
C THR BA 307 -31.18 -46.59 7.32
N ARG BA 308 -31.84 -47.46 6.56
CA ARG BA 308 -31.34 -47.86 5.26
C ARG BA 308 -31.53 -46.75 4.23
N LYS BA 309 -30.60 -46.70 3.27
CA LYS BA 309 -30.64 -45.74 2.17
C LYS BA 309 -30.69 -44.30 2.68
N THR BA 310 -29.80 -44.00 3.63
CA THR BA 310 -29.67 -42.64 4.15
C THR BA 310 -28.22 -42.14 4.17
N ILE BA 311 -27.27 -42.92 3.68
CA ILE BA 311 -25.86 -42.55 3.67
C ILE BA 311 -25.33 -42.71 2.25
N LEU BA 312 -24.64 -41.69 1.76
CA LEU BA 312 -24.01 -41.73 0.45
C LEU BA 312 -22.51 -41.91 0.62
N GLN BA 313 -21.94 -42.93 -0.03
CA GLN BA 313 -20.53 -43.26 0.03
C GLN BA 313 -19.98 -43.24 -1.38
N VAL BA 314 -19.09 -42.29 -1.67
CA VAL BA 314 -18.49 -42.13 -2.99
C VAL BA 314 -17.04 -42.56 -2.91
N ASN BA 315 -16.65 -43.49 -3.76
CA ASN BA 315 -15.28 -43.99 -3.82
C ASN BA 315 -14.68 -43.59 -5.16
N ILE BA 316 -13.56 -42.87 -5.12
CA ILE BA 316 -12.85 -42.45 -6.33
C ILE BA 316 -11.76 -43.48 -6.58
N LYS BA 317 -12.02 -44.41 -7.50
CA LYS BA 317 -11.06 -45.46 -7.81
C LYS BA 317 -9.78 -44.87 -8.40
N GLN BA 318 -8.67 -45.02 -7.68
CA GLN BA 318 -7.40 -44.48 -8.12
C GLN BA 318 -6.63 -45.55 -8.89
N SER BA 319 -6.39 -45.31 -10.17
CA SER BA 319 -5.67 -46.24 -11.04
C SER BA 319 -6.33 -47.61 -11.06
N LEU CA 3 2.45 -48.39 58.47
CA LEU CA 3 2.91 -49.46 57.61
C LEU CA 3 3.13 -50.76 58.39
N PHE CA 4 3.63 -50.62 59.62
CA PHE CA 4 3.88 -51.79 60.45
C PHE CA 4 2.58 -52.47 60.88
N ASP CA 5 1.52 -51.69 61.09
CA ASP CA 5 0.24 -52.29 61.47
C ASP CA 5 -0.35 -53.12 60.35
N GLU CA 6 -0.07 -52.75 59.09
CA GLU CA 6 -0.63 -53.46 57.95
C GLU CA 6 0.26 -54.61 57.47
N ASN CA 7 1.58 -54.40 57.46
CA ASN CA 7 2.53 -55.39 56.97
C ASN CA 7 3.26 -56.01 58.15
N TYR CA 8 3.08 -57.32 58.35
CA TYR CA 8 3.74 -58.00 59.45
C TYR CA 8 5.22 -58.23 59.16
N TYR CA 9 5.56 -58.50 57.88
CA TYR CA 9 6.93 -58.84 57.54
C TYR CA 9 7.88 -57.67 57.81
N ALA CA 10 7.44 -56.44 57.49
CA ALA CA 10 8.29 -55.27 57.75
C ALA CA 10 8.56 -55.11 59.23
N LYS CA 11 7.54 -55.32 60.08
CA LYS CA 11 7.74 -55.21 61.52
C LYS CA 11 8.72 -56.25 62.03
N ALA CA 12 8.60 -57.50 61.53
CA ALA CA 12 9.53 -58.54 61.93
C ALA CA 12 10.96 -58.22 61.50
N VAL CA 13 11.12 -57.69 60.27
CA VAL CA 13 12.45 -57.31 59.80
C VAL CA 13 13.02 -56.20 60.67
N ALA CA 14 12.20 -55.22 61.03
CA ALA CA 14 12.68 -54.13 61.88
C ALA CA 14 13.06 -54.63 63.26
N ASN CA 15 12.29 -55.60 63.80
CA ASN CA 15 12.55 -56.09 65.15
C ASN CA 15 13.68 -57.11 65.21
N ILE CA 16 14.08 -57.69 64.08
CA ILE CA 16 15.14 -58.69 64.07
C ILE CA 16 16.39 -58.20 63.34
N ILE CA 17 16.38 -56.98 62.80
CA ILE CA 17 17.54 -56.49 62.07
C ILE CA 17 18.73 -56.31 63.01
N GLY CA 18 18.48 -56.02 64.29
CA GLY CA 18 19.57 -55.82 65.22
C GLY CA 18 20.40 -57.06 65.49
N GLU CA 19 19.76 -58.24 65.46
CA GLU CA 19 20.46 -59.49 65.74
C GLU CA 19 21.49 -59.87 64.68
N VAL CA 20 21.45 -59.22 63.52
CA VAL CA 20 22.41 -59.54 62.46
C VAL CA 20 23.74 -58.89 62.78
N LYS CA 21 24.81 -59.69 62.73
CA LYS CA 21 26.13 -59.20 63.09
C LYS CA 21 26.69 -58.29 62.00
N ASP CA 22 27.59 -57.40 62.42
CA ASP CA 22 28.25 -56.50 61.48
C ASP CA 22 29.22 -57.28 60.60
N PRO CA 23 29.41 -56.84 59.36
CA PRO CA 23 30.37 -57.53 58.47
C PRO CA 23 31.79 -57.43 59.00
N ILE CA 24 32.57 -58.48 58.75
CA ILE CA 24 33.97 -58.50 59.15
C ILE CA 24 34.87 -57.70 58.23
N MET CA 25 34.37 -57.32 57.04
CA MET CA 25 35.17 -56.52 56.11
C MET CA 25 35.44 -55.12 56.63
N TYR CA 26 34.71 -54.66 57.63
CA TYR CA 26 34.91 -53.31 58.16
C TYR CA 26 36.28 -53.17 58.82
N LYS CA 27 36.82 -54.26 59.37
CA LYS CA 27 38.14 -54.20 59.98
C LYS CA 27 39.23 -53.98 58.95
N TRP CA 28 39.00 -54.37 57.70
CA TRP CA 28 40.01 -54.27 56.65
C TRP CA 28 40.22 -52.84 56.17
N PHE CA 29 39.37 -51.89 56.58
CA PHE CA 29 39.46 -50.53 56.11
C PHE CA 29 39.37 -49.56 57.29
N SER CA 30 39.97 -48.38 57.11
CA SER CA 30 39.90 -47.33 58.10
C SER CA 30 38.55 -46.62 58.01
N PRO CA 31 38.14 -45.94 59.09
CA PRO CA 31 36.83 -45.26 59.04
C PRO CA 31 36.70 -44.25 57.92
N ASP CA 32 37.78 -43.54 57.58
CA ASP CA 32 37.73 -42.54 56.52
C ASP CA 32 37.86 -43.14 55.13
N GLN CA 33 38.16 -44.44 55.02
CA GLN CA 33 38.37 -45.09 53.73
C GLN CA 33 37.09 -45.59 53.09
N ILE CA 34 35.94 -45.40 53.72
CA ILE CA 34 34.66 -45.90 53.22
C ILE CA 34 33.68 -44.74 53.14
N GLU CA 35 33.08 -44.55 51.97
CA GLU CA 35 32.09 -43.50 51.76
C GLU CA 35 30.94 -44.06 50.94
N ASP CA 36 29.71 -43.95 51.48
CA ASP CA 36 28.55 -44.52 50.83
C ASP CA 36 28.11 -43.65 49.65
N VAL CA 37 27.59 -44.30 48.61
CA VAL CA 37 27.05 -43.64 47.44
C VAL CA 37 25.61 -44.09 47.23
N ASP CA 38 24.84 -43.26 46.53
CA ASP CA 38 23.42 -43.50 46.29
C ASP CA 38 23.26 -44.07 44.89
N LEU CA 39 23.21 -45.40 44.80
CA LEU CA 39 23.02 -46.09 43.53
C LEU CA 39 22.57 -47.51 43.81
N GLN CA 40 21.96 -48.13 42.80
CA GLN CA 40 21.60 -49.55 42.84
C GLN CA 40 22.18 -50.34 41.68
N MET CA 41 22.17 -49.77 40.48
CA MET CA 41 22.79 -50.42 39.32
C MET CA 41 23.20 -49.32 38.35
N GLY CA 42 24.48 -49.23 38.06
CA GLY CA 42 24.99 -48.18 37.21
C GLY CA 42 26.50 -48.04 37.37
N TYR CA 43 26.97 -46.82 37.16
CA TYR CA 43 28.40 -46.56 37.24
C TYR CA 43 28.64 -45.15 37.75
N GLN CA 44 29.82 -44.95 38.35
CA GLN CA 44 30.28 -43.66 38.79
C GLN CA 44 31.67 -43.42 38.20
N LYS CA 45 31.85 -42.27 37.55
CA LYS CA 45 33.09 -41.98 36.83
C LYS CA 45 33.75 -40.73 37.38
N THR CA 46 35.09 -40.74 37.35
CA THR CA 46 35.90 -39.61 37.78
C THR CA 46 37.01 -39.39 36.77
N VAL CA 47 37.59 -38.20 36.79
CA VAL CA 47 38.62 -37.81 35.84
C VAL CA 47 39.86 -37.37 36.62
N LYS CA 48 41.03 -37.84 36.17
CA LYS CA 48 42.30 -37.46 36.76
C LYS CA 48 43.22 -36.90 35.68
N TRP CA 49 43.92 -35.83 36.00
CA TRP CA 49 44.77 -35.12 35.06
C TRP CA 49 46.24 -35.34 35.43
N ASP CA 50 47.05 -35.72 34.44
CA ASP CA 50 48.47 -35.97 34.64
C ASP CA 50 49.27 -35.15 33.64
N ALA CA 51 50.53 -34.89 33.99
CA ALA CA 51 51.45 -34.14 33.15
C ALA CA 51 52.71 -34.94 32.90
N PHE CA 52 53.37 -34.66 31.77
CA PHE CA 52 54.58 -35.38 31.40
C PHE CA 52 55.48 -34.46 30.58
N LEU CA 53 56.77 -34.77 30.62
CA LEU CA 53 57.76 -34.04 29.83
C LEU CA 53 57.97 -34.73 28.50
N ASN CA 54 57.96 -33.96 27.41
CA ASN CA 54 58.09 -34.53 26.08
C ASN CA 54 59.54 -34.75 25.67
N ALA CA 55 60.46 -33.92 26.15
CA ALA CA 55 61.86 -34.02 25.78
C ALA CA 55 62.69 -33.25 26.79
N ASN CA 56 64.00 -33.19 26.54
CA ASN CA 56 64.90 -32.46 27.41
C ASN CA 56 64.64 -30.96 27.33
N PRO CA 57 64.94 -30.21 28.38
CA PRO CA 57 64.70 -28.77 28.35
C PRO CA 57 65.56 -28.08 27.29
N THR CA 58 65.17 -26.84 26.97
CA THR CA 58 65.83 -26.05 25.95
C THR CA 58 66.70 -24.99 26.60
N THR CA 59 67.95 -24.90 26.17
CA THR CA 59 68.88 -23.90 26.69
C THR CA 59 68.56 -22.55 26.06
N ILE CA 60 68.36 -21.53 26.89
CA ILE CA 60 68.01 -20.19 26.42
C ILE CA 60 69.34 -19.45 26.19
N ALA CA 61 69.84 -19.55 24.97
CA ALA CA 61 71.08 -18.88 24.59
C ALA CA 61 70.85 -18.13 23.28
N ASN CA 62 71.21 -16.85 23.27
CA ASN CA 62 71.08 -15.98 22.09
C ASN CA 62 69.60 -15.94 21.72
N GLU CA 63 69.23 -16.24 20.48
CA GLU CA 63 67.84 -16.24 20.03
C GLU CA 63 67.41 -17.65 19.70
N VAL CA 64 66.21 -18.03 20.17
CA VAL CA 64 65.66 -19.34 19.90
C VAL CA 64 64.14 -19.23 19.93
N ASN CA 65 63.49 -19.96 19.02
CA ASN CA 65 62.04 -19.98 18.92
C ASN CA 65 61.40 -21.33 19.21
N THR CA 66 62.10 -22.43 18.91
CA THR CA 66 61.57 -23.77 19.15
C THR CA 66 61.94 -24.20 20.56
N ILE CA 67 60.94 -24.39 21.40
CA ILE CA 67 61.14 -24.75 22.81
C ILE CA 67 60.50 -26.11 23.05
N SER CA 68 61.07 -26.85 24.01
CA SER CA 68 60.52 -28.13 24.39
C SER CA 68 59.15 -27.96 25.03
N THR CA 69 58.32 -28.99 24.90
CA THR CA 69 56.92 -28.94 25.31
C THR CA 69 56.67 -29.86 26.49
N ILE CA 70 55.64 -29.52 27.28
CA ILE CA 70 55.16 -30.34 28.37
C ILE CA 70 53.73 -30.75 28.04
N GLY CA 71 53.47 -32.06 27.98
CA GLY CA 71 52.17 -32.56 27.60
C GLY CA 71 51.30 -32.91 28.80
N PHE CA 72 50.01 -33.00 28.53
CA PHE CA 72 49.01 -33.31 29.54
C PHE CA 72 48.12 -34.43 29.04
N SER CA 73 47.62 -35.24 29.97
CA SER CA 73 46.76 -36.38 29.65
C SER CA 73 45.66 -36.51 30.69
N SER CA 74 44.54 -37.08 30.28
CA SER CA 74 43.40 -37.31 31.15
C SER CA 74 43.09 -38.80 31.20
N GLU CA 75 42.68 -39.27 32.37
CA GLU CA 75 42.24 -40.65 32.54
C GLU CA 75 40.89 -40.66 33.22
N VAL CA 76 39.93 -41.37 32.64
CA VAL CA 76 38.59 -41.49 33.18
C VAL CA 76 38.46 -42.87 33.81
N VAL CA 77 38.16 -42.91 35.11
CA VAL CA 77 38.04 -44.14 35.87
C VAL CA 77 36.58 -44.36 36.23
N ARG CA 78 36.07 -45.54 35.91
CA ARG CA 78 34.67 -45.88 36.11
C ARG CA 78 34.56 -47.04 37.10
N LEU CA 79 33.60 -46.93 38.02
CA LEU CA 79 33.28 -47.98 38.97
C LEU CA 79 31.85 -48.44 38.72
N ASN CA 80 31.68 -49.74 38.49
CA ASN CA 80 30.38 -50.32 38.16
C ASN CA 80 29.76 -50.97 39.39
N TYR CA 81 28.43 -50.97 39.43
CA TYR CA 81 27.68 -51.58 40.53
C TYR CA 81 26.68 -52.58 39.96
N LEU CA 82 26.42 -53.63 40.72
CA LEU CA 82 25.50 -54.69 40.29
C LEU CA 82 24.52 -55.02 41.39
N LYS CA 83 23.24 -55.13 41.05
CA LYS CA 83 22.20 -55.48 41.99
C LYS CA 83 21.80 -56.93 41.82
N LEU CA 84 21.82 -57.69 42.91
CA LEU CA 84 21.55 -59.12 42.89
C LEU CA 84 20.47 -59.44 43.92
N GLN CA 85 19.79 -60.57 43.71
CA GLN CA 85 18.64 -60.95 44.52
C GLN CA 85 18.71 -62.43 44.87
N TYR CA 86 18.15 -62.76 46.03
CA TYR CA 86 17.99 -64.13 46.48
C TYR CA 86 16.56 -64.34 46.96
N LYS CA 87 16.09 -65.59 46.87
CA LYS CA 87 14.73 -65.94 47.27
C LYS CA 87 14.78 -67.07 48.29
N PHE CA 88 13.94 -66.96 49.31
CA PHE CA 88 13.87 -67.99 50.34
C PHE CA 88 12.42 -68.25 50.73
N ARG CA 89 12.14 -69.49 51.11
CA ARG CA 89 10.82 -69.93 51.51
C ARG CA 89 10.70 -69.93 53.03
N HIS CA 90 9.50 -69.63 53.52
CA HIS CA 90 9.24 -69.53 54.95
C HIS CA 90 7.78 -69.90 55.22
N LEU CA 91 7.44 -69.96 56.51
CA LEU CA 91 6.09 -70.26 56.92
C LEU CA 91 5.24 -68.99 56.98
N LYS CA 92 3.94 -69.16 56.73
CA LYS CA 92 3.02 -68.03 56.79
C LYS CA 92 2.76 -67.63 58.24
N GLN CA 93 2.51 -66.33 58.43
CA GLN CA 93 2.27 -65.81 59.78
C GLN CA 93 1.04 -66.47 60.42
N THR CA 94 -0.04 -66.61 59.65
CA THR CA 94 -1.23 -67.27 60.18
C THR CA 94 -0.99 -68.75 60.42
N SER CA 95 -0.12 -69.38 59.63
CA SER CA 95 0.18 -70.80 59.78
C SER CA 95 1.24 -71.08 60.83
N GLU CA 96 1.85 -70.05 61.42
CA GLU CA 96 2.86 -70.28 62.44
C GLU CA 96 2.29 -71.00 63.66
N LYS CA 97 1.07 -70.65 64.08
CA LYS CA 97 0.51 -71.21 65.29
C LYS CA 97 0.34 -72.73 65.21
N PHE CA 98 0.20 -73.27 64.00
CA PHE CA 98 0.08 -74.71 63.84
C PHE CA 98 1.43 -75.41 63.78
N TYR CA 99 2.53 -74.66 63.86
CA TYR CA 99 3.86 -75.25 63.94
C TYR CA 99 4.64 -74.79 65.17
N THR CA 100 4.06 -73.93 66.00
CA THR CA 100 4.73 -73.45 67.22
C THR CA 100 4.74 -74.57 68.25
N SER CA 101 5.80 -75.39 68.19
CA SER CA 101 6.00 -76.42 69.19
C SER CA 101 6.48 -75.80 70.50
N ASP CA 102 6.74 -76.65 71.49
CA ASP CA 102 7.13 -76.16 72.81
C ASP CA 102 8.46 -75.41 72.75
N SER CA 103 9.48 -76.04 72.20
CA SER CA 103 10.81 -75.44 72.12
C SER CA 103 11.07 -74.76 70.77
N TYR CA 104 10.97 -75.52 69.68
CA TYR CA 104 11.25 -75.02 68.36
C TYR CA 104 9.96 -74.57 67.67
N ILE CA 105 10.12 -73.65 66.72
CA ILE CA 105 9.01 -73.18 65.88
C ILE CA 105 9.38 -73.47 64.43
N GLY CA 106 8.58 -74.32 63.78
CA GLY CA 106 8.85 -74.71 62.41
C GLY CA 106 8.92 -76.21 62.22
N ASP CA 107 8.69 -76.68 61.00
CA ASP CA 107 8.71 -78.11 60.72
C ASP CA 107 10.15 -78.57 60.56
N ILE CA 108 10.57 -79.51 61.42
CA ILE CA 108 11.92 -80.06 61.32
C ILE CA 108 12.06 -80.94 60.09
N ASN CA 109 11.02 -81.74 59.80
CA ASN CA 109 11.09 -82.68 58.68
C ASN CA 109 11.13 -81.96 57.34
N ASN CA 110 10.39 -80.85 57.22
CA ASN CA 110 10.29 -80.12 55.96
C ASN CA 110 11.22 -78.92 55.91
N ASN CA 111 12.03 -78.68 56.95
CA ASN CA 111 12.99 -77.58 56.99
C ASN CA 111 12.33 -76.24 56.71
N LEU CA 112 11.21 -76.00 57.39
CA LEU CA 112 10.46 -74.76 57.27
C LEU CA 112 10.64 -73.95 58.55
N LEU CA 113 10.82 -72.64 58.39
CA LEU CA 113 11.17 -71.75 59.48
C LEU CA 113 10.28 -70.52 59.46
N PRO CA 114 10.14 -69.83 60.59
CA PRO CA 114 9.44 -68.55 60.60
C PRO CA 114 10.19 -67.52 59.76
N PHE CA 115 9.44 -66.49 59.33
CA PHE CA 115 10.00 -65.48 58.44
C PHE CA 115 11.19 -64.77 59.09
N ALA CA 116 11.08 -64.45 60.38
CA ALA CA 116 12.13 -63.69 61.04
C ALA CA 116 13.44 -64.48 61.07
N GLN CA 117 13.40 -65.74 61.51
CA GLN CA 117 14.61 -66.55 61.56
C GLN CA 117 15.16 -66.82 60.18
N ALA CA 118 14.27 -67.09 59.21
CA ALA CA 118 14.72 -67.33 57.84
C ALA CA 118 15.42 -66.11 57.29
N TYR CA 119 14.87 -64.91 57.53
CA TYR CA 119 15.50 -63.69 57.07
C TYR CA 119 16.84 -63.47 57.75
N LYS CA 120 16.93 -63.74 59.05
CA LYS CA 120 18.20 -63.58 59.75
C LYS CA 120 19.28 -64.48 59.15
N LEU CA 121 18.96 -65.76 58.96
CA LEU CA 121 19.94 -66.69 58.41
C LEU CA 121 20.32 -66.33 56.98
N ALA CA 122 19.34 -65.96 56.16
CA ALA CA 122 19.63 -65.58 54.78
C ALA CA 122 20.49 -64.33 54.73
N SER CA 123 20.20 -63.34 55.57
CA SER CA 123 21.01 -62.14 55.61
C SER CA 123 22.43 -62.44 56.05
N SER CA 124 22.59 -63.33 57.03
CA SER CA 124 23.94 -63.71 57.45
C SER CA 124 24.71 -64.37 56.31
N GLU CA 125 24.05 -65.28 55.57
CA GLU CA 125 24.72 -65.91 54.44
C GLU CA 125 25.08 -64.90 53.36
N ILE CA 126 24.18 -63.96 53.08
CA ILE CA 126 24.45 -62.97 52.05
C ILE CA 126 25.59 -62.05 52.47
N ILE CA 127 25.66 -61.71 53.76
CA ILE CA 127 26.77 -60.87 54.24
C ILE CA 127 28.09 -61.64 54.15
N LYS CA 128 28.07 -62.95 54.44
CA LYS CA 128 29.27 -63.75 54.23
C LYS CA 128 29.71 -63.71 52.76
N LEU CA 129 28.75 -63.85 51.84
CA LEU CA 129 29.07 -63.80 50.42
C LEU CA 129 29.62 -62.43 50.02
N ILE CA 130 29.05 -61.36 50.57
CA ILE CA 130 29.52 -60.00 50.26
C ILE CA 130 30.95 -59.81 50.78
N ASN CA 131 31.24 -60.28 51.99
CA ASN CA 131 32.59 -60.18 52.52
C ASN CA 131 33.58 -60.96 51.66
N HIS CA 132 33.18 -62.16 51.23
CA HIS CA 132 34.04 -62.94 50.34
C HIS CA 132 34.30 -62.21 49.04
N PHE CA 133 33.27 -61.59 48.47
CA PHE CA 133 33.44 -60.82 47.25
C PHE CA 133 34.37 -59.63 47.46
N VAL CA 134 34.20 -58.90 48.56
CA VAL CA 134 35.04 -57.74 48.81
C VAL CA 134 36.49 -58.15 48.98
N LEU CA 135 36.73 -59.32 49.59
CA LEU CA 135 38.11 -59.77 49.78
C LEU CA 135 38.73 -60.28 48.47
N THR CA 136 38.09 -61.26 47.84
CA THR CA 136 38.72 -61.99 46.75
C THR CA 136 38.47 -61.40 45.37
N GLY CA 137 37.39 -60.66 45.16
CA GLY CA 137 37.07 -60.16 43.85
C GLY CA 137 36.26 -61.11 42.98
N THR CA 138 35.88 -62.27 43.50
CA THR CA 138 35.08 -63.24 42.78
C THR CA 138 33.85 -63.63 43.59
N VAL CA 139 32.82 -64.08 42.89
CA VAL CA 139 31.58 -64.55 43.51
C VAL CA 139 31.41 -66.01 43.13
N SER CA 140 31.45 -66.90 44.12
CA SER CA 140 31.27 -68.32 43.88
C SER CA 140 30.78 -68.98 45.16
N ILE CA 141 30.16 -70.14 45.00
CA ILE CA 141 29.65 -70.92 46.14
C ILE CA 141 30.30 -72.29 46.20
N GLN CA 142 31.43 -72.48 45.51
CA GLN CA 142 32.13 -73.75 45.49
C GLN CA 142 33.51 -73.60 46.13
N LYS CA 143 33.93 -74.62 46.87
CA LYS CA 143 35.24 -74.57 47.51
C LYS CA 143 36.36 -74.55 46.48
N ASP CA 144 36.20 -75.30 45.38
CA ASP CA 144 37.23 -75.30 44.34
C ASP CA 144 37.37 -73.94 43.69
N GLY CA 145 36.31 -73.12 43.72
CA GLY CA 145 36.34 -71.82 43.10
C GLY CA 145 35.86 -71.78 41.67
N LYS CA 146 35.22 -72.84 41.19
CA LYS CA 146 34.73 -72.91 39.82
C LYS CA 146 33.29 -72.38 39.74
N ASN CA 147 32.78 -72.30 38.51
CA ASN CA 147 31.42 -71.81 38.25
C ASN CA 147 31.19 -70.43 38.85
N GLN CA 148 32.18 -69.55 38.68
CA GLN CA 148 32.06 -68.20 39.19
C GLN CA 148 31.03 -67.41 38.38
N LYS CA 149 30.39 -66.47 39.06
CA LYS CA 149 29.43 -65.60 38.39
C LYS CA 149 30.14 -64.60 37.50
N ARG CA 150 29.71 -64.51 36.24
CA ARG CA 150 30.27 -63.51 35.33
C ARG CA 150 29.85 -62.12 35.77
N LEU CA 151 30.83 -61.29 36.11
CA LEU CA 151 30.57 -59.95 36.64
C LEU CA 151 30.98 -58.89 35.64
N LEU CA 152 30.44 -57.69 35.84
CA LEU CA 152 30.74 -56.59 34.95
C LEU CA 152 32.18 -56.12 35.12
N PRO CA 153 32.77 -55.52 34.08
CA PRO CA 153 34.13 -54.97 34.23
C PRO CA 153 34.14 -53.80 35.21
N ASN CA 154 35.36 -53.42 35.60
CA ASN CA 154 35.58 -52.38 36.61
C ASN CA 154 34.98 -52.77 37.96
N MET CA 155 34.88 -54.07 38.22
CA MET CA 155 34.41 -54.60 39.50
C MET CA 155 35.52 -55.53 40.01
N TYR CA 156 36.31 -55.03 40.96
CA TYR CA 156 37.48 -55.75 41.43
C TYR CA 156 37.52 -55.75 42.95
N GLY CA 157 38.20 -56.77 43.49
CA GLY CA 157 38.47 -56.88 44.91
C GLY CA 157 39.92 -56.57 45.24
N LEU CA 158 40.22 -56.69 46.53
CA LEU CA 158 41.58 -56.43 46.99
C LEU CA 158 42.58 -57.45 46.46
N LEU CA 159 42.15 -58.69 46.26
CA LEU CA 159 43.06 -59.75 45.86
C LEU CA 159 43.26 -59.84 44.36
N ASN CA 160 42.22 -59.56 43.56
CA ASN CA 160 42.30 -59.67 42.11
C ASN CA 160 42.51 -58.33 41.43
N MET CA 161 42.89 -57.30 42.17
CA MET CA 161 43.07 -55.98 41.60
C MET CA 161 44.23 -56.00 40.60
N PRO CA 162 44.04 -55.52 39.38
CA PRO CA 162 45.12 -55.56 38.39
C PRO CA 162 46.10 -54.42 38.58
N GLU CA 163 47.23 -54.53 37.86
CA GLU CA 163 48.29 -53.52 37.88
C GLU CA 163 48.79 -53.25 39.29
N GLN CA 164 48.90 -54.31 40.09
CA GLN CA 164 49.48 -54.25 41.42
C GLN CA 164 50.69 -55.17 41.48
N ILE CA 165 51.44 -55.07 42.58
CA ILE CA 165 52.65 -55.88 42.73
C ILE CA 165 52.23 -57.29 43.12
N LYS CA 166 52.68 -58.27 42.33
CA LYS CA 166 52.31 -59.67 42.52
C LYS CA 166 53.57 -60.50 42.64
N GLU CA 167 53.68 -61.26 43.72
CA GLU CA 167 54.80 -62.16 43.95
C GLU CA 167 54.29 -63.59 44.11
N GLU CA 168 55.09 -64.54 43.65
CA GLU CA 168 54.72 -65.95 43.68
C GLU CA 168 55.84 -66.76 44.32
N VAL CA 169 55.50 -67.51 45.37
CA VAL CA 169 56.43 -68.40 46.03
C VAL CA 169 56.27 -69.78 45.43
N ALA CA 170 57.39 -70.38 45.00
CA ALA CA 170 57.35 -71.62 44.25
C ALA CA 170 56.88 -72.78 45.13
N SER CA 171 56.50 -73.88 44.46
CA SER CA 171 56.01 -75.06 45.16
C SER CA 171 57.10 -75.67 46.03
N GLY CA 172 58.33 -75.71 45.53
CA GLY CA 172 59.42 -76.26 46.31
C GLY CA 172 59.70 -75.48 47.58
N ASP CA 173 59.53 -74.16 47.54
CA ASP CA 173 59.74 -73.29 48.69
C ASP CA 173 58.45 -72.98 49.43
N LYS CA 174 57.49 -73.90 49.41
CA LYS CA 174 56.20 -73.64 50.04
C LYS CA 174 56.34 -73.50 51.56
N ASP CA 175 57.18 -74.32 52.18
CA ASP CA 175 57.37 -74.32 53.62
C ASP CA 175 58.56 -73.48 54.06
N LYS CA 176 59.28 -72.86 53.14
CA LYS CA 176 60.47 -72.07 53.47
C LYS CA 176 60.03 -70.64 53.76
N MET CA 177 59.87 -70.32 55.05
CA MET CA 177 59.51 -68.98 55.45
C MET CA 177 60.56 -67.96 55.02
N ASP CA 178 61.83 -68.39 54.91
CA ASP CA 178 62.86 -67.49 54.41
C ASP CA 178 62.59 -67.08 52.96
N LYS CA 179 62.23 -68.03 52.11
CA LYS CA 179 61.89 -67.70 50.73
C LYS CA 179 60.61 -66.87 50.66
N ILE CA 180 59.62 -67.19 51.50
CA ILE CA 180 58.41 -66.40 51.51
C ILE CA 180 58.70 -64.95 51.89
N PHE CA 181 59.54 -64.76 52.91
CA PHE CA 181 59.92 -63.41 53.32
C PHE CA 181 60.77 -62.72 52.27
N GLU CA 182 61.58 -63.46 51.52
CA GLU CA 182 62.32 -62.86 50.40
C GLU CA 182 61.36 -62.32 49.36
N LYS CA 183 60.33 -63.10 49.02
CA LYS CA 183 59.33 -62.62 48.06
C LYS CA 183 58.58 -61.41 48.61
N ILE CA 184 58.22 -61.43 49.89
CA ILE CA 184 57.54 -60.29 50.50
C ILE CA 184 58.43 -59.05 50.48
N GLU CA 185 59.72 -59.22 50.75
CA GLU CA 185 60.65 -58.10 50.72
C GLU CA 185 60.78 -57.52 49.33
N ALA CA 186 60.86 -58.39 48.31
CA ALA CA 186 60.91 -57.91 46.94
C ALA CA 186 59.65 -57.12 46.58
N GLY CA 187 58.48 -57.64 46.97
CA GLY CA 187 57.25 -56.91 46.70
C GLY CA 187 57.18 -55.58 47.45
N LEU CA 188 57.65 -55.55 48.70
CA LEU CA 188 57.65 -54.31 49.46
C LEU CA 188 58.58 -53.29 48.85
N SER CA 189 59.73 -53.73 48.34
CA SER CA 189 60.63 -52.82 47.64
C SER CA 189 59.98 -52.29 46.36
N LYS CA 190 59.27 -53.16 45.63
CA LYS CA 190 58.58 -52.71 44.43
C LYS CA 190 57.35 -51.86 44.71
N LEU CA 191 56.87 -51.83 45.95
CA LEU CA 191 55.77 -50.94 46.30
C LEU CA 191 56.15 -49.49 46.06
N GLU CA 192 55.17 -48.70 45.59
CA GLU CA 192 55.37 -47.27 45.31
C GLU CA 192 54.25 -46.49 46.01
N LEU CA 193 54.55 -45.96 47.18
CA LEU CA 193 53.58 -45.19 47.94
C LEU CA 193 53.65 -43.69 47.67
N GLY CA 194 54.76 -43.21 47.12
CA GLY CA 194 54.87 -41.78 46.82
C GLY CA 194 54.91 -40.95 48.09
N ASP CA 195 54.19 -39.83 48.06
CA ASP CA 195 54.14 -38.92 49.20
C ASP CA 195 53.18 -39.39 50.29
N GLU CA 196 52.40 -40.44 50.03
CA GLU CA 196 51.46 -40.97 51.00
C GLU CA 196 52.06 -42.13 51.80
N PHE CA 197 53.38 -42.16 51.95
CA PHE CA 197 54.03 -43.26 52.65
C PHE CA 197 53.69 -43.27 54.14
N SER CA 198 53.57 -42.07 54.74
CA SER CA 198 53.32 -41.96 56.18
C SER CA 198 51.85 -42.28 56.45
N THR CA 199 51.53 -43.57 56.41
CA THR CA 199 50.18 -44.05 56.66
C THR CA 199 50.25 -45.43 57.29
N PRO CA 200 49.26 -45.82 58.09
CA PRO CA 200 49.24 -47.17 58.62
C PRO CA 200 49.09 -48.22 57.52
N MET CA 201 49.60 -49.41 57.79
CA MET CA 201 49.58 -50.50 56.83
C MET CA 201 48.76 -51.66 57.38
N MET CA 202 48.18 -52.43 56.46
CA MET CA 202 47.33 -53.58 56.81
C MET CA 202 47.80 -54.79 56.02
N VAL CA 203 47.99 -55.90 56.73
CA VAL CA 203 48.38 -57.18 56.16
C VAL CA 203 47.33 -58.21 56.53
N ILE CA 204 46.92 -59.01 55.56
CA ILE CA 204 45.96 -60.09 55.74
C ILE CA 204 46.61 -61.39 55.31
N VAL CA 205 46.58 -62.39 56.19
CA VAL CA 205 47.26 -63.66 55.97
C VAL CA 205 46.31 -64.81 56.28
N ASP CA 206 46.60 -65.96 55.70
CA ASP CA 206 45.88 -67.19 55.98
C ASP CA 206 46.33 -67.78 57.31
N PRO CA 207 45.53 -68.67 57.91
CA PRO CA 207 45.93 -69.29 59.17
C PRO CA 207 47.26 -70.04 59.09
N ALA CA 208 47.54 -70.70 57.97
CA ALA CA 208 48.83 -71.37 57.82
C ALA CA 208 49.98 -70.39 57.85
N THR CA 209 49.84 -69.25 57.17
CA THR CA 209 50.87 -68.22 57.21
C THR CA 209 51.01 -67.64 58.61
N SER CA 210 49.89 -67.46 59.31
CA SER CA 210 49.96 -66.97 60.68
C SER CA 210 50.70 -67.95 61.59
N LEU CA 211 50.47 -69.24 61.40
CA LEU CA 211 51.21 -70.24 62.16
C LEU CA 211 52.69 -70.21 61.82
N LYS CA 212 53.03 -70.04 60.54
CA LYS CA 212 54.44 -70.00 60.16
C LYS CA 212 55.13 -68.74 60.67
N LEU CA 213 54.37 -67.65 60.88
CA LEU CA 213 54.99 -66.39 61.29
C LEU CA 213 55.61 -66.49 62.68
N VAL CA 214 54.96 -67.20 63.61
CA VAL CA 214 55.41 -67.19 65.00
C VAL CA 214 56.64 -68.05 65.23
N LYS CA 215 57.10 -68.79 64.23
CA LYS CA 215 58.35 -69.53 64.36
C LYS CA 215 59.51 -68.57 64.52
N PRO CA 216 60.54 -68.96 65.29
CA PRO CA 216 61.67 -68.06 65.51
C PRO CA 216 62.39 -67.71 64.20
N TYR CA 217 62.86 -66.46 64.12
CA TYR CA 217 63.55 -66.00 62.93
C TYR CA 217 64.87 -66.73 62.76
N ALA CA 218 65.16 -67.15 61.54
CA ALA CA 218 66.40 -67.86 61.24
C ALA CA 218 67.25 -67.09 60.24
N ALA CA 223 70.81 -70.30 62.49
CA ALA CA 223 70.43 -70.64 63.86
C ALA CA 223 69.21 -69.82 64.30
N ALA CA 224 68.40 -70.42 65.17
CA ALA CA 224 67.21 -69.73 65.66
C ALA CA 224 67.60 -68.53 66.51
N SER CA 225 66.87 -67.43 66.32
CA SER CA 225 67.14 -66.21 67.05
C SER CA 225 66.46 -66.24 68.42
N SER CA 226 66.79 -65.26 69.25
CA SER CA 226 66.22 -65.12 70.58
C SER CA 226 65.37 -63.86 70.63
N CYS CA 227 64.11 -64.02 71.04
CA CYS CA 227 63.14 -62.93 71.14
C CYS CA 227 62.89 -62.24 69.80
N GLU CA 228 63.26 -62.90 68.70
CA GLU CA 228 63.05 -62.35 67.36
C GLU CA 228 62.33 -63.39 66.52
N LYS CA 229 61.17 -63.01 65.99
CA LYS CA 229 60.34 -63.91 65.20
C LYS CA 229 60.06 -63.30 63.83
N TRP CA 230 59.61 -64.15 62.91
CA TRP CA 230 59.32 -63.72 61.55
C TRP CA 230 58.26 -62.62 61.54
N GLU CA 231 57.28 -62.70 62.43
CA GLU CA 231 56.26 -61.67 62.51
C GLU CA 231 56.88 -60.33 62.88
N ASP CA 232 57.77 -60.32 63.87
CA ASP CA 232 58.42 -59.08 64.26
C ASP CA 232 59.31 -58.53 63.15
N VAL CA 233 60.01 -59.42 62.45
CA VAL CA 233 60.85 -58.99 61.33
C VAL CA 233 60.00 -58.36 60.23
N LEU CA 234 58.85 -58.98 59.92
CA LEU CA 234 57.96 -58.42 58.91
C LEU CA 234 57.40 -57.07 59.35
N ILE CA 235 57.04 -56.93 60.63
CA ILE CA 235 56.52 -55.66 61.13
C ILE CA 235 57.59 -54.58 61.01
N GLN CA 236 58.84 -54.90 61.37
CA GLN CA 236 59.92 -53.93 61.23
C GLN CA 236 60.17 -53.57 59.77
N THR CA 237 60.10 -54.55 58.87
CA THR CA 237 60.30 -54.29 57.45
C THR CA 237 59.24 -53.35 56.91
N ILE CA 238 57.98 -53.57 57.29
CA ILE CA 238 56.90 -52.69 56.84
C ILE CA 238 57.03 -51.30 57.47
N LYS CA 239 57.45 -51.26 58.74
CA LYS CA 239 57.67 -49.97 59.40
C LYS CA 239 58.80 -49.19 58.74
N ALA CA 240 59.74 -49.90 58.11
CA ALA CA 240 60.82 -49.23 57.40
C ALA CA 240 60.27 -48.39 56.24
N ILE CA 241 59.22 -48.87 55.58
CA ILE CA 241 58.70 -48.20 54.40
C ILE CA 241 57.49 -47.31 54.68
N ASN CA 242 56.79 -47.51 55.81
CA ASN CA 242 55.61 -46.70 56.08
C ASN CA 242 55.90 -45.56 57.07
N ASN CA 243 57.16 -45.13 57.16
CA ASN CA 243 57.58 -44.09 58.10
C ASN CA 243 57.26 -44.48 59.54
N ARG CA 244 57.49 -45.77 59.85
CA ARG CA 244 57.31 -46.30 61.21
C ARG CA 244 55.90 -46.05 61.74
N GLU CA 245 54.90 -46.24 60.88
CA GLU CA 245 53.52 -46.11 61.29
C GLU CA 245 52.99 -47.45 61.77
N ASP CA 246 51.75 -47.46 62.24
CA ASP CA 246 51.15 -48.68 62.76
C ASP CA 246 50.96 -49.71 61.66
N VAL CA 247 51.16 -50.98 62.01
CA VAL CA 247 50.96 -52.10 61.10
C VAL CA 247 50.01 -53.08 61.75
N TYR CA 248 48.87 -53.33 61.10
CA TYR CA 248 47.85 -54.23 61.63
C TYR CA 248 47.84 -55.51 60.81
N ILE CA 249 47.94 -56.65 61.50
CA ILE CA 249 47.97 -57.96 60.88
C ILE CA 249 46.70 -58.71 61.25
N GLU CA 250 46.00 -59.23 60.24
CA GLU CA 250 44.75 -59.94 60.43
C GLU CA 250 44.82 -61.31 59.77
N THR CA 251 44.06 -62.24 60.32
CA THR CA 251 43.93 -63.59 59.78
C THR CA 251 42.51 -63.81 59.27
N SER CA 252 42.39 -64.35 58.07
CA SER CA 252 41.09 -64.56 57.45
C SER CA 252 41.03 -65.98 56.89
N ASN CA 253 39.97 -66.72 57.25
CA ASN CA 253 39.79 -68.06 56.72
C ASN CA 253 39.44 -68.07 55.24
N LEU CA 254 38.93 -66.95 54.71
CA LEU CA 254 38.61 -66.87 53.30
C LEU CA 254 39.86 -67.00 52.45
N LEU CA 255 40.96 -66.35 52.86
CA LEU CA 255 42.21 -66.46 52.12
C LEU CA 255 42.82 -67.84 52.31
N LYS CA 256 43.62 -68.25 51.32
CA LYS CA 256 44.27 -69.55 51.34
C LYS CA 256 45.60 -69.41 50.62
N HIS CA 257 46.69 -69.48 51.38
CA HIS CA 257 48.05 -69.36 50.84
C HIS CA 257 48.25 -68.04 50.11
N LYS CA 258 47.60 -66.99 50.61
CA LYS CA 258 47.65 -65.66 50.05
C LYS CA 258 47.99 -64.65 51.14
N ILE CA 259 48.86 -63.70 50.81
CA ILE CA 259 49.23 -62.61 51.70
C ILE CA 259 48.92 -61.31 50.98
N LEU CA 260 48.21 -60.41 51.66
CA LEU CA 260 47.76 -59.16 51.06
C LEU CA 260 48.23 -58.00 51.92
N ILE CA 261 49.04 -57.11 51.35
CA ILE CA 261 49.56 -55.96 52.06
C ILE CA 261 49.13 -54.69 51.33
N TYR CA 262 48.56 -53.74 52.07
CA TYR CA 262 48.10 -52.51 51.45
C TYR CA 262 48.01 -51.42 52.52
N PRO CA 263 48.17 -50.16 52.14
CA PRO CA 263 48.04 -49.07 53.11
C PRO CA 263 46.58 -48.79 53.46
N LEU CA 264 46.39 -48.03 54.53
CA LEU CA 264 45.07 -47.65 55.01
C LEU CA 264 44.80 -46.16 54.80
N ASN CA 265 45.25 -45.63 53.66
CA ASN CA 265 45.08 -44.22 53.33
C ASN CA 265 43.97 -44.07 52.30
N SER CA 266 43.05 -43.15 52.57
CA SER CA 266 41.93 -42.93 51.66
C SER CA 266 42.38 -42.37 50.31
N GLU CA 267 43.53 -41.70 50.28
CA GLU CA 267 44.02 -41.12 49.04
C GLU CA 267 44.50 -42.17 48.04
N LEU CA 268 44.79 -43.38 48.50
CA LEU CA 268 45.27 -44.45 47.65
C LEU CA 268 44.20 -45.49 47.36
N ILE CA 269 43.53 -46.00 48.40
CA ILE CA 269 42.48 -47.00 48.25
C ILE CA 269 41.23 -46.48 48.96
N LYS CA 270 40.10 -46.51 48.25
CA LYS CA 270 38.84 -46.03 48.79
C LYS CA 270 37.71 -46.98 48.39
N PHE CA 271 36.82 -47.25 49.34
CA PHE CA 271 35.65 -48.09 49.12
C PHE CA 271 34.42 -47.19 49.10
N LYS CA 272 33.79 -47.09 47.93
CA LYS CA 272 32.59 -46.29 47.76
C LYS CA 272 31.42 -47.20 47.44
N PRO CA 273 30.93 -47.98 48.41
CA PRO CA 273 29.85 -48.92 48.12
C PRO CA 273 28.50 -48.21 48.07
N SER CA 274 27.55 -48.88 47.42
CA SER CA 274 26.19 -48.38 47.40
C SER CA 274 25.60 -48.39 48.80
N LYS CA 275 24.75 -47.40 49.08
CA LYS CA 275 24.08 -47.34 50.38
C LYS CA 275 23.10 -48.50 50.57
N TYR CA 276 22.79 -49.24 49.51
CA TYR CA 276 21.93 -50.41 49.58
C TYR CA 276 22.71 -51.71 49.38
N MET CA 277 24.03 -51.68 49.61
CA MET CA 277 24.85 -52.87 49.39
C MET CA 277 24.46 -54.01 50.32
N LEU CA 278 24.20 -53.69 51.59
CA LEU CA 278 23.85 -54.71 52.56
C LEU CA 278 22.43 -55.23 52.28
N PRO CA 279 22.13 -56.45 52.74
CA PRO CA 279 20.84 -57.06 52.37
C PRO CA 279 19.64 -56.21 52.78
N THR CA 280 18.65 -56.15 51.89
CA THR CA 280 17.42 -55.40 52.12
C THR CA 280 16.24 -56.25 51.65
N PRO CA 281 15.20 -56.38 52.47
CA PRO CA 281 14.04 -57.18 52.05
C PRO CA 281 13.27 -56.50 50.92
N ASN CA 282 12.61 -57.33 50.11
CA ASN CA 282 11.76 -56.85 49.03
C ASN CA 282 10.31 -56.86 49.45
N GLU CA 283 9.54 -55.92 48.89
CA GLU CA 283 8.12 -55.82 49.23
C GLU CA 283 7.32 -57.00 48.71
N GLN CA 284 7.71 -57.55 47.56
CA GLN CA 284 6.96 -58.64 46.96
C GLN CA 284 7.07 -59.90 47.79
N VAL CA 285 5.93 -60.48 48.14
CA VAL CA 285 5.87 -61.75 48.87
C VAL CA 285 4.94 -62.69 48.11
N ASP CA 286 5.44 -63.87 47.76
CA ASP CA 286 4.66 -64.85 47.01
C ASP CA 286 3.75 -65.61 47.97
N LYS CA 287 2.44 -65.45 47.80
CA LYS CA 287 1.46 -66.11 48.64
C LYS CA 287 0.65 -67.10 47.81
N ASP CA 288 0.15 -68.14 48.48
CA ASP CA 288 -0.63 -69.18 47.83
C ASP CA 288 -1.68 -69.66 48.83
N SER CA 289 -2.36 -70.77 48.48
CA SER CA 289 -3.36 -71.35 49.36
C SER CA 289 -2.75 -72.27 50.41
N THR CA 290 -1.46 -72.56 50.33
CA THR CA 290 -0.79 -73.42 51.30
C THR CA 290 -0.18 -72.55 52.41
N ASP CA 291 0.64 -73.17 53.25
CA ASP CA 291 1.27 -72.48 54.37
C ASP CA 291 2.63 -71.91 54.04
N VAL CA 292 3.15 -72.17 52.85
CA VAL CA 292 4.51 -71.77 52.46
C VAL CA 292 4.44 -70.48 51.67
N ALA CA 293 5.28 -69.51 52.03
CA ALA CA 293 5.41 -68.25 51.32
C ALA CA 293 6.86 -68.05 50.91
N HIS CA 294 7.08 -67.10 50.00
CA HIS CA 294 8.40 -66.82 49.46
C HIS CA 294 8.71 -65.33 49.63
N SER CA 295 9.97 -65.03 49.94
CA SER CA 295 10.44 -63.67 50.11
C SER CA 295 11.77 -63.47 49.40
N TYR CA 296 12.10 -62.22 49.14
CA TYR CA 296 13.27 -61.85 48.35
C TYR CA 296 14.14 -60.86 49.10
N ILE CA 297 15.45 -60.97 48.88
CA ILE CA 297 16.44 -60.09 49.48
C ILE CA 297 17.34 -59.54 48.38
N ASP CA 298 17.59 -58.24 48.42
CA ASP CA 298 18.41 -57.56 47.42
C ASP CA 298 19.71 -57.07 48.05
N PHE CA 299 20.78 -57.09 47.27
CA PHE CA 299 22.07 -56.57 47.71
C PHE CA 299 22.87 -56.08 46.52
N VAL CA 300 23.70 -55.07 46.75
CA VAL CA 300 24.47 -54.41 45.70
C VAL CA 300 25.96 -54.67 45.92
N LEU CA 301 26.66 -54.95 44.82
CA LEU CA 301 28.07 -55.27 44.84
C LEU CA 301 28.86 -54.32 43.94
N GLY CA 302 30.09 -54.04 44.35
CA GLY CA 302 30.99 -53.20 43.58
C GLY CA 302 31.34 -51.88 44.24
N GLY CA 303 32.47 -51.28 43.83
CA GLY CA 303 32.81 -49.96 44.32
C GLY CA 303 34.18 -49.80 44.98
N LEU CA 304 35.13 -50.68 44.69
CA LEU CA 304 36.47 -50.58 45.25
C LEU CA 304 37.39 -49.89 44.25
N LEU CA 305 38.04 -48.81 44.69
CA LEU CA 305 38.93 -48.03 43.84
C LEU CA 305 40.32 -48.03 44.47
N ALA CA 306 41.33 -48.38 43.68
CA ALA CA 306 42.70 -48.42 44.15
C ALA CA 306 43.62 -47.75 43.15
N THR CA 307 44.66 -47.10 43.65
CA THR CA 307 45.70 -46.56 42.79
C THR CA 307 46.63 -47.67 42.33
N ARG CA 308 47.31 -47.43 41.22
CA ARG CA 308 48.18 -48.45 40.64
C ARG CA 308 49.44 -48.63 41.48
N LYS CA 309 49.90 -49.88 41.55
CA LYS CA 309 51.14 -50.24 42.24
C LYS CA 309 51.13 -49.78 43.70
N THR CA 310 50.07 -50.14 44.41
CA THR CA 310 49.95 -49.84 45.83
C THR CA 310 49.51 -51.05 46.66
N ILE CA 311 49.40 -52.23 46.04
CA ILE CA 311 48.95 -53.44 46.72
C ILE CA 311 49.94 -54.55 46.42
N LEU CA 312 50.39 -55.25 47.47
CA LEU CA 312 51.25 -56.41 47.32
C LEU CA 312 50.45 -57.68 47.55
N GLN CA 313 50.50 -58.59 46.59
CA GLN CA 313 49.75 -59.85 46.63
C GLN CA 313 50.75 -60.99 46.47
N VAL CA 314 50.96 -61.75 47.53
CA VAL CA 314 51.89 -62.88 47.51
C VAL CA 314 51.08 -64.17 47.49
N ASN CA 315 51.29 -65.00 46.48
CA ASN CA 315 50.62 -66.29 46.35
C ASN CA 315 51.63 -67.40 46.53
N ILE CA 316 51.38 -68.31 47.46
CA ILE CA 316 52.27 -69.43 47.75
C ILE CA 316 51.73 -70.63 46.99
N LYS CA 317 52.37 -70.99 45.87
CA LYS CA 317 51.93 -72.13 45.09
C LYS CA 317 52.10 -73.41 45.90
N GLN CA 318 50.98 -74.07 46.20
CA GLN CA 318 50.98 -75.29 47.00
C GLN CA 318 50.91 -76.55 46.15
N SER CA 319 50.97 -76.42 44.82
CA SER CA 319 50.93 -77.57 43.94
C SER CA 319 52.31 -78.17 43.74
N LEU DA 3 -11.95 -55.81 59.08
CA LEU DA 3 -11.76 -56.83 58.05
C LEU DA 3 -12.95 -56.86 57.10
N PHE DA 4 -14.15 -56.70 57.64
CA PHE DA 4 -15.36 -56.68 56.82
C PHE DA 4 -15.35 -55.49 55.86
N ASP DA 5 -14.87 -54.33 56.34
CA ASP DA 5 -14.76 -53.17 55.46
C ASP DA 5 -13.74 -53.38 54.34
N GLU DA 6 -12.84 -54.36 54.50
CA GLU DA 6 -11.83 -54.65 53.49
C GLU DA 6 -12.14 -55.93 52.72
N ASN DA 7 -12.53 -57.00 53.39
CA ASN DA 7 -12.74 -58.30 52.78
C ASN DA 7 -14.23 -58.52 52.55
N TYR DA 8 -14.69 -58.16 51.35
CA TYR DA 8 -16.08 -58.40 50.98
C TYR DA 8 -16.39 -59.89 50.96
N TYR DA 9 -15.42 -60.70 50.55
CA TYR DA 9 -15.63 -62.16 50.55
C TYR DA 9 -15.85 -62.67 51.97
N ALA DA 10 -15.05 -62.19 52.93
CA ALA DA 10 -15.24 -62.57 54.32
C ALA DA 10 -16.59 -62.09 54.84
N LYS DA 11 -16.99 -60.87 54.48
CA LYS DA 11 -18.30 -60.38 54.90
C LYS DA 11 -19.42 -61.24 54.35
N ALA DA 12 -19.33 -61.64 53.08
CA ALA DA 12 -20.34 -62.49 52.48
C ALA DA 12 -20.37 -63.87 53.14
N VAL DA 13 -19.20 -64.43 53.45
CA VAL DA 13 -19.15 -65.72 54.13
C VAL DA 13 -19.81 -65.61 55.51
N ALA DA 14 -19.53 -64.53 56.23
CA ALA DA 14 -20.17 -64.34 57.53
C ALA DA 14 -21.68 -64.20 57.40
N ASN DA 15 -22.15 -63.48 56.37
CA ASN DA 15 -23.58 -63.25 56.21
C ASN DA 15 -24.32 -64.47 55.68
N ILE DA 16 -23.63 -65.41 55.03
CA ILE DA 16 -24.28 -66.58 54.45
C ILE DA 16 -23.91 -67.87 55.16
N ILE DA 17 -23.13 -67.79 56.25
CA ILE DA 17 -22.71 -68.99 56.95
C ILE DA 17 -23.89 -69.72 57.56
N GLY DA 18 -24.98 -69.01 57.85
CA GLY DA 18 -26.14 -69.63 58.46
C GLY DA 18 -27.01 -70.45 57.53
N GLU DA 19 -26.88 -70.23 56.22
CA GLU DA 19 -27.76 -70.92 55.28
C GLU DA 19 -27.42 -72.40 55.16
N VAL DA 20 -26.17 -72.79 55.44
CA VAL DA 20 -25.80 -74.20 55.36
C VAL DA 20 -26.49 -74.96 56.49
N LYS DA 21 -26.73 -76.25 56.27
CA LYS DA 21 -27.43 -77.09 57.22
C LYS DA 21 -26.44 -77.91 58.04
N ASP DA 22 -26.87 -78.30 59.23
CA ASP DA 22 -26.03 -79.11 60.09
C ASP DA 22 -25.83 -80.50 59.49
N PRO DA 23 -24.66 -81.10 59.65
CA PRO DA 23 -24.41 -82.43 59.08
C PRO DA 23 -25.33 -83.48 59.71
N ILE DA 24 -25.69 -84.47 58.91
CA ILE DA 24 -26.53 -85.57 59.38
C ILE DA 24 -25.78 -86.52 60.31
N MET DA 25 -24.45 -86.45 60.34
CA MET DA 25 -23.67 -87.27 61.24
C MET DA 25 -23.92 -86.93 62.71
N TYR DA 26 -24.44 -85.73 62.99
CA TYR DA 26 -24.73 -85.34 64.36
C TYR DA 26 -25.81 -86.23 64.98
N LYS DA 27 -26.68 -86.80 64.16
CA LYS DA 27 -27.73 -87.68 64.63
C LYS DA 27 -27.25 -89.09 64.94
N TRP DA 28 -25.95 -89.36 64.80
CA TRP DA 28 -25.40 -90.69 65.00
C TRP DA 28 -24.60 -90.82 66.29
N PHE DA 29 -24.46 -89.73 67.06
CA PHE DA 29 -23.63 -89.74 68.25
C PHE DA 29 -24.35 -89.06 69.40
N SER DA 30 -23.98 -89.48 70.62
CA SER DA 30 -24.50 -88.83 71.81
C SER DA 30 -23.90 -87.44 71.97
N PRO DA 31 -24.59 -86.52 72.64
CA PRO DA 31 -24.02 -85.18 72.85
C PRO DA 31 -22.67 -85.20 73.57
N ASP DA 32 -22.47 -86.14 74.51
CA ASP DA 32 -21.21 -86.26 75.21
C ASP DA 32 -20.17 -87.09 74.46
N GLN DA 33 -20.54 -87.66 73.31
CA GLN DA 33 -19.64 -88.52 72.56
C GLN DA 33 -18.78 -87.77 71.55
N ILE DA 34 -18.89 -86.44 71.49
CA ILE DA 34 -18.14 -85.62 70.53
C ILE DA 34 -17.41 -84.53 71.31
N GLU DA 35 -16.12 -84.39 71.05
CA GLU DA 35 -15.31 -83.37 71.71
C GLU DA 35 -14.29 -82.82 70.73
N ASP DA 36 -14.34 -81.50 70.49
CA ASP DA 36 -13.46 -80.90 69.51
C ASP DA 36 -12.02 -80.80 70.02
N VAL DA 37 -11.08 -80.86 69.09
CA VAL DA 37 -9.66 -80.71 69.39
C VAL DA 37 -9.10 -79.54 68.58
N ASP DA 38 -7.82 -79.23 68.75
CA ASP DA 38 -7.17 -78.11 68.09
C ASP DA 38 -5.97 -78.63 67.30
N LEU DA 39 -6.21 -79.02 66.05
CA LEU DA 39 -5.16 -79.50 65.15
C LEU DA 39 -5.69 -79.52 63.73
N GLN DA 40 -4.86 -79.12 62.78
CA GLN DA 40 -5.23 -79.14 61.36
C GLN DA 40 -4.69 -80.37 60.64
N MET DA 41 -3.40 -80.66 60.81
CA MET DA 41 -2.80 -81.86 60.25
C MET DA 41 -1.77 -82.40 61.22
N GLY DA 42 -1.69 -83.73 61.30
CA GLY DA 42 -0.73 -84.35 62.19
C GLY DA 42 -1.30 -85.52 62.96
N TYR DA 43 -0.83 -85.72 64.19
CA TYR DA 43 -1.32 -86.82 65.01
C TYR DA 43 -1.44 -86.35 66.46
N GLN DA 44 -2.32 -87.02 67.19
CA GLN DA 44 -2.53 -86.74 68.60
C GLN DA 44 -2.67 -88.06 69.35
N LYS DA 45 -2.03 -88.15 70.51
CA LYS DA 45 -1.99 -89.37 71.30
C LYS DA 45 -2.85 -89.22 72.54
N THR DA 46 -3.57 -90.29 72.87
CA THR DA 46 -4.41 -90.36 74.05
C THR DA 46 -3.97 -91.54 74.91
N VAL DA 47 -3.95 -91.33 76.21
CA VAL DA 47 -3.46 -92.33 77.17
C VAL DA 47 -4.63 -92.78 78.04
N LYS DA 48 -4.73 -94.09 78.24
CA LYS DA 48 -5.74 -94.70 79.09
C LYS DA 48 -5.04 -95.46 80.21
N TRP DA 49 -5.43 -95.19 81.45
CA TRP DA 49 -4.80 -95.75 82.63
C TRP DA 49 -5.75 -96.73 83.30
N ASP DA 50 -5.25 -97.94 83.58
CA ASP DA 50 -6.04 -98.99 84.21
C ASP DA 50 -5.31 -99.51 85.44
N ALA DA 51 -6.07 -100.14 86.34
CA ALA DA 51 -5.52 -100.69 87.57
C ALA DA 51 -5.95 -102.15 87.71
N PHE DA 52 -5.16 -102.90 88.47
CA PHE DA 52 -5.44 -104.32 88.69
C PHE DA 52 -4.92 -104.73 90.06
N LEU DA 53 -5.45 -105.83 90.57
CA LEU DA 53 -5.04 -106.40 91.85
C LEU DA 53 -4.02 -107.50 91.61
N ASN DA 54 -3.02 -107.60 92.49
CA ASN DA 54 -1.99 -108.61 92.31
C ASN DA 54 -2.28 -109.91 93.07
N ALA DA 55 -3.05 -109.86 94.15
CA ALA DA 55 -3.30 -111.05 94.95
C ALA DA 55 -4.56 -110.82 95.78
N ASN DA 56 -4.93 -111.84 96.56
CA ASN DA 56 -6.07 -111.76 97.44
C ASN DA 56 -5.80 -110.76 98.56
N PRO DA 57 -6.85 -110.19 99.15
CA PRO DA 57 -6.65 -109.18 100.21
C PRO DA 57 -5.99 -109.78 101.44
N THR DA 58 -5.47 -108.89 102.28
CA THR DA 58 -4.79 -109.26 103.51
C THR DA 58 -5.64 -108.82 104.70
N THR DA 59 -5.92 -109.76 105.60
CA THR DA 59 -6.71 -109.47 106.79
C THR DA 59 -5.87 -108.66 107.77
N ILE DA 60 -6.46 -107.58 108.30
CA ILE DA 60 -5.77 -106.72 109.27
C ILE DA 60 -6.11 -107.28 110.65
N ALA DA 61 -5.27 -108.18 111.13
CA ALA DA 61 -5.40 -108.77 112.45
C ALA DA 61 -4.05 -108.75 113.15
N ASN DA 62 -4.04 -108.26 114.38
CA ASN DA 62 -2.82 -108.15 115.20
C ASN DA 62 -1.83 -107.27 114.45
N GLU DA 63 -0.59 -107.69 114.23
CA GLU DA 63 0.42 -106.90 113.55
C GLU DA 63 0.81 -107.58 112.25
N VAL DA 64 0.91 -106.80 111.18
CA VAL DA 64 1.31 -107.32 109.88
C VAL DA 64 2.04 -106.22 109.11
N ASN DA 65 3.03 -106.63 108.31
CA ASN DA 65 3.81 -105.72 107.50
C ASN DA 65 3.65 -105.94 106.00
N THR DA 66 3.38 -107.16 105.56
CA THR DA 66 3.27 -107.47 104.14
C THR DA 66 1.80 -107.41 103.70
N ILE DA 67 1.51 -106.53 102.75
CA ILE DA 67 0.15 -106.32 102.26
C ILE DA 67 0.11 -106.60 100.76
N SER DA 68 -1.08 -106.92 100.27
CA SER DA 68 -1.28 -107.15 98.84
C SER DA 68 -1.13 -105.84 98.08
N THR DA 69 -0.82 -105.96 96.79
CA THR DA 69 -0.45 -104.82 95.97
C THR DA 69 -1.43 -104.60 94.83
N ILE DA 70 -1.49 -103.35 94.36
CA ILE DA 70 -2.32 -102.94 93.24
C ILE DA 70 -1.41 -102.35 92.18
N GLY DA 71 -1.41 -102.95 91.00
CA GLY DA 71 -0.60 -102.49 89.89
C GLY DA 71 -1.38 -101.62 88.93
N PHE DA 72 -0.64 -100.91 88.07
CA PHE DA 72 -1.21 -99.99 87.11
C PHE DA 72 -0.63 -100.25 85.73
N SER DA 73 -1.38 -99.87 84.71
CA SER DA 73 -0.97 -100.08 83.33
C SER DA 73 -1.51 -98.93 82.47
N SER DA 74 -0.87 -98.73 81.32
CA SER DA 74 -1.22 -97.65 80.42
C SER DA 74 -1.33 -98.16 78.99
N GLU DA 75 -2.15 -97.48 78.20
CA GLU DA 75 -2.29 -97.77 76.78
C GLU DA 75 -2.32 -96.46 76.01
N VAL DA 76 -1.66 -96.43 74.86
CA VAL DA 76 -1.51 -95.22 74.06
C VAL DA 76 -2.15 -95.46 72.69
N VAL DA 77 -2.98 -94.51 72.26
CA VAL DA 77 -3.67 -94.59 70.98
C VAL DA 77 -3.40 -93.31 70.18
N ARG DA 78 -2.99 -93.47 68.93
CA ARG DA 78 -2.69 -92.35 68.05
C ARG DA 78 -3.83 -92.13 67.06
N LEU DA 79 -4.24 -90.88 66.90
CA LEU DA 79 -5.26 -90.49 65.93
C LEU DA 79 -4.66 -89.49 64.96
N ASN DA 80 -4.82 -89.76 63.66
CA ASN DA 80 -4.26 -88.93 62.61
C ASN DA 80 -5.32 -87.99 62.05
N TYR DA 81 -4.91 -86.76 61.74
CA TYR DA 81 -5.78 -85.73 61.20
C TYR DA 81 -5.17 -85.19 59.91
N LEU DA 82 -5.99 -85.06 58.87
CA LEU DA 82 -5.54 -84.64 57.56
C LEU DA 82 -6.34 -83.43 57.09
N LYS DA 83 -5.70 -82.58 56.29
CA LYS DA 83 -6.34 -81.38 55.77
C LYS DA 83 -6.48 -81.48 54.26
N LEU DA 84 -7.64 -81.06 53.74
CA LEU DA 84 -7.96 -81.14 52.33
C LEU DA 84 -8.55 -79.82 51.87
N GLN DA 85 -8.40 -79.53 50.58
CA GLN DA 85 -8.83 -78.26 50.01
C GLN DA 85 -9.54 -78.48 48.69
N TYR DA 86 -10.50 -77.61 48.42
CA TYR DA 86 -11.20 -77.55 47.14
C TYR DA 86 -11.16 -76.13 46.59
N LYS DA 87 -11.18 -76.00 45.28
CA LYS DA 87 -11.16 -74.71 44.61
C LYS DA 87 -12.41 -74.57 43.75
N PHE DA 88 -13.02 -73.38 43.78
CA PHE DA 88 -14.20 -73.12 42.98
C PHE DA 88 -14.13 -71.72 42.37
N ARG DA 89 -14.63 -71.60 41.15
CA ARG DA 89 -14.65 -70.33 40.42
C ARG DA 89 -15.97 -69.60 40.67
N HIS DA 90 -15.91 -68.28 40.53
CA HIS DA 90 -17.06 -67.43 40.80
C HIS DA 90 -16.85 -66.09 40.11
N LEU DA 91 -17.82 -65.20 40.26
CA LEU DA 91 -17.80 -63.88 39.65
C LEU DA 91 -17.23 -62.84 40.60
N LYS DA 92 -16.52 -61.86 40.04
CA LYS DA 92 -15.96 -60.78 40.83
C LYS DA 92 -17.06 -59.85 41.32
N GLN DA 93 -16.85 -59.29 42.52
CA GLN DA 93 -17.86 -58.42 43.13
C GLN DA 93 -18.13 -57.19 42.26
N THR DA 94 -17.07 -56.58 41.72
CA THR DA 94 -17.25 -55.42 40.87
C THR DA 94 -17.96 -55.78 39.57
N SER DA 95 -17.80 -57.03 39.11
CA SER DA 95 -18.43 -57.48 37.87
C SER DA 95 -19.82 -58.04 38.08
N GLU DA 96 -20.27 -58.22 39.32
CA GLU DA 96 -21.60 -58.74 39.56
C GLU DA 96 -22.68 -57.82 38.98
N LYS DA 97 -22.49 -56.51 39.11
CA LYS DA 97 -23.49 -55.55 38.65
C LYS DA 97 -23.76 -55.66 37.15
N PHE DA 98 -22.81 -56.19 36.38
CA PHE DA 98 -23.01 -56.39 34.95
C PHE DA 98 -23.70 -57.71 34.63
N TYR DA 99 -23.97 -58.53 35.64
CA TYR DA 99 -24.73 -59.76 35.46
C TYR DA 99 -25.97 -59.83 36.33
N THR DA 100 -26.25 -58.78 37.12
CA THR DA 100 -27.44 -58.75 37.98
C THR DA 100 -28.67 -58.54 37.11
N SER DA 101 -29.19 -59.65 36.58
CA SER DA 101 -30.44 -59.61 35.85
C SER DA 101 -31.62 -59.55 36.82
N ASP DA 102 -32.80 -59.25 36.28
CA ASP DA 102 -33.99 -59.11 37.12
C ASP DA 102 -34.38 -60.44 37.74
N SER DA 103 -34.41 -61.51 36.94
CA SER DA 103 -34.85 -62.80 37.46
C SER DA 103 -33.81 -63.44 38.37
N TYR DA 104 -32.53 -63.30 38.03
CA TYR DA 104 -31.46 -63.97 38.76
C TYR DA 104 -30.17 -63.17 38.62
N ILE DA 105 -29.19 -63.54 39.44
CA ILE DA 105 -27.85 -62.96 39.39
C ILE DA 105 -26.88 -64.08 39.04
N GLY DA 106 -26.14 -63.90 37.96
CA GLY DA 106 -25.18 -64.87 37.49
C GLY DA 106 -25.15 -64.90 35.97
N ASP DA 107 -24.45 -65.90 35.44
CA ASP DA 107 -24.34 -66.09 33.99
C ASP DA 107 -24.73 -67.54 33.68
N ILE DA 108 -25.92 -67.71 33.10
CA ILE DA 108 -26.42 -69.06 32.81
C ILE DA 108 -25.57 -69.73 31.74
N ASN DA 109 -25.21 -68.99 30.68
CA ASN DA 109 -24.52 -69.60 29.54
C ASN DA 109 -23.15 -70.14 29.94
N ASN DA 110 -22.41 -69.41 30.76
CA ASN DA 110 -21.07 -69.81 31.16
C ASN DA 110 -21.03 -70.48 32.53
N ASN DA 111 -22.19 -70.64 33.18
CA ASN DA 111 -22.29 -71.29 34.48
C ASN DA 111 -21.39 -70.61 35.51
N LEU DA 112 -21.66 -69.33 35.74
CA LEU DA 112 -20.93 -68.51 36.69
C LEU DA 112 -21.90 -67.96 37.72
N LEU DA 113 -21.51 -68.02 38.99
CA LEU DA 113 -22.39 -67.72 40.11
C LEU DA 113 -21.80 -66.63 40.98
N PRO DA 114 -22.63 -65.94 41.77
CA PRO DA 114 -22.09 -65.06 42.81
C PRO DA 114 -21.29 -65.85 43.83
N PHE DA 115 -20.35 -65.16 44.47
CA PHE DA 115 -19.46 -65.84 45.41
C PHE DA 115 -20.23 -66.47 46.56
N ALA DA 116 -21.24 -65.77 47.07
CA ALA DA 116 -22.00 -66.29 48.21
C ALA DA 116 -22.71 -67.59 47.86
N GLN DA 117 -23.43 -67.61 46.74
CA GLN DA 117 -24.15 -68.81 46.33
C GLN DA 117 -23.19 -69.95 46.01
N ALA DA 118 -22.09 -69.64 45.30
CA ALA DA 118 -21.11 -70.67 44.98
C ALA DA 118 -20.51 -71.27 46.24
N TYR DA 119 -20.18 -70.42 47.22
CA TYR DA 119 -19.65 -70.91 48.49
C TYR DA 119 -20.67 -71.77 49.21
N LYS DA 120 -21.94 -71.37 49.21
CA LYS DA 120 -22.97 -72.16 49.87
C LYS DA 120 -23.08 -73.55 49.25
N LEU DA 121 -23.14 -73.62 47.91
CA LEU DA 121 -23.26 -74.91 47.25
C LEU DA 121 -22.02 -75.78 47.47
N ALA DA 122 -20.83 -75.18 47.36
CA ALA DA 122 -19.61 -75.94 47.60
C ALA DA 122 -19.53 -76.45 49.02
N SER DA 123 -19.93 -75.62 49.99
CA SER DA 123 -19.94 -76.05 51.38
C SER DA 123 -20.92 -77.19 51.60
N SER DA 124 -22.09 -77.13 50.96
CA SER DA 124 -23.06 -78.21 51.09
C SER DA 124 -22.49 -79.52 50.55
N GLU DA 125 -21.86 -79.46 49.36
CA GLU DA 125 -21.26 -80.66 48.79
C GLU DA 125 -20.13 -81.20 49.68
N ILE DA 126 -19.32 -80.30 50.23
CA ILE DA 126 -18.21 -80.74 51.08
C ILE DA 126 -18.75 -81.37 52.37
N ILE DA 127 -19.84 -80.84 52.91
CA ILE DA 127 -20.46 -81.43 54.10
C ILE DA 127 -21.00 -82.81 53.79
N LYS DA 128 -21.61 -82.98 52.60
CA LYS DA 128 -22.04 -84.31 52.19
C LYS DA 128 -20.86 -85.28 52.13
N LEU DA 129 -19.74 -84.84 51.54
CA LEU DA 129 -18.56 -85.68 51.46
C LEU DA 129 -18.03 -86.02 52.85
N ILE DA 130 -18.03 -85.04 53.75
CA ILE DA 130 -17.56 -85.27 55.12
C ILE DA 130 -18.44 -86.29 55.83
N ASN DA 131 -19.76 -86.18 55.66
CA ASN DA 131 -20.66 -87.15 56.26
C ASN DA 131 -20.40 -88.55 55.71
N HIS DA 132 -20.18 -88.65 54.40
CA HIS DA 132 -19.87 -89.94 53.79
C HIS DA 132 -18.58 -90.51 54.37
N PHE DA 133 -17.56 -89.66 54.55
CA PHE DA 133 -16.31 -90.12 55.15
C PHE DA 133 -16.52 -90.59 56.59
N VAL DA 134 -17.27 -89.83 57.38
CA VAL DA 134 -17.49 -90.19 58.78
C VAL DA 134 -18.22 -91.53 58.87
N LEU DA 135 -19.15 -91.77 57.96
CA LEU DA 135 -19.87 -93.04 58.00
C LEU DA 135 -19.02 -94.21 57.50
N THR DA 136 -18.54 -94.13 56.25
CA THR DA 136 -17.96 -95.29 55.60
C THR DA 136 -16.46 -95.45 55.79
N GLY DA 137 -15.77 -94.41 56.25
CA GLY DA 137 -14.33 -94.51 56.39
C GLY DA 137 -13.57 -94.44 55.08
N THR DA 138 -14.22 -94.02 54.00
CA THR DA 138 -13.59 -93.87 52.70
C THR DA 138 -13.98 -92.53 52.09
N VAL DA 139 -13.15 -92.06 51.17
CA VAL DA 139 -13.41 -90.83 50.43
C VAL DA 139 -13.40 -91.17 48.94
N SER DA 140 -14.53 -90.94 48.28
CA SER DA 140 -14.66 -91.22 46.86
C SER DA 140 -15.80 -90.39 46.29
N ILE DA 141 -15.78 -90.23 44.97
CA ILE DA 141 -16.83 -89.50 44.25
C ILE DA 141 -17.60 -90.38 43.29
N GLN DA 142 -17.14 -91.59 43.00
CA GLN DA 142 -17.86 -92.48 42.11
C GLN DA 142 -18.97 -93.20 42.86
N LYS DA 143 -20.08 -93.45 42.15
CA LYS DA 143 -21.21 -94.15 42.75
C LYS DA 143 -20.88 -95.60 43.09
N ASP DA 144 -19.87 -96.19 42.45
CA ASP DA 144 -19.46 -97.55 42.72
C ASP DA 144 -18.51 -97.66 43.89
N GLY DA 145 -18.15 -96.55 44.52
CA GLY DA 145 -17.18 -96.57 45.61
C GLY DA 145 -15.79 -96.97 45.16
N LYS DA 146 -15.39 -96.58 43.96
CA LYS DA 146 -14.08 -96.85 43.40
C LYS DA 146 -13.32 -95.54 43.22
N ASN DA 147 -12.06 -95.67 42.78
CA ASN DA 147 -11.17 -94.52 42.63
C ASN DA 147 -11.07 -93.75 43.94
N GLN DA 148 -10.95 -94.49 45.05
CA GLN DA 148 -10.91 -93.87 46.36
C GLN DA 148 -9.57 -93.19 46.61
N LYS DA 149 -9.62 -92.07 47.33
CA LYS DA 149 -8.40 -91.36 47.73
C LYS DA 149 -7.73 -92.12 48.86
N ARG DA 150 -6.48 -92.52 48.66
CA ARG DA 150 -5.74 -93.26 49.66
C ARG DA 150 -5.51 -92.38 50.88
N LEU DA 151 -5.94 -92.84 52.05
CA LEU DA 151 -5.84 -92.07 53.28
C LEU DA 151 -4.75 -92.64 54.19
N LEU DA 152 -4.49 -91.91 55.27
CA LEU DA 152 -3.44 -92.26 56.21
C LEU DA 152 -3.91 -93.38 57.14
N PRO DA 153 -2.96 -94.13 57.72
CA PRO DA 153 -3.32 -95.10 58.75
C PRO DA 153 -3.85 -94.41 60.00
N ASN DA 154 -4.53 -95.21 60.83
CA ASN DA 154 -5.19 -94.72 62.04
C ASN DA 154 -6.27 -93.69 61.71
N MET DA 155 -6.80 -93.76 60.48
CA MET DA 155 -7.89 -92.90 60.02
C MET DA 155 -9.00 -93.84 59.55
N TYR DA 156 -9.92 -94.17 60.45
CA TYR DA 156 -10.94 -95.16 60.18
C TYR DA 156 -12.32 -94.59 60.46
N GLY DA 157 -13.32 -95.15 59.79
CA GLY DA 157 -14.71 -94.86 60.07
C GLY DA 157 -15.40 -96.01 60.79
N LEU DA 158 -16.71 -95.89 60.89
CA LEU DA 158 -17.48 -96.92 61.58
C LEU DA 158 -17.46 -98.25 60.83
N LEU DA 159 -17.57 -98.21 59.50
CA LEU DA 159 -17.65 -99.44 58.72
C LEU DA 159 -16.31 -100.13 58.55
N ASN DA 160 -15.21 -99.36 58.46
CA ASN DA 160 -13.90 -99.95 58.22
C ASN DA 160 -13.05 -100.03 59.49
N MET DA 161 -13.65 -99.81 60.66
CA MET DA 161 -12.91 -99.92 61.90
C MET DA 161 -12.47 -101.36 62.11
N PRO DA 162 -11.19 -101.62 62.36
CA PRO DA 162 -10.73 -102.99 62.56
C PRO DA 162 -11.15 -103.51 63.93
N GLU DA 163 -10.90 -104.81 64.12
CA GLU DA 163 -11.16 -105.49 65.39
C GLU DA 163 -12.61 -105.30 65.85
N GLN DA 164 -13.53 -105.36 64.90
CA GLN DA 164 -14.96 -105.30 65.18
C GLN DA 164 -15.61 -106.59 64.69
N ILE DA 165 -16.89 -106.78 65.04
CA ILE DA 165 -17.60 -108.00 64.68
C ILE DA 165 -18.24 -107.79 63.31
N LYS DA 166 -17.95 -108.71 62.39
CA LYS DA 166 -18.46 -108.63 61.03
C LYS DA 166 -19.18 -109.93 60.68
N GLU DA 167 -20.42 -109.80 60.20
CA GLU DA 167 -21.21 -110.93 59.75
C GLU DA 167 -21.65 -110.72 58.31
N GLU DA 168 -21.77 -111.82 57.58
CA GLU DA 168 -22.13 -111.79 56.17
C GLU DA 168 -23.35 -112.68 55.95
N VAL DA 169 -24.41 -112.11 55.43
CA VAL DA 169 -25.60 -112.86 55.05
C VAL DA 169 -25.47 -113.27 53.59
N ALA DA 170 -25.60 -114.58 53.33
CA ALA DA 170 -25.30 -115.13 52.02
C ALA DA 170 -26.27 -114.58 50.96
N SER DA 171 -25.82 -114.65 49.71
CA SER DA 171 -26.64 -114.15 48.60
C SER DA 171 -27.92 -114.96 48.45
N GLY DA 172 -27.87 -116.26 48.73
CA GLY DA 172 -29.07 -117.08 48.68
C GLY DA 172 -30.12 -116.65 49.69
N ASP DA 173 -29.67 -116.17 50.85
CA ASP DA 173 -30.57 -115.70 51.90
C ASP DA 173 -30.65 -114.18 51.95
N LYS DA 174 -30.48 -113.52 50.79
CA LYS DA 174 -30.49 -112.06 50.76
C LYS DA 174 -31.85 -111.47 51.12
N ASP DA 175 -32.93 -112.23 50.97
CA ASP DA 175 -34.26 -111.77 51.29
C ASP DA 175 -34.88 -112.48 52.48
N LYS DA 176 -34.14 -113.36 53.14
CA LYS DA 176 -34.66 -114.15 54.26
C LYS DA 176 -34.38 -113.41 55.56
N MET DA 177 -35.41 -112.77 56.10
CA MET DA 177 -35.26 -112.01 57.34
C MET DA 177 -34.87 -112.91 58.51
N ASP DA 178 -35.32 -114.17 58.51
CA ASP DA 178 -34.92 -115.09 59.56
C ASP DA 178 -33.42 -115.34 59.54
N LYS DA 179 -32.85 -115.54 58.35
CA LYS DA 179 -31.40 -115.71 58.24
C LYS DA 179 -30.66 -114.43 58.61
N ILE DA 180 -31.18 -113.29 58.19
CA ILE DA 180 -30.55 -112.01 58.53
C ILE DA 180 -30.51 -111.83 60.05
N PHE DA 181 -31.63 -112.12 60.72
CA PHE DA 181 -31.66 -111.99 62.17
C PHE DA 181 -30.83 -113.06 62.87
N GLU DA 182 -30.68 -114.24 62.26
CA GLU DA 182 -29.75 -115.23 62.81
C GLU DA 182 -28.33 -114.68 62.81
N LYS DA 183 -27.91 -114.08 61.69
CA LYS DA 183 -26.59 -113.47 61.63
C LYS DA 183 -26.46 -112.32 62.63
N ILE DA 184 -27.51 -111.51 62.76
CA ILE DA 184 -27.47 -110.39 63.71
C ILE DA 184 -27.36 -110.89 65.14
N GLU DA 185 -28.08 -111.97 65.48
CA GLU DA 185 -27.99 -112.55 66.81
C GLU DA 185 -26.59 -113.10 67.07
N ALA DA 186 -26.00 -113.76 66.07
CA ALA DA 186 -24.63 -114.24 66.22
C ALA DA 186 -23.67 -113.09 66.49
N GLY DA 187 -23.80 -112.00 65.73
CA GLY DA 187 -22.95 -110.85 65.96
C GLY DA 187 -23.16 -110.22 67.33
N LEU DA 188 -24.42 -110.13 67.76
CA LEU DA 188 -24.72 -109.56 69.07
C LEU DA 188 -24.12 -110.41 70.18
N SER DA 189 -24.18 -111.74 70.03
CA SER DA 189 -23.55 -112.62 71.01
C SER DA 189 -22.04 -112.44 71.01
N LYS DA 190 -21.44 -112.28 69.83
CA LYS DA 190 -20.00 -112.07 69.77
C LYS DA 190 -19.59 -110.67 70.23
N LEU DA 191 -20.54 -109.74 70.38
CA LEU DA 191 -20.20 -108.43 70.90
C LEU DA 191 -19.69 -108.53 72.33
N GLU DA 192 -18.73 -107.67 72.67
CA GLU DA 192 -18.13 -107.63 74.00
C GLU DA 192 -18.13 -106.18 74.49
N LEU DA 193 -18.92 -105.91 75.53
CA LEU DA 193 -18.99 -104.58 76.12
C LEU DA 193 -18.41 -104.50 77.52
N GLY DA 194 -18.10 -105.63 78.15
CA GLY DA 194 -17.55 -105.61 79.49
C GLY DA 194 -18.53 -105.05 80.50
N ASP DA 195 -18.05 -104.12 81.32
CA ASP DA 195 -18.87 -103.51 82.37
C ASP DA 195 -19.68 -102.33 81.86
N GLU DA 196 -19.53 -101.96 80.59
CA GLU DA 196 -20.28 -100.87 79.98
C GLU DA 196 -21.44 -101.38 79.14
N PHE DA 197 -21.95 -102.58 79.44
CA PHE DA 197 -23.05 -103.14 78.66
C PHE DA 197 -24.34 -102.35 78.86
N SER DA 198 -24.56 -101.80 80.05
CA SER DA 198 -25.75 -101.01 80.34
C SER DA 198 -25.60 -99.65 79.68
N THR DA 199 -25.88 -99.61 78.37
CA THR DA 199 -25.70 -98.42 77.57
C THR DA 199 -26.69 -98.42 76.41
N PRO DA 200 -27.32 -97.29 76.09
CA PRO DA 200 -28.18 -97.23 74.91
C PRO DA 200 -27.41 -97.57 73.64
N MET DA 201 -28.09 -98.21 72.70
CA MET DA 201 -27.50 -98.67 71.47
C MET DA 201 -28.13 -97.95 70.28
N MET DA 202 -27.37 -97.89 69.18
CA MET DA 202 -27.81 -97.21 67.97
C MET DA 202 -27.54 -98.12 66.78
N VAL DA 203 -28.54 -98.23 65.90
CA VAL DA 203 -28.47 -99.04 64.70
C VAL DA 203 -28.76 -98.14 63.50
N ILE DA 204 -27.95 -98.30 62.46
CA ILE DA 204 -28.12 -97.58 61.21
C ILE DA 204 -28.30 -98.59 60.09
N VAL DA 205 -29.36 -98.42 59.29
CA VAL DA 205 -29.71 -99.37 58.25
C VAL DA 205 -29.96 -98.63 56.94
N ASP DA 206 -29.83 -99.37 55.84
CA ASP DA 206 -30.16 -98.84 54.53
C ASP DA 206 -31.66 -98.91 54.27
N PRO DA 207 -32.17 -98.11 53.34
CA PRO DA 207 -33.63 -98.07 53.12
C PRO DA 207 -34.24 -99.41 52.77
N ALA DA 208 -33.54 -100.25 51.99
CA ALA DA 208 -34.07 -101.58 51.69
C ALA DA 208 -34.20 -102.42 52.95
N THR DA 209 -33.19 -102.37 53.82
CA THR DA 209 -33.27 -103.08 55.09
C THR DA 209 -34.41 -102.55 55.94
N SER DA 210 -34.61 -101.23 55.94
CA SER DA 210 -35.72 -100.66 56.70
C SER DA 210 -37.07 -101.14 56.18
N LEU DA 211 -37.22 -101.19 54.85
CA LEU DA 211 -38.47 -101.68 54.26
C LEU DA 211 -38.69 -103.15 54.62
N LYS DA 212 -37.62 -103.95 54.63
CA LYS DA 212 -37.75 -105.33 55.07
C LYS DA 212 -38.11 -105.43 56.55
N LEU DA 213 -37.59 -104.50 57.37
CA LEU DA 213 -37.87 -104.53 58.81
C LEU DA 213 -39.32 -104.18 59.11
N VAL DA 214 -39.90 -103.23 58.36
CA VAL DA 214 -41.26 -102.79 58.65
C VAL DA 214 -42.28 -103.84 58.24
N LYS DA 215 -41.82 -104.97 57.69
CA LYS DA 215 -42.71 -106.09 57.45
C LYS DA 215 -43.15 -106.70 58.79
N PRO DA 216 -44.34 -107.28 58.84
CA PRO DA 216 -44.77 -107.97 60.06
C PRO DA 216 -43.90 -109.19 60.35
N TYR DA 217 -43.70 -109.45 61.64
CA TYR DA 217 -42.85 -110.56 62.05
C TYR DA 217 -43.49 -111.90 61.69
N ALA DA 218 -42.68 -112.81 61.18
CA ALA DA 218 -43.16 -114.14 60.78
C ALA DA 218 -42.45 -115.23 61.57
N ALA DA 223 -45.72 -119.42 58.53
CA ALA DA 223 -46.87 -118.95 59.30
C ALA DA 223 -46.67 -117.50 59.73
N ALA DA 224 -47.34 -116.59 59.02
CA ALA DA 224 -47.24 -115.18 59.34
C ALA DA 224 -47.96 -114.86 60.65
N SER DA 225 -47.55 -113.77 61.28
CA SER DA 225 -48.12 -113.35 62.56
C SER DA 225 -48.64 -111.93 62.48
N SER DA 226 -49.03 -111.37 63.62
CA SER DA 226 -49.59 -110.03 63.68
C SER DA 226 -49.20 -109.36 64.98
N CYS DA 227 -49.35 -108.03 65.01
CA CYS DA 227 -49.08 -107.21 66.19
C CYS DA 227 -47.61 -107.30 66.61
N GLU DA 228 -46.73 -107.62 65.67
CA GLU DA 228 -45.30 -107.69 65.95
C GLU DA 228 -44.54 -107.51 64.64
N LYS DA 229 -43.46 -106.73 64.69
CA LYS DA 229 -42.65 -106.46 63.53
C LYS DA 229 -41.23 -106.98 63.73
N TRP DA 230 -40.54 -107.21 62.62
CA TRP DA 230 -39.14 -107.58 62.68
C TRP DA 230 -38.32 -106.49 63.37
N GLU DA 231 -38.74 -105.23 63.22
CA GLU DA 231 -38.09 -104.15 63.96
C GLU DA 231 -38.21 -104.34 65.45
N ASP DA 232 -39.42 -104.70 65.93
CA ASP DA 232 -39.60 -104.97 67.34
C ASP DA 232 -38.79 -106.17 67.80
N VAL DA 233 -38.70 -107.20 66.95
CA VAL DA 233 -37.89 -108.37 67.29
C VAL DA 233 -36.42 -107.97 67.44
N LEU DA 234 -35.92 -107.16 66.52
CA LEU DA 234 -34.54 -106.68 66.61
C LEU DA 234 -34.32 -105.84 67.86
N ILE DA 235 -35.28 -104.98 68.19
CA ILE DA 235 -35.16 -104.14 69.39
C ILE DA 235 -35.09 -105.02 70.64
N GLN DA 236 -35.95 -106.05 70.71
CA GLN DA 236 -35.90 -106.96 71.85
C GLN DA 236 -34.57 -107.70 71.91
N THR DA 237 -34.06 -108.14 70.76
CA THR DA 237 -32.78 -108.86 70.74
C THR DA 237 -31.64 -107.98 71.23
N ILE DA 238 -31.63 -106.71 70.82
CA ILE DA 238 -30.58 -105.80 71.27
C ILE DA 238 -30.76 -105.46 72.75
N LYS DA 239 -32.02 -105.33 73.20
CA LYS DA 239 -32.29 -105.09 74.61
C LYS DA 239 -31.87 -106.27 75.47
N ALA DA 240 -31.81 -107.47 74.90
CA ALA DA 240 -31.29 -108.62 75.62
C ALA DA 240 -29.84 -108.40 76.04
N ILE DA 241 -29.03 -107.80 75.16
CA ILE DA 241 -27.61 -107.65 75.44
C ILE DA 241 -27.25 -106.31 76.08
N ASN DA 242 -28.07 -105.27 75.91
CA ASN DA 242 -27.74 -103.97 76.48
C ASN DA 242 -28.41 -103.72 77.82
N ASN DA 243 -28.80 -104.78 78.52
CA ASN DA 243 -29.48 -104.70 79.82
C ASN DA 243 -30.77 -103.88 79.72
N ARG DA 244 -31.55 -104.17 78.68
CA ARG DA 244 -32.86 -103.55 78.45
C ARG DA 244 -32.75 -102.03 78.41
N GLU DA 245 -31.81 -101.53 77.62
CA GLU DA 245 -31.64 -100.10 77.43
C GLU DA 245 -32.28 -99.65 76.12
N ASP DA 246 -32.27 -98.33 75.90
CA ASP DA 246 -32.86 -97.78 74.69
C ASP DA 246 -32.11 -98.24 73.45
N VAL DA 247 -32.85 -98.44 72.37
CA VAL DA 247 -32.30 -98.89 71.09
C VAL DA 247 -32.85 -97.98 70.02
N TYR DA 248 -32.03 -97.03 69.55
CA TYR DA 248 -32.44 -96.11 68.51
C TYR DA 248 -32.10 -96.66 67.14
N ILE DA 249 -32.95 -96.35 66.16
CA ILE DA 249 -32.82 -96.84 64.79
C ILE DA 249 -32.85 -95.66 63.84
N GLU DA 250 -31.92 -95.65 62.88
CA GLU DA 250 -31.83 -94.60 61.88
C GLU DA 250 -31.60 -95.22 60.50
N THR DA 251 -32.01 -94.48 59.48
CA THR DA 251 -31.85 -94.89 58.09
C THR DA 251 -30.95 -93.90 57.37
N SER DA 252 -29.96 -94.42 56.65
CA SER DA 252 -29.00 -93.61 55.92
C SER DA 252 -28.88 -94.13 54.49
N ASN DA 253 -29.02 -93.22 53.52
CA ASN DA 253 -28.89 -93.61 52.12
C ASN DA 253 -27.46 -93.94 51.73
N LEU DA 254 -26.47 -93.50 52.53
CA LEU DA 254 -25.08 -93.79 52.22
C LEU DA 254 -24.80 -95.29 52.31
N LEU DA 255 -25.40 -95.97 53.27
CA LEU DA 255 -25.21 -97.40 53.41
C LEU DA 255 -25.88 -98.15 52.26
N LYS DA 256 -25.36 -99.34 51.98
CA LYS DA 256 -25.89 -100.20 50.91
C LYS DA 256 -25.81 -101.64 51.40
N HIS DA 257 -26.96 -102.20 51.77
CA HIS DA 257 -27.06 -103.58 52.24
C HIS DA 257 -26.19 -103.81 53.47
N LYS DA 258 -26.12 -102.80 54.34
CA LYS DA 258 -25.32 -102.82 55.55
C LYS DA 258 -26.20 -102.49 56.75
N ILE DA 259 -25.90 -103.16 57.87
CA ILE DA 259 -26.52 -102.86 59.15
C ILE DA 259 -25.41 -102.61 60.16
N LEU DA 260 -25.47 -101.47 60.83
CA LEU DA 260 -24.45 -101.05 61.78
C LEU DA 260 -25.05 -100.94 63.17
N ILE DA 261 -24.44 -101.61 64.14
CA ILE DA 261 -24.89 -101.56 65.53
C ILE DA 261 -23.73 -101.16 66.41
N TYR DA 262 -23.93 -100.14 67.25
CA TYR DA 262 -22.87 -99.68 68.13
C TYR DA 262 -23.48 -98.93 69.31
N PRO DA 263 -22.84 -98.98 70.47
CA PRO DA 263 -23.39 -98.27 71.63
C PRO DA 263 -23.06 -96.78 71.61
N LEU DA 264 -23.93 -96.00 72.26
CA LEU DA 264 -23.75 -94.56 72.40
C LEU DA 264 -23.05 -94.23 73.72
N ASN DA 265 -21.87 -94.82 73.90
CA ASN DA 265 -21.08 -94.65 75.10
C ASN DA 265 -19.79 -93.89 74.78
N SER DA 266 -19.55 -92.81 75.51
CA SER DA 266 -18.29 -92.06 75.33
C SER DA 266 -17.09 -92.88 75.77
N GLU DA 267 -17.25 -93.73 76.79
CA GLU DA 267 -16.16 -94.57 77.25
C GLU DA 267 -15.75 -95.62 76.23
N LEU DA 268 -16.65 -95.98 75.30
CA LEU DA 268 -16.38 -96.99 74.30
C LEU DA 268 -16.02 -96.40 72.94
N ILE DA 269 -16.84 -95.47 72.45
CA ILE DA 269 -16.61 -94.82 71.16
C ILE DA 269 -16.68 -93.31 71.36
N LYS DA 270 -15.66 -92.60 70.88
CA LYS DA 270 -15.60 -91.15 71.01
C LYS DA 270 -15.12 -90.53 69.71
N PHE DA 271 -15.74 -89.41 69.35
CA PHE DA 271 -15.38 -88.67 68.15
C PHE DA 271 -14.72 -87.37 68.59
N LYS DA 272 -13.41 -87.28 68.35
CA LYS DA 272 -12.64 -86.08 68.66
C LYS DA 272 -12.21 -85.42 67.36
N PRO DA 273 -13.08 -84.67 66.70
CA PRO DA 273 -12.72 -84.05 65.43
C PRO DA 273 -12.01 -82.71 65.62
N SER DA 274 -11.32 -82.30 64.57
CA SER DA 274 -10.70 -80.98 64.57
C SER DA 274 -11.77 -79.89 64.61
N LYS DA 275 -11.43 -78.79 65.28
CA LYS DA 275 -12.32 -77.65 65.31
C LYS DA 275 -12.43 -76.97 63.95
N TYR DA 276 -11.57 -77.33 62.99
CA TYR DA 276 -11.63 -76.82 61.64
C TYR DA 276 -12.10 -77.89 60.65
N MET DA 277 -12.76 -78.94 61.14
CA MET DA 277 -13.20 -80.02 60.26
C MET DA 277 -14.23 -79.53 59.25
N LEU DA 278 -15.18 -78.70 59.69
CA LEU DA 278 -16.20 -78.19 58.80
C LEU DA 278 -15.59 -77.19 57.82
N PRO DA 279 -16.23 -76.98 56.67
CA PRO DA 279 -15.63 -76.13 55.63
C PRO DA 279 -15.31 -74.73 56.14
N THR DA 280 -14.14 -74.22 55.73
CA THR DA 280 -13.68 -72.89 56.11
C THR DA 280 -13.10 -72.20 54.89
N PRO DA 281 -13.50 -70.96 54.60
CA PRO DA 281 -12.92 -70.27 53.44
C PRO DA 281 -11.45 -69.94 53.66
N ASN DA 282 -10.71 -69.89 52.56
CA ASN DA 282 -9.29 -69.55 52.59
C ASN DA 282 -9.10 -68.09 52.21
N GLU DA 283 -8.03 -67.49 52.74
CA GLU DA 283 -7.75 -66.08 52.47
C GLU DA 283 -7.25 -65.86 51.05
N GLN DA 284 -6.68 -66.87 50.42
CA GLN DA 284 -6.15 -66.72 49.07
C GLN DA 284 -7.29 -66.68 48.06
N VAL DA 285 -7.43 -65.56 47.37
CA VAL DA 285 -8.45 -65.37 46.34
C VAL DA 285 -7.74 -64.99 45.05
N ASP DA 286 -7.71 -65.91 44.09
CA ASP DA 286 -7.07 -65.64 42.82
C ASP DA 286 -7.82 -64.55 42.05
N LYS DA 287 -7.06 -63.61 41.50
CA LYS DA 287 -7.62 -62.49 40.75
C LYS DA 287 -6.87 -62.31 39.45
N ASP DA 288 -7.54 -61.70 38.48
CA ASP DA 288 -6.97 -61.47 37.16
C ASP DA 288 -7.67 -60.25 36.56
N SER DA 289 -7.32 -59.92 35.32
CA SER DA 289 -7.95 -58.80 34.62
C SER DA 289 -9.36 -59.11 34.15
N THR DA 290 -9.76 -60.38 34.15
CA THR DA 290 -11.10 -60.77 33.73
C THR DA 290 -12.04 -60.71 34.92
N ASP DA 291 -13.27 -61.21 34.73
CA ASP DA 291 -14.30 -61.16 35.76
C ASP DA 291 -14.43 -62.46 36.53
N VAL DA 292 -13.60 -63.45 36.24
CA VAL DA 292 -13.68 -64.77 36.88
C VAL DA 292 -12.61 -64.85 37.95
N ALA DA 293 -13.03 -65.08 39.20
CA ALA DA 293 -12.14 -65.26 40.32
C ALA DA 293 -12.24 -66.68 40.85
N HIS DA 294 -11.27 -67.06 41.69
CA HIS DA 294 -11.22 -68.39 42.27
C HIS DA 294 -11.06 -68.29 43.78
N SER DA 295 -11.71 -69.19 44.51
CA SER DA 295 -11.62 -69.24 45.96
C SER DA 295 -11.40 -70.67 46.41
N TYR DA 296 -10.96 -70.83 47.66
CA TYR DA 296 -10.58 -72.12 48.20
C TYR DA 296 -11.31 -72.38 49.52
N ILE DA 297 -11.60 -73.66 49.76
CA ILE DA 297 -12.28 -74.11 50.97
C ILE DA 297 -11.45 -75.24 51.58
N ASP DA 298 -11.24 -75.17 52.90
CA ASP DA 298 -10.45 -76.15 53.63
C ASP DA 298 -11.35 -76.94 54.57
N PHE DA 299 -11.02 -78.22 54.75
CA PHE DA 299 -11.72 -79.06 55.71
C PHE DA 299 -10.79 -80.15 56.21
N VAL DA 300 -11.02 -80.58 57.45
CA VAL DA 300 -10.13 -81.51 58.14
C VAL DA 300 -10.88 -82.81 58.38
N LEU DA 301 -10.20 -83.93 58.13
CA LEU DA 301 -10.77 -85.26 58.29
C LEU DA 301 -9.96 -86.05 59.31
N GLY DA 302 -10.64 -86.98 59.98
CA GLY DA 302 -10.02 -87.84 60.97
C GLY DA 302 -10.51 -87.59 62.38
N GLY DA 303 -10.30 -88.54 63.29
CA GLY DA 303 -10.65 -88.32 64.68
C GLY DA 303 -11.71 -89.23 65.27
N LEU DA 304 -11.75 -90.51 64.88
CA LEU DA 304 -12.68 -91.46 65.44
C LEU DA 304 -11.92 -92.49 66.27
N LEU DA 305 -12.36 -92.70 67.51
CA LEU DA 305 -11.74 -93.69 68.40
C LEU DA 305 -12.81 -94.65 68.89
N ALA DA 306 -12.50 -95.94 68.91
CA ALA DA 306 -13.44 -96.96 69.34
C ALA DA 306 -12.70 -98.08 70.06
N THR DA 307 -13.42 -98.75 70.94
CA THR DA 307 -12.91 -99.94 71.61
C THR DA 307 -13.09 -101.16 70.72
N ARG DA 308 -12.13 -102.08 70.79
CA ARG DA 308 -12.16 -103.25 69.93
C ARG DA 308 -13.36 -104.13 70.25
N LYS DA 309 -13.93 -104.74 69.21
CA LYS DA 309 -15.08 -105.64 69.33
C LYS DA 309 -16.25 -104.95 70.03
N THR DA 310 -16.57 -103.74 69.55
CA THR DA 310 -17.72 -103.00 70.05
C THR DA 310 -18.67 -102.54 68.95
N ILE DA 311 -18.37 -102.83 67.69
CA ILE DA 311 -19.21 -102.44 66.56
C ILE DA 311 -19.55 -103.68 65.74
N LEU DA 312 -20.83 -103.89 65.49
CA LEU DA 312 -21.31 -105.01 64.70
C LEU DA 312 -21.71 -104.52 63.31
N GLN DA 313 -21.19 -105.18 62.29
CA GLN DA 313 -21.43 -104.82 60.89
C GLN DA 313 -21.97 -106.04 60.16
N VAL DA 314 -23.21 -105.96 59.70
CA VAL DA 314 -23.86 -107.06 58.97
C VAL DA 314 -23.98 -106.64 57.51
N ASN DA 315 -23.32 -107.39 56.63
CA ASN DA 315 -23.35 -107.13 55.20
C ASN DA 315 -24.20 -108.20 54.52
N ILE DA 316 -25.26 -107.77 53.85
CA ILE DA 316 -26.15 -108.70 53.15
C ILE DA 316 -25.66 -108.79 51.71
N LYS DA 317 -24.93 -109.86 51.40
CA LYS DA 317 -24.39 -110.03 50.05
C LYS DA 317 -25.52 -110.16 49.04
N GLN DA 318 -25.42 -109.43 47.94
CA GLN DA 318 -26.46 -109.39 46.92
C GLN DA 318 -26.08 -110.09 45.63
N SER DA 319 -24.81 -110.41 45.43
CA SER DA 319 -24.37 -111.07 44.20
C SER DA 319 -24.60 -112.57 44.27
N THR EA 4 19.90 -109.68 73.37
CA THR EA 4 19.44 -108.33 73.68
C THR EA 4 20.32 -107.29 73.01
N THR EA 5 21.60 -107.26 73.38
CA THR EA 5 22.54 -106.30 72.78
C THR EA 5 22.71 -106.59 71.29
N GLN EA 6 22.76 -107.86 70.90
CA GLN EA 6 22.81 -108.19 69.48
C GLN EA 6 21.56 -107.70 68.75
N LEU EA 7 20.40 -107.84 69.39
CA LEU EA 7 19.17 -107.33 68.79
C LEU EA 7 19.22 -105.81 68.65
N VAL EA 8 19.80 -105.12 69.63
CA VAL EA 8 19.95 -103.67 69.53
C VAL EA 8 20.85 -103.32 68.35
N LYS EA 9 21.95 -104.06 68.18
CA LYS EA 9 22.85 -103.80 67.06
C LYS EA 9 22.14 -104.02 65.72
N GLU EA 10 21.37 -105.11 65.61
CA GLU EA 10 20.62 -105.35 64.39
C GLU EA 10 19.60 -104.25 64.13
N TYR EA 11 18.93 -103.78 65.19
CA TYR EA 11 18.00 -102.67 65.05
C TYR EA 11 18.69 -101.42 64.53
N GLN EA 12 19.89 -101.13 65.06
CA GLN EA 12 20.65 -99.99 64.57
C GLN EA 12 21.01 -100.15 63.10
N GLU EA 13 21.43 -101.36 62.70
CA GLU EA 13 21.79 -101.57 61.30
C GLU EA 13 20.60 -101.35 60.38
N LYS EA 14 19.45 -101.95 60.71
CA LYS EA 14 18.27 -101.76 59.87
C LYS EA 14 17.78 -100.33 59.89
N ARG EA 15 17.89 -99.65 61.04
CA ARG EA 15 17.51 -98.24 61.11
C ARG EA 15 18.39 -97.39 60.22
N SER EA 16 19.70 -97.66 60.20
CA SER EA 16 20.59 -96.93 59.32
C SER EA 16 20.27 -97.20 57.85
N LYS EA 17 19.98 -98.46 57.51
CA LYS EA 17 19.63 -98.78 56.13
C LYS EA 17 18.35 -98.05 55.71
N LEU EA 18 17.34 -98.03 56.59
CA LEU EA 18 16.10 -97.32 56.26
C LEU EA 18 16.32 -95.82 56.17
N GLU EA 19 17.10 -95.25 57.10
CA GLU EA 19 17.36 -93.81 57.11
C GLU EA 19 18.20 -93.36 55.92
N LYS EA 20 18.96 -94.28 55.32
CA LYS EA 20 19.71 -93.93 54.11
C LYS EA 20 18.77 -93.49 52.99
N PHE EA 21 17.63 -94.17 52.85
CA PHE EA 21 16.64 -93.83 51.84
C PHE EA 21 15.56 -92.94 52.46
N MET EA 22 15.98 -91.74 52.85
CA MET EA 22 15.07 -90.78 53.46
C MET EA 22 15.55 -89.37 53.12
N LYS EA 23 14.58 -88.48 52.93
CA LYS EA 23 14.90 -87.08 52.62
C LYS EA 23 15.65 -86.43 53.79
N ASN EA 24 15.00 -86.34 54.94
CA ASN EA 24 15.58 -85.73 56.14
C ASN EA 24 15.38 -86.70 57.31
N PRO EA 25 16.18 -87.76 57.39
CA PRO EA 25 16.07 -88.68 58.52
C PRO EA 25 16.37 -87.98 59.83
N GLN EA 26 15.62 -88.36 60.87
CA GLN EA 26 15.75 -87.74 62.19
C GLN EA 26 16.77 -88.52 63.00
N HIS EA 27 17.86 -87.85 63.37
CA HIS EA 27 18.93 -88.45 64.17
C HIS EA 27 19.18 -87.59 65.40
N ASP EA 28 19.59 -88.25 66.48
CA ASP EA 28 20.01 -87.58 67.71
C ASP EA 28 21.52 -87.70 67.82
N ALA EA 29 22.19 -86.56 67.91
CA ALA EA 29 23.65 -86.50 67.95
C ALA EA 29 24.11 -85.95 69.29
N SER EA 30 25.35 -86.30 69.66
CA SER EA 30 25.94 -85.82 70.90
C SER EA 30 26.66 -84.49 70.74
N LEU EA 31 26.96 -84.07 69.51
CA LEU EA 31 27.73 -82.87 69.26
C LEU EA 31 27.09 -82.06 68.15
N LEU EA 32 27.34 -80.76 68.16
CA LEU EA 32 26.93 -79.86 67.10
C LEU EA 32 27.99 -79.83 66.01
N SER EA 33 27.65 -80.31 64.82
CA SER EA 33 28.58 -80.25 63.70
C SER EA 33 28.80 -78.82 63.25
N ASN EA 34 30.01 -78.53 62.80
CA ASN EA 34 30.41 -77.19 62.40
C ASN EA 34 30.59 -77.14 60.89
N SER EA 35 29.84 -76.27 60.23
CA SER EA 35 29.91 -76.04 58.79
C SER EA 35 29.96 -74.55 58.49
N ASN EA 36 30.85 -73.84 59.20
CA ASN EA 36 30.89 -72.39 59.11
C ASN EA 36 31.24 -71.90 57.72
N GLU EA 37 32.01 -72.69 56.97
CA GLU EA 37 32.34 -72.31 55.60
C GLU EA 37 31.08 -72.35 54.73
N PHE EA 38 30.75 -71.20 54.13
CA PHE EA 38 29.51 -71.07 53.37
C PHE EA 38 29.57 -71.74 52.00
N ARG EA 39 30.74 -72.20 51.57
CA ARG EA 39 30.88 -72.85 50.27
C ARG EA 39 30.65 -74.35 50.40
N ASP EA 40 30.05 -74.93 49.36
CA ASP EA 40 29.76 -76.36 49.30
C ASP EA 40 28.89 -76.80 50.49
N LYS EA 41 27.95 -75.95 50.88
CA LYS EA 41 27.02 -76.25 51.96
C LYS EA 41 25.65 -76.69 51.45
N ASN EA 42 25.47 -76.79 50.14
CA ASN EA 42 24.16 -77.09 49.57
C ASN EA 42 24.08 -78.48 48.93
N VAL EA 43 25.18 -79.21 48.84
CA VAL EA 43 25.17 -80.55 48.23
C VAL EA 43 24.85 -81.54 49.35
N GLU EA 44 23.55 -81.65 49.64
CA GLU EA 44 23.03 -82.57 50.64
C GLU EA 44 21.81 -83.28 50.08
N PHE EA 45 21.40 -84.35 50.75
CA PHE EA 45 20.22 -85.10 50.32
C PHE EA 45 18.92 -84.49 50.81
N PHE EA 46 18.96 -83.56 51.76
CA PHE EA 46 17.76 -82.90 52.26
C PHE EA 46 17.50 -81.56 51.58
N ALA EA 47 18.32 -81.18 50.60
CA ALA EA 47 18.11 -79.93 49.86
C ALA EA 47 17.00 -80.15 48.85
N SER EA 48 15.77 -79.86 49.27
CA SER EA 48 14.62 -80.05 48.42
C SER EA 48 14.44 -78.86 47.47
N GLY EA 49 13.63 -79.08 46.44
CA GLY EA 49 13.40 -78.04 45.46
C GLY EA 49 14.51 -77.99 44.41
N GLY EA 50 14.66 -76.81 43.80
CA GLY EA 50 15.67 -76.62 42.78
C GLY EA 50 16.57 -75.44 43.07
N THR EA 51 17.70 -75.36 42.36
CA THR EA 51 18.63 -74.25 42.56
C THR EA 51 17.98 -72.93 42.19
N ARG EA 52 17.27 -72.89 41.07
CA ARG EA 52 16.55 -71.70 40.63
C ARG EA 52 15.07 -72.03 40.47
N THR EA 53 14.22 -71.25 41.13
CA THR EA 53 12.78 -71.51 41.16
C THR EA 53 12.04 -70.26 40.71
N SER EA 54 11.06 -70.45 39.82
CA SER EA 54 10.21 -69.36 39.36
C SER EA 54 8.87 -69.38 40.08
N LYS EA 55 8.28 -68.19 40.23
CA LYS EA 55 6.99 -68.09 40.91
C LYS EA 55 5.89 -68.83 40.16
N PHE EA 56 6.00 -68.92 38.83
CA PHE EA 56 4.96 -69.51 38.00
C PHE EA 56 5.23 -70.97 37.66
N ASP EA 57 5.91 -71.69 38.55
CA ASP EA 57 6.15 -73.11 38.36
C ASP EA 57 4.94 -73.91 38.81
N LYS EA 58 4.65 -74.99 38.09
CA LYS EA 58 3.51 -75.85 38.36
C LYS EA 58 3.94 -77.05 39.18
N LEU EA 59 3.28 -77.26 40.31
CA LEU EA 59 3.57 -78.37 41.22
C LEU EA 59 2.30 -79.19 41.42
N GLU EA 60 2.44 -80.51 41.33
CA GLU EA 60 1.30 -81.41 41.53
C GLU EA 60 1.65 -82.42 42.61
N ASN EA 61 0.77 -82.59 43.59
CA ASN EA 61 0.98 -83.55 44.66
C ASN EA 61 0.24 -84.84 44.34
N HIS EA 62 0.95 -85.97 44.45
CA HIS EA 62 0.37 -87.26 44.14
C HIS EA 62 0.80 -88.29 45.17
N PRO EA 63 -0.04 -89.29 45.44
CA PRO EA 63 0.42 -90.44 46.23
C PRO EA 63 1.52 -91.18 45.49
N PHE EA 64 2.48 -91.71 46.24
CA PHE EA 64 3.64 -92.38 45.66
C PHE EA 64 3.82 -93.75 46.29
N LEU EA 65 4.44 -94.65 45.52
CA LEU EA 65 4.80 -95.98 45.97
C LEU EA 65 6.31 -96.12 45.93
N GLY EA 66 6.89 -96.60 47.02
CA GLY EA 66 8.34 -96.64 47.14
C GLY EA 66 8.90 -95.31 47.64
N TYR EA 67 10.10 -94.98 47.17
CA TYR EA 67 10.73 -93.70 47.49
C TYR EA 67 11.22 -93.06 46.20
N PRO EA 68 10.40 -92.22 45.56
CA PRO EA 68 10.79 -91.57 44.31
C PRO EA 68 11.49 -90.22 44.49
N TYR EA 69 11.99 -89.90 45.68
CA TYR EA 69 12.58 -88.59 45.95
C TYR EA 69 13.73 -88.31 45.00
N LYS EA 70 13.72 -87.11 44.42
CA LYS EA 70 14.77 -86.65 43.49
C LYS EA 70 14.94 -87.63 42.33
N ARG EA 71 13.82 -88.12 41.81
CA ARG EA 71 13.84 -89.10 40.73
C ARG EA 71 12.70 -88.80 39.76
N GLY EA 72 12.86 -89.31 38.54
CA GLY EA 72 11.79 -89.23 37.57
C GLY EA 72 10.66 -90.18 37.90
N VAL EA 73 9.43 -89.69 37.77
CA VAL EA 73 8.24 -90.42 38.20
C VAL EA 73 7.31 -90.61 37.01
N LYS EA 74 6.60 -91.74 37.02
CA LYS EA 74 5.63 -92.09 36.00
C LYS EA 74 4.32 -92.50 36.67
N ARG EA 75 3.22 -92.19 36.00
CA ARG EA 75 1.90 -92.49 36.54
C ARG EA 75 1.59 -93.97 36.39
N VAL EA 76 1.14 -94.60 37.47
CA VAL EA 76 0.78 -96.01 37.50
C VAL EA 76 -0.66 -96.12 37.99
N ILE EA 77 -1.49 -96.80 37.20
CA ILE EA 77 -2.91 -96.97 37.50
C ILE EA 77 -3.15 -98.42 37.90
N GLN EA 78 -3.82 -98.61 39.04
CA GLN EA 78 -4.13 -99.95 39.52
C GLN EA 78 -5.08 -100.68 38.58
N HIS EA 86 -10.39 -100.53 44.88
CA HIS EA 86 -9.63 -99.74 43.92
C HIS EA 86 -9.34 -98.35 44.46
N TYR EA 87 -8.14 -97.85 44.19
CA TYR EA 87 -7.69 -96.55 44.66
C TYR EA 87 -7.24 -95.69 43.48
N GLU EA 88 -6.96 -94.42 43.79
CA GLU EA 88 -6.52 -93.49 42.77
C GLU EA 88 -5.14 -93.86 42.26
N PRO EA 89 -4.82 -93.51 41.00
CA PRO EA 89 -3.48 -93.83 40.47
C PRO EA 89 -2.40 -93.08 41.22
N HIS EA 90 -1.22 -93.70 41.28
CA HIS EA 90 -0.09 -93.15 42.01
C HIS EA 90 1.07 -92.87 41.05
N VAL EA 91 2.21 -92.49 41.61
CA VAL EA 91 3.42 -92.23 40.84
C VAL EA 91 4.53 -93.13 41.35
N GLU EA 92 5.25 -93.75 40.43
CA GLU EA 92 6.33 -94.68 40.74
C GLU EA 92 7.60 -94.23 40.05
N ALA EA 93 8.74 -94.41 40.73
CA ALA EA 93 10.03 -94.03 40.17
C ALA EA 93 10.32 -94.85 38.91
N GLY EA 94 10.48 -94.16 37.79
CA GLY EA 94 10.76 -94.81 36.53
C GLY EA 94 11.04 -93.79 35.46
N GLY EA 95 11.61 -94.28 34.36
CA GLY EA 95 11.93 -93.43 33.24
C GLY EA 95 11.49 -93.98 31.90
N GLY EA 96 12.42 -94.05 30.95
CA GLY EA 96 12.09 -94.55 29.63
C GLY EA 96 11.13 -93.62 28.91
N GLU EA 97 10.21 -94.21 28.14
CA GLU EA 97 9.21 -93.46 27.41
C GLU EA 97 7.95 -93.21 28.22
N ASP EA 98 7.88 -93.73 29.45
CA ASP EA 98 6.71 -93.55 30.31
C ASP EA 98 6.88 -92.39 31.28
N LEU EA 99 7.97 -91.63 31.18
CA LEU EA 99 8.22 -90.56 32.14
C LEU EA 99 7.12 -89.52 32.10
N TYR EA 100 6.61 -89.17 33.28
CA TYR EA 100 5.56 -88.16 33.43
C TYR EA 100 6.07 -86.89 34.08
N GLY EA 101 6.91 -87.00 35.09
CA GLY EA 101 7.43 -85.81 35.73
C GLY EA 101 8.65 -86.13 36.56
N ILE EA 102 9.00 -85.21 37.47
CA ILE EA 102 10.12 -85.41 38.38
C ILE EA 102 9.69 -85.01 39.79
N CYS EA 103 10.02 -85.85 40.77
CA CYS EA 103 9.65 -85.60 42.15
C CYS EA 103 10.71 -84.70 42.79
N ILE EA 104 10.27 -83.60 43.39
CA ILE EA 104 11.18 -82.63 43.98
C ILE EA 104 11.05 -82.54 45.50
N ASP EA 105 9.98 -83.07 46.08
CA ASP EA 105 9.80 -83.03 47.52
C ASP EA 105 8.86 -84.15 47.93
N ILE EA 106 9.00 -84.62 49.16
CA ILE EA 106 8.16 -85.68 49.69
C ILE EA 106 7.78 -85.34 51.13
N ASP EA 107 6.49 -85.46 51.43
CA ASP EA 107 5.99 -85.45 52.79
C ASP EA 107 5.67 -86.89 53.15
N GLU EA 108 6.51 -87.49 54.00
CA GLU EA 108 6.37 -88.91 54.33
C GLU EA 108 5.20 -89.16 55.26
N PHE EA 109 4.83 -88.18 56.08
CA PHE EA 109 3.69 -88.35 56.98
C PHE EA 109 2.41 -88.57 56.20
N SER EA 110 2.19 -87.78 55.15
CA SER EA 110 1.04 -87.94 54.28
C SER EA 110 1.34 -88.83 53.09
N LYS EA 111 2.59 -89.27 52.92
CA LYS EA 111 3.02 -90.06 51.77
C LYS EA 111 2.61 -89.37 50.47
N THR EA 112 2.98 -88.10 50.35
CA THR EA 112 2.63 -87.28 49.19
C THR EA 112 3.89 -86.73 48.55
N ALA EA 113 4.01 -86.91 47.24
CA ALA EA 113 5.17 -86.43 46.48
C ALA EA 113 4.76 -85.23 45.64
N THR EA 114 5.51 -84.14 45.76
CA THR EA 114 5.36 -82.98 44.90
C THR EA 114 6.18 -83.19 43.63
N ILE EA 115 5.56 -82.95 42.48
CA ILE EA 115 6.10 -83.30 41.18
C ILE EA 115 6.04 -82.10 40.27
N VAL EA 116 7.13 -81.86 39.56
CA VAL EA 116 7.17 -80.91 38.44
C VAL EA 116 6.90 -81.69 37.17
N PRO EA 117 5.88 -81.36 36.39
CA PRO EA 117 5.61 -82.08 35.15
C PRO EA 117 6.72 -81.88 34.13
N ILE EA 118 6.82 -82.84 33.20
CA ILE EA 118 7.84 -82.78 32.16
C ILE EA 118 7.67 -81.57 31.27
N THR EA 119 6.46 -80.98 31.23
CA THR EA 119 6.20 -79.80 30.43
C THR EA 119 6.81 -78.53 31.02
N ASN EA 120 7.34 -78.59 32.24
CA ASN EA 120 7.95 -77.44 32.89
C ASN EA 120 9.43 -77.72 33.10
N ASN EA 121 10.27 -76.74 32.77
CA ASN EA 121 11.70 -76.91 32.89
C ASN EA 121 12.14 -76.80 34.35
N PHE EA 122 13.18 -77.54 34.69
CA PHE EA 122 13.68 -77.63 36.05
C PHE EA 122 15.20 -77.57 36.05
N GLU EA 123 15.75 -77.03 37.14
CA GLU EA 123 17.20 -76.97 37.32
C GLU EA 123 17.49 -77.35 38.77
N GLY EA 124 18.16 -78.48 38.99
CA GLY EA 124 18.42 -78.89 40.35
C GLY EA 124 19.18 -80.19 40.40
N TYR EA 125 19.39 -80.67 41.63
CA TYR EA 125 20.16 -81.87 41.87
C TYR EA 125 19.26 -83.09 41.86
N LEU EA 126 19.66 -84.11 41.11
CA LEU EA 126 18.90 -85.35 41.00
C LEU EA 126 19.83 -86.54 41.19
N VAL EA 127 19.23 -87.69 41.51
CA VAL EA 127 19.99 -88.90 41.75
C VAL EA 127 20.55 -89.43 40.44
N ALA EA 128 21.82 -89.81 40.45
CA ALA EA 128 22.50 -90.35 39.28
C ALA EA 128 22.79 -91.83 39.49
N LYS EA 129 22.84 -92.56 38.38
CA LYS EA 129 23.07 -94.01 38.45
C LYS EA 129 24.44 -94.33 39.03
N ASP EA 130 25.47 -93.61 38.58
CA ASP EA 130 26.83 -93.83 39.05
C ASP EA 130 27.60 -92.52 38.96
N SER EA 131 28.93 -92.60 39.09
CA SER EA 131 29.80 -91.43 39.05
C SER EA 131 30.51 -91.28 37.70
N THR EA 132 29.89 -91.76 36.62
CA THR EA 132 30.46 -91.67 35.28
C THR EA 132 29.80 -90.58 34.45
N VAL EA 133 29.39 -89.49 35.10
CA VAL EA 133 28.72 -88.38 34.43
C VAL EA 133 29.57 -87.13 34.58
N LYS EA 134 29.87 -86.47 33.47
CA LYS EA 134 30.64 -85.24 33.44
C LYS EA 134 29.77 -84.08 32.98
N VAL EA 135 30.36 -82.89 32.97
CA VAL EA 135 29.66 -81.71 32.49
C VAL EA 135 29.48 -81.83 30.98
N LYS EA 136 28.40 -81.22 30.47
CA LYS EA 136 28.06 -81.25 29.04
C LYS EA 136 27.86 -82.68 28.55
N ASP EA 137 27.10 -83.47 29.32
CA ASP EA 137 26.80 -84.84 28.98
C ASP EA 137 25.29 -85.03 28.89
N LYS EA 138 24.86 -85.73 27.84
CA LYS EA 138 23.45 -86.05 27.67
C LYS EA 138 23.05 -87.16 28.64
N LEU EA 139 21.98 -86.93 29.38
CA LEU EA 139 21.54 -87.87 30.42
C LEU EA 139 20.14 -88.36 30.12
N ILE EA 140 19.89 -89.62 30.49
CA ILE EA 140 18.61 -90.28 30.27
C ILE EA 140 18.15 -90.89 31.58
N PHE EA 141 16.85 -90.80 31.86
CA PHE EA 141 16.28 -91.46 33.02
C PHE EA 141 16.15 -92.96 32.76
N ASN EA 142 16.65 -93.76 33.69
CA ASN EA 142 16.62 -95.21 33.54
C ASN EA 142 15.32 -95.77 34.12
N LYS EA 143 15.22 -97.09 34.18
CA LYS EA 143 14.01 -97.73 34.71
C LYS EA 143 13.81 -97.45 36.19
N ASP EA 144 14.88 -97.11 36.91
CA ASP EA 144 14.79 -96.81 38.33
C ASP EA 144 14.62 -95.31 38.61
N GLY EA 145 14.49 -94.49 37.58
CA GLY EA 145 14.34 -93.06 37.77
C GLY EA 145 15.63 -92.30 38.02
N ALA EA 146 16.77 -92.92 37.78
CA ALA EA 146 18.07 -92.28 37.97
C ALA EA 146 18.63 -91.81 36.64
N LEU EA 147 19.42 -90.74 36.70
CA LEU EA 147 20.01 -90.14 35.50
C LEU EA 147 21.32 -90.87 35.16
N GLU EA 148 21.38 -91.45 33.97
CA GLU EA 148 22.55 -92.15 33.50
C GLU EA 148 23.06 -91.52 32.20
N LYS EA 149 24.36 -91.59 32.00
CA LYS EA 149 24.96 -91.05 30.78
C LYS EA 149 24.47 -91.82 29.56
N VAL EA 150 24.26 -91.12 28.46
CA VAL EA 150 23.77 -91.71 27.23
C VAL EA 150 24.75 -92.75 26.70
N LYS EA 156 19.25 -92.28 21.91
CA LYS EA 156 17.84 -92.60 22.11
C LYS EA 156 17.31 -91.95 23.39
N ALA EA 157 17.40 -90.62 23.46
CA ALA EA 157 16.95 -89.85 24.61
C ALA EA 157 15.65 -89.13 24.23
N THR EA 158 14.54 -89.57 24.81
CA THR EA 158 13.26 -88.91 24.54
C THR EA 158 13.22 -87.50 25.13
N ILE EA 159 13.92 -87.27 26.23
CA ILE EA 159 13.99 -85.96 26.86
C ILE EA 159 15.40 -85.41 26.70
N ASN EA 160 15.53 -84.10 26.92
CA ASN EA 160 16.81 -83.41 26.78
C ASN EA 160 17.26 -82.93 28.16
N ALA EA 161 18.18 -83.68 28.76
CA ALA EA 161 18.74 -83.35 30.06
C ALA EA 161 20.26 -83.27 29.93
N THR EA 162 20.83 -82.18 30.44
CA THR EA 162 22.27 -81.96 30.37
C THR EA 162 22.80 -81.70 31.77
N ALA EA 163 23.86 -82.40 32.15
CA ALA EA 163 24.46 -82.22 33.46
C ALA EA 163 25.23 -80.91 33.52
N LEU EA 164 25.02 -80.15 34.59
CA LEU EA 164 25.72 -78.90 34.80
C LEU EA 164 26.99 -79.08 35.64
N THR EA 165 27.04 -80.09 36.49
CA THR EA 165 28.23 -80.38 37.30
C THR EA 165 28.57 -81.86 37.21
N ASP EA 166 29.55 -82.29 38.01
CA ASP EA 166 29.92 -83.69 38.07
C ASP EA 166 29.19 -84.38 39.22
N ALA EA 167 29.11 -85.71 39.13
CA ALA EA 167 28.47 -86.48 40.17
C ALA EA 167 29.22 -86.35 41.48
N LYS EA 168 28.48 -86.07 42.56
CA LYS EA 168 29.05 -85.91 43.89
C LYS EA 168 28.47 -86.98 44.80
N GLN EA 169 29.34 -87.68 45.52
CA GLN EA 169 28.96 -88.81 46.34
C GLN EA 169 28.70 -88.35 47.76
N ILE EA 170 27.54 -88.73 48.30
CA ILE EA 170 27.16 -88.41 49.68
C ILE EA 170 27.13 -89.66 50.55
N SER EA 171 26.48 -90.72 50.06
CA SER EA 171 26.43 -92.00 50.75
C SER EA 171 27.11 -93.07 49.89
N ASN EA 172 26.99 -94.33 50.32
CA ASN EA 172 27.59 -95.42 49.56
C ASN EA 172 27.02 -95.49 48.16
N GLU EA 173 25.76 -95.13 47.98
CA GLU EA 173 25.11 -95.16 46.67
C GLU EA 173 24.48 -93.84 46.26
N VAL EA 174 24.55 -92.81 47.10
CA VAL EA 174 23.90 -91.54 46.81
C VAL EA 174 24.84 -90.69 45.95
N TYR EA 175 24.45 -90.45 44.71
CA TYR EA 175 25.21 -89.68 43.74
C TYR EA 175 24.32 -88.56 43.22
N LEU EA 176 24.60 -87.33 43.64
CA LEU EA 176 23.81 -86.17 43.23
C LEU EA 176 24.54 -85.40 42.14
N VAL EA 177 23.80 -84.97 41.13
CA VAL EA 177 24.36 -84.19 40.02
C VAL EA 177 23.38 -83.08 39.67
N LYS EA 178 23.92 -81.89 39.42
CA LYS EA 178 23.10 -80.75 39.03
C LYS EA 178 22.76 -80.88 37.55
N VAL EA 179 21.46 -80.89 37.24
CA VAL EA 179 20.96 -81.15 35.90
C VAL EA 179 19.84 -80.16 35.61
N ALA EA 180 19.80 -79.68 34.37
CA ALA EA 180 18.72 -78.86 33.86
C ALA EA 180 17.96 -79.65 32.80
N VAL EA 181 16.66 -79.85 33.03
CA VAL EA 181 15.78 -80.54 32.11
C VAL EA 181 14.80 -79.53 31.52
N PHE EA 182 14.74 -79.47 30.20
CA PHE EA 182 13.96 -78.44 29.53
C PHE EA 182 13.10 -79.04 28.41
N GLY EA 183 12.41 -80.13 28.72
CA GLY EA 183 11.43 -80.68 27.81
C GLY EA 183 11.76 -82.04 27.23
N ASN EA 184 11.27 -82.29 26.02
CA ASN EA 184 11.50 -83.55 25.32
C ASN EA 184 12.14 -83.27 23.96
N LYS EA 185 12.90 -84.26 23.47
CA LYS EA 185 13.52 -84.16 22.17
C LYS EA 185 12.51 -84.54 21.08
N ALA EA 186 13.00 -84.70 19.86
CA ALA EA 186 12.15 -85.10 18.73
C ALA EA 186 12.82 -86.17 17.89
N MET FA 22 22.34 -54.07 17.89
CA MET FA 22 21.85 -53.20 18.95
C MET FA 22 20.34 -53.00 18.82
N LYS FA 23 19.61 -53.28 19.89
CA LYS FA 23 18.16 -53.15 19.86
C LYS FA 23 17.75 -51.68 19.71
N ASN FA 24 18.37 -50.80 20.47
CA ASN FA 24 18.10 -49.37 20.39
C ASN FA 24 19.10 -48.72 19.44
N PRO FA 25 18.65 -48.05 18.37
CA PRO FA 25 19.61 -47.38 17.47
C PRO FA 25 20.46 -46.37 18.21
N GLN FA 26 21.76 -46.65 18.27
CA GLN FA 26 22.68 -45.77 19.00
C GLN FA 26 22.80 -44.41 18.32
N GLN FA 27 22.81 -44.38 17.00
CA GLN FA 27 22.91 -43.12 16.27
C GLN FA 27 21.67 -42.27 16.53
N ASP FA 28 21.87 -41.01 16.88
CA ASP FA 28 20.77 -40.12 17.18
C ASP FA 28 20.04 -39.71 15.91
N SER FA 29 18.73 -39.53 16.03
CA SER FA 29 17.93 -39.08 14.90
C SER FA 29 18.06 -37.57 14.72
N GLY FA 30 17.87 -37.12 13.49
CA GLY FA 30 18.02 -35.71 13.20
C GLY FA 30 16.76 -34.89 13.40
N LEU FA 31 15.60 -35.56 13.40
CA LEU FA 31 14.31 -34.87 13.46
C LEU FA 31 13.39 -35.53 14.46
N LEU FA 32 12.47 -34.74 15.00
CA LEU FA 32 11.40 -35.27 15.83
C LEU FA 32 10.44 -36.08 14.98
N SER FA 33 9.95 -37.19 15.53
CA SER FA 33 9.00 -38.02 14.82
C SER FA 33 7.60 -37.40 14.89
N ASN FA 34 6.75 -37.81 13.94
CA ASN FA 34 5.38 -37.33 13.87
C ASN FA 34 4.47 -38.39 14.51
N SER FA 35 3.94 -38.06 15.69
CA SER FA 35 3.08 -38.99 16.43
C SER FA 35 1.61 -38.71 16.12
N ILE FA 36 1.25 -38.95 14.86
CA ILE FA 36 -0.11 -38.77 14.39
C ILE FA 36 -0.76 -40.09 13.97
N ASP FA 37 -0.02 -40.93 13.25
CA ASP FA 37 -0.53 -42.22 12.81
C ASP FA 37 -0.44 -43.25 13.94
N PHE FA 38 -1.20 -44.32 13.79
CA PHE FA 38 -1.21 -45.40 14.76
C PHE FA 38 -1.09 -46.78 14.11
N ARG FA 39 -0.82 -46.83 12.81
CA ARG FA 39 -0.77 -48.08 12.07
C ARG FA 39 0.65 -48.35 11.58
N ASP FA 40 1.04 -49.62 11.62
CA ASP FA 40 2.36 -50.07 11.16
C ASP FA 40 3.48 -49.33 11.90
N GLN FA 41 3.29 -49.13 13.21
CA GLN FA 41 4.29 -48.47 14.05
C GLN FA 41 4.96 -49.44 15.01
N ASN FA 42 4.84 -50.74 14.77
CA ASN FA 42 5.42 -51.76 15.63
C ASN FA 42 6.46 -52.61 14.95
N LEU FA 43 6.58 -52.55 13.62
CA LEU FA 43 7.57 -53.33 12.88
C LEU FA 43 8.93 -52.66 12.99
N ILE FA 44 9.47 -52.70 14.21
CA ILE FA 44 10.77 -52.11 14.50
C ILE FA 44 11.62 -53.13 15.25
N PHE FA 45 12.94 -52.98 15.15
CA PHE FA 45 13.85 -53.88 15.83
C PHE FA 45 13.92 -53.61 17.33
N SER FA 46 13.58 -52.39 17.76
CA SER FA 46 13.60 -52.05 19.18
C SER FA 46 12.47 -52.71 19.96
N ASN FA 47 11.43 -53.18 19.28
CA ASN FA 47 10.31 -53.84 19.93
C ASN FA 47 10.79 -55.07 20.71
N SER FA 48 10.66 -55.05 22.03
CA SER FA 48 11.13 -56.12 22.88
C SER FA 48 9.95 -56.84 23.53
N GLY FA 49 10.05 -58.15 23.65
CA GLY FA 49 8.98 -58.94 24.23
C GLY FA 49 8.13 -59.63 23.18
N GLY FA 50 6.86 -59.86 23.50
CA GLY FA 50 5.95 -60.49 22.56
C GLY FA 50 4.69 -59.68 22.34
N VAL FA 51 4.01 -59.94 21.22
CA VAL FA 51 2.76 -59.23 20.95
C VAL FA 51 1.68 -59.60 21.96
N CYS FA 52 1.63 -60.87 22.36
CA CYS FA 52 0.73 -61.34 23.39
C CYS FA 52 1.55 -61.96 24.51
N THR FA 53 1.40 -61.40 25.71
CA THR FA 53 2.18 -61.84 26.87
C THR FA 53 1.24 -62.19 28.01
N SER FA 54 1.46 -63.35 28.61
CA SER FA 54 0.67 -63.81 29.75
C SER FA 54 1.42 -63.53 31.05
N SER FA 55 0.66 -63.30 32.12
CA SER FA 55 1.25 -63.04 33.42
C SER FA 55 1.87 -64.27 34.06
N LYS FA 56 1.63 -65.46 33.50
CA LYS FA 56 2.17 -66.71 34.03
C LYS FA 56 3.30 -67.26 33.17
N ASP FA 57 4.04 -66.39 32.49
CA ASP FA 57 5.16 -66.80 31.66
C ASP FA 57 6.43 -66.85 32.48
N LYS FA 58 7.21 -67.92 32.28
CA LYS FA 58 8.47 -68.09 32.98
C LYS FA 58 9.60 -67.40 32.21
N ILE FA 59 10.35 -66.54 32.90
CA ILE FA 59 11.38 -65.71 32.30
C ILE FA 59 12.67 -65.90 33.07
N GLU FA 60 13.77 -66.12 32.35
CA GLU FA 60 15.07 -66.29 32.97
C GLU FA 60 16.05 -65.26 32.40
N ASN FA 61 17.14 -65.02 33.13
CA ASN FA 61 18.20 -64.12 32.70
C ASN FA 61 19.52 -64.86 32.71
N TYR FA 62 20.28 -64.74 31.63
CA TYR FA 62 21.54 -65.46 31.48
C TYR FA 62 22.63 -64.53 30.99
N PRO FA 63 23.89 -64.85 31.26
CA PRO FA 63 25.00 -64.11 30.65
C PRO FA 63 24.94 -64.25 29.13
N ALA FA 64 25.24 -63.16 28.43
CA ALA FA 64 25.12 -63.10 26.99
C ALA FA 64 26.48 -63.27 26.33
N LYS FA 65 26.56 -64.20 25.39
CA LYS FA 65 27.76 -64.41 24.57
C LYS FA 65 27.44 -63.90 23.17
N GLY FA 66 27.99 -62.74 22.83
CA GLY FA 66 27.66 -62.10 21.57
C GLY FA 66 26.37 -61.30 21.68
N TYR FA 67 25.61 -61.29 20.58
CA TYR FA 67 24.31 -60.61 20.52
C TYR FA 67 23.25 -61.61 20.08
N PRO FA 68 22.59 -62.27 21.01
CA PRO FA 68 21.52 -63.21 20.66
C PRO FA 68 20.11 -62.62 20.64
N TYR FA 69 19.99 -61.29 20.67
CA TYR FA 69 18.68 -60.64 20.71
C TYR FA 69 17.82 -61.05 19.52
N LYS FA 70 16.55 -61.35 19.80
CA LYS FA 70 15.59 -61.78 18.79
C LYS FA 70 16.07 -63.00 18.02
N ARG FA 71 16.76 -63.90 18.73
CA ARG FA 71 17.27 -65.12 18.14
C ARG FA 71 17.16 -66.26 19.15
N GLY FA 72 17.12 -67.48 18.63
CA GLY FA 72 17.12 -68.64 19.51
C GLY FA 72 18.47 -68.82 20.18
N VAL FA 73 18.44 -69.23 21.43
CA VAL FA 73 19.66 -69.34 22.23
C VAL FA 73 19.88 -70.79 22.61
N LYS FA 74 21.16 -71.12 22.84
CA LYS FA 74 21.57 -72.43 23.31
C LYS FA 74 22.54 -72.26 24.46
N LEU FA 75 22.49 -73.22 25.39
CA LEU FA 75 23.35 -73.19 26.57
C LEU FA 75 24.76 -73.63 26.18
N SER FA 76 25.73 -72.81 26.56
CA SER FA 76 27.14 -73.10 26.32
C SER FA 76 27.90 -73.08 27.65
N PHE FA 77 28.65 -74.14 27.90
CA PHE FA 77 29.45 -74.29 29.10
C PHE FA 77 30.92 -74.05 28.76
N GLY FA 78 31.59 -73.24 29.58
CA GLY FA 78 32.99 -72.95 29.38
C GLY FA 78 33.89 -74.08 29.85
N ASP FA 79 35.04 -73.70 30.40
CA ASP FA 79 35.98 -74.67 30.95
C ASP FA 79 35.66 -75.02 32.40
N GLY FA 80 34.60 -74.46 32.97
CA GLY FA 80 34.24 -74.67 34.35
C GLY FA 80 34.61 -73.53 35.28
N THR FA 81 35.57 -72.69 34.88
CA THR FA 81 35.94 -71.54 35.69
C THR FA 81 34.77 -70.56 35.80
N THR FA 82 34.07 -70.33 34.70
CA THR FA 82 32.94 -69.42 34.65
C THR FA 82 31.64 -70.19 34.45
N GLU FA 83 30.53 -69.56 34.83
CA GLU FA 83 29.23 -70.19 34.73
C GLU FA 83 28.80 -70.30 33.27
N LEU FA 84 27.70 -71.02 33.06
CA LEU FA 84 27.16 -71.22 31.72
C LEU FA 84 26.60 -69.91 31.16
N GLU FA 85 26.53 -69.83 29.84
CA GLU FA 85 25.98 -68.67 29.16
C GLU FA 85 25.09 -69.14 28.01
N VAL FA 86 24.48 -68.18 27.32
CA VAL FA 86 23.60 -68.45 26.19
C VAL FA 86 24.20 -67.82 24.94
N GLU FA 87 24.24 -68.59 23.86
CA GLU FA 87 24.77 -68.10 22.59
C GLU FA 87 23.77 -68.38 21.47
N ALA FA 88 23.79 -67.51 20.47
CA ALA FA 88 22.85 -67.63 19.36
C ALA FA 88 23.05 -68.97 18.64
N GLY FA 89 22.00 -69.77 18.59
CA GLY FA 89 22.09 -71.06 17.95
C GLY FA 89 20.73 -71.72 17.86
N GLY FA 90 20.74 -72.98 17.42
CA GLY FA 90 19.51 -73.74 17.29
C GLY FA 90 19.74 -75.23 17.09
N GLY FA 91 18.95 -75.84 16.23
CA GLY FA 91 19.08 -77.28 16.01
C GLY FA 91 18.67 -78.07 17.23
N ASP FA 92 19.36 -79.17 17.47
CA ASP FA 92 19.09 -80.02 18.63
C ASP FA 92 19.56 -79.41 19.94
N ASP FA 93 20.35 -78.34 19.88
CA ASP FA 93 20.87 -77.67 21.07
C ASP FA 93 19.99 -76.51 21.53
N LEU FA 94 18.85 -76.28 20.88
CA LEU FA 94 18.00 -75.15 21.21
C LEU FA 94 17.49 -75.26 22.65
N TYR FA 95 17.65 -74.18 23.41
CA TYR FA 95 17.20 -74.11 24.79
C TYR FA 95 16.08 -73.10 25.02
N GLY FA 96 16.08 -72.01 24.29
CA GLY FA 96 15.04 -71.00 24.46
C GLY FA 96 15.13 -69.94 23.39
N VAL FA 97 14.37 -68.86 23.60
CA VAL FA 97 14.30 -67.75 22.67
C VAL FA 97 14.59 -66.47 23.43
N CYS FA 98 15.52 -65.68 22.92
CA CYS FA 98 15.90 -64.41 23.53
C CYS FA 98 14.96 -63.31 23.05
N SER FA 99 14.28 -62.65 23.98
CA SER FA 99 13.32 -61.60 23.65
C SER FA 99 13.76 -60.22 24.10
N ASP FA 100 14.78 -60.11 24.95
CA ASP FA 100 15.24 -58.81 25.43
C ASP FA 100 16.69 -58.93 25.87
N ILE FA 101 17.35 -57.79 25.98
CA ILE FA 101 18.75 -57.76 26.39
C ILE FA 101 19.02 -56.45 27.12
N ASP FA 102 19.78 -56.54 28.21
CA ASP FA 102 20.31 -55.38 28.91
C ASP FA 102 21.79 -55.28 28.57
N GLU FA 103 22.18 -54.19 27.91
CA GLU FA 103 23.54 -54.04 27.42
C GLU FA 103 24.52 -53.69 28.54
N PHE FA 104 24.07 -52.90 29.52
CA PHE FA 104 24.96 -52.50 30.61
C PHE FA 104 25.44 -53.73 31.40
N SER FA 105 24.51 -54.62 31.75
CA SER FA 105 24.85 -55.82 32.50
C SER FA 105 25.17 -57.00 31.61
N GLY FA 106 25.01 -56.87 30.30
CA GLY FA 106 25.26 -57.98 29.40
C GLY FA 106 24.35 -59.17 29.66
N MET FA 107 23.08 -58.91 29.93
CA MET FA 107 22.14 -59.94 30.35
C MET FA 107 21.13 -60.20 29.24
N ALA FA 108 20.90 -61.47 28.93
CA ALA FA 108 19.94 -61.89 27.92
C ALA FA 108 18.71 -62.49 28.60
N THR FA 109 17.54 -61.98 28.25
CA THR FA 109 16.27 -62.52 28.72
C THR FA 109 15.87 -63.70 27.85
N VAL FA 110 15.57 -64.83 28.50
CA VAL FA 110 15.29 -66.08 27.80
C VAL FA 110 13.93 -66.60 28.26
N ILE FA 111 13.10 -66.98 27.29
CA ILE FA 111 11.88 -67.73 27.54
C ILE FA 111 12.18 -69.19 27.20
N PRO FA 112 12.04 -70.11 28.16
CA PRO FA 112 12.42 -71.50 27.89
C PRO FA 112 11.57 -72.12 26.79
N ILE FA 113 12.16 -73.09 26.09
CA ILE FA 113 11.46 -73.77 25.01
C ILE FA 113 10.23 -74.51 25.52
N THR FA 114 10.20 -74.85 26.80
CA THR FA 114 8.99 -75.44 27.39
C THR FA 114 7.84 -74.44 27.36
N ASN FA 115 8.12 -73.16 27.60
CA ASN FA 115 7.10 -72.14 27.50
C ASN FA 115 6.93 -71.70 26.06
N ASN FA 116 5.68 -71.45 25.67
CA ASN FA 116 5.36 -71.05 24.31
C ASN FA 116 5.46 -69.54 24.16
N PHE FA 117 5.95 -69.09 23.01
CA PHE FA 117 6.17 -67.67 22.74
C PHE FA 117 5.56 -67.30 21.40
N THR FA 118 5.03 -66.08 21.32
CA THR FA 118 4.47 -65.54 20.09
C THR FA 118 4.97 -64.12 19.94
N GLY FA 119 5.75 -63.87 18.90
CA GLY FA 119 6.32 -62.54 18.71
C GLY FA 119 7.16 -62.47 17.46
N TYR FA 120 7.83 -61.34 17.30
CA TYR FA 120 8.67 -61.08 16.13
C TYR FA 120 10.08 -61.61 16.38
N LEU FA 121 10.55 -62.45 15.46
CA LEU FA 121 11.86 -63.07 15.58
C LEU FA 121 12.61 -62.91 14.26
N THR FA 122 13.94 -63.01 14.35
CA THR FA 122 14.80 -62.88 13.18
C THR FA 122 14.59 -64.05 12.23
N LEU FA 123 14.52 -63.74 10.94
CA LEU FA 123 14.29 -64.73 9.89
C LEU FA 123 15.50 -64.74 8.95
N LYS FA 124 15.87 -65.94 8.50
CA LYS FA 124 16.99 -66.06 7.57
C LYS FA 124 16.63 -65.45 6.23
N LYS FA 125 17.51 -64.60 5.71
CA LYS FA 125 17.28 -63.93 4.44
C LYS FA 125 17.74 -64.80 3.27
N VAL FA 131 8.82 -67.13 2.36
CA VAL FA 131 8.19 -67.25 3.67
C VAL FA 131 6.80 -66.62 3.65
N ASN FA 132 5.79 -67.43 3.90
CA ASN FA 132 4.40 -67.04 3.89
C ASN FA 132 3.72 -67.53 5.15
N PRO FA 133 2.61 -66.91 5.56
CA PRO FA 133 1.88 -67.39 6.74
C PRO FA 133 1.46 -68.85 6.58
N GLY FA 134 1.58 -69.61 7.66
CA GLY FA 134 1.32 -71.03 7.64
C GLY FA 134 2.54 -71.90 7.44
N ASP FA 135 3.67 -71.31 7.06
CA ASP FA 135 4.88 -72.09 6.85
C ASP FA 135 5.48 -72.52 8.20
N LYS FA 136 6.02 -73.74 8.22
CA LYS FA 136 6.66 -74.28 9.41
C LYS FA 136 8.13 -73.87 9.42
N LEU FA 137 8.58 -73.29 10.53
CA LEU FA 137 9.92 -72.73 10.64
C LEU FA 137 10.68 -73.39 11.76
N ASN FA 138 11.98 -73.60 11.53
CA ASN FA 138 12.88 -74.18 12.52
C ASN FA 138 14.12 -73.30 12.64
N PHE FA 139 14.73 -73.32 13.82
CA PHE FA 139 15.92 -72.52 14.08
C PHE FA 139 17.15 -73.17 13.48
N ASN FA 140 18.02 -72.36 12.88
CA ASN FA 140 19.25 -72.84 12.27
C ASN FA 140 20.41 -72.71 13.27
N GLN FA 141 21.63 -72.94 12.78
CA GLN FA 141 22.81 -72.89 13.64
C GLN FA 141 23.08 -71.48 14.17
N HIS FA 142 22.56 -70.44 13.52
CA HIS FA 142 22.78 -69.07 13.93
C HIS FA 142 21.59 -68.46 14.66
N GLY FA 143 20.63 -69.29 15.07
CA GLY FA 143 19.47 -68.78 15.77
C GLY FA 143 18.47 -68.05 14.90
N GLU FA 144 18.48 -68.31 13.60
CA GLU FA 144 17.57 -67.68 12.65
C GLU FA 144 16.52 -68.69 12.20
N LEU FA 145 15.28 -68.24 12.06
CA LEU FA 145 14.22 -69.10 11.58
C LEU FA 145 14.37 -69.35 10.09
N GLU FA 146 14.08 -70.58 9.67
CA GLU FA 146 14.14 -70.95 8.26
C GLU FA 146 13.06 -71.97 7.96
N LYS FA 147 12.60 -71.97 6.72
CA LYS FA 147 11.55 -72.90 6.30
C LYS FA 147 12.09 -74.33 6.29
N VAL FA 148 11.25 -75.25 6.75
CA VAL FA 148 11.62 -76.67 6.79
C VAL FA 148 11.61 -77.26 5.39
N SER FA 154 12.20 -81.74 12.54
CA SER FA 154 11.45 -81.20 13.67
C SER FA 154 11.15 -79.72 13.46
N VAL FA 155 9.88 -79.35 13.60
CA VAL FA 155 9.43 -77.97 13.44
C VAL FA 155 9.39 -77.31 14.81
N ASN FA 156 9.56 -76.00 14.83
CA ASN FA 156 9.58 -75.23 16.07
C ASN FA 156 8.54 -74.13 16.13
N ALA FA 157 8.20 -73.50 15.02
CA ALA FA 157 7.21 -72.43 15.03
C ALA FA 157 6.44 -72.41 13.72
N ILE FA 158 5.41 -71.58 13.66
CA ILE FA 158 4.60 -71.38 12.48
C ILE FA 158 4.56 -69.89 12.17
N ALA FA 159 4.87 -69.52 10.93
CA ALA FA 159 4.92 -68.12 10.54
C ALA FA 159 3.52 -67.54 10.53
N LEU FA 160 3.32 -66.45 11.28
CA LEU FA 160 2.04 -65.76 11.34
C LEU FA 160 1.95 -64.59 10.36
N SER FA 161 3.03 -64.30 9.63
CA SER FA 161 3.06 -63.21 8.67
C SER FA 161 4.18 -63.46 7.69
N LYS FA 162 4.47 -62.46 6.86
CA LYS FA 162 5.55 -62.55 5.88
C LYS FA 162 6.79 -61.82 6.38
N ALA FA 163 7.89 -62.01 5.66
CA ALA FA 163 9.14 -61.38 6.04
C ALA FA 163 9.05 -59.87 5.92
N HIS FA 164 9.54 -59.16 6.94
CA HIS FA 164 9.58 -57.70 6.94
C HIS FA 164 11.04 -57.28 7.00
N LYS FA 165 11.46 -56.49 6.01
CA LYS FA 165 12.86 -56.10 5.86
C LYS FA 165 13.12 -54.82 6.63
N LEU FA 166 14.04 -54.87 7.59
CA LEU FA 166 14.43 -53.69 8.36
C LEU FA 166 15.76 -53.11 7.91
N THR FA 167 16.73 -53.96 7.57
CA THR FA 167 18.03 -53.57 7.05
C THR FA 167 18.30 -54.44 5.82
N GLU FA 168 19.47 -54.25 5.21
CA GLU FA 168 19.80 -55.01 4.00
C GLU FA 168 19.78 -56.51 4.27
N ASP FA 169 20.29 -56.94 5.42
CA ASP FA 169 20.31 -58.35 5.78
C ASP FA 169 19.40 -58.68 6.97
N LEU FA 170 18.72 -57.68 7.54
CA LEU FA 170 17.87 -57.90 8.71
C LEU FA 170 16.42 -58.09 8.28
N PHE FA 171 15.89 -59.28 8.54
CA PHE FA 171 14.50 -59.60 8.27
C PHE FA 171 13.85 -60.14 9.53
N ILE FA 172 12.62 -59.72 9.79
CA ILE FA 172 11.86 -60.18 10.94
C ILE FA 172 10.59 -60.86 10.47
N VAL FA 173 10.02 -61.69 11.34
CA VAL FA 173 8.78 -62.40 11.02
C VAL FA 173 8.05 -62.68 12.33
N LEU FA 174 6.73 -62.54 12.30
CA LEU FA 174 5.89 -62.88 13.44
C LEU FA 174 5.67 -64.38 13.46
N ALA FA 175 6.10 -65.03 14.54
CA ALA FA 175 5.99 -66.48 14.66
C ALA FA 175 5.55 -66.84 16.07
N SER FA 176 4.85 -67.97 16.19
CA SER FA 176 4.40 -68.50 17.46
C SER FA 176 5.12 -69.82 17.70
N VAL FA 177 5.93 -69.88 18.75
CA VAL FA 177 6.71 -71.06 19.08
C VAL FA 177 5.91 -71.91 20.07
N PHE FA 178 5.76 -73.20 19.78
CA PHE FA 178 5.00 -74.11 20.61
C PHE FA 178 5.83 -75.33 21.02
N GLY FA 179 7.14 -75.15 21.16
CA GLY FA 179 8.02 -76.24 21.56
C GLY FA 179 8.59 -76.98 20.38
N ASN FA 180 9.02 -78.22 20.65
CA ASN FA 180 9.66 -79.07 19.67
C ASN FA 180 8.78 -80.27 19.37
N ARG FA 181 8.49 -80.48 18.09
CA ARG FA 181 7.71 -81.63 17.65
C ARG FA 181 8.16 -82.03 16.26
N ALA FA 182 8.36 -83.33 16.06
CA ALA FA 182 8.80 -83.85 14.76
C ALA FA 182 7.68 -83.76 13.73
N LEU GA 21 -22.77 -80.26 20.06
CA LEU GA 21 -22.90 -79.13 19.15
C LEU GA 21 -22.95 -77.81 19.91
N MET GA 22 -23.47 -77.85 21.13
CA MET GA 22 -23.58 -76.68 21.98
C MET GA 22 -23.18 -77.07 23.40
N LYS GA 23 -22.38 -76.21 24.04
CA LYS GA 23 -21.94 -76.48 25.41
C LYS GA 23 -23.14 -76.58 26.35
N ASN GA 24 -24.04 -75.61 26.28
CA ASN GA 24 -25.29 -75.67 27.03
C ASN GA 24 -26.39 -76.18 26.10
N PRO GA 25 -27.08 -77.27 26.44
CA PRO GA 25 -28.12 -77.79 25.55
C PRO GA 25 -29.16 -76.73 25.21
N GLN GA 26 -29.50 -76.62 23.92
CA GLN GA 26 -30.43 -75.60 23.47
C GLN GA 26 -31.84 -75.87 23.99
N GLN GA 27 -32.29 -77.12 23.91
CA GLN GA 27 -33.63 -77.46 24.37
C GLN GA 27 -33.72 -77.33 25.89
N ASP GA 28 -34.73 -76.59 26.35
CA ASP GA 28 -34.93 -76.42 27.79
C ASP GA 28 -35.38 -77.74 28.41
N SER GA 29 -34.86 -78.03 29.60
CA SER GA 29 -35.23 -79.25 30.30
C SER GA 29 -36.69 -79.19 30.74
N GLY GA 30 -37.34 -80.35 30.73
CA GLY GA 30 -38.74 -80.42 31.10
C GLY GA 30 -38.97 -80.56 32.59
N LEU GA 31 -37.94 -80.95 33.34
CA LEU GA 31 -38.09 -81.28 34.75
C LEU GA 31 -36.99 -80.61 35.58
N LEU GA 32 -37.27 -80.47 36.86
CA LEU GA 32 -36.27 -79.98 37.81
C LEU GA 32 -35.24 -81.07 38.09
N SER GA 33 -34.06 -80.64 38.52
CA SER GA 33 -32.97 -81.55 38.83
C SER GA 33 -33.01 -81.97 40.29
N ASN GA 34 -32.55 -83.19 40.56
CA ASN GA 34 -32.45 -83.72 41.91
C ASN GA 34 -31.02 -83.57 42.39
N SER GA 35 -30.83 -82.82 43.49
CA SER GA 35 -29.50 -82.52 43.98
C SER GA 35 -29.31 -82.95 45.42
N ILE GA 36 -29.75 -84.17 45.74
CA ILE GA 36 -29.59 -84.70 47.09
C ILE GA 36 -28.34 -85.58 47.13
N ASP GA 37 -27.95 -86.12 45.97
CA ASP GA 37 -26.77 -86.96 45.87
C ASP GA 37 -25.54 -86.11 45.54
N PHE GA 38 -24.37 -86.72 45.68
CA PHE GA 38 -23.12 -86.03 45.39
C PHE GA 38 -22.13 -86.89 44.62
N ARG GA 39 -22.53 -88.07 44.14
CA ARG GA 39 -21.64 -88.99 43.45
C ARG GA 39 -22.02 -89.09 41.98
N ASP GA 40 -21.01 -89.12 41.12
CA ASP GA 40 -21.19 -89.27 39.68
C ASP GA 40 -22.11 -88.20 39.11
N GLN GA 41 -21.93 -86.95 39.55
CA GLN GA 41 -22.71 -85.83 39.09
C GLN GA 41 -21.89 -84.85 38.25
N ASN GA 42 -20.78 -85.31 37.67
CA ASN GA 42 -19.90 -84.46 36.88
C ASN GA 42 -19.73 -84.91 35.44
N LEU GA 43 -20.34 -86.04 35.06
CA LEU GA 43 -20.24 -86.55 33.69
C LEU GA 43 -21.26 -85.85 32.80
N ILE GA 44 -21.02 -84.57 32.56
CA ILE GA 44 -21.88 -83.74 31.74
C ILE GA 44 -21.02 -82.99 30.74
N PHE GA 45 -21.64 -82.61 29.61
CA PHE GA 45 -20.92 -81.91 28.55
C PHE GA 45 -20.65 -80.45 28.88
N SER GA 46 -21.36 -79.89 29.85
CA SER GA 46 -21.15 -78.50 30.24
C SER GA 46 -20.07 -78.32 31.29
N ASN GA 47 -19.40 -79.40 31.69
CA ASN GA 47 -18.32 -79.31 32.69
C ASN GA 47 -17.09 -78.73 32.00
N SER GA 48 -17.06 -77.41 31.90
CA SER GA 48 -15.95 -76.72 31.27
C SER GA 48 -14.76 -76.63 32.21
N GLY GA 49 -13.59 -76.38 31.62
CA GLY GA 49 -12.37 -76.31 32.39
C GLY GA 49 -11.73 -77.66 32.63
N GLY GA 50 -11.00 -77.79 33.73
CA GLY GA 50 -10.36 -79.04 34.07
C GLY GA 50 -10.68 -79.45 35.49
N VAL GA 51 -10.58 -80.77 35.73
CA VAL GA 51 -10.83 -81.30 37.06
C VAL GA 51 -9.80 -80.78 38.05
N CYS GA 52 -8.53 -80.73 37.65
CA CYS GA 52 -7.45 -80.19 38.46
C CYS GA 52 -6.82 -79.02 37.72
N THR GA 53 -6.98 -77.82 38.27
CA THR GA 53 -6.49 -76.60 37.63
C THR GA 53 -5.53 -75.89 38.57
N SER GA 54 -4.40 -75.44 38.03
CA SER GA 54 -3.40 -74.71 38.79
C SER GA 54 -3.54 -73.22 38.56
N SER GA 55 -3.21 -72.44 39.59
CA SER GA 55 -3.28 -70.98 39.49
C SER GA 55 -2.20 -70.39 38.60
N LYS GA 56 -1.20 -71.18 38.21
CA LYS GA 56 -0.13 -70.73 37.32
C LYS GA 56 -0.30 -71.29 35.91
N ASP GA 57 -1.54 -71.41 35.45
CA ASP GA 57 -1.84 -71.97 34.14
C ASP GA 57 -1.97 -70.86 33.10
N LYS GA 58 -1.41 -71.11 31.92
CA LYS GA 58 -1.47 -70.15 30.82
C LYS GA 58 -2.69 -70.44 29.96
N ILE GA 59 -3.54 -69.45 29.79
CA ILE GA 59 -4.82 -69.59 29.08
C ILE GA 59 -4.91 -68.51 28.01
N GLU GA 60 -5.29 -68.90 26.80
CA GLU GA 60 -5.46 -67.97 25.69
C GLU GA 60 -6.88 -68.05 25.17
N ASN GA 61 -7.25 -67.06 24.36
CA ASN GA 61 -8.56 -67.06 23.71
C ASN GA 61 -8.38 -66.73 22.24
N TYR GA 62 -9.08 -67.49 21.39
CA TYR GA 62 -8.96 -67.34 19.95
C TYR GA 62 -10.35 -67.30 19.31
N PRO GA 63 -10.47 -66.70 18.13
CA PRO GA 63 -11.70 -66.85 17.35
C PRO GA 63 -11.92 -68.30 16.97
N ALA GA 64 -13.18 -68.73 17.02
CA ALA GA 64 -13.53 -70.13 16.79
C ALA GA 64 -14.02 -70.32 15.37
N LYS GA 65 -13.58 -71.42 14.75
CA LYS GA 65 -14.00 -71.82 13.42
C LYS GA 65 -14.71 -73.17 13.55
N GLY GA 66 -16.01 -73.12 13.82
CA GLY GA 66 -16.77 -74.34 14.02
C GLY GA 66 -17.13 -74.56 15.48
N TYR GA 67 -17.06 -75.82 15.93
CA TYR GA 67 -17.34 -76.19 17.31
C TYR GA 67 -16.17 -77.04 17.83
N PRO GA 68 -15.08 -76.40 18.23
CA PRO GA 68 -13.92 -77.15 18.72
C PRO GA 68 -13.97 -77.44 20.22
N TYR GA 69 -15.15 -77.30 20.82
CA TYR GA 69 -15.28 -77.48 22.27
C TYR GA 69 -14.85 -78.88 22.69
N LYS GA 70 -14.02 -78.95 23.74
CA LYS GA 70 -13.52 -80.21 24.29
C LYS GA 70 -12.86 -81.07 23.21
N ARG GA 71 -12.10 -80.41 22.33
CA ARG GA 71 -11.43 -81.07 21.23
C ARG GA 71 -10.07 -80.44 21.01
N GLY GA 72 -9.18 -81.22 20.39
CA GLY GA 72 -7.89 -80.67 20.01
C GLY GA 72 -8.04 -79.66 18.89
N VAL GA 73 -7.31 -78.55 19.01
CA VAL GA 73 -7.46 -77.44 18.08
C VAL GA 73 -6.15 -77.24 17.33
N LYS GA 74 -6.28 -76.67 16.12
CA LYS GA 74 -5.14 -76.34 15.28
C LYS GA 74 -5.35 -74.95 14.71
N LEU GA 75 -4.25 -74.28 14.38
CA LEU GA 75 -4.32 -72.94 13.81
C LEU GA 75 -4.82 -73.01 12.38
N SER GA 76 -5.81 -72.16 12.06
CA SER GA 76 -6.38 -72.08 10.73
C SER GA 76 -6.13 -70.69 10.17
N PHE GA 77 -5.63 -70.63 8.94
CA PHE GA 77 -5.29 -69.38 8.28
C PHE GA 77 -6.20 -69.14 7.09
N GLY GA 78 -6.71 -67.91 6.98
CA GLY GA 78 -7.58 -67.55 5.88
C GLY GA 78 -6.84 -66.94 4.72
N ASP GA 79 -7.43 -65.93 4.08
CA ASP GA 79 -6.82 -65.25 2.96
C ASP GA 79 -6.03 -64.01 3.37
N GLY GA 80 -5.91 -63.75 4.66
CA GLY GA 80 -5.20 -62.60 5.16
C GLY GA 80 -6.05 -61.38 5.44
N THR GA 81 -7.31 -61.37 5.00
CA THR GA 81 -8.20 -60.24 5.30
C THR GA 81 -8.51 -60.16 6.78
N THR GA 82 -8.71 -61.30 7.43
CA THR GA 82 -9.05 -61.36 8.84
C THR GA 82 -7.98 -62.15 9.59
N GLU GA 83 -8.05 -62.08 10.92
CA GLU GA 83 -7.08 -62.76 11.76
C GLU GA 83 -7.29 -64.26 11.71
N LEU GA 84 -6.29 -65.00 12.22
CA LEU GA 84 -6.35 -66.44 12.23
C LEU GA 84 -7.37 -66.94 13.25
N GLU GA 85 -7.80 -68.18 13.06
CA GLU GA 85 -8.77 -68.82 13.93
C GLU GA 85 -8.28 -70.22 14.30
N VAL GA 86 -9.01 -70.87 15.21
CA VAL GA 86 -8.68 -72.21 15.66
C VAL GA 86 -9.82 -73.15 15.27
N GLU GA 87 -9.46 -74.32 14.76
CA GLU GA 87 -10.42 -75.33 14.33
C GLU GA 87 -9.98 -76.69 14.85
N ALA GA 88 -10.95 -77.59 14.98
CA ALA GA 88 -10.67 -78.94 15.48
C ALA GA 88 -9.69 -79.65 14.56
N GLY GA 89 -8.66 -80.25 15.17
CA GLY GA 89 -7.65 -80.95 14.40
C GLY GA 89 -6.60 -81.53 15.31
N GLY GA 90 -5.69 -82.30 14.72
CA GLY GA 90 -4.62 -82.93 15.47
C GLY GA 90 -3.47 -83.37 14.59
N GLY GA 91 -2.89 -84.52 14.89
CA GLY GA 91 -1.77 -85.01 14.11
C GLY GA 91 -0.54 -84.15 14.30
N ASP GA 92 0.04 -83.70 13.18
CA ASP GA 92 1.23 -82.87 13.20
C ASP GA 92 0.93 -81.38 13.23
N ASP GA 93 -0.35 -81.01 13.32
CA ASP GA 93 -0.76 -79.62 13.33
C ASP GA 93 -1.39 -79.19 14.66
N LEU GA 94 -1.39 -80.05 15.66
CA LEU GA 94 -2.03 -79.73 16.94
C LEU GA 94 -1.34 -78.55 17.60
N TYR GA 95 -2.15 -77.59 18.07
CA TYR GA 95 -1.66 -76.42 18.76
C TYR GA 95 -2.05 -76.37 20.23
N GLY GA 96 -3.18 -76.97 20.59
CA GLY GA 96 -3.62 -76.96 21.97
C GLY GA 96 -4.92 -77.71 22.14
N VAL GA 97 -5.53 -77.55 23.31
CA VAL GA 97 -6.77 -78.23 23.65
C VAL GA 97 -7.78 -77.18 24.10
N CYS GA 98 -8.94 -77.14 23.46
CA CYS GA 98 -10.00 -76.22 23.83
C CYS GA 98 -10.78 -76.78 25.02
N SER GA 99 -11.04 -75.92 26.01
CA SER GA 99 -11.74 -76.34 27.22
C SER GA 99 -13.00 -75.54 27.51
N ASP GA 100 -13.27 -74.46 26.78
CA ASP GA 100 -14.45 -73.63 27.02
C ASP GA 100 -14.72 -72.81 25.78
N ILE GA 101 -15.99 -72.43 25.59
CA ILE GA 101 -16.40 -71.54 24.52
C ILE GA 101 -17.39 -70.53 25.05
N ASP GA 102 -17.13 -69.25 24.80
CA ASP GA 102 -18.12 -68.20 25.01
C ASP GA 102 -18.88 -68.05 23.70
N GLU GA 103 -20.18 -68.39 23.73
CA GLU GA 103 -20.97 -68.50 22.52
C GLU GA 103 -21.26 -67.14 21.91
N PHE GA 104 -21.56 -66.14 22.74
CA PHE GA 104 -21.96 -64.83 22.23
C PHE GA 104 -20.85 -64.21 21.38
N SER GA 105 -19.62 -64.26 21.87
CA SER GA 105 -18.48 -63.70 21.15
C SER GA 105 -17.81 -64.71 20.23
N GLY GA 106 -18.23 -65.97 20.26
CA GLY GA 106 -17.57 -66.98 19.46
C GLY GA 106 -16.14 -67.27 19.87
N MET GA 107 -15.83 -67.11 21.16
CA MET GA 107 -14.44 -67.21 21.62
C MET GA 107 -14.16 -68.61 22.15
N ALA GA 108 -13.03 -69.19 21.74
CA ALA GA 108 -12.59 -70.50 22.19
C ALA GA 108 -11.42 -70.32 23.14
N THR GA 109 -11.58 -70.81 24.37
CA THR GA 109 -10.50 -70.85 25.35
C THR GA 109 -9.56 -72.00 25.00
N VAL GA 110 -8.26 -71.70 24.97
CA VAL GA 110 -7.25 -72.66 24.53
C VAL GA 110 -6.16 -72.75 25.61
N ILE GA 111 -5.79 -73.98 25.94
CA ILE GA 111 -4.62 -74.28 26.76
C ILE GA 111 -3.55 -74.84 25.84
N PRO GA 112 -2.41 -74.16 25.69
CA PRO GA 112 -1.41 -74.62 24.71
C PRO GA 112 -0.86 -76.00 25.05
N ILE GA 113 -0.43 -76.71 24.00
CA ILE GA 113 0.13 -78.04 24.16
C ILE GA 113 1.39 -78.01 25.02
N THR GA 114 2.06 -76.86 25.11
CA THR GA 114 3.23 -76.72 25.96
C THR GA 114 2.89 -76.79 27.44
N ASN GA 115 1.62 -76.65 27.80
CA ASN GA 115 1.17 -76.72 29.19
C ASN GA 115 0.27 -77.93 29.36
N ASN GA 116 0.56 -78.74 30.38
CA ASN GA 116 -0.21 -79.96 30.59
C ASN GA 116 -1.64 -79.64 31.03
N PHE GA 117 -2.56 -80.52 30.64
CA PHE GA 117 -3.97 -80.35 30.94
C PHE GA 117 -4.57 -81.68 31.39
N THR GA 118 -5.50 -81.62 32.33
CA THR GA 118 -6.22 -82.79 32.82
C THR GA 118 -7.71 -82.47 32.85
N GLY GA 119 -8.49 -83.23 32.10
CA GLY GA 119 -9.92 -82.99 32.05
C GLY GA 119 -10.61 -83.98 31.13
N TYR GA 120 -11.90 -83.75 30.94
CA TYR GA 120 -12.73 -84.60 30.08
C TYR GA 120 -12.68 -84.08 28.65
N LEU GA 121 -12.35 -84.98 27.72
CA LEU GA 121 -12.24 -84.63 26.31
C LEU GA 121 -13.06 -85.60 25.47
N THR GA 122 -13.47 -85.13 24.29
CA THR GA 122 -14.25 -85.96 23.38
C THR GA 122 -13.41 -87.16 22.90
N LEU GA 123 -14.04 -88.32 22.91
CA LEU GA 123 -13.39 -89.57 22.53
C LEU GA 123 -14.03 -90.12 21.26
N LYS GA 124 -13.21 -90.66 20.37
CA LYS GA 124 -13.70 -91.22 19.12
C LYS GA 124 -14.56 -92.45 19.39
N LYS GA 125 -15.69 -92.55 18.68
CA LYS GA 125 -16.60 -93.66 18.83
C LYS GA 125 -16.32 -94.74 17.79
N VAL GA 131 -11.66 -98.85 25.55
CA VAL GA 131 -10.65 -97.99 26.15
C VAL GA 131 -10.62 -98.18 27.66
N ASN GA 132 -9.45 -98.59 28.18
CA ASN GA 132 -9.24 -98.83 29.59
C ASN GA 132 -8.32 -97.77 30.18
N PRO GA 133 -8.39 -97.53 31.49
CA PRO GA 133 -7.48 -96.58 32.12
C PRO GA 133 -6.03 -96.99 31.92
N GLY GA 134 -5.17 -95.98 31.72
CA GLY GA 134 -3.76 -96.21 31.47
C GLY GA 134 -3.40 -96.45 30.02
N ASP GA 135 -4.35 -96.32 29.10
CA ASP GA 135 -4.07 -96.51 27.68
C ASP GA 135 -3.55 -95.22 27.06
N LYS GA 136 -2.74 -95.38 26.01
CA LYS GA 136 -2.17 -94.24 25.31
C LYS GA 136 -3.17 -93.71 24.28
N LEU GA 137 -3.33 -92.39 24.24
CA LEU GA 137 -4.30 -91.75 23.38
C LEU GA 137 -3.60 -90.70 22.52
N ASN GA 138 -4.14 -90.49 21.32
CA ASN GA 138 -3.64 -89.47 20.40
C ASN GA 138 -4.81 -88.78 19.73
N PHE GA 139 -4.61 -87.51 19.36
CA PHE GA 139 -5.65 -86.74 18.69
C PHE GA 139 -5.69 -87.08 17.20
N ASN GA 140 -6.90 -87.20 16.66
CA ASN GA 140 -7.09 -87.53 15.26
C ASN GA 140 -7.28 -86.24 14.45
N GLN GA 141 -7.66 -86.40 13.17
CA GLN GA 141 -7.86 -85.25 12.30
C GLN GA 141 -9.03 -84.39 12.76
N HIS GA 142 -10.00 -84.98 13.46
CA HIS GA 142 -11.18 -84.27 13.92
C HIS GA 142 -11.03 -83.73 15.33
N GLY GA 143 -9.83 -83.80 15.91
CA GLY GA 143 -9.63 -83.33 17.26
C GLY GA 143 -10.20 -84.22 18.33
N GLU GA 144 -10.38 -85.52 18.04
CA GLU GA 144 -10.92 -86.48 18.99
C GLU GA 144 -9.83 -87.44 19.43
N LEU GA 145 -9.88 -87.86 20.69
CA LEU GA 145 -8.91 -88.82 21.20
C LEU GA 145 -9.20 -90.21 20.67
N GLU GA 146 -8.14 -90.96 20.38
CA GLU GA 146 -8.27 -92.33 19.89
C GLU GA 146 -7.09 -93.15 20.40
N LYS GA 147 -7.30 -94.45 20.50
CA LYS GA 147 -6.27 -95.35 21.01
C LYS GA 147 -5.12 -95.43 20.02
N VAL GA 148 -3.90 -95.49 20.55
CA VAL GA 148 -2.70 -95.57 19.72
C VAL GA 148 -2.52 -97.00 19.21
N LYS GA 153 1.90 -91.69 19.62
CA LYS GA 153 2.71 -91.53 18.42
C LYS GA 153 3.52 -90.23 18.47
N SER GA 154 2.84 -89.11 18.66
CA SER GA 154 3.51 -87.82 18.77
C SER GA 154 2.93 -86.93 19.86
N VAL GA 155 1.93 -87.40 20.61
CA VAL GA 155 1.31 -86.61 21.67
C VAL GA 155 1.23 -87.49 22.92
N ASN GA 156 1.63 -86.92 24.06
CA ASN GA 156 1.58 -87.64 25.34
C ASN GA 156 0.20 -87.44 25.95
N ALA GA 157 -0.68 -88.42 25.74
CA ALA GA 157 -2.00 -88.40 26.33
C ALA GA 157 -2.32 -89.79 26.87
N ILE GA 158 -2.74 -89.86 28.12
CA ILE GA 158 -3.06 -91.13 28.78
C ILE GA 158 -4.46 -91.02 29.37
N ALA GA 159 -5.31 -92.00 29.06
CA ALA GA 159 -6.68 -92.01 29.58
C ALA GA 159 -6.67 -92.45 31.03
N LEU GA 160 -7.36 -91.69 31.88
CA LEU GA 160 -7.44 -91.98 33.31
C LEU GA 160 -8.71 -92.71 33.71
N SER GA 161 -9.59 -93.01 32.76
CA SER GA 161 -10.84 -93.69 33.05
C SER GA 161 -11.34 -94.35 31.78
N LYS GA 162 -12.59 -94.81 31.81
CA LYS GA 162 -13.22 -95.44 30.66
C LYS GA 162 -14.15 -94.47 29.96
N ALA GA 163 -14.63 -94.87 28.79
CA ALA GA 163 -15.50 -94.01 27.99
C ALA GA 163 -16.85 -93.84 28.67
N HIS GA 164 -17.29 -92.59 28.78
CA HIS GA 164 -18.62 -92.26 29.29
C HIS GA 164 -19.47 -91.78 28.12
N LYS GA 165 -20.58 -92.46 27.89
CA LYS GA 165 -21.43 -92.19 26.73
C LYS GA 165 -22.51 -91.17 27.14
N LEU GA 166 -22.41 -89.96 26.62
CA LEU GA 166 -23.42 -88.94 26.88
C LEU GA 166 -24.54 -88.96 25.84
N THR GA 167 -24.21 -89.37 24.62
CA THR GA 167 -25.19 -89.47 23.54
C THR GA 167 -24.76 -90.66 22.67
N GLU GA 168 -25.66 -91.08 21.78
CA GLU GA 168 -25.36 -92.23 20.92
C GLU GA 168 -24.08 -92.04 20.13
N ASP GA 169 -23.71 -90.79 19.83
CA ASP GA 169 -22.46 -90.49 19.14
C ASP GA 169 -21.47 -89.71 19.97
N LEU GA 170 -21.85 -89.25 21.17
CA LEU GA 170 -21.00 -88.43 22.01
C LEU GA 170 -20.41 -89.27 23.14
N PHE GA 171 -19.08 -89.40 23.14
CA PHE GA 171 -18.35 -90.11 24.18
C PHE GA 171 -17.27 -89.20 24.74
N ILE GA 172 -17.10 -89.22 26.06
CA ILE GA 172 -16.08 -88.45 26.74
C ILE GA 172 -15.18 -89.40 27.52
N VAL GA 173 -14.01 -88.89 27.90
CA VAL GA 173 -13.05 -89.69 28.67
C VAL GA 173 -12.15 -88.73 29.45
N LEU GA 174 -11.79 -89.13 30.66
CA LEU GA 174 -10.86 -88.37 31.47
C LEU GA 174 -9.44 -88.75 31.09
N ALA GA 175 -8.69 -87.78 30.58
CA ALA GA 175 -7.32 -88.03 30.12
C ALA GA 175 -6.43 -86.87 30.51
N SER GA 176 -5.13 -87.15 30.60
CA SER GA 176 -4.12 -86.15 30.90
C SER GA 176 -3.19 -86.02 29.71
N VAL GA 177 -3.05 -84.81 29.19
CA VAL GA 177 -2.17 -84.50 28.08
C VAL GA 177 -1.02 -83.66 28.60
N PHE GA 178 0.21 -84.16 28.44
CA PHE GA 178 1.41 -83.49 28.95
C PHE GA 178 2.44 -83.40 27.82
N GLY GA 179 2.36 -82.32 27.04
CA GLY GA 179 3.33 -82.09 26.00
C GLY GA 179 3.22 -83.09 24.85
N ASN GA 180 4.28 -83.13 24.05
CA ASN GA 180 4.37 -84.00 22.88
C ASN GA 180 5.51 -84.99 23.05
N ARG GA 181 5.37 -86.15 22.42
CA ARG GA 181 6.36 -87.21 22.51
C ARG GA 181 7.42 -86.99 21.43
N ALA GA 182 8.34 -87.94 21.30
CA ALA GA 182 9.40 -87.90 20.31
C ALA GA 182 9.24 -89.05 19.34
N ILE GA 183 9.39 -88.76 18.04
CA ILE GA 183 9.25 -89.78 17.01
C ILE GA 183 10.61 -90.37 16.68
N ALA HA 187 -20.07 -36.51 41.65
CA ALA HA 187 -19.55 -37.84 41.38
C ALA HA 187 -18.71 -37.85 40.11
N SER HA 188 -17.84 -36.85 39.97
CA SER HA 188 -16.96 -36.72 38.83
C SER HA 188 -15.55 -36.38 39.31
N LEU HA 189 -14.57 -36.74 38.48
CA LEU HA 189 -13.17 -36.45 38.81
C LEU HA 189 -12.86 -34.96 38.78
N LEU HA 190 -13.72 -34.15 38.14
CA LEU HA 190 -13.49 -32.71 38.10
C LEU HA 190 -13.59 -32.11 39.49
N ASP HA 191 -14.54 -32.59 40.30
CA ASP HA 191 -14.73 -32.05 41.65
C ASP HA 191 -13.55 -32.46 42.53
N SER HA 192 -12.87 -31.46 43.10
CA SER HA 192 -11.76 -31.75 44.01
C SER HA 192 -12.26 -32.35 45.33
N ASN HA 193 -13.44 -31.95 45.78
CA ASN HA 193 -13.99 -32.47 47.02
C ASN HA 193 -14.35 -33.94 46.93
N PHE HA 194 -14.50 -34.47 45.71
CA PHE HA 194 -14.87 -35.86 45.53
C PHE HA 194 -13.73 -36.77 45.99
N VAL HA 195 -14.00 -37.64 46.95
CA VAL HA 195 -13.05 -38.60 47.46
C VAL HA 195 -13.60 -40.00 47.20
N PRO HA 196 -13.12 -40.69 46.17
CA PRO HA 196 -13.62 -42.04 45.88
C PRO HA 196 -13.29 -43.00 47.01
N ILE HA 197 -14.22 -43.94 47.25
CA ILE HA 197 -14.07 -44.91 48.33
C ILE HA 197 -13.49 -46.20 47.77
N ASN HA 198 -13.86 -46.55 46.53
CA ASN HA 198 -13.43 -47.81 45.95
C ASN HA 198 -13.29 -47.65 44.43
N PHE HA 199 -12.77 -48.70 43.81
CA PHE HA 199 -12.50 -48.67 42.38
C PHE HA 199 -13.78 -48.57 41.56
N THR HA 200 -14.88 -49.14 42.04
CA THR HA 200 -16.14 -49.00 41.33
C THR HA 200 -16.58 -47.55 41.27
N GLU HA 201 -16.53 -46.85 42.42
CA GLU HA 201 -16.85 -45.43 42.43
C GLU HA 201 -15.87 -44.64 41.57
N PHE HA 202 -14.60 -45.04 41.56
CA PHE HA 202 -13.62 -44.36 40.72
C PHE HA 202 -13.96 -44.51 39.24
N VAL HA 203 -14.38 -45.71 38.82
CA VAL HA 203 -14.74 -45.93 37.43
C VAL HA 203 -16.01 -45.16 37.06
N GLN HA 204 -16.99 -45.13 37.97
CA GLN HA 204 -18.19 -44.34 37.70
C GLN HA 204 -17.84 -42.85 37.58
N ALA HA 205 -16.92 -42.37 38.41
CA ALA HA 205 -16.48 -40.99 38.32
C ALA HA 205 -15.78 -40.72 37.00
N ILE HA 206 -14.98 -41.68 36.52
CA ILE HA 206 -14.32 -41.53 35.22
C ILE HA 206 -15.37 -41.42 34.12
N SER HA 207 -16.39 -42.28 34.16
CA SER HA 207 -17.44 -42.22 33.14
C SER HA 207 -18.19 -40.90 33.18
N ASN HA 208 -18.53 -40.43 34.38
CA ASN HA 208 -19.22 -39.15 34.51
C ASN HA 208 -18.35 -38.01 34.01
N THR HA 209 -17.05 -38.06 34.30
CA THR HA 209 -16.13 -37.02 33.81
C THR HA 209 -16.06 -37.02 32.30
N TYR HA 210 -16.02 -38.21 31.68
CA TYR HA 210 -16.02 -38.28 30.22
C TYR HA 210 -17.30 -37.70 29.64
N LYS HA 211 -18.44 -38.01 30.25
CA LYS HA 211 -19.71 -37.46 29.77
C LYS HA 211 -19.73 -35.94 29.91
N GLN HA 212 -19.23 -35.42 31.03
CA GLN HA 212 -19.19 -33.97 31.22
C GLN HA 212 -18.24 -33.31 30.22
N ARG HA 213 -17.12 -33.96 29.91
CA ARG HA 213 -16.22 -33.43 28.90
C ARG HA 213 -16.88 -33.38 27.53
N ARG HA 214 -17.64 -34.42 27.18
CA ARG HA 214 -18.37 -34.40 25.91
C ARG HA 214 -19.41 -33.28 25.89
N ILE HA 215 -20.13 -33.10 27.00
CA ILE HA 215 -21.12 -32.04 27.07
C ILE HA 215 -20.46 -30.67 26.93
N GLN HA 216 -19.32 -30.47 27.60
CA GLN HA 216 -18.62 -29.19 27.51
C GLN HA 216 -18.10 -28.96 26.10
N PHE HA 217 -17.59 -30.00 25.44
CA PHE HA 217 -17.12 -29.84 24.07
C PHE HA 217 -18.25 -29.45 23.14
N TYR HA 218 -19.42 -30.07 23.30
CA TYR HA 218 -20.56 -29.70 22.46
C TYR HA 218 -21.06 -28.29 22.79
N GLU HA 219 -20.96 -27.87 24.06
CA GLU HA 219 -21.34 -26.52 24.43
C GLU HA 219 -20.41 -25.49 23.78
N ASN HA 220 -19.11 -25.77 23.78
CA ASN HA 220 -18.11 -24.84 23.26
C ASN HA 220 -17.89 -24.99 21.75
N LEU HA 221 -18.52 -25.97 21.11
CA LEU HA 221 -18.32 -26.20 19.69
C LEU HA 221 -18.90 -25.05 18.87
N LYS HA 222 -18.15 -24.60 17.86
CA LYS HA 222 -18.60 -23.56 16.94
C LYS HA 222 -18.24 -24.00 15.53
N ARG HA 223 -19.18 -24.63 14.84
CA ARG HA 223 -18.95 -25.13 13.50
C ARG HA 223 -18.92 -23.99 12.48
N HIS HA 224 -18.17 -24.18 11.41
CA HIS HA 224 -18.15 -23.23 10.30
C HIS HA 224 -19.28 -23.57 9.34
N LYS HA 225 -20.17 -22.60 9.11
CA LYS HA 225 -21.37 -22.82 8.32
C LYS HA 225 -21.21 -22.44 6.86
N ARG HA 226 -20.03 -22.01 6.44
CA ARG HA 226 -19.78 -21.69 5.03
C ARG HA 226 -18.77 -22.66 4.41
N ALA IA 187 15.71 -40.80 61.19
CA ALA IA 187 15.12 -41.83 60.34
C ALA IA 187 15.93 -43.12 60.40
N SER IA 188 15.97 -43.73 61.58
CA SER IA 188 16.71 -44.96 61.80
C SER IA 188 15.84 -45.95 62.57
N LEU IA 189 16.06 -47.24 62.33
CA LEU IA 189 15.32 -48.27 63.04
C LEU IA 189 15.63 -48.28 64.53
N LEU IA 190 16.82 -47.79 64.91
CA LEU IA 190 17.15 -47.71 66.33
C LEU IA 190 16.23 -46.74 67.05
N ASP IA 191 15.87 -45.64 66.41
CA ASP IA 191 14.96 -44.67 67.01
C ASP IA 191 13.57 -45.28 67.13
N SER IA 192 13.07 -45.39 68.37
CA SER IA 192 11.75 -45.94 68.58
C SER IA 192 10.66 -45.01 68.08
N ASN IA 193 10.92 -43.71 68.04
CA ASN IA 193 9.92 -42.76 67.57
C ASN IA 193 9.66 -42.87 66.07
N PHE IA 194 10.52 -43.58 65.34
CA PHE IA 194 10.34 -43.70 63.89
C PHE IA 194 9.10 -44.53 63.58
N VAL IA 195 8.18 -43.95 62.82
CA VAL IA 195 6.99 -44.64 62.34
C VAL IA 195 7.03 -44.62 60.81
N PRO IA 196 7.45 -45.71 60.18
CA PRO IA 196 7.58 -45.72 58.71
C PRO IA 196 6.22 -45.59 58.04
N ILE IA 197 6.07 -44.52 57.25
CA ILE IA 197 4.83 -44.33 56.49
C ILE IA 197 4.74 -45.34 55.35
N ASN IA 198 5.85 -45.61 54.68
CA ASN IA 198 5.83 -46.50 53.52
C ASN IA 198 7.10 -47.31 53.47
N PHE IA 199 7.10 -48.30 52.56
CA PHE IA 199 8.23 -49.21 52.43
C PHE IA 199 9.49 -48.47 51.99
N THR IA 200 9.35 -47.39 51.21
CA THR IA 200 10.51 -46.60 50.83
C THR IA 200 11.17 -45.98 52.05
N GLU IA 201 10.36 -45.39 52.94
CA GLU IA 201 10.91 -44.85 54.19
C GLU IA 201 11.51 -45.95 55.05
N PHE IA 202 10.88 -47.13 55.05
CA PHE IA 202 11.43 -48.26 55.80
C PHE IA 202 12.81 -48.65 55.28
N VAL IA 203 12.98 -48.70 53.96
CA VAL IA 203 14.27 -49.06 53.38
C VAL IA 203 15.31 -47.97 53.66
N GLN IA 204 14.92 -46.70 53.57
CA GLN IA 204 15.85 -45.63 53.91
C GLN IA 204 16.28 -45.72 55.37
N ALA IA 205 15.34 -46.04 56.26
CA ALA IA 205 15.68 -46.21 57.67
C ALA IA 205 16.61 -47.40 57.87
N ILE IA 206 16.42 -48.48 57.10
CA ILE IA 206 17.32 -49.62 57.18
C ILE IA 206 18.74 -49.20 56.79
N SER IA 207 18.86 -48.43 55.70
CA SER IA 207 20.17 -47.98 55.26
C SER IA 207 20.82 -47.06 56.30
N ASN IA 208 20.03 -46.14 56.87
CA ASN IA 208 20.57 -45.25 57.89
C ASN IA 208 21.00 -46.03 59.13
N THR IA 209 20.24 -47.05 59.51
CA THR IA 209 20.61 -47.89 60.65
C THR IA 209 21.90 -48.64 60.38
N TYR IA 210 22.06 -49.15 59.15
CA TYR IA 210 23.32 -49.80 58.80
C TYR IA 210 24.50 -48.85 58.89
N LYS IA 211 24.32 -47.62 58.38
CA LYS IA 211 25.40 -46.62 58.47
C LYS IA 211 25.74 -46.29 59.91
N GLN IA 212 24.72 -46.12 60.75
CA GLN IA 212 24.95 -45.82 62.16
C GLN IA 212 25.64 -46.99 62.87
N ARG IA 213 25.29 -48.22 62.51
CA ARG IA 213 25.96 -49.39 63.08
C ARG IA 213 27.43 -49.42 62.66
N ARG IA 214 27.72 -49.08 61.40
CA ARG IA 214 29.11 -49.00 60.97
C ARG IA 214 29.87 -47.95 61.76
N ILE IA 215 29.26 -46.78 61.95
CA ILE IA 215 29.91 -45.71 62.71
C ILE IA 215 30.15 -46.15 64.15
N GLN IA 216 29.16 -46.81 64.76
CA GLN IA 216 29.32 -47.30 66.12
C GLN IA 216 30.43 -48.34 66.23
N PHE IA 217 30.52 -49.25 65.26
CA PHE IA 217 31.58 -50.24 65.27
C PHE IA 217 32.94 -49.58 65.15
N TYR IA 218 33.08 -48.60 64.26
CA TYR IA 218 34.36 -47.92 64.13
C TYR IA 218 34.71 -47.12 65.38
N GLU IA 219 33.71 -46.53 66.05
CA GLU IA 219 33.98 -45.83 67.31
C GLU IA 219 34.42 -46.81 68.39
N ASN IA 220 33.78 -47.99 68.45
CA ASN IA 220 34.10 -48.95 69.51
C ASN IA 220 35.43 -49.65 69.25
N LEU IA 221 35.85 -49.75 67.99
CA LEU IA 221 37.10 -50.43 67.67
C LEU IA 221 38.28 -49.70 68.29
N LYS IA 222 39.20 -50.49 68.86
CA LYS IA 222 40.39 -49.94 69.51
C LYS IA 222 41.68 -50.27 68.77
N ARG IA 223 41.72 -51.34 67.99
CA ARG IA 223 42.90 -51.73 67.22
C ARG IA 223 44.14 -51.90 68.11
N ALA JA 187 -16.26 -65.51 71.08
CA ALA JA 187 -16.40 -64.81 69.80
C ALA JA 187 -17.03 -65.73 68.76
N SER JA 188 -18.26 -65.43 68.37
CA SER JA 188 -18.98 -66.22 67.37
C SER JA 188 -19.65 -65.29 66.38
N LEU JA 189 -19.88 -65.80 65.18
CA LEU JA 189 -20.57 -65.02 64.15
C LEU JA 189 -22.02 -64.73 64.52
N LEU JA 190 -22.61 -65.54 65.41
CA LEU JA 190 -23.98 -65.27 65.85
C LEU JA 190 -24.08 -63.96 66.62
N ASP JA 191 -23.02 -63.58 67.33
CA ASP JA 191 -23.03 -62.34 68.08
C ASP JA 191 -23.13 -61.14 67.14
N SER JA 192 -24.06 -60.23 67.44
CA SER JA 192 -24.26 -59.05 66.61
C SER JA 192 -23.20 -57.99 66.83
N ASN JA 193 -22.53 -58.01 67.98
CA ASN JA 193 -21.51 -57.01 68.30
C ASN JA 193 -20.10 -57.46 67.93
N PHE JA 194 -19.94 -58.64 67.34
CA PHE JA 194 -18.62 -59.17 67.02
C PHE JA 194 -18.12 -58.54 65.72
N VAL JA 195 -17.00 -57.85 65.80
CA VAL JA 195 -16.33 -57.27 64.63
C VAL JA 195 -14.96 -57.91 64.51
N PRO JA 196 -14.78 -58.84 63.57
CA PRO JA 196 -13.48 -59.52 63.45
C PRO JA 196 -12.39 -58.57 63.00
N ILE JA 197 -11.30 -58.51 63.78
CA ILE JA 197 -10.17 -57.67 63.42
C ILE JA 197 -9.44 -58.25 62.22
N ASN JA 198 -9.28 -59.57 62.17
CA ASN JA 198 -8.48 -60.19 61.12
C ASN JA 198 -9.08 -61.55 60.75
N PHE JA 199 -8.48 -62.16 59.72
CA PHE JA 199 -8.98 -63.44 59.21
C PHE JA 199 -8.83 -64.55 60.24
N THR JA 200 -7.82 -64.47 61.12
CA THR JA 200 -7.68 -65.46 62.18
C THR JA 200 -8.88 -65.41 63.13
N GLU JA 201 -9.26 -64.19 63.55
CA GLU JA 201 -10.44 -64.06 64.38
C GLU JA 201 -11.70 -64.50 63.63
N PHE JA 202 -11.76 -64.23 62.33
CA PHE JA 202 -12.89 -64.68 61.53
C PHE JA 202 -13.01 -66.20 61.54
N VAL JA 203 -11.89 -66.89 61.37
CA VAL JA 203 -11.89 -68.35 61.36
C VAL JA 203 -12.27 -68.90 62.73
N GLN JA 204 -11.73 -68.30 63.79
CA GLN JA 204 -12.09 -68.73 65.13
C GLN JA 204 -13.58 -68.53 65.40
N ALA JA 205 -14.14 -67.41 64.92
CA ALA JA 205 -15.57 -67.18 65.07
C ALA JA 205 -16.38 -68.20 64.28
N ILE JA 206 -15.91 -68.57 63.10
CA ILE JA 206 -16.60 -69.60 62.31
C ILE JA 206 -16.63 -70.92 63.06
N SER JA 207 -15.48 -71.31 63.64
CA SER JA 207 -15.42 -72.55 64.39
C SER JA 207 -16.33 -72.51 65.62
N ASN JA 208 -16.33 -71.37 66.33
CA ASN JA 208 -17.19 -71.24 67.49
C ASN JA 208 -18.66 -71.30 67.10
N THR JA 209 -19.02 -70.69 65.96
CA THR JA 209 -20.39 -70.73 65.49
C THR JA 209 -20.81 -72.16 65.15
N TYR JA 210 -19.92 -72.92 64.50
CA TYR JA 210 -20.22 -74.32 64.22
C TYR JA 210 -20.43 -75.11 65.51
N LYS JA 211 -19.56 -74.88 66.50
CA LYS JA 211 -19.71 -75.59 67.78
C LYS JA 211 -21.03 -75.23 68.46
N GLN JA 212 -21.39 -73.95 68.45
CA GLN JA 212 -22.65 -73.52 69.06
C GLN JA 212 -23.85 -74.11 68.33
N ARG JA 213 -23.79 -74.19 67.00
CA ARG JA 213 -24.87 -74.81 66.24
C ARG JA 213 -25.00 -76.28 66.59
N ARG JA 214 -23.88 -76.98 66.74
CA ARG JA 214 -23.93 -78.38 67.14
C ARG JA 214 -24.55 -78.53 68.53
N ILE JA 215 -24.16 -77.66 69.46
CA ILE JA 215 -24.71 -77.70 70.82
C ILE JA 215 -26.21 -77.45 70.79
N GLN JA 216 -26.65 -76.46 70.00
CA GLN JA 216 -28.07 -76.15 69.90
C GLN JA 216 -28.84 -77.32 69.29
N PHE JA 217 -28.28 -77.96 68.26
CA PHE JA 217 -28.93 -79.12 67.67
C PHE JA 217 -29.09 -80.24 68.69
N TYR JA 218 -28.03 -80.50 69.47
CA TYR JA 218 -28.14 -81.55 70.48
C TYR JA 218 -29.12 -81.17 71.59
N GLU JA 219 -29.25 -79.87 71.89
CA GLU JA 219 -30.24 -79.42 72.86
C GLU JA 219 -31.66 -79.63 72.33
N ASN JA 220 -31.87 -79.40 71.04
CA ASN JA 220 -33.19 -79.52 70.44
C ASN JA 220 -33.48 -80.91 69.89
N LEU JA 221 -32.54 -81.86 70.04
CA LEU JA 221 -32.73 -83.20 69.50
C LEU JA 221 -33.66 -84.01 70.41
N LYS JA 222 -34.61 -84.71 69.79
CA LYS JA 222 -35.53 -85.59 70.51
C LYS JA 222 -35.71 -86.85 69.68
N ARG JA 223 -34.96 -87.89 70.02
CA ARG JA 223 -35.02 -89.16 69.30
C ARG JA 223 -36.35 -89.87 69.55
N LEU KA 3 -72.67 -44.70 20.82
CA LEU KA 3 -71.94 -45.38 19.78
C LEU KA 3 -70.53 -45.74 20.25
N PHE KA 4 -69.85 -44.78 20.88
CA PHE KA 4 -68.50 -45.02 21.38
C PHE KA 4 -68.48 -45.95 22.58
N ASP KA 5 -69.62 -46.13 23.26
CA ASP KA 5 -69.73 -47.11 24.33
C ASP KA 5 -70.04 -48.50 23.80
N GLU KA 6 -70.26 -48.64 22.51
CA GLU KA 6 -70.54 -49.93 21.86
C GLU KA 6 -69.48 -50.32 20.85
N ASN KA 7 -69.02 -49.39 20.02
CA ASN KA 7 -68.06 -49.69 18.95
C ASN KA 7 -66.67 -49.24 19.40
N TYR KA 8 -65.92 -50.19 19.97
CA TYR KA 8 -64.55 -49.92 20.37
C TYR KA 8 -63.69 -49.54 19.17
N TYR KA 9 -63.95 -50.17 18.02
CA TYR KA 9 -63.20 -49.82 16.81
C TYR KA 9 -63.47 -48.39 16.39
N ALA KA 10 -64.72 -47.95 16.46
CA ALA KA 10 -65.03 -46.56 16.15
C ALA KA 10 -64.36 -45.62 17.13
N LYS KA 11 -64.37 -45.97 18.43
CA LYS KA 11 -63.70 -45.12 19.42
C LYS KA 11 -62.21 -45.04 19.15
N ALA KA 12 -61.58 -46.17 18.80
CA ALA KA 12 -60.15 -46.18 18.50
C ALA KA 12 -59.84 -45.35 17.27
N VAL KA 13 -60.68 -45.45 16.24
CA VAL KA 13 -60.49 -44.64 15.04
C VAL KA 13 -60.59 -43.16 15.37
N ALA KA 14 -61.58 -42.79 16.19
CA ALA KA 14 -61.72 -41.39 16.58
C ALA KA 14 -60.51 -40.91 17.38
N ASN KA 15 -59.96 -41.76 18.24
CA ASN KA 15 -58.81 -41.37 19.03
C ASN KA 15 -57.54 -41.28 18.20
N ILE KA 16 -57.40 -42.15 17.18
CA ILE KA 16 -56.16 -42.23 16.42
C ILE KA 16 -56.19 -41.39 15.15
N ILE KA 17 -57.33 -40.78 14.81
CA ILE KA 17 -57.43 -40.01 13.57
C ILE KA 17 -56.51 -38.79 13.60
N GLY KA 18 -56.20 -38.29 14.80
CA GLY KA 18 -55.35 -37.11 14.88
C GLY KA 18 -53.91 -37.38 14.44
N GLU KA 19 -53.41 -38.57 14.71
CA GLU KA 19 -52.01 -38.88 14.41
C GLU KA 19 -51.73 -38.97 12.92
N VAL KA 20 -52.76 -39.08 12.08
CA VAL KA 20 -52.55 -39.14 10.64
C VAL KA 20 -52.16 -37.77 10.12
N LYS KA 21 -51.12 -37.74 9.28
CA LYS KA 21 -50.60 -36.50 8.74
C LYS KA 21 -51.40 -36.05 7.53
N ASP KA 22 -51.35 -34.75 7.26
CA ASP KA 22 -52.07 -34.18 6.13
C ASP KA 22 -51.41 -34.61 4.82
N PRO KA 23 -52.21 -34.78 3.76
CA PRO KA 23 -51.64 -35.15 2.47
C PRO KA 23 -50.77 -34.04 1.89
N ILE KA 24 -49.77 -34.45 1.10
CA ILE KA 24 -48.87 -33.49 0.46
C ILE KA 24 -49.47 -32.85 -0.77
N MET KA 25 -50.59 -33.38 -1.28
CA MET KA 25 -51.23 -32.79 -2.45
C MET KA 25 -51.81 -31.41 -2.17
N TYR KA 26 -52.01 -31.06 -0.89
CA TYR KA 26 -52.57 -29.76 -0.55
C TYR KA 26 -51.64 -28.63 -0.97
N LYS KA 27 -50.33 -28.85 -0.92
CA LYS KA 27 -49.38 -27.80 -1.31
C LYS KA 27 -49.46 -27.49 -2.80
N TRP KA 28 -49.92 -28.44 -3.61
CA TRP KA 28 -49.97 -28.27 -5.05
C TRP KA 28 -51.10 -27.36 -5.52
N PHE KA 29 -52.01 -26.99 -4.63
CA PHE KA 29 -53.19 -26.21 -5.00
C PHE KA 29 -53.36 -25.03 -4.05
N SER KA 30 -53.99 -23.98 -4.57
CA SER KA 30 -54.34 -22.82 -3.77
C SER KA 30 -55.56 -23.11 -2.91
N PRO KA 31 -55.76 -22.35 -1.83
CA PRO KA 31 -56.93 -22.62 -0.97
C PRO KA 31 -58.25 -22.52 -1.70
N ASP KA 32 -58.38 -21.61 -2.66
CA ASP KA 32 -59.63 -21.43 -3.38
C ASP KA 32 -59.85 -22.44 -4.48
N GLN KA 33 -58.82 -23.21 -4.87
CA GLN KA 33 -58.96 -24.14 -5.97
C GLN KA 33 -59.64 -25.44 -5.59
N ILE KA 34 -59.75 -25.75 -4.29
CA ILE KA 34 -60.27 -27.02 -3.82
C ILE KA 34 -61.65 -26.79 -3.20
N GLU KA 35 -62.64 -27.55 -3.68
CA GLU KA 35 -64.01 -27.43 -3.19
C GLU KA 35 -64.60 -28.82 -3.02
N ASP KA 36 -64.97 -29.18 -1.79
CA ASP KA 36 -65.50 -30.51 -1.53
C ASP KA 36 -66.92 -30.65 -2.08
N VAL KA 37 -67.23 -31.85 -2.58
CA VAL KA 37 -68.58 -32.18 -3.05
C VAL KA 37 -69.12 -33.32 -2.19
N ASP KA 38 -70.36 -33.74 -2.45
CA ASP KA 38 -71.07 -34.70 -1.60
C ASP KA 38 -71.61 -35.86 -2.44
N LEU KA 39 -70.79 -36.89 -2.59
CA LEU KA 39 -71.20 -38.17 -3.17
C LEU KA 39 -70.07 -39.16 -2.94
N GLN KA 40 -70.31 -40.42 -3.30
CA GLN KA 40 -69.32 -41.48 -3.15
C GLN KA 40 -68.91 -42.12 -4.46
N MET KA 41 -69.88 -42.41 -5.33
CA MET KA 41 -69.58 -43.04 -6.61
C MET KA 41 -70.62 -42.60 -7.62
N GLY KA 42 -70.16 -42.28 -8.84
CA GLY KA 42 -71.06 -41.82 -9.88
C GLY KA 42 -70.46 -40.73 -10.73
N TYR KA 43 -71.30 -39.79 -11.17
CA TYR KA 43 -70.84 -38.70 -12.03
C TYR KA 43 -71.52 -37.41 -11.61
N GLN KA 44 -70.82 -36.30 -11.83
CA GLN KA 44 -71.34 -34.96 -11.60
C GLN KA 44 -71.18 -34.15 -12.87
N LYS KA 45 -72.02 -33.12 -13.02
CA LYS KA 45 -72.01 -32.27 -14.19
C LYS KA 45 -71.88 -30.81 -13.79
N THR KA 46 -71.04 -30.08 -14.51
CA THR KA 46 -70.84 -28.66 -14.28
C THR KA 46 -71.14 -27.90 -15.57
N VAL KA 47 -71.85 -26.78 -15.44
CA VAL KA 47 -72.28 -25.98 -16.58
C VAL KA 47 -71.64 -24.61 -16.48
N LYS KA 48 -71.01 -24.17 -17.57
CA LYS KA 48 -70.36 -22.86 -17.64
C LYS KA 48 -71.02 -22.05 -18.74
N TRP KA 49 -71.43 -20.83 -18.40
CA TRP KA 49 -72.12 -19.92 -19.31
C TRP KA 49 -71.19 -18.80 -19.74
N ASP KA 50 -71.22 -18.46 -21.03
CA ASP KA 50 -70.40 -17.40 -21.58
C ASP KA 50 -71.20 -16.56 -22.56
N ALA KA 51 -70.99 -15.26 -22.53
CA ALA KA 51 -71.70 -14.31 -23.39
C ALA KA 51 -70.81 -13.88 -24.56
N PHE KA 52 -71.47 -13.33 -25.58
CA PHE KA 52 -70.77 -12.80 -26.75
C PHE KA 52 -71.64 -11.74 -27.41
N LEU KA 53 -71.01 -10.90 -28.21
CA LEU KA 53 -71.70 -9.83 -28.93
C LEU KA 53 -71.95 -10.26 -30.36
N ASN KA 54 -73.13 -9.92 -30.90
CA ASN KA 54 -73.46 -10.30 -32.26
C ASN KA 54 -73.12 -9.23 -33.29
N ALA KA 55 -73.02 -7.97 -32.88
CA ALA KA 55 -72.75 -6.89 -33.83
C ALA KA 55 -72.16 -5.71 -33.08
N ASN KA 56 -71.80 -4.67 -33.83
CA ASN KA 56 -71.26 -3.46 -33.25
C ASN KA 56 -72.35 -2.71 -32.48
N PRO KA 57 -71.96 -1.90 -31.50
CA PRO KA 57 -72.97 -1.16 -30.71
C PRO KA 57 -73.73 -0.16 -31.55
N THR KA 58 -74.91 0.19 -31.06
CA THR KA 58 -75.81 1.12 -31.72
C THR KA 58 -75.81 2.46 -31.00
N THR KA 59 -75.69 3.54 -31.75
CA THR KA 59 -75.70 4.89 -31.17
C THR KA 59 -77.13 5.28 -30.83
N ILE KA 60 -77.34 5.73 -29.59
CA ILE KA 60 -78.67 6.13 -29.12
C ILE KA 60 -78.81 7.61 -29.43
N ALA KA 61 -79.29 7.91 -30.63
CA ALA KA 61 -79.53 9.28 -31.07
C ALA KA 61 -80.92 9.37 -31.68
N ASN KA 62 -81.70 10.37 -31.25
CA ASN KA 62 -83.06 10.62 -31.74
C ASN KA 62 -83.91 9.40 -31.43
N GLU KA 63 -84.51 8.74 -32.42
CA GLU KA 63 -85.38 7.59 -32.19
C GLU KA 63 -84.85 6.39 -32.95
N VAL KA 64 -84.85 5.23 -32.28
CA VAL KA 64 -84.38 3.99 -32.89
C VAL KA 64 -84.92 2.83 -32.04
N ASN KA 65 -85.25 1.73 -32.71
CA ASN KA 65 -85.73 0.54 -32.03
C ASN KA 65 -84.96 -0.73 -32.36
N THR KA 66 -84.12 -0.72 -33.41
CA THR KA 66 -83.30 -1.87 -33.75
C THR KA 66 -81.95 -1.75 -33.04
N ILE KA 67 -81.66 -2.70 -32.16
CA ILE KA 67 -80.46 -2.66 -31.33
C ILE KA 67 -79.67 -3.94 -31.56
N SER KA 68 -78.36 -3.85 -31.34
CA SER KA 68 -77.50 -5.03 -31.43
C SER KA 68 -77.78 -5.97 -30.27
N THR KA 69 -77.45 -7.24 -30.46
CA THR KA 69 -77.83 -8.30 -29.53
C THR KA 69 -76.60 -8.93 -28.88
N ILE KA 70 -76.82 -9.46 -27.68
CA ILE KA 70 -75.80 -10.19 -26.93
C ILE KA 70 -76.29 -11.62 -26.77
N GLY KA 71 -75.58 -12.55 -27.39
CA GLY KA 71 -75.94 -13.95 -27.29
C GLY KA 71 -75.22 -14.67 -26.16
N PHE KA 72 -75.69 -15.87 -25.85
CA PHE KA 72 -75.16 -16.66 -24.76
C PHE KA 72 -74.94 -18.10 -25.23
N SER KA 73 -74.04 -18.79 -24.53
CA SER KA 73 -73.75 -20.18 -24.83
C SER KA 73 -73.32 -20.88 -23.54
N SER KA 74 -73.42 -22.20 -23.53
CA SER KA 74 -73.10 -22.99 -22.36
C SER KA 74 -72.29 -24.22 -22.75
N GLU KA 75 -71.45 -24.67 -21.83
CA GLU KA 75 -70.71 -25.92 -22.00
C GLU KA 75 -70.85 -26.75 -20.73
N VAL KA 76 -70.95 -28.07 -20.91
CA VAL KA 76 -71.20 -29.01 -19.83
C VAL KA 76 -70.00 -29.96 -19.74
N VAL KA 77 -69.49 -30.14 -18.52
CA VAL KA 77 -68.35 -31.00 -18.25
C VAL KA 77 -68.77 -32.06 -17.25
N ARG KA 78 -68.47 -33.32 -17.55
CA ARG KA 78 -68.82 -34.46 -16.71
C ARG KA 78 -67.59 -34.98 -16.00
N LEU KA 79 -67.70 -35.20 -14.70
CA LEU KA 79 -66.62 -35.72 -13.87
C LEU KA 79 -67.07 -37.02 -13.22
N ASN KA 80 -66.29 -38.08 -13.41
CA ASN KA 80 -66.60 -39.40 -12.88
C ASN KA 80 -65.77 -39.66 -11.62
N TYR KA 81 -66.39 -40.27 -10.62
CA TYR KA 81 -65.73 -40.65 -9.39
C TYR KA 81 -65.73 -42.16 -9.25
N LEU KA 82 -64.88 -42.66 -8.34
CA LEU KA 82 -64.79 -44.09 -8.08
C LEU KA 82 -64.60 -44.31 -6.58
N LYS KA 83 -65.08 -45.46 -6.10
CA LYS KA 83 -64.95 -45.84 -4.71
C LYS KA 83 -64.14 -47.13 -4.62
N LEU KA 84 -63.14 -47.15 -3.73
CA LEU KA 84 -62.24 -48.28 -3.57
C LEU KA 84 -62.12 -48.63 -2.10
N GLN KA 85 -61.76 -49.89 -1.84
CA GLN KA 85 -61.69 -50.41 -0.48
C GLN KA 85 -60.46 -51.27 -0.31
N TYR KA 86 -59.96 -51.30 0.93
CA TYR KA 86 -58.86 -52.17 1.34
C TYR KA 86 -59.25 -52.89 2.62
N LYS KA 87 -58.71 -54.09 2.79
CA LYS KA 87 -58.95 -54.91 3.96
C LYS KA 87 -57.64 -55.16 4.69
N PHE KA 88 -57.67 -55.14 6.02
CA PHE KA 88 -56.48 -55.39 6.81
C PHE KA 88 -56.83 -56.17 8.07
N ARG KA 89 -55.94 -57.09 8.44
CA ARG KA 89 -56.11 -57.91 9.63
C ARG KA 89 -55.55 -57.18 10.86
N HIS KA 90 -56.07 -57.57 12.02
CA HIS KA 90 -55.66 -56.96 13.29
C HIS KA 90 -56.08 -57.88 14.43
N LEU KA 91 -55.64 -57.53 15.63
CA LEU KA 91 -55.94 -58.30 16.83
C LEU KA 91 -57.25 -57.84 17.45
N LYS KA 92 -57.97 -58.78 18.04
CA LYS KA 92 -59.22 -58.47 18.72
C LYS KA 92 -58.94 -57.74 20.03
N GLN KA 93 -59.86 -56.83 20.39
CA GLN KA 93 -59.68 -56.04 21.61
C GLN KA 93 -59.58 -56.92 22.84
N THR KA 94 -60.46 -57.92 22.95
CA THR KA 94 -60.41 -58.82 24.10
C THR KA 94 -59.12 -59.64 24.12
N SER KA 95 -58.54 -59.90 22.95
CA SER KA 95 -57.31 -60.68 22.86
C SER KA 95 -56.05 -59.82 22.95
N GLU KA 96 -56.19 -58.49 22.98
CA GLU KA 96 -55.02 -57.63 23.09
C GLU KA 96 -54.27 -57.86 24.39
N LYS KA 97 -55.00 -58.09 25.49
CA LYS KA 97 -54.37 -58.25 26.80
C LYS KA 97 -53.46 -59.47 26.84
N PHE KA 98 -53.74 -60.47 26.01
CA PHE KA 98 -52.91 -61.67 25.96
C PHE KA 98 -51.73 -61.53 25.02
N TYR KA 99 -51.59 -60.39 24.34
CA TYR KA 99 -50.43 -60.10 23.51
C TYR KA 99 -49.68 -58.86 23.98
N THR KA 100 -50.18 -58.15 25.00
CA THR KA 100 -49.46 -57.00 25.52
C THR KA 100 -48.13 -57.43 26.13
N SER KA 101 -47.12 -56.58 25.95
CA SER KA 101 -45.80 -56.80 26.51
C SER KA 101 -45.32 -55.51 27.16
N ASP KA 102 -44.15 -55.60 27.83
CA ASP KA 102 -43.62 -54.44 28.53
C ASP KA 102 -43.24 -53.31 27.57
N SER KA 103 -42.78 -53.65 26.37
CA SER KA 103 -42.30 -52.66 25.42
C SER KA 103 -43.21 -52.47 24.21
N TYR KA 104 -44.13 -53.39 23.95
CA TYR KA 104 -44.96 -53.31 22.76
C TYR KA 104 -46.22 -54.14 22.96
N ILE KA 105 -47.14 -54.02 22.01
CA ILE KA 105 -48.36 -54.82 21.97
C ILE KA 105 -48.50 -55.43 20.59
N GLY KA 106 -48.69 -56.74 20.54
CA GLY KA 106 -48.84 -57.43 19.27
C GLY KA 106 -47.97 -58.66 19.15
N ASP KA 107 -48.27 -59.51 18.18
CA ASP KA 107 -47.53 -60.75 17.95
C ASP KA 107 -46.48 -60.46 16.87
N ILE KA 108 -45.21 -60.39 17.28
CA ILE KA 108 -44.13 -60.13 16.33
C ILE KA 108 -43.93 -61.31 15.39
N ASN KA 109 -44.02 -62.53 15.91
CA ASN KA 109 -43.74 -63.71 15.10
C ASN KA 109 -44.76 -63.90 13.99
N ASN KA 110 -46.00 -63.46 14.20
CA ASN KA 110 -47.06 -63.62 13.20
C ASN KA 110 -47.49 -62.31 12.57
N ASN KA 111 -46.85 -61.18 12.92
CA ASN KA 111 -47.13 -59.88 12.33
C ASN KA 111 -48.60 -59.49 12.53
N LEU KA 112 -48.99 -59.37 13.80
CA LEU KA 112 -50.33 -58.97 14.18
C LEU KA 112 -50.23 -57.73 15.06
N LEU KA 113 -51.05 -56.73 14.77
CA LEU KA 113 -50.96 -55.41 15.38
C LEU KA 113 -52.27 -55.04 16.07
N PRO KA 114 -52.23 -54.11 17.01
CA PRO KA 114 -53.48 -53.54 17.53
C PRO KA 114 -54.22 -52.78 16.44
N PHE KA 115 -55.53 -52.67 16.64
CA PHE KA 115 -56.39 -52.09 15.60
C PHE KA 115 -56.01 -50.64 15.32
N ALA KA 116 -55.70 -49.86 16.35
CA ALA KA 116 -55.37 -48.46 16.15
C ALA KA 116 -54.11 -48.31 15.30
N GLN KA 117 -53.05 -49.04 15.65
CA GLN KA 117 -51.80 -48.95 14.89
C GLN KA 117 -51.98 -49.45 13.47
N ALA KA 118 -52.70 -50.56 13.29
CA ALA KA 118 -52.93 -51.09 11.95
C ALA KA 118 -53.71 -50.10 11.10
N TYR KA 119 -54.74 -49.47 11.68
CA TYR KA 119 -55.51 -48.48 10.96
C TYR KA 119 -54.65 -47.28 10.60
N LYS KA 120 -53.79 -46.82 11.52
CA LYS KA 120 -52.95 -45.67 11.23
C LYS KA 120 -52.00 -45.97 10.07
N LEU KA 121 -51.34 -47.12 10.11
CA LEU KA 121 -50.40 -47.47 9.04
C LEU KA 121 -51.13 -47.65 7.71
N ALA KA 122 -52.28 -48.32 7.72
CA ALA KA 122 -53.04 -48.52 6.49
C ALA KA 122 -53.51 -47.19 5.92
N SER KA 123 -53.97 -46.29 6.79
CA SER KA 123 -54.41 -44.97 6.35
C SER KA 123 -53.24 -44.18 5.74
N SER KA 124 -52.06 -44.28 6.36
CA SER KA 124 -50.89 -43.60 5.80
C SER KA 124 -50.57 -44.12 4.40
N GLU KA 125 -50.59 -45.45 4.24
CA GLU KA 125 -50.31 -46.02 2.92
C GLU KA 125 -51.36 -45.61 1.90
N ILE KA 126 -52.63 -45.59 2.29
CA ILE KA 126 -53.70 -45.21 1.37
C ILE KA 126 -53.58 -43.73 0.99
N ILE KA 127 -53.18 -42.88 1.94
CA ILE KA 127 -52.97 -41.47 1.62
C ILE KA 127 -51.81 -41.30 0.65
N LYS KA 128 -50.74 -42.09 0.82
CA LYS KA 128 -49.65 -42.06 -0.15
C LYS KA 128 -50.15 -42.45 -1.54
N LEU KA 129 -50.97 -43.51 -1.62
CA LEU KA 129 -51.51 -43.94 -2.90
C LEU KA 129 -52.42 -42.86 -3.50
N ILE KA 130 -53.21 -42.20 -2.67
CA ILE KA 130 -54.11 -41.16 -3.16
C ILE KA 130 -53.30 -39.99 -3.70
N ASN KA 131 -52.22 -39.60 -3.00
CA ASN KA 131 -51.36 -38.53 -3.50
C ASN KA 131 -50.74 -38.90 -4.83
N HIS KA 132 -50.30 -40.16 -4.96
CA HIS KA 132 -49.74 -40.62 -6.23
C HIS KA 132 -50.79 -40.54 -7.34
N PHE KA 133 -52.02 -40.96 -7.05
CA PHE KA 133 -53.08 -40.88 -8.05
C PHE KA 133 -53.37 -39.43 -8.46
N VAL KA 134 -53.41 -38.52 -7.48
CA VAL KA 134 -53.67 -37.12 -7.79
C VAL KA 134 -52.56 -36.55 -8.68
N LEU KA 135 -51.30 -36.92 -8.40
CA LEU KA 135 -50.20 -36.35 -9.17
C LEU KA 135 -50.12 -36.95 -10.57
N THR KA 136 -50.30 -38.26 -10.70
CA THR KA 136 -49.95 -38.95 -11.95
C THR KA 136 -51.14 -39.36 -12.81
N GLY KA 137 -52.35 -39.44 -12.25
CA GLY KA 137 -53.48 -39.92 -13.02
C GLY KA 137 -53.55 -41.41 -13.19
N THR KA 138 -52.69 -42.17 -12.51
CA THR KA 138 -52.69 -43.63 -12.56
C THR KA 138 -52.65 -44.17 -11.14
N VAL KA 139 -53.11 -45.42 -10.99
CA VAL KA 139 -53.06 -46.14 -9.72
C VAL KA 139 -52.22 -47.39 -9.94
N SER KA 140 -51.14 -47.52 -9.18
CA SER KA 140 -50.27 -48.69 -9.27
C SER KA 140 -49.42 -48.78 -8.00
N ILE KA 141 -49.02 -50.00 -7.67
CA ILE KA 141 -48.18 -50.26 -6.51
C ILE KA 141 -46.76 -50.65 -6.90
N GLN KA 142 -46.47 -50.79 -8.18
CA GLN KA 142 -45.14 -51.17 -8.66
C GLN KA 142 -44.33 -49.94 -9.01
N LYS KA 143 -43.05 -49.96 -8.65
CA LYS KA 143 -42.15 -48.86 -8.99
C LYS KA 143 -41.96 -48.77 -10.50
N ASP KA 144 -42.04 -49.89 -11.21
CA ASP KA 144 -41.95 -49.88 -12.66
C ASP KA 144 -43.10 -49.11 -13.29
N GLY KA 145 -44.25 -49.05 -12.61
CA GLY KA 145 -45.41 -48.37 -13.11
C GLY KA 145 -46.33 -49.21 -13.99
N LYS KA 146 -46.02 -50.49 -14.16
CA LYS KA 146 -46.86 -51.38 -14.95
C LYS KA 146 -47.95 -51.99 -14.07
N ASN KA 147 -48.78 -52.85 -14.68
CA ASN KA 147 -49.89 -53.50 -14.00
C ASN KA 147 -50.78 -52.48 -13.31
N GLN KA 148 -51.20 -51.48 -14.08
CA GLN KA 148 -52.06 -50.41 -13.56
C GLN KA 148 -53.51 -50.86 -13.50
N LYS KA 149 -54.24 -50.30 -12.54
CA LYS KA 149 -55.67 -50.58 -12.41
C LYS KA 149 -56.44 -49.76 -13.43
N ARG KA 150 -57.23 -50.44 -14.28
CA ARG KA 150 -58.01 -49.75 -15.29
C ARG KA 150 -59.07 -48.89 -14.63
N LEU KA 151 -59.06 -47.59 -14.94
CA LEU KA 151 -59.95 -46.63 -14.33
C LEU KA 151 -61.02 -46.17 -15.33
N LEU KA 152 -62.00 -45.45 -14.81
CA LEU KA 152 -63.11 -44.95 -15.60
C LEU KA 152 -62.68 -43.74 -16.43
N PRO KA 153 -63.38 -43.46 -17.53
CA PRO KA 153 -63.10 -42.24 -18.30
C PRO KA 153 -63.47 -41.00 -17.50
N ASN KA 154 -62.98 -39.86 -17.98
CA ASN KA 154 -63.13 -38.56 -17.30
C ASN KA 154 -62.50 -38.59 -15.91
N MET KA 155 -61.47 -39.40 -15.74
CA MET KA 155 -60.71 -39.50 -14.48
C MET KA 155 -59.25 -39.28 -14.85
N TYR KA 156 -58.82 -38.02 -14.80
CA TYR KA 156 -57.48 -37.65 -15.24
C TYR KA 156 -56.75 -36.90 -14.13
N GLY KA 157 -55.42 -37.06 -14.10
CA GLY KA 157 -54.58 -36.31 -13.20
C GLY KA 157 -53.84 -35.19 -13.93
N LEU KA 158 -52.96 -34.54 -13.18
CA LEU KA 158 -52.18 -33.45 -13.74
C LEU KA 158 -51.23 -33.93 -14.82
N LEU KA 159 -50.74 -35.16 -14.71
CA LEU KA 159 -49.76 -35.68 -15.64
C LEU KA 159 -50.37 -36.30 -16.90
N ASN KA 160 -51.63 -36.75 -16.83
CA ASN KA 160 -52.27 -37.39 -17.99
C ASN KA 160 -53.51 -36.64 -18.46
N MET KA 161 -53.67 -35.37 -18.08
CA MET KA 161 -54.82 -34.60 -18.54
C MET KA 161 -54.71 -34.38 -20.05
N PRO KA 162 -55.73 -34.72 -20.82
CA PRO KA 162 -55.65 -34.53 -22.28
C PRO KA 162 -55.79 -33.07 -22.66
N GLU KA 163 -55.43 -32.78 -23.92
CA GLU KA 163 -55.52 -31.44 -24.49
C GLU KA 163 -54.68 -30.44 -23.70
N GLN KA 164 -53.45 -30.85 -23.39
CA GLN KA 164 -52.48 -29.99 -22.72
C GLN KA 164 -51.18 -30.03 -23.52
N ILE KA 165 -50.30 -29.06 -23.24
CA ILE KA 165 -49.08 -28.91 -24.01
C ILE KA 165 -48.03 -29.87 -23.46
N LYS KA 166 -47.45 -30.69 -24.34
CA LYS KA 166 -46.49 -31.71 -23.96
C LYS KA 166 -45.23 -31.54 -24.79
N GLU KA 167 -44.09 -31.45 -24.11
CA GLU KA 167 -42.78 -31.32 -24.77
C GLU KA 167 -41.90 -32.49 -24.36
N GLU KA 168 -41.01 -32.88 -25.28
CA GLU KA 168 -40.13 -34.03 -25.09
C GLU KA 168 -38.70 -33.60 -25.35
N VAL KA 169 -37.86 -33.69 -24.31
CA VAL KA 169 -36.44 -33.41 -24.43
C VAL KA 169 -35.73 -34.71 -24.83
N ALA KA 170 -34.92 -34.64 -25.87
CA ALA KA 170 -34.33 -35.82 -26.47
C ALA KA 170 -33.34 -36.48 -25.51
N SER KA 171 -33.05 -37.75 -25.78
CA SER KA 171 -32.17 -38.53 -24.91
C SER KA 171 -30.75 -37.98 -24.92
N GLY KA 172 -30.24 -37.59 -26.10
CA GLY KA 172 -28.89 -37.07 -26.18
C GLY KA 172 -28.72 -35.75 -25.46
N ASP KA 173 -29.80 -34.98 -25.30
CA ASP KA 173 -29.78 -33.69 -24.64
C ASP KA 173 -30.41 -33.75 -23.24
N LYS KA 174 -30.42 -34.93 -22.62
CA LYS KA 174 -31.01 -35.05 -21.29
C LYS KA 174 -30.21 -34.26 -20.25
N ASP KA 175 -28.89 -34.15 -20.43
CA ASP KA 175 -28.04 -33.39 -19.53
C ASP KA 175 -27.86 -31.94 -19.97
N LYS KA 176 -28.42 -31.55 -21.11
CA LYS KA 176 -28.26 -30.20 -21.63
C LYS KA 176 -29.36 -29.31 -21.10
N MET KA 177 -29.05 -28.55 -20.05
CA MET KA 177 -30.03 -27.65 -19.45
C MET KA 177 -30.48 -26.57 -20.43
N ASP KA 178 -29.62 -26.17 -21.36
CA ASP KA 178 -30.02 -25.21 -22.37
C ASP KA 178 -31.10 -25.78 -23.28
N LYS KA 179 -30.96 -27.04 -23.71
CA LYS KA 179 -32.00 -27.68 -24.51
C LYS KA 179 -33.27 -27.86 -23.69
N ILE KA 180 -33.14 -28.23 -22.42
CA ILE KA 180 -34.32 -28.37 -21.56
C ILE KA 180 -35.06 -27.04 -21.46
N PHE KA 181 -34.33 -25.95 -21.28
CA PHE KA 181 -34.96 -24.64 -21.18
C PHE KA 181 -35.54 -24.18 -22.52
N GLU KA 182 -34.92 -24.58 -23.63
CA GLU KA 182 -35.52 -24.30 -24.93
C GLU KA 182 -36.88 -24.97 -25.06
N LYS KA 183 -36.96 -26.25 -24.67
CA LYS KA 183 -38.25 -26.95 -24.68
C LYS KA 183 -39.25 -26.29 -23.75
N ILE KA 184 -38.80 -25.88 -22.56
CA ILE KA 184 -39.69 -25.22 -21.61
C ILE KA 184 -40.21 -23.90 -22.17
N GLU KA 185 -39.34 -23.14 -22.84
CA GLU KA 185 -39.76 -21.88 -23.45
C GLU KA 185 -40.77 -22.13 -24.56
N ALA KA 186 -40.55 -23.16 -25.38
CA ALA KA 186 -41.51 -23.50 -26.41
C ALA KA 186 -42.88 -23.83 -25.81
N GLY KA 187 -42.88 -24.65 -24.76
CA GLY KA 187 -44.13 -24.98 -24.10
C GLY KA 187 -44.81 -23.76 -23.49
N LEU KA 188 -44.02 -22.88 -22.87
CA LEU KA 188 -44.57 -21.67 -22.27
C LEU KA 188 -45.18 -20.77 -23.32
N SER KA 189 -44.55 -20.66 -24.50
CA SER KA 189 -45.13 -19.88 -25.59
C SER KA 189 -46.40 -20.54 -26.12
N LYS KA 190 -46.45 -21.88 -26.14
CA LYS KA 190 -47.65 -22.57 -26.59
C LYS KA 190 -48.76 -22.58 -25.54
N LEU KA 191 -48.47 -22.19 -24.29
CA LEU KA 191 -49.52 -22.09 -23.29
C LEU KA 191 -50.54 -21.04 -23.68
N GLU KA 192 -51.80 -21.29 -23.31
CA GLU KA 192 -52.92 -20.40 -23.60
C GLU KA 192 -53.71 -20.20 -22.30
N LEU KA 193 -53.52 -19.06 -21.64
CA LEU KA 193 -54.18 -18.76 -20.38
C LEU KA 193 -55.34 -17.78 -20.53
N GLY KA 194 -55.60 -17.29 -21.75
CA GLY KA 194 -56.68 -16.34 -21.93
C GLY KA 194 -56.41 -15.05 -21.19
N ASP KA 195 -57.48 -14.45 -20.65
CA ASP KA 195 -57.38 -13.23 -19.88
C ASP KA 195 -57.02 -13.47 -18.42
N GLU KA 196 -57.02 -14.72 -17.97
CA GLU KA 196 -56.63 -15.07 -16.61
C GLU KA 196 -55.13 -15.31 -16.48
N PHE KA 197 -54.32 -14.77 -17.40
CA PHE KA 197 -52.88 -14.99 -17.36
C PHE KA 197 -52.24 -14.35 -16.14
N SER KA 198 -52.84 -13.30 -15.59
CA SER KA 198 -52.30 -12.62 -14.42
C SER KA 198 -52.66 -13.43 -13.17
N THR KA 199 -51.98 -14.56 -13.01
CA THR KA 199 -52.22 -15.46 -11.89
C THR KA 199 -50.91 -16.10 -11.48
N PRO KA 200 -50.77 -16.49 -10.21
CA PRO KA 200 -49.55 -17.20 -9.80
C PRO KA 200 -49.42 -18.54 -10.52
N MET KA 201 -48.17 -18.96 -10.71
CA MET KA 201 -47.86 -20.21 -11.40
C MET KA 201 -47.15 -21.17 -10.45
N MET KA 202 -47.31 -22.46 -10.73
CA MET KA 202 -46.72 -23.51 -9.90
C MET KA 202 -46.03 -24.52 -10.80
N VAL KA 203 -44.82 -24.92 -10.40
CA VAL KA 203 -44.01 -25.89 -11.12
C VAL KA 203 -43.65 -27.01 -10.14
N ILE KA 204 -43.72 -28.24 -10.63
CA ILE KA 204 -43.37 -29.44 -9.88
C ILE KA 204 -42.27 -30.16 -10.65
N VAL KA 205 -41.17 -30.46 -9.97
CA VAL KA 205 -40.02 -31.10 -10.59
C VAL KA 205 -39.54 -32.26 -9.73
N ASP KA 206 -38.86 -33.20 -10.39
CA ASP KA 206 -38.24 -34.32 -9.70
C ASP KA 206 -36.95 -33.85 -9.01
N PRO KA 207 -36.46 -34.61 -8.03
CA PRO KA 207 -35.22 -34.19 -7.34
C PRO KA 207 -34.02 -34.05 -8.26
N ALA KA 208 -33.90 -34.90 -9.28
CA ALA KA 208 -32.79 -34.76 -10.22
C ALA KA 208 -32.89 -33.46 -10.99
N THR KA 209 -34.09 -33.10 -11.44
CA THR KA 209 -34.28 -31.83 -12.13
C THR KA 209 -34.02 -30.66 -11.19
N SER KA 210 -34.39 -30.79 -9.92
CA SER KA 210 -34.09 -29.73 -8.96
C SER KA 210 -32.59 -29.56 -8.77
N LEU KA 211 -31.84 -30.66 -8.68
CA LEU KA 211 -30.40 -30.56 -8.55
C LEU KA 211 -29.78 -29.95 -9.80
N LYS KA 212 -30.32 -30.27 -10.97
CA LYS KA 212 -29.85 -29.62 -12.20
C LYS KA 212 -30.16 -28.13 -12.19
N LEU KA 213 -31.32 -27.75 -11.65
CA LEU KA 213 -31.71 -26.34 -11.63
C LEU KA 213 -30.82 -25.53 -10.68
N VAL KA 214 -30.45 -26.10 -9.54
CA VAL KA 214 -29.69 -25.35 -8.55
C VAL KA 214 -28.25 -25.13 -9.01
N LYS KA 215 -27.91 -25.65 -10.18
CA LYS KA 215 -26.61 -25.33 -10.77
C LYS KA 215 -26.56 -23.87 -11.18
N PRO KA 216 -25.39 -23.25 -11.15
CA PRO KA 216 -25.26 -21.86 -11.61
C PRO KA 216 -25.62 -21.75 -13.09
N TYR KA 217 -26.22 -20.60 -13.43
CA TYR KA 217 -26.67 -20.38 -14.81
C TYR KA 217 -25.47 -20.15 -15.71
N ALA KA 218 -25.45 -20.85 -16.85
CA ALA KA 218 -24.35 -20.73 -17.81
C ALA KA 218 -24.44 -19.40 -18.56
N ALA KA 223 -18.89 -20.75 -21.81
CA ALA KA 223 -18.58 -19.89 -20.66
C ALA KA 223 -19.63 -20.06 -19.56
N ALA KA 224 -19.33 -19.54 -18.37
CA ALA KA 224 -20.22 -19.61 -17.23
C ALA KA 224 -20.32 -18.24 -16.56
N SER KA 225 -21.29 -18.11 -15.67
CA SER KA 225 -21.53 -16.87 -14.95
C SER KA 225 -21.76 -17.20 -13.48
N SER KA 226 -22.17 -16.20 -12.71
CA SER KA 226 -22.41 -16.37 -11.28
C SER KA 226 -23.53 -15.43 -10.85
N CYS KA 227 -23.92 -15.54 -9.59
CA CYS KA 227 -24.96 -14.72 -8.98
C CYS KA 227 -26.32 -14.91 -9.65
N GLU KA 228 -26.50 -16.01 -10.38
CA GLU KA 228 -27.77 -16.31 -11.02
C GLU KA 228 -27.81 -17.80 -11.34
N LYS KA 229 -28.97 -18.41 -11.12
CA LYS KA 229 -29.13 -19.85 -11.29
C LYS KA 229 -30.17 -20.14 -12.36
N TRP KA 230 -30.14 -21.39 -12.84
CA TRP KA 230 -31.15 -21.85 -13.79
C TRP KA 230 -32.55 -21.74 -13.20
N GLU KA 231 -32.68 -21.91 -11.88
CA GLU KA 231 -33.97 -21.71 -11.24
C GLU KA 231 -34.44 -20.26 -11.40
N ASP KA 232 -33.53 -19.30 -11.21
CA ASP KA 232 -33.89 -17.90 -11.39
C ASP KA 232 -34.25 -17.61 -12.84
N VAL KA 233 -33.52 -18.21 -13.78
CA VAL KA 233 -33.83 -18.03 -15.20
C VAL KA 233 -35.22 -18.56 -15.51
N LEU KA 234 -35.56 -19.74 -14.97
CA LEU KA 234 -36.88 -20.31 -15.19
C LEU KA 234 -37.97 -19.43 -14.57
N ILE KA 235 -37.72 -18.91 -13.37
CA ILE KA 235 -38.69 -18.03 -12.72
C ILE KA 235 -38.93 -16.78 -13.56
N GLN KA 236 -37.86 -16.18 -14.09
CA GLN KA 236 -38.03 -15.01 -14.94
C GLN KA 236 -38.78 -15.35 -16.22
N THR KA 237 -38.49 -16.51 -16.81
CA THR KA 237 -39.18 -16.91 -18.04
C THR KA 237 -40.67 -17.10 -17.79
N ILE KA 238 -41.03 -17.71 -16.66
CA ILE KA 238 -42.44 -17.89 -16.33
C ILE KA 238 -43.11 -16.55 -16.00
N LYS KA 239 -42.36 -15.66 -15.34
CA LYS KA 239 -42.88 -14.32 -15.07
C LYS KA 239 -43.10 -13.54 -16.36
N ALA KA 240 -42.37 -13.88 -17.41
CA ALA KA 240 -42.59 -13.24 -18.71
C ALA KA 240 -43.96 -13.56 -19.29
N ILE KA 241 -44.60 -14.64 -18.86
CA ILE KA 241 -45.92 -15.01 -19.37
C ILE KA 241 -47.03 -14.82 -18.35
N ASN KA 242 -46.72 -14.83 -17.05
CA ASN KA 242 -47.77 -14.71 -16.04
C ASN KA 242 -48.02 -13.26 -15.63
N ASN KA 243 -47.52 -12.29 -16.39
CA ASN KA 243 -47.64 -10.86 -16.10
C ASN KA 243 -47.02 -10.53 -14.75
N ARG KA 244 -45.76 -10.94 -14.57
CA ARG KA 244 -44.96 -10.64 -13.38
C ARG KA 244 -45.67 -11.07 -12.11
N GLU KA 245 -46.25 -12.26 -12.14
CA GLU KA 245 -46.91 -12.84 -10.97
C GLU KA 245 -45.97 -13.82 -10.27
N ASP KA 246 -46.37 -14.23 -9.07
CA ASP KA 246 -45.53 -15.13 -8.27
C ASP KA 246 -45.41 -16.49 -8.93
N VAL KA 247 -44.23 -17.08 -8.80
CA VAL KA 247 -43.95 -18.42 -9.32
C VAL KA 247 -43.43 -19.27 -8.16
N TYR KA 248 -44.04 -20.43 -7.97
CA TYR KA 248 -43.65 -21.34 -6.90
C TYR KA 248 -43.09 -22.63 -7.51
N ILE KA 249 -42.08 -23.19 -6.84
CA ILE KA 249 -41.40 -24.40 -7.30
C ILE KA 249 -41.46 -25.43 -6.18
N GLU KA 250 -41.81 -26.67 -6.52
CA GLU KA 250 -41.91 -27.75 -5.57
C GLU KA 250 -41.23 -28.99 -6.13
N THR KA 251 -40.76 -29.85 -5.22
CA THR KA 251 -40.09 -31.09 -5.58
C THR KA 251 -40.93 -32.26 -5.09
N SER KA 252 -41.19 -33.21 -5.99
CA SER KA 252 -41.96 -34.40 -5.67
C SER KA 252 -41.18 -35.64 -6.10
N ASN KA 253 -41.05 -36.60 -5.19
CA ASN KA 253 -40.34 -37.84 -5.51
C ASN KA 253 -41.14 -38.73 -6.45
N LEU KA 254 -42.45 -38.50 -6.56
CA LEU KA 254 -43.28 -39.33 -7.44
C LEU KA 254 -42.91 -39.10 -8.91
N LEU KA 255 -42.62 -37.86 -9.28
CA LEU KA 255 -42.29 -37.55 -10.66
C LEU KA 255 -40.91 -38.09 -11.02
N LYS KA 256 -40.72 -38.42 -12.30
CA LYS KA 256 -39.46 -38.93 -12.80
C LYS KA 256 -39.14 -38.25 -14.12
N HIS KA 257 -38.04 -37.50 -14.14
CA HIS KA 257 -37.57 -36.74 -15.31
C HIS KA 257 -38.72 -36.03 -16.02
N LYS KA 258 -39.55 -35.36 -15.22
CA LYS KA 258 -40.70 -34.64 -15.75
C LYS KA 258 -40.88 -33.33 -14.99
N ILE KA 259 -41.35 -32.32 -15.72
CA ILE KA 259 -41.61 -30.99 -15.19
C ILE KA 259 -43.07 -30.65 -15.48
N LEU KA 260 -43.79 -30.23 -14.44
CA LEU KA 260 -45.19 -29.85 -14.53
C LEU KA 260 -45.33 -28.36 -14.27
N ILE KA 261 -45.94 -27.63 -15.19
CA ILE KA 261 -46.19 -26.21 -15.04
C ILE KA 261 -47.69 -25.94 -15.21
N TYR KA 262 -48.28 -25.25 -14.24
CA TYR KA 262 -49.71 -24.98 -14.31
C TYR KA 262 -50.04 -23.78 -13.42
N PRO KA 263 -51.06 -23.00 -13.77
CA PRO KA 263 -51.43 -21.86 -12.92
C PRO KA 263 -52.20 -22.30 -11.69
N LEU KA 264 -52.30 -21.37 -10.73
CA LEU KA 264 -53.00 -21.59 -9.48
C LEU KA 264 -54.32 -20.81 -9.43
N ASN KA 265 -55.00 -20.73 -10.56
CA ASN KA 265 -56.26 -20.00 -10.67
C ASN KA 265 -57.41 -20.99 -10.72
N SER KA 266 -58.42 -20.75 -9.87
CA SER KA 266 -59.57 -21.65 -9.81
C SER KA 266 -60.37 -21.64 -11.11
N GLU KA 267 -60.37 -20.50 -11.82
CA GLU KA 267 -61.12 -20.40 -13.06
C GLU KA 267 -60.57 -21.32 -14.16
N LEU KA 268 -59.30 -21.72 -14.06
CA LEU KA 268 -58.67 -22.57 -15.05
C LEU KA 268 -58.59 -24.03 -14.61
N ILE KA 269 -58.10 -24.28 -13.39
CA ILE KA 269 -57.97 -25.62 -12.85
C ILE KA 269 -58.62 -25.65 -11.48
N LYS KA 270 -59.53 -26.60 -11.27
CA LYS KA 270 -60.23 -26.73 -10.00
C LYS KA 270 -60.29 -28.19 -9.58
N PHE KA 271 -60.06 -28.43 -8.30
CA PHE KA 271 -60.14 -29.77 -7.71
C PHE KA 271 -61.40 -29.83 -6.85
N LYS KA 272 -62.39 -30.57 -7.31
CA LYS KA 272 -63.64 -30.76 -6.58
C LYS KA 272 -63.78 -32.22 -6.17
N PRO KA 273 -63.08 -32.66 -5.13
CA PRO KA 273 -63.13 -34.06 -4.74
C PRO KA 273 -64.30 -34.35 -3.81
N SER KA 274 -64.62 -35.63 -3.70
CA SER KA 274 -65.66 -36.07 -2.78
C SER KA 274 -65.24 -35.81 -1.34
N LYS KA 275 -66.24 -35.56 -0.48
CA LYS KA 275 -65.96 -35.36 0.94
C LYS KA 275 -65.54 -36.64 1.63
N TYR KA 276 -65.65 -37.79 0.96
CA TYR KA 276 -65.22 -39.08 1.49
C TYR KA 276 -63.99 -39.61 0.78
N MET KA 277 -63.22 -38.71 0.14
CA MET KA 277 -62.04 -39.13 -0.61
C MET KA 277 -60.97 -39.71 0.32
N LEU KA 278 -60.76 -39.09 1.47
CA LEU KA 278 -59.74 -39.57 2.40
C LEU KA 278 -60.21 -40.86 3.06
N PRO KA 279 -59.27 -41.65 3.60
CA PRO KA 279 -59.65 -42.95 4.16
C PRO KA 279 -60.71 -42.84 5.25
N THR KA 280 -61.67 -43.76 5.20
CA THR KA 280 -62.77 -43.79 6.16
C THR KA 280 -62.99 -45.25 6.59
N PRO KA 281 -63.09 -45.51 7.88
CA PRO KA 281 -63.34 -46.90 8.32
C PRO KA 281 -64.72 -47.38 7.93
N ASN KA 282 -64.84 -48.69 7.76
CA ASN KA 282 -66.11 -49.32 7.45
C ASN KA 282 -66.68 -49.99 8.69
N GLU KA 283 -68.02 -50.03 8.76
CA GLU KA 283 -68.67 -50.61 9.93
C GLU KA 283 -68.53 -52.12 9.97
N GLN KA 284 -68.34 -52.76 8.82
CA GLN KA 284 -68.23 -54.21 8.76
C GLN KA 284 -66.90 -54.66 9.34
N VAL KA 285 -66.97 -55.50 10.37
CA VAL KA 285 -65.78 -56.05 11.03
C VAL KA 285 -65.96 -57.56 11.08
N ASP KA 286 -65.12 -58.29 10.34
CA ASP KA 286 -65.17 -59.74 10.36
C ASP KA 286 -64.66 -60.27 11.70
N LYS KA 287 -65.42 -61.18 12.30
CA LYS KA 287 -65.06 -61.75 13.59
C LYS KA 287 -65.27 -63.26 13.56
N ASP KA 288 -64.29 -63.98 14.10
CA ASP KA 288 -64.35 -65.44 14.17
C ASP KA 288 -64.10 -65.91 15.60
N SER KA 289 -63.99 -67.22 15.79
CA SER KA 289 -63.69 -67.76 17.11
C SER KA 289 -62.24 -67.54 17.53
N THR KA 290 -61.37 -67.19 16.59
CA THR KA 290 -59.97 -66.94 16.89
C THR KA 290 -59.77 -65.48 17.27
N ASP KA 291 -58.52 -65.05 17.42
CA ASP KA 291 -58.20 -63.69 17.81
C ASP KA 291 -57.96 -62.76 16.63
N VAL KA 292 -58.01 -63.27 15.41
CA VAL KA 292 -57.72 -62.47 14.22
C VAL KA 292 -59.03 -61.88 13.70
N ALA KA 293 -59.06 -60.56 13.57
CA ALA KA 293 -60.20 -59.84 13.01
C ALA KA 293 -59.78 -59.09 11.76
N HIS KA 294 -60.76 -58.70 10.95
CA HIS KA 294 -60.51 -57.99 9.70
C HIS KA 294 -61.34 -56.72 9.65
N SER KA 295 -60.75 -55.64 9.14
CA SER KA 295 -61.42 -54.37 9.01
C SER KA 295 -61.21 -53.82 7.60
N TYR KA 296 -62.05 -52.84 7.24
CA TYR KA 296 -62.08 -52.30 5.89
C TYR KA 296 -61.95 -50.78 5.92
N ILE KA 297 -61.27 -50.24 4.91
CA ILE KA 297 -61.09 -48.80 4.74
C ILE KA 297 -61.52 -48.43 3.34
N ASP KA 298 -62.35 -47.38 3.22
CA ASP KA 298 -62.87 -46.91 1.96
C ASP KA 298 -62.28 -45.55 1.59
N PHE KA 299 -62.11 -45.31 0.30
CA PHE KA 299 -61.64 -44.02 -0.18
C PHE KA 299 -62.16 -43.77 -1.59
N VAL KA 300 -62.36 -42.49 -1.91
CA VAL KA 300 -62.97 -42.08 -3.17
C VAL KA 300 -61.94 -41.34 -4.00
N LEU KA 301 -61.89 -41.64 -5.30
CA LEU KA 301 -60.92 -41.07 -6.22
C LEU KA 301 -61.65 -40.34 -7.35
N GLY KA 302 -61.05 -39.24 -7.80
CA GLY KA 302 -61.58 -38.47 -8.91
C GLY KA 302 -61.95 -37.04 -8.56
N GLY KA 303 -62.06 -36.17 -9.57
CA GLY KA 303 -62.52 -34.82 -9.32
C GLY KA 303 -61.62 -33.69 -9.78
N LEU KA 304 -60.79 -33.90 -10.79
CA LEU KA 304 -59.91 -32.86 -11.31
C LEU KA 304 -60.49 -32.29 -12.59
N LEU KA 305 -60.67 -30.97 -12.64
CA LEU KA 305 -61.17 -30.27 -13.82
C LEU KA 305 -60.12 -29.26 -14.27
N ALA KA 306 -59.79 -29.28 -15.56
CA ALA KA 306 -58.82 -28.35 -16.10
C ALA KA 306 -59.30 -27.82 -17.44
N THR KA 307 -58.91 -26.59 -17.74
CA THR KA 307 -59.22 -25.99 -19.04
C THR KA 307 -58.22 -26.47 -20.09
N ARG KA 308 -58.62 -26.36 -21.35
CA ARG KA 308 -57.81 -26.86 -22.45
C ARG KA 308 -56.55 -26.02 -22.61
N LYS KA 309 -55.43 -26.71 -22.83
CA LYS KA 309 -54.13 -26.08 -23.12
C LYS KA 309 -53.73 -25.10 -22.02
N THR KA 310 -53.71 -25.58 -20.77
CA THR KA 310 -53.29 -24.78 -19.64
C THR KA 310 -52.28 -25.51 -18.76
N ILE KA 311 -51.84 -26.70 -19.15
CA ILE KA 311 -50.87 -27.48 -18.39
C ILE KA 311 -49.71 -27.84 -19.31
N LEU KA 312 -48.49 -27.52 -18.88
CA LEU KA 312 -47.28 -27.84 -19.64
C LEU KA 312 -46.57 -29.02 -18.98
N GLN KA 313 -46.26 -30.03 -19.78
CA GLN KA 313 -45.69 -31.29 -19.31
C GLN KA 313 -44.42 -31.55 -20.11
N VAL KA 314 -43.26 -31.39 -19.47
CA VAL KA 314 -41.97 -31.59 -20.13
C VAL KA 314 -41.39 -32.92 -19.65
N ASN KA 315 -41.16 -33.84 -20.59
CA ASN KA 315 -40.61 -35.15 -20.27
C ASN KA 315 -39.23 -35.25 -20.88
N ILE KA 316 -38.23 -35.52 -20.03
CA ILE KA 316 -36.84 -35.61 -20.45
C ILE KA 316 -36.53 -37.09 -20.67
N LYS KA 317 -36.47 -37.52 -21.92
CA LYS KA 317 -36.23 -38.93 -22.24
C LYS KA 317 -34.86 -39.36 -21.73
N GLN KA 318 -34.86 -40.35 -20.82
CA GLN KA 318 -33.64 -40.85 -20.21
C GLN KA 318 -33.09 -42.10 -20.90
N SER KA 319 -33.64 -42.47 -22.05
CA SER KA 319 -33.19 -43.66 -22.76
C SER KA 319 -31.75 -43.51 -23.24
N ALA LA 187 -69.91 -30.51 14.48
CA ALA LA 187 -69.92 -31.94 14.20
C ALA LA 187 -68.56 -32.40 13.68
N SER LA 188 -67.55 -32.32 14.54
CA SER LA 188 -66.20 -32.73 14.19
C SER LA 188 -65.59 -33.52 15.33
N LEU LA 189 -64.66 -34.41 14.99
CA LEU LA 189 -63.99 -35.22 16.00
C LEU LA 189 -63.10 -34.39 16.91
N LEU LA 190 -62.69 -33.20 16.47
CA LEU LA 190 -61.87 -32.34 17.32
C LEU LA 190 -62.63 -31.87 18.54
N ASP LA 191 -63.94 -31.67 18.42
CA ASP LA 191 -64.76 -31.25 19.55
C ASP LA 191 -64.95 -32.42 20.51
N SER LA 192 -64.43 -32.29 21.72
CA SER LA 192 -64.57 -33.36 22.71
C SER LA 192 -66.01 -33.51 23.17
N ASN LA 193 -66.78 -32.41 23.20
CA ASN LA 193 -68.17 -32.48 23.63
C ASN LA 193 -69.02 -33.28 22.66
N PHE LA 194 -68.60 -33.36 21.40
CA PHE LA 194 -69.37 -34.11 20.41
C PHE LA 194 -69.39 -35.59 20.74
N VAL LA 195 -70.58 -36.19 20.70
CA VAL LA 195 -70.75 -37.61 20.95
C VAL LA 195 -71.63 -38.19 19.84
N PRO LA 196 -71.05 -38.92 18.89
CA PRO LA 196 -71.86 -39.46 17.79
C PRO LA 196 -72.84 -40.52 18.29
N ILE LA 197 -73.97 -40.59 17.60
CA ILE LA 197 -75.00 -41.57 17.93
C ILE LA 197 -75.00 -42.76 16.98
N ASN LA 198 -74.49 -42.61 15.76
CA ASN LA 198 -74.49 -43.68 14.78
C ASN LA 198 -73.30 -43.52 13.85
N PHE LA 199 -73.04 -44.59 13.08
CA PHE LA 199 -71.89 -44.60 12.19
C PHE LA 199 -71.99 -43.53 11.11
N THR LA 200 -73.20 -43.18 10.69
CA THR LA 200 -73.36 -42.11 9.71
C THR LA 200 -72.87 -40.77 10.28
N GLU LA 201 -73.28 -40.47 11.52
CA GLU LA 201 -72.78 -39.26 12.17
C GLU LA 201 -71.29 -39.33 12.37
N PHE LA 202 -70.76 -40.51 12.71
CA PHE LA 202 -69.31 -40.66 12.87
C PHE LA 202 -68.57 -40.36 11.57
N VAL LA 203 -69.08 -40.86 10.45
CA VAL LA 203 -68.44 -40.63 9.16
C VAL LA 203 -68.53 -39.16 8.78
N GLN LA 204 -69.68 -38.52 9.02
CA GLN LA 204 -69.80 -37.10 8.75
C GLN LA 204 -68.84 -36.28 9.60
N ALA LA 205 -68.67 -36.67 10.87
CA ALA LA 205 -67.70 -35.99 11.73
C ALA LA 205 -66.29 -36.17 11.22
N ILE LA 206 -65.96 -37.37 10.72
CA ILE LA 206 -64.63 -37.60 10.16
C ILE LA 206 -64.39 -36.70 8.96
N SER LA 207 -65.38 -36.60 8.07
CA SER LA 207 -65.25 -35.74 6.90
C SER LA 207 -65.10 -34.28 7.30
N ASN LA 208 -65.89 -33.83 8.28
CA ASN LA 208 -65.77 -32.45 8.75
C ASN LA 208 -64.41 -32.19 9.37
N THR LA 209 -63.88 -33.17 10.12
CA THR LA 209 -62.56 -33.02 10.71
C THR LA 209 -61.48 -32.91 9.62
N TYR LA 210 -61.59 -33.73 8.57
CA TYR LA 210 -60.65 -33.61 7.45
C TYR LA 210 -60.74 -32.24 6.80
N LYS LA 211 -61.95 -31.74 6.58
CA LYS LA 211 -62.11 -30.42 5.98
C LYS LA 211 -61.51 -29.33 6.86
N GLN LA 212 -61.75 -29.40 8.17
CA GLN LA 212 -61.21 -28.41 9.09
C GLN LA 212 -59.69 -28.46 9.13
N ARG LA 213 -59.10 -29.67 9.07
CA ARG LA 213 -57.65 -29.78 9.04
C ARG LA 213 -57.08 -29.19 7.76
N ARG LA 214 -57.77 -29.41 6.63
CA ARG LA 214 -57.34 -28.79 5.38
C ARG LA 214 -57.38 -27.27 5.47
N ILE LA 215 -58.46 -26.73 6.04
CA ILE LA 215 -58.57 -25.29 6.20
C ILE LA 215 -57.47 -24.75 7.10
N GLN LA 216 -57.18 -25.47 8.19
CA GLN LA 216 -56.12 -25.04 9.10
C GLN LA 216 -54.76 -25.08 8.42
N PHE LA 217 -54.51 -26.11 7.61
CA PHE LA 217 -53.24 -26.17 6.90
C PHE LA 217 -53.10 -25.00 5.93
N TYR LA 218 -54.17 -24.67 5.21
CA TYR LA 218 -54.09 -23.51 4.31
C TYR LA 218 -53.97 -22.20 5.07
N GLU LA 219 -54.52 -22.14 6.29
CA GLU LA 219 -54.34 -20.95 7.11
C GLU LA 219 -52.89 -20.80 7.57
N ASN LA 220 -52.25 -21.92 7.91
CA ASN LA 220 -50.90 -21.90 8.46
C ASN LA 220 -49.83 -22.21 7.41
N LEU LA 221 -50.19 -22.16 6.13
CA LEU LA 221 -49.25 -22.44 5.04
C LEU LA 221 -48.65 -21.14 4.53
N LYS LA 222 -47.32 -21.11 4.43
CA LYS LA 222 -46.60 -19.96 3.90
C LYS LA 222 -45.57 -20.46 2.91
N ARG LA 223 -45.65 -19.99 1.68
CA ARG LA 223 -44.71 -20.40 0.64
C ARG LA 223 -43.45 -19.54 0.66
N LEU MA 3 -74.81 -56.64 30.06
CA LEU MA 3 -74.43 -57.72 29.15
C LEU MA 3 -75.47 -58.83 29.14
N PHE MA 4 -75.99 -59.16 30.31
CA PHE MA 4 -76.95 -60.25 30.42
C PHE MA 4 -78.24 -59.94 29.68
N ASP MA 5 -78.71 -58.70 29.75
CA ASP MA 5 -79.92 -58.32 29.03
C ASP MA 5 -79.73 -58.42 27.52
N GLU MA 6 -78.57 -57.99 27.02
CA GLU MA 6 -78.33 -57.99 25.58
C GLU MA 6 -78.04 -59.39 25.04
N ASN MA 7 -77.36 -60.24 25.82
CA ASN MA 7 -76.96 -61.57 25.37
C ASN MA 7 -77.64 -62.62 26.23
N TYR MA 8 -78.47 -63.45 25.60
CA TYR MA 8 -79.14 -64.52 26.31
C TYR MA 8 -78.17 -65.63 26.69
N TYR MA 9 -77.24 -65.95 25.80
CA TYR MA 9 -76.36 -67.10 26.02
C TYR MA 9 -75.47 -66.88 27.26
N ALA MA 10 -74.99 -65.66 27.45
CA ALA MA 10 -74.17 -65.37 28.63
C ALA MA 10 -74.97 -65.57 29.92
N LYS MA 11 -76.22 -65.13 29.93
CA LYS MA 11 -77.06 -65.32 31.11
C LYS MA 11 -77.31 -66.80 31.38
N ALA MA 12 -77.58 -67.58 30.34
CA ALA MA 12 -77.78 -69.01 30.51
C ALA MA 12 -76.53 -69.69 31.04
N VAL MA 13 -75.36 -69.31 30.50
CA VAL MA 13 -74.10 -69.88 30.99
C VAL MA 13 -73.88 -69.53 32.45
N ALA MA 14 -74.16 -68.28 32.83
CA ALA MA 14 -74.00 -67.89 34.23
C ALA MA 14 -74.96 -68.65 35.14
N ASN MA 15 -76.19 -68.87 34.69
CA ASN MA 15 -77.19 -69.54 35.52
C ASN MA 15 -77.03 -71.06 35.54
N ILE MA 16 -76.29 -71.64 34.60
CA ILE MA 16 -76.10 -73.09 34.55
C ILE MA 16 -74.68 -73.51 34.91
N ILE MA 17 -73.77 -72.56 35.11
CA ILE MA 17 -72.38 -72.92 35.41
C ILE MA 17 -72.28 -73.62 36.76
N GLY MA 18 -73.20 -73.35 37.68
CA GLY MA 18 -73.14 -73.96 39.00
C GLY MA 18 -73.48 -75.44 39.01
N GLU MA 19 -74.16 -75.93 37.96
CA GLU MA 19 -74.53 -77.33 37.89
C GLU MA 19 -73.41 -78.23 37.37
N VAL MA 20 -72.29 -77.67 36.97
CA VAL MA 20 -71.16 -78.47 36.49
C VAL MA 20 -70.37 -78.97 37.70
N LYS MA 21 -70.08 -80.26 37.72
CA LYS MA 21 -69.36 -80.86 38.83
C LYS MA 21 -67.89 -80.48 38.80
N ASP MA 22 -67.27 -80.47 39.97
CA ASP MA 22 -65.86 -80.14 40.07
C ASP MA 22 -65.01 -81.27 39.46
N PRO MA 23 -63.86 -80.92 38.88
CA PRO MA 23 -63.00 -81.95 38.30
C PRO MA 23 -62.47 -82.90 39.37
N ILE MA 24 -62.24 -84.16 38.96
CA ILE MA 24 -61.70 -85.15 39.88
C ILE MA 24 -60.20 -85.05 40.06
N MET MA 25 -59.53 -84.21 39.25
CA MET MA 25 -58.08 -84.04 39.39
C MET MA 25 -57.70 -83.41 40.72
N TYR MA 26 -58.63 -82.70 41.36
CA TYR MA 26 -58.32 -81.98 42.59
C TYR MA 26 -57.99 -82.93 43.74
N LYS MA 27 -58.54 -84.14 43.73
CA LYS MA 27 -58.25 -85.10 44.79
C LYS MA 27 -56.81 -85.58 44.72
N TRP MA 28 -56.17 -85.53 43.55
CA TRP MA 28 -54.82 -86.02 43.37
C TRP MA 28 -53.75 -85.05 43.84
N PHE MA 29 -54.12 -83.82 44.19
CA PHE MA 29 -53.15 -82.80 44.57
C PHE MA 29 -53.60 -82.11 45.85
N SER MA 30 -52.61 -81.67 46.63
CA SER MA 30 -52.88 -80.90 47.84
C SER MA 30 -53.28 -79.48 47.48
N PRO MA 31 -53.96 -78.77 48.40
CA PRO MA 31 -54.37 -77.39 48.09
C PRO MA 31 -53.20 -76.47 47.73
N ASP MA 32 -52.06 -76.62 48.41
CA ASP MA 32 -50.92 -75.76 48.14
C ASP MA 32 -50.18 -76.11 46.86
N GLN MA 33 -50.34 -77.32 46.35
CA GLN MA 33 -49.60 -77.74 45.17
C GLN MA 33 -50.10 -77.07 43.89
N ILE MA 34 -51.31 -76.49 43.90
CA ILE MA 34 -51.93 -75.92 42.72
C ILE MA 34 -51.87 -74.40 42.82
N GLU MA 35 -51.34 -73.76 41.77
CA GLU MA 35 -51.23 -72.30 41.74
C GLU MA 35 -51.50 -71.83 40.32
N ASP MA 36 -52.56 -71.05 40.14
CA ASP MA 36 -52.99 -70.63 38.81
C ASP MA 36 -52.08 -69.53 38.26
N VAL MA 37 -51.94 -69.54 36.93
CA VAL MA 37 -51.15 -68.55 36.22
C VAL MA 37 -52.01 -67.90 35.15
N ASP MA 38 -51.66 -66.67 34.79
CA ASP MA 38 -52.42 -65.87 33.82
C ASP MA 38 -51.70 -65.96 32.46
N LEU MA 39 -52.04 -66.99 31.69
CA LEU MA 39 -51.46 -67.17 30.36
C LEU MA 39 -52.30 -68.18 29.59
N GLN MA 40 -52.77 -67.79 28.41
CA GLN MA 40 -53.54 -68.70 27.57
C GLN MA 40 -52.63 -69.64 26.79
N MET MA 41 -51.79 -69.07 25.92
CA MET MA 41 -50.85 -69.85 25.12
C MET MA 41 -49.45 -69.27 25.26
N GLY MA 42 -48.46 -70.14 25.33
CA GLY MA 42 -47.08 -69.71 25.49
C GLY MA 42 -46.27 -70.60 26.39
N TYR MA 43 -45.30 -70.01 27.09
CA TYR MA 43 -44.41 -70.79 27.94
C TYR MA 43 -43.98 -69.96 29.14
N GLN MA 44 -43.53 -70.65 30.18
CA GLN MA 44 -42.95 -70.03 31.36
C GLN MA 44 -41.65 -70.73 31.70
N LYS MA 45 -40.69 -69.97 32.20
CA LYS MA 45 -39.33 -70.47 32.40
C LYS MA 45 -38.88 -70.25 33.84
N THR MA 46 -38.03 -71.16 34.32
CA THR MA 46 -37.42 -71.05 35.63
C THR MA 46 -35.99 -71.55 35.54
N VAL MA 47 -35.16 -71.11 36.49
CA VAL MA 47 -33.72 -71.37 36.47
C VAL MA 47 -33.33 -72.03 37.79
N LYS MA 48 -32.57 -73.12 37.70
CA LYS MA 48 -32.05 -73.83 38.86
C LYS MA 48 -30.54 -73.96 38.75
N TRP MA 49 -29.88 -73.95 39.91
CA TRP MA 49 -28.42 -73.99 39.99
C TRP MA 49 -27.99 -75.23 40.76
N ASP MA 50 -27.03 -75.98 40.22
CA ASP MA 50 -26.53 -77.18 40.85
C ASP MA 50 -25.01 -77.12 40.96
N ALA MA 51 -24.46 -77.86 41.91
CA ALA MA 51 -23.03 -77.94 42.13
C ALA MA 51 -22.61 -79.40 42.18
N PHE MA 52 -21.35 -79.67 41.83
CA PHE MA 52 -20.83 -81.02 41.81
C PHE MA 52 -19.33 -81.00 42.07
N LEU MA 53 -18.81 -82.15 42.48
CA LEU MA 53 -17.39 -82.33 42.74
C LEU MA 53 -16.73 -82.99 41.53
N ASN MA 54 -15.62 -82.41 41.06
CA ASN MA 54 -14.94 -82.92 39.88
C ASN MA 54 -13.96 -84.04 40.17
N ALA MA 55 -13.33 -84.03 41.34
CA ALA MA 55 -12.32 -85.03 41.67
C ALA MA 55 -12.18 -85.09 43.20
N ASN MA 56 -11.32 -86.00 43.65
CA ASN MA 56 -11.07 -86.14 45.08
C ASN MA 56 -10.35 -84.90 45.60
N PRO MA 57 -10.51 -84.60 46.89
CA PRO MA 57 -9.87 -83.40 47.45
C PRO MA 57 -8.35 -83.50 47.42
N THR MA 58 -7.71 -82.34 47.40
CA THR MA 58 -6.26 -82.24 47.30
C THR MA 58 -5.66 -82.05 48.69
N THR MA 59 -4.66 -82.87 49.02
CA THR MA 59 -3.98 -82.78 50.30
C THR MA 59 -3.04 -81.58 50.30
N ILE MA 60 -3.18 -80.71 51.30
CA ILE MA 60 -2.35 -79.50 51.40
C ILE MA 60 -1.11 -79.89 52.22
N ALA MA 61 -0.10 -80.39 51.53
CA ALA MA 61 1.17 -80.75 52.14
C ALA MA 61 2.30 -80.08 51.38
N ASN MA 62 3.14 -79.34 52.09
CA ASN MA 62 4.31 -78.65 51.52
C ASN MA 62 3.78 -77.62 50.52
N GLU MA 63 4.32 -77.54 49.31
CA GLU MA 63 3.88 -76.59 48.31
C GLU MA 63 3.13 -77.32 47.20
N VAL MA 64 1.98 -76.77 46.81
CA VAL MA 64 1.19 -77.33 45.72
C VAL MA 64 0.42 -76.19 45.08
N ASN MA 65 0.29 -76.25 43.75
CA ASN MA 65 -0.46 -75.25 43.00
C ASN MA 65 -1.69 -75.81 42.29
N THR MA 66 -1.71 -77.10 41.98
CA THR MA 66 -2.84 -77.73 41.31
C THR MA 66 -3.81 -78.26 42.36
N ILE MA 67 -5.02 -77.72 42.38
CA ILE MA 67 -6.04 -78.09 43.36
C ILE MA 67 -7.27 -78.60 42.61
N SER MA 68 -7.97 -79.55 43.23
CA SER MA 68 -9.20 -80.06 42.65
C SER MA 68 -10.26 -78.98 42.59
N THR MA 69 -11.16 -79.09 41.61
CA THR MA 69 -12.14 -78.07 41.33
C THR MA 69 -13.54 -78.55 41.67
N ILE MA 70 -14.42 -77.59 41.99
CA ILE MA 70 -15.83 -77.83 42.21
C ILE MA 70 -16.61 -77.13 41.11
N GLY MA 71 -17.38 -77.89 40.34
CA GLY MA 71 -18.07 -77.35 39.20
C GLY MA 71 -19.51 -76.96 39.50
N PHE MA 72 -20.04 -76.11 38.64
CA PHE MA 72 -21.41 -75.62 38.77
C PHE MA 72 -22.12 -75.76 37.43
N SER MA 73 -23.45 -75.87 37.49
CA SER MA 73 -24.25 -76.05 36.29
C SER MA 73 -25.59 -75.35 36.45
N SER MA 74 -26.09 -74.81 35.33
CA SER MA 74 -27.38 -74.16 35.28
C SER MA 74 -28.37 -75.01 34.50
N GLU MA 75 -29.64 -74.95 34.91
CA GLU MA 75 -30.69 -75.68 34.22
C GLU MA 75 -31.88 -74.77 34.03
N VAL MA 76 -32.39 -74.73 32.80
CA VAL MA 76 -33.55 -73.91 32.45
C VAL MA 76 -34.71 -74.86 32.21
N VAL MA 77 -35.79 -74.68 32.96
CA VAL MA 77 -36.97 -75.53 32.88
C VAL MA 77 -38.12 -74.72 32.31
N ARG MA 78 -38.74 -75.23 31.25
CA ARG MA 78 -39.81 -74.54 30.53
C ARG MA 78 -41.09 -75.35 30.61
N LEU MA 79 -42.19 -74.66 30.87
CA LEU MA 79 -43.53 -75.24 30.87
C LEU MA 79 -44.34 -74.60 29.75
N ASN MA 80 -44.87 -75.42 28.85
CA ASN MA 80 -45.63 -74.96 27.70
C ASN MA 80 -47.13 -75.09 27.97
N TYR MA 81 -47.91 -74.19 27.36
CA TYR MA 81 -49.36 -74.22 27.47
C TYR MA 81 -49.97 -74.22 26.08
N LEU MA 82 -51.14 -74.85 25.95
CA LEU MA 82 -51.82 -74.93 24.67
C LEU MA 82 -53.29 -74.58 24.85
N LYS MA 83 -53.86 -73.90 23.86
CA LYS MA 83 -55.27 -73.54 23.86
C LYS MA 83 -56.00 -74.35 22.80
N LEU MA 84 -57.11 -74.98 23.20
CA LEU MA 84 -57.89 -75.82 22.31
C LEU MA 84 -59.36 -75.38 22.37
N GLN MA 85 -60.07 -75.67 21.28
CA GLN MA 85 -61.45 -75.23 21.12
C GLN MA 85 -62.31 -76.35 20.57
N TYR MA 86 -63.57 -76.35 20.98
CA TYR MA 86 -64.56 -77.31 20.50
C TYR MA 86 -65.81 -76.56 20.07
N LYS MA 87 -66.49 -77.09 19.06
CA LYS MA 87 -67.71 -76.49 18.53
C LYS MA 87 -68.86 -77.47 18.64
N PHE MA 88 -70.00 -76.98 19.11
CA PHE MA 88 -71.19 -77.82 19.25
C PHE MA 88 -72.41 -77.07 18.75
N ARG MA 89 -73.35 -77.84 18.19
CA ARG MA 89 -74.59 -77.30 17.65
C ARG MA 89 -75.67 -77.27 18.73
N HIS MA 90 -76.65 -76.39 18.53
CA HIS MA 90 -77.74 -76.21 19.48
C HIS MA 90 -78.88 -75.50 18.77
N LEU MA 91 -79.95 -75.23 19.52
CA LEU MA 91 -81.14 -74.56 18.99
C LEU MA 91 -81.13 -73.09 19.39
N LYS MA 92 -81.60 -72.24 18.48
CA LYS MA 92 -81.73 -70.82 18.77
C LYS MA 92 -82.77 -70.59 19.85
N GLN MA 93 -82.55 -69.55 20.66
CA GLN MA 93 -83.43 -69.26 21.79
C GLN MA 93 -84.86 -69.00 21.33
N THR MA 94 -85.03 -68.23 20.26
CA THR MA 94 -86.37 -67.89 19.79
C THR MA 94 -87.13 -69.10 19.25
N SER MA 95 -86.44 -70.16 18.85
CA SER MA 95 -87.07 -71.33 18.26
C SER MA 95 -87.40 -72.41 19.30
N GLU MA 96 -87.08 -72.20 20.58
CA GLU MA 96 -87.33 -73.22 21.58
C GLU MA 96 -88.83 -73.42 21.83
N LYS MA 97 -89.64 -72.38 21.63
CA LYS MA 97 -91.07 -72.48 21.86
C LYS MA 97 -91.73 -73.46 20.90
N PHE MA 98 -91.15 -73.62 19.70
CA PHE MA 98 -91.67 -74.57 18.73
C PHE MA 98 -91.15 -75.98 18.93
N TYR MA 99 -90.29 -76.20 19.94
CA TYR MA 99 -89.78 -77.52 20.23
C TYR MA 99 -90.07 -77.98 21.66
N THR MA 100 -90.61 -77.10 22.52
CA THR MA 100 -91.01 -77.52 23.86
C THR MA 100 -92.06 -78.63 23.77
N SER MA 101 -91.92 -79.62 24.64
CA SER MA 101 -92.85 -80.75 24.68
C SER MA 101 -93.37 -80.96 26.10
N ASP MA 102 -94.05 -82.09 26.32
CA ASP MA 102 -94.67 -82.34 27.62
C ASP MA 102 -93.62 -82.44 28.72
N SER MA 103 -92.53 -83.16 28.48
CA SER MA 103 -91.52 -83.39 29.50
C SER MA 103 -90.10 -83.14 29.01
N TYR MA 104 -89.92 -82.61 27.80
CA TYR MA 104 -88.59 -82.37 27.27
C TYR MA 104 -88.64 -81.24 26.26
N ILE MA 105 -87.47 -80.65 26.01
CA ILE MA 105 -87.32 -79.60 25.00
C ILE MA 105 -86.19 -80.01 24.07
N GLY MA 106 -86.48 -80.09 22.78
CA GLY MA 106 -85.49 -80.46 21.78
C GLY MA 106 -86.03 -81.48 20.79
N ASP MA 107 -85.43 -81.49 19.59
CA ASP MA 107 -85.82 -82.42 18.54
C ASP MA 107 -85.12 -83.74 18.78
N ILE MA 108 -85.85 -84.73 19.29
CA ILE MA 108 -85.28 -86.05 19.54
C ILE MA 108 -84.91 -86.73 18.22
N ASN MA 109 -85.73 -86.55 17.19
CA ASN MA 109 -85.48 -87.23 15.92
C ASN MA 109 -84.21 -86.71 15.25
N ASN MA 110 -83.84 -85.46 15.49
CA ASN MA 110 -82.66 -84.88 14.87
C ASN MA 110 -81.53 -84.63 15.86
N ASN MA 111 -81.68 -85.06 17.11
CA ASN MA 111 -80.66 -84.91 18.14
C ASN MA 111 -80.26 -83.44 18.32
N LEU MA 112 -81.27 -82.62 18.60
CA LEU MA 112 -81.09 -81.20 18.84
C LEU MA 112 -81.52 -80.87 20.26
N LEU MA 113 -80.70 -80.12 20.97
CA LEU MA 113 -80.89 -79.83 22.38
C LEU MA 113 -80.77 -78.34 22.62
N PRO MA 114 -81.37 -77.83 23.69
CA PRO MA 114 -81.23 -76.40 24.01
C PRO MA 114 -79.78 -76.05 24.34
N PHE MA 115 -79.50 -74.75 24.22
CA PHE MA 115 -78.13 -74.27 24.40
C PHE MA 115 -77.60 -74.59 25.79
N ALA MA 116 -78.42 -74.39 26.82
CA ALA MA 116 -77.97 -74.60 28.18
C ALA MA 116 -77.58 -76.06 28.43
N GLN MA 117 -78.47 -76.99 28.07
CA GLN MA 117 -78.19 -78.40 28.28
C GLN MA 117 -77.01 -78.86 27.42
N ALA MA 118 -76.95 -78.41 26.17
CA ALA MA 118 -75.84 -78.79 25.31
C ALA MA 118 -74.52 -78.29 25.86
N TYR MA 119 -74.50 -77.04 26.36
CA TYR MA 119 -73.29 -76.50 26.96
C TYR MA 119 -72.89 -77.28 28.20
N LYS MA 120 -73.86 -77.66 29.03
CA LYS MA 120 -73.53 -78.44 30.22
C LYS MA 120 -72.91 -79.78 29.85
N LEU MA 121 -73.51 -80.48 28.88
CA LEU MA 121 -72.98 -81.77 28.46
C LEU MA 121 -71.58 -81.64 27.85
N ALA MA 122 -71.40 -80.63 26.98
CA ALA MA 122 -70.10 -80.42 26.37
C ALA MA 122 -69.05 -80.06 27.40
N SER MA 123 -69.41 -79.23 28.37
CA SER MA 123 -68.47 -78.88 29.44
C SER MA 123 -68.10 -80.10 30.27
N SER MA 124 -69.08 -80.96 30.57
CA SER MA 124 -68.76 -82.19 31.31
C SER MA 124 -67.81 -83.07 30.54
N GLU MA 125 -68.04 -83.25 29.23
CA GLU MA 125 -67.15 -84.07 28.42
C GLU MA 125 -65.75 -83.46 28.35
N ILE MA 126 -65.66 -82.13 28.20
CA ILE MA 126 -64.36 -81.48 28.13
C ILE MA 126 -63.62 -81.62 29.47
N ILE MA 127 -64.35 -81.53 30.58
CA ILE MA 127 -63.73 -81.71 31.89
C ILE MA 127 -63.21 -83.13 32.04
N LYS MA 128 -63.98 -84.11 31.56
CA LYS MA 128 -63.48 -85.49 31.56
C LYS MA 128 -62.19 -85.62 30.75
N LEU MA 129 -62.15 -84.97 29.58
CA LEU MA 129 -60.95 -85.02 28.74
C LEU MA 129 -59.77 -84.36 29.44
N ILE MA 130 -60.01 -83.23 30.12
CA ILE MA 130 -58.93 -82.55 30.83
C ILE MA 130 -58.42 -83.40 31.99
N ASN MA 131 -59.33 -84.07 32.71
CA ASN MA 131 -58.90 -84.97 33.77
C ASN MA 131 -58.05 -86.09 33.22
N HIS MA 132 -58.45 -86.67 32.09
CA HIS MA 132 -57.66 -87.73 31.46
C HIS MA 132 -56.28 -87.22 31.06
N PHE MA 133 -56.22 -86.01 30.50
CA PHE MA 133 -54.93 -85.43 30.13
C PHE MA 133 -54.04 -85.20 31.35
N VAL MA 134 -54.62 -84.65 32.42
CA VAL MA 134 -53.82 -84.38 33.61
C VAL MA 134 -53.28 -85.68 34.20
N LEU MA 135 -54.08 -86.76 34.14
CA LEU MA 135 -53.62 -88.01 34.72
C LEU MA 135 -52.58 -88.72 33.85
N THR MA 136 -52.86 -88.87 32.56
CA THR MA 136 -52.08 -89.77 31.71
C THR MA 136 -51.05 -89.05 30.83
N GLY MA 137 -51.12 -87.73 30.69
CA GLY MA 137 -50.19 -87.04 29.83
C GLY MA 137 -50.44 -87.21 28.35
N THR MA 138 -51.63 -87.66 27.96
CA THR MA 138 -52.00 -87.83 26.56
C THR MA 138 -53.40 -87.26 26.32
N VAL MA 139 -53.67 -86.93 25.06
CA VAL MA 139 -54.99 -86.48 24.62
C VAL MA 139 -55.42 -87.40 23.49
N SER MA 140 -56.45 -88.20 23.74
CA SER MA 140 -56.99 -89.09 22.72
C SER MA 140 -58.44 -89.43 23.05
N ILE MA 141 -59.22 -89.69 22.01
CA ILE MA 141 -60.61 -90.08 22.20
C ILE MA 141 -60.82 -91.59 22.05
N GLN MA 142 -59.90 -92.30 21.40
CA GLN MA 142 -60.00 -93.74 21.27
C GLN MA 142 -59.65 -94.42 22.58
N LYS MA 143 -60.35 -95.51 22.89
CA LYS MA 143 -60.04 -96.27 24.10
C LYS MA 143 -58.71 -97.00 23.98
N ASP MA 144 -58.32 -97.35 22.75
CA ASP MA 144 -57.02 -98.01 22.55
C ASP MA 144 -55.87 -97.08 22.91
N GLY MA 145 -56.01 -95.79 22.62
CA GLY MA 145 -54.96 -94.83 22.87
C GLY MA 145 -54.19 -94.39 21.64
N LYS MA 146 -54.62 -94.76 20.45
CA LYS MA 146 -53.94 -94.37 19.23
C LYS MA 146 -54.55 -93.08 18.68
N ASN MA 147 -53.99 -92.60 17.57
CA ASN MA 147 -54.42 -91.35 16.93
C ASN MA 147 -54.38 -90.19 17.94
N GLN MA 148 -53.32 -90.14 18.73
CA GLN MA 148 -53.18 -89.10 19.73
C GLN MA 148 -52.89 -87.76 19.07
N LYS MA 149 -53.41 -86.70 19.68
CA LYS MA 149 -53.16 -85.34 19.19
C LYS MA 149 -51.71 -84.95 19.49
N ARG MA 150 -50.98 -84.55 18.45
CA ARG MA 150 -49.59 -84.15 18.63
C ARG MA 150 -49.52 -82.88 19.45
N LEU MA 151 -48.79 -82.94 20.56
CA LEU MA 151 -48.68 -81.84 21.50
C LEU MA 151 -47.28 -81.25 21.49
N LEU MA 152 -47.14 -80.09 22.13
CA LEU MA 152 -45.87 -79.41 22.24
C LEU MA 152 -44.98 -80.10 23.27
N PRO MA 153 -43.65 -79.98 23.13
CA PRO MA 153 -42.76 -80.54 24.13
C PRO MA 153 -42.91 -79.85 25.48
N ASN MA 154 -42.33 -80.46 26.51
CA ASN MA 154 -42.42 -79.99 27.89
C ASN MA 154 -43.87 -79.97 28.37
N MET MA 155 -44.70 -80.85 27.83
CA MET MA 155 -46.09 -81.02 28.23
C MET MA 155 -46.26 -82.47 28.66
N TYR MA 156 -46.29 -82.71 29.97
CA TYR MA 156 -46.30 -84.06 30.51
C TYR MA 156 -47.35 -84.20 31.60
N GLY MA 157 -47.74 -85.44 31.85
CA GLY MA 157 -48.61 -85.79 32.95
C GLY MA 157 -47.90 -86.63 33.99
N LEU MA 158 -48.69 -87.06 34.98
CA LEU MA 158 -48.12 -87.85 36.07
C LEU MA 158 -47.65 -89.22 35.61
N LEU MA 159 -48.36 -89.83 34.67
CA LEU MA 159 -48.05 -91.20 34.26
C LEU MA 159 -46.97 -91.29 33.18
N ASN MA 160 -46.73 -90.22 32.42
CA ASN MA 160 -45.75 -90.23 31.35
C ASN MA 160 -44.55 -89.35 31.66
N MET MA 161 -44.37 -88.98 32.92
CA MET MA 161 -43.27 -88.11 33.30
C MET MA 161 -41.95 -88.85 33.13
N PRO MA 162 -40.99 -88.27 32.42
CA PRO MA 162 -39.70 -88.94 32.22
C PRO MA 162 -38.82 -88.85 33.45
N GLU MA 163 -37.74 -89.63 33.45
CA GLU MA 163 -36.75 -89.64 34.52
C GLU MA 163 -37.39 -89.90 35.88
N GLN MA 164 -38.35 -90.84 35.91
CA GLN MA 164 -39.00 -91.27 37.13
C GLN MA 164 -38.76 -92.76 37.31
N ILE MA 165 -39.05 -93.25 38.53
CA ILE MA 165 -38.84 -94.66 38.81
C ILE MA 165 -39.99 -95.46 38.22
N LYS MA 166 -39.66 -96.46 37.41
CA LYS MA 166 -40.64 -97.28 36.72
C LYS MA 166 -40.38 -98.74 37.02
N GLU MA 167 -41.40 -99.46 37.46
CA GLU MA 167 -41.30 -100.88 37.76
C GLU MA 167 -42.34 -101.64 36.95
N GLU MA 168 -41.99 -102.88 36.59
CA GLU MA 168 -42.84 -103.72 35.77
C GLU MA 168 -43.03 -105.06 36.47
N VAL MA 169 -44.28 -105.41 36.74
CA VAL MA 169 -44.62 -106.71 37.31
C VAL MA 169 -44.92 -107.67 36.15
N ALA MA 170 -44.26 -108.84 36.19
CA ALA MA 170 -44.31 -109.76 35.07
C ALA MA 170 -45.72 -110.30 34.86
N SER MA 171 -45.99 -110.73 33.62
CA SER MA 171 -47.31 -111.25 33.27
C SER MA 171 -47.63 -112.52 34.06
N GLY MA 172 -46.64 -113.39 34.26
CA GLY MA 172 -46.85 -114.59 35.04
C GLY MA 172 -47.16 -114.33 36.49
N ASP MA 173 -46.82 -113.15 37.00
CA ASP MA 173 -47.10 -112.75 38.37
C ASP MA 173 -48.15 -111.64 38.44
N LYS MA 174 -49.09 -111.64 37.50
CA LYS MA 174 -50.09 -110.59 37.45
C LYS MA 174 -51.02 -110.63 38.66
N ASP MA 175 -51.37 -111.82 39.13
CA ASP MA 175 -52.26 -111.97 40.28
C ASP MA 175 -51.50 -112.21 41.58
N LYS MA 176 -50.17 -112.21 41.55
CA LYS MA 176 -49.36 -112.49 42.75
C LYS MA 176 -49.10 -111.18 43.47
N MET MA 177 -49.89 -110.91 44.51
CA MET MA 177 -49.74 -109.68 45.27
C MET MA 177 -48.39 -109.61 45.97
N ASP MA 178 -47.81 -110.76 46.31
CA ASP MA 178 -46.47 -110.74 46.90
C ASP MA 178 -45.44 -110.19 45.91
N LYS MA 179 -45.50 -110.64 44.65
CA LYS MA 179 -44.60 -110.11 43.63
C LYS MA 179 -44.87 -108.63 43.35
N ILE MA 180 -46.15 -108.26 43.31
CA ILE MA 180 -46.50 -106.85 43.09
C ILE MA 180 -45.92 -105.98 44.22
N PHE MA 181 -46.07 -106.43 45.46
CA PHE MA 181 -45.53 -105.68 46.58
C PHE MA 181 -44.01 -105.67 46.59
N GLU MA 182 -43.38 -106.74 46.13
CA GLU MA 182 -41.92 -106.71 45.98
C GLU MA 182 -41.48 -105.65 44.99
N LYS MA 183 -42.17 -105.55 43.85
CA LYS MA 183 -41.85 -104.50 42.89
C LYS MA 183 -42.11 -103.11 43.48
N ILE MA 184 -43.20 -102.96 44.22
CA ILE MA 184 -43.50 -101.67 44.84
C ILE MA 184 -42.43 -101.30 45.85
N GLU MA 185 -41.95 -102.27 46.63
CA GLU MA 185 -40.88 -102.01 47.58
C GLU MA 185 -39.59 -101.62 46.89
N ALA MA 186 -39.27 -102.29 45.77
CA ALA MA 186 -38.08 -101.92 45.01
C ALA MA 186 -38.19 -100.48 44.50
N GLY MA 187 -39.35 -100.12 43.98
CA GLY MA 187 -39.56 -98.75 43.53
C GLY MA 187 -39.48 -97.74 44.66
N LEU MA 188 -40.03 -98.10 45.83
CA LEU MA 188 -39.98 -97.21 46.98
C LEU MA 188 -38.54 -97.00 47.45
N SER MA 189 -37.73 -98.06 47.43
CA SER MA 189 -36.32 -97.92 47.76
C SER MA 189 -35.60 -97.05 46.74
N LYS MA 190 -35.94 -97.20 45.46
CA LYS MA 190 -35.33 -96.37 44.43
C LYS MA 190 -35.83 -94.93 44.46
N LEU MA 191 -36.93 -94.65 45.16
CA LEU MA 191 -37.40 -93.28 45.30
C LEU MA 191 -36.36 -92.43 46.01
N GLU MA 192 -36.30 -91.15 45.61
CA GLU MA 192 -35.34 -90.19 46.17
C GLU MA 192 -36.10 -88.94 46.58
N LEU MA 193 -36.50 -88.88 47.85
CA LEU MA 193 -37.18 -87.71 48.40
C LEU MA 193 -36.21 -86.67 48.94
N GLY MA 194 -35.16 -87.13 49.64
CA GLY MA 194 -34.16 -86.21 50.15
C GLY MA 194 -34.69 -85.35 51.28
N ASP MA 195 -34.48 -84.04 51.17
CA ASP MA 195 -34.88 -83.12 52.22
C ASP MA 195 -36.39 -83.12 52.41
N GLU MA 196 -37.14 -83.15 51.30
CA GLU MA 196 -38.60 -83.15 51.36
C GLU MA 196 -39.12 -84.58 51.53
N PHE MA 197 -38.95 -85.09 52.75
CA PHE MA 197 -39.40 -86.43 53.09
C PHE MA 197 -40.56 -86.45 54.07
N SER MA 198 -40.65 -85.49 54.99
CA SER MA 198 -41.74 -85.43 55.95
C SER MA 198 -42.95 -84.75 55.30
N THR MA 199 -43.52 -85.43 54.31
CA THR MA 199 -44.65 -84.92 53.55
C THR MA 199 -45.64 -86.05 53.32
N PRO MA 200 -46.93 -85.73 53.19
CA PRO MA 200 -47.92 -86.76 52.87
C PRO MA 200 -47.65 -87.38 51.51
N MET MA 201 -48.02 -88.67 51.39
CA MET MA 201 -47.84 -89.42 50.17
C MET MA 201 -49.19 -89.82 49.59
N MET MA 202 -49.23 -90.00 48.27
CA MET MA 202 -50.46 -90.30 47.56
C MET MA 202 -50.22 -91.47 46.61
N VAL MA 203 -51.13 -92.44 46.66
CA VAL MA 203 -51.11 -93.61 45.80
C VAL MA 203 -52.43 -93.67 45.05
N ILE MA 204 -52.36 -93.88 43.74
CA ILE MA 204 -53.53 -94.04 42.88
C ILE MA 204 -53.45 -95.40 42.21
N VAL MA 205 -54.52 -96.18 42.34
CA VAL MA 205 -54.54 -97.55 41.85
C VAL MA 205 -55.81 -97.80 41.05
N ASP MA 206 -55.76 -98.84 40.23
CA ASP MA 206 -56.94 -99.30 39.50
C ASP MA 206 -57.85 -100.12 40.41
N PRO MA 207 -59.13 -100.26 40.04
CA PRO MA 207 -60.06 -101.03 40.90
C PRO MA 207 -59.62 -102.46 41.15
N ALA MA 208 -59.03 -103.12 40.14
CA ALA MA 208 -58.54 -104.49 40.36
C ALA MA 208 -57.42 -104.50 41.39
N THR MA 209 -56.51 -103.53 41.32
CA THR MA 209 -55.45 -103.44 42.31
C THR MA 209 -56.02 -103.17 43.70
N SER MA 210 -57.05 -102.33 43.78
CA SER MA 210 -57.68 -102.04 45.07
C SER MA 210 -58.33 -103.30 45.65
N LEU MA 211 -59.01 -104.07 44.80
CA LEU MA 211 -59.62 -105.32 45.27
C LEU MA 211 -58.56 -106.33 45.71
N LYS MA 212 -57.41 -106.35 45.04
CA LYS MA 212 -56.32 -107.20 45.51
C LYS MA 212 -55.77 -106.70 46.83
N LEU MA 213 -55.70 -105.37 47.01
CA LEU MA 213 -55.15 -104.79 48.23
C LEU MA 213 -56.03 -105.09 49.44
N VAL MA 214 -57.36 -105.00 49.27
CA VAL MA 214 -58.24 -105.17 50.42
C VAL MA 214 -58.21 -106.58 50.99
N LYS MA 215 -57.59 -107.53 50.29
CA LYS MA 215 -57.46 -108.88 50.83
C LYS MA 215 -56.47 -108.88 52.01
N PRO MA 216 -56.62 -109.81 52.94
CA PRO MA 216 -55.70 -109.87 54.07
C PRO MA 216 -54.29 -110.24 53.63
N TYR MA 217 -53.31 -109.75 54.39
CA TYR MA 217 -51.91 -110.02 54.09
C TYR MA 217 -51.58 -111.50 54.34
N ALA MA 218 -50.71 -112.05 53.50
CA ALA MA 218 -50.29 -113.43 53.63
C ALA MA 218 -48.78 -113.55 53.70
N ALA MA 223 -49.75 -118.94 55.24
CA ALA MA 223 -50.79 -118.76 56.24
C ALA MA 223 -51.27 -117.32 56.27
N ALA MA 224 -52.58 -117.14 56.21
CA ALA MA 224 -53.16 -115.80 56.23
C ALA MA 224 -52.99 -115.16 57.60
N SER MA 225 -52.83 -113.83 57.59
CA SER MA 225 -52.65 -113.07 58.81
C SER MA 225 -54.00 -112.56 59.33
N SER MA 226 -53.98 -111.97 60.51
CA SER MA 226 -55.16 -111.42 61.14
C SER MA 226 -54.96 -109.94 61.44
N CYS MA 227 -55.99 -109.14 61.18
CA CYS MA 227 -55.98 -107.70 61.40
C CYS MA 227 -54.87 -106.99 60.63
N GLU MA 228 -54.41 -107.59 59.54
CA GLU MA 228 -53.36 -107.00 58.72
C GLU MA 228 -53.64 -107.30 57.25
N LYS MA 229 -53.90 -106.25 56.48
CA LYS MA 229 -54.17 -106.38 55.05
C LYS MA 229 -52.98 -105.89 54.24
N TRP MA 230 -53.00 -106.23 52.95
CA TRP MA 230 -51.96 -105.75 52.05
C TRP MA 230 -51.95 -104.22 51.98
N GLU MA 231 -53.13 -103.61 52.05
CA GLU MA 231 -53.21 -102.15 52.08
C GLU MA 231 -52.52 -101.59 53.32
N ASP MA 232 -52.75 -102.21 54.48
CA ASP MA 232 -52.10 -101.75 55.71
C ASP MA 232 -50.59 -101.93 55.63
N VAL MA 233 -50.13 -103.06 55.06
CA VAL MA 233 -48.70 -103.29 54.91
C VAL MA 233 -48.09 -102.23 54.00
N LEU MA 234 -48.77 -101.90 52.90
CA LEU MA 234 -48.28 -100.86 52.01
C LEU MA 234 -48.23 -99.50 52.70
N ILE MA 235 -49.26 -99.19 53.49
CA ILE MA 235 -49.29 -97.93 54.22
C ILE MA 235 -48.12 -97.84 55.20
N GLN MA 236 -47.85 -98.94 55.92
CA GLN MA 236 -46.71 -98.96 56.83
C GLN MA 236 -45.40 -98.80 56.08
N THR MA 237 -45.26 -99.46 54.93
CA THR MA 237 -44.03 -99.34 54.14
C THR MA 237 -43.81 -97.91 53.67
N ILE MA 238 -44.87 -97.24 53.23
CA ILE MA 238 -44.74 -95.86 52.79
C ILE MA 238 -44.46 -94.93 53.97
N LYS MA 239 -45.08 -95.23 55.13
CA LYS MA 239 -44.82 -94.45 56.33
C LYS MA 239 -43.38 -94.60 56.79
N ALA MA 240 -42.75 -95.74 56.48
CA ALA MA 240 -41.35 -95.92 56.81
C ALA MA 240 -40.47 -94.90 56.10
N ILE MA 241 -40.84 -94.52 54.87
CA ILE MA 241 -40.01 -93.63 54.07
C ILE MA 241 -40.46 -92.18 54.10
N ASN MA 242 -41.70 -91.89 54.49
CA ASN MA 242 -42.19 -90.52 54.49
C ASN MA 242 -42.24 -89.92 55.89
N ASN MA 243 -41.40 -90.43 56.79
CA ASN MA 243 -41.33 -89.97 58.18
C ASN MA 243 -42.68 -90.12 58.89
N ARG MA 244 -43.34 -91.26 58.65
CA ARG MA 244 -44.61 -91.60 59.30
C ARG MA 244 -45.67 -90.52 59.05
N GLU MA 245 -45.73 -90.02 57.83
CA GLU MA 245 -46.72 -89.03 57.45
C GLU MA 245 -47.97 -89.71 56.88
N ASP MA 246 -48.98 -88.91 56.61
CA ASP MA 246 -50.24 -89.44 56.09
C ASP MA 246 -50.04 -90.04 54.70
N VAL MA 247 -50.69 -91.17 54.46
CA VAL MA 247 -50.66 -91.86 53.18
C VAL MA 247 -52.10 -91.99 52.70
N TYR MA 248 -52.41 -91.39 51.55
CA TYR MA 248 -53.74 -91.42 50.98
C TYR MA 248 -53.76 -92.35 49.78
N ILE MA 249 -54.84 -93.13 49.66
CA ILE MA 249 -55.01 -94.11 48.59
C ILE MA 249 -56.31 -93.81 47.87
N GLU MA 250 -56.24 -93.69 46.54
CA GLU MA 250 -57.39 -93.40 45.71
C GLU MA 250 -57.47 -94.40 44.57
N THR MA 251 -58.67 -94.57 44.05
CA THR MA 251 -58.94 -95.44 42.92
C THR MA 251 -59.47 -94.61 41.75
N SER MA 252 -58.91 -94.84 40.57
CA SER MA 252 -59.31 -94.12 39.37
C SER MA 252 -59.54 -95.12 38.24
N ASN MA 253 -60.69 -94.99 37.56
CA ASN MA 253 -61.02 -95.88 36.46
C ASN MA 253 -60.15 -95.61 35.24
N LEU MA 254 -59.57 -94.41 35.13
CA LEU MA 254 -58.73 -94.09 33.97
C LEU MA 254 -57.50 -94.99 33.93
N LEU MA 255 -56.86 -95.21 35.07
CA LEU MA 255 -55.70 -96.09 35.12
C LEU MA 255 -56.11 -97.54 34.88
N LYS MA 256 -55.19 -98.32 34.32
CA LYS MA 256 -55.44 -99.72 34.00
C LYS MA 256 -54.17 -100.51 34.31
N HIS MA 257 -54.21 -101.29 35.38
CA HIS MA 257 -53.07 -102.12 35.82
C HIS MA 257 -51.86 -101.24 36.12
N LYS MA 258 -52.10 -100.06 36.66
CA LYS MA 258 -51.08 -99.08 36.98
C LYS MA 258 -51.22 -98.63 38.42
N ILE MA 259 -50.06 -98.42 39.06
CA ILE MA 259 -49.98 -97.88 40.41
C ILE MA 259 -49.08 -96.65 40.37
N LEU MA 260 -49.58 -95.53 40.89
CA LEU MA 260 -48.87 -94.26 40.85
C LEU MA 260 -48.65 -93.77 42.28
N ILE MA 261 -47.38 -93.64 42.67
CA ILE MA 261 -47.03 -93.19 44.01
C ILE MA 261 -46.19 -91.94 43.91
N TYR MA 262 -46.59 -90.90 44.64
CA TYR MA 262 -45.87 -89.63 44.59
C TYR MA 262 -46.21 -88.82 45.84
N PRO MA 263 -45.30 -87.94 46.27
CA PRO MA 263 -45.61 -87.08 47.43
C PRO MA 263 -46.54 -85.94 47.06
N LEU MA 264 -47.08 -85.29 48.09
CA LEU MA 264 -48.00 -84.16 47.93
C LEU MA 264 -47.35 -82.86 48.41
N ASN MA 265 -46.07 -82.69 48.12
CA ASN MA 265 -45.33 -81.50 48.51
C ASN MA 265 -45.14 -80.59 47.30
N SER MA 266 -45.45 -79.31 47.46
CA SER MA 266 -45.31 -78.35 46.36
C SER MA 266 -43.87 -78.15 45.95
N GLU MA 267 -42.91 -78.41 46.84
CA GLU MA 267 -41.50 -78.27 46.49
C GLU MA 267 -41.07 -79.29 45.45
N LEU MA 268 -41.64 -80.50 45.50
CA LEU MA 268 -41.25 -81.55 44.57
C LEU MA 268 -42.12 -81.55 43.31
N ILE MA 269 -43.44 -81.54 43.48
CA ILE MA 269 -44.38 -81.55 42.36
C ILE MA 269 -45.34 -80.39 42.53
N LYS MA 270 -45.49 -79.58 41.49
CA LYS MA 270 -46.37 -78.42 41.52
C LYS MA 270 -47.15 -78.32 40.21
N PHE MA 271 -48.45 -78.05 40.34
CA PHE MA 271 -49.33 -77.87 39.19
C PHE MA 271 -49.64 -76.39 39.08
N LYS MA 272 -49.15 -75.76 38.02
CA LYS MA 272 -49.41 -74.35 37.73
C LYS MA 272 -50.26 -74.24 36.48
N PRO MA 273 -51.56 -74.54 36.56
CA PRO MA 273 -52.41 -74.45 35.37
C PRO MA 273 -52.79 -73.01 35.05
N SER MA 274 -53.20 -72.81 33.81
CA SER MA 274 -53.71 -71.51 33.41
C SER MA 274 -55.01 -71.21 34.14
N LYS MA 275 -55.28 -69.93 34.34
CA LYS MA 275 -56.54 -69.52 34.96
C LYS MA 275 -57.73 -69.74 34.03
N TYR MA 276 -57.49 -70.08 32.77
CA TYR MA 276 -58.55 -70.39 31.82
C TYR MA 276 -58.51 -71.85 31.38
N MET MA 277 -57.93 -72.73 32.20
CA MET MA 277 -57.82 -74.13 31.84
C MET MA 277 -59.19 -74.78 31.73
N LEU MA 278 -60.09 -74.49 32.65
CA LEU MA 278 -61.42 -75.07 32.64
C LEU MA 278 -62.23 -74.48 31.49
N PRO MA 279 -63.26 -75.18 31.02
CA PRO MA 279 -64.00 -74.73 29.83
C PRO MA 279 -64.59 -73.34 30.01
N THR MA 280 -64.50 -72.54 28.95
CA THR MA 280 -65.04 -71.18 28.94
C THR MA 280 -65.74 -70.95 27.60
N PRO MA 281 -66.98 -70.44 27.61
CA PRO MA 281 -67.67 -70.19 26.35
C PRO MA 281 -67.02 -69.05 25.57
N ASN MA 282 -67.15 -69.12 24.25
CA ASN MA 282 -66.64 -68.08 23.36
C ASN MA 282 -67.76 -67.13 22.96
N GLU MA 283 -67.39 -65.89 22.68
CA GLU MA 283 -68.38 -64.88 22.30
C GLU MA 283 -68.93 -65.09 20.89
N GLN MA 284 -68.21 -65.81 20.05
CA GLN MA 284 -68.66 -66.03 18.67
C GLN MA 284 -69.71 -67.12 18.64
N VAL MA 285 -70.91 -66.78 18.18
CA VAL MA 285 -72.01 -67.72 18.01
C VAL MA 285 -72.46 -67.65 16.56
N ASP MA 286 -72.39 -68.78 15.86
CA ASP MA 286 -72.81 -68.85 14.47
C ASP MA 286 -74.33 -68.85 14.38
N LYS MA 287 -74.87 -67.98 13.53
CA LYS MA 287 -76.31 -67.87 13.35
C LYS MA 287 -76.65 -67.88 11.87
N ASP MA 288 -77.81 -68.43 11.56
CA ASP MA 288 -78.29 -68.52 10.18
C ASP MA 288 -79.80 -68.30 10.20
N SER MA 289 -80.44 -68.43 9.04
CA SER MA 289 -81.88 -68.26 8.93
C SER MA 289 -82.66 -69.43 9.51
N THR MA 290 -82.00 -70.56 9.74
CA THR MA 290 -82.65 -71.74 10.31
C THR MA 290 -82.63 -71.67 11.83
N ASP MA 291 -83.05 -72.74 12.48
CA ASP MA 291 -83.11 -72.81 13.94
C ASP MA 291 -81.85 -73.41 14.57
N VAL MA 292 -80.87 -73.80 13.76
CA VAL MA 292 -79.65 -74.45 14.24
C VAL MA 292 -78.55 -73.41 14.34
N ALA MA 293 -77.96 -73.29 15.53
CA ALA MA 293 -76.84 -72.40 15.78
C ALA MA 293 -75.66 -73.22 16.31
N HIS MA 294 -74.49 -72.57 16.36
CA HIS MA 294 -73.26 -73.22 16.81
C HIS MA 294 -72.58 -72.35 17.85
N SER MA 295 -71.92 -73.01 18.81
CA SER MA 295 -71.21 -72.33 19.88
C SER MA 295 -69.86 -72.99 20.09
N TYR MA 296 -68.95 -72.25 20.72
CA TYR MA 296 -67.56 -72.66 20.89
C TYR MA 296 -67.17 -72.62 22.36
N ILE MA 297 -66.33 -73.58 22.76
CA ILE MA 297 -65.81 -73.67 24.11
C ILE MA 297 -64.30 -73.78 24.03
N ASP MA 298 -63.60 -73.00 24.87
CA ASP MA 298 -62.14 -72.96 24.90
C ASP MA 298 -61.64 -73.53 26.21
N PHE MA 299 -60.49 -74.22 26.14
CA PHE MA 299 -59.85 -74.74 27.33
C PHE MA 299 -58.34 -74.81 27.11
N VAL MA 300 -57.58 -74.66 28.20
CA VAL MA 300 -56.12 -74.57 28.15
C VAL MA 300 -55.54 -75.79 28.86
N LEU MA 301 -54.54 -76.40 28.23
CA LEU MA 301 -53.88 -77.59 28.75
C LEU MA 301 -52.40 -77.31 28.99
N GLY MA 302 -51.85 -77.98 29.99
CA GLY MA 302 -50.44 -77.91 30.33
C GLY MA 302 -50.21 -77.21 31.67
N GLY MA 303 -49.08 -77.52 32.29
CA GLY MA 303 -48.69 -76.84 33.51
C GLY MA 303 -48.20 -77.69 34.66
N LEU MA 304 -47.91 -78.97 34.42
CA LEU MA 304 -47.46 -79.86 35.49
C LEU MA 304 -45.93 -79.87 35.54
N LEU MA 305 -45.37 -79.64 36.72
CA LEU MA 305 -43.93 -79.64 36.92
C LEU MA 305 -43.59 -80.59 38.06
N ALA MA 306 -42.53 -81.38 37.89
CA ALA MA 306 -42.12 -82.33 38.91
C ALA MA 306 -40.60 -82.47 38.90
N THR MA 307 -40.05 -82.76 40.08
CA THR MA 307 -38.64 -83.09 40.20
C THR MA 307 -38.40 -84.52 39.72
N ARG MA 308 -37.19 -84.76 39.21
CA ARG MA 308 -36.86 -86.07 38.68
C ARG MA 308 -36.65 -87.09 39.81
N LYS MA 309 -36.93 -88.35 39.49
CA LYS MA 309 -36.78 -89.47 40.43
C LYS MA 309 -37.56 -89.24 41.72
N THR MA 310 -38.81 -88.81 41.57
CA THR MA 310 -39.71 -88.63 42.72
C THR MA 310 -41.07 -89.26 42.51
N ILE MA 311 -41.30 -89.94 41.38
CA ILE MA 311 -42.58 -90.58 41.09
C ILE MA 311 -42.33 -92.05 40.79
N LEU MA 312 -43.09 -92.93 41.42
CA LEU MA 312 -43.00 -94.37 41.16
C LEU MA 312 -44.22 -94.82 40.36
N GLN MA 313 -43.96 -95.44 39.22
CA GLN MA 313 -44.99 -95.93 38.31
C GLN MA 313 -44.82 -97.43 38.15
N VAL MA 314 -45.75 -98.20 38.71
CA VAL MA 314 -45.72 -99.66 38.63
C VAL MA 314 -46.76 -100.10 37.59
N ASN MA 315 -46.32 -100.92 36.64
CA ASN MA 315 -47.19 -101.42 35.58
C ASN MA 315 -47.24 -102.94 35.67
N ILE MA 316 -48.43 -103.49 35.86
CA ILE MA 316 -48.60 -104.94 35.96
C ILE MA 316 -48.93 -105.45 34.56
N LYS MA 317 -47.95 -106.08 33.91
CA LYS MA 317 -48.16 -106.59 32.57
C LYS MA 317 -49.23 -107.68 32.57
N GLN MA 318 -50.16 -107.60 31.63
CA GLN MA 318 -51.28 -108.52 31.53
C GLN MA 318 -51.10 -109.35 30.26
N SER MA 319 -50.40 -110.47 30.40
CA SER MA 319 -50.15 -111.40 29.30
C SER MA 319 -49.47 -110.72 28.11
N ALA NA 187 -66.36 -60.04 42.22
CA ALA NA 187 -66.26 -60.27 40.78
C ALA NA 187 -66.33 -61.75 40.45
N SER NA 188 -67.38 -62.41 40.93
CA SER NA 188 -67.59 -63.82 40.69
C SER NA 188 -69.06 -64.07 40.40
N LEU NA 189 -69.33 -65.16 39.66
CA LEU NA 189 -70.69 -65.53 39.34
C LEU NA 189 -71.47 -65.97 40.58
N LEU NA 190 -70.78 -66.43 41.62
CA LEU NA 190 -71.44 -66.78 42.87
C LEU NA 190 -72.08 -65.59 43.54
N ASP NA 191 -71.59 -64.38 43.27
CA ASP NA 191 -72.16 -63.16 43.86
C ASP NA 191 -73.39 -62.75 43.05
N SER NA 192 -74.54 -62.69 43.72
CA SER NA 192 -75.77 -62.31 43.04
C SER NA 192 -75.74 -60.84 42.61
N ASN NA 193 -75.10 -59.97 43.39
CA ASN NA 193 -75.02 -58.56 43.07
C ASN NA 193 -74.14 -58.27 41.86
N PHE NA 194 -73.34 -59.24 41.41
CA PHE NA 194 -72.44 -59.01 40.28
C PHE NA 194 -73.22 -58.78 39.00
N VAL NA 195 -72.87 -57.72 38.28
CA VAL NA 195 -73.49 -57.41 36.99
C VAL NA 195 -72.37 -57.22 35.96
N PRO NA 196 -72.19 -58.17 35.04
CA PRO NA 196 -71.10 -58.04 34.07
C PRO NA 196 -71.38 -56.93 33.06
N ILE NA 197 -70.43 -56.00 32.95
CA ILE NA 197 -70.54 -54.94 31.94
C ILE NA 197 -70.24 -55.49 30.56
N ASN NA 198 -69.28 -56.41 30.45
CA ASN NA 198 -68.85 -56.90 29.16
C ASN NA 198 -68.39 -58.36 29.28
N PHE NA 199 -68.12 -58.96 28.12
CA PHE NA 199 -67.78 -60.38 28.07
C PHE NA 199 -66.44 -60.66 28.74
N THR NA 200 -65.50 -59.71 28.68
CA THR NA 200 -64.23 -59.90 29.39
C THR NA 200 -64.45 -59.98 30.89
N GLU NA 201 -65.29 -59.09 31.44
CA GLU NA 201 -65.62 -59.18 32.86
C GLU NA 201 -66.36 -60.46 33.18
N PHE NA 202 -67.23 -60.91 32.27
CA PHE NA 202 -67.94 -62.17 32.49
C PHE NA 202 -66.96 -63.34 32.56
N VAL NA 203 -65.97 -63.37 31.66
CA VAL NA 203 -64.98 -64.45 31.67
C VAL NA 203 -64.13 -64.39 32.92
N GLN NA 204 -63.73 -63.19 33.34
CA GLN NA 204 -62.97 -63.06 34.59
C GLN NA 204 -63.80 -63.55 35.78
N ALA NA 205 -65.10 -63.25 35.78
CA ALA NA 205 -65.97 -63.74 36.84
C ALA NA 205 -66.06 -65.26 36.81
N ILE NA 206 -66.10 -65.85 35.61
CA ILE NA 206 -66.10 -67.31 35.50
C ILE NA 206 -64.83 -67.90 36.11
N SER NA 207 -63.68 -67.30 35.79
CA SER NA 207 -62.42 -67.79 36.36
C SER NA 207 -62.40 -67.66 37.87
N ASN NA 208 -62.85 -66.51 38.39
CA ASN NA 208 -62.90 -66.32 39.83
C ASN NA 208 -63.84 -67.32 40.49
N THR NA 209 -64.98 -67.60 39.85
CA THR NA 209 -65.91 -68.58 40.38
C THR NA 209 -65.30 -69.96 40.42
N TYR NA 210 -64.55 -70.34 39.37
CA TYR NA 210 -63.87 -71.63 39.40
C TYR NA 210 -62.84 -71.70 40.53
N LYS NA 211 -62.08 -70.62 40.73
CA LYS NA 211 -61.10 -70.60 41.81
C LYS NA 211 -61.78 -70.72 43.17
N GLN NA 212 -62.88 -69.98 43.37
CA GLN NA 212 -63.59 -70.07 44.64
C GLN NA 212 -64.19 -71.46 44.84
N ARG NA 213 -64.66 -72.09 43.77
CA ARG NA 213 -65.20 -73.44 43.88
C ARG NA 213 -64.13 -74.44 44.29
N ARG NA 214 -62.93 -74.33 43.70
CA ARG NA 214 -61.87 -75.27 44.09
C ARG NA 214 -61.40 -74.99 45.51
N ILE NA 215 -61.35 -73.72 45.93
CA ILE NA 215 -61.01 -73.41 47.31
C ILE NA 215 -62.03 -74.00 48.28
N GLN NA 216 -63.32 -73.86 47.95
CA GLN NA 216 -64.37 -74.43 48.80
C GLN NA 216 -64.30 -75.95 48.83
N PHE NA 217 -63.98 -76.57 47.70
CA PHE NA 217 -63.85 -78.03 47.66
C PHE NA 217 -62.70 -78.49 48.56
N TYR NA 218 -61.57 -77.78 48.51
CA TYR NA 218 -60.46 -78.14 49.38
C TYR NA 218 -60.78 -77.86 50.84
N GLU NA 219 -61.56 -76.82 51.13
CA GLU NA 219 -61.98 -76.57 52.50
C GLU NA 219 -62.87 -77.70 53.03
N ASN NA 220 -63.81 -78.17 52.21
CA ASN NA 220 -64.76 -79.19 52.63
C ASN NA 220 -64.22 -80.61 52.53
N LEU NA 221 -63.10 -80.81 51.83
CA LEU NA 221 -62.56 -82.14 51.64
C LEU NA 221 -62.03 -82.72 52.94
N LYS NA 222 -62.30 -84.01 53.16
CA LYS NA 222 -61.81 -84.72 54.34
C LYS NA 222 -61.41 -86.13 53.87
N ARG NA 223 -60.12 -86.32 53.63
CA ARG NA 223 -59.62 -87.60 53.16
C ARG NA 223 -59.71 -88.65 54.25
N HIS NA 224 -59.99 -89.89 53.85
CA HIS NA 224 -60.16 -90.99 54.79
C HIS NA 224 -58.79 -91.60 55.09
N LYS NA 225 -58.33 -91.45 56.33
CA LYS NA 225 -57.07 -92.04 56.75
C LYS NA 225 -57.23 -93.55 56.95
N ARG NA 226 -56.12 -94.26 56.80
CA ARG NA 226 -56.08 -95.71 56.92
C ARG NA 226 -57.09 -96.38 55.97
N LEU OA 3 -88.51 1.42 -4.34
CA LEU OA 3 -88.33 1.06 -5.74
C LEU OA 3 -88.00 -0.41 -5.91
N PHE OA 4 -87.18 -0.94 -4.99
CA PHE OA 4 -86.80 -2.35 -5.07
C PHE OA 4 -87.99 -3.27 -4.85
N ASP OA 5 -88.93 -2.88 -4.00
CA ASP OA 5 -90.11 -3.70 -3.78
C ASP OA 5 -90.95 -3.82 -5.04
N GLU OA 6 -91.07 -2.72 -5.80
CA GLU OA 6 -91.90 -2.74 -6.99
C GLU OA 6 -91.18 -3.35 -8.18
N ASN OA 7 -89.87 -3.10 -8.32
CA ASN OA 7 -89.09 -3.57 -9.46
C ASN OA 7 -88.12 -4.64 -9.01
N TYR OA 8 -88.27 -5.84 -9.57
CA TYR OA 8 -87.38 -6.94 -9.23
C TYR OA 8 -86.01 -6.80 -9.91
N TYR OA 9 -85.99 -6.30 -11.14
CA TYR OA 9 -84.75 -6.24 -11.91
C TYR OA 9 -83.73 -5.32 -11.26
N ALA OA 10 -84.19 -4.18 -10.72
CA ALA OA 10 -83.27 -3.26 -10.05
C ALA OA 10 -82.64 -3.92 -8.82
N LYS OA 11 -83.43 -4.66 -8.06
CA LYS OA 11 -82.90 -5.37 -6.90
C LYS OA 11 -81.85 -6.40 -7.29
N ALA OA 12 -82.12 -7.15 -8.35
CA ALA OA 12 -81.14 -8.13 -8.82
C ALA OA 12 -79.85 -7.46 -9.30
N VAL OA 13 -79.99 -6.34 -10.00
CA VAL OA 13 -78.81 -5.61 -10.46
C VAL OA 13 -78.00 -5.11 -9.27
N ALA OA 14 -78.67 -4.57 -8.24
CA ALA OA 14 -77.97 -4.09 -7.07
C ALA OA 14 -77.31 -5.22 -6.30
N ASN OA 15 -77.93 -6.41 -6.27
CA ASN OA 15 -77.37 -7.52 -5.52
C ASN OA 15 -76.30 -8.30 -6.28
N ILE OA 16 -76.20 -8.11 -7.59
CA ILE OA 16 -75.19 -8.81 -8.38
C ILE OA 16 -74.15 -7.87 -8.97
N ILE OA 17 -74.25 -6.56 -8.73
CA ILE OA 17 -73.29 -5.63 -9.28
C ILE OA 17 -71.90 -5.85 -8.68
N GLY OA 18 -71.84 -6.32 -7.44
CA GLY OA 18 -70.55 -6.55 -6.80
C GLY OA 18 -69.72 -7.63 -7.46
N GLU OA 19 -70.37 -8.67 -7.99
CA GLU OA 19 -69.65 -9.77 -8.62
C GLU OA 19 -68.93 -9.38 -9.90
N VAL OA 20 -69.24 -8.21 -10.46
CA VAL OA 20 -68.60 -7.76 -11.69
C VAL OA 20 -67.19 -7.25 -11.36
N LYS OA 21 -66.20 -7.75 -12.08
CA LYS OA 21 -64.82 -7.39 -11.81
C LYS OA 21 -64.51 -5.97 -12.29
N ASP OA 22 -63.50 -5.37 -11.67
CA ASP OA 22 -63.07 -4.04 -12.07
C ASP OA 22 -62.35 -4.10 -13.43
N PRO OA 23 -62.45 -3.04 -14.22
CA PRO OA 23 -61.77 -3.03 -15.52
C PRO OA 23 -60.26 -3.07 -15.36
N ILE OA 24 -59.60 -3.72 -16.32
CA ILE OA 24 -58.14 -3.82 -16.30
C ILE OA 24 -57.46 -2.55 -16.80
N MET OA 25 -58.21 -1.63 -17.41
CA MET OA 25 -57.63 -0.38 -17.88
C MET OA 25 -57.18 0.52 -16.74
N TYR OA 26 -57.63 0.25 -15.51
CA TYR OA 26 -57.26 1.10 -14.39
C TYR OA 26 -55.77 1.02 -14.09
N LYS OA 27 -55.15 -0.14 -14.35
CA LYS OA 27 -53.72 -0.28 -14.11
C LYS OA 27 -52.89 0.61 -15.04
N TRP OA 28 -53.44 0.94 -16.21
CA TRP OA 28 -52.72 1.73 -17.20
C TRP OA 28 -52.60 3.20 -16.84
N PHE OA 29 -53.30 3.66 -15.81
CA PHE OA 29 -53.30 5.06 -15.44
C PHE OA 29 -53.08 5.21 -13.94
N SER OA 30 -52.52 6.35 -13.55
CA SER OA 30 -52.34 6.68 -12.16
C SER OA 30 -53.66 7.17 -11.55
N PRO OA 31 -53.80 7.10 -10.23
CA PRO OA 31 -55.06 7.56 -9.61
C PRO OA 31 -55.41 9.01 -9.92
N ASP OA 32 -54.40 9.88 -10.02
CA ASP OA 32 -54.64 11.28 -10.30
C ASP OA 32 -54.86 11.57 -11.79
N GLN OA 33 -54.61 10.59 -12.66
CA GLN OA 33 -54.72 10.79 -14.09
C GLN OA 33 -56.14 10.60 -14.62
N ILE OA 34 -57.10 10.24 -13.77
CA ILE OA 34 -58.47 9.97 -14.17
C ILE OA 34 -59.39 10.87 -13.37
N GLU OA 35 -60.28 11.58 -14.06
CA GLU OA 35 -61.26 12.45 -13.42
C GLU OA 35 -62.59 12.32 -14.14
N ASP OA 36 -63.64 11.95 -13.41
CA ASP OA 36 -64.94 11.73 -14.00
C ASP OA 36 -65.62 13.05 -14.36
N VAL OA 37 -66.42 13.01 -15.42
CA VAL OA 37 -67.21 14.15 -15.86
C VAL OA 37 -68.66 13.72 -15.98
N ASP OA 38 -69.56 14.70 -15.92
CA ASP OA 38 -71.00 14.47 -15.97
C ASP OA 38 -71.50 14.75 -17.38
N LEU OA 39 -71.62 13.70 -18.19
CA LEU OA 39 -72.13 13.83 -19.55
C LEU OA 39 -72.54 12.45 -20.04
N GLN OA 40 -73.41 12.45 -21.05
CA GLN OA 40 -73.81 11.22 -21.73
C GLN OA 40 -73.55 11.25 -23.23
N MET OA 41 -73.80 12.39 -23.88
CA MET OA 41 -73.48 12.55 -25.29
C MET OA 41 -73.28 14.04 -25.55
N GLY OA 42 -72.12 14.41 -26.07
CA GLY OA 42 -71.80 15.80 -26.31
C GLY OA 42 -70.30 15.99 -26.41
N TYR OA 43 -69.85 17.19 -26.00
CA TYR OA 43 -68.44 17.52 -26.08
C TYR OA 43 -68.06 18.43 -24.92
N GLN OA 44 -66.78 18.38 -24.57
CA GLN OA 44 -66.19 19.26 -23.57
C GLN OA 44 -64.96 19.92 -24.17
N LYS OA 45 -64.90 21.25 -24.10
CA LYS OA 45 -63.86 22.01 -24.77
C LYS OA 45 -63.06 22.83 -23.77
N THR OA 46 -61.77 23.00 -24.08
CA THR OA 46 -60.86 23.80 -23.28
C THR OA 46 -60.00 24.64 -24.22
N VAL OA 47 -59.38 25.68 -23.65
CA VAL OA 47 -58.58 26.62 -24.42
C VAL OA 47 -57.18 26.69 -23.83
N LYS OA 48 -56.17 26.68 -24.71
CA LYS OA 48 -54.78 26.81 -24.30
C LYS OA 48 -54.14 27.97 -25.05
N TRP OA 49 -53.33 28.74 -24.33
CA TRP OA 49 -52.71 29.95 -24.87
C TRP OA 49 -51.22 29.71 -25.03
N ASP OA 50 -50.69 30.05 -26.21
CA ASP OA 50 -49.27 29.88 -26.51
C ASP OA 50 -48.69 31.19 -27.03
N ALA OA 51 -47.38 31.33 -26.89
CA ALA OA 51 -46.67 32.51 -27.35
C ALA OA 51 -45.52 32.10 -28.25
N PHE OA 52 -45.17 33.00 -29.17
CA PHE OA 52 -44.11 32.73 -30.13
C PHE OA 52 -43.39 34.03 -30.48
N LEU OA 53 -42.15 33.88 -30.93
CA LEU OA 53 -41.35 35.03 -31.36
C LEU OA 53 -41.46 35.21 -32.87
N ASN OA 54 -41.78 36.44 -33.28
CA ASN OA 54 -41.98 36.70 -34.71
C ASN OA 54 -40.66 36.87 -35.46
N ALA OA 55 -39.65 37.45 -34.82
CA ALA OA 55 -38.38 37.73 -35.48
C ALA OA 55 -37.30 37.91 -34.43
N ASN OA 56 -36.10 38.22 -34.89
CA ASN OA 56 -34.97 38.44 -33.99
C ASN OA 56 -35.18 39.70 -33.18
N PRO OA 57 -34.60 39.79 -31.98
CA PRO OA 57 -34.78 40.97 -31.15
C PRO OA 57 -34.19 42.22 -31.80
N THR OA 58 -34.63 43.37 -31.31
CA THR OA 58 -34.20 44.66 -31.84
C THR OA 58 -33.18 45.28 -30.90
N THR OA 59 -32.06 45.74 -31.46
CA THR OA 59 -31.02 46.38 -30.67
C THR OA 59 -31.43 47.83 -30.40
N ILE OA 60 -31.42 48.22 -29.12
CA ILE OA 60 -31.81 49.57 -28.73
C ILE OA 60 -30.55 50.43 -28.78
N ALA OA 61 -30.35 51.08 -29.93
CA ALA OA 61 -29.23 51.99 -30.14
C ALA OA 61 -29.75 53.28 -30.74
N ASN OA 62 -29.38 54.40 -30.12
CA ASN OA 62 -29.77 55.74 -30.57
C ASN OA 62 -31.30 55.82 -30.55
N GLU OA 63 -31.95 56.18 -31.65
CA GLU OA 63 -33.40 56.30 -31.71
C GLU OA 63 -33.95 55.25 -32.66
N VAL OA 64 -34.98 54.53 -32.23
CA VAL OA 64 -35.63 53.53 -33.05
C VAL OA 64 -37.09 53.41 -32.62
N ASN OA 65 -37.98 53.24 -33.59
CA ASN OA 65 -39.40 53.12 -33.32
C ASN OA 65 -39.99 51.76 -33.71
N THR OA 66 -39.41 51.09 -34.71
CA THR OA 66 -39.91 49.79 -35.15
C THR OA 66 -39.23 48.70 -34.33
N ILE OA 67 -40.00 48.00 -33.50
CA ILE OA 67 -39.48 46.97 -32.61
C ILE OA 67 -40.08 45.63 -33.00
N SER OA 68 -39.31 44.57 -32.80
CA SER OA 68 -39.79 43.23 -33.08
C SER OA 68 -40.94 42.87 -32.16
N THR OA 69 -41.83 42.01 -32.66
CA THR OA 69 -43.07 41.68 -31.97
C THR OA 69 -43.06 40.24 -31.50
N ILE OA 70 -43.84 39.99 -30.44
CA ILE OA 70 -44.08 38.65 -29.92
C ILE OA 70 -45.55 38.34 -30.09
N GLY OA 71 -45.85 37.26 -30.81
CA GLY OA 71 -47.22 36.90 -31.12
C GLY OA 71 -47.79 35.89 -30.16
N PHE OA 72 -49.12 35.82 -30.14
CA PHE OA 72 -49.86 34.91 -29.28
C PHE OA 72 -50.89 34.16 -30.10
N SER OA 73 -51.18 32.93 -29.67
CA SER OA 73 -52.14 32.08 -30.37
C SER OA 73 -52.96 31.30 -29.35
N SER OA 74 -54.16 30.93 -29.76
CA SER OA 74 -55.08 30.14 -28.93
C SER OA 74 -55.44 28.86 -29.65
N GLU OA 75 -55.53 27.77 -28.89
CA GLU OA 75 -55.94 26.49 -29.43
C GLU OA 75 -57.10 25.94 -28.60
N VAL OA 76 -58.17 25.52 -29.29
CA VAL OA 76 -59.35 24.97 -28.65
C VAL OA 76 -59.33 23.47 -28.84
N VAL OA 77 -59.35 22.74 -27.73
CA VAL OA 77 -59.30 21.28 -27.74
C VAL OA 77 -60.64 20.74 -27.27
N ARG OA 78 -61.24 19.87 -28.07
CA ARG OA 78 -62.57 19.34 -27.81
C ARG OA 78 -62.50 17.83 -27.66
N LEU OA 79 -63.20 17.30 -26.65
CA LEU OA 79 -63.33 15.88 -26.43
C LEU OA 79 -64.80 15.49 -26.59
N ASN OA 80 -65.06 14.54 -27.48
CA ASN OA 80 -66.41 14.10 -27.79
C ASN OA 80 -66.74 12.82 -27.02
N TYR OA 81 -68.02 12.63 -26.73
CA TYR OA 81 -68.51 11.46 -26.02
C TYR OA 81 -69.63 10.82 -26.82
N LEU OA 82 -69.75 9.49 -26.69
CA LEU OA 82 -70.77 8.74 -27.43
C LEU OA 82 -71.47 7.78 -26.49
N LYS OA 83 -72.79 7.68 -26.64
CA LYS OA 83 -73.62 6.78 -25.84
C LYS OA 83 -74.08 5.61 -26.70
N LEU OA 84 -73.83 4.40 -26.22
CA LEU OA 84 -74.11 3.18 -26.98
C LEU OA 84 -74.90 2.22 -26.09
N GLN OA 85 -75.62 1.31 -26.74
CA GLN OA 85 -76.55 0.42 -26.04
C GLN OA 85 -76.49 -0.99 -26.63
N TYR OA 86 -76.67 -1.97 -25.74
CA TYR OA 86 -76.84 -3.37 -26.10
C TYR OA 86 -78.16 -3.88 -25.57
N LYS OA 87 -78.69 -4.90 -26.24
CA LYS OA 87 -79.92 -5.58 -25.84
C LYS OA 87 -79.65 -7.07 -25.68
N PHE OA 88 -80.19 -7.65 -24.61
CA PHE OA 88 -80.01 -9.06 -24.35
C PHE OA 88 -81.31 -9.68 -23.85
N ARG OA 89 -81.50 -10.95 -24.16
CA ARG OA 89 -82.70 -11.69 -23.80
C ARG OA 89 -82.44 -12.53 -22.54
N HIS OA 90 -83.49 -12.71 -21.75
CA HIS OA 90 -83.40 -13.43 -20.49
C HIS OA 90 -84.74 -14.06 -20.17
N LEU OA 91 -84.74 -14.87 -19.12
CA LEU OA 91 -85.97 -15.51 -18.65
C LEU OA 91 -86.73 -14.59 -17.70
N LYS OA 92 -88.06 -14.74 -17.69
CA LYS OA 92 -88.89 -13.95 -16.82
C LYS OA 92 -88.77 -14.43 -15.37
N GLN OA 93 -88.92 -13.49 -14.44
CA GLN OA 93 -88.80 -13.82 -13.02
C GLN OA 93 -89.87 -14.84 -12.61
N THR OA 94 -91.10 -14.66 -13.08
CA THR OA 94 -92.15 -15.62 -12.77
C THR OA 94 -91.88 -16.98 -13.42
N SER OA 95 -91.26 -16.98 -14.60
CA SER OA 95 -90.98 -18.23 -15.31
C SER OA 95 -89.72 -18.92 -14.84
N GLU OA 96 -88.92 -18.28 -13.97
CA GLU OA 96 -87.70 -18.92 -13.48
C GLU OA 96 -88.01 -20.21 -12.72
N LYS OA 97 -89.15 -20.25 -12.03
CA LYS OA 97 -89.49 -21.45 -11.27
C LYS OA 97 -89.74 -22.65 -12.17
N PHE OA 98 -90.17 -22.42 -13.41
CA PHE OA 98 -90.41 -23.50 -14.36
C PHE OA 98 -89.15 -23.94 -15.09
N TYR OA 99 -88.01 -23.29 -14.85
CA TYR OA 99 -86.74 -23.69 -15.44
C TYR OA 99 -85.67 -23.92 -14.38
N THR OA 100 -86.00 -23.79 -13.10
CA THR OA 100 -85.03 -23.98 -12.02
C THR OA 100 -84.80 -25.47 -11.83
N SER OA 101 -83.72 -25.97 -12.45
CA SER OA 101 -83.33 -27.36 -12.31
C SER OA 101 -82.46 -27.54 -11.05
N ASP OA 102 -82.02 -28.77 -10.82
CA ASP OA 102 -81.23 -29.06 -9.63
C ASP OA 102 -79.88 -28.35 -9.67
N SER OA 103 -79.15 -28.48 -10.79
CA SER OA 103 -77.85 -27.84 -10.93
C SER OA 103 -77.93 -26.51 -11.67
N TYR OA 104 -78.39 -26.54 -12.91
CA TYR OA 104 -78.57 -25.31 -13.68
C TYR OA 104 -79.93 -24.69 -13.38
N ILE OA 105 -80.07 -23.41 -13.72
CA ILE OA 105 -81.31 -22.69 -13.48
C ILE OA 105 -81.72 -21.98 -14.77
N GLY OA 106 -81.30 -22.52 -15.91
CA GLY OA 106 -81.66 -21.96 -17.20
C GLY OA 106 -81.73 -23.03 -18.25
N ASP OA 107 -82.51 -22.74 -19.30
CA ASP OA 107 -82.72 -23.69 -20.39
C ASP OA 107 -81.42 -23.87 -21.16
N ILE OA 108 -80.81 -25.05 -21.05
CA ILE OA 108 -79.56 -25.32 -21.74
C ILE OA 108 -79.77 -25.37 -23.25
N ASN OA 109 -80.87 -26.01 -23.70
CA ASN OA 109 -81.10 -26.18 -25.13
C ASN OA 109 -81.34 -24.85 -25.83
N ASN OA 110 -82.08 -23.94 -25.19
CA ASN OA 110 -82.44 -22.68 -25.79
C ASN OA 110 -81.51 -21.54 -25.38
N ASN OA 111 -80.48 -21.83 -24.58
CA ASN OA 111 -79.52 -20.82 -24.13
C ASN OA 111 -80.20 -19.64 -23.45
N LEU OA 112 -81.14 -19.96 -22.56
CA LEU OA 112 -81.89 -18.96 -21.81
C LEU OA 112 -81.39 -18.92 -20.37
N LEU OA 113 -81.18 -17.72 -19.86
CA LEU OA 113 -80.55 -17.50 -18.58
C LEU OA 113 -81.38 -16.57 -17.73
N PRO OA 114 -81.21 -16.62 -16.40
CA PRO OA 114 -81.86 -15.64 -15.54
C PRO OA 114 -81.30 -14.24 -15.78
N PHE OA 115 -82.09 -13.25 -15.37
CA PHE OA 115 -81.72 -11.85 -15.63
C PHE OA 115 -80.40 -11.49 -14.96
N ALA OA 116 -80.18 -11.96 -13.73
CA ALA OA 116 -78.98 -11.59 -13.00
C ALA OA 116 -77.72 -12.12 -13.70
N GLN OA 117 -77.71 -13.41 -14.03
CA GLN OA 117 -76.54 -13.99 -14.69
C GLN OA 117 -76.34 -13.40 -16.08
N ALA OA 118 -77.43 -13.20 -16.83
CA ALA OA 118 -77.33 -12.59 -18.15
C ALA OA 118 -76.74 -11.20 -18.07
N TYR OA 119 -77.19 -10.40 -17.09
CA TYR OA 119 -76.66 -9.06 -16.90
C TYR OA 119 -75.19 -9.10 -16.52
N LYS OA 120 -74.79 -10.03 -15.64
CA LYS OA 120 -73.39 -10.13 -15.27
C LYS OA 120 -72.51 -10.44 -16.48
N LEU OA 121 -72.90 -11.43 -17.27
CA LEU OA 121 -72.10 -11.79 -18.44
C LEU OA 121 -72.07 -10.65 -19.46
N ALA OA 122 -73.22 -10.01 -19.70
CA ALA OA 122 -73.26 -8.90 -20.66
C ALA OA 122 -72.39 -7.74 -20.18
N SER OA 123 -72.44 -7.43 -18.89
CA SER OA 123 -71.61 -6.35 -18.35
C SER OA 123 -70.13 -6.69 -18.48
N SER OA 124 -69.77 -7.96 -18.24
CA SER OA 124 -68.37 -8.35 -18.40
C SER OA 124 -67.93 -8.16 -19.84
N GLU OA 125 -68.77 -8.57 -20.81
CA GLU OA 125 -68.41 -8.39 -22.21
C GLU OA 125 -68.30 -6.91 -22.58
N ILE OA 126 -69.20 -6.09 -22.07
CA ILE OA 126 -69.15 -4.65 -22.36
C ILE OA 126 -67.90 -4.02 -21.77
N ILE OA 127 -67.51 -4.45 -20.57
CA ILE OA 127 -66.28 -3.92 -19.98
C ILE OA 127 -65.05 -4.35 -20.77
N LYS OA 128 -65.06 -5.59 -21.27
CA LYS OA 128 -63.99 -6.02 -22.16
C LYS OA 128 -63.90 -5.12 -23.39
N LEU OA 129 -65.05 -4.84 -24.00
CA LEU OA 129 -65.08 -3.97 -25.17
C LEU OA 129 -64.59 -2.56 -24.84
N ILE OA 130 -64.99 -2.03 -23.69
CA ILE OA 130 -64.58 -0.69 -23.28
C ILE OA 130 -63.07 -0.64 -23.07
N ASN OA 131 -62.51 -1.67 -22.42
CA ASN OA 131 -61.06 -1.71 -22.23
C ASN OA 131 -60.34 -1.78 -23.58
N HIS OA 132 -60.86 -2.59 -24.51
CA HIS OA 132 -60.26 -2.66 -25.83
C HIS OA 132 -60.30 -1.31 -26.54
N PHE OA 133 -61.43 -0.60 -26.42
CA PHE OA 133 -61.52 0.72 -27.03
C PHE OA 133 -60.54 1.70 -26.39
N VAL OA 134 -60.43 1.70 -25.06
CA VAL OA 134 -59.53 2.62 -24.39
C VAL OA 134 -58.09 2.35 -24.79
N LEU OA 135 -57.75 1.07 -25.00
CA LEU OA 135 -56.38 0.75 -25.39
C LEU OA 135 -56.10 1.09 -26.85
N THR OA 136 -56.86 0.50 -27.78
CA THR OA 136 -56.52 0.58 -29.19
C THR OA 136 -57.06 1.81 -29.91
N GLY OA 137 -58.16 2.40 -29.42
CA GLY OA 137 -58.78 3.51 -30.12
C GLY OA 137 -59.78 3.12 -31.18
N THR OA 138 -60.05 1.84 -31.36
CA THR OA 138 -61.04 1.35 -32.31
C THR OA 138 -62.06 0.47 -31.60
N VAL OA 139 -63.24 0.37 -32.21
CA VAL OA 139 -64.33 -0.48 -31.71
C VAL OA 139 -64.64 -1.50 -32.80
N SER OA 140 -64.38 -2.76 -32.52
CA SER OA 140 -64.67 -3.84 -33.46
C SER OA 140 -64.85 -5.14 -32.68
N ILE OA 141 -65.54 -6.09 -33.32
CA ILE OA 141 -65.78 -7.40 -32.75
C ILE OA 141 -65.16 -8.51 -33.59
N GLN OA 142 -64.27 -8.15 -34.51
CA GLN OA 142 -63.60 -9.10 -35.39
C GLN OA 142 -62.12 -9.16 -35.07
N LYS OA 143 -61.56 -10.37 -35.12
CA LYS OA 143 -60.13 -10.54 -34.88
C LYS OA 143 -59.30 -9.84 -35.94
N ASP OA 144 -59.75 -9.90 -37.20
CA ASP OA 144 -59.02 -9.23 -38.28
C ASP OA 144 -59.00 -7.72 -38.09
N GLY OA 145 -60.03 -7.16 -37.48
CA GLY OA 145 -60.11 -5.73 -37.25
C GLY OA 145 -60.92 -4.95 -38.25
N LYS OA 146 -61.65 -5.61 -39.14
CA LYS OA 146 -62.46 -4.94 -40.13
C LYS OA 146 -63.86 -4.67 -39.57
N ASN OA 147 -64.71 -4.05 -40.40
CA ASN OA 147 -66.08 -3.71 -40.01
C ASN OA 147 -66.12 -2.88 -38.73
N GLN OA 148 -65.19 -1.92 -38.63
CA GLN OA 148 -65.13 -1.08 -37.46
C GLN OA 148 -66.31 -0.12 -37.40
N LYS OA 149 -66.72 0.21 -36.18
CA LYS OA 149 -67.79 1.18 -35.97
C LYS OA 149 -67.27 2.59 -36.24
N ARG OA 150 -67.96 3.33 -37.11
CA ARG OA 150 -67.59 4.71 -37.37
C ARG OA 150 -67.88 5.56 -36.14
N LEU OA 151 -66.85 6.20 -35.60
CA LEU OA 151 -66.95 6.98 -34.39
C LEU OA 151 -66.79 8.47 -34.69
N LEU OA 152 -67.26 9.29 -33.77
CA LEU OA 152 -67.15 10.73 -33.91
C LEU OA 152 -65.68 11.15 -33.80
N PRO OA 153 -65.31 12.27 -34.43
CA PRO OA 153 -63.94 12.77 -34.30
C PRO OA 153 -63.63 13.18 -32.88
N ASN OA 154 -62.34 13.44 -32.63
CA ASN OA 154 -61.82 13.77 -31.30
C ASN OA 154 -62.08 12.65 -30.30
N MET OA 155 -62.13 11.42 -30.79
CA MET OA 155 -62.28 10.22 -29.95
C MET OA 155 -61.11 9.30 -30.29
N TYR OA 156 -60.10 9.28 -29.43
CA TYR OA 156 -58.87 8.57 -29.70
C TYR OA 156 -58.47 7.73 -28.50
N GLY OA 157 -57.70 6.68 -28.77
CA GLY OA 157 -57.11 5.85 -27.75
C GLY OA 157 -55.61 6.08 -27.64
N LEU OA 158 -54.99 5.28 -26.77
CA LEU OA 158 -53.55 5.39 -26.55
C LEU OA 158 -52.76 4.95 -27.77
N LEU OA 159 -53.25 3.95 -28.51
CA LEU OA 159 -52.51 3.39 -29.63
C LEU OA 159 -52.67 4.18 -30.93
N ASN OA 160 -53.86 4.73 -31.17
CA ASN OA 160 -54.13 5.46 -32.41
C ASN OA 160 -54.05 6.97 -32.24
N MET OA 161 -53.47 7.44 -31.14
CA MET OA 161 -53.40 8.87 -30.89
C MET OA 161 -52.52 9.54 -31.94
N PRO OA 162 -53.00 10.58 -32.61
CA PRO OA 162 -52.21 11.22 -33.67
C PRO OA 162 -51.16 12.17 -33.10
N GLU OA 163 -50.25 12.59 -33.98
CA GLU OA 163 -49.18 13.54 -33.65
C GLU OA 163 -48.34 13.04 -32.47
N GLN OA 164 -48.05 11.74 -32.47
CA GLN OA 164 -47.18 11.12 -31.49
C GLN OA 164 -46.02 10.44 -32.20
N ILE OA 165 -44.99 10.05 -31.43
CA ILE OA 165 -43.83 9.42 -32.03
C ILE OA 165 -44.18 7.98 -32.41
N LYS OA 166 -43.94 7.64 -33.67
CA LYS OA 166 -44.30 6.34 -34.22
C LYS OA 166 -43.07 5.71 -34.85
N GLU OA 167 -42.74 4.49 -34.44
CA GLU OA 167 -41.63 3.73 -34.99
C GLU OA 167 -42.16 2.42 -35.56
N GLU OA 168 -41.51 1.95 -36.63
CA GLU OA 168 -41.92 0.75 -37.33
C GLU OA 168 -40.72 -0.16 -37.51
N VAL OA 169 -40.77 -1.35 -36.93
CA VAL OA 169 -39.74 -2.37 -37.10
C VAL OA 169 -40.10 -3.18 -38.35
N ALA OA 170 -39.12 -3.33 -39.24
CA ALA OA 170 -39.36 -3.93 -40.54
C ALA OA 170 -39.67 -5.42 -40.40
N SER OA 171 -40.22 -5.99 -41.47
CA SER OA 171 -40.59 -7.40 -41.47
C SER OA 171 -39.36 -8.29 -41.35
N GLY OA 172 -38.27 -7.92 -42.01
CA GLY OA 172 -37.04 -8.71 -41.90
C GLY OA 172 -36.47 -8.73 -40.50
N ASP OA 173 -36.61 -7.63 -39.77
CA ASP OA 173 -36.11 -7.51 -38.40
C ASP OA 173 -37.18 -7.82 -37.36
N LYS OA 174 -38.14 -8.68 -37.71
CA LYS OA 174 -39.23 -8.97 -36.78
C LYS OA 174 -38.73 -9.69 -35.53
N ASP OA 175 -37.77 -10.61 -35.69
CA ASP OA 175 -37.24 -11.37 -34.58
C ASP OA 175 -35.98 -10.76 -33.98
N LYS OA 176 -35.46 -9.69 -34.56
CA LYS OA 176 -34.21 -9.08 -34.09
C LYS OA 176 -34.53 -8.10 -32.97
N MET OA 177 -34.39 -8.57 -31.73
CA MET OA 177 -34.61 -7.70 -30.57
C MET OA 177 -33.65 -6.53 -30.57
N ASP OA 178 -32.46 -6.69 -31.14
CA ASP OA 178 -31.54 -5.56 -31.26
C ASP OA 178 -32.12 -4.45 -32.13
N LYS OA 179 -32.70 -4.82 -33.28
CA LYS OA 179 -33.34 -3.83 -34.15
C LYS OA 179 -34.56 -3.23 -33.47
N ILE OA 180 -35.35 -4.04 -32.77
CA ILE OA 180 -36.51 -3.52 -32.06
C ILE OA 180 -36.07 -2.50 -31.02
N PHE OA 181 -35.02 -2.81 -30.26
CA PHE OA 181 -34.51 -1.87 -29.27
C PHE OA 181 -33.91 -0.63 -29.91
N GLU OA 182 -33.32 -0.76 -31.09
CA GLU OA 182 -32.84 0.42 -31.80
C GLU OA 182 -34.00 1.35 -32.14
N LYS OA 183 -35.10 0.78 -32.63
CA LYS OA 183 -36.27 1.60 -32.92
C LYS OA 183 -36.85 2.23 -31.66
N ILE OA 184 -36.89 1.46 -30.56
CA ILE OA 184 -37.39 2.01 -29.29
C ILE OA 184 -36.49 3.14 -28.81
N GLU OA 185 -35.18 2.98 -28.95
CA GLU OA 185 -34.25 4.04 -28.55
C GLU OA 185 -34.43 5.29 -29.39
N ALA OA 186 -34.62 5.13 -30.70
CA ALA OA 186 -34.88 6.29 -31.55
C ALA OA 186 -36.16 7.00 -31.13
N GLY OA 187 -37.23 6.24 -30.86
CA GLY OA 187 -38.46 6.85 -30.40
C GLY OA 187 -38.32 7.55 -29.06
N LEU OA 188 -37.57 6.94 -28.14
CA LEU OA 188 -37.36 7.55 -26.83
C LEU OA 188 -36.57 8.85 -26.96
N SER OA 189 -35.58 8.87 -27.85
CA SER OA 189 -34.85 10.11 -28.11
C SER OA 189 -35.76 11.17 -28.70
N LYS OA 190 -36.65 10.77 -29.61
CA LYS OA 190 -37.59 11.73 -30.20
C LYS OA 190 -38.68 12.15 -29.23
N LEU OA 191 -38.85 11.45 -28.11
CA LEU OA 191 -39.81 11.86 -27.09
C LEU OA 191 -39.46 13.23 -26.55
N GLU OA 192 -40.49 14.02 -26.26
CA GLU OA 192 -40.35 15.38 -25.72
C GLU OA 192 -41.23 15.50 -24.49
N LEU OA 193 -40.63 15.39 -23.31
CA LEU OA 193 -41.36 15.50 -22.06
C LEU OA 193 -41.34 16.91 -21.47
N GLY OA 194 -40.39 17.75 -21.88
CA GLY OA 194 -40.32 19.10 -21.35
C GLY OA 194 -39.95 19.11 -19.88
N ASP OA 195 -40.62 19.99 -19.12
CA ASP OA 195 -40.37 20.11 -17.69
C ASP OA 195 -41.04 19.02 -16.87
N GLU OA 196 -41.90 18.21 -17.49
CA GLU OA 196 -42.59 17.12 -16.80
C GLU OA 196 -41.85 15.80 -16.93
N PHE OA 197 -40.52 15.84 -17.11
CA PHE OA 197 -39.76 14.60 -17.30
C PHE OA 197 -39.74 13.76 -16.04
N SER OA 198 -39.69 14.39 -14.86
CA SER OA 198 -39.59 13.67 -13.60
C SER OA 198 -40.95 13.08 -13.25
N THR OA 199 -41.31 12.01 -13.96
CA THR OA 199 -42.57 11.32 -13.76
C THR OA 199 -42.37 9.85 -14.02
N PRO OA 200 -43.15 8.98 -13.37
CA PRO OA 200 -43.08 7.55 -13.68
C PRO OA 200 -43.51 7.27 -15.12
N MET OA 201 -42.97 6.19 -15.68
CA MET OA 201 -43.26 5.81 -17.05
C MET OA 201 -43.96 4.46 -17.09
N MET OA 202 -44.79 4.25 -18.12
CA MET OA 202 -45.55 3.02 -18.29
C MET OA 202 -45.35 2.50 -19.70
N VAL OA 203 -45.06 1.21 -19.80
CA VAL OA 203 -44.87 0.52 -21.07
C VAL OA 203 -45.84 -0.65 -21.12
N ILE OA 204 -46.50 -0.82 -22.26
CA ILE OA 204 -47.42 -1.92 -22.51
C ILE OA 204 -46.90 -2.70 -23.72
N VAL OA 205 -46.76 -4.01 -23.55
CA VAL OA 205 -46.17 -4.86 -24.57
C VAL OA 205 -47.05 -6.10 -24.77
N ASP OA 206 -46.93 -6.70 -25.94
CA ASP OA 206 -47.60 -7.95 -26.25
C ASP OA 206 -46.85 -9.12 -25.60
N PRO OA 207 -47.53 -10.27 -25.44
CA PRO OA 207 -46.84 -11.43 -24.85
C PRO OA 207 -45.59 -11.86 -25.61
N ALA OA 208 -45.60 -11.76 -26.95
CA ALA OA 208 -44.40 -12.11 -27.71
C ALA OA 208 -43.25 -11.18 -27.38
N THR OA 209 -43.53 -9.88 -27.27
CA THR OA 209 -42.48 -8.93 -26.88
C THR OA 209 -42.00 -9.20 -25.47
N SER OA 210 -42.91 -9.56 -24.56
CA SER OA 210 -42.51 -9.89 -23.20
C SER OA 210 -41.59 -11.12 -23.17
N LEU OA 211 -41.91 -12.12 -24.00
CA LEU OA 211 -41.04 -13.29 -24.11
C LEU OA 211 -39.67 -12.91 -24.68
N LYS OA 212 -39.65 -12.03 -25.69
CA LYS OA 212 -38.38 -11.63 -26.27
C LYS OA 212 -37.54 -10.80 -25.31
N LEU OA 213 -38.19 -10.08 -24.37
CA LEU OA 213 -37.45 -9.20 -23.47
C LEU OA 213 -36.53 -9.98 -22.54
N VAL OA 214 -36.98 -11.14 -22.04
CA VAL OA 214 -36.21 -11.85 -21.01
C VAL OA 214 -34.98 -12.55 -21.55
N LYS OA 215 -34.79 -12.56 -22.88
CA LYS OA 215 -33.57 -13.13 -23.43
C LYS OA 215 -32.36 -12.28 -23.01
N PRO OA 216 -31.19 -12.91 -22.85
CA PRO OA 216 -30.01 -12.16 -22.41
C PRO OA 216 -29.63 -11.08 -23.42
N TYR OA 217 -29.16 -9.96 -22.89
CA TYR OA 217 -28.78 -8.83 -23.73
C TYR OA 217 -27.56 -9.17 -24.58
N ALA OA 218 -27.60 -8.78 -25.85
CA ALA OA 218 -26.52 -9.05 -26.77
C ALA OA 218 -25.94 -7.75 -27.33
N ALA OA 223 -21.97 -11.44 -28.13
CA ALA OA 223 -21.99 -12.47 -27.11
C ALA OA 223 -23.05 -12.19 -26.06
N ALA OA 224 -23.64 -13.25 -25.50
CA ALA OA 224 -24.65 -13.09 -24.47
C ALA OA 224 -24.05 -12.49 -23.20
N SER OA 225 -24.78 -11.56 -22.60
CA SER OA 225 -24.32 -10.90 -21.38
C SER OA 225 -24.60 -11.77 -20.16
N SER OA 226 -24.10 -11.31 -19.02
CA SER OA 226 -24.31 -11.98 -17.74
C SER OA 226 -25.08 -11.05 -16.81
N CYS OA 227 -26.19 -11.54 -16.26
CA CYS OA 227 -27.06 -10.80 -15.36
C CYS OA 227 -27.61 -9.53 -15.99
N GLU OA 228 -27.56 -9.43 -17.32
CA GLU OA 228 -28.09 -8.29 -18.05
C GLU OA 228 -29.02 -8.79 -19.15
N LYS OA 229 -30.26 -8.31 -19.14
CA LYS OA 229 -31.26 -8.72 -20.11
C LYS OA 229 -31.85 -7.51 -20.80
N TRP OA 230 -32.55 -7.77 -21.92
CA TRP OA 230 -33.14 -6.70 -22.71
C TRP OA 230 -34.13 -5.89 -21.88
N GLU OA 231 -34.87 -6.56 -20.99
CA GLU OA 231 -35.81 -5.85 -20.12
C GLU OA 231 -35.08 -4.86 -19.22
N ASP OA 232 -33.98 -5.30 -18.61
CA ASP OA 232 -33.22 -4.42 -17.73
C ASP OA 232 -32.60 -3.27 -18.51
N VAL OA 233 -32.11 -3.55 -19.73
CA VAL OA 233 -31.55 -2.48 -20.56
C VAL OA 233 -32.62 -1.45 -20.91
N LEU OA 234 -33.83 -1.92 -21.24
CA LEU OA 234 -34.92 -1.00 -21.56
C LEU OA 234 -35.31 -0.17 -20.34
N ILE OA 235 -35.37 -0.80 -19.16
CA ILE OA 235 -35.70 -0.06 -17.94
C ILE OA 235 -34.65 1.01 -17.66
N GLN OA 236 -33.37 0.68 -17.83
CA GLN OA 236 -32.32 1.67 -17.64
C GLN OA 236 -32.43 2.80 -18.66
N THR OA 237 -32.73 2.46 -19.91
CA THR OA 237 -32.87 3.47 -20.95
C THR OA 237 -34.01 4.44 -20.63
N ILE OA 238 -35.14 3.92 -20.16
CA ILE OA 238 -36.27 4.78 -19.81
C ILE OA 238 -35.95 5.60 -18.57
N LYS OA 239 -35.24 5.00 -17.62
CA LYS OA 239 -34.83 5.74 -16.42
C LYS OA 239 -33.87 6.86 -16.77
N ALA OA 240 -33.12 6.72 -17.85
CA ALA OA 240 -32.23 7.79 -18.30
C ALA OA 240 -33.03 9.05 -18.65
N ILE OA 241 -34.21 8.88 -19.25
CA ILE OA 241 -34.98 10.03 -19.70
C ILE OA 241 -36.03 10.49 -18.71
N ASN OA 242 -36.45 9.65 -17.77
CA ASN OA 242 -37.49 10.04 -16.83
C ASN OA 242 -36.93 10.47 -15.47
N ASN OA 243 -35.67 10.91 -15.43
CA ASN OA 243 -35.00 11.31 -14.18
C ASN OA 243 -34.98 10.16 -13.18
N ARG OA 244 -34.75 8.95 -13.68
CA ARG OA 244 -34.61 7.75 -12.84
C ARG OA 244 -35.85 7.54 -11.97
N GLU OA 245 -37.03 7.72 -12.56
CA GLU OA 245 -38.28 7.45 -11.86
C GLU OA 245 -38.71 6.01 -12.11
N ASP OA 246 -39.81 5.64 -11.46
CA ASP OA 246 -40.31 4.27 -11.56
C ASP OA 246 -40.79 3.97 -12.98
N VAL OA 247 -40.45 2.78 -13.47
CA VAL OA 247 -40.85 2.33 -14.79
C VAL OA 247 -41.66 1.04 -14.61
N TYR OA 248 -42.91 1.06 -15.06
CA TYR OA 248 -43.80 -0.09 -14.97
C TYR OA 248 -43.98 -0.71 -16.35
N ILE OA 249 -43.97 -2.04 -16.39
CA ILE OA 249 -44.13 -2.80 -17.62
C ILE OA 249 -45.32 -3.73 -17.46
N GLU OA 250 -46.24 -3.69 -18.43
CA GLU OA 250 -47.45 -4.50 -18.41
C GLU OA 250 -47.57 -5.26 -19.72
N THR OA 251 -48.18 -6.44 -19.63
CA THR OA 251 -48.47 -7.28 -20.78
C THR OA 251 -49.98 -7.33 -21.00
N SER OA 252 -50.41 -7.06 -22.22
CA SER OA 252 -51.82 -7.04 -22.57
C SER OA 252 -52.05 -7.94 -23.78
N ASN OA 253 -53.00 -8.87 -23.65
CA ASN OA 253 -53.34 -9.75 -24.76
C ASN OA 253 -54.04 -9.00 -25.89
N LEU OA 254 -54.63 -7.85 -25.61
CA LEU OA 254 -55.28 -7.06 -26.66
C LEU OA 254 -54.28 -6.59 -27.70
N LEU OA 255 -53.11 -6.13 -27.25
CA LEU OA 255 -52.08 -5.68 -28.17
C LEU OA 255 -51.48 -6.86 -28.93
N LYS OA 256 -50.97 -6.57 -30.13
CA LYS OA 256 -50.37 -7.59 -30.98
C LYS OA 256 -49.23 -6.94 -31.75
N HIS OA 257 -47.99 -7.28 -31.39
CA HIS OA 257 -46.79 -6.75 -32.05
C HIS OA 257 -46.73 -5.24 -31.95
N LYS OA 258 -47.20 -4.71 -30.83
CA LYS OA 258 -47.23 -3.27 -30.56
C LYS OA 258 -46.63 -3.00 -29.19
N ILE OA 259 -45.84 -1.93 -29.11
CA ILE OA 259 -45.23 -1.47 -27.87
C ILE OA 259 -45.68 -0.03 -27.66
N LEU OA 260 -46.16 0.27 -26.45
CA LEU OA 260 -46.71 1.59 -26.14
C LEU OA 260 -46.01 2.14 -24.90
N ILE OA 261 -45.33 3.27 -25.04
CA ILE OA 261 -44.61 3.90 -23.94
C ILE OA 261 -45.16 5.30 -23.72
N TYR OA 262 -45.51 5.61 -22.48
CA TYR OA 262 -46.08 6.92 -22.16
C TYR OA 262 -45.87 7.22 -20.69
N PRO OA 263 -45.77 8.49 -20.31
CA PRO OA 263 -45.62 8.84 -18.90
C PRO OA 263 -46.95 8.71 -18.15
N LEU OA 264 -46.86 8.76 -16.82
CA LEU OA 264 -48.01 8.66 -15.94
C LEU OA 264 -48.25 9.97 -15.20
N ASN OA 265 -48.10 11.09 -15.89
CA ASN OA 265 -48.30 12.41 -15.31
C ASN OA 265 -49.60 13.00 -15.83
N SER OA 266 -50.42 13.52 -14.90
CA SER OA 266 -51.70 14.09 -15.27
C SER OA 266 -51.56 15.35 -16.11
N GLU OA 267 -50.41 16.03 -16.04
CA GLU OA 267 -50.23 17.26 -16.79
C GLU OA 267 -50.04 17.01 -18.28
N LEU OA 268 -49.73 15.77 -18.67
CA LEU OA 268 -49.50 15.42 -20.07
C LEU OA 268 -50.64 14.60 -20.66
N ILE OA 269 -51.05 13.52 -20.00
CA ILE OA 269 -52.14 12.67 -20.46
C ILE OA 269 -53.17 12.56 -19.35
N LYS OA 270 -54.44 12.80 -19.68
CA LYS OA 270 -55.52 12.76 -18.71
C LYS OA 270 -56.73 12.06 -19.31
N PHE OA 271 -57.38 11.23 -18.49
CA PHE OA 271 -58.60 10.53 -18.88
C PHE OA 271 -59.76 11.16 -18.13
N LYS OA 272 -60.66 11.80 -18.88
CA LYS OA 272 -61.85 12.44 -18.30
C LYS OA 272 -63.09 11.71 -18.82
N PRO OA 273 -63.35 10.49 -18.37
CA PRO OA 273 -64.49 9.75 -18.90
C PRO OA 273 -65.78 10.19 -18.25
N SER OA 274 -66.88 9.90 -18.94
CA SER OA 274 -68.20 10.16 -18.39
C SER OA 274 -68.44 9.31 -17.15
N LYS OA 275 -69.18 9.87 -16.19
CA LYS OA 275 -69.51 9.12 -14.98
C LYS OA 275 -70.44 7.95 -15.27
N TYR OA 276 -71.02 7.89 -16.46
CA TYR OA 276 -71.87 6.76 -16.87
C TYR OA 276 -71.18 5.90 -17.93
N MET OA 277 -69.86 5.94 -18.00
CA MET OA 277 -69.14 5.17 -19.02
C MET OA 277 -69.32 3.67 -18.81
N LEU OA 278 -69.26 3.22 -17.55
CA LEU OA 278 -69.41 1.81 -17.26
C LEU OA 278 -70.85 1.37 -17.48
N PRO OA 279 -71.08 0.07 -17.71
CA PRO OA 279 -72.43 -0.40 -18.07
C PRO OA 279 -73.47 -0.02 -17.01
N THR OA 280 -74.64 0.39 -17.49
CA THR OA 280 -75.75 0.76 -16.62
C THR OA 280 -77.03 0.18 -17.21
N PRO OA 281 -77.85 -0.51 -16.40
CA PRO OA 281 -79.10 -1.07 -16.93
C PRO OA 281 -80.10 0.02 -17.27
N ASN OA 282 -80.96 -0.27 -18.23
CA ASN OA 282 -82.02 0.62 -18.66
C ASN OA 282 -83.34 0.22 -18.01
N GLU OA 283 -84.21 1.21 -17.80
CA GLU OA 283 -85.49 0.94 -17.16
C GLU OA 283 -86.44 0.18 -18.08
N GLN OA 284 -86.31 0.36 -19.39
CA GLN OA 284 -87.20 -0.28 -20.33
C GLN OA 284 -86.95 -1.79 -20.36
N VAL OA 285 -88.02 -2.57 -20.18
CA VAL OA 285 -87.97 -4.02 -20.25
C VAL OA 285 -89.06 -4.47 -21.23
N ASP OA 286 -88.66 -5.23 -22.25
CA ASP OA 286 -89.60 -5.72 -23.25
C ASP OA 286 -90.26 -7.00 -22.73
N LYS OA 287 -91.57 -6.92 -22.47
CA LYS OA 287 -92.33 -8.04 -21.96
C LYS OA 287 -93.36 -8.49 -22.98
N ASP OA 288 -93.68 -9.78 -22.95
CA ASP OA 288 -94.64 -10.37 -23.88
C ASP OA 288 -95.42 -11.45 -23.13
N SER OA 289 -96.22 -12.21 -23.87
CA SER OA 289 -96.99 -13.30 -23.29
C SER OA 289 -96.16 -14.55 -23.05
N THR OA 290 -94.96 -14.63 -23.61
CA THR OA 290 -94.10 -15.78 -23.44
C THR OA 290 -93.18 -15.56 -22.23
N ASP OA 291 -92.20 -16.44 -22.05
CA ASP OA 291 -91.29 -16.39 -20.91
C ASP OA 291 -90.03 -15.59 -21.21
N VAL OA 292 -89.83 -15.14 -22.43
CA VAL OA 292 -88.61 -14.44 -22.83
C VAL OA 292 -88.82 -12.94 -22.71
N ALA OA 293 -87.90 -12.26 -22.03
CA ALA OA 293 -87.92 -10.82 -21.90
C ALA OA 293 -86.61 -10.24 -22.43
N HIS OA 294 -86.61 -8.94 -22.69
CA HIS OA 294 -85.45 -8.26 -23.23
C HIS OA 294 -85.09 -7.07 -22.35
N SER OA 295 -83.79 -6.86 -22.15
CA SER OA 295 -83.28 -5.77 -21.34
C SER OA 295 -82.15 -5.06 -22.09
N TYR OA 296 -81.86 -3.84 -21.66
CA TYR OA 296 -80.91 -2.98 -22.34
C TYR OA 296 -79.84 -2.47 -21.36
N ILE OA 297 -78.63 -2.31 -21.89
CA ILE OA 297 -77.50 -1.80 -21.13
C ILE OA 297 -76.88 -0.65 -21.90
N ASP OA 298 -76.58 0.45 -21.20
CA ASP OA 298 -76.01 1.65 -21.79
C ASP OA 298 -74.59 1.85 -21.30
N PHE OA 299 -73.73 2.39 -22.17
CA PHE OA 299 -72.37 2.71 -21.81
C PHE OA 299 -71.87 3.87 -22.65
N VAL OA 300 -70.95 4.65 -22.08
CA VAL OA 300 -70.46 5.88 -22.71
C VAL OA 300 -68.98 5.71 -23.02
N LEU OA 301 -68.57 6.17 -24.20
CA LEU OA 301 -67.20 6.04 -24.68
C LEU OA 301 -66.63 7.40 -25.04
N GLY OA 302 -65.33 7.55 -24.83
CA GLY OA 302 -64.62 8.77 -25.19
C GLY OA 302 -64.08 9.54 -23.99
N GLY OA 303 -63.07 10.38 -24.23
CA GLY OA 303 -62.58 11.26 -23.18
C GLY OA 303 -61.10 11.16 -22.84
N LEU OA 304 -60.26 10.72 -23.79
CA LEU OA 304 -58.83 10.61 -23.56
C LEU OA 304 -58.12 11.82 -24.18
N LEU OA 305 -57.38 12.56 -23.37
CA LEU OA 305 -56.67 13.75 -23.81
C LEU OA 305 -55.17 13.55 -23.59
N ALA OA 306 -54.38 13.87 -24.61
CA ALA OA 306 -52.93 13.73 -24.51
C ALA OA 306 -52.25 14.93 -25.16
N THR OA 307 -51.10 15.29 -24.62
CA THR OA 307 -50.28 16.33 -25.24
C THR OA 307 -49.53 15.77 -26.43
N ARG OA 308 -49.11 16.67 -27.33
CA ARG OA 308 -48.44 16.24 -28.55
C ARG OA 308 -47.03 15.77 -28.27
N LYS OA 309 -46.60 14.74 -29.01
CA LYS OA 309 -45.25 14.20 -28.94
C LYS OA 309 -44.89 13.77 -27.52
N THR OA 310 -45.76 12.97 -26.91
CA THR OA 310 -45.52 12.42 -25.59
C THR OA 310 -45.80 10.92 -25.52
N ILE OA 311 -46.11 10.27 -26.64
CA ILE OA 311 -46.42 8.86 -26.67
C ILE OA 311 -45.56 8.19 -27.75
N LEU OA 312 -44.91 7.09 -27.40
CA LEU OA 312 -44.14 6.30 -28.34
C LEU OA 312 -44.90 5.04 -28.69
N GLN OA 313 -45.14 4.83 -29.99
CA GLN OA 313 -45.88 3.68 -30.50
C GLN OA 313 -45.00 2.94 -31.49
N VAL OA 314 -44.56 1.74 -31.12
CA VAL OA 314 -43.70 0.91 -31.96
C VAL OA 314 -44.53 -0.24 -32.51
N ASN OA 315 -44.55 -0.38 -33.83
CA ASN OA 315 -45.27 -1.45 -34.51
C ASN OA 315 -44.27 -2.36 -35.20
N ILE OA 316 -44.31 -3.65 -34.87
CA ILE OA 316 -43.40 -4.64 -35.46
C ILE OA 316 -44.15 -5.29 -36.63
N LYS OA 317 -43.77 -4.92 -37.86
CA LYS OA 317 -44.43 -5.49 -39.03
C LYS OA 317 -44.10 -6.97 -39.14
N GLN OA 318 -45.14 -7.80 -39.09
CA GLN OA 318 -44.99 -9.25 -39.15
C GLN OA 318 -45.28 -9.82 -40.53
N SER OA 319 -45.51 -8.97 -41.53
CA SER OA 319 -45.81 -9.44 -42.87
C SER OA 319 -44.53 -9.69 -43.67
N ALA PA 187 -74.73 7.36 -0.61
CA ALA PA 187 -75.50 7.09 -1.82
C ALA PA 187 -74.79 6.08 -2.71
N SER PA 188 -74.47 4.92 -2.14
CA SER PA 188 -73.77 3.87 -2.86
C SER PA 188 -74.45 2.53 -2.60
N LEU PA 189 -74.36 1.63 -3.59
CA LEU PA 189 -74.94 0.30 -3.44
C LEU PA 189 -74.26 -0.52 -2.36
N LEU PA 190 -73.01 -0.20 -2.02
CA LEU PA 190 -72.33 -0.90 -0.94
C LEU PA 190 -73.03 -0.64 0.40
N ASP PA 191 -73.49 0.59 0.61
CA ASP PA 191 -74.20 0.95 1.83
C ASP PA 191 -75.55 0.22 1.87
N SER PA 192 -75.73 -0.67 2.85
CA SER PA 192 -76.99 -1.39 2.97
C SER PA 192 -78.13 -0.48 3.41
N ASN PA 193 -77.82 0.66 4.04
CA ASN PA 193 -78.86 1.58 4.46
C ASN PA 193 -79.50 2.32 3.29
N PHE PA 194 -78.88 2.25 2.10
CA PHE PA 194 -79.41 2.96 0.94
C PHE PA 194 -80.71 2.34 0.48
N VAL PA 195 -81.76 3.14 0.43
CA VAL PA 195 -83.07 2.73 -0.09
C VAL PA 195 -83.40 3.61 -1.29
N PRO PA 196 -83.23 3.09 -2.51
CA PRO PA 196 -83.46 3.93 -3.70
C PRO PA 196 -84.93 4.29 -3.84
N ILE PA 197 -85.20 5.60 -3.85
CA ILE PA 197 -86.57 6.07 -4.06
C ILE PA 197 -86.98 5.86 -5.52
N ASN PA 198 -86.07 6.11 -6.45
CA ASN PA 198 -86.41 6.04 -7.87
C ASN PA 198 -85.20 5.55 -8.67
N PHE PA 199 -85.46 5.28 -9.95
CA PHE PA 199 -84.42 4.75 -10.83
C PHE PA 199 -83.28 5.73 -11.03
N THR PA 200 -83.57 7.04 -11.00
CA THR PA 200 -82.50 8.02 -11.11
C THR PA 200 -81.55 7.92 -9.92
N GLU PA 201 -82.10 7.81 -8.71
CA GLU PA 201 -81.26 7.61 -7.53
C GLU PA 201 -80.51 6.29 -7.61
N PHE PA 202 -81.14 5.25 -8.14
CA PHE PA 202 -80.46 3.97 -8.30
C PHE PA 202 -79.26 4.10 -9.24
N VAL PA 203 -79.43 4.82 -10.35
CA VAL PA 203 -78.33 5.02 -11.30
C VAL PA 203 -77.21 5.83 -10.66
N GLN PA 204 -77.56 6.89 -9.92
CA GLN PA 204 -76.55 7.67 -9.23
C GLN PA 204 -75.79 6.82 -8.22
N ALA PA 205 -76.50 5.94 -7.52
CA ALA PA 205 -75.85 5.04 -6.57
C ALA PA 205 -74.91 4.07 -7.30
N ILE PA 206 -75.32 3.59 -8.48
CA ILE PA 206 -74.45 2.72 -9.27
C ILE PA 206 -73.16 3.45 -9.64
N SER PA 207 -73.30 4.71 -10.09
CA SER PA 207 -72.12 5.49 -10.46
C SER PA 207 -71.21 5.72 -9.26
N ASN PA 208 -71.79 6.06 -8.11
CA ASN PA 208 -70.99 6.28 -6.91
C ASN PA 208 -70.30 4.99 -6.47
N THR PA 209 -70.99 3.85 -6.59
CA THR PA 209 -70.38 2.57 -6.25
C THR PA 209 -69.21 2.26 -7.17
N TYR PA 210 -69.37 2.55 -8.47
CA TYR PA 210 -68.25 2.34 -9.40
C TYR PA 210 -67.06 3.22 -9.04
N LYS PA 211 -67.33 4.49 -8.69
CA LYS PA 211 -66.24 5.38 -8.30
C LYS PA 211 -65.54 4.88 -7.03
N GLN PA 212 -66.32 4.43 -6.05
CA GLN PA 212 -65.73 3.91 -4.81
C GLN PA 212 -64.92 2.64 -5.09
N ARG PA 213 -65.40 1.79 -6.00
CA ARG PA 213 -64.64 0.60 -6.36
C ARG PA 213 -63.32 0.96 -7.03
N ARG PA 214 -63.34 1.97 -7.90
CA ARG PA 214 -62.10 2.45 -8.50
C ARG PA 214 -61.13 2.96 -7.44
N ILE PA 215 -61.64 3.75 -6.49
CA ILE PA 215 -60.78 4.27 -5.42
C ILE PA 215 -60.21 3.12 -4.59
N GLN PA 216 -61.03 2.14 -4.27
CA GLN PA 216 -60.57 0.98 -3.49
C GLN PA 216 -59.51 0.20 -4.25
N PHE PA 217 -59.70 0.01 -5.56
CA PHE PA 217 -58.69 -0.69 -6.35
C PHE PA 217 -57.37 0.06 -6.36
N TYR PA 218 -57.42 1.38 -6.52
CA TYR PA 218 -56.19 2.16 -6.51
C TYR PA 218 -55.52 2.15 -5.13
N GLU PA 219 -56.31 2.13 -4.06
CA GLU PA 219 -55.73 2.02 -2.73
C GLU PA 219 -55.06 0.66 -2.52
N ASN PA 220 -55.71 -0.40 -3.00
CA ASN PA 220 -55.17 -1.74 -2.80
C ASN PA 220 -53.97 -2.02 -3.70
N LEU PA 221 -53.87 -1.31 -4.82
CA LEU PA 221 -52.76 -1.54 -5.74
C LEU PA 221 -51.43 -1.20 -5.09
N LYS PA 222 -50.44 -2.08 -5.29
CA LYS PA 222 -49.11 -1.88 -4.74
C LYS PA 222 -48.06 -1.58 -5.78
N ARG PA 223 -48.26 -2.00 -7.03
CA ARG PA 223 -47.33 -1.75 -8.12
C ARG PA 223 -45.92 -2.25 -7.80
#